data_2M8C
#
_entry.id   2M8C
#
_entity_poly.entity_id   1
_entity_poly.type   'polypeptide(L)'
_entity_poly.pdbx_seq_one_letter_code
;GGMAIPQNIRIGTDPTYAPFESKNSQGELVGFDIDLAKELCKRINTQCTFVENPLDALIPSLKAKKIDAIMSSLSITEKR
QQEIAFTDKLYAADSRLVVAKNSDIQPTVESLKGKRVGVLQGTTQETFGNEHWAPKGIEIVSYQGQDNIYSDLTAGRIDA
AFQDEVAASEGFLKQPVGKDYKFGGPSVKDEKLFGVGTGMGLRKEDNELREALNKAFAEMRADGTYEKLAKKYFDFDVYG
G
;
_entity_poly.pdbx_strand_id   A
#
# COMPACT_ATOMS: atom_id res chain seq x y z
N ALA A 4 20.85 20.67 13.50
CA ALA A 4 21.70 19.73 12.72
C ALA A 4 21.00 18.38 12.63
N ILE A 5 20.95 17.84 11.43
CA ILE A 5 20.30 16.56 11.21
C ILE A 5 21.18 15.42 11.72
N PRO A 6 20.62 14.26 11.88
CA PRO A 6 21.36 13.06 12.36
C PRO A 6 22.50 12.67 11.41
N GLN A 7 23.61 12.21 11.98
CA GLN A 7 24.75 11.80 11.18
C GLN A 7 24.42 10.57 10.36
N ASN A 8 23.70 9.63 10.97
CA ASN A 8 23.31 8.40 10.28
C ASN A 8 21.88 8.03 10.61
N ILE A 9 21.16 7.53 9.63
CA ILE A 9 19.75 7.13 9.82
C ILE A 9 19.62 5.62 9.77
N ARG A 10 18.99 5.06 10.79
CA ARG A 10 18.78 3.61 10.86
C ARG A 10 17.35 3.27 10.46
N ILE A 11 17.20 2.51 9.38
CA ILE A 11 15.88 2.12 8.89
C ILE A 11 15.68 0.62 9.05
N GLY A 12 14.49 0.23 9.48
CA GLY A 12 14.17 -1.19 9.67
C GLY A 12 13.22 -1.67 8.59
N THR A 13 13.75 -2.42 7.63
CA THR A 13 12.93 -2.94 6.53
C THR A 13 13.11 -4.44 6.39
N ASP A 14 12.02 -5.18 6.55
CA ASP A 14 12.06 -6.64 6.43
C ASP A 14 11.25 -7.09 5.20
N PRO A 15 11.90 -7.23 4.07
CA PRO A 15 11.23 -7.66 2.81
C PRO A 15 10.47 -8.97 3.00
N THR A 16 9.25 -9.01 2.50
CA THR A 16 8.42 -10.21 2.60
C THR A 16 7.62 -10.42 1.33
N TYR A 17 7.47 -9.37 0.54
CA TYR A 17 6.72 -9.45 -0.71
C TYR A 17 7.58 -9.00 -1.87
N ALA A 18 8.15 -9.96 -2.58
CA ALA A 18 9.00 -9.67 -3.75
C ALA A 18 8.56 -8.36 -4.42
N PRO A 19 7.35 -8.31 -4.89
CA PRO A 19 6.81 -7.10 -5.57
C PRO A 19 7.05 -5.83 -4.77
N PHE A 20 6.87 -5.93 -3.46
CA PHE A 20 7.08 -4.77 -2.60
C PHE A 20 8.56 -4.53 -2.35
N GLU A 21 9.28 -5.62 -2.09
CA GLU A 21 10.72 -5.52 -1.81
C GLU A 21 11.44 -6.77 -2.29
N SER A 22 12.58 -7.07 -1.67
CA SER A 22 13.37 -8.24 -2.05
C SER A 22 14.79 -8.11 -1.53
N LYS A 23 15.59 -9.15 -1.76
CA LYS A 23 16.98 -9.14 -1.33
C LYS A 23 17.90 -9.64 -2.43
N ASN A 24 19.10 -9.07 -2.52
CA ASN A 24 20.06 -9.46 -3.54
C ASN A 24 21.03 -10.50 -2.99
N SER A 25 21.28 -11.54 -3.77
CA SER A 25 22.19 -12.60 -3.34
C SER A 25 23.62 -12.05 -3.21
N GLN A 26 23.86 -10.91 -3.84
CA GLN A 26 25.18 -10.29 -3.80
C GLN A 26 25.38 -9.56 -2.47
N GLY A 27 24.31 -9.50 -1.67
CA GLY A 27 24.38 -8.82 -0.37
C GLY A 27 23.74 -7.44 -0.45
N GLU A 28 23.41 -7.02 -1.66
CA GLU A 28 22.79 -5.71 -1.86
C GLU A 28 21.30 -5.77 -1.54
N LEU A 29 20.70 -4.62 -1.24
CA LEU A 29 19.28 -4.55 -0.92
C LEU A 29 18.52 -3.81 -2.01
N VAL A 30 17.42 -4.40 -2.47
CA VAL A 30 16.61 -3.80 -3.52
C VAL A 30 15.13 -3.87 -3.15
N GLY A 31 14.36 -2.90 -3.65
CA GLY A 31 12.94 -2.85 -3.37
C GLY A 31 12.35 -1.49 -3.74
N PHE A 32 11.08 -1.46 -4.09
CA PHE A 32 10.41 -0.22 -4.45
C PHE A 32 10.47 0.78 -3.31
N ASP A 33 10.25 0.30 -2.10
CA ASP A 33 10.28 1.16 -0.92
C ASP A 33 11.69 1.65 -0.62
N ILE A 34 12.67 0.85 -0.99
CA ILE A 34 14.08 1.18 -0.79
C ILE A 34 14.49 2.36 -1.66
N ASP A 35 14.01 2.37 -2.90
CA ASP A 35 14.35 3.43 -3.84
C ASP A 35 13.88 4.76 -3.30
N LEU A 36 12.71 4.77 -2.67
CA LEU A 36 12.17 5.99 -2.11
C LEU A 36 13.08 6.50 -1.00
N ALA A 37 13.50 5.59 -0.12
CA ALA A 37 14.36 5.96 0.99
C ALA A 37 15.63 6.63 0.48
N LYS A 38 16.26 6.02 -0.52
CA LYS A 38 17.49 6.58 -1.07
C LYS A 38 17.27 8.03 -1.49
N GLU A 39 16.25 8.27 -2.31
CA GLU A 39 15.96 9.62 -2.77
C GLU A 39 15.82 10.56 -1.56
N LEU A 40 15.18 10.06 -0.51
CA LEU A 40 15.02 10.85 0.71
C LEU A 40 16.36 11.07 1.40
N CYS A 41 17.17 10.02 1.45
CA CYS A 41 18.47 10.11 2.11
C CYS A 41 19.28 11.27 1.53
N LYS A 42 19.25 11.40 0.20
CA LYS A 42 19.96 12.49 -0.45
C LYS A 42 19.37 13.83 -0.05
N ARG A 43 18.04 13.91 -0.10
CA ARG A 43 17.36 15.15 0.28
C ARG A 43 17.67 15.52 1.72
N ILE A 44 17.68 14.52 2.58
CA ILE A 44 17.98 14.74 4.00
C ILE A 44 19.47 14.96 4.19
N ASN A 45 20.26 14.56 3.20
CA ASN A 45 21.71 14.71 3.29
C ASN A 45 22.27 13.93 4.47
N THR A 46 21.91 12.64 4.53
CA THR A 46 22.38 11.77 5.62
C THR A 46 22.58 10.35 5.12
N GLN A 47 23.17 9.51 5.98
CA GLN A 47 23.41 8.12 5.62
C GLN A 47 22.22 7.26 5.99
N CYS A 48 21.88 6.30 5.14
CA CYS A 48 20.75 5.41 5.39
C CYS A 48 21.21 3.98 5.54
N THR A 49 20.76 3.32 6.60
CA THR A 49 21.12 1.92 6.86
C THR A 49 19.87 1.08 7.06
N PHE A 50 19.77 -0.01 6.31
CA PHE A 50 18.61 -0.90 6.41
C PHE A 50 18.91 -2.05 7.37
N VAL A 51 17.95 -2.35 8.24
CA VAL A 51 18.12 -3.45 9.20
C VAL A 51 16.92 -4.38 9.15
N GLU A 52 17.18 -5.67 9.01
CA GLU A 52 16.10 -6.66 8.97
C GLU A 52 15.38 -6.72 10.31
N ASN A 53 14.06 -6.83 10.25
CA ASN A 53 13.26 -6.90 11.45
C ASN A 53 11.76 -6.91 11.12
N PRO A 54 11.02 -7.84 11.66
CA PRO A 54 9.55 -7.95 11.40
C PRO A 54 8.77 -6.78 11.98
N LEU A 55 7.70 -6.40 11.30
CA LEU A 55 6.87 -5.29 11.76
C LEU A 55 6.68 -5.35 13.27
N ASP A 56 6.16 -6.46 13.76
CA ASP A 56 5.92 -6.63 15.19
C ASP A 56 7.15 -6.22 15.99
N ALA A 57 8.32 -6.32 15.38
CA ALA A 57 9.56 -5.96 16.06
C ALA A 57 9.96 -4.53 15.74
N LEU A 58 9.43 -4.00 14.65
CA LEU A 58 9.74 -2.63 14.26
C LEU A 58 9.22 -1.63 15.28
N ILE A 59 8.01 -1.86 15.76
CA ILE A 59 7.40 -0.95 16.72
C ILE A 59 8.24 -0.93 18.00
N PRO A 60 8.44 -2.08 18.61
CA PRO A 60 9.29 -2.20 19.81
C PRO A 60 10.69 -1.62 19.58
N SER A 61 11.26 -1.93 18.42
CA SER A 61 12.60 -1.44 18.09
C SER A 61 12.61 0.08 18.11
N LEU A 62 11.58 0.70 17.52
CA LEU A 62 11.49 2.14 17.49
C LEU A 62 11.50 2.70 18.90
N LYS A 63 10.74 2.08 19.78
CA LYS A 63 10.69 2.52 21.16
C LYS A 63 12.04 2.32 21.84
N ALA A 64 12.70 1.20 21.52
CA ALA A 64 14.00 0.90 22.11
C ALA A 64 15.09 1.73 21.45
N LYS A 65 14.68 2.72 20.66
CA LYS A 65 15.63 3.58 19.98
C LYS A 65 16.59 2.76 19.12
N LYS A 66 16.27 1.49 18.94
CA LYS A 66 17.08 0.60 18.12
C LYS A 66 17.11 1.07 16.68
N ILE A 67 16.00 1.63 16.22
CA ILE A 67 15.89 2.13 14.84
C ILE A 67 15.50 3.59 14.84
N ASP A 68 15.91 4.31 13.80
CA ASP A 68 15.60 5.73 13.68
C ASP A 68 14.32 5.95 12.90
N ALA A 69 13.93 4.96 12.10
CA ALA A 69 12.73 5.07 11.28
C ALA A 69 12.25 3.69 10.87
N ILE A 70 10.96 3.58 10.56
CA ILE A 70 10.37 2.31 10.14
C ILE A 70 9.88 2.41 8.70
N MET A 71 10.32 1.48 7.86
CA MET A 71 9.91 1.47 6.45
C MET A 71 9.38 0.08 6.08
N SER A 72 8.06 -0.01 5.93
CA SER A 72 7.44 -1.28 5.57
C SER A 72 6.05 -1.04 4.98
N SER A 73 5.38 -2.13 4.60
CA SER A 73 4.05 -2.03 4.03
C SER A 73 3.07 -1.47 5.05
N LEU A 74 3.47 -1.47 6.33
CA LEU A 74 2.62 -0.97 7.39
C LEU A 74 1.80 0.22 6.91
N SER A 75 0.48 0.12 7.04
CA SER A 75 -0.41 1.20 6.60
C SER A 75 -0.49 2.28 7.67
N ILE A 76 -0.80 3.50 7.26
CA ILE A 76 -0.92 4.62 8.19
C ILE A 76 -2.38 4.96 8.44
N THR A 77 -2.69 5.44 9.63
CA THR A 77 -4.06 5.81 9.98
C THR A 77 -4.08 6.93 11.00
N GLU A 78 -5.14 7.73 10.99
CA GLU A 78 -5.25 8.84 11.92
C GLU A 78 -5.01 8.37 13.35
N LYS A 79 -5.62 7.26 13.72
CA LYS A 79 -5.46 6.72 15.07
C LYS A 79 -3.98 6.49 15.37
N ARG A 80 -3.25 5.99 14.37
CA ARG A 80 -1.82 5.74 14.54
C ARG A 80 -1.06 7.05 14.66
N GLN A 81 -1.48 8.05 13.91
CA GLN A 81 -0.82 9.36 13.94
C GLN A 81 -0.84 9.92 15.36
N GLN A 82 -1.94 9.69 16.06
CA GLN A 82 -2.07 10.17 17.43
C GLN A 82 -0.97 9.57 18.31
N GLU A 83 -0.50 8.38 17.93
CA GLU A 83 0.54 7.72 18.69
C GLU A 83 1.92 8.24 18.28
N ILE A 84 2.19 8.25 16.98
CA ILE A 84 3.47 8.73 16.47
C ILE A 84 3.26 9.56 15.21
N ALA A 85 4.35 9.86 14.52
CA ALA A 85 4.29 10.65 13.30
C ALA A 85 4.51 9.78 12.07
N PHE A 86 3.84 10.13 10.97
CA PHE A 86 3.97 9.39 9.72
C PHE A 86 4.27 10.34 8.56
N THR A 87 4.99 9.83 7.57
CA THR A 87 5.34 10.63 6.40
C THR A 87 5.82 9.75 5.27
N ASP A 88 6.67 10.31 4.40
CA ASP A 88 7.19 9.54 3.27
C ASP A 88 6.11 8.70 2.62
N LYS A 89 4.85 9.07 2.87
CA LYS A 89 3.71 8.33 2.33
C LYS A 89 4.07 7.72 0.98
N LEU A 90 3.97 6.40 0.88
CA LEU A 90 4.33 5.71 -0.34
C LEU A 90 3.26 5.91 -1.40
N TYR A 91 2.09 5.31 -1.18
CA TYR A 91 0.98 5.42 -2.14
C TYR A 91 -0.36 5.34 -1.42
N ALA A 92 -1.43 5.69 -2.13
CA ALA A 92 -2.76 5.64 -1.56
C ALA A 92 -3.31 4.23 -1.61
N ALA A 93 -3.69 3.70 -0.44
CA ALA A 93 -4.23 2.34 -0.35
C ALA A 93 -5.73 2.37 -0.17
N ASP A 94 -6.44 2.81 -1.22
CA ASP A 94 -7.90 2.87 -1.17
C ASP A 94 -8.51 1.53 -1.56
N SER A 95 -9.04 1.46 -2.77
CA SER A 95 -9.66 0.23 -3.25
C SER A 95 -9.75 0.23 -4.77
N ARG A 96 -10.02 -0.93 -5.34
CA ARG A 96 -10.14 -1.06 -6.79
C ARG A 96 -11.02 -2.26 -7.15
N LEU A 97 -11.76 -2.13 -8.23
CA LEU A 97 -12.62 -3.21 -8.70
C LEU A 97 -11.99 -3.95 -9.86
N VAL A 98 -12.05 -5.28 -9.82
CA VAL A 98 -11.47 -6.10 -10.89
C VAL A 98 -12.55 -6.99 -11.49
N VAL A 99 -12.92 -6.70 -12.74
CA VAL A 99 -13.96 -7.47 -13.43
C VAL A 99 -13.52 -7.81 -14.85
N ALA A 100 -14.21 -8.77 -15.46
CA ALA A 100 -13.89 -9.17 -16.82
C ALA A 100 -14.63 -8.30 -17.83
N LYS A 101 -14.02 -8.09 -18.99
CA LYS A 101 -14.63 -7.28 -20.04
C LYS A 101 -16.01 -7.80 -20.38
N ASN A 102 -16.21 -9.10 -20.18
CA ASN A 102 -17.49 -9.72 -20.48
C ASN A 102 -18.60 -9.06 -19.66
N SER A 103 -18.32 -8.79 -18.38
CA SER A 103 -19.31 -8.15 -17.51
C SER A 103 -18.98 -6.67 -17.35
N ASP A 104 -19.94 -5.82 -17.72
CA ASP A 104 -19.74 -4.38 -17.61
C ASP A 104 -20.16 -3.90 -16.23
N ILE A 105 -19.17 -3.50 -15.42
CA ILE A 105 -19.44 -3.00 -14.08
C ILE A 105 -18.76 -1.66 -13.86
N GLN A 106 -19.52 -0.69 -13.37
CA GLN A 106 -18.98 0.64 -13.11
C GLN A 106 -18.92 0.91 -11.60
N PRO A 107 -18.10 1.84 -11.21
CA PRO A 107 -17.94 2.23 -9.77
C PRO A 107 -19.25 2.72 -9.16
N THR A 108 -20.02 1.79 -8.62
CA THR A 108 -21.30 2.12 -8.01
C THR A 108 -21.85 0.95 -7.21
N VAL A 109 -22.42 1.24 -6.05
CA VAL A 109 -23.01 0.20 -5.21
C VAL A 109 -24.22 -0.42 -5.90
N GLU A 110 -24.94 0.40 -6.66
CA GLU A 110 -26.13 -0.08 -7.35
C GLU A 110 -25.79 -1.26 -8.27
N SER A 111 -24.95 -1.01 -9.26
CA SER A 111 -24.57 -2.06 -10.19
C SER A 111 -23.98 -3.26 -9.46
N LEU A 112 -23.50 -3.03 -8.25
CA LEU A 112 -22.95 -4.10 -7.44
C LEU A 112 -24.04 -4.96 -6.83
N LYS A 113 -25.22 -4.38 -6.66
CA LYS A 113 -26.33 -5.11 -6.07
C LYS A 113 -26.59 -6.40 -6.84
N GLY A 114 -26.75 -7.49 -6.12
CA GLY A 114 -27.02 -8.79 -6.74
C GLY A 114 -25.73 -9.46 -7.19
N LYS A 115 -24.65 -8.67 -7.28
CA LYS A 115 -23.37 -9.20 -7.72
C LYS A 115 -22.60 -9.79 -6.54
N ARG A 116 -21.76 -10.78 -6.83
CA ARG A 116 -20.98 -11.43 -5.79
C ARG A 116 -19.59 -10.82 -5.71
N VAL A 117 -19.13 -10.56 -4.49
CA VAL A 117 -17.80 -9.96 -4.28
C VAL A 117 -16.99 -10.80 -3.30
N GLY A 118 -15.72 -11.00 -3.62
CA GLY A 118 -14.83 -11.77 -2.76
C GLY A 118 -13.86 -10.87 -2.01
N VAL A 119 -13.62 -11.18 -0.75
CA VAL A 119 -12.71 -10.38 0.08
C VAL A 119 -11.74 -11.29 0.81
N LEU A 120 -10.63 -10.70 1.29
CA LEU A 120 -9.63 -11.46 2.01
C LEU A 120 -9.89 -11.41 3.51
N GLN A 121 -10.13 -12.57 4.10
CA GLN A 121 -10.39 -12.64 5.53
C GLN A 121 -9.31 -11.91 6.33
N GLY A 122 -9.64 -11.51 7.54
CA GLY A 122 -8.69 -10.80 8.39
C GLY A 122 -8.33 -9.45 7.80
N THR A 123 -9.35 -8.67 7.46
CA THR A 123 -9.15 -7.34 6.89
C THR A 123 -10.28 -6.40 7.27
N THR A 124 -10.09 -5.12 7.02
CA THR A 124 -11.11 -4.12 7.33
C THR A 124 -12.26 -4.20 6.32
N GLN A 125 -11.94 -4.70 5.12
CA GLN A 125 -12.96 -4.81 4.07
C GLN A 125 -14.09 -5.73 4.52
N GLU A 126 -13.74 -6.95 4.91
CA GLU A 126 -14.75 -7.91 5.35
C GLU A 126 -15.54 -7.34 6.51
N THR A 127 -14.83 -6.92 7.56
CA THR A 127 -15.50 -6.38 8.74
C THR A 127 -16.32 -5.16 8.37
N PHE A 128 -15.69 -4.21 7.69
CA PHE A 128 -16.38 -2.99 7.27
C PHE A 128 -17.52 -3.33 6.32
N GLY A 129 -17.25 -4.22 5.37
CA GLY A 129 -18.26 -4.61 4.40
C GLY A 129 -19.47 -5.25 5.07
N ASN A 130 -19.21 -6.14 6.02
CA ASN A 130 -20.29 -6.82 6.73
C ASN A 130 -21.35 -5.82 7.15
N GLU A 131 -21.02 -4.53 7.09
CA GLU A 131 -21.96 -3.49 7.47
C GLU A 131 -22.14 -2.48 6.34
N HIS A 132 -21.06 -2.24 5.60
CA HIS A 132 -21.12 -1.27 4.51
C HIS A 132 -21.86 -1.83 3.31
N TRP A 133 -21.48 -3.04 2.88
CA TRP A 133 -22.10 -3.68 1.73
C TRP A 133 -23.14 -4.70 2.16
N ALA A 134 -23.50 -4.66 3.44
CA ALA A 134 -24.50 -5.59 3.98
C ALA A 134 -25.91 -5.06 3.72
N PRO A 135 -26.19 -3.85 4.16
CA PRO A 135 -27.53 -3.23 3.97
C PRO A 135 -27.79 -2.82 2.52
N LYS A 136 -26.74 -2.88 1.71
CA LYS A 136 -26.85 -2.50 0.30
C LYS A 136 -27.41 -3.66 -0.51
N GLY A 137 -27.51 -4.83 0.11
CA GLY A 137 -28.04 -6.00 -0.57
C GLY A 137 -26.97 -6.63 -1.48
N ILE A 138 -25.72 -6.54 -1.06
CA ILE A 138 -24.61 -7.10 -1.82
C ILE A 138 -24.04 -8.33 -1.13
N GLU A 139 -23.73 -9.36 -1.92
CA GLU A 139 -23.19 -10.59 -1.37
C GLU A 139 -21.67 -10.50 -1.28
N ILE A 140 -21.12 -10.82 -0.11
CA ILE A 140 -19.67 -10.77 0.09
C ILE A 140 -19.16 -12.10 0.63
N VAL A 141 -18.01 -12.54 0.12
CA VAL A 141 -17.41 -13.79 0.57
C VAL A 141 -15.99 -13.56 1.03
N SER A 142 -15.64 -14.08 2.20
CA SER A 142 -14.29 -13.91 2.74
C SER A 142 -13.45 -15.14 2.45
N TYR A 143 -12.25 -14.92 1.92
CA TYR A 143 -11.34 -16.01 1.60
C TYR A 143 -10.13 -15.98 2.53
N GLN A 144 -9.49 -17.13 2.70
CA GLN A 144 -8.30 -17.23 3.56
C GLN A 144 -7.04 -17.37 2.73
N GLY A 145 -7.18 -17.25 1.41
CA GLY A 145 -6.03 -17.38 0.51
C GLY A 145 -5.97 -16.22 -0.48
N GLN A 146 -4.81 -15.60 -0.59
CA GLN A 146 -4.64 -14.48 -1.51
C GLN A 146 -4.79 -14.95 -2.96
N ASP A 147 -4.14 -16.06 -3.29
CA ASP A 147 -4.21 -16.61 -4.64
C ASP A 147 -5.60 -17.17 -4.92
N ASN A 148 -6.30 -17.54 -3.86
CA ASN A 148 -7.64 -18.09 -4.00
C ASN A 148 -8.60 -17.05 -4.58
N ILE A 149 -8.41 -15.79 -4.18
CA ILE A 149 -9.26 -14.72 -4.68
C ILE A 149 -9.07 -14.51 -6.19
N TYR A 150 -7.82 -14.44 -6.61
CA TYR A 150 -7.51 -14.24 -8.01
C TYR A 150 -8.00 -15.42 -8.84
N SER A 151 -7.88 -16.62 -8.28
CA SER A 151 -8.31 -17.82 -8.98
C SER A 151 -9.80 -17.75 -9.25
N ASP A 152 -10.57 -17.30 -8.27
CA ASP A 152 -12.02 -17.18 -8.43
C ASP A 152 -12.34 -16.16 -9.53
N LEU A 153 -11.64 -15.02 -9.50
CA LEU A 153 -11.88 -13.99 -10.49
C LEU A 153 -11.63 -14.54 -11.89
N THR A 154 -10.50 -15.22 -12.06
CA THR A 154 -10.15 -15.80 -13.36
C THR A 154 -11.17 -16.85 -13.74
N ALA A 155 -11.86 -17.41 -12.74
CA ALA A 155 -12.87 -18.44 -12.99
C ALA A 155 -14.23 -17.80 -13.20
N GLY A 156 -14.38 -16.55 -12.76
CA GLY A 156 -15.66 -15.85 -12.90
C GLY A 156 -16.57 -16.15 -11.72
N ARG A 157 -16.02 -16.77 -10.69
CA ARG A 157 -16.81 -17.10 -9.50
C ARG A 157 -17.18 -15.84 -8.74
N ILE A 158 -16.46 -14.75 -9.01
CA ILE A 158 -16.72 -13.47 -8.36
C ILE A 158 -16.89 -12.36 -9.39
N ASP A 159 -17.88 -11.51 -9.17
CA ASP A 159 -18.14 -10.41 -10.09
C ASP A 159 -17.07 -9.33 -9.97
N ALA A 160 -16.48 -9.22 -8.78
CA ALA A 160 -15.44 -8.21 -8.55
C ALA A 160 -14.85 -8.37 -7.15
N ALA A 161 -13.63 -7.90 -6.97
CA ALA A 161 -12.96 -7.96 -5.66
C ALA A 161 -12.41 -6.60 -5.28
N PHE A 162 -12.58 -6.23 -4.02
CA PHE A 162 -12.11 -4.94 -3.54
C PHE A 162 -10.65 -5.04 -3.11
N GLN A 163 -9.77 -4.54 -3.97
CA GLN A 163 -8.32 -4.57 -3.67
C GLN A 163 -7.69 -3.20 -3.95
N ASP A 164 -6.48 -3.00 -3.45
CA ASP A 164 -5.79 -1.74 -3.65
C ASP A 164 -5.29 -1.63 -5.08
N GLU A 165 -5.16 -0.40 -5.56
CA GLU A 165 -4.70 -0.17 -6.93
C GLU A 165 -3.25 -0.61 -7.10
N VAL A 166 -2.36 -0.09 -6.25
CA VAL A 166 -0.95 -0.42 -6.35
C VAL A 166 -0.75 -1.92 -6.17
N ALA A 167 -1.36 -2.48 -5.12
CA ALA A 167 -1.22 -3.91 -4.87
C ALA A 167 -1.79 -4.72 -6.02
N ALA A 168 -2.90 -4.24 -6.58
CA ALA A 168 -3.54 -4.93 -7.69
C ALA A 168 -2.62 -4.95 -8.90
N SER A 169 -2.32 -3.78 -9.43
CA SER A 169 -1.45 -3.68 -10.60
C SER A 169 -0.09 -4.30 -10.32
N GLU A 170 0.49 -3.94 -9.18
CA GLU A 170 1.80 -4.47 -8.81
C GLU A 170 1.83 -5.97 -8.96
N GLY A 171 0.71 -6.61 -8.63
CA GLY A 171 0.61 -8.08 -8.73
C GLY A 171 -0.33 -8.49 -9.85
N PHE A 172 -1.60 -8.17 -9.71
CA PHE A 172 -2.61 -8.54 -10.68
C PHE A 172 -2.08 -8.34 -12.10
N LEU A 173 -1.93 -7.09 -12.51
CA LEU A 173 -1.45 -6.78 -13.85
C LEU A 173 -0.05 -7.33 -14.06
N LYS A 174 0.78 -7.21 -13.04
CA LYS A 174 2.16 -7.70 -13.14
C LYS A 174 2.17 -9.19 -13.43
N GLN A 175 0.99 -9.80 -13.48
CA GLN A 175 0.89 -11.21 -13.76
C GLN A 175 0.01 -11.48 -14.99
N PRO A 176 0.29 -12.52 -15.72
CA PRO A 176 -0.51 -12.90 -16.93
C PRO A 176 -2.02 -12.92 -16.63
N VAL A 177 -2.37 -13.03 -15.37
CA VAL A 177 -3.76 -13.08 -14.97
C VAL A 177 -4.49 -11.80 -15.39
N GLY A 178 -3.84 -10.67 -15.19
CA GLY A 178 -4.43 -9.39 -15.54
C GLY A 178 -4.72 -9.29 -17.03
N LYS A 179 -3.87 -9.93 -17.83
CA LYS A 179 -4.04 -9.90 -19.28
C LYS A 179 -5.38 -10.52 -19.67
N ASP A 180 -5.72 -11.62 -19.02
CA ASP A 180 -6.99 -12.29 -19.29
C ASP A 180 -8.16 -11.41 -18.90
N TYR A 181 -7.98 -10.63 -17.84
CA TYR A 181 -9.04 -9.74 -17.38
C TYR A 181 -8.45 -8.57 -16.59
N LYS A 182 -9.04 -7.40 -16.75
CA LYS A 182 -8.57 -6.20 -16.06
C LYS A 182 -9.47 -5.01 -16.36
N PHE A 183 -10.37 -4.71 -15.44
CA PHE A 183 -11.28 -3.58 -15.61
C PHE A 183 -11.85 -3.13 -14.28
N GLY A 184 -12.48 -1.96 -14.27
CA GLY A 184 -13.07 -1.43 -13.05
C GLY A 184 -12.03 -0.73 -12.20
N GLY A 185 -11.36 0.24 -12.78
CA GLY A 185 -10.33 0.98 -12.06
C GLY A 185 -10.85 1.50 -10.70
N PRO A 186 -10.89 2.79 -10.50
CA PRO A 186 -11.39 3.37 -9.22
C PRO A 186 -12.72 2.79 -8.82
N SER A 187 -12.86 2.47 -7.52
CA SER A 187 -14.09 1.88 -7.01
C SER A 187 -14.64 2.70 -5.84
N VAL A 188 -14.54 2.15 -4.64
CA VAL A 188 -15.04 2.82 -3.45
C VAL A 188 -14.50 2.15 -2.22
N LYS A 189 -14.61 2.84 -1.07
CA LYS A 189 -14.14 2.31 0.21
C LYS A 189 -13.80 3.44 1.17
N ASP A 190 -13.84 3.14 2.47
CA ASP A 190 -13.51 4.14 3.48
C ASP A 190 -11.99 4.22 3.66
N GLU A 191 -11.44 5.39 3.37
CA GLU A 191 -9.99 5.60 3.48
C GLU A 191 -9.58 5.65 4.95
N LYS A 192 -10.53 5.89 5.83
CA LYS A 192 -10.25 5.98 7.25
C LYS A 192 -9.75 4.64 7.78
N LEU A 193 -10.25 3.56 7.18
CA LEU A 193 -9.87 2.21 7.63
C LEU A 193 -8.37 2.00 7.49
N PHE A 194 -7.83 2.42 6.35
CA PHE A 194 -6.38 2.29 6.10
C PHE A 194 -5.72 3.65 6.01
N GLY A 195 -6.47 4.70 6.35
CA GLY A 195 -5.96 6.05 6.28
C GLY A 195 -5.79 6.50 4.84
N VAL A 196 -4.86 7.43 4.61
CA VAL A 196 -4.61 7.93 3.26
C VAL A 196 -3.91 6.86 2.42
N GLY A 197 -3.22 5.95 3.09
CA GLY A 197 -2.50 4.89 2.40
C GLY A 197 -1.42 4.29 3.28
N THR A 198 -0.18 4.30 2.80
CA THR A 198 0.95 3.76 3.56
C THR A 198 2.08 4.77 3.62
N GLY A 199 2.93 4.64 4.64
CA GLY A 199 4.05 5.56 4.81
C GLY A 199 5.04 5.02 5.84
N MET A 200 5.99 5.85 6.24
CA MET A 200 7.00 5.45 7.22
C MET A 200 6.58 5.87 8.62
N GLY A 201 6.80 4.99 9.60
CA GLY A 201 6.43 5.28 10.98
C GLY A 201 7.54 6.03 11.69
N LEU A 202 7.31 7.32 11.94
CA LEU A 202 8.30 8.15 12.64
C LEU A 202 7.70 8.71 13.92
N ARG A 203 8.57 9.12 14.84
CA ARG A 203 8.11 9.67 16.12
C ARG A 203 7.86 11.16 16.01
N LYS A 204 6.91 11.66 16.79
CA LYS A 204 6.58 13.09 16.74
C LYS A 204 7.84 13.93 16.92
N GLU A 205 8.65 13.60 17.92
CA GLU A 205 9.87 14.35 18.18
C GLU A 205 10.57 14.69 16.86
N ASP A 206 10.29 13.92 15.82
CA ASP A 206 10.90 14.16 14.52
C ASP A 206 10.34 15.42 13.89
N ASN A 207 10.36 16.52 14.62
CA ASN A 207 9.83 17.78 14.12
C ASN A 207 10.65 18.28 12.92
N GLU A 208 11.97 18.22 13.06
CA GLU A 208 12.86 18.67 11.99
C GLU A 208 12.89 17.65 10.86
N LEU A 209 13.06 16.39 11.22
CA LEU A 209 13.13 15.34 10.21
C LEU A 209 11.82 15.25 9.44
N ARG A 210 10.71 15.31 10.16
CA ARG A 210 9.40 15.25 9.54
C ARG A 210 9.22 16.43 8.60
N GLU A 211 9.63 17.62 9.05
CA GLU A 211 9.51 18.81 8.23
C GLU A 211 10.24 18.62 6.91
N ALA A 212 11.37 17.92 6.95
CA ALA A 212 12.15 17.65 5.75
C ALA A 212 11.44 16.59 4.92
N LEU A 213 11.55 15.33 5.33
CA LEU A 213 10.90 14.24 4.60
C LEU A 213 9.63 14.72 3.91
N ASN A 214 8.83 15.50 4.64
CA ASN A 214 7.61 16.06 4.07
C ASN A 214 7.94 17.03 2.93
N LYS A 215 8.92 17.89 3.17
CA LYS A 215 9.36 18.84 2.15
C LYS A 215 9.88 18.10 0.93
N ALA A 216 10.67 17.06 1.16
CA ALA A 216 11.23 16.27 0.06
C ALA A 216 10.10 15.61 -0.72
N PHE A 217 9.09 15.13 -0.01
CA PHE A 217 7.94 14.48 -0.65
C PHE A 217 7.25 15.47 -1.59
N ALA A 218 7.06 16.71 -1.11
CA ALA A 218 6.40 17.74 -1.90
C ALA A 218 7.21 18.02 -3.16
N GLU A 219 8.53 18.03 -3.03
CA GLU A 219 9.41 18.28 -4.18
C GLU A 219 9.24 17.16 -5.21
N MET A 220 9.17 15.93 -4.73
CA MET A 220 9.02 14.78 -5.62
C MET A 220 7.75 14.95 -6.44
N ARG A 221 6.70 15.46 -5.81
CA ARG A 221 5.45 15.70 -6.52
C ARG A 221 5.61 16.81 -7.55
N ALA A 222 6.35 17.86 -7.18
CA ALA A 222 6.57 18.98 -8.07
C ALA A 222 7.29 18.53 -9.33
N ASP A 223 8.34 17.73 -9.17
CA ASP A 223 9.11 17.23 -10.31
C ASP A 223 8.47 15.95 -10.85
N GLY A 224 7.36 15.54 -10.24
CA GLY A 224 6.65 14.36 -10.69
C GLY A 224 7.52 13.11 -10.53
N THR A 225 8.54 13.21 -9.69
CA THR A 225 9.44 12.09 -9.47
C THR A 225 8.65 10.89 -8.97
N TYR A 226 7.78 11.11 -8.00
CA TYR A 226 6.96 10.01 -7.47
C TYR A 226 6.05 9.46 -8.56
N GLU A 227 5.22 10.32 -9.14
CA GLU A 227 4.31 9.89 -10.19
C GLU A 227 5.07 9.25 -11.34
N LYS A 228 6.21 9.84 -11.69
CA LYS A 228 7.02 9.31 -12.78
C LYS A 228 7.44 7.88 -12.48
N LEU A 229 7.95 7.65 -11.29
CA LEU A 229 8.38 6.31 -10.90
C LEU A 229 7.19 5.35 -10.91
N ALA A 230 6.05 5.82 -10.41
CA ALA A 230 4.86 4.99 -10.37
C ALA A 230 4.47 4.53 -11.77
N LYS A 231 4.41 5.48 -12.71
CA LYS A 231 4.04 5.16 -14.08
C LYS A 231 5.02 4.14 -14.67
N LYS A 232 6.29 4.25 -14.27
CA LYS A 232 7.30 3.32 -14.77
C LYS A 232 7.11 1.93 -14.18
N TYR A 233 6.99 1.87 -12.86
CA TYR A 233 6.81 0.58 -12.19
C TYR A 233 5.51 -0.07 -12.63
N PHE A 234 4.45 0.72 -12.68
CA PHE A 234 3.14 0.20 -13.10
C PHE A 234 2.29 1.32 -13.65
N ASP A 235 1.31 0.97 -14.49
CA ASP A 235 0.42 1.96 -15.08
C ASP A 235 -0.89 2.02 -14.29
N PHE A 236 -0.99 3.01 -13.42
CA PHE A 236 -2.20 3.18 -12.60
C PHE A 236 -2.33 4.62 -12.15
N ASP A 237 -3.23 4.84 -11.18
CA ASP A 237 -3.45 6.19 -10.65
C ASP A 237 -3.21 6.23 -9.14
N VAL A 238 -2.15 6.90 -8.74
CA VAL A 238 -1.81 7.02 -7.32
C VAL A 238 -2.90 7.77 -6.57
N TYR A 239 -3.43 8.82 -7.20
CA TYR A 239 -4.48 9.62 -6.60
C TYR A 239 -5.70 8.75 -6.29
N GLY A 240 -6.05 7.88 -7.22
CA GLY A 240 -7.19 6.99 -7.05
C GLY A 240 -6.96 6.04 -5.87
N GLY A 241 -5.71 5.59 -5.73
CA GLY A 241 -5.37 4.67 -4.64
C GLY A 241 -6.09 3.34 -4.80
N ALA A 4 20.90 20.60 13.69
CA ALA A 4 21.79 19.65 12.98
C ALA A 4 21.09 18.30 12.87
N ILE A 5 20.99 17.79 11.65
CA ILE A 5 20.34 16.53 11.42
C ILE A 5 21.21 15.37 11.93
N PRO A 6 20.64 14.21 12.07
CA PRO A 6 21.38 13.00 12.55
C PRO A 6 22.53 12.62 11.62
N GLN A 7 23.63 12.16 12.21
CA GLN A 7 24.78 11.75 11.43
C GLN A 7 24.46 10.53 10.57
N ASN A 8 23.71 9.59 11.14
CA ASN A 8 23.34 8.38 10.43
C ASN A 8 21.89 8.00 10.75
N ILE A 9 21.19 7.49 9.74
CA ILE A 9 19.79 7.10 9.91
C ILE A 9 19.66 5.58 9.85
N ARG A 10 18.99 5.01 10.86
CA ARG A 10 18.79 3.56 10.91
C ARG A 10 17.36 3.22 10.52
N ILE A 11 17.22 2.49 9.42
CA ILE A 11 15.90 2.08 8.93
C ILE A 11 15.71 0.58 9.08
N GLY A 12 14.52 0.19 9.51
CA GLY A 12 14.21 -1.23 9.69
C GLY A 12 13.26 -1.72 8.61
N THR A 13 13.80 -2.46 7.64
CA THR A 13 12.98 -2.98 6.55
C THR A 13 13.18 -4.48 6.39
N ASP A 14 12.09 -5.23 6.56
CA ASP A 14 12.13 -6.69 6.44
C ASP A 14 11.33 -7.14 5.22
N PRO A 15 11.97 -7.28 4.08
CA PRO A 15 11.29 -7.72 2.82
C PRO A 15 10.54 -9.03 3.02
N THR A 16 9.31 -9.08 2.53
CA THR A 16 8.49 -10.28 2.64
C THR A 16 7.68 -10.50 1.37
N TYR A 17 7.51 -9.44 0.58
CA TYR A 17 6.75 -9.53 -0.66
C TYR A 17 7.59 -9.06 -1.83
N ALA A 18 8.17 -10.02 -2.56
CA ALA A 18 8.99 -9.70 -3.73
C ALA A 18 8.53 -8.38 -4.38
N PRO A 19 7.31 -8.35 -4.83
CA PRO A 19 6.75 -7.13 -5.50
C PRO A 19 6.97 -5.87 -4.68
N PHE A 20 6.84 -5.99 -3.37
CA PHE A 20 7.03 -4.84 -2.49
C PHE A 20 8.52 -4.59 -2.26
N GLU A 21 9.27 -5.68 -2.04
CA GLU A 21 10.70 -5.56 -1.78
C GLU A 21 11.45 -6.78 -2.29
N SER A 22 12.61 -7.07 -1.71
CA SER A 22 13.40 -8.22 -2.13
C SER A 22 14.84 -8.06 -1.66
N LYS A 23 15.67 -9.06 -1.95
CA LYS A 23 17.08 -9.02 -1.56
C LYS A 23 17.96 -9.51 -2.70
N ASN A 24 19.12 -8.88 -2.85
CA ASN A 24 20.05 -9.26 -3.92
C ASN A 24 21.10 -10.24 -3.39
N SER A 25 21.45 -11.22 -4.22
CA SER A 25 22.45 -12.21 -3.82
C SER A 25 23.82 -11.55 -3.64
N GLN A 26 23.98 -10.37 -4.23
CA GLN A 26 25.25 -9.66 -4.12
C GLN A 26 25.37 -8.98 -2.77
N GLY A 27 24.30 -9.03 -1.99
CA GLY A 27 24.29 -8.41 -0.66
C GLY A 27 23.59 -7.06 -0.69
N GLU A 28 23.25 -6.60 -1.89
CA GLU A 28 22.58 -5.32 -2.06
C GLU A 28 21.09 -5.45 -1.74
N LEU A 29 20.46 -4.34 -1.41
CA LEU A 29 19.03 -4.33 -1.08
C LEU A 29 18.25 -3.60 -2.15
N VAL A 30 17.14 -4.20 -2.59
CA VAL A 30 16.30 -3.59 -3.63
C VAL A 30 14.83 -3.66 -3.22
N GLY A 31 14.06 -2.69 -3.68
CA GLY A 31 12.64 -2.65 -3.37
C GLY A 31 12.06 -1.27 -3.71
N PHE A 32 10.76 -1.25 -4.02
CA PHE A 32 10.09 0.00 -4.36
C PHE A 32 10.19 0.99 -3.20
N ASP A 33 10.00 0.50 -1.99
CA ASP A 33 10.07 1.34 -0.80
C ASP A 33 11.50 1.81 -0.53
N ILE A 34 12.46 1.01 -0.94
CA ILE A 34 13.87 1.33 -0.76
C ILE A 34 14.27 2.52 -1.62
N ASP A 35 13.78 2.53 -2.85
CA ASP A 35 14.13 3.59 -3.80
C ASP A 35 13.68 4.94 -3.24
N LEU A 36 12.51 4.95 -2.60
CA LEU A 36 12.00 6.17 -2.01
C LEU A 36 12.91 6.65 -0.87
N ALA A 37 13.32 5.70 -0.03
CA ALA A 37 14.16 6.03 1.10
C ALA A 37 15.47 6.65 0.64
N LYS A 38 16.03 6.10 -0.43
CA LYS A 38 17.30 6.61 -0.96
C LYS A 38 17.15 8.08 -1.35
N GLU A 39 16.14 8.37 -2.17
CA GLU A 39 15.91 9.74 -2.62
C GLU A 39 15.78 10.66 -1.40
N LEU A 40 15.16 10.15 -0.35
CA LEU A 40 15.00 10.92 0.88
C LEU A 40 16.35 11.12 1.57
N CYS A 41 17.15 10.06 1.62
CA CYS A 41 18.46 10.13 2.27
C CYS A 41 19.27 11.27 1.68
N LYS A 42 19.26 11.40 0.36
CA LYS A 42 19.98 12.48 -0.30
C LYS A 42 19.41 13.83 0.09
N ARG A 43 18.08 13.93 0.04
CA ARG A 43 17.41 15.18 0.40
C ARG A 43 17.72 15.55 1.85
N ILE A 44 17.73 14.56 2.71
CA ILE A 44 18.03 14.78 4.12
C ILE A 44 19.53 14.98 4.32
N ASN A 45 20.32 14.57 3.33
CA ASN A 45 21.77 14.70 3.41
C ASN A 45 22.31 13.90 4.60
N THR A 46 21.94 12.63 4.68
CA THR A 46 22.38 11.76 5.76
C THR A 46 22.60 10.34 5.27
N GLN A 47 23.19 9.51 6.13
CA GLN A 47 23.45 8.12 5.77
C GLN A 47 22.24 7.26 6.13
N CYS A 48 21.91 6.30 5.27
CA CYS A 48 20.78 5.41 5.51
C CYS A 48 21.25 3.97 5.64
N THR A 49 20.79 3.30 6.68
CA THR A 49 21.15 1.90 6.93
C THR A 49 19.91 1.05 7.12
N PHE A 50 19.81 -0.03 6.35
CA PHE A 50 18.66 -0.93 6.46
C PHE A 50 18.96 -2.08 7.41
N VAL A 51 18.01 -2.39 8.29
CA VAL A 51 18.18 -3.48 9.25
C VAL A 51 16.98 -4.42 9.20
N GLU A 52 17.24 -5.71 9.05
CA GLU A 52 16.17 -6.70 9.01
C GLU A 52 15.45 -6.76 10.35
N ASN A 53 14.12 -6.88 10.30
CA ASN A 53 13.34 -6.97 11.51
C ASN A 53 11.84 -6.99 11.18
N PRO A 54 11.10 -7.91 11.76
CA PRO A 54 9.64 -8.04 11.51
C PRO A 54 8.84 -6.87 12.07
N LEU A 55 7.78 -6.49 11.38
CA LEU A 55 6.94 -5.38 11.83
C LEU A 55 6.74 -5.42 13.34
N ASP A 56 6.24 -6.54 13.83
CA ASP A 56 5.99 -6.68 15.26
C ASP A 56 7.20 -6.25 16.07
N ALA A 57 8.38 -6.34 15.46
CA ALA A 57 9.62 -5.96 16.14
C ALA A 57 10.01 -4.53 15.80
N LEU A 58 9.48 -4.02 14.70
CA LEU A 58 9.78 -2.65 14.29
C LEU A 58 9.26 -1.64 15.30
N ILE A 59 8.04 -1.88 15.79
CA ILE A 59 7.44 -0.96 16.74
C ILE A 59 8.27 -0.92 18.03
N PRO A 60 8.48 -2.06 18.63
CA PRO A 60 9.33 -2.17 19.86
C PRO A 60 10.72 -1.58 19.61
N SER A 61 11.30 -1.90 18.45
CA SER A 61 12.63 -1.41 18.12
C SER A 61 12.64 0.11 18.14
N LEU A 62 11.60 0.72 17.56
CA LEU A 62 11.52 2.17 17.52
C LEU A 62 11.53 2.73 18.93
N LYS A 63 10.76 2.10 19.81
CA LYS A 63 10.72 2.54 21.21
C LYS A 63 12.07 2.35 21.87
N ALA A 64 12.72 1.24 21.56
CA ALA A 64 14.02 0.93 22.14
C ALA A 64 15.11 1.75 21.47
N LYS A 65 14.70 2.74 20.69
CA LYS A 65 15.66 3.60 20.00
C LYS A 65 16.61 2.78 19.14
N LYS A 66 16.29 1.50 18.97
CA LYS A 66 17.11 0.62 18.15
C LYS A 66 17.12 1.08 16.70
N ILE A 67 16.00 1.63 16.24
CA ILE A 67 15.90 2.13 14.87
C ILE A 67 15.49 3.60 14.86
N ASP A 68 15.89 4.30 13.80
CA ASP A 68 15.56 5.72 13.68
C ASP A 68 14.28 5.93 12.90
N ALA A 69 13.89 4.93 12.12
CA ALA A 69 12.68 5.02 11.31
C ALA A 69 12.21 3.63 10.89
N ILE A 70 10.92 3.52 10.59
CA ILE A 70 10.35 2.24 10.16
C ILE A 70 9.86 2.34 8.73
N MET A 71 10.31 1.41 7.89
CA MET A 71 9.90 1.38 6.48
C MET A 71 9.39 -0.01 6.11
N SER A 72 8.08 -0.12 5.95
CA SER A 72 7.46 -1.40 5.59
C SER A 72 6.07 -1.18 5.00
N SER A 73 5.40 -2.28 4.67
CA SER A 73 4.06 -2.20 4.10
C SER A 73 3.10 -1.60 5.12
N LEU A 74 3.51 -1.55 6.38
CA LEU A 74 2.66 -1.01 7.43
C LEU A 74 1.89 0.20 6.93
N SER A 75 0.56 0.14 7.04
CA SER A 75 -0.28 1.23 6.60
C SER A 75 -0.39 2.31 7.67
N ILE A 76 -0.71 3.54 7.26
CA ILE A 76 -0.83 4.64 8.20
C ILE A 76 -2.30 4.97 8.43
N THR A 77 -2.62 5.46 9.62
CA THR A 77 -3.99 5.82 9.96
C THR A 77 -4.01 6.95 10.98
N GLU A 78 -5.08 7.73 10.96
CA GLU A 78 -5.22 8.85 11.88
C GLU A 78 -4.96 8.40 13.32
N LYS A 79 -5.58 7.28 13.69
CA LYS A 79 -5.42 6.76 15.05
C LYS A 79 -3.94 6.53 15.35
N ARG A 80 -3.21 6.02 14.37
CA ARG A 80 -1.79 5.78 14.53
C ARG A 80 -1.01 7.09 14.66
N GLN A 81 -1.43 8.09 13.89
CA GLN A 81 -0.78 9.40 13.93
C GLN A 81 -0.81 9.97 15.34
N GLN A 82 -1.90 9.73 16.04
CA GLN A 82 -2.04 10.22 17.41
C GLN A 82 -0.94 9.63 18.29
N GLU A 83 -0.46 8.45 17.91
CA GLU A 83 0.59 7.78 18.69
C GLU A 83 1.97 8.31 18.28
N ILE A 84 2.24 8.31 16.97
CA ILE A 84 3.52 8.79 16.47
C ILE A 84 3.31 9.62 15.21
N ALA A 85 4.41 9.93 14.52
CA ALA A 85 4.34 10.72 13.29
C ALA A 85 4.55 9.84 12.06
N PHE A 86 3.88 10.19 10.98
CA PHE A 86 4.00 9.44 9.73
C PHE A 86 4.29 10.37 8.56
N THR A 87 5.01 9.87 7.57
CA THR A 87 5.36 10.67 6.40
C THR A 87 5.83 9.77 5.26
N ASP A 88 6.68 10.32 4.40
CA ASP A 88 7.22 9.57 3.27
C ASP A 88 6.12 8.76 2.60
N LYS A 89 4.87 9.15 2.84
CA LYS A 89 3.72 8.44 2.27
C LYS A 89 4.10 7.80 0.93
N LEU A 90 3.97 6.47 0.86
CA LEU A 90 4.33 5.76 -0.35
C LEU A 90 3.27 5.92 -1.42
N TYR A 91 2.11 5.31 -1.19
CA TYR A 91 1.02 5.39 -2.15
C TYR A 91 -0.33 5.32 -1.44
N ALA A 92 -1.39 5.66 -2.16
CA ALA A 92 -2.74 5.64 -1.59
C ALA A 92 -3.30 4.22 -1.66
N ALA A 93 -3.68 3.68 -0.50
CA ALA A 93 -4.22 2.32 -0.44
C ALA A 93 -5.74 2.36 -0.25
N ASP A 94 -6.44 2.81 -1.29
CA ASP A 94 -7.90 2.89 -1.22
C ASP A 94 -8.53 1.56 -1.61
N SER A 95 -9.07 1.49 -2.82
CA SER A 95 -9.72 0.27 -3.29
C SER A 95 -9.79 0.27 -4.82
N ARG A 96 -10.07 -0.90 -5.39
CA ARG A 96 -10.19 -1.03 -6.83
C ARG A 96 -11.07 -2.23 -7.19
N LEU A 97 -11.82 -2.11 -8.27
CA LEU A 97 -12.69 -3.19 -8.73
C LEU A 97 -12.04 -3.94 -9.89
N VAL A 98 -12.12 -5.27 -9.83
CA VAL A 98 -11.56 -6.10 -10.89
C VAL A 98 -12.63 -6.99 -11.50
N VAL A 99 -12.99 -6.71 -12.74
CA VAL A 99 -14.03 -7.47 -13.43
C VAL A 99 -13.60 -7.83 -14.85
N ALA A 100 -14.30 -8.78 -15.46
CA ALA A 100 -13.98 -9.19 -16.82
C ALA A 100 -14.73 -8.33 -17.84
N LYS A 101 -14.11 -8.13 -18.99
CA LYS A 101 -14.72 -7.34 -20.05
C LYS A 101 -16.08 -7.89 -20.42
N ASN A 102 -16.26 -9.20 -20.23
CA ASN A 102 -17.53 -9.83 -20.55
C ASN A 102 -18.66 -9.20 -19.75
N SER A 103 -18.40 -8.93 -18.48
CA SER A 103 -19.42 -8.32 -17.62
C SER A 103 -19.13 -6.83 -17.45
N ASP A 104 -20.09 -6.00 -17.82
CA ASP A 104 -19.93 -4.56 -17.71
C ASP A 104 -20.34 -4.07 -16.33
N ILE A 105 -19.36 -3.66 -15.53
CA ILE A 105 -19.64 -3.17 -14.18
C ILE A 105 -19.02 -1.79 -13.97
N GLN A 106 -19.82 -0.85 -13.49
CA GLN A 106 -19.33 0.50 -13.24
C GLN A 106 -19.19 0.77 -11.75
N PRO A 107 -18.33 1.67 -11.38
CA PRO A 107 -18.09 2.03 -9.96
C PRO A 107 -19.35 2.56 -9.28
N THR A 108 -20.10 1.64 -8.67
CA THR A 108 -21.33 2.03 -7.98
C THR A 108 -21.89 0.85 -7.17
N VAL A 109 -22.46 1.16 -6.02
CA VAL A 109 -23.04 0.13 -5.17
C VAL A 109 -24.27 -0.49 -5.84
N GLU A 110 -25.00 0.33 -6.58
CA GLU A 110 -26.20 -0.13 -7.25
C GLU A 110 -25.90 -1.31 -8.17
N SER A 111 -25.06 -1.06 -9.16
CA SER A 111 -24.70 -2.11 -10.13
C SER A 111 -24.10 -3.32 -9.40
N LEU A 112 -23.60 -3.08 -8.20
CA LEU A 112 -23.01 -4.16 -7.40
C LEU A 112 -24.10 -5.03 -6.77
N LYS A 113 -25.27 -4.45 -6.58
CA LYS A 113 -26.38 -5.19 -5.98
C LYS A 113 -26.66 -6.47 -6.76
N GLY A 114 -26.81 -7.57 -6.03
CA GLY A 114 -27.09 -8.86 -6.66
C GLY A 114 -25.80 -9.52 -7.14
N LYS A 115 -24.73 -8.74 -7.22
CA LYS A 115 -23.44 -9.26 -7.68
C LYS A 115 -22.67 -9.86 -6.51
N ARG A 116 -21.83 -10.84 -6.81
CA ARG A 116 -21.03 -11.49 -5.76
C ARG A 116 -19.65 -10.86 -5.70
N VAL A 117 -19.18 -10.59 -4.48
CA VAL A 117 -17.87 -9.98 -4.28
C VAL A 117 -17.04 -10.82 -3.31
N GLY A 118 -15.77 -11.01 -3.64
CA GLY A 118 -14.87 -11.78 -2.79
C GLY A 118 -13.91 -10.87 -2.04
N VAL A 119 -13.67 -11.17 -0.77
CA VAL A 119 -12.77 -10.37 0.05
C VAL A 119 -11.78 -11.26 0.78
N LEU A 120 -10.69 -10.67 1.25
CA LEU A 120 -9.67 -11.43 1.97
C LEU A 120 -9.95 -11.38 3.48
N GLN A 121 -10.19 -12.55 4.05
CA GLN A 121 -10.46 -12.63 5.48
C GLN A 121 -9.37 -11.93 6.28
N GLY A 122 -9.70 -11.53 7.51
CA GLY A 122 -8.73 -10.85 8.36
C GLY A 122 -8.36 -9.49 7.79
N THR A 123 -9.37 -8.70 7.45
CA THR A 123 -9.14 -7.37 6.89
C THR A 123 -10.28 -6.43 7.26
N THR A 124 -10.07 -5.14 7.00
CA THR A 124 -11.08 -4.13 7.30
C THR A 124 -12.24 -4.24 6.30
N GLN A 125 -11.94 -4.72 5.10
CA GLN A 125 -12.96 -4.84 4.07
C GLN A 125 -14.08 -5.76 4.52
N GLU A 126 -13.72 -6.98 4.92
CA GLU A 126 -14.73 -7.94 5.38
C GLU A 126 -15.52 -7.36 6.54
N THR A 127 -14.81 -6.93 7.59
CA THR A 127 -15.47 -6.38 8.76
C THR A 127 -16.29 -5.14 8.39
N PHE A 128 -15.66 -4.20 7.70
CA PHE A 128 -16.34 -2.99 7.27
C PHE A 128 -17.50 -3.34 6.32
N GLY A 129 -17.23 -4.24 5.39
CA GLY A 129 -18.24 -4.64 4.42
C GLY A 129 -19.44 -5.27 5.10
N ASN A 130 -19.17 -6.16 6.05
CA ASN A 130 -20.24 -6.83 6.78
C ASN A 130 -21.31 -5.84 7.20
N GLU A 131 -20.99 -4.56 7.13
CA GLU A 131 -21.94 -3.50 7.51
C GLU A 131 -22.11 -2.50 6.37
N HIS A 132 -21.04 -2.26 5.63
CA HIS A 132 -21.09 -1.29 4.53
C HIS A 132 -21.84 -1.86 3.33
N TRP A 133 -21.45 -3.07 2.92
CA TRP A 133 -22.07 -3.72 1.76
C TRP A 133 -23.11 -4.74 2.21
N ALA A 134 -23.47 -4.70 3.48
CA ALA A 134 -24.45 -5.63 4.03
C ALA A 134 -25.87 -5.11 3.77
N PRO A 135 -26.15 -3.91 4.21
CA PRO A 135 -27.50 -3.28 4.04
C PRO A 135 -27.76 -2.88 2.59
N LYS A 136 -26.71 -2.93 1.77
CA LYS A 136 -26.84 -2.55 0.36
C LYS A 136 -27.40 -3.70 -0.45
N GLY A 137 -27.50 -4.88 0.17
CA GLY A 137 -28.02 -6.05 -0.52
C GLY A 137 -26.96 -6.68 -1.41
N ILE A 138 -25.70 -6.59 -0.99
CA ILE A 138 -24.59 -7.15 -1.76
C ILE A 138 -24.02 -8.37 -1.06
N GLU A 139 -23.72 -9.40 -1.84
CA GLU A 139 -23.16 -10.64 -1.28
C GLU A 139 -21.64 -10.54 -1.21
N ILE A 140 -21.10 -10.86 -0.04
CA ILE A 140 -19.65 -10.81 0.17
C ILE A 140 -19.13 -12.14 0.70
N VAL A 141 -17.99 -12.58 0.18
CA VAL A 141 -17.40 -13.85 0.62
C VAL A 141 -15.99 -13.61 1.12
N SER A 142 -15.67 -14.18 2.28
CA SER A 142 -14.35 -14.02 2.87
C SER A 142 -13.47 -15.21 2.54
N TYR A 143 -12.28 -14.93 1.98
CA TYR A 143 -11.33 -15.99 1.62
C TYR A 143 -10.12 -15.94 2.54
N GLN A 144 -9.47 -17.10 2.71
CA GLN A 144 -8.29 -17.19 3.56
C GLN A 144 -7.03 -17.34 2.73
N GLY A 145 -7.18 -17.21 1.40
CA GLY A 145 -6.03 -17.33 0.50
C GLY A 145 -5.99 -16.17 -0.50
N GLN A 146 -4.83 -15.55 -0.62
CA GLN A 146 -4.67 -14.44 -1.54
C GLN A 146 -4.83 -14.90 -2.98
N ASP A 147 -4.18 -16.02 -3.31
CA ASP A 147 -4.23 -16.57 -4.66
C ASP A 147 -5.61 -17.14 -4.94
N ASN A 148 -6.32 -17.50 -3.87
CA ASN A 148 -7.66 -18.06 -4.02
C ASN A 148 -8.61 -17.03 -4.60
N ILE A 149 -8.43 -15.77 -4.21
CA ILE A 149 -9.29 -14.70 -4.71
C ILE A 149 -9.11 -14.49 -6.21
N TYR A 150 -7.86 -14.43 -6.63
CA TYR A 150 -7.55 -14.23 -8.05
C TYR A 150 -8.04 -15.42 -8.87
N SER A 151 -7.90 -16.62 -8.29
CA SER A 151 -8.33 -17.82 -8.99
C SER A 151 -9.83 -17.77 -9.25
N ASP A 152 -10.60 -17.30 -8.28
CA ASP A 152 -12.04 -17.19 -8.43
C ASP A 152 -12.37 -16.18 -9.53
N LEU A 153 -11.69 -15.04 -9.51
CA LEU A 153 -11.94 -14.01 -10.51
C LEU A 153 -11.68 -14.56 -11.90
N THR A 154 -10.55 -15.23 -12.06
CA THR A 154 -10.20 -15.80 -13.36
C THR A 154 -11.22 -16.87 -13.75
N ALA A 155 -11.90 -17.43 -12.75
CA ALA A 155 -12.90 -18.46 -13.00
C ALA A 155 -14.28 -17.83 -13.20
N GLY A 156 -14.43 -16.58 -12.77
CA GLY A 156 -15.70 -15.88 -12.90
C GLY A 156 -16.62 -16.19 -11.72
N ARG A 157 -16.07 -16.80 -10.68
CA ARG A 157 -16.84 -17.13 -9.50
C ARG A 157 -17.21 -15.88 -8.73
N ILE A 158 -16.50 -14.78 -9.01
CA ILE A 158 -16.77 -13.51 -8.35
C ILE A 158 -16.96 -12.40 -9.39
N ASP A 159 -17.95 -11.54 -9.16
CA ASP A 159 -18.22 -10.45 -10.08
C ASP A 159 -17.16 -9.36 -9.96
N ALA A 160 -16.56 -9.25 -8.78
CA ALA A 160 -15.55 -8.24 -8.55
C ALA A 160 -14.94 -8.38 -7.15
N ALA A 161 -13.71 -7.90 -6.99
CA ALA A 161 -13.04 -7.97 -5.69
C ALA A 161 -12.49 -6.60 -5.31
N PHE A 162 -12.67 -6.23 -4.04
CA PHE A 162 -12.19 -4.93 -3.57
C PHE A 162 -10.73 -5.03 -3.14
N GLN A 163 -9.84 -4.53 -4.01
CA GLN A 163 -8.40 -4.56 -3.71
C GLN A 163 -7.78 -3.20 -3.98
N ASP A 164 -6.57 -2.99 -3.47
CA ASP A 164 -5.86 -1.73 -3.68
C ASP A 164 -5.36 -1.63 -5.11
N GLU A 165 -5.22 -0.39 -5.58
CA GLU A 165 -4.74 -0.17 -6.94
C GLU A 165 -3.30 -0.62 -7.11
N VAL A 166 -2.41 -0.12 -6.24
CA VAL A 166 -1.01 -0.47 -6.32
C VAL A 166 -0.83 -1.98 -6.15
N ALA A 167 -1.45 -2.54 -5.12
CA ALA A 167 -1.33 -3.96 -4.85
C ALA A 167 -1.89 -4.76 -6.03
N ALA A 168 -2.98 -4.27 -6.61
CA ALA A 168 -3.61 -4.95 -7.74
C ALA A 168 -2.67 -4.96 -8.93
N SER A 169 -2.35 -3.78 -9.45
CA SER A 169 -1.46 -3.69 -10.60
C SER A 169 -0.11 -4.32 -10.30
N GLU A 170 0.45 -3.98 -9.14
CA GLU A 170 1.75 -4.52 -8.75
C GLU A 170 1.76 -6.03 -8.91
N GLY A 171 0.64 -6.66 -8.59
CA GLY A 171 0.53 -8.12 -8.70
C GLY A 171 -0.40 -8.52 -9.84
N PHE A 172 -1.67 -8.19 -9.71
CA PHE A 172 -2.66 -8.55 -10.71
C PHE A 172 -2.11 -8.36 -12.11
N LEU A 173 -1.93 -7.11 -12.50
CA LEU A 173 -1.43 -6.80 -13.85
C LEU A 173 -0.04 -7.37 -14.04
N LYS A 174 0.78 -7.28 -13.01
CA LYS A 174 2.14 -7.80 -13.08
C LYS A 174 2.13 -9.28 -13.39
N GLN A 175 0.95 -9.87 -13.45
CA GLN A 175 0.82 -11.29 -13.74
C GLN A 175 -0.07 -11.53 -14.97
N PRO A 176 0.28 -12.48 -15.79
CA PRO A 176 -0.52 -12.82 -17.01
C PRO A 176 -2.03 -12.86 -16.72
N VAL A 177 -2.37 -12.91 -15.44
CA VAL A 177 -3.78 -12.95 -15.05
C VAL A 177 -4.50 -11.69 -15.50
N GLY A 178 -3.86 -10.55 -15.31
CA GLY A 178 -4.45 -9.28 -15.68
C GLY A 178 -4.76 -9.22 -17.18
N LYS A 179 -3.93 -9.88 -17.97
CA LYS A 179 -4.11 -9.89 -19.42
C LYS A 179 -5.45 -10.52 -19.78
N ASP A 180 -5.79 -11.60 -19.09
CA ASP A 180 -7.05 -12.28 -19.33
C ASP A 180 -8.23 -11.40 -18.94
N TYR A 181 -8.05 -10.60 -17.90
CA TYR A 181 -9.10 -9.71 -17.43
C TYR A 181 -8.51 -8.55 -16.64
N LYS A 182 -9.12 -7.37 -16.79
CA LYS A 182 -8.65 -6.18 -16.08
C LYS A 182 -9.55 -4.98 -16.37
N PHE A 183 -10.45 -4.68 -15.46
CA PHE A 183 -11.36 -3.56 -15.63
C PHE A 183 -11.93 -3.12 -14.29
N GLY A 184 -12.57 -1.95 -14.28
CA GLY A 184 -13.16 -1.43 -13.05
C GLY A 184 -12.12 -0.73 -12.20
N GLY A 185 -11.44 0.24 -12.77
CA GLY A 185 -10.40 0.97 -12.06
C GLY A 185 -10.93 1.50 -10.71
N PRO A 186 -10.98 2.80 -10.53
CA PRO A 186 -11.47 3.40 -9.26
C PRO A 186 -12.82 2.82 -8.84
N SER A 187 -12.94 2.49 -7.55
CA SER A 187 -14.17 1.91 -7.02
C SER A 187 -14.71 2.72 -5.85
N VAL A 188 -14.59 2.16 -4.65
CA VAL A 188 -15.08 2.84 -3.46
C VAL A 188 -14.53 2.17 -2.23
N LYS A 189 -14.63 2.85 -1.08
CA LYS A 189 -14.15 2.32 0.19
C LYS A 189 -13.79 3.46 1.16
N ASP A 190 -13.82 3.17 2.45
CA ASP A 190 -13.49 4.16 3.46
C ASP A 190 -11.97 4.22 3.62
N GLU A 191 -11.39 5.38 3.33
CA GLU A 191 -9.95 5.58 3.45
C GLU A 191 -9.51 5.62 4.91
N LYS A 192 -10.47 5.88 5.79
CA LYS A 192 -10.19 5.96 7.21
C LYS A 192 -9.70 4.61 7.73
N LEU A 193 -10.19 3.54 7.14
CA LEU A 193 -9.83 2.19 7.59
C LEU A 193 -8.33 1.96 7.44
N PHE A 194 -7.77 2.39 6.31
CA PHE A 194 -6.34 2.24 6.07
C PHE A 194 -5.66 3.61 5.99
N GLY A 195 -6.41 4.65 6.30
CA GLY A 195 -5.88 6.01 6.26
C GLY A 195 -5.71 6.47 4.81
N VAL A 196 -4.80 7.41 4.61
CA VAL A 196 -4.54 7.94 3.27
C VAL A 196 -3.84 6.90 2.42
N GLY A 197 -3.13 5.99 3.08
CA GLY A 197 -2.39 4.94 2.37
C GLY A 197 -1.32 4.33 3.26
N THR A 198 -0.08 4.32 2.76
CA THR A 198 1.04 3.77 3.53
C THR A 198 2.22 4.73 3.53
N GLY A 199 3.10 4.56 4.50
CA GLY A 199 4.27 5.42 4.61
C GLY A 199 5.23 4.91 5.68
N MET A 200 6.14 5.77 6.12
CA MET A 200 7.12 5.40 7.15
C MET A 200 6.65 5.87 8.52
N GLY A 201 6.89 5.03 9.53
CA GLY A 201 6.49 5.37 10.89
C GLY A 201 7.59 6.11 11.62
N LEU A 202 7.36 7.40 11.90
CA LEU A 202 8.34 8.21 12.61
C LEU A 202 7.76 8.76 13.90
N ARG A 203 8.63 9.18 14.82
CA ARG A 203 8.17 9.71 16.11
C ARG A 203 7.91 11.20 16.00
N LYS A 204 6.95 11.70 16.78
CA LYS A 204 6.61 13.12 16.74
C LYS A 204 7.85 13.98 16.91
N GLU A 205 8.67 13.66 17.91
CA GLU A 205 9.88 14.42 18.17
C GLU A 205 10.59 14.76 16.86
N ASP A 206 10.31 13.99 15.80
CA ASP A 206 10.92 14.23 14.51
C ASP A 206 10.34 15.48 13.88
N ASN A 207 10.35 16.58 14.61
CA ASN A 207 9.82 17.84 14.10
C ASN A 207 10.63 18.34 12.91
N GLU A 208 11.95 18.30 13.04
CA GLU A 208 12.83 18.76 11.97
C GLU A 208 12.87 17.74 10.84
N LEU A 209 13.06 16.47 11.21
CA LEU A 209 13.14 15.42 10.21
C LEU A 209 11.83 15.32 9.43
N ARG A 210 10.72 15.39 10.15
CA ARG A 210 9.40 15.31 9.51
C ARG A 210 9.22 16.50 8.57
N GLU A 211 9.64 17.68 9.02
CA GLU A 211 9.50 18.88 8.21
C GLU A 211 10.24 18.69 6.88
N ALA A 212 11.38 18.00 6.94
CA ALA A 212 12.16 17.73 5.73
C ALA A 212 11.47 16.68 4.90
N LEU A 213 11.58 15.41 5.32
CA LEU A 213 10.95 14.31 4.60
C LEU A 213 9.68 14.77 3.90
N ASN A 214 8.87 15.55 4.62
CA ASN A 214 7.64 16.09 4.04
C ASN A 214 7.97 17.06 2.89
N LYS A 215 8.95 17.93 3.12
CA LYS A 215 9.37 18.88 2.10
C LYS A 215 9.90 18.13 0.88
N ALA A 216 10.71 17.10 1.13
CA ALA A 216 11.27 16.30 0.05
C ALA A 216 10.16 15.62 -0.74
N PHE A 217 9.14 15.14 -0.03
CA PHE A 217 8.01 14.49 -0.67
C PHE A 217 7.30 15.46 -1.63
N ALA A 218 7.12 16.69 -1.17
CA ALA A 218 6.46 17.71 -1.98
C ALA A 218 7.27 17.99 -3.23
N GLU A 219 8.59 18.01 -3.09
CA GLU A 219 9.47 18.24 -4.24
C GLU A 219 9.32 17.11 -5.26
N MET A 220 9.25 15.88 -4.75
CA MET A 220 9.13 14.71 -5.63
C MET A 220 7.88 14.86 -6.49
N ARG A 221 6.82 15.39 -5.89
CA ARG A 221 5.57 15.60 -6.62
C ARG A 221 5.74 16.72 -7.65
N ALA A 222 6.48 17.76 -7.28
CA ALA A 222 6.70 18.90 -8.17
C ALA A 222 7.39 18.45 -9.45
N ASP A 223 8.42 17.62 -9.30
CA ASP A 223 9.17 17.10 -10.45
C ASP A 223 8.53 15.82 -10.97
N GLY A 224 7.45 15.40 -10.32
CA GLY A 224 6.74 14.19 -10.73
C GLY A 224 7.61 12.96 -10.53
N THR A 225 8.63 13.08 -9.68
CA THR A 225 9.53 11.97 -9.43
C THR A 225 8.74 10.76 -8.93
N TYR A 226 7.84 11.00 -7.98
CA TYR A 226 7.02 9.91 -7.44
C TYR A 226 6.13 9.33 -8.53
N GLU A 227 5.31 10.18 -9.14
CA GLU A 227 4.41 9.73 -10.19
C GLU A 227 5.19 9.07 -11.32
N LYS A 228 6.33 9.66 -11.66
CA LYS A 228 7.15 9.12 -12.74
C LYS A 228 7.58 7.69 -12.42
N LEU A 229 8.06 7.47 -11.20
CA LEU A 229 8.49 6.14 -10.79
C LEU A 229 7.31 5.19 -10.80
N ALA A 230 6.16 5.66 -10.34
CA ALA A 230 4.97 4.83 -10.31
C ALA A 230 4.59 4.36 -11.71
N LYS A 231 4.55 5.29 -12.65
CA LYS A 231 4.21 4.96 -14.03
C LYS A 231 5.20 3.94 -14.59
N LYS A 232 6.45 4.05 -14.19
CA LYS A 232 7.48 3.12 -14.65
C LYS A 232 7.28 1.73 -14.05
N TYR A 233 7.15 1.68 -12.73
CA TYR A 233 6.95 0.41 -12.05
C TYR A 233 5.65 -0.24 -12.50
N PHE A 234 4.59 0.56 -12.56
CA PHE A 234 3.29 0.05 -12.99
C PHE A 234 2.45 1.16 -13.59
N ASP A 235 1.50 0.78 -14.44
CA ASP A 235 0.63 1.77 -15.08
C ASP A 235 -0.71 1.84 -14.34
N PHE A 236 -0.84 2.84 -13.47
CA PHE A 236 -2.06 3.02 -12.71
C PHE A 236 -2.22 4.47 -12.26
N ASP A 237 -3.13 4.71 -11.32
CA ASP A 237 -3.37 6.07 -10.82
C ASP A 237 -3.15 6.12 -9.32
N VAL A 238 -2.08 6.79 -8.90
CA VAL A 238 -1.78 6.93 -7.49
C VAL A 238 -2.87 7.73 -6.78
N TYR A 239 -3.34 8.78 -7.45
CA TYR A 239 -4.39 9.61 -6.87
C TYR A 239 -5.61 8.78 -6.52
N GLY A 240 -5.99 7.88 -7.42
CA GLY A 240 -7.14 7.02 -7.19
C GLY A 240 -6.91 6.11 -5.99
N GLY A 241 -5.66 5.64 -5.84
CA GLY A 241 -5.33 4.76 -4.74
C GLY A 241 -6.06 3.43 -4.84
N ALA A 4 20.94 20.65 13.56
CA ALA A 4 21.78 19.72 12.74
C ALA A 4 21.09 18.37 12.67
N ILE A 5 20.97 17.85 11.45
CA ILE A 5 20.33 16.56 11.24
C ILE A 5 21.23 15.43 11.74
N PRO A 6 20.68 14.27 11.91
CA PRO A 6 21.44 13.07 12.38
C PRO A 6 22.56 12.68 11.41
N GLN A 7 23.68 12.23 11.97
CA GLN A 7 24.82 11.82 11.15
C GLN A 7 24.46 10.60 10.32
N ASN A 8 23.76 9.65 10.93
CA ASN A 8 23.37 8.43 10.24
C ASN A 8 21.93 8.06 10.59
N ILE A 9 21.17 7.61 9.58
CA ILE A 9 19.78 7.22 9.81
C ILE A 9 19.63 5.70 9.72
N ARG A 10 19.14 5.10 10.81
CA ARG A 10 18.94 3.67 10.84
C ARG A 10 17.51 3.32 10.44
N ILE A 11 17.37 2.57 9.36
CA ILE A 11 16.04 2.18 8.86
C ILE A 11 15.84 0.68 9.02
N GLY A 12 14.64 0.29 9.45
CA GLY A 12 14.32 -1.12 9.63
C GLY A 12 13.36 -1.60 8.56
N THR A 13 13.88 -2.37 7.60
CA THR A 13 13.04 -2.89 6.52
C THR A 13 13.22 -4.39 6.37
N ASP A 14 12.12 -5.13 6.52
CA ASP A 14 12.17 -6.58 6.39
C ASP A 14 11.36 -7.03 5.17
N PRO A 15 11.99 -7.17 4.04
CA PRO A 15 11.31 -7.60 2.78
C PRO A 15 10.56 -8.92 2.98
N THR A 16 9.34 -8.96 2.48
CA THR A 16 8.51 -10.17 2.59
C THR A 16 7.70 -10.38 1.33
N TYR A 17 7.53 -9.32 0.54
CA TYR A 17 6.77 -9.41 -0.70
C TYR A 17 7.61 -8.96 -1.87
N ALA A 18 8.18 -9.92 -2.60
CA ALA A 18 9.00 -9.61 -3.77
C ALA A 18 8.56 -8.30 -4.43
N PRO A 19 7.35 -8.26 -4.89
CA PRO A 19 6.79 -7.04 -5.56
C PRO A 19 7.03 -5.78 -4.75
N PHE A 20 6.86 -5.87 -3.44
CA PHE A 20 7.07 -4.73 -2.57
C PHE A 20 8.55 -4.48 -2.34
N GLU A 21 9.29 -5.57 -2.10
CA GLU A 21 10.73 -5.47 -1.84
C GLU A 21 11.45 -6.71 -2.34
N SER A 22 12.60 -7.02 -1.72
CA SER A 22 13.37 -8.19 -2.12
C SER A 22 14.80 -8.07 -1.59
N LYS A 23 15.60 -9.10 -1.84
CA LYS A 23 16.99 -9.09 -1.40
C LYS A 23 17.91 -9.60 -2.51
N ASN A 24 19.11 -9.02 -2.59
CA ASN A 24 20.06 -9.42 -3.62
C ASN A 24 21.03 -10.46 -3.07
N SER A 25 21.27 -11.51 -3.83
CA SER A 25 22.19 -12.56 -3.41
C SER A 25 23.62 -12.01 -3.29
N GLN A 26 23.87 -10.88 -3.93
CA GLN A 26 25.18 -10.27 -3.89
C GLN A 26 25.39 -9.54 -2.57
N GLY A 27 24.33 -9.47 -1.77
CA GLY A 27 24.40 -8.79 -0.47
C GLY A 27 23.77 -7.41 -0.55
N GLU A 28 23.43 -6.98 -1.76
CA GLU A 28 22.81 -5.67 -1.95
C GLU A 28 21.33 -5.73 -1.63
N LEU A 29 20.74 -4.58 -1.34
CA LEU A 29 19.31 -4.51 -1.00
C LEU A 29 18.55 -3.77 -2.09
N VAL A 30 17.44 -4.36 -2.54
CA VAL A 30 16.62 -3.76 -3.59
C VAL A 30 15.15 -3.82 -3.21
N GLY A 31 14.37 -2.86 -3.71
CA GLY A 31 12.95 -2.82 -3.41
C GLY A 31 12.37 -1.46 -3.78
N PHE A 32 11.09 -1.43 -4.12
CA PHE A 32 10.42 -0.20 -4.48
C PHE A 32 10.48 0.80 -3.33
N ASP A 33 10.27 0.31 -2.12
CA ASP A 33 10.29 1.17 -0.94
C ASP A 33 11.71 1.65 -0.64
N ILE A 34 12.69 0.86 -1.03
CA ILE A 34 14.09 1.20 -0.82
C ILE A 34 14.49 2.39 -1.69
N ASP A 35 14.00 2.40 -2.92
CA ASP A 35 14.33 3.47 -3.86
C ASP A 35 13.86 4.80 -3.31
N LEU A 36 12.69 4.79 -2.66
CA LEU A 36 12.16 6.01 -2.08
C LEU A 36 13.08 6.52 -0.96
N ALA A 37 13.51 5.59 -0.11
CA ALA A 37 14.38 5.95 1.01
C ALA A 37 15.63 6.63 0.50
N LYS A 38 16.27 6.03 -0.52
CA LYS A 38 17.49 6.60 -1.08
C LYS A 38 17.26 8.05 -1.49
N GLU A 39 16.23 8.28 -2.30
CA GLU A 39 15.93 9.64 -2.75
C GLU A 39 15.80 10.57 -1.54
N LEU A 40 15.18 10.07 -0.48
CA LEU A 40 15.02 10.85 0.74
C LEU A 40 16.37 11.07 1.42
N CYS A 41 17.19 10.03 1.46
CA CYS A 41 18.50 10.11 2.10
C CYS A 41 19.28 11.28 1.52
N LYS A 42 19.27 11.41 0.20
CA LYS A 42 19.97 12.52 -0.45
C LYS A 42 19.35 13.85 -0.06
N ARG A 43 18.03 13.92 -0.09
CA ARG A 43 17.32 15.14 0.26
C ARG A 43 17.63 15.52 1.71
N ILE A 44 17.64 14.53 2.58
CA ILE A 44 17.94 14.77 3.99
C ILE A 44 19.43 15.00 4.19
N ASN A 45 20.23 14.61 3.20
CA ASN A 45 21.68 14.77 3.28
C ASN A 45 22.24 13.97 4.45
N THR A 46 21.90 12.69 4.51
CA THR A 46 22.36 11.82 5.60
C THR A 46 22.59 10.40 5.10
N GLN A 47 23.18 9.56 5.94
CA GLN A 47 23.44 8.18 5.58
C GLN A 47 22.23 7.31 5.95
N CYS A 48 21.92 6.34 5.11
CA CYS A 48 20.80 5.44 5.35
C CYS A 48 21.28 4.01 5.51
N THR A 49 20.82 3.34 6.58
CA THR A 49 21.19 1.96 6.83
C THR A 49 19.95 1.09 7.02
N PHE A 50 19.87 0.01 6.27
CA PHE A 50 18.73 -0.89 6.37
C PHE A 50 19.02 -2.03 7.33
N VAL A 51 18.07 -2.32 8.21
CA VAL A 51 18.23 -3.41 9.18
C VAL A 51 17.03 -4.35 9.14
N GLU A 52 17.31 -5.64 9.00
CA GLU A 52 16.24 -6.63 8.95
C GLU A 52 15.51 -6.71 10.30
N ASN A 53 14.20 -6.79 10.25
CA ASN A 53 13.41 -6.89 11.46
C ASN A 53 11.91 -6.89 11.13
N PRO A 54 11.17 -7.81 11.70
CA PRO A 54 9.70 -7.92 11.46
C PRO A 54 8.92 -6.75 12.02
N LEU A 55 7.87 -6.35 11.31
CA LEU A 55 7.03 -5.24 11.76
C LEU A 55 6.83 -5.28 13.28
N ASP A 56 6.32 -6.40 13.77
CA ASP A 56 6.08 -6.54 15.19
C ASP A 56 7.30 -6.11 16.01
N ALA A 57 8.47 -6.21 15.40
CA ALA A 57 9.71 -5.84 16.08
C ALA A 57 10.10 -4.40 15.74
N LEU A 58 9.59 -3.89 14.64
CA LEU A 58 9.89 -2.52 14.24
C LEU A 58 9.37 -1.51 15.25
N ILE A 59 8.16 -1.74 15.73
CA ILE A 59 7.54 -0.84 16.69
C ILE A 59 8.38 -0.79 17.97
N PRO A 60 8.59 -1.93 18.57
CA PRO A 60 9.42 -2.06 19.79
C PRO A 60 10.82 -1.49 19.56
N SER A 61 11.39 -1.79 18.39
CA SER A 61 12.73 -1.31 18.05
C SER A 61 12.77 0.21 18.09
N LEU A 62 11.75 0.84 17.53
CA LEU A 62 11.69 2.29 17.50
C LEU A 62 11.69 2.84 18.92
N LYS A 63 10.90 2.21 19.80
CA LYS A 63 10.84 2.63 21.19
C LYS A 63 12.19 2.41 21.87
N ALA A 64 12.83 1.28 21.56
CA ALA A 64 14.13 0.96 22.14
C ALA A 64 15.23 1.76 21.48
N LYS A 65 14.84 2.74 20.68
CA LYS A 65 15.81 3.59 19.99
C LYS A 65 16.75 2.75 19.13
N LYS A 66 16.41 1.48 18.96
CA LYS A 66 17.22 0.57 18.15
C LYS A 66 17.25 1.04 16.70
N ILE A 67 16.13 1.60 16.23
CA ILE A 67 16.04 2.09 14.86
C ILE A 67 15.68 3.57 14.84
N ASP A 68 16.09 4.26 13.79
CA ASP A 68 15.81 5.68 13.67
C ASP A 68 14.53 5.94 12.88
N ALA A 69 14.14 4.96 12.08
CA ALA A 69 12.93 5.10 11.27
C ALA A 69 12.42 3.72 10.86
N ILE A 70 11.12 3.64 10.57
CA ILE A 70 10.51 2.38 10.13
C ILE A 70 10.01 2.50 8.70
N MET A 71 10.40 1.53 7.87
CA MET A 71 9.98 1.53 6.46
C MET A 71 9.45 0.15 6.08
N SER A 72 8.13 0.07 5.92
CA SER A 72 7.50 -1.20 5.56
C SER A 72 6.12 -0.95 4.95
N SER A 73 5.46 -2.04 4.55
CA SER A 73 4.14 -1.93 3.96
C SER A 73 3.13 -1.41 4.98
N LEU A 74 3.52 -1.44 6.25
CA LEU A 74 2.65 -0.98 7.32
C LEU A 74 1.81 0.21 6.86
N SER A 75 0.49 0.08 6.98
CA SER A 75 -0.41 1.15 6.56
C SER A 75 -0.51 2.21 7.64
N ILE A 76 -0.85 3.44 7.24
CA ILE A 76 -0.97 4.54 8.20
C ILE A 76 -2.45 4.86 8.43
N THR A 77 -2.77 5.32 9.63
CA THR A 77 -4.14 5.67 9.97
C THR A 77 -4.19 6.79 10.99
N GLU A 78 -5.25 7.58 10.96
CA GLU A 78 -5.40 8.69 11.90
C GLU A 78 -5.15 8.22 13.32
N LYS A 79 -5.75 7.10 13.70
CA LYS A 79 -5.58 6.56 15.04
C LYS A 79 -4.10 6.35 15.36
N ARG A 80 -3.36 5.88 14.36
CA ARG A 80 -1.93 5.65 14.52
C ARG A 80 -1.18 6.98 14.66
N GLN A 81 -1.62 7.97 13.90
CA GLN A 81 -0.99 9.28 13.93
C GLN A 81 -1.01 9.84 15.34
N GLN A 82 -2.12 9.61 16.03
CA GLN A 82 -2.26 10.10 17.41
C GLN A 82 -1.17 9.50 18.29
N GLU A 83 -0.69 8.31 17.92
CA GLU A 83 0.36 7.65 18.69
C GLU A 83 1.74 8.18 18.30
N ILE A 84 2.02 8.20 16.99
CA ILE A 84 3.30 8.69 16.49
C ILE A 84 3.10 9.52 15.23
N ALA A 85 4.19 9.82 14.55
CA ALA A 85 4.13 10.62 13.32
C ALA A 85 4.37 9.75 12.10
N PHE A 86 3.73 10.11 11.00
CA PHE A 86 3.89 9.37 9.75
C PHE A 86 4.21 10.32 8.59
N THR A 87 4.95 9.83 7.61
CA THR A 87 5.31 10.63 6.46
C THR A 87 5.80 9.75 5.32
N ASP A 88 6.65 10.31 4.45
CA ASP A 88 7.18 9.56 3.32
C ASP A 88 6.10 8.72 2.68
N LYS A 89 4.83 9.07 2.93
CA LYS A 89 3.71 8.34 2.37
C LYS A 89 4.08 7.72 1.02
N LEU A 90 3.96 6.41 0.93
CA LEU A 90 4.33 5.71 -0.29
C LEU A 90 3.28 5.90 -1.37
N TYR A 91 2.10 5.31 -1.14
CA TYR A 91 1.01 5.41 -2.11
C TYR A 91 -0.34 5.34 -1.40
N ALA A 92 -1.40 5.68 -2.13
CA ALA A 92 -2.75 5.64 -1.56
C ALA A 92 -3.30 4.23 -1.61
N ALA A 93 -3.69 3.71 -0.45
CA ALA A 93 -4.24 2.35 -0.38
C ALA A 93 -5.74 2.39 -0.19
N ASP A 94 -6.46 2.83 -1.22
CA ASP A 94 -7.91 2.90 -1.17
C ASP A 94 -8.53 1.57 -1.56
N SER A 95 -9.07 1.50 -2.77
CA SER A 95 -9.70 0.28 -3.25
C SER A 95 -9.77 0.27 -4.77
N ARG A 96 -10.05 -0.89 -5.35
CA ARG A 96 -10.16 -1.02 -6.79
C ARG A 96 -11.04 -2.21 -7.14
N LEU A 97 -11.78 -2.09 -8.24
CA LEU A 97 -12.64 -3.17 -8.71
C LEU A 97 -12.00 -3.92 -9.85
N VAL A 98 -12.08 -5.25 -9.82
CA VAL A 98 -11.49 -6.08 -10.88
C VAL A 98 -12.56 -6.96 -11.49
N VAL A 99 -12.93 -6.67 -12.74
CA VAL A 99 -13.95 -7.45 -13.43
C VAL A 99 -13.51 -7.79 -14.84
N ALA A 100 -14.20 -8.74 -15.46
CA ALA A 100 -13.88 -9.15 -16.82
C ALA A 100 -14.62 -8.28 -17.84
N LYS A 101 -13.99 -8.07 -18.99
CA LYS A 101 -14.59 -7.26 -20.05
C LYS A 101 -15.97 -7.79 -20.40
N ASN A 102 -16.17 -9.09 -20.20
CA ASN A 102 -17.45 -9.71 -20.51
C ASN A 102 -18.56 -9.06 -19.72
N SER A 103 -18.30 -8.78 -18.45
CA SER A 103 -19.30 -8.14 -17.58
C SER A 103 -18.97 -6.66 -17.42
N ASP A 104 -19.93 -5.80 -17.78
CA ASP A 104 -19.73 -4.36 -17.67
C ASP A 104 -20.16 -3.88 -16.30
N ILE A 105 -19.18 -3.48 -15.49
CA ILE A 105 -19.45 -2.98 -14.14
C ILE A 105 -18.78 -1.65 -13.92
N GLN A 106 -19.54 -0.68 -13.44
CA GLN A 106 -19.00 0.66 -13.17
C GLN A 106 -18.94 0.92 -11.67
N PRO A 107 -18.12 1.85 -11.28
CA PRO A 107 -17.96 2.23 -9.84
C PRO A 107 -19.26 2.72 -9.22
N THR A 108 -20.03 1.79 -8.68
CA THR A 108 -21.30 2.14 -8.06
C THR A 108 -21.85 0.96 -7.26
N VAL A 109 -22.44 1.24 -6.10
CA VAL A 109 -23.01 0.20 -5.27
C VAL A 109 -24.22 -0.42 -5.96
N GLU A 110 -24.94 0.40 -6.73
CA GLU A 110 -26.14 -0.06 -7.41
C GLU A 110 -25.81 -1.24 -8.33
N SER A 111 -24.95 -1.00 -9.31
CA SER A 111 -24.57 -2.05 -10.24
C SER A 111 -23.99 -3.25 -9.51
N LEU A 112 -23.52 -3.02 -8.30
CA LEU A 112 -22.95 -4.09 -7.49
C LEU A 112 -24.05 -4.95 -6.88
N LYS A 113 -25.22 -4.37 -6.71
CA LYS A 113 -26.34 -5.09 -6.11
C LYS A 113 -26.61 -6.38 -6.89
N GLY A 114 -26.78 -7.48 -6.16
CA GLY A 114 -27.05 -8.77 -6.78
C GLY A 114 -25.76 -9.43 -7.25
N LYS A 115 -24.68 -8.65 -7.32
CA LYS A 115 -23.40 -9.17 -7.76
C LYS A 115 -22.63 -9.78 -6.59
N ARG A 116 -21.80 -10.76 -6.88
CA ARG A 116 -21.02 -11.42 -5.83
C ARG A 116 -19.63 -10.80 -5.74
N VAL A 117 -19.17 -10.54 -4.52
CA VAL A 117 -17.86 -9.94 -4.30
C VAL A 117 -17.05 -10.78 -3.33
N GLY A 118 -15.77 -10.98 -3.64
CA GLY A 118 -14.89 -11.76 -2.77
C GLY A 118 -13.93 -10.85 -2.02
N VAL A 119 -13.72 -11.14 -0.74
CA VAL A 119 -12.81 -10.34 0.09
C VAL A 119 -11.84 -11.25 0.84
N LEU A 120 -10.74 -10.66 1.31
CA LEU A 120 -9.75 -11.41 2.05
C LEU A 120 -10.03 -11.37 3.55
N GLN A 121 -10.29 -12.53 4.13
CA GLN A 121 -10.58 -12.61 5.55
C GLN A 121 -9.49 -11.92 6.36
N GLY A 122 -9.83 -11.51 7.58
CA GLY A 122 -8.88 -10.84 8.45
C GLY A 122 -8.49 -9.48 7.88
N THR A 123 -9.49 -8.69 7.53
CA THR A 123 -9.26 -7.35 6.97
C THR A 123 -10.39 -6.41 7.33
N THR A 124 -10.18 -5.12 7.07
CA THR A 124 -11.19 -4.11 7.36
C THR A 124 -12.33 -4.20 6.35
N GLN A 125 -12.02 -4.70 5.16
CA GLN A 125 -13.03 -4.81 4.11
C GLN A 125 -14.16 -5.72 4.54
N GLU A 126 -13.82 -6.94 4.94
CA GLU A 126 -14.83 -7.90 5.38
C GLU A 126 -15.64 -7.32 6.54
N THR A 127 -14.94 -6.90 7.60
CA THR A 127 -15.62 -6.34 8.76
C THR A 127 -16.44 -5.11 8.38
N PHE A 128 -15.79 -4.18 7.69
CA PHE A 128 -16.46 -2.96 7.26
C PHE A 128 -17.60 -3.29 6.30
N GLY A 129 -17.33 -4.19 5.37
CA GLY A 129 -18.33 -4.59 4.39
C GLY A 129 -19.55 -5.22 5.04
N ASN A 130 -19.29 -6.10 6.00
CA ASN A 130 -20.37 -6.78 6.71
C ASN A 130 -21.44 -5.78 7.13
N GLU A 131 -21.11 -4.49 7.06
CA GLU A 131 -22.06 -3.44 7.43
C GLU A 131 -22.22 -2.45 6.29
N HIS A 132 -21.13 -2.20 5.55
CA HIS A 132 -21.17 -1.24 4.47
C HIS A 132 -21.92 -1.81 3.26
N TRP A 133 -21.52 -3.01 2.84
CA TRP A 133 -22.13 -3.66 1.69
C TRP A 133 -23.18 -4.68 2.12
N ALA A 134 -23.54 -4.64 3.38
CA ALA A 134 -24.54 -5.56 3.92
C ALA A 134 -25.96 -5.03 3.65
N PRO A 135 -26.24 -3.83 4.08
CA PRO A 135 -27.57 -3.21 3.89
C PRO A 135 -27.81 -2.80 2.45
N LYS A 136 -26.77 -2.87 1.63
CA LYS A 136 -26.87 -2.49 0.23
C LYS A 136 -27.43 -3.65 -0.59
N GLY A 137 -27.53 -4.81 0.04
CA GLY A 137 -28.05 -5.99 -0.66
C GLY A 137 -26.98 -6.62 -1.54
N ILE A 138 -25.73 -6.53 -1.11
CA ILE A 138 -24.62 -7.10 -1.87
C ILE A 138 -24.05 -8.32 -1.17
N GLU A 139 -23.75 -9.36 -1.94
CA GLU A 139 -23.21 -10.59 -1.38
C GLU A 139 -21.68 -10.50 -1.29
N ILE A 140 -21.15 -10.81 -0.11
CA ILE A 140 -19.70 -10.77 0.11
C ILE A 140 -19.21 -12.09 0.65
N VAL A 141 -18.06 -12.55 0.15
CA VAL A 141 -17.47 -13.81 0.60
C VAL A 141 -16.06 -13.57 1.11
N SER A 142 -15.75 -14.14 2.28
CA SER A 142 -14.44 -13.98 2.87
C SER A 142 -13.56 -15.19 2.56
N TYR A 143 -12.36 -14.91 2.02
CA TYR A 143 -11.42 -15.97 1.67
C TYR A 143 -10.22 -15.94 2.60
N GLN A 144 -9.58 -17.09 2.78
CA GLN A 144 -8.41 -17.19 3.65
C GLN A 144 -7.14 -17.34 2.84
N GLY A 145 -7.26 -17.21 1.51
CA GLY A 145 -6.11 -17.34 0.63
C GLY A 145 -6.05 -16.18 -0.36
N GLN A 146 -4.88 -15.56 -0.48
CA GLN A 146 -4.71 -14.45 -1.39
C GLN A 146 -4.85 -14.92 -2.84
N ASP A 147 -4.20 -16.03 -3.15
CA ASP A 147 -4.25 -16.57 -4.51
C ASP A 147 -5.63 -17.15 -4.80
N ASN A 148 -6.35 -17.51 -3.74
CA ASN A 148 -7.69 -18.07 -3.89
C ASN A 148 -8.64 -17.03 -4.49
N ILE A 149 -8.45 -15.78 -4.09
CA ILE A 149 -9.30 -14.70 -4.60
C ILE A 149 -9.10 -14.50 -6.10
N TYR A 150 -7.84 -14.43 -6.52
CA TYR A 150 -7.51 -14.23 -7.91
C TYR A 150 -8.01 -15.41 -8.74
N SER A 151 -7.89 -16.61 -8.18
CA SER A 151 -8.32 -17.82 -8.88
C SER A 151 -9.81 -17.75 -9.17
N ASP A 152 -10.57 -17.28 -8.19
CA ASP A 152 -12.03 -17.16 -8.36
C ASP A 152 -12.34 -16.15 -9.45
N LEU A 153 -11.65 -15.01 -9.42
CA LEU A 153 -11.89 -13.97 -10.42
C LEU A 153 -11.62 -14.52 -11.81
N THR A 154 -10.49 -15.19 -11.97
CA THR A 154 -10.14 -15.77 -13.27
C THR A 154 -11.15 -16.83 -13.66
N ALA A 155 -11.83 -17.39 -12.66
CA ALA A 155 -12.84 -18.42 -12.91
C ALA A 155 -14.21 -17.79 -13.14
N GLY A 156 -14.37 -16.54 -12.70
CA GLY A 156 -15.63 -15.84 -12.87
C GLY A 156 -16.57 -16.14 -11.70
N ARG A 157 -16.03 -16.75 -10.65
CA ARG A 157 -16.82 -17.08 -9.47
C ARG A 157 -17.20 -15.82 -8.71
N ILE A 158 -16.49 -14.73 -9.00
CA ILE A 158 -16.75 -13.44 -8.34
C ILE A 158 -16.92 -12.34 -9.38
N ASP A 159 -17.91 -11.49 -9.18
CA ASP A 159 -18.17 -10.39 -10.11
C ASP A 159 -17.10 -9.32 -9.98
N ALA A 160 -16.51 -9.20 -8.79
CA ALA A 160 -15.49 -8.20 -8.56
C ALA A 160 -14.90 -8.35 -7.16
N ALA A 161 -13.66 -7.86 -6.98
CA ALA A 161 -13.01 -7.94 -5.67
C ALA A 161 -12.46 -6.57 -5.29
N PHE A 162 -12.65 -6.19 -4.03
CA PHE A 162 -12.17 -4.90 -3.55
C PHE A 162 -10.72 -5.01 -3.12
N GLN A 163 -9.82 -4.51 -3.97
CA GLN A 163 -8.38 -4.54 -3.66
C GLN A 163 -7.75 -3.17 -3.94
N ASP A 164 -6.54 -2.97 -3.42
CA ASP A 164 -5.83 -1.72 -3.62
C ASP A 164 -5.33 -1.61 -5.06
N GLU A 165 -5.19 -0.38 -5.54
CA GLU A 165 -4.73 -0.15 -6.90
C GLU A 165 -3.28 -0.60 -7.06
N VAL A 166 -2.40 -0.08 -6.21
CA VAL A 166 -0.99 -0.43 -6.30
C VAL A 166 -0.79 -1.93 -6.11
N ALA A 167 -1.42 -2.49 -5.08
CA ALA A 167 -1.30 -3.91 -4.82
C ALA A 167 -1.87 -4.72 -5.98
N ALA A 168 -2.96 -4.24 -6.54
CA ALA A 168 -3.60 -4.92 -7.66
C ALA A 168 -2.69 -4.93 -8.87
N SER A 169 -2.37 -3.75 -9.39
CA SER A 169 -1.52 -3.66 -10.55
C SER A 169 -0.14 -4.28 -10.28
N GLU A 170 0.43 -3.91 -9.14
CA GLU A 170 1.75 -4.43 -8.78
C GLU A 170 1.77 -5.94 -8.91
N GLY A 171 0.65 -6.58 -8.58
CA GLY A 171 0.57 -8.03 -8.68
C GLY A 171 -0.37 -8.47 -9.80
N PHE A 172 -1.64 -8.16 -9.65
CA PHE A 172 -2.65 -8.54 -10.63
C PHE A 172 -2.12 -8.34 -12.05
N LEU A 173 -1.97 -7.09 -12.45
CA LEU A 173 -1.49 -6.78 -13.79
C LEU A 173 -0.09 -7.33 -14.00
N LYS A 174 0.75 -7.23 -12.98
CA LYS A 174 2.12 -7.72 -13.07
C LYS A 174 2.13 -9.20 -13.34
N GLN A 175 0.94 -9.81 -13.38
CA GLN A 175 0.84 -11.24 -13.64
C GLN A 175 -0.02 -11.51 -14.86
N PRO A 176 0.27 -12.56 -15.60
CA PRO A 176 -0.51 -12.95 -16.81
C PRO A 176 -2.02 -12.98 -16.53
N VAL A 177 -2.37 -13.06 -15.26
CA VAL A 177 -3.78 -13.12 -14.88
C VAL A 177 -4.49 -11.85 -15.30
N GLY A 178 -3.85 -10.71 -15.09
CA GLY A 178 -4.45 -9.42 -15.44
C GLY A 178 -4.72 -9.33 -16.94
N LYS A 179 -3.85 -9.96 -17.72
CA LYS A 179 -4.00 -9.93 -19.18
C LYS A 179 -5.33 -10.55 -19.59
N ASP A 180 -5.70 -11.64 -18.94
CA ASP A 180 -6.96 -12.31 -19.23
C ASP A 180 -8.14 -11.42 -18.85
N TYR A 181 -7.96 -10.63 -17.79
CA TYR A 181 -9.03 -9.74 -17.33
C TYR A 181 -8.43 -8.57 -16.54
N LYS A 182 -9.02 -7.39 -16.71
CA LYS A 182 -8.56 -6.20 -16.01
C LYS A 182 -9.45 -5.00 -16.32
N PHE A 183 -10.36 -4.70 -15.41
CA PHE A 183 -11.27 -3.57 -15.60
C PHE A 183 -11.85 -3.11 -14.26
N GLY A 184 -12.46 -1.94 -14.26
CA GLY A 184 -13.07 -1.41 -13.05
C GLY A 184 -12.02 -0.71 -12.18
N GLY A 185 -11.35 0.27 -12.76
CA GLY A 185 -10.32 1.00 -12.04
C GLY A 185 -10.85 1.52 -10.69
N PRO A 186 -10.88 2.81 -10.49
CA PRO A 186 -11.38 3.40 -9.22
C PRO A 186 -12.74 2.83 -8.82
N SER A 187 -12.87 2.51 -7.53
CA SER A 187 -14.11 1.93 -7.01
C SER A 187 -14.66 2.74 -5.85
N VAL A 188 -14.56 2.18 -4.64
CA VAL A 188 -15.06 2.86 -3.46
C VAL A 188 -14.52 2.19 -2.22
N LYS A 189 -14.64 2.87 -1.08
CA LYS A 189 -14.17 2.33 0.21
C LYS A 189 -13.82 3.46 1.17
N ASP A 190 -13.87 3.16 2.46
CA ASP A 190 -13.54 4.16 3.48
C ASP A 190 -12.02 4.23 3.65
N GLU A 191 -11.45 5.39 3.35
CA GLU A 191 -10.02 5.59 3.48
C GLU A 191 -9.59 5.65 4.94
N LYS A 192 -10.55 5.90 5.82
CA LYS A 192 -10.27 5.97 7.24
C LYS A 192 -9.77 4.64 7.77
N LEU A 193 -10.28 3.56 7.17
CA LEU A 193 -9.91 2.22 7.63
C LEU A 193 -8.42 1.99 7.48
N PHE A 194 -7.86 2.40 6.34
CA PHE A 194 -6.42 2.26 6.10
C PHE A 194 -5.76 3.63 6.00
N GLY A 195 -6.50 4.67 6.35
CA GLY A 195 -5.97 6.02 6.27
C GLY A 195 -5.81 6.46 4.82
N VAL A 196 -4.90 7.41 4.60
CA VAL A 196 -4.64 7.90 3.25
C VAL A 196 -3.93 6.84 2.41
N GLY A 197 -3.24 5.94 3.08
CA GLY A 197 -2.51 4.87 2.39
C GLY A 197 -1.44 4.28 3.28
N THR A 198 -0.19 4.29 2.81
CA THR A 198 0.93 3.76 3.59
C THR A 198 2.07 4.76 3.65
N GLY A 199 2.90 4.64 4.68
CA GLY A 199 4.02 5.55 4.86
C GLY A 199 5.00 5.02 5.89
N MET A 200 5.95 5.86 6.30
CA MET A 200 6.95 5.45 7.28
C MET A 200 6.51 5.85 8.69
N GLY A 201 6.72 4.95 9.64
CA GLY A 201 6.32 5.22 11.02
C GLY A 201 7.42 5.95 11.77
N LEU A 202 7.19 7.23 12.05
CA LEU A 202 8.17 8.04 12.77
C LEU A 202 7.55 8.65 14.01
N ARG A 203 8.39 9.04 14.97
CA ARG A 203 7.90 9.63 16.22
C ARG A 203 7.71 11.13 16.06
N LYS A 204 6.75 11.68 16.79
CA LYS A 204 6.47 13.12 16.71
C LYS A 204 7.74 13.92 16.91
N GLU A 205 8.52 13.58 17.93
CA GLU A 205 9.76 14.29 18.21
C GLU A 205 10.50 14.63 16.91
N ASP A 206 10.23 13.85 15.86
CA ASP A 206 10.85 14.08 14.57
C ASP A 206 10.28 15.34 13.93
N ASN A 207 10.29 16.44 14.66
CA ASN A 207 9.78 17.71 14.15
C ASN A 207 10.60 18.20 12.97
N GLU A 208 11.92 18.15 13.11
CA GLU A 208 12.82 18.59 12.05
C GLU A 208 12.86 17.58 10.91
N LEU A 209 13.02 16.31 11.26
CA LEU A 209 13.09 15.26 10.25
C LEU A 209 11.78 15.18 9.48
N ARG A 210 10.67 15.25 10.21
CA ARG A 210 9.35 15.20 9.57
C ARG A 210 9.19 16.39 8.63
N GLU A 211 9.62 17.57 9.08
CA GLU A 211 9.51 18.76 8.26
C GLU A 211 10.24 18.55 6.93
N ALA A 212 11.36 17.82 6.98
CA ALA A 212 12.12 17.53 5.78
C ALA A 212 11.39 16.49 4.95
N LEU A 213 11.48 15.23 5.37
CA LEU A 213 10.80 14.13 4.66
C LEU A 213 9.55 14.65 3.96
N ASN A 214 8.75 15.44 4.68
CA ASN A 214 7.54 16.02 4.11
C ASN A 214 7.90 17.00 2.98
N LYS A 215 8.90 17.84 3.22
CA LYS A 215 9.35 18.79 2.21
C LYS A 215 9.86 18.04 0.99
N ALA A 216 10.65 17.00 1.22
CA ALA A 216 11.20 16.21 0.13
C ALA A 216 10.07 15.55 -0.67
N PHE A 217 9.05 15.09 0.04
CA PHE A 217 7.90 14.46 -0.61
C PHE A 217 7.22 15.46 -1.55
N ALA A 218 7.05 16.68 -1.06
CA ALA A 218 6.41 17.72 -1.86
C ALA A 218 7.22 18.01 -3.12
N GLU A 219 8.54 18.01 -2.98
CA GLU A 219 9.42 18.25 -4.13
C GLU A 219 9.25 17.13 -5.15
N MET A 220 9.17 15.90 -4.68
CA MET A 220 9.02 14.75 -5.58
C MET A 220 7.75 14.93 -6.40
N ARG A 221 6.70 15.46 -5.78
CA ARG A 221 5.45 15.69 -6.49
C ARG A 221 5.62 16.81 -7.52
N ALA A 222 6.37 17.85 -7.14
CA ALA A 222 6.61 18.98 -8.03
C ALA A 222 7.33 18.53 -9.29
N ASP A 223 8.37 17.72 -9.11
CA ASP A 223 9.14 17.21 -10.24
C ASP A 223 8.49 15.94 -10.81
N GLY A 224 7.38 15.54 -10.21
CA GLY A 224 6.67 14.36 -10.66
C GLY A 224 7.53 13.11 -10.50
N THR A 225 8.55 13.20 -9.66
CA THR A 225 9.45 12.08 -9.43
C THR A 225 8.65 10.87 -8.94
N TYR A 226 7.76 11.10 -7.99
CA TYR A 226 6.94 10.01 -7.45
C TYR A 226 6.04 9.45 -8.55
N GLU A 227 5.21 10.32 -9.12
CA GLU A 227 4.29 9.89 -10.18
C GLU A 227 5.06 9.26 -11.33
N LYS A 228 6.20 9.85 -11.68
CA LYS A 228 7.00 9.33 -12.78
C LYS A 228 7.42 7.88 -12.48
N LEU A 229 7.93 7.66 -11.29
CA LEU A 229 8.36 6.32 -10.90
C LEU A 229 7.18 5.36 -10.91
N ALA A 230 6.04 5.83 -10.42
CA ALA A 230 4.84 5.00 -10.39
C ALA A 230 4.45 4.55 -11.79
N LYS A 231 4.39 5.49 -12.72
CA LYS A 231 4.03 5.17 -14.09
C LYS A 231 5.01 4.16 -14.68
N LYS A 232 6.27 4.28 -14.28
CA LYS A 232 7.29 3.35 -14.78
C LYS A 232 7.10 1.95 -14.19
N TYR A 233 6.99 1.89 -12.87
CA TYR A 233 6.81 0.61 -12.19
C TYR A 233 5.51 -0.05 -12.63
N PHE A 234 4.44 0.75 -12.68
CA PHE A 234 3.14 0.23 -13.08
C PHE A 234 2.28 1.35 -13.66
N ASP A 235 1.32 0.98 -14.51
CA ASP A 235 0.43 1.96 -15.12
C ASP A 235 -0.89 2.03 -14.35
N PHE A 236 -0.98 3.00 -13.43
CA PHE A 236 -2.19 3.16 -12.63
C PHE A 236 -2.32 4.60 -12.17
N ASP A 237 -3.22 4.83 -11.20
CA ASP A 237 -3.44 6.17 -10.68
C ASP A 237 -3.21 6.21 -9.17
N VAL A 238 -2.14 6.87 -8.76
CA VAL A 238 -1.82 6.98 -7.33
C VAL A 238 -2.91 7.75 -6.60
N TYR A 239 -3.40 8.80 -7.23
CA TYR A 239 -4.46 9.62 -6.62
C TYR A 239 -5.67 8.77 -6.29
N GLY A 240 -6.05 7.90 -7.22
CA GLY A 240 -7.19 7.01 -7.01
C GLY A 240 -6.94 6.07 -5.84
N GLY A 241 -5.71 5.61 -5.72
CA GLY A 241 -5.35 4.69 -4.64
C GLY A 241 -6.09 3.36 -4.77
N ALA A 4 20.82 20.60 13.81
CA ALA A 4 21.68 19.68 13.01
C ALA A 4 20.98 18.32 12.89
N ILE A 5 20.92 17.81 11.67
CA ILE A 5 20.28 16.53 11.43
C ILE A 5 21.15 15.39 11.95
N PRO A 6 20.59 14.23 12.09
CA PRO A 6 21.32 13.02 12.57
C PRO A 6 22.48 12.64 11.65
N GLN A 7 23.57 12.16 12.24
CA GLN A 7 24.73 11.77 11.46
C GLN A 7 24.41 10.54 10.61
N ASN A 8 23.65 9.60 11.18
CA ASN A 8 23.28 8.39 10.45
C ASN A 8 21.85 8.01 10.76
N ILE A 9 21.14 7.51 9.74
CA ILE A 9 19.74 7.11 9.91
C ILE A 9 19.61 5.60 9.85
N ARG A 10 18.94 5.03 10.85
CA ARG A 10 18.73 3.58 10.89
C ARG A 10 17.30 3.24 10.51
N ILE A 11 17.16 2.48 9.43
CA ILE A 11 15.84 2.08 8.94
C ILE A 11 15.65 0.59 9.09
N GLY A 12 14.45 0.18 9.51
CA GLY A 12 14.15 -1.24 9.69
C GLY A 12 13.22 -1.73 8.59
N THR A 13 13.77 -2.47 7.63
CA THR A 13 12.98 -2.99 6.52
C THR A 13 13.17 -4.50 6.37
N ASP A 14 12.09 -5.25 6.53
CA ASP A 14 12.14 -6.70 6.41
C ASP A 14 11.34 -7.15 5.19
N PRO A 15 11.99 -7.29 4.06
CA PRO A 15 11.32 -7.73 2.80
C PRO A 15 10.57 -9.04 2.98
N THR A 16 9.34 -9.09 2.48
CA THR A 16 8.52 -10.30 2.59
C THR A 16 7.73 -10.53 1.32
N TYR A 17 7.58 -9.47 0.52
CA TYR A 17 6.83 -9.57 -0.73
C TYR A 17 7.68 -9.08 -1.89
N ALA A 18 8.27 -10.04 -2.61
CA ALA A 18 9.10 -9.70 -3.78
C ALA A 18 8.63 -8.40 -4.43
N PRO A 19 7.43 -8.37 -4.90
CA PRO A 19 6.86 -7.16 -5.57
C PRO A 19 7.07 -5.89 -4.75
N PHE A 20 6.92 -6.00 -3.44
CA PHE A 20 7.11 -4.86 -2.56
C PHE A 20 8.59 -4.61 -2.31
N GLU A 21 9.33 -5.68 -2.07
CA GLU A 21 10.76 -5.57 -1.79
C GLU A 21 11.52 -6.80 -2.28
N SER A 22 12.66 -7.07 -1.68
CA SER A 22 13.47 -8.22 -2.08
C SER A 22 14.89 -8.07 -1.57
N LYS A 23 15.72 -9.08 -1.81
CA LYS A 23 17.11 -9.05 -1.39
C LYS A 23 18.02 -9.52 -2.51
N ASN A 24 19.17 -8.85 -2.66
CA ASN A 24 20.12 -9.21 -3.70
C ASN A 24 21.15 -10.21 -3.18
N SER A 25 21.47 -11.21 -3.99
CA SER A 25 22.44 -12.23 -3.60
C SER A 25 23.82 -11.61 -3.42
N GLN A 26 24.02 -10.44 -4.02
CA GLN A 26 25.30 -9.75 -3.93
C GLN A 26 25.42 -9.03 -2.59
N GLY A 27 24.35 -9.04 -1.82
CA GLY A 27 24.34 -8.39 -0.51
C GLY A 27 23.65 -7.03 -0.58
N GLU A 28 23.32 -6.61 -1.80
CA GLU A 28 22.65 -5.32 -1.99
C GLU A 28 21.17 -5.46 -1.69
N LEU A 29 20.52 -4.33 -1.36
CA LEU A 29 19.10 -4.34 -1.04
C LEU A 29 18.32 -3.60 -2.12
N VAL A 30 17.21 -4.21 -2.56
CA VAL A 30 16.38 -3.60 -3.59
C VAL A 30 14.91 -3.67 -3.20
N GLY A 31 14.13 -2.70 -3.67
CA GLY A 31 12.71 -2.65 -3.36
C GLY A 31 12.13 -1.28 -3.70
N PHE A 32 10.84 -1.26 -4.04
CA PHE A 32 10.16 -0.02 -4.38
C PHE A 32 10.25 0.97 -3.23
N ASP A 33 10.05 0.49 -2.01
CA ASP A 33 10.09 1.34 -0.84
C ASP A 33 11.52 1.81 -0.55
N ILE A 34 12.49 1.01 -0.96
CA ILE A 34 13.89 1.35 -0.76
C ILE A 34 14.30 2.55 -1.64
N ASP A 35 13.81 2.55 -2.86
CA ASP A 35 14.14 3.62 -3.80
C ASP A 35 13.69 4.96 -3.25
N LEU A 36 12.53 4.96 -2.60
CA LEU A 36 12.01 6.19 -2.02
C LEU A 36 12.91 6.66 -0.87
N ALA A 37 13.32 5.72 -0.03
CA ALA A 37 14.16 6.06 1.11
C ALA A 37 15.47 6.68 0.64
N LYS A 38 16.04 6.12 -0.44
CA LYS A 38 17.29 6.65 -0.96
C LYS A 38 17.14 8.11 -1.36
N GLU A 39 16.14 8.40 -2.18
CA GLU A 39 15.90 9.77 -2.61
C GLU A 39 15.77 10.69 -1.39
N LEU A 40 15.15 10.17 -0.34
CA LEU A 40 14.99 10.95 0.89
C LEU A 40 16.33 11.14 1.59
N CYS A 41 17.14 10.09 1.63
CA CYS A 41 18.45 10.16 2.27
C CYS A 41 19.26 11.30 1.70
N LYS A 42 19.25 11.43 0.37
CA LYS A 42 19.98 12.51 -0.29
C LYS A 42 19.40 13.86 0.11
N ARG A 43 18.08 13.96 0.05
CA ARG A 43 17.40 15.21 0.41
C ARG A 43 17.71 15.58 1.85
N ILE A 44 17.72 14.59 2.72
CA ILE A 44 18.03 14.81 4.13
C ILE A 44 19.52 15.01 4.33
N ASN A 45 20.32 14.59 3.35
CA ASN A 45 21.77 14.71 3.43
C ASN A 45 22.30 13.93 4.62
N THR A 46 21.93 12.66 4.69
CA THR A 46 22.37 11.78 5.79
C THR A 46 22.59 10.37 5.30
N GLN A 47 23.18 9.53 6.15
CA GLN A 47 23.43 8.14 5.79
C GLN A 47 22.23 7.28 6.16
N CYS A 48 21.90 6.33 5.28
CA CYS A 48 20.77 5.44 5.53
C CYS A 48 21.23 4.00 5.66
N THR A 49 20.76 3.32 6.71
CA THR A 49 21.12 1.92 6.94
C THR A 49 19.88 1.07 7.14
N PHE A 50 19.78 -0.01 6.37
CA PHE A 50 18.63 -0.91 6.47
C PHE A 50 18.93 -2.05 7.43
N VAL A 51 17.97 -2.37 8.30
CA VAL A 51 18.15 -3.47 9.25
C VAL A 51 16.95 -4.41 9.20
N GLU A 52 17.22 -5.69 9.05
CA GLU A 52 16.16 -6.69 9.00
C GLU A 52 15.43 -6.77 10.34
N ASN A 53 14.12 -6.91 10.28
CA ASN A 53 13.32 -7.00 11.49
C ASN A 53 11.82 -7.02 11.16
N PRO A 54 11.09 -7.95 11.73
CA PRO A 54 9.64 -8.09 11.48
C PRO A 54 8.83 -6.92 12.04
N LEU A 55 7.76 -6.55 11.35
CA LEU A 55 6.92 -5.46 11.79
C LEU A 55 6.72 -5.49 13.30
N ASP A 56 6.21 -6.61 13.79
CA ASP A 56 5.97 -6.75 15.22
C ASP A 56 7.18 -6.31 16.03
N ALA A 57 8.36 -6.40 15.42
CA ALA A 57 9.59 -6.00 16.10
C ALA A 57 9.97 -4.57 15.75
N LEU A 58 9.45 -4.07 14.65
CA LEU A 58 9.74 -2.71 14.24
C LEU A 58 9.21 -1.69 15.24
N ILE A 59 8.00 -1.93 15.72
CA ILE A 59 7.38 -1.01 16.68
C ILE A 59 8.21 -0.95 17.96
N PRO A 60 8.43 -2.08 18.57
CA PRO A 60 9.27 -2.18 19.79
C PRO A 60 10.66 -1.60 19.55
N SER A 61 11.24 -1.89 18.38
CA SER A 61 12.57 -1.40 18.04
C SER A 61 12.57 0.13 18.07
N LEU A 62 11.54 0.73 17.50
CA LEU A 62 11.44 2.18 17.46
C LEU A 62 11.44 2.74 18.88
N LYS A 63 10.67 2.10 19.75
CA LYS A 63 10.62 2.53 21.15
C LYS A 63 11.97 2.33 21.83
N ALA A 64 12.62 1.21 21.52
CA ALA A 64 13.92 0.91 22.11
C ALA A 64 15.02 1.73 21.45
N LYS A 65 14.61 2.71 20.64
CA LYS A 65 15.56 3.57 19.96
C LYS A 65 16.52 2.74 19.11
N LYS A 66 16.20 1.46 18.93
CA LYS A 66 17.03 0.57 18.13
C LYS A 66 17.06 1.05 16.68
N ILE A 67 15.93 1.60 16.23
CA ILE A 67 15.84 2.09 14.85
C ILE A 67 15.44 3.56 14.83
N ASP A 68 15.82 4.25 13.77
CA ASP A 68 15.51 5.68 13.64
C ASP A 68 14.20 5.89 12.88
N ALA A 69 13.80 4.88 12.12
CA ALA A 69 12.57 4.97 11.34
C ALA A 69 12.12 3.59 10.90
N ILE A 70 10.84 3.46 10.58
CA ILE A 70 10.28 2.19 10.13
C ILE A 70 9.81 2.29 8.69
N MET A 71 10.28 1.37 7.84
CA MET A 71 9.88 1.36 6.43
C MET A 71 9.38 -0.02 6.04
N SER A 72 8.06 -0.13 5.87
CA SER A 72 7.44 -1.40 5.50
C SER A 72 6.05 -1.18 4.92
N SER A 73 5.37 -2.27 4.60
CA SER A 73 4.02 -2.19 4.05
C SER A 73 3.07 -1.59 5.07
N LEU A 74 3.50 -1.56 6.34
CA LEU A 74 2.68 -1.01 7.40
C LEU A 74 1.89 0.20 6.91
N SER A 75 0.57 0.13 7.03
CA SER A 75 -0.29 1.23 6.59
C SER A 75 -0.38 2.30 7.67
N ILE A 76 -0.71 3.53 7.27
CA ILE A 76 -0.83 4.63 8.22
C ILE A 76 -2.29 4.97 8.45
N THR A 77 -2.61 5.45 9.65
CA THR A 77 -3.98 5.81 9.99
C THR A 77 -4.00 6.93 11.02
N GLU A 78 -5.07 7.73 11.00
CA GLU A 78 -5.19 8.83 11.94
C GLU A 78 -4.93 8.36 13.37
N LYS A 79 -5.55 7.26 13.75
CA LYS A 79 -5.37 6.72 15.10
C LYS A 79 -3.90 6.49 15.39
N ARG A 80 -3.18 5.99 14.39
CA ARG A 80 -1.74 5.75 14.55
C ARG A 80 -0.97 7.07 14.68
N GLN A 81 -1.41 8.07 13.92
CA GLN A 81 -0.76 9.38 13.96
C GLN A 81 -0.77 9.93 15.38
N GLN A 82 -1.87 9.69 16.08
CA GLN A 82 -2.00 10.18 17.45
C GLN A 82 -0.90 9.58 18.33
N GLU A 83 -0.43 8.39 17.95
CA GLU A 83 0.63 7.73 18.71
C GLU A 83 2.00 8.26 18.30
N ILE A 84 2.27 8.27 17.00
CA ILE A 84 3.55 8.76 16.50
C ILE A 84 3.34 9.60 15.24
N ALA A 85 4.43 9.90 14.55
CA ALA A 85 4.35 10.69 13.32
C ALA A 85 4.56 9.81 12.09
N PHE A 86 3.90 10.17 11.00
CA PHE A 86 4.02 9.42 9.75
C PHE A 86 4.30 10.36 8.59
N THR A 87 5.02 9.86 7.59
CA THR A 87 5.36 10.66 6.42
C THR A 87 5.83 9.78 5.28
N ASP A 88 6.69 10.33 4.42
CA ASP A 88 7.22 9.57 3.30
C ASP A 88 6.13 8.77 2.62
N LYS A 89 4.88 9.16 2.85
CA LYS A 89 3.73 8.46 2.26
C LYS A 89 4.12 7.82 0.94
N LEU A 90 3.98 6.50 0.87
CA LEU A 90 4.35 5.77 -0.34
C LEU A 90 3.29 5.92 -1.41
N TYR A 91 2.14 5.30 -1.18
CA TYR A 91 1.05 5.37 -2.15
C TYR A 91 -0.30 5.30 -1.44
N ALA A 92 -1.36 5.65 -2.15
CA ALA A 92 -2.71 5.61 -1.59
C ALA A 92 -3.28 4.20 -1.65
N ALA A 93 -3.64 3.66 -0.49
CA ALA A 93 -4.19 2.30 -0.42
C ALA A 93 -5.70 2.35 -0.23
N ASP A 94 -6.40 2.80 -1.26
CA ASP A 94 -7.86 2.88 -1.21
C ASP A 94 -8.48 1.54 -1.59
N SER A 95 -9.03 1.47 -2.79
CA SER A 95 -9.67 0.25 -3.27
C SER A 95 -9.75 0.24 -4.79
N ARG A 96 -10.04 -0.92 -5.36
CA ARG A 96 -10.15 -1.06 -6.81
C ARG A 96 -11.04 -2.25 -7.16
N LEU A 97 -11.80 -2.12 -8.25
CA LEU A 97 -12.66 -3.21 -8.71
C LEU A 97 -12.02 -3.95 -9.87
N VAL A 98 -12.10 -5.28 -9.82
CA VAL A 98 -11.53 -6.10 -10.89
C VAL A 98 -12.61 -6.98 -11.50
N VAL A 99 -12.97 -6.69 -12.74
CA VAL A 99 -14.01 -7.47 -13.43
C VAL A 99 -13.58 -7.81 -14.85
N ALA A 100 -14.29 -8.76 -15.46
CA ALA A 100 -13.98 -9.16 -16.83
C ALA A 100 -14.74 -8.30 -17.83
N LYS A 101 -14.13 -8.09 -19.00
CA LYS A 101 -14.74 -7.28 -20.04
C LYS A 101 -16.13 -7.83 -20.37
N ASN A 102 -16.32 -9.12 -20.17
CA ASN A 102 -17.59 -9.76 -20.46
C ASN A 102 -18.71 -9.11 -19.65
N SER A 103 -18.42 -8.84 -18.38
CA SER A 103 -19.42 -8.20 -17.51
C SER A 103 -19.10 -6.72 -17.36
N ASP A 104 -20.06 -5.87 -17.71
CA ASP A 104 -19.87 -4.43 -17.60
C ASP A 104 -20.28 -3.94 -16.22
N ILE A 105 -19.29 -3.55 -15.42
CA ILE A 105 -19.54 -3.05 -14.07
C ILE A 105 -18.86 -1.71 -13.86
N GLN A 106 -19.62 -0.74 -13.36
CA GLN A 106 -19.08 0.59 -13.10
C GLN A 106 -19.01 0.86 -11.60
N PRO A 107 -18.18 1.79 -11.21
CA PRO A 107 -18.01 2.18 -9.78
C PRO A 107 -19.31 2.67 -9.16
N THR A 108 -20.07 1.74 -8.59
CA THR A 108 -21.34 2.09 -7.96
C THR A 108 -21.90 0.92 -7.16
N VAL A 109 -22.48 1.22 -6.00
CA VAL A 109 -23.05 0.19 -5.16
C VAL A 109 -24.27 -0.43 -5.84
N GLU A 110 -25.00 0.38 -6.59
CA GLU A 110 -26.20 -0.09 -7.26
C GLU A 110 -25.87 -1.26 -8.18
N SER A 111 -25.03 -1.02 -9.17
CA SER A 111 -24.66 -2.07 -10.12
C SER A 111 -24.07 -3.28 -9.39
N LEU A 112 -23.58 -3.04 -8.18
CA LEU A 112 -23.01 -4.11 -7.37
C LEU A 112 -24.10 -4.98 -6.76
N LYS A 113 -25.27 -4.40 -6.57
CA LYS A 113 -26.38 -5.13 -5.97
C LYS A 113 -26.65 -6.41 -6.75
N GLY A 114 -26.80 -7.51 -6.02
CA GLY A 114 -27.09 -8.80 -6.64
C GLY A 114 -25.80 -9.46 -7.13
N LYS A 115 -24.72 -8.67 -7.20
CA LYS A 115 -23.44 -9.20 -7.67
C LYS A 115 -22.67 -9.79 -6.50
N ARG A 116 -21.83 -10.78 -6.79
CA ARG A 116 -21.03 -11.44 -5.77
C ARG A 116 -19.64 -10.82 -5.69
N VAL A 117 -19.18 -10.55 -4.48
CA VAL A 117 -17.86 -9.95 -4.27
C VAL A 117 -17.04 -10.78 -3.30
N GLY A 118 -15.77 -10.97 -3.62
CA GLY A 118 -14.88 -11.75 -2.78
C GLY A 118 -13.91 -10.84 -2.03
N VAL A 119 -13.68 -11.14 -0.76
CA VAL A 119 -12.77 -10.33 0.07
C VAL A 119 -11.78 -11.23 0.79
N LEU A 120 -10.68 -10.64 1.26
CA LEU A 120 -9.68 -11.40 1.98
C LEU A 120 -9.94 -11.36 3.48
N GLN A 121 -10.18 -12.52 4.07
CA GLN A 121 -10.45 -12.61 5.50
C GLN A 121 -9.36 -11.90 6.30
N GLY A 122 -9.70 -11.49 7.52
CA GLY A 122 -8.74 -10.81 8.38
C GLY A 122 -8.36 -9.45 7.81
N THR A 123 -9.38 -8.66 7.46
CA THR A 123 -9.14 -7.34 6.89
C THR A 123 -10.28 -6.39 7.27
N THR A 124 -10.07 -5.10 7.01
CA THR A 124 -11.08 -4.09 7.31
C THR A 124 -12.24 -4.20 6.32
N GLN A 125 -11.94 -4.68 5.11
CA GLN A 125 -12.96 -4.80 4.09
C GLN A 125 -14.08 -5.72 4.54
N GLU A 126 -13.72 -6.93 4.94
CA GLU A 126 -14.72 -7.89 5.39
C GLU A 126 -15.50 -7.32 6.57
N THR A 127 -14.80 -6.88 7.60
CA THR A 127 -15.47 -6.33 8.78
C THR A 127 -16.28 -5.09 8.40
N PHE A 128 -15.66 -4.16 7.71
CA PHE A 128 -16.34 -2.94 7.29
C PHE A 128 -17.49 -3.28 6.34
N GLY A 129 -17.22 -4.19 5.41
CA GLY A 129 -18.23 -4.59 4.43
C GLY A 129 -19.43 -5.23 5.11
N ASN A 130 -19.16 -6.10 6.07
CA ASN A 130 -20.23 -6.78 6.78
C ASN A 130 -21.31 -5.78 7.21
N GLU A 131 -20.98 -4.50 7.14
CA GLU A 131 -21.93 -3.45 7.51
C GLU A 131 -22.12 -2.46 6.37
N HIS A 132 -21.03 -2.22 5.62
CA HIS A 132 -21.09 -1.26 4.53
C HIS A 132 -21.84 -1.83 3.33
N TRP A 133 -21.45 -3.02 2.91
CA TRP A 133 -22.07 -3.67 1.77
C TRP A 133 -23.11 -4.70 2.21
N ALA A 134 -23.46 -4.66 3.48
CA ALA A 134 -24.45 -5.60 4.03
C ALA A 134 -25.86 -5.07 3.77
N PRO A 135 -26.15 -3.87 4.20
CA PRO A 135 -27.50 -3.25 4.04
C PRO A 135 -27.76 -2.85 2.59
N LYS A 136 -26.71 -2.90 1.77
CA LYS A 136 -26.85 -2.53 0.36
C LYS A 136 -27.40 -3.68 -0.45
N GLY A 137 -27.49 -4.85 0.18
CA GLY A 137 -28.02 -6.02 -0.51
C GLY A 137 -26.96 -6.65 -1.40
N ILE A 138 -25.70 -6.56 -0.98
CA ILE A 138 -24.59 -7.12 -1.75
C ILE A 138 -24.01 -8.34 -1.05
N GLU A 139 -23.71 -9.38 -1.83
CA GLU A 139 -23.16 -10.62 -1.28
C GLU A 139 -21.64 -10.51 -1.20
N ILE A 140 -21.09 -10.83 -0.03
CA ILE A 140 -19.64 -10.78 0.19
C ILE A 140 -19.13 -12.11 0.72
N VAL A 141 -17.99 -12.55 0.20
CA VAL A 141 -17.40 -13.82 0.64
C VAL A 141 -15.98 -13.58 1.15
N SER A 142 -15.67 -14.15 2.31
CA SER A 142 -14.34 -14.00 2.90
C SER A 142 -13.46 -15.19 2.55
N TYR A 143 -12.27 -14.91 2.00
CA TYR A 143 -11.33 -15.96 1.64
C TYR A 143 -10.12 -15.93 2.55
N GLN A 144 -9.47 -17.08 2.71
CA GLN A 144 -8.29 -17.17 3.57
C GLN A 144 -7.03 -17.32 2.73
N GLY A 145 -7.17 -17.19 1.42
CA GLY A 145 -6.03 -17.30 0.52
C GLY A 145 -6.00 -16.15 -0.49
N GLN A 146 -4.84 -15.52 -0.61
CA GLN A 146 -4.69 -14.41 -1.55
C GLN A 146 -4.84 -14.90 -2.99
N ASP A 147 -4.18 -16.01 -3.30
CA ASP A 147 -4.24 -16.56 -4.64
C ASP A 147 -5.62 -17.14 -4.92
N ASN A 148 -6.33 -17.51 -3.86
CA ASN A 148 -7.66 -18.06 -4.00
C ASN A 148 -8.62 -17.04 -4.59
N ILE A 149 -8.43 -15.78 -4.20
CA ILE A 149 -9.30 -14.71 -4.70
C ILE A 149 -9.11 -14.51 -6.20
N TYR A 150 -7.85 -14.44 -6.64
CA TYR A 150 -7.55 -14.26 -8.05
C TYR A 150 -8.05 -15.43 -8.86
N SER A 151 -7.93 -16.63 -8.29
CA SER A 151 -8.38 -17.84 -8.97
C SER A 151 -9.87 -17.78 -9.24
N ASP A 152 -10.63 -17.32 -8.25
CA ASP A 152 -12.07 -17.19 -8.42
C ASP A 152 -12.40 -16.18 -9.51
N LEU A 153 -11.70 -15.04 -9.49
CA LEU A 153 -11.94 -14.01 -10.48
C LEU A 153 -11.70 -14.56 -11.88
N THR A 154 -10.57 -15.23 -12.05
CA THR A 154 -10.23 -15.81 -13.35
C THR A 154 -11.25 -16.86 -13.73
N ALA A 155 -11.94 -17.42 -12.73
CA ALA A 155 -12.95 -18.44 -12.97
C ALA A 155 -14.31 -17.82 -13.18
N GLY A 156 -14.45 -16.56 -12.76
CA GLY A 156 -15.72 -15.86 -12.90
C GLY A 156 -16.65 -16.14 -11.72
N ARG A 157 -16.10 -16.77 -10.68
CA ARG A 157 -16.88 -17.10 -9.50
C ARG A 157 -17.25 -15.83 -8.73
N ILE A 158 -16.54 -14.75 -9.01
CA ILE A 158 -16.80 -13.47 -8.35
C ILE A 158 -16.97 -12.36 -9.38
N ASP A 159 -17.95 -11.50 -9.16
CA ASP A 159 -18.22 -10.40 -10.08
C ASP A 159 -17.15 -9.32 -9.96
N ALA A 160 -16.56 -9.21 -8.78
CA ALA A 160 -15.52 -8.21 -8.54
C ALA A 160 -14.93 -8.37 -7.15
N ALA A 161 -13.70 -7.89 -6.97
CA ALA A 161 -13.04 -7.97 -5.67
C ALA A 161 -12.48 -6.60 -5.30
N PHE A 162 -12.65 -6.23 -4.03
CA PHE A 162 -12.16 -4.94 -3.56
C PHE A 162 -10.70 -5.04 -3.14
N GLN A 163 -9.81 -4.55 -4.00
CA GLN A 163 -8.38 -4.59 -3.70
C GLN A 163 -7.74 -3.23 -3.98
N ASP A 164 -6.53 -3.04 -3.47
CA ASP A 164 -5.82 -1.78 -3.66
C ASP A 164 -5.31 -1.67 -5.09
N GLU A 165 -5.17 -0.44 -5.57
CA GLU A 165 -4.69 -0.21 -6.93
C GLU A 165 -3.25 -0.66 -7.09
N VAL A 166 -2.37 -0.16 -6.23
CA VAL A 166 -0.96 -0.51 -6.31
C VAL A 166 -0.77 -2.01 -6.14
N ALA A 167 -1.39 -2.57 -5.10
CA ALA A 167 -1.28 -4.00 -4.85
C ALA A 167 -1.84 -4.80 -6.02
N ALA A 168 -2.94 -4.32 -6.59
CA ALA A 168 -3.56 -5.00 -7.71
C ALA A 168 -2.65 -5.01 -8.91
N SER A 169 -2.33 -3.82 -9.43
CA SER A 169 -1.46 -3.73 -10.59
C SER A 169 -0.10 -4.36 -10.31
N GLU A 170 0.47 -4.03 -9.16
CA GLU A 170 1.78 -4.57 -8.78
C GLU A 170 1.78 -6.07 -8.94
N GLY A 171 0.65 -6.69 -8.62
CA GLY A 171 0.54 -8.15 -8.73
C GLY A 171 -0.38 -8.55 -9.86
N PHE A 172 -1.66 -8.22 -9.72
CA PHE A 172 -2.66 -8.57 -10.72
C PHE A 172 -2.12 -8.38 -12.13
N LEU A 173 -1.94 -7.13 -12.52
CA LEU A 173 -1.44 -6.81 -13.85
C LEU A 173 -0.05 -7.39 -14.06
N LYS A 174 0.77 -7.30 -13.03
CA LYS A 174 2.15 -7.80 -13.12
C LYS A 174 2.14 -9.29 -13.42
N GLN A 175 0.95 -9.88 -13.50
CA GLN A 175 0.83 -11.29 -13.79
C GLN A 175 -0.06 -11.53 -15.02
N PRO A 176 0.28 -12.48 -15.85
CA PRO A 176 -0.51 -12.81 -17.06
C PRO A 176 -2.01 -12.86 -16.78
N VAL A 177 -2.36 -12.90 -15.50
CA VAL A 177 -3.76 -12.96 -15.11
C VAL A 177 -4.49 -11.69 -15.55
N GLY A 178 -3.85 -10.54 -15.36
CA GLY A 178 -4.46 -9.28 -15.73
C GLY A 178 -4.77 -9.21 -17.22
N LYS A 179 -3.93 -9.87 -18.01
CA LYS A 179 -4.12 -9.88 -19.45
C LYS A 179 -5.47 -10.51 -19.81
N ASP A 180 -5.80 -11.59 -19.12
CA ASP A 180 -7.07 -12.27 -19.37
C ASP A 180 -8.24 -11.39 -18.97
N TYR A 181 -8.05 -10.59 -17.93
CA TYR A 181 -9.11 -9.71 -17.45
C TYR A 181 -8.52 -8.54 -16.67
N LYS A 182 -9.11 -7.37 -16.81
CA LYS A 182 -8.64 -6.18 -16.11
C LYS A 182 -9.54 -4.98 -16.40
N PHE A 183 -10.44 -4.69 -15.47
CA PHE A 183 -11.36 -3.56 -15.64
C PHE A 183 -11.91 -3.11 -14.29
N GLY A 184 -12.56 -1.95 -14.27
CA GLY A 184 -13.14 -1.43 -13.05
C GLY A 184 -12.10 -0.74 -12.20
N GLY A 185 -11.41 0.24 -12.78
CA GLY A 185 -10.37 0.97 -12.07
C GLY A 185 -10.89 1.49 -10.72
N PRO A 186 -10.93 2.78 -10.52
CA PRO A 186 -11.43 3.37 -9.25
C PRO A 186 -12.76 2.80 -8.82
N SER A 187 -12.88 2.48 -7.54
CA SER A 187 -14.12 1.90 -7.01
C SER A 187 -14.66 2.71 -5.84
N VAL A 188 -14.54 2.16 -4.64
CA VAL A 188 -15.03 2.85 -3.45
C VAL A 188 -14.48 2.19 -2.21
N LYS A 189 -14.59 2.88 -1.07
CA LYS A 189 -14.11 2.35 0.22
C LYS A 189 -13.75 3.49 1.16
N ASP A 190 -13.79 3.19 2.46
CA ASP A 190 -13.45 4.20 3.47
C ASP A 190 -11.93 4.26 3.63
N GLU A 191 -11.36 5.42 3.34
CA GLU A 191 -9.91 5.61 3.45
C GLU A 191 -9.48 5.66 4.91
N LYS A 192 -10.43 5.92 5.79
CA LYS A 192 -10.15 6.00 7.21
C LYS A 192 -9.67 4.65 7.74
N LEU A 193 -10.17 3.57 7.14
CA LEU A 193 -9.81 2.24 7.60
C LEU A 193 -8.31 2.01 7.45
N PHE A 194 -7.76 2.42 6.32
CA PHE A 194 -6.32 2.26 6.08
C PHE A 194 -5.64 3.63 6.00
N GLY A 195 -6.39 4.68 6.30
CA GLY A 195 -5.85 6.03 6.25
C GLY A 195 -5.68 6.49 4.80
N VAL A 196 -4.77 7.43 4.60
CA VAL A 196 -4.51 7.95 3.26
C VAL A 196 -3.80 6.90 2.41
N GLY A 197 -3.09 6.00 3.08
CA GLY A 197 -2.36 4.94 2.38
C GLY A 197 -1.29 4.34 3.27
N THR A 198 -0.05 4.33 2.78
CA THR A 198 1.06 3.77 3.55
C THR A 198 2.24 4.73 3.55
N GLY A 199 3.14 4.56 4.52
CA GLY A 199 4.31 5.42 4.63
C GLY A 199 5.26 4.91 5.69
N MET A 200 6.17 5.77 6.14
CA MET A 200 7.15 5.40 7.16
C MET A 200 6.69 5.87 8.53
N GLY A 201 6.93 5.04 9.55
CA GLY A 201 6.52 5.38 10.91
C GLY A 201 7.62 6.13 11.63
N LEU A 202 7.38 7.41 11.90
CA LEU A 202 8.37 8.24 12.61
C LEU A 202 7.78 8.77 13.90
N ARG A 203 8.65 9.19 14.82
CA ARG A 203 8.20 9.71 16.10
C ARG A 203 7.92 11.20 16.02
N LYS A 204 6.97 11.68 16.81
CA LYS A 204 6.62 13.10 16.77
C LYS A 204 7.85 13.97 16.94
N GLU A 205 8.68 13.66 17.94
CA GLU A 205 9.90 14.42 18.19
C GLU A 205 10.59 14.77 16.87
N ASP A 206 10.30 14.00 15.82
CA ASP A 206 10.90 14.25 14.52
C ASP A 206 10.31 15.49 13.88
N ASN A 207 10.31 16.60 14.63
CA ASN A 207 9.77 17.84 14.12
C ASN A 207 10.57 18.35 12.93
N GLU A 208 11.90 18.33 13.06
CA GLU A 208 12.77 18.79 11.99
C GLU A 208 12.82 17.77 10.86
N LEU A 209 13.02 16.51 11.21
CA LEU A 209 13.10 15.45 10.21
C LEU A 209 11.80 15.35 9.43
N ARG A 210 10.68 15.41 10.16
CA ARG A 210 9.36 15.33 9.54
C ARG A 210 9.17 16.50 8.59
N GLU A 211 9.57 17.70 9.04
CA GLU A 211 9.44 18.89 8.23
C GLU A 211 10.18 18.71 6.90
N ALA A 212 11.33 18.03 6.96
CA ALA A 212 12.12 17.78 5.75
C ALA A 212 11.43 16.71 4.92
N LEU A 213 11.56 15.45 5.33
CA LEU A 213 10.93 14.33 4.61
C LEU A 213 9.65 14.80 3.90
N ASN A 214 8.84 15.56 4.63
CA ASN A 214 7.61 16.10 4.05
C ASN A 214 7.93 17.07 2.91
N LYS A 215 8.90 17.95 3.13
CA LYS A 215 9.32 18.90 2.11
C LYS A 215 9.85 18.15 0.90
N ALA A 216 10.67 17.13 1.15
CA ALA A 216 11.24 16.33 0.06
C ALA A 216 10.13 15.64 -0.73
N PHE A 217 9.12 15.16 -0.02
CA PHE A 217 7.99 14.50 -0.66
C PHE A 217 7.27 15.47 -1.61
N ALA A 218 7.08 16.71 -1.15
CA ALA A 218 6.42 17.73 -1.96
C ALA A 218 7.23 17.99 -3.22
N GLU A 219 8.55 18.03 -3.08
CA GLU A 219 9.42 18.27 -4.23
C GLU A 219 9.29 17.13 -5.25
N MET A 220 9.23 15.89 -4.75
CA MET A 220 9.10 14.74 -5.63
C MET A 220 7.85 14.88 -6.47
N ARG A 221 6.79 15.41 -5.88
CA ARG A 221 5.54 15.62 -6.61
C ARG A 221 5.71 16.74 -7.64
N ALA A 222 6.44 17.78 -7.26
CA ALA A 222 6.67 18.91 -8.16
C ALA A 222 7.37 18.46 -9.44
N ASP A 223 8.40 17.64 -9.28
CA ASP A 223 9.14 17.13 -10.44
C ASP A 223 8.51 15.85 -10.95
N GLY A 224 7.43 15.42 -10.31
CA GLY A 224 6.73 14.21 -10.73
C GLY A 224 7.60 12.98 -10.53
N THR A 225 8.61 13.10 -9.68
CA THR A 225 9.51 11.99 -9.43
C THR A 225 8.73 10.78 -8.93
N TYR A 226 7.83 11.01 -7.98
CA TYR A 226 7.01 9.92 -7.45
C TYR A 226 6.12 9.34 -8.55
N GLU A 227 5.30 10.20 -9.15
CA GLU A 227 4.40 9.75 -10.20
C GLU A 227 5.18 9.09 -11.33
N LYS A 228 6.32 9.70 -11.68
CA LYS A 228 7.14 9.16 -12.76
C LYS A 228 7.57 7.73 -12.44
N LEU A 229 8.07 7.52 -11.24
CA LEU A 229 8.50 6.18 -10.82
C LEU A 229 7.32 5.22 -10.84
N ALA A 230 6.17 5.69 -10.36
CA ALA A 230 4.97 4.85 -10.33
C ALA A 230 4.61 4.37 -11.73
N LYS A 231 4.56 5.32 -12.67
CA LYS A 231 4.21 4.98 -14.05
C LYS A 231 5.20 3.97 -14.61
N LYS A 232 6.47 4.09 -14.21
CA LYS A 232 7.48 3.17 -14.69
C LYS A 232 7.30 1.78 -14.08
N TYR A 233 7.18 1.73 -12.77
CA TYR A 233 6.99 0.45 -12.08
C TYR A 233 5.69 -0.21 -12.53
N PHE A 234 4.62 0.58 -12.59
CA PHE A 234 3.33 0.06 -13.01
C PHE A 234 2.48 1.17 -13.62
N ASP A 235 1.54 0.79 -14.48
CA ASP A 235 0.66 1.77 -15.11
C ASP A 235 -0.68 1.84 -14.39
N PHE A 236 -0.80 2.82 -13.49
CA PHE A 236 -2.04 2.99 -12.73
C PHE A 236 -2.20 4.43 -12.30
N ASP A 237 -3.10 4.67 -11.35
CA ASP A 237 -3.35 6.02 -10.84
C ASP A 237 -3.13 6.08 -9.33
N VAL A 238 -2.06 6.75 -8.92
CA VAL A 238 -1.76 6.88 -7.51
C VAL A 238 -2.85 7.68 -6.79
N TYR A 239 -3.33 8.73 -7.45
CA TYR A 239 -4.37 9.56 -6.87
C TYR A 239 -5.59 8.72 -6.51
N GLY A 240 -5.97 7.82 -7.42
CA GLY A 240 -7.12 6.95 -7.18
C GLY A 240 -6.88 6.05 -5.97
N GLY A 241 -5.64 5.58 -5.83
CA GLY A 241 -5.29 4.71 -4.71
C GLY A 241 -6.02 3.38 -4.82
N ALA A 4 21.05 20.60 13.72
CA ALA A 4 21.92 19.64 12.98
C ALA A 4 21.22 18.30 12.89
N ILE A 5 21.09 17.81 11.67
CA ILE A 5 20.44 16.52 11.45
C ILE A 5 21.32 15.37 11.95
N PRO A 6 20.73 14.22 12.10
CA PRO A 6 21.48 13.00 12.57
C PRO A 6 22.62 12.63 11.62
N GLN A 7 23.71 12.14 12.19
CA GLN A 7 24.86 11.72 11.40
C GLN A 7 24.51 10.52 10.54
N ASN A 8 23.77 9.58 11.13
CA ASN A 8 23.38 8.37 10.41
C ASN A 8 21.93 8.01 10.74
N ILE A 9 21.22 7.51 9.74
CA ILE A 9 19.81 7.14 9.93
C ILE A 9 19.66 5.62 9.86
N ARG A 10 19.00 5.06 10.87
CA ARG A 10 18.78 3.61 10.92
C ARG A 10 17.35 3.28 10.53
N ILE A 11 17.19 2.54 9.44
CA ILE A 11 15.87 2.16 8.95
C ILE A 11 15.68 0.65 9.06
N GLY A 12 14.47 0.24 9.44
CA GLY A 12 14.17 -1.19 9.58
C GLY A 12 13.20 -1.63 8.49
N THR A 13 13.72 -2.36 7.51
CA THR A 13 12.87 -2.85 6.40
C THR A 13 13.05 -4.34 6.22
N ASP A 14 11.96 -5.08 6.35
CA ASP A 14 11.99 -6.53 6.19
C ASP A 14 11.21 -6.93 4.93
N PRO A 15 11.89 -7.08 3.82
CA PRO A 15 11.24 -7.48 2.54
C PRO A 15 10.44 -8.78 2.68
N THR A 16 9.24 -8.79 2.13
CA THR A 16 8.38 -9.97 2.19
C THR A 16 7.70 -10.21 0.86
N TYR A 17 7.67 -9.19 0.01
CA TYR A 17 7.04 -9.30 -1.30
C TYR A 17 8.01 -8.91 -2.39
N ALA A 18 8.65 -9.91 -3.00
CA ALA A 18 9.59 -9.66 -4.09
C ALA A 18 9.22 -8.40 -4.88
N PRO A 19 8.06 -8.39 -5.46
CA PRO A 19 7.59 -7.23 -6.27
C PRO A 19 7.73 -5.91 -5.52
N PHE A 20 7.40 -5.92 -4.24
CA PHE A 20 7.51 -4.72 -3.42
C PHE A 20 8.95 -4.45 -3.03
N GLU A 21 9.65 -5.53 -2.64
CA GLU A 21 11.04 -5.40 -2.21
C GLU A 21 11.84 -6.64 -2.59
N SER A 22 12.96 -6.85 -1.93
CA SER A 22 13.81 -8.01 -2.21
C SER A 22 15.22 -7.76 -1.73
N LYS A 23 16.10 -8.74 -1.93
CA LYS A 23 17.50 -8.61 -1.52
C LYS A 23 18.43 -9.08 -2.63
N ASN A 24 19.55 -8.37 -2.79
CA ASN A 24 20.52 -8.72 -3.83
C ASN A 24 21.55 -9.70 -3.28
N SER A 25 21.90 -10.70 -4.08
CA SER A 25 22.88 -11.69 -3.66
C SER A 25 24.25 -11.05 -3.50
N GLN A 26 24.43 -9.88 -4.11
CA GLN A 26 25.70 -9.17 -4.03
C GLN A 26 25.82 -8.44 -2.70
N GLY A 27 24.76 -8.48 -1.91
CA GLY A 27 24.74 -7.81 -0.60
C GLY A 27 24.00 -6.49 -0.68
N GLU A 28 23.66 -6.06 -1.90
CA GLU A 28 22.94 -4.82 -2.09
C GLU A 28 21.45 -5.02 -1.84
N LEU A 29 20.74 -3.92 -1.57
CA LEU A 29 19.31 -3.99 -1.30
C LEU A 29 18.53 -3.28 -2.38
N VAL A 30 17.46 -3.92 -2.86
CA VAL A 30 16.63 -3.33 -3.91
C VAL A 30 15.15 -3.44 -3.54
N GLY A 31 14.37 -2.48 -4.01
CA GLY A 31 12.95 -2.45 -3.73
C GLY A 31 12.34 -1.08 -4.02
N PHE A 32 11.05 -1.05 -4.32
CA PHE A 32 10.37 0.20 -4.62
C PHE A 32 10.44 1.14 -3.41
N ASP A 33 10.25 0.59 -2.22
CA ASP A 33 10.29 1.37 -0.99
C ASP A 33 11.71 1.85 -0.68
N ILE A 34 12.68 1.03 -1.04
CA ILE A 34 14.09 1.36 -0.82
C ILE A 34 14.52 2.56 -1.67
N ASP A 35 14.04 2.57 -2.91
CA ASP A 35 14.40 3.65 -3.84
C ASP A 35 13.92 4.98 -3.29
N LEU A 36 12.76 4.98 -2.64
CA LEU A 36 12.23 6.19 -2.06
C LEU A 36 13.14 6.67 -0.93
N ALA A 37 13.55 5.75 -0.07
CA ALA A 37 14.41 6.09 1.05
C ALA A 37 15.69 6.75 0.56
N LYS A 38 16.31 6.14 -0.44
CA LYS A 38 17.56 6.68 -0.99
C LYS A 38 17.37 8.14 -1.38
N GLU A 39 16.36 8.41 -2.21
CA GLU A 39 16.10 9.78 -2.64
C GLU A 39 15.95 10.69 -1.43
N LEU A 40 15.30 10.19 -0.39
CA LEU A 40 15.12 10.96 0.83
C LEU A 40 16.45 11.16 1.55
N CYS A 41 17.25 10.11 1.61
CA CYS A 41 18.54 10.18 2.29
C CYS A 41 19.36 11.32 1.71
N LYS A 42 19.36 11.44 0.38
CA LYS A 42 20.10 12.52 -0.27
C LYS A 42 19.52 13.88 0.12
N ARG A 43 18.19 13.98 0.05
CA ARG A 43 17.53 15.23 0.40
C ARG A 43 17.82 15.60 1.85
N ILE A 44 17.80 14.60 2.72
CA ILE A 44 18.09 14.82 4.13
C ILE A 44 19.59 15.03 4.34
N ASN A 45 20.39 14.60 3.36
CA ASN A 45 21.84 14.73 3.46
C ASN A 45 22.37 13.92 4.64
N THR A 46 21.99 12.65 4.70
CA THR A 46 22.43 11.77 5.78
C THR A 46 22.62 10.35 5.29
N GLN A 47 23.21 9.50 6.13
CA GLN A 47 23.44 8.11 5.76
C GLN A 47 22.23 7.27 6.14
N CYS A 48 21.90 6.30 5.29
CA CYS A 48 20.75 5.42 5.54
C CYS A 48 21.22 3.97 5.66
N THR A 49 20.73 3.31 6.71
CA THR A 49 21.09 1.90 6.94
C THR A 49 19.83 1.06 7.12
N PHE A 50 19.72 0.00 6.32
CA PHE A 50 18.56 -0.89 6.40
C PHE A 50 18.83 -2.06 7.33
N VAL A 51 17.86 -2.38 8.18
CA VAL A 51 18.01 -3.51 9.11
C VAL A 51 16.80 -4.42 9.03
N GLU A 52 17.04 -5.71 8.86
CA GLU A 52 15.96 -6.68 8.79
C GLU A 52 15.25 -6.80 10.14
N ASN A 53 13.93 -6.92 10.10
CA ASN A 53 13.17 -7.05 11.32
C ASN A 53 11.66 -7.05 11.01
N PRO A 54 10.92 -7.94 11.61
CA PRO A 54 9.44 -8.04 11.39
C PRO A 54 8.69 -6.85 11.96
N LEU A 55 7.64 -6.43 11.26
CA LEU A 55 6.84 -5.30 11.71
C LEU A 55 6.64 -5.34 13.22
N ASP A 56 6.12 -6.45 13.72
CA ASP A 56 5.88 -6.60 15.15
C ASP A 56 7.10 -6.18 15.95
N ALA A 57 8.28 -6.30 15.34
CA ALA A 57 9.52 -5.94 16.01
C ALA A 57 9.93 -4.50 15.69
N LEU A 58 9.40 -3.98 14.60
CA LEU A 58 9.71 -2.61 14.21
C LEU A 58 9.20 -1.61 15.22
N ILE A 59 7.98 -1.83 15.70
CA ILE A 59 7.37 -0.92 16.66
C ILE A 59 8.21 -0.88 17.94
N PRO A 60 8.42 -2.02 18.54
CA PRO A 60 9.26 -2.15 19.76
C PRO A 60 10.65 -1.56 19.52
N SER A 61 11.23 -1.87 18.35
CA SER A 61 12.56 -1.38 18.02
C SER A 61 12.58 0.15 18.06
N LEU A 62 11.56 0.77 17.48
CA LEU A 62 11.47 2.22 17.47
C LEU A 62 11.47 2.75 18.89
N LYS A 63 10.69 2.13 19.76
CA LYS A 63 10.63 2.55 21.15
C LYS A 63 11.98 2.33 21.83
N ALA A 64 12.62 1.19 21.53
CA ALA A 64 13.91 0.88 22.12
C ALA A 64 15.01 1.69 21.46
N LYS A 65 14.63 2.68 20.68
CA LYS A 65 15.60 3.53 20.00
C LYS A 65 16.56 2.70 19.15
N LYS A 66 16.21 1.43 18.97
CA LYS A 66 17.03 0.53 18.15
C LYS A 66 17.07 1.01 16.71
N ILE A 67 15.96 1.60 16.26
CA ILE A 67 15.88 2.10 14.88
C ILE A 67 15.52 3.57 14.87
N ASP A 68 15.92 4.27 13.82
CA ASP A 68 15.63 5.70 13.71
C ASP A 68 14.33 5.94 12.95
N ALA A 69 13.91 4.95 12.17
CA ALA A 69 12.69 5.07 11.39
C ALA A 69 12.21 3.70 10.94
N ILE A 70 10.92 3.61 10.61
CA ILE A 70 10.33 2.35 10.16
C ILE A 70 9.85 2.47 8.73
N MET A 71 10.28 1.54 7.87
CA MET A 71 9.88 1.56 6.47
C MET A 71 9.35 0.19 6.05
N SER A 72 8.05 0.09 5.87
CA SER A 72 7.42 -1.17 5.48
C SER A 72 6.03 -0.92 4.92
N SER A 73 5.35 -2.01 4.55
CA SER A 73 4.00 -1.92 4.01
C SER A 73 3.05 -1.35 5.05
N LEU A 74 3.47 -1.37 6.31
CA LEU A 74 2.63 -0.86 7.40
C LEU A 74 1.81 0.34 6.93
N SER A 75 0.50 0.22 7.06
CA SER A 75 -0.40 1.30 6.64
C SER A 75 -0.48 2.37 7.71
N ILE A 76 -0.80 3.60 7.29
CA ILE A 76 -0.90 4.72 8.24
C ILE A 76 -2.36 5.06 8.48
N THR A 77 -2.67 5.52 9.68
CA THR A 77 -4.03 5.90 10.03
C THR A 77 -4.05 7.01 11.07
N GLU A 78 -5.11 7.80 11.06
CA GLU A 78 -5.22 8.91 12.02
C GLU A 78 -4.96 8.42 13.44
N LYS A 79 -5.57 7.30 13.80
CA LYS A 79 -5.39 6.75 15.14
C LYS A 79 -3.92 6.53 15.43
N ARG A 80 -3.19 6.04 14.43
CA ARG A 80 -1.76 5.81 14.58
C ARG A 80 -1.00 7.12 14.73
N GLN A 81 -1.43 8.13 13.98
CA GLN A 81 -0.79 9.44 14.02
C GLN A 81 -0.81 9.98 15.44
N GLN A 82 -1.90 9.75 16.14
CA GLN A 82 -2.03 10.22 17.52
C GLN A 82 -0.93 9.61 18.39
N GLU A 83 -0.46 8.43 18.00
CA GLU A 83 0.60 7.76 18.74
C GLU A 83 1.98 8.29 18.34
N ILE A 84 2.24 8.33 17.03
CA ILE A 84 3.51 8.82 16.52
C ILE A 84 3.29 9.66 15.28
N ALA A 85 4.38 9.95 14.56
CA ALA A 85 4.30 10.75 13.34
C ALA A 85 4.53 9.88 12.11
N PHE A 86 3.86 10.24 11.02
CA PHE A 86 3.99 9.49 9.76
C PHE A 86 4.29 10.44 8.60
N THR A 87 5.00 9.93 7.60
CA THR A 87 5.34 10.75 6.44
C THR A 87 5.82 9.86 5.29
N ASP A 88 6.66 10.42 4.43
CA ASP A 88 7.19 9.67 3.30
C ASP A 88 6.11 8.83 2.65
N LYS A 89 4.84 9.21 2.90
CA LYS A 89 3.70 8.49 2.33
C LYS A 89 4.07 7.86 1.00
N LEU A 90 3.93 6.55 0.91
CA LEU A 90 4.29 5.83 -0.31
C LEU A 90 3.21 5.98 -1.37
N TYR A 91 2.07 5.34 -1.13
CA TYR A 91 0.96 5.40 -2.08
C TYR A 91 -0.38 5.30 -1.36
N ALA A 92 -1.45 5.63 -2.05
CA ALA A 92 -2.79 5.57 -1.48
C ALA A 92 -3.30 4.14 -1.48
N ALA A 93 -3.74 3.67 -0.32
CA ALA A 93 -4.27 2.30 -0.20
C ALA A 93 -5.78 2.32 -0.06
N ASP A 94 -6.47 2.72 -1.13
CA ASP A 94 -7.93 2.77 -1.11
C ASP A 94 -8.51 1.41 -1.50
N SER A 95 -9.06 1.34 -2.71
CA SER A 95 -9.67 0.11 -3.19
C SER A 95 -9.76 0.11 -4.71
N ARG A 96 -10.05 -1.05 -5.28
CA ARG A 96 -10.17 -1.18 -6.73
C ARG A 96 -11.07 -2.34 -7.09
N LEU A 97 -11.80 -2.21 -8.19
CA LEU A 97 -12.69 -3.27 -8.66
C LEU A 97 -12.06 -4.03 -9.82
N VAL A 98 -12.15 -5.35 -9.78
CA VAL A 98 -11.59 -6.18 -10.85
C VAL A 98 -12.69 -7.04 -11.46
N VAL A 99 -13.03 -6.76 -12.72
CA VAL A 99 -14.08 -7.51 -13.40
C VAL A 99 -13.63 -7.87 -14.83
N ALA A 100 -14.35 -8.81 -15.44
CA ALA A 100 -14.03 -9.22 -16.80
C ALA A 100 -14.76 -8.35 -17.82
N LYS A 101 -14.13 -8.16 -18.98
CA LYS A 101 -14.72 -7.34 -20.02
C LYS A 101 -16.10 -7.87 -20.40
N ASN A 102 -16.29 -9.17 -20.21
CA ASN A 102 -17.58 -9.79 -20.55
C ASN A 102 -18.70 -9.13 -19.75
N SER A 103 -18.45 -8.87 -18.48
CA SER A 103 -19.45 -8.23 -17.62
C SER A 103 -19.13 -6.75 -17.45
N ASP A 104 -20.09 -5.90 -17.82
CA ASP A 104 -19.90 -4.45 -17.70
C ASP A 104 -20.31 -3.98 -16.31
N ILE A 105 -19.33 -3.59 -15.51
CA ILE A 105 -19.60 -3.10 -14.15
C ILE A 105 -18.95 -1.75 -13.94
N GLN A 106 -19.73 -0.80 -13.43
CA GLN A 106 -19.23 0.55 -13.17
C GLN A 106 -19.11 0.80 -11.67
N PRO A 107 -18.23 1.68 -11.28
CA PRO A 107 -18.02 2.03 -9.85
C PRO A 107 -19.29 2.56 -9.19
N THR A 108 -20.06 1.67 -8.59
CA THR A 108 -21.30 2.06 -7.93
C THR A 108 -21.86 0.90 -7.11
N VAL A 109 -22.46 1.22 -5.97
CA VAL A 109 -23.06 0.20 -5.11
C VAL A 109 -24.28 -0.39 -5.78
N GLU A 110 -25.00 0.42 -6.54
CA GLU A 110 -26.21 -0.03 -7.21
C GLU A 110 -25.90 -1.20 -8.13
N SER A 111 -25.06 -0.96 -9.14
CA SER A 111 -24.71 -2.01 -10.08
C SER A 111 -24.14 -3.22 -9.36
N LEU A 112 -23.64 -3.00 -8.15
CA LEU A 112 -23.08 -4.08 -7.35
C LEU A 112 -24.18 -4.94 -6.73
N LYS A 113 -25.34 -4.34 -6.54
CA LYS A 113 -26.46 -5.05 -5.95
C LYS A 113 -26.76 -6.33 -6.72
N GLY A 114 -26.92 -7.43 -6.00
CA GLY A 114 -27.22 -8.72 -6.63
C GLY A 114 -25.95 -9.39 -7.12
N LYS A 115 -24.86 -8.62 -7.21
CA LYS A 115 -23.59 -9.15 -7.68
C LYS A 115 -22.83 -9.77 -6.52
N ARG A 116 -22.00 -10.77 -6.84
CA ARG A 116 -21.21 -11.46 -5.81
C ARG A 116 -19.82 -10.85 -5.73
N VAL A 117 -19.36 -10.59 -4.51
CA VAL A 117 -18.05 -10.00 -4.29
C VAL A 117 -17.23 -10.85 -3.33
N GLY A 118 -15.96 -11.05 -3.66
CA GLY A 118 -15.07 -11.85 -2.81
C GLY A 118 -14.09 -10.95 -2.06
N VAL A 119 -13.86 -11.26 -0.79
CA VAL A 119 -12.95 -10.47 0.04
C VAL A 119 -11.96 -11.39 0.76
N LEU A 120 -10.85 -10.81 1.22
CA LEU A 120 -9.86 -11.59 1.93
C LEU A 120 -10.11 -11.54 3.43
N GLN A 121 -10.36 -12.71 4.02
CA GLN A 121 -10.63 -12.79 5.46
C GLN A 121 -9.53 -12.08 6.25
N GLY A 122 -9.86 -11.68 7.46
CA GLY A 122 -8.90 -11.00 8.32
C GLY A 122 -8.50 -9.65 7.73
N THR A 123 -9.51 -8.85 7.39
CA THR A 123 -9.26 -7.54 6.80
C THR A 123 -10.38 -6.56 7.18
N THR A 124 -10.15 -5.28 6.93
CA THR A 124 -11.14 -4.26 7.23
C THR A 124 -12.32 -4.36 6.26
N GLN A 125 -12.04 -4.80 5.04
CA GLN A 125 -13.07 -4.93 4.02
C GLN A 125 -14.19 -5.85 4.50
N GLU A 126 -13.83 -7.06 4.90
CA GLU A 126 -14.82 -8.02 5.37
C GLU A 126 -15.60 -7.44 6.54
N THR A 127 -14.89 -7.03 7.58
CA THR A 127 -15.56 -6.46 8.76
C THR A 127 -16.36 -5.23 8.39
N PHE A 128 -15.71 -4.29 7.72
CA PHE A 128 -16.38 -3.06 7.30
C PHE A 128 -17.54 -3.38 6.36
N GLY A 129 -17.29 -4.28 5.41
CA GLY A 129 -18.30 -4.66 4.44
C GLY A 129 -19.51 -5.28 5.12
N ASN A 130 -19.26 -6.17 6.07
CA ASN A 130 -20.33 -6.84 6.79
C ASN A 130 -21.39 -5.83 7.22
N GLU A 131 -21.05 -4.55 7.14
CA GLU A 131 -21.98 -3.48 7.53
C GLU A 131 -22.14 -2.49 6.39
N HIS A 132 -21.07 -2.25 5.65
CA HIS A 132 -21.12 -1.29 4.56
C HIS A 132 -21.86 -1.85 3.36
N TRP A 133 -21.49 -3.04 2.93
CA TRP A 133 -22.12 -3.69 1.78
C TRP A 133 -23.17 -4.71 2.22
N ALA A 134 -23.52 -4.67 3.49
CA ALA A 134 -24.52 -5.59 4.02
C ALA A 134 -25.93 -5.05 3.79
N PRO A 135 -26.20 -3.85 4.23
CA PRO A 135 -27.53 -3.21 4.07
C PRO A 135 -27.79 -2.79 2.63
N LYS A 136 -26.76 -2.85 1.79
CA LYS A 136 -26.88 -2.46 0.40
C LYS A 136 -27.46 -3.61 -0.43
N GLY A 137 -27.57 -4.78 0.19
CA GLY A 137 -28.10 -5.94 -0.50
C GLY A 137 -27.05 -6.58 -1.40
N ILE A 138 -25.79 -6.51 -0.97
CA ILE A 138 -24.68 -7.08 -1.75
C ILE A 138 -24.13 -8.31 -1.05
N GLU A 139 -23.84 -9.35 -1.83
CA GLU A 139 -23.31 -10.59 -1.28
C GLU A 139 -21.78 -10.52 -1.20
N ILE A 140 -21.24 -10.85 -0.03
CA ILE A 140 -19.80 -10.83 0.19
C ILE A 140 -19.31 -12.16 0.72
N VAL A 141 -18.17 -12.62 0.20
CA VAL A 141 -17.60 -13.89 0.64
C VAL A 141 -16.17 -13.68 1.15
N SER A 142 -15.87 -14.27 2.30
CA SER A 142 -14.55 -14.13 2.88
C SER A 142 -13.68 -15.33 2.53
N TYR A 143 -12.49 -15.05 1.97
CA TYR A 143 -11.56 -16.11 1.58
C TYR A 143 -10.34 -16.09 2.49
N GLN A 144 -9.70 -17.25 2.63
CA GLN A 144 -8.52 -17.37 3.47
C GLN A 144 -7.26 -17.53 2.63
N GLY A 145 -7.41 -17.39 1.32
CA GLY A 145 -6.29 -17.53 0.40
C GLY A 145 -6.23 -16.37 -0.59
N GLN A 146 -5.06 -15.76 -0.71
CA GLN A 146 -4.90 -14.64 -1.63
C GLN A 146 -5.05 -15.11 -3.08
N ASP A 147 -4.41 -16.23 -3.41
CA ASP A 147 -4.49 -16.77 -4.76
C ASP A 147 -5.88 -17.32 -5.05
N ASN A 148 -6.58 -17.67 -3.98
CA ASN A 148 -7.94 -18.21 -4.12
C ASN A 148 -8.88 -17.16 -4.71
N ILE A 149 -8.67 -15.91 -4.30
CA ILE A 149 -9.52 -14.83 -4.80
C ILE A 149 -9.33 -14.61 -6.30
N TYR A 150 -8.08 -14.56 -6.74
CA TYR A 150 -7.77 -14.37 -8.14
C TYR A 150 -8.28 -15.55 -8.96
N SER A 151 -8.17 -16.75 -8.40
CA SER A 151 -8.62 -17.95 -9.09
C SER A 151 -10.12 -17.86 -9.37
N ASP A 152 -10.87 -17.39 -8.38
CA ASP A 152 -12.32 -17.26 -8.54
C ASP A 152 -12.63 -16.23 -9.62
N LEU A 153 -11.92 -15.10 -9.58
CA LEU A 153 -12.16 -14.06 -10.56
C LEU A 153 -11.93 -14.59 -11.97
N THR A 154 -10.80 -15.27 -12.15
CA THR A 154 -10.48 -15.84 -13.46
C THR A 154 -11.51 -16.89 -13.85
N ALA A 155 -12.19 -17.44 -12.85
CA ALA A 155 -13.20 -18.46 -13.10
C ALA A 155 -14.56 -17.82 -13.30
N GLY A 156 -14.71 -16.57 -12.85
CA GLY A 156 -15.97 -15.85 -12.99
C GLY A 156 -16.90 -16.15 -11.82
N ARG A 157 -16.35 -16.79 -10.79
CA ARG A 157 -17.14 -17.12 -9.60
C ARG A 157 -17.49 -15.86 -8.83
N ILE A 158 -16.77 -14.78 -9.09
CA ILE A 158 -17.01 -13.51 -8.42
C ILE A 158 -17.16 -12.38 -9.44
N ASP A 159 -18.14 -11.51 -9.21
CA ASP A 159 -18.39 -10.39 -10.11
C ASP A 159 -17.30 -9.35 -9.98
N ALA A 160 -16.71 -9.24 -8.78
CA ALA A 160 -15.67 -8.26 -8.54
C ALA A 160 -15.08 -8.43 -7.15
N ALA A 161 -13.85 -7.98 -6.96
CA ALA A 161 -13.19 -8.07 -5.66
C ALA A 161 -12.62 -6.72 -5.26
N PHE A 162 -12.77 -6.37 -3.99
CA PHE A 162 -12.26 -5.09 -3.50
C PHE A 162 -10.81 -5.23 -3.08
N GLN A 163 -9.92 -4.73 -3.93
CA GLN A 163 -8.48 -4.79 -3.64
C GLN A 163 -7.83 -3.44 -3.89
N ASP A 164 -6.61 -3.26 -3.37
CA ASP A 164 -5.89 -2.01 -3.57
C ASP A 164 -5.37 -1.90 -4.98
N GLU A 165 -5.19 -0.67 -5.46
CA GLU A 165 -4.70 -0.44 -6.80
C GLU A 165 -3.26 -0.92 -6.95
N VAL A 166 -2.38 -0.44 -6.08
CA VAL A 166 -0.97 -0.82 -6.15
C VAL A 166 -0.83 -2.32 -5.98
N ALA A 167 -1.48 -2.88 -4.96
CA ALA A 167 -1.39 -4.31 -4.72
C ALA A 167 -1.93 -5.09 -5.92
N ALA A 168 -3.00 -4.58 -6.51
CA ALA A 168 -3.59 -5.24 -7.67
C ALA A 168 -2.61 -5.27 -8.83
N SER A 169 -2.24 -4.10 -9.32
CA SER A 169 -1.31 -4.01 -10.45
C SER A 169 0.00 -4.70 -10.09
N GLU A 170 0.51 -4.42 -8.89
CA GLU A 170 1.76 -5.01 -8.45
C GLU A 170 1.76 -6.51 -8.73
N GLY A 171 0.63 -7.15 -8.48
CA GLY A 171 0.51 -8.60 -8.70
C GLY A 171 -0.42 -8.90 -9.86
N PHE A 172 -1.68 -8.51 -9.72
CA PHE A 172 -2.69 -8.79 -10.74
C PHE A 172 -2.11 -8.57 -12.14
N LEU A 173 -1.87 -7.32 -12.49
CA LEU A 173 -1.34 -7.00 -13.80
C LEU A 173 0.04 -7.60 -14.00
N LYS A 174 0.86 -7.54 -12.95
CA LYS A 174 2.21 -8.09 -13.03
C LYS A 174 2.16 -9.58 -13.35
N GLN A 175 0.95 -10.13 -13.45
CA GLN A 175 0.79 -11.53 -13.75
C GLN A 175 -0.12 -11.73 -14.97
N PRO A 176 0.19 -12.68 -15.82
CA PRO A 176 -0.62 -12.98 -17.03
C PRO A 176 -2.12 -12.98 -16.72
N VAL A 177 -2.46 -13.03 -15.44
CA VAL A 177 -3.86 -13.05 -15.03
C VAL A 177 -4.56 -11.76 -15.46
N GLY A 178 -3.89 -10.63 -15.27
CA GLY A 178 -4.47 -9.35 -15.64
C GLY A 178 -4.76 -9.27 -17.13
N LYS A 179 -3.92 -9.92 -17.92
CA LYS A 179 -4.10 -9.91 -19.37
C LYS A 179 -5.44 -10.53 -19.74
N ASP A 180 -5.80 -11.61 -19.07
CA ASP A 180 -7.06 -12.28 -19.33
C ASP A 180 -8.23 -11.39 -18.94
N TYR A 181 -8.05 -10.60 -17.90
CA TYR A 181 -9.11 -9.70 -17.43
C TYR A 181 -8.52 -8.54 -16.63
N LYS A 182 -9.10 -7.36 -16.79
CA LYS A 182 -8.63 -6.17 -16.09
C LYS A 182 -9.53 -4.97 -16.37
N PHE A 183 -10.43 -4.69 -15.44
CA PHE A 183 -11.35 -3.57 -15.60
C PHE A 183 -11.91 -3.12 -14.25
N GLY A 184 -12.54 -1.96 -14.23
CA GLY A 184 -13.12 -1.44 -13.00
C GLY A 184 -12.07 -0.77 -12.13
N GLY A 185 -11.38 0.20 -12.70
CA GLY A 185 -10.33 0.91 -11.99
C GLY A 185 -10.85 1.43 -10.63
N PRO A 186 -10.89 2.72 -10.44
CA PRO A 186 -11.38 3.32 -9.15
C PRO A 186 -12.73 2.75 -8.75
N SER A 187 -12.86 2.42 -7.46
CA SER A 187 -14.10 1.85 -6.93
C SER A 187 -14.64 2.66 -5.77
N VAL A 188 -14.55 2.10 -4.57
CA VAL A 188 -15.05 2.79 -3.39
C VAL A 188 -14.50 2.12 -2.15
N LYS A 189 -14.61 2.81 -1.01
CA LYS A 189 -14.13 2.28 0.28
C LYS A 189 -13.81 3.42 1.24
N ASP A 190 -13.86 3.12 2.53
CA ASP A 190 -13.54 4.12 3.54
C ASP A 190 -12.03 4.22 3.72
N GLU A 191 -11.48 5.40 3.43
CA GLU A 191 -10.03 5.61 3.55
C GLU A 191 -9.61 5.64 5.01
N LYS A 192 -10.57 5.86 5.90
CA LYS A 192 -10.28 5.92 7.32
C LYS A 192 -9.77 4.57 7.81
N LEU A 193 -10.25 3.51 7.20
CA LEU A 193 -9.86 2.16 7.62
C LEU A 193 -8.37 1.96 7.48
N PHE A 194 -7.82 2.40 6.35
CA PHE A 194 -6.37 2.29 6.11
C PHE A 194 -5.72 3.67 6.04
N GLY A 195 -6.49 4.69 6.39
CA GLY A 195 -5.99 6.07 6.34
C GLY A 195 -5.81 6.53 4.90
N VAL A 196 -4.90 7.47 4.69
CA VAL A 196 -4.62 7.98 3.36
C VAL A 196 -3.91 6.93 2.51
N GLY A 197 -3.21 6.02 3.17
CA GLY A 197 -2.47 4.97 2.47
C GLY A 197 -1.40 4.38 3.37
N THR A 198 -0.16 4.40 2.88
CA THR A 198 0.97 3.87 3.66
C THR A 198 2.10 4.88 3.71
N GLY A 199 2.96 4.74 4.72
CA GLY A 199 4.08 5.65 4.89
C GLY A 199 5.08 5.11 5.91
N MET A 200 6.01 5.96 6.32
CA MET A 200 7.03 5.55 7.30
C MET A 200 6.61 5.97 8.69
N GLY A 201 6.83 5.09 9.67
CA GLY A 201 6.45 5.38 11.05
C GLY A 201 7.56 6.14 11.76
N LEU A 202 7.35 7.43 11.98
CA LEU A 202 8.33 8.27 12.66
C LEU A 202 7.74 8.83 13.94
N ARG A 203 8.61 9.23 14.88
CA ARG A 203 8.16 9.77 16.15
C ARG A 203 7.90 11.27 16.04
N LYS A 204 6.95 11.77 16.81
CA LYS A 204 6.62 13.20 16.76
C LYS A 204 7.88 14.04 16.93
N GLU A 205 8.69 13.71 17.93
CA GLU A 205 9.93 14.45 18.19
C GLU A 205 10.62 14.80 16.86
N ASP A 206 10.33 14.03 15.81
CA ASP A 206 10.94 14.27 14.52
C ASP A 206 10.35 15.53 13.88
N ASN A 207 10.36 16.62 14.63
CA ASN A 207 9.83 17.88 14.11
C ASN A 207 10.64 18.39 12.93
N GLU A 208 11.96 18.35 13.06
CA GLU A 208 12.84 18.82 11.99
C GLU A 208 12.89 17.79 10.86
N LEU A 209 13.08 16.52 11.23
CA LEU A 209 13.17 15.47 10.23
C LEU A 209 11.86 15.37 9.45
N ARG A 210 10.74 15.43 10.17
CA ARG A 210 9.43 15.35 9.54
C ARG A 210 9.24 16.53 8.59
N GLU A 211 9.65 17.72 9.03
CA GLU A 211 9.51 18.91 8.21
C GLU A 211 10.25 18.71 6.88
N ALA A 212 11.40 18.03 6.94
CA ALA A 212 12.18 17.76 5.74
C ALA A 212 11.48 16.69 4.92
N LEU A 213 11.59 15.43 5.33
CA LEU A 213 10.95 14.32 4.62
C LEU A 213 9.69 14.79 3.91
N ASN A 214 8.87 15.58 4.62
CA ASN A 214 7.66 16.13 4.03
C ASN A 214 8.00 17.09 2.88
N LYS A 215 8.98 17.96 3.11
CA LYS A 215 9.41 18.90 2.08
C LYS A 215 9.94 18.14 0.87
N ALA A 216 10.74 17.11 1.13
CA ALA A 216 11.30 16.30 0.04
C ALA A 216 10.18 15.63 -0.75
N PHE A 217 9.16 15.15 -0.03
CA PHE A 217 8.02 14.51 -0.67
C PHE A 217 7.32 15.48 -1.63
N ALA A 218 7.14 16.71 -1.17
CA ALA A 218 6.48 17.73 -1.98
C ALA A 218 7.30 17.99 -3.25
N GLU A 219 8.62 18.01 -3.11
CA GLU A 219 9.49 18.23 -4.25
C GLU A 219 9.35 17.09 -5.26
N MET A 220 9.29 15.86 -4.76
CA MET A 220 9.16 14.70 -5.63
C MET A 220 7.91 14.85 -6.49
N ARG A 221 6.85 15.39 -5.89
CA ARG A 221 5.61 15.59 -6.63
C ARG A 221 5.77 16.70 -7.67
N ALA A 222 6.51 17.75 -7.30
CA ALA A 222 6.74 18.88 -8.20
C ALA A 222 7.43 18.41 -9.47
N ASP A 223 8.46 17.58 -9.32
CA ASP A 223 9.19 17.05 -10.48
C ASP A 223 8.56 15.76 -10.97
N GLY A 224 7.49 15.33 -10.31
CA GLY A 224 6.79 14.12 -10.71
C GLY A 224 7.66 12.89 -10.49
N THR A 225 8.66 13.03 -9.62
CA THR A 225 9.57 11.92 -9.36
C THR A 225 8.77 10.72 -8.83
N TYR A 226 7.87 10.98 -7.89
CA TYR A 226 7.05 9.91 -7.33
C TYR A 226 6.18 9.27 -8.43
N GLU A 227 5.39 10.10 -9.10
CA GLU A 227 4.51 9.61 -10.15
C GLU A 227 5.34 8.91 -11.22
N LYS A 228 6.50 9.48 -11.55
CA LYS A 228 7.37 8.90 -12.57
C LYS A 228 7.78 7.49 -12.18
N LEU A 229 8.21 7.33 -10.93
CA LEU A 229 8.62 6.02 -10.44
C LEU A 229 7.45 5.05 -10.46
N ALA A 230 6.28 5.54 -10.09
CA ALA A 230 5.07 4.71 -10.06
C ALA A 230 4.76 4.20 -11.46
N LYS A 231 4.75 5.10 -12.44
CA LYS A 231 4.46 4.73 -13.82
C LYS A 231 5.46 3.69 -14.31
N LYS A 232 6.71 3.81 -13.88
CA LYS A 232 7.74 2.87 -14.29
C LYS A 232 7.50 1.49 -13.67
N TYR A 233 7.33 1.44 -12.37
CA TYR A 233 7.09 0.18 -11.68
C TYR A 233 5.80 -0.46 -12.17
N PHE A 234 4.75 0.36 -12.26
CA PHE A 234 3.45 -0.13 -12.71
C PHE A 234 2.64 0.99 -13.33
N ASP A 235 1.71 0.64 -14.21
CA ASP A 235 0.86 1.64 -14.86
C ASP A 235 -0.49 1.70 -14.17
N PHE A 236 -0.64 2.64 -13.24
CA PHE A 236 -1.90 2.80 -12.52
C PHE A 236 -2.09 4.24 -12.09
N ASP A 237 -3.00 4.45 -11.14
CA ASP A 237 -3.27 5.80 -10.64
C ASP A 237 -3.06 5.86 -9.13
N VAL A 238 -2.00 6.52 -8.71
CA VAL A 238 -1.69 6.65 -7.29
C VAL A 238 -2.79 7.44 -6.58
N TYR A 239 -3.27 8.49 -7.23
CA TYR A 239 -4.32 9.32 -6.65
C TYR A 239 -5.55 8.48 -6.35
N GLY A 240 -5.89 7.58 -7.27
CA GLY A 240 -7.05 6.71 -7.07
C GLY A 240 -6.85 5.80 -5.87
N GLY A 241 -5.63 5.35 -5.67
CA GLY A 241 -5.31 4.47 -4.55
C GLY A 241 -6.03 3.14 -4.68
N ALA A 4 20.85 20.51 13.82
CA ALA A 4 21.69 19.58 13.00
C ALA A 4 21.01 18.24 12.88
N ILE A 5 20.92 17.74 11.66
CA ILE A 5 20.28 16.46 11.42
C ILE A 5 21.16 15.31 11.93
N PRO A 6 20.59 14.14 12.06
CA PRO A 6 21.33 12.93 12.53
C PRO A 6 22.48 12.56 11.60
N GLN A 7 23.58 12.08 12.18
CA GLN A 7 24.73 11.69 11.39
C GLN A 7 24.40 10.48 10.54
N ASN A 8 23.66 9.53 11.11
CA ASN A 8 23.28 8.32 10.38
C ASN A 8 21.84 7.95 10.69
N ILE A 9 21.13 7.44 9.68
CA ILE A 9 19.73 7.05 9.86
C ILE A 9 19.59 5.53 9.80
N ARG A 10 18.94 4.96 10.81
CA ARG A 10 18.74 3.52 10.85
C ARG A 10 17.30 3.17 10.48
N ILE A 11 17.14 2.41 9.40
CA ILE A 11 15.81 2.01 8.94
C ILE A 11 15.62 0.51 9.10
N GLY A 12 14.43 0.12 9.54
CA GLY A 12 14.13 -1.30 9.74
C GLY A 12 13.18 -1.79 8.65
N THR A 13 13.74 -2.46 7.64
CA THR A 13 12.93 -2.99 6.54
C THR A 13 13.12 -4.49 6.39
N ASP A 14 12.03 -5.24 6.56
CA ASP A 14 12.08 -6.69 6.44
C ASP A 14 11.27 -7.14 5.22
N PRO A 15 11.91 -7.30 4.08
CA PRO A 15 11.24 -7.73 2.83
C PRO A 15 10.48 -9.04 3.02
N THR A 16 9.24 -9.06 2.53
CA THR A 16 8.41 -10.25 2.64
C THR A 16 7.63 -10.49 1.36
N TYR A 17 7.49 -9.45 0.54
CA TYR A 17 6.77 -9.55 -0.71
C TYR A 17 7.64 -9.10 -1.87
N ALA A 18 8.24 -10.06 -2.57
CA ALA A 18 9.08 -9.76 -3.73
C ALA A 18 8.64 -8.45 -4.41
N PRO A 19 7.45 -8.41 -4.89
CA PRO A 19 6.90 -7.21 -5.58
C PRO A 19 7.10 -5.94 -4.77
N PHE A 20 6.93 -6.04 -3.47
CA PHE A 20 7.11 -4.89 -2.60
C PHE A 20 8.59 -4.63 -2.33
N GLU A 21 9.32 -5.70 -2.07
CA GLU A 21 10.75 -5.60 -1.77
C GLU A 21 11.51 -6.83 -2.25
N SER A 22 12.65 -7.10 -1.64
CA SER A 22 13.45 -8.27 -2.01
C SER A 22 14.88 -8.10 -1.51
N LYS A 23 15.70 -9.12 -1.75
CA LYS A 23 17.10 -9.07 -1.32
C LYS A 23 18.02 -9.55 -2.45
N ASN A 24 19.14 -8.87 -2.62
CA ASN A 24 20.10 -9.23 -3.66
C ASN A 24 21.12 -10.22 -3.13
N SER A 25 21.42 -11.24 -3.93
CA SER A 25 22.39 -12.25 -3.53
C SER A 25 23.79 -11.63 -3.38
N GLN A 26 23.98 -10.46 -3.99
CA GLN A 26 25.26 -9.79 -3.91
C GLN A 26 25.40 -9.06 -2.58
N GLY A 27 24.34 -9.07 -1.80
CA GLY A 27 24.35 -8.40 -0.50
C GLY A 27 23.64 -7.05 -0.56
N GLU A 28 23.31 -6.63 -1.78
CA GLU A 28 22.62 -5.35 -1.97
C GLU A 28 21.13 -5.50 -1.67
N LEU A 29 20.49 -4.38 -1.36
CA LEU A 29 19.06 -4.39 -1.05
C LEU A 29 18.27 -3.65 -2.11
N VAL A 30 17.16 -4.24 -2.54
CA VAL A 30 16.33 -3.63 -3.58
C VAL A 30 14.86 -3.68 -3.18
N GLY A 31 14.10 -2.72 -3.65
CA GLY A 31 12.67 -2.66 -3.35
C GLY A 31 12.09 -1.29 -3.69
N PHE A 32 10.81 -1.27 -4.01
CA PHE A 32 10.14 -0.02 -4.35
C PHE A 32 10.23 0.98 -3.21
N ASP A 33 10.04 0.49 -2.00
CA ASP A 33 10.09 1.34 -0.81
C ASP A 33 11.52 1.82 -0.53
N ILE A 34 12.49 1.01 -0.95
CA ILE A 34 13.89 1.34 -0.75
C ILE A 34 14.30 2.52 -1.62
N ASP A 35 13.81 2.53 -2.86
CA ASP A 35 14.14 3.59 -3.80
C ASP A 35 13.69 4.94 -3.25
N LEU A 36 12.53 4.94 -2.60
CA LEU A 36 12.01 6.17 -2.03
C LEU A 36 12.92 6.65 -0.89
N ALA A 37 13.34 5.71 -0.05
CA ALA A 37 14.19 6.05 1.09
C ALA A 37 15.47 6.70 0.60
N LYS A 38 16.08 6.11 -0.44
CA LYS A 38 17.32 6.64 -0.98
C LYS A 38 17.15 8.11 -1.37
N GLU A 39 16.14 8.39 -2.19
CA GLU A 39 15.88 9.76 -2.63
C GLU A 39 15.75 10.68 -1.41
N LEU A 40 15.13 10.16 -0.36
CA LEU A 40 14.98 10.93 0.87
C LEU A 40 16.33 11.14 1.56
N CYS A 41 17.13 10.08 1.59
CA CYS A 41 18.44 10.15 2.24
C CYS A 41 19.25 11.30 1.67
N LYS A 42 19.22 11.43 0.34
CA LYS A 42 19.94 12.52 -0.31
C LYS A 42 19.36 13.87 0.10
N ARG A 43 18.04 13.97 0.05
CA ARG A 43 17.37 15.21 0.43
C ARG A 43 17.69 15.57 1.88
N ILE A 44 17.70 14.56 2.73
CA ILE A 44 18.01 14.77 4.15
C ILE A 44 19.51 14.96 4.34
N ASN A 45 20.29 14.56 3.34
CA ASN A 45 21.75 14.68 3.43
C ASN A 45 22.29 13.88 4.60
N THR A 46 21.91 12.61 4.67
CA THR A 46 22.36 11.73 5.75
C THR A 46 22.56 10.30 5.25
N GLN A 47 23.17 9.47 6.09
CA GLN A 47 23.40 8.08 5.72
C GLN A 47 22.20 7.23 6.09
N CYS A 48 21.86 6.27 5.21
CA CYS A 48 20.72 5.39 5.45
C CYS A 48 21.18 3.95 5.58
N THR A 49 20.72 3.28 6.62
CA THR A 49 21.09 1.88 6.85
C THR A 49 19.84 1.03 7.08
N PHE A 50 19.73 -0.06 6.33
CA PHE A 50 18.58 -0.95 6.44
C PHE A 50 18.88 -2.09 7.40
N VAL A 51 17.93 -2.41 8.28
CA VAL A 51 18.12 -3.51 9.23
C VAL A 51 16.92 -4.45 9.18
N GLU A 52 17.19 -5.74 9.03
CA GLU A 52 16.12 -6.73 8.98
C GLU A 52 15.41 -6.83 10.33
N ASN A 53 14.10 -6.95 10.29
CA ASN A 53 13.32 -7.05 11.50
C ASN A 53 11.82 -7.04 11.19
N PRO A 54 11.07 -7.94 11.77
CA PRO A 54 9.60 -8.04 11.54
C PRO A 54 8.83 -6.87 12.11
N LEU A 55 7.77 -6.45 11.43
CA LEU A 55 6.97 -5.34 11.90
C LEU A 55 6.78 -5.38 13.40
N ASP A 56 6.26 -6.50 13.90
CA ASP A 56 6.02 -6.66 15.32
C ASP A 56 7.25 -6.25 16.12
N ALA A 57 8.42 -6.35 15.51
CA ALA A 57 9.67 -5.98 16.18
C ALA A 57 10.07 -4.55 15.85
N LEU A 58 9.54 -4.03 14.75
CA LEU A 58 9.84 -2.66 14.35
C LEU A 58 9.31 -1.65 15.36
N ILE A 59 8.10 -1.88 15.84
CA ILE A 59 7.48 -0.97 16.79
C ILE A 59 8.32 -0.92 18.07
N PRO A 60 8.54 -2.06 18.67
CA PRO A 60 9.38 -2.16 19.89
C PRO A 60 10.77 -1.58 19.66
N SER A 61 11.36 -1.89 18.49
CA SER A 61 12.69 -1.39 18.16
C SER A 61 12.69 0.13 18.17
N LEU A 62 11.65 0.73 17.59
CA LEU A 62 11.56 2.18 17.54
C LEU A 62 11.57 2.75 18.94
N LYS A 63 10.80 2.12 19.84
CA LYS A 63 10.76 2.56 21.22
C LYS A 63 12.12 2.37 21.89
N ALA A 64 12.77 1.26 21.58
CA ALA A 64 14.07 0.95 22.16
C ALA A 64 15.17 1.78 21.50
N LYS A 65 14.74 2.77 20.72
CA LYS A 65 15.70 3.64 20.03
C LYS A 65 16.65 2.82 19.17
N LYS A 66 16.34 1.55 18.99
CA LYS A 66 17.16 0.67 18.18
C LYS A 66 17.18 1.14 16.73
N ILE A 67 16.06 1.70 16.28
CA ILE A 67 15.94 2.19 14.90
C ILE A 67 15.54 3.66 14.90
N ASP A 68 15.92 4.36 13.84
CA ASP A 68 15.58 5.79 13.72
C ASP A 68 14.30 5.99 12.93
N ALA A 69 13.93 4.98 12.15
CA ALA A 69 12.73 5.07 11.33
C ALA A 69 12.26 3.68 10.91
N ILE A 70 10.98 3.56 10.60
CA ILE A 70 10.42 2.27 10.17
C ILE A 70 9.91 2.37 8.74
N MET A 71 10.35 1.44 7.89
CA MET A 71 9.93 1.42 6.50
C MET A 71 9.41 0.04 6.12
N SER A 72 8.09 -0.07 5.98
CA SER A 72 7.48 -1.35 5.62
C SER A 72 6.08 -1.12 5.03
N SER A 73 5.41 -2.21 4.68
CA SER A 73 4.07 -2.13 4.11
C SER A 73 3.10 -1.54 5.12
N LEU A 74 3.51 -1.51 6.39
CA LEU A 74 2.67 -0.97 7.44
C LEU A 74 1.87 0.24 6.95
N SER A 75 0.55 0.16 7.06
CA SER A 75 -0.30 1.26 6.61
C SER A 75 -0.40 2.33 7.68
N ILE A 76 -0.73 3.56 7.26
CA ILE A 76 -0.85 4.66 8.21
C ILE A 76 -2.32 5.00 8.44
N THR A 77 -2.63 5.48 9.64
CA THR A 77 -4.01 5.84 9.97
C THR A 77 -4.03 6.97 11.00
N GLU A 78 -5.09 7.75 10.98
CA GLU A 78 -5.23 8.87 11.91
C GLU A 78 -4.96 8.41 13.34
N LYS A 79 -5.59 7.30 13.72
CA LYS A 79 -5.42 6.77 15.07
C LYS A 79 -3.94 6.53 15.37
N ARG A 80 -3.21 6.03 14.38
CA ARG A 80 -1.78 5.77 14.53
C ARG A 80 -1.01 7.08 14.66
N GLN A 81 -1.44 8.09 13.91
CA GLN A 81 -0.77 9.39 13.93
C GLN A 81 -0.80 9.95 15.35
N GLN A 82 -1.90 9.72 16.06
CA GLN A 82 -2.01 10.20 17.43
C GLN A 82 -0.92 9.61 18.30
N GLU A 83 -0.45 8.42 17.93
CA GLU A 83 0.61 7.75 18.69
C GLU A 83 1.97 8.29 18.28
N ILE A 84 2.25 8.28 16.98
CA ILE A 84 3.53 8.77 16.47
C ILE A 84 3.32 9.60 15.21
N ALA A 85 4.41 9.91 14.52
CA ALA A 85 4.34 10.70 13.30
C ALA A 85 4.55 9.82 12.07
N PHE A 86 3.88 10.18 10.98
CA PHE A 86 4.00 9.43 9.72
C PHE A 86 4.28 10.37 8.57
N THR A 87 5.00 9.87 7.57
CA THR A 87 5.34 10.67 6.40
C THR A 87 5.83 9.78 5.26
N ASP A 88 6.67 10.33 4.40
CA ASP A 88 7.21 9.58 3.28
C ASP A 88 6.12 8.77 2.61
N LYS A 89 4.86 9.15 2.85
CA LYS A 89 3.71 8.45 2.26
C LYS A 89 4.10 7.80 0.93
N LEU A 90 3.97 6.49 0.87
CA LEU A 90 4.34 5.76 -0.34
C LEU A 90 3.28 5.92 -1.41
N TYR A 91 2.13 5.30 -1.19
CA TYR A 91 1.03 5.38 -2.16
C TYR A 91 -0.32 5.30 -1.44
N ALA A 92 -1.39 5.64 -2.16
CA ALA A 92 -2.72 5.61 -1.60
C ALA A 92 -3.29 4.19 -1.64
N ALA A 93 -3.64 3.66 -0.48
CA ALA A 93 -4.18 2.30 -0.39
C ALA A 93 -5.70 2.33 -0.22
N ASP A 94 -6.40 2.77 -1.25
CA ASP A 94 -7.86 2.84 -1.19
C ASP A 94 -8.47 1.49 -1.57
N SER A 95 -9.01 1.43 -2.78
CA SER A 95 -9.64 0.20 -3.27
C SER A 95 -9.73 0.20 -4.78
N ARG A 96 -10.01 -0.97 -5.36
CA ARG A 96 -10.13 -1.10 -6.80
C ARG A 96 -11.01 -2.29 -7.15
N LEU A 97 -11.76 -2.15 -8.25
CA LEU A 97 -12.63 -3.24 -8.71
C LEU A 97 -11.99 -3.98 -9.88
N VAL A 98 -12.06 -5.30 -9.83
CA VAL A 98 -11.50 -6.13 -10.92
C VAL A 98 -12.58 -7.01 -11.51
N VAL A 99 -12.96 -6.72 -12.75
CA VAL A 99 -13.99 -7.49 -13.43
C VAL A 99 -13.58 -7.83 -14.86
N ALA A 100 -14.28 -8.78 -15.46
CA ALA A 100 -13.98 -9.17 -16.83
C ALA A 100 -14.74 -8.31 -17.84
N LYS A 101 -14.14 -8.10 -19.00
CA LYS A 101 -14.76 -7.29 -20.04
C LYS A 101 -16.15 -7.83 -20.36
N ASN A 102 -16.34 -9.13 -20.16
CA ASN A 102 -17.62 -9.75 -20.43
C ASN A 102 -18.72 -9.09 -19.60
N SER A 103 -18.43 -8.81 -18.34
CA SER A 103 -19.41 -8.18 -17.46
C SER A 103 -19.09 -6.70 -17.30
N ASP A 104 -20.05 -5.85 -17.65
CA ASP A 104 -19.85 -4.40 -17.55
C ASP A 104 -20.24 -3.91 -16.16
N ILE A 105 -19.24 -3.52 -15.38
CA ILE A 105 -19.49 -3.03 -14.03
C ILE A 105 -18.79 -1.68 -13.82
N GLN A 106 -19.55 -0.71 -13.31
CA GLN A 106 -18.99 0.62 -13.07
C GLN A 106 -18.93 0.90 -11.57
N PRO A 107 -18.11 1.84 -11.18
CA PRO A 107 -17.95 2.22 -9.75
C PRO A 107 -19.27 2.71 -9.14
N THR A 108 -20.04 1.79 -8.59
CA THR A 108 -21.32 2.14 -7.98
C THR A 108 -21.87 0.96 -7.19
N VAL A 109 -22.46 1.25 -6.03
CA VAL A 109 -23.05 0.21 -5.19
C VAL A 109 -24.26 -0.41 -5.89
N GLU A 110 -24.97 0.40 -6.66
CA GLU A 110 -26.16 -0.07 -7.35
C GLU A 110 -25.82 -1.24 -8.26
N SER A 111 -24.97 -1.01 -9.25
CA SER A 111 -24.59 -2.06 -10.19
C SER A 111 -24.01 -3.26 -9.45
N LEU A 112 -23.54 -3.02 -8.23
CA LEU A 112 -22.98 -4.10 -7.41
C LEU A 112 -24.08 -4.96 -6.81
N LYS A 113 -25.25 -4.37 -6.64
CA LYS A 113 -26.37 -5.09 -6.06
C LYS A 113 -26.64 -6.39 -6.83
N GLY A 114 -26.79 -7.48 -6.09
CA GLY A 114 -27.06 -8.78 -6.72
C GLY A 114 -25.77 -9.44 -7.18
N LYS A 115 -24.70 -8.66 -7.24
CA LYS A 115 -23.41 -9.19 -7.69
C LYS A 115 -22.65 -9.77 -6.51
N ARG A 116 -21.80 -10.76 -6.80
CA ARG A 116 -21.01 -11.40 -5.74
C ARG A 116 -19.62 -10.80 -5.67
N VAL A 117 -19.15 -10.53 -4.46
CA VAL A 117 -17.83 -9.94 -4.26
C VAL A 117 -17.00 -10.78 -3.29
N GLY A 118 -15.73 -10.98 -3.62
CA GLY A 118 -14.85 -11.77 -2.76
C GLY A 118 -13.88 -10.85 -2.02
N VAL A 119 -13.63 -11.16 -0.75
CA VAL A 119 -12.71 -10.37 0.06
C VAL A 119 -11.73 -11.28 0.79
N LEU A 120 -10.63 -10.70 1.26
CA LEU A 120 -9.63 -11.46 1.98
C LEU A 120 -9.88 -11.40 3.49
N GLN A 121 -10.11 -12.56 4.09
CA GLN A 121 -10.37 -12.64 5.52
C GLN A 121 -9.29 -11.91 6.30
N GLY A 122 -9.63 -11.50 7.52
CA GLY A 122 -8.66 -10.80 8.37
C GLY A 122 -8.30 -9.43 7.77
N THR A 123 -9.33 -8.66 7.43
CA THR A 123 -9.12 -7.34 6.86
C THR A 123 -10.25 -6.39 7.24
N THR A 124 -10.05 -5.10 6.98
CA THR A 124 -11.07 -4.11 7.29
C THR A 124 -12.21 -4.19 6.29
N GLN A 125 -11.91 -4.69 5.09
CA GLN A 125 -12.93 -4.79 4.05
C GLN A 125 -14.06 -5.71 4.49
N GLU A 126 -13.71 -6.93 4.88
CA GLU A 126 -14.72 -7.89 5.32
C GLU A 126 -15.51 -7.33 6.49
N THR A 127 -14.80 -6.90 7.54
CA THR A 127 -15.47 -6.35 8.71
C THR A 127 -16.29 -5.12 8.35
N PHE A 128 -15.66 -4.18 7.66
CA PHE A 128 -16.34 -2.97 7.23
C PHE A 128 -17.48 -3.30 6.29
N GLY A 129 -17.23 -4.21 5.35
CA GLY A 129 -18.24 -4.60 4.38
C GLY A 129 -19.44 -5.24 5.06
N ASN A 130 -19.17 -6.12 6.01
CA ASN A 130 -20.24 -6.81 6.73
C ASN A 130 -21.31 -5.82 7.16
N GLU A 131 -20.98 -4.52 7.09
CA GLU A 131 -21.93 -3.48 7.48
C GLU A 131 -22.12 -2.48 6.34
N HIS A 132 -21.05 -2.23 5.59
CA HIS A 132 -21.11 -1.27 4.50
C HIS A 132 -21.86 -1.84 3.30
N TRP A 133 -21.47 -3.03 2.88
CA TRP A 133 -22.10 -3.68 1.73
C TRP A 133 -23.14 -4.71 2.18
N ALA A 134 -23.49 -4.66 3.45
CA ALA A 134 -24.48 -5.59 4.00
C ALA A 134 -25.90 -5.06 3.75
N PRO A 135 -26.17 -3.86 4.18
CA PRO A 135 -27.52 -3.23 4.02
C PRO A 135 -27.78 -2.83 2.56
N LYS A 136 -26.74 -2.88 1.74
CA LYS A 136 -26.88 -2.49 0.34
C LYS A 136 -27.43 -3.65 -0.47
N GLY A 137 -27.53 -4.82 0.15
CA GLY A 137 -28.06 -5.99 -0.54
C GLY A 137 -27.00 -6.61 -1.45
N ILE A 138 -25.75 -6.53 -1.02
CA ILE A 138 -24.64 -7.09 -1.80
C ILE A 138 -24.06 -8.33 -1.11
N GLU A 139 -23.77 -9.35 -1.90
CA GLU A 139 -23.21 -10.58 -1.35
C GLU A 139 -21.69 -10.48 -1.28
N ILE A 140 -21.14 -10.80 -0.11
CA ILE A 140 -19.69 -10.76 0.09
C ILE A 140 -19.17 -12.08 0.64
N VAL A 141 -18.03 -12.52 0.11
CA VAL A 141 -17.43 -13.78 0.57
C VAL A 141 -16.00 -13.54 1.01
N SER A 142 -15.65 -14.06 2.18
CA SER A 142 -14.30 -13.90 2.72
C SER A 142 -13.45 -15.13 2.44
N TYR A 143 -12.26 -14.91 1.89
CA TYR A 143 -11.35 -16.01 1.57
C TYR A 143 -10.13 -15.97 2.49
N GLN A 144 -9.49 -17.12 2.66
CA GLN A 144 -8.31 -17.22 3.52
C GLN A 144 -7.05 -17.37 2.69
N GLY A 145 -7.19 -17.24 1.37
CA GLY A 145 -6.04 -17.36 0.47
C GLY A 145 -6.00 -16.20 -0.53
N GLN A 146 -4.84 -15.58 -0.66
CA GLN A 146 -4.69 -14.46 -1.58
C GLN A 146 -4.85 -14.94 -3.02
N ASP A 147 -4.19 -16.06 -3.35
CA ASP A 147 -4.26 -16.60 -4.70
C ASP A 147 -5.65 -17.17 -4.97
N ASN A 148 -6.35 -17.53 -3.91
CA ASN A 148 -7.69 -18.08 -4.04
C ASN A 148 -8.65 -17.05 -4.63
N ILE A 149 -8.44 -15.79 -4.24
CA ILE A 149 -9.30 -14.71 -4.73
C ILE A 149 -9.12 -14.51 -6.23
N TYR A 150 -7.86 -14.44 -6.67
CA TYR A 150 -7.56 -14.25 -8.09
C TYR A 150 -8.07 -15.43 -8.90
N SER A 151 -7.95 -16.63 -8.33
CA SER A 151 -8.40 -17.84 -9.00
C SER A 151 -9.89 -17.77 -9.28
N ASP A 152 -10.65 -17.30 -8.28
CA ASP A 152 -12.10 -17.18 -8.44
C ASP A 152 -12.42 -16.18 -9.53
N LEU A 153 -11.73 -15.03 -9.52
CA LEU A 153 -11.97 -14.00 -10.52
C LEU A 153 -11.72 -14.56 -11.91
N THR A 154 -10.59 -15.23 -12.08
CA THR A 154 -10.24 -15.82 -13.38
C THR A 154 -11.25 -16.88 -13.75
N ALA A 155 -11.94 -17.43 -12.75
CA ALA A 155 -12.94 -18.47 -12.99
C ALA A 155 -14.31 -17.83 -13.20
N GLY A 156 -14.47 -16.58 -12.76
CA GLY A 156 -15.74 -15.88 -12.90
C GLY A 156 -16.65 -16.17 -11.71
N ARG A 157 -16.09 -16.79 -10.67
CA ARG A 157 -16.86 -17.12 -9.48
C ARG A 157 -17.22 -15.84 -8.71
N ILE A 158 -16.51 -14.76 -9.00
CA ILE A 158 -16.77 -13.48 -8.34
C ILE A 158 -16.93 -12.38 -9.38
N ASP A 159 -17.92 -11.50 -9.15
CA ASP A 159 -18.18 -10.41 -10.08
C ASP A 159 -17.10 -9.33 -9.96
N ALA A 160 -16.50 -9.22 -8.77
CA ALA A 160 -15.47 -8.22 -8.54
C ALA A 160 -14.88 -8.38 -7.14
N ALA A 161 -13.65 -7.91 -6.97
CA ALA A 161 -12.99 -7.99 -5.66
C ALA A 161 -12.43 -6.62 -5.29
N PHE A 162 -12.59 -6.25 -4.02
CA PHE A 162 -12.10 -4.96 -3.55
C PHE A 162 -10.64 -5.07 -3.14
N GLN A 163 -9.76 -4.58 -3.99
CA GLN A 163 -8.31 -4.61 -3.70
C GLN A 163 -7.69 -3.25 -3.98
N ASP A 164 -6.47 -3.05 -3.47
CA ASP A 164 -5.76 -1.80 -3.67
C ASP A 164 -5.26 -1.69 -5.12
N GLU A 165 -5.13 -0.46 -5.59
CA GLU A 165 -4.66 -0.23 -6.95
C GLU A 165 -3.21 -0.66 -7.12
N VAL A 166 -2.34 -0.15 -6.26
CA VAL A 166 -0.92 -0.49 -6.35
C VAL A 166 -0.72 -1.99 -6.17
N ALA A 167 -1.33 -2.55 -5.14
CA ALA A 167 -1.20 -3.99 -4.88
C ALA A 167 -1.78 -4.78 -6.05
N ALA A 168 -2.88 -4.31 -6.61
CA ALA A 168 -3.52 -4.99 -7.72
C ALA A 168 -2.60 -5.01 -8.94
N SER A 169 -2.29 -3.83 -9.46
CA SER A 169 -1.43 -3.73 -10.62
C SER A 169 -0.08 -4.37 -10.35
N GLU A 170 0.51 -4.04 -9.19
CA GLU A 170 1.81 -4.58 -8.83
C GLU A 170 1.82 -6.09 -8.99
N GLY A 171 0.69 -6.71 -8.66
CA GLY A 171 0.57 -8.17 -8.77
C GLY A 171 -0.37 -8.56 -9.91
N PHE A 172 -1.64 -8.24 -9.75
CA PHE A 172 -2.65 -8.59 -10.75
C PHE A 172 -2.11 -8.39 -12.16
N LEU A 173 -1.94 -7.14 -12.55
CA LEU A 173 -1.45 -6.83 -13.89
C LEU A 173 -0.06 -7.40 -14.10
N LYS A 174 0.78 -7.31 -13.07
CA LYS A 174 2.14 -7.83 -13.16
C LYS A 174 2.13 -9.31 -13.47
N GLN A 175 0.94 -9.89 -13.54
CA GLN A 175 0.82 -11.31 -13.82
C GLN A 175 -0.08 -11.55 -15.04
N PRO A 176 0.25 -12.51 -15.86
CA PRO A 176 -0.55 -12.85 -17.07
C PRO A 176 -2.04 -12.89 -16.78
N VAL A 177 -2.39 -12.92 -15.51
CA VAL A 177 -3.79 -12.98 -15.10
C VAL A 177 -4.52 -11.71 -15.55
N GLY A 178 -3.87 -10.57 -15.37
CA GLY A 178 -4.46 -9.29 -15.74
C GLY A 178 -4.78 -9.24 -17.22
N LYS A 179 -3.95 -9.90 -18.03
CA LYS A 179 -4.15 -9.91 -19.47
C LYS A 179 -5.49 -10.55 -19.82
N ASP A 180 -5.83 -11.63 -19.12
CA ASP A 180 -7.09 -12.32 -19.36
C ASP A 180 -8.27 -11.43 -18.96
N TYR A 181 -8.07 -10.63 -17.91
CA TYR A 181 -9.13 -9.74 -17.44
C TYR A 181 -8.53 -8.57 -16.66
N LYS A 182 -9.13 -7.39 -16.82
CA LYS A 182 -8.65 -6.20 -16.12
C LYS A 182 -9.56 -5.01 -16.41
N PHE A 183 -10.46 -4.71 -15.48
CA PHE A 183 -11.37 -3.59 -15.65
C PHE A 183 -11.92 -3.13 -14.31
N GLY A 184 -12.55 -1.96 -14.29
CA GLY A 184 -13.13 -1.44 -13.06
C GLY A 184 -12.07 -0.76 -12.21
N GLY A 185 -11.39 0.22 -12.80
CA GLY A 185 -10.35 0.94 -12.08
C GLY A 185 -10.86 1.46 -10.73
N PRO A 186 -10.90 2.76 -10.54
CA PRO A 186 -11.39 3.35 -9.27
C PRO A 186 -12.73 2.78 -8.84
N SER A 187 -12.84 2.46 -7.55
CA SER A 187 -14.07 1.87 -7.02
C SER A 187 -14.61 2.69 -5.86
N VAL A 188 -14.51 2.13 -4.65
CA VAL A 188 -15.00 2.82 -3.46
C VAL A 188 -14.46 2.16 -2.22
N LYS A 189 -14.57 2.85 -1.08
CA LYS A 189 -14.10 2.32 0.20
C LYS A 189 -13.76 3.46 1.15
N ASP A 190 -13.80 3.17 2.46
CA ASP A 190 -13.45 4.17 3.46
C ASP A 190 -11.94 4.24 3.62
N GLU A 191 -11.38 5.41 3.34
CA GLU A 191 -9.93 5.61 3.45
C GLU A 191 -9.51 5.66 4.91
N LYS A 192 -10.46 5.91 5.79
CA LYS A 192 -10.18 5.99 7.22
C LYS A 192 -9.69 4.65 7.74
N LEU A 193 -10.18 3.57 7.15
CA LEU A 193 -9.81 2.23 7.60
C LEU A 193 -8.31 2.01 7.45
N PHE A 194 -7.76 2.42 6.32
CA PHE A 194 -6.32 2.28 6.08
C PHE A 194 -5.65 3.65 5.99
N GLY A 195 -6.40 4.70 6.31
CA GLY A 195 -5.88 6.05 6.25
C GLY A 195 -5.71 6.51 4.80
N VAL A 196 -4.80 7.45 4.58
CA VAL A 196 -4.54 7.95 3.24
C VAL A 196 -3.83 6.89 2.40
N GLY A 197 -3.12 5.99 3.07
CA GLY A 197 -2.39 4.94 2.37
C GLY A 197 -1.32 4.34 3.26
N THR A 198 -0.09 4.34 2.77
CA THR A 198 1.04 3.78 3.55
C THR A 198 2.22 4.74 3.54
N GLY A 199 3.11 4.57 4.51
CA GLY A 199 4.28 5.43 4.62
C GLY A 199 5.24 4.92 5.69
N MET A 200 6.14 5.79 6.12
CA MET A 200 7.13 5.41 7.15
C MET A 200 6.66 5.88 8.52
N GLY A 201 6.90 5.04 9.53
CA GLY A 201 6.50 5.37 10.89
C GLY A 201 7.60 6.11 11.62
N LEU A 202 7.37 7.40 11.91
CA LEU A 202 8.35 8.22 12.61
C LEU A 202 7.76 8.76 13.90
N ARG A 203 8.63 9.17 14.83
CA ARG A 203 8.18 9.70 16.11
C ARG A 203 7.91 11.20 16.00
N LYS A 204 6.96 11.69 16.78
CA LYS A 204 6.62 13.11 16.75
C LYS A 204 7.86 13.96 16.91
N GLU A 205 8.66 13.64 17.92
CA GLU A 205 9.90 14.41 18.17
C GLU A 205 10.59 14.75 16.85
N ASP A 206 10.31 13.99 15.80
CA ASP A 206 10.90 14.23 14.51
C ASP A 206 10.31 15.48 13.87
N ASN A 207 10.32 16.58 14.61
CA ASN A 207 9.78 17.83 14.10
C ASN A 207 10.58 18.34 12.91
N GLU A 208 11.90 18.32 13.04
CA GLU A 208 12.77 18.78 11.97
C GLU A 208 12.82 17.76 10.83
N LEU A 209 13.02 16.50 11.20
CA LEU A 209 13.10 15.44 10.19
C LEU A 209 11.80 15.33 9.42
N ARG A 210 10.68 15.39 10.14
CA ARG A 210 9.36 15.31 9.52
C ARG A 210 9.17 16.49 8.58
N GLU A 211 9.57 17.68 9.03
CA GLU A 211 9.44 18.88 8.21
C GLU A 211 10.18 18.69 6.88
N ALA A 212 11.32 18.02 6.95
CA ALA A 212 12.11 17.76 5.74
C ALA A 212 11.42 16.70 4.91
N LEU A 213 11.55 15.44 5.32
CA LEU A 213 10.92 14.32 4.60
C LEU A 213 9.64 14.79 3.89
N ASN A 214 8.82 15.56 4.62
CA ASN A 214 7.60 16.10 4.04
C ASN A 214 7.92 17.06 2.90
N LYS A 215 8.89 17.95 3.13
CA LYS A 215 9.31 18.90 2.11
C LYS A 215 9.84 18.15 0.89
N ALA A 216 10.66 17.13 1.13
CA ALA A 216 11.22 16.33 0.04
C ALA A 216 10.11 15.65 -0.74
N PHE A 217 9.10 15.16 -0.02
CA PHE A 217 7.96 14.50 -0.67
C PHE A 217 7.25 15.47 -1.61
N ALA A 218 7.06 16.70 -1.14
CA ALA A 218 6.39 17.71 -1.95
C ALA A 218 7.18 18.00 -3.22
N GLU A 219 8.51 18.03 -3.08
CA GLU A 219 9.38 18.28 -4.23
C GLU A 219 9.25 17.14 -5.25
N MET A 220 9.19 15.91 -4.75
CA MET A 220 9.07 14.75 -5.62
C MET A 220 7.81 14.89 -6.47
N ARG A 221 6.75 15.42 -5.87
CA ARG A 221 5.51 15.62 -6.60
C ARG A 221 5.66 16.75 -7.63
N ALA A 222 6.40 17.79 -7.25
CA ALA A 222 6.62 18.93 -8.15
C ALA A 222 7.31 18.48 -9.43
N ASP A 223 8.34 17.66 -9.28
CA ASP A 223 9.09 17.16 -10.43
C ASP A 223 8.46 15.87 -10.95
N GLY A 224 7.38 15.44 -10.31
CA GLY A 224 6.68 14.24 -10.74
C GLY A 224 7.56 13.01 -10.54
N THR A 225 8.57 13.12 -9.68
CA THR A 225 9.47 12.01 -9.43
C THR A 225 8.69 10.81 -8.94
N TYR A 226 7.78 11.04 -7.97
CA TYR A 226 6.97 9.96 -7.44
C TYR A 226 6.08 9.37 -8.54
N GLU A 227 5.25 10.22 -9.13
CA GLU A 227 4.34 9.79 -10.19
C GLU A 227 5.13 9.12 -11.32
N LYS A 228 6.25 9.73 -11.68
CA LYS A 228 7.08 9.19 -12.76
C LYS A 228 7.51 7.76 -12.44
N LEU A 229 8.01 7.54 -11.23
CA LEU A 229 8.44 6.22 -10.82
C LEU A 229 7.27 5.25 -10.83
N ALA A 230 6.12 5.72 -10.35
CA ALA A 230 4.92 4.88 -10.32
C ALA A 230 4.55 4.41 -11.72
N LYS A 231 4.49 5.34 -12.66
CA LYS A 231 4.14 5.01 -14.03
C LYS A 231 5.12 3.99 -14.59
N LYS A 232 6.38 4.12 -14.21
CA LYS A 232 7.41 3.19 -14.69
C LYS A 232 7.23 1.80 -14.08
N TYR A 233 7.10 1.74 -12.77
CA TYR A 233 6.92 0.46 -12.08
C TYR A 233 5.62 -0.19 -12.53
N PHE A 234 4.55 0.59 -12.58
CA PHE A 234 3.26 0.08 -13.00
C PHE A 234 2.39 1.19 -13.57
N ASP A 235 1.44 0.83 -14.42
CA ASP A 235 0.54 1.81 -15.02
C ASP A 235 -0.78 1.88 -14.25
N PHE A 236 -0.92 2.90 -13.41
CA PHE A 236 -2.13 3.06 -12.62
C PHE A 236 -2.28 4.51 -12.18
N ASP A 237 -3.18 4.74 -11.22
CA ASP A 237 -3.41 6.09 -10.71
C ASP A 237 -3.19 6.15 -9.20
N VAL A 238 -2.11 6.82 -8.80
CA VAL A 238 -1.80 6.95 -7.38
C VAL A 238 -2.90 7.72 -6.65
N TYR A 239 -3.42 8.76 -7.30
CA TYR A 239 -4.47 9.57 -6.70
C TYR A 239 -5.69 8.70 -6.39
N GLY A 240 -6.04 7.83 -7.32
CA GLY A 240 -7.18 6.94 -7.13
C GLY A 240 -6.94 6.00 -5.94
N GLY A 241 -5.70 5.56 -5.78
CA GLY A 241 -5.35 4.66 -4.69
C GLY A 241 -6.07 3.32 -4.83
N ALA A 4 20.85 20.61 13.64
CA ALA A 4 21.72 19.68 12.89
C ALA A 4 21.04 18.32 12.78
N ILE A 5 20.94 17.81 11.58
CA ILE A 5 20.31 16.51 11.36
C ILE A 5 21.21 15.39 11.83
N PRO A 6 20.66 14.21 11.99
CA PRO A 6 21.44 13.01 12.44
C PRO A 6 22.56 12.64 11.46
N GLN A 7 23.68 12.19 12.01
CA GLN A 7 24.81 11.80 11.18
C GLN A 7 24.46 10.58 10.33
N ASN A 8 23.76 9.62 10.94
CA ASN A 8 23.37 8.40 10.24
C ASN A 8 21.94 8.03 10.58
N ILE A 9 21.18 7.58 9.58
CA ILE A 9 19.79 7.20 9.80
C ILE A 9 19.65 5.68 9.72
N ARG A 10 19.15 5.08 10.80
CA ARG A 10 18.96 3.63 10.84
C ARG A 10 17.52 3.29 10.45
N ILE A 11 17.37 2.54 9.36
CA ILE A 11 16.06 2.15 8.87
C ILE A 11 15.86 0.64 9.03
N GLY A 12 14.66 0.25 9.45
CA GLY A 12 14.35 -1.17 9.64
C GLY A 12 13.38 -1.64 8.57
N THR A 13 13.90 -2.42 7.62
CA THR A 13 13.07 -2.94 6.53
C THR A 13 13.26 -4.44 6.38
N ASP A 14 12.17 -5.19 6.54
CA ASP A 14 12.22 -6.64 6.41
C ASP A 14 11.41 -7.09 5.19
N PRO A 15 12.04 -7.24 4.06
CA PRO A 15 11.36 -7.69 2.82
C PRO A 15 10.62 -9.00 3.01
N THR A 16 9.39 -9.04 2.52
CA THR A 16 8.57 -10.25 2.63
C THR A 16 7.75 -10.48 1.37
N TYR A 17 7.58 -9.41 0.59
CA TYR A 17 6.82 -9.51 -0.65
C TYR A 17 7.64 -9.04 -1.83
N ALA A 18 8.21 -9.99 -2.56
CA ALA A 18 9.02 -9.66 -3.74
C ALA A 18 8.55 -8.35 -4.38
N PRO A 19 7.34 -8.31 -4.83
CA PRO A 19 6.77 -7.10 -5.49
C PRO A 19 7.01 -5.84 -4.66
N PHE A 20 6.86 -5.95 -3.35
CA PHE A 20 7.08 -4.81 -2.47
C PHE A 20 8.57 -4.56 -2.26
N GLU A 21 9.32 -5.64 -2.06
CA GLU A 21 10.76 -5.54 -1.81
C GLU A 21 11.48 -6.77 -2.33
N SER A 22 12.64 -7.05 -1.75
CA SER A 22 13.43 -8.20 -2.17
C SER A 22 14.87 -8.06 -1.70
N LYS A 23 15.69 -9.07 -1.99
CA LYS A 23 17.10 -9.04 -1.60
C LYS A 23 17.97 -9.54 -2.74
N ASN A 24 19.15 -8.93 -2.89
CA ASN A 24 20.08 -9.32 -3.94
C ASN A 24 21.12 -10.30 -3.41
N SER A 25 21.46 -11.29 -4.23
CA SER A 25 22.45 -12.30 -3.83
C SER A 25 23.82 -11.66 -3.65
N GLN A 26 24.01 -10.48 -4.24
CA GLN A 26 25.28 -9.78 -4.16
C GLN A 26 25.41 -9.10 -2.81
N GLY A 27 24.33 -9.13 -2.02
CA GLY A 27 24.35 -8.50 -0.69
C GLY A 27 23.66 -7.14 -0.73
N GLU A 28 23.31 -6.69 -1.94
CA GLU A 28 22.66 -5.41 -2.10
C GLU A 28 21.17 -5.52 -1.78
N LEU A 29 20.55 -4.39 -1.44
CA LEU A 29 19.12 -4.38 -1.11
C LEU A 29 18.34 -3.64 -2.18
N VAL A 30 17.23 -4.23 -2.61
CA VAL A 30 16.39 -3.61 -3.64
C VAL A 30 14.92 -3.68 -3.24
N GLY A 31 14.14 -2.71 -3.70
CA GLY A 31 12.72 -2.66 -3.40
C GLY A 31 12.15 -1.29 -3.73
N PHE A 32 10.86 -1.26 -4.05
CA PHE A 32 10.18 -0.01 -4.38
C PHE A 32 10.27 0.98 -3.23
N ASP A 33 10.08 0.48 -2.02
CA ASP A 33 10.13 1.33 -0.83
C ASP A 33 11.56 1.80 -0.56
N ILE A 34 12.52 1.01 -0.97
CA ILE A 34 13.93 1.34 -0.78
C ILE A 34 14.33 2.53 -1.66
N ASP A 35 13.83 2.55 -2.88
CA ASP A 35 14.16 3.62 -3.81
C ASP A 35 13.70 4.96 -3.24
N LEU A 36 12.55 4.95 -2.59
CA LEU A 36 12.03 6.18 -1.98
C LEU A 36 12.96 6.65 -0.87
N ALA A 37 13.39 5.70 -0.03
CA ALA A 37 14.27 6.05 1.09
C ALA A 37 15.54 6.71 0.58
N LYS A 38 16.15 6.12 -0.45
CA LYS A 38 17.38 6.67 -1.01
C LYS A 38 17.17 8.13 -1.40
N GLU A 39 16.15 8.39 -2.22
CA GLU A 39 15.88 9.75 -2.65
C GLU A 39 15.76 10.68 -1.43
N LEU A 40 15.14 10.16 -0.37
CA LEU A 40 15.00 10.94 0.86
C LEU A 40 16.35 11.15 1.53
N CYS A 41 17.17 10.10 1.55
CA CYS A 41 18.48 10.18 2.18
C CYS A 41 19.27 11.34 1.60
N LYS A 42 19.24 11.48 0.28
CA LYS A 42 19.95 12.58 -0.39
C LYS A 42 19.34 13.92 0.03
N ARG A 43 18.02 13.99 0.00
CA ARG A 43 17.32 15.22 0.38
C ARG A 43 17.65 15.59 1.82
N ILE A 44 17.66 14.59 2.68
CA ILE A 44 17.97 14.81 4.09
C ILE A 44 19.46 15.04 4.28
N ASN A 45 20.24 14.65 3.28
CA ASN A 45 21.69 14.81 3.35
C ASN A 45 22.26 14.00 4.51
N THR A 46 21.91 12.71 4.57
CA THR A 46 22.38 11.84 5.63
C THR A 46 22.59 10.42 5.13
N GLN A 47 23.19 9.58 5.96
CA GLN A 47 23.43 8.19 5.58
C GLN A 47 22.24 7.32 5.95
N CYS A 48 21.93 6.35 5.10
CA CYS A 48 20.79 5.46 5.35
C CYS A 48 21.28 4.02 5.50
N THR A 49 20.81 3.34 6.55
CA THR A 49 21.18 1.95 6.79
C THR A 49 19.94 1.10 7.00
N PHE A 50 19.85 0.01 6.25
CA PHE A 50 18.72 -0.90 6.36
C PHE A 50 19.03 -2.03 7.32
N VAL A 51 18.08 -2.34 8.20
CA VAL A 51 18.26 -3.43 9.16
C VAL A 51 17.06 -4.37 9.13
N GLU A 52 17.33 -5.66 8.98
CA GLU A 52 16.27 -6.66 8.95
C GLU A 52 15.56 -6.73 10.30
N ASN A 53 14.23 -6.82 10.25
CA ASN A 53 13.45 -6.90 11.46
C ASN A 53 11.95 -6.92 11.15
N PRO A 54 11.22 -7.84 11.73
CA PRO A 54 9.76 -7.96 11.49
C PRO A 54 8.97 -6.80 12.05
N LEU A 55 7.91 -6.40 11.35
CA LEU A 55 7.08 -5.30 11.80
C LEU A 55 6.87 -5.33 13.31
N ASP A 56 6.37 -6.44 13.81
CA ASP A 56 6.12 -6.59 15.24
C ASP A 56 7.34 -6.15 16.04
N ALA A 57 8.51 -6.24 15.43
CA ALA A 57 9.76 -5.85 16.10
C ALA A 57 10.14 -4.42 15.76
N LEU A 58 9.63 -3.92 14.65
CA LEU A 58 9.92 -2.56 14.25
C LEU A 58 9.40 -1.54 15.25
N ILE A 59 8.19 -1.77 15.74
CA ILE A 59 7.57 -0.86 16.70
C ILE A 59 8.42 -0.81 17.98
N PRO A 60 8.63 -1.95 18.58
CA PRO A 60 9.46 -2.06 19.81
C PRO A 60 10.87 -1.50 19.56
N SER A 61 11.43 -1.79 18.38
CA SER A 61 12.77 -1.33 18.05
C SER A 61 12.81 0.19 18.08
N LEU A 62 11.79 0.83 17.51
CA LEU A 62 11.74 2.28 17.49
C LEU A 62 11.74 2.82 18.91
N LYS A 63 10.94 2.20 19.78
CA LYS A 63 10.89 2.63 21.17
C LYS A 63 12.24 2.41 21.85
N ALA A 64 12.87 1.28 21.54
CA ALA A 64 14.17 0.95 22.12
C ALA A 64 15.28 1.75 21.46
N LYS A 65 14.89 2.72 20.65
CA LYS A 65 15.87 3.57 19.96
C LYS A 65 16.80 2.72 19.11
N LYS A 66 16.45 1.45 18.93
CA LYS A 66 17.25 0.55 18.12
C LYS A 66 17.28 1.02 16.68
N ILE A 67 16.17 1.57 16.21
CA ILE A 67 16.07 2.06 14.83
C ILE A 67 15.70 3.54 14.82
N ASP A 68 16.10 4.23 13.76
CA ASP A 68 15.82 5.66 13.63
C ASP A 68 14.52 5.89 12.87
N ALA A 69 14.12 4.92 12.09
CA ALA A 69 12.91 5.03 11.29
C ALA A 69 12.40 3.67 10.87
N ILE A 70 11.10 3.58 10.57
CA ILE A 70 10.50 2.32 10.16
C ILE A 70 10.00 2.43 8.73
N MET A 71 10.40 1.47 7.89
CA MET A 71 9.99 1.46 6.48
C MET A 71 9.47 0.08 6.10
N SER A 72 8.15 -0.02 5.94
CA SER A 72 7.52 -1.28 5.57
C SER A 72 6.14 -1.05 4.97
N SER A 73 5.47 -2.13 4.58
CA SER A 73 4.15 -2.03 3.98
C SER A 73 3.16 -1.48 5.00
N LEU A 74 3.54 -1.50 6.28
CA LEU A 74 2.67 -1.01 7.34
C LEU A 74 1.86 0.19 6.86
N SER A 75 0.54 0.09 6.98
CA SER A 75 -0.34 1.17 6.55
C SER A 75 -0.45 2.23 7.65
N ILE A 76 -0.79 3.45 7.25
CA ILE A 76 -0.93 4.55 8.21
C ILE A 76 -2.40 4.87 8.43
N THR A 77 -2.74 5.34 9.63
CA THR A 77 -4.11 5.68 9.95
C THR A 77 -4.15 6.81 10.97
N GLU A 78 -5.23 7.59 10.95
CA GLU A 78 -5.38 8.71 11.88
C GLU A 78 -5.12 8.24 13.31
N LYS A 79 -5.74 7.13 13.68
CA LYS A 79 -5.56 6.60 15.03
C LYS A 79 -4.09 6.39 15.34
N ARG A 80 -3.35 5.90 14.35
CA ARG A 80 -1.91 5.68 14.53
C ARG A 80 -1.16 6.99 14.65
N GLN A 81 -1.60 7.99 13.89
CA GLN A 81 -0.97 9.31 13.91
C GLN A 81 -1.00 9.87 15.33
N GLN A 82 -2.09 9.64 16.02
CA GLN A 82 -2.24 10.13 17.39
C GLN A 82 -1.14 9.55 18.28
N GLU A 83 -0.66 8.36 17.91
CA GLU A 83 0.39 7.69 18.69
C GLU A 83 1.76 8.22 18.29
N ILE A 84 2.04 8.23 16.98
CA ILE A 84 3.32 8.72 16.48
C ILE A 84 3.12 9.55 15.23
N ALA A 85 4.22 9.85 14.54
CA ALA A 85 4.15 10.65 13.33
C ALA A 85 4.39 9.79 12.09
N PHE A 86 3.75 10.15 10.99
CA PHE A 86 3.90 9.42 9.73
C PHE A 86 4.22 10.36 8.59
N THR A 87 4.95 9.85 7.60
CA THR A 87 5.32 10.67 6.45
C THR A 87 5.80 9.78 5.31
N ASP A 88 6.65 10.34 4.45
CA ASP A 88 7.19 9.59 3.33
C ASP A 88 6.10 8.76 2.66
N LYS A 89 4.84 9.14 2.89
CA LYS A 89 3.70 8.42 2.31
C LYS A 89 4.09 7.78 0.98
N LEU A 90 3.96 6.47 0.91
CA LEU A 90 4.34 5.75 -0.30
C LEU A 90 3.28 5.91 -1.38
N TYR A 91 2.12 5.31 -1.16
CA TYR A 91 1.03 5.39 -2.12
C TYR A 91 -0.32 5.32 -1.42
N ALA A 92 -1.38 5.66 -2.14
CA ALA A 92 -2.73 5.63 -1.59
C ALA A 92 -3.28 4.22 -1.64
N ALA A 93 -3.67 3.69 -0.48
CA ALA A 93 -4.22 2.33 -0.40
C ALA A 93 -5.73 2.37 -0.21
N ASP A 94 -6.44 2.80 -1.25
CA ASP A 94 -7.90 2.88 -1.19
C ASP A 94 -8.52 1.55 -1.57
N SER A 95 -9.06 1.47 -2.78
CA SER A 95 -9.69 0.25 -3.26
C SER A 95 -9.77 0.25 -4.78
N ARG A 96 -10.04 -0.92 -5.35
CA ARG A 96 -10.15 -1.05 -6.79
C ARG A 96 -11.04 -2.25 -7.15
N LEU A 97 -11.78 -2.13 -8.25
CA LEU A 97 -12.65 -3.20 -8.71
C LEU A 97 -12.00 -3.95 -9.86
N VAL A 98 -12.08 -5.28 -9.81
CA VAL A 98 -11.50 -6.11 -10.87
C VAL A 98 -12.58 -7.00 -11.49
N VAL A 99 -12.93 -6.71 -12.73
CA VAL A 99 -13.97 -7.48 -13.42
C VAL A 99 -13.53 -7.84 -14.84
N ALA A 100 -14.23 -8.78 -15.45
CA ALA A 100 -13.91 -9.20 -16.80
C ALA A 100 -14.64 -8.34 -17.84
N LYS A 101 -14.02 -8.16 -18.99
CA LYS A 101 -14.60 -7.35 -20.05
C LYS A 101 -15.99 -7.90 -20.42
N ASN A 102 -16.17 -9.20 -20.23
CA ASN A 102 -17.43 -9.84 -20.57
C ASN A 102 -18.57 -9.19 -19.77
N SER A 103 -18.32 -8.92 -18.49
CA SER A 103 -19.33 -8.30 -17.64
C SER A 103 -19.03 -6.81 -17.47
N ASP A 104 -19.98 -5.97 -17.85
CA ASP A 104 -19.81 -4.52 -17.74
C ASP A 104 -20.24 -4.04 -16.37
N ILE A 105 -19.26 -3.63 -15.57
CA ILE A 105 -19.53 -3.13 -14.22
C ILE A 105 -18.90 -1.77 -14.01
N GLN A 106 -19.70 -0.82 -13.52
CA GLN A 106 -19.20 0.53 -13.27
C GLN A 106 -19.09 0.79 -11.78
N PRO A 107 -18.22 1.69 -11.40
CA PRO A 107 -18.00 2.05 -9.96
C PRO A 107 -19.28 2.58 -9.32
N THR A 108 -20.04 1.68 -8.70
CA THR A 108 -21.28 2.08 -8.04
C THR A 108 -21.85 0.91 -7.23
N VAL A 109 -22.45 1.23 -6.09
CA VAL A 109 -23.05 0.22 -5.24
C VAL A 109 -24.26 -0.39 -5.92
N GLU A 110 -24.98 0.42 -6.68
CA GLU A 110 -26.18 -0.04 -7.36
C GLU A 110 -25.86 -1.21 -8.27
N SER A 111 -25.01 -0.97 -9.27
CA SER A 111 -24.64 -2.02 -10.21
C SER A 111 -24.06 -3.23 -9.48
N LEU A 112 -23.56 -3.00 -8.27
CA LEU A 112 -23.01 -4.07 -7.47
C LEU A 112 -24.10 -4.94 -6.86
N LYS A 113 -25.27 -4.35 -6.68
CA LYS A 113 -26.38 -5.08 -6.09
C LYS A 113 -26.66 -6.36 -6.87
N GLY A 114 -26.82 -7.47 -6.13
CA GLY A 114 -27.09 -8.76 -6.75
C GLY A 114 -25.79 -9.43 -7.21
N LYS A 115 -24.73 -8.65 -7.30
CA LYS A 115 -23.43 -9.17 -7.73
C LYS A 115 -22.67 -9.77 -6.56
N ARG A 116 -21.83 -10.76 -6.84
CA ARG A 116 -21.05 -11.41 -5.79
C ARG A 116 -19.66 -10.80 -5.71
N VAL A 117 -19.20 -10.55 -4.50
CA VAL A 117 -17.88 -9.95 -4.28
C VAL A 117 -17.07 -10.79 -3.30
N GLY A 118 -15.79 -11.00 -3.63
CA GLY A 118 -14.92 -11.78 -2.76
C GLY A 118 -13.94 -10.87 -2.01
N VAL A 119 -13.71 -11.18 -0.73
CA VAL A 119 -12.80 -10.38 0.09
C VAL A 119 -11.83 -11.29 0.82
N LEU A 120 -10.73 -10.71 1.30
CA LEU A 120 -9.73 -11.47 2.03
C LEU A 120 -10.01 -11.41 3.53
N GLN A 121 -10.25 -12.58 4.13
CA GLN A 121 -10.52 -12.64 5.56
C GLN A 121 -9.44 -11.92 6.35
N GLY A 122 -9.78 -11.51 7.56
CA GLY A 122 -8.82 -10.81 8.42
C GLY A 122 -8.45 -9.45 7.84
N THR A 123 -9.47 -8.67 7.49
CA THR A 123 -9.24 -7.35 6.90
C THR A 123 -10.37 -6.40 7.27
N THR A 124 -10.16 -5.11 7.01
CA THR A 124 -11.18 -4.11 7.30
C THR A 124 -12.32 -4.19 6.29
N GLN A 125 -12.02 -4.69 5.10
CA GLN A 125 -13.01 -4.80 4.05
C GLN A 125 -14.16 -5.71 4.50
N GLU A 126 -13.81 -6.93 4.89
CA GLU A 126 -14.83 -7.88 5.32
C GLU A 126 -15.62 -7.31 6.49
N THR A 127 -14.93 -6.88 7.54
CA THR A 127 -15.59 -6.33 8.72
C THR A 127 -16.40 -5.10 8.33
N PHE A 128 -15.76 -4.16 7.65
CA PHE A 128 -16.43 -2.94 7.22
C PHE A 128 -17.58 -3.27 6.27
N GLY A 129 -17.32 -4.17 5.32
CA GLY A 129 -18.32 -4.55 4.35
C GLY A 129 -19.52 -5.19 5.01
N ASN A 130 -19.27 -6.08 5.97
CA ASN A 130 -20.35 -6.75 6.68
C ASN A 130 -21.41 -5.76 7.10
N GLU A 131 -21.08 -4.47 7.04
CA GLU A 131 -22.02 -3.42 7.42
C GLU A 131 -22.19 -2.42 6.29
N HIS A 132 -21.11 -2.17 5.55
CA HIS A 132 -21.16 -1.20 4.46
C HIS A 132 -21.91 -1.77 3.26
N TRP A 133 -21.52 -2.97 2.84
CA TRP A 133 -22.15 -3.61 1.68
C TRP A 133 -23.20 -4.62 2.12
N ALA A 134 -23.56 -4.59 3.39
CA ALA A 134 -24.56 -5.50 3.93
C ALA A 134 -25.96 -4.97 3.67
N PRO A 135 -26.25 -3.77 4.11
CA PRO A 135 -27.57 -3.14 3.93
C PRO A 135 -27.84 -2.73 2.48
N LYS A 136 -26.79 -2.79 1.67
CA LYS A 136 -26.92 -2.41 0.27
C LYS A 136 -27.47 -3.56 -0.55
N GLY A 137 -27.59 -4.73 0.07
CA GLY A 137 -28.11 -5.90 -0.62
C GLY A 137 -27.06 -6.52 -1.52
N ILE A 138 -25.80 -6.44 -1.09
CA ILE A 138 -24.68 -7.01 -1.87
C ILE A 138 -24.13 -8.25 -1.17
N GLU A 139 -23.84 -9.28 -1.96
CA GLU A 139 -23.29 -10.51 -1.41
C GLU A 139 -21.77 -10.43 -1.33
N ILE A 140 -21.23 -10.75 -0.16
CA ILE A 140 -19.77 -10.71 0.05
C ILE A 140 -19.27 -12.05 0.60
N VAL A 141 -18.13 -12.49 0.10
CA VAL A 141 -17.54 -13.75 0.56
C VAL A 141 -16.11 -13.52 1.01
N SER A 142 -15.78 -14.04 2.19
CA SER A 142 -14.43 -13.88 2.74
C SER A 142 -13.59 -15.12 2.46
N TYR A 143 -12.38 -14.91 1.94
CA TYR A 143 -11.48 -16.02 1.63
C TYR A 143 -10.28 -15.99 2.56
N GLN A 144 -9.64 -17.14 2.73
CA GLN A 144 -8.47 -17.24 3.60
C GLN A 144 -7.20 -17.39 2.78
N GLY A 145 -7.33 -17.28 1.46
CA GLY A 145 -6.18 -17.41 0.56
C GLY A 145 -6.12 -16.26 -0.42
N GLN A 146 -4.95 -15.65 -0.54
CA GLN A 146 -4.76 -14.53 -1.46
C GLN A 146 -4.92 -15.00 -2.90
N ASP A 147 -4.27 -16.11 -3.24
CA ASP A 147 -4.33 -16.65 -4.58
C ASP A 147 -5.71 -17.21 -4.87
N ASN A 148 -6.43 -17.57 -3.81
CA ASN A 148 -7.77 -18.12 -3.96
C ASN A 148 -8.72 -17.08 -4.54
N ILE A 149 -8.52 -15.82 -4.15
CA ILE A 149 -9.37 -14.74 -4.65
C ILE A 149 -9.18 -14.53 -6.15
N TYR A 150 -7.92 -14.46 -6.58
CA TYR A 150 -7.61 -14.27 -7.98
C TYR A 150 -8.10 -15.45 -8.80
N SER A 151 -7.98 -16.65 -8.23
CA SER A 151 -8.41 -17.85 -8.94
C SER A 151 -9.91 -17.79 -9.22
N ASP A 152 -10.67 -17.31 -8.23
CA ASP A 152 -12.12 -17.19 -8.42
C ASP A 152 -12.42 -16.18 -9.51
N LEU A 153 -11.73 -15.04 -9.48
CA LEU A 153 -11.96 -14.01 -10.49
C LEU A 153 -11.71 -14.57 -11.88
N THR A 154 -10.57 -15.25 -12.04
CA THR A 154 -10.23 -15.82 -13.33
C THR A 154 -11.25 -16.89 -13.72
N ALA A 155 -11.94 -17.44 -12.72
CA ALA A 155 -12.95 -18.47 -12.97
C ALA A 155 -14.32 -17.83 -13.19
N GLY A 156 -14.46 -16.58 -12.75
CA GLY A 156 -15.73 -15.87 -12.90
C GLY A 156 -16.66 -16.16 -11.72
N ARG A 157 -16.11 -16.78 -10.68
CA ARG A 157 -16.89 -17.10 -9.49
C ARG A 157 -17.26 -15.83 -8.73
N ILE A 158 -16.53 -14.76 -9.01
CA ILE A 158 -16.79 -13.46 -8.35
C ILE A 158 -16.96 -12.37 -9.39
N ASP A 159 -17.94 -11.50 -9.17
CA ASP A 159 -18.19 -10.41 -10.09
C ASP A 159 -17.12 -9.32 -9.97
N ALA A 160 -16.54 -9.21 -8.78
CA ALA A 160 -15.51 -8.22 -8.55
C ALA A 160 -14.92 -8.37 -7.14
N ALA A 161 -13.68 -7.90 -6.97
CA ALA A 161 -13.03 -7.97 -5.66
C ALA A 161 -12.48 -6.61 -5.27
N PHE A 162 -12.66 -6.24 -4.01
CA PHE A 162 -12.17 -4.94 -3.54
C PHE A 162 -10.72 -5.05 -3.11
N GLN A 163 -9.83 -4.54 -3.96
CA GLN A 163 -8.39 -4.57 -3.66
C GLN A 163 -7.76 -3.21 -3.93
N ASP A 164 -6.56 -3.01 -3.41
CA ASP A 164 -5.84 -1.75 -3.62
C ASP A 164 -5.34 -1.65 -5.05
N GLU A 165 -5.20 -0.42 -5.54
CA GLU A 165 -4.71 -0.19 -6.89
C GLU A 165 -3.27 -0.64 -7.05
N VAL A 166 -2.39 -0.14 -6.19
CA VAL A 166 -0.98 -0.49 -6.27
C VAL A 166 -0.80 -1.99 -6.08
N ALA A 167 -1.42 -2.55 -5.05
CA ALA A 167 -1.31 -3.97 -4.80
C ALA A 167 -1.87 -4.77 -5.97
N ALA A 168 -2.97 -4.29 -6.54
CA ALA A 168 -3.60 -4.96 -7.66
C ALA A 168 -2.67 -4.98 -8.86
N SER A 169 -2.35 -3.80 -9.39
CA SER A 169 -1.47 -3.71 -10.54
C SER A 169 -0.11 -4.33 -10.25
N GLU A 170 0.46 -3.98 -9.10
CA GLU A 170 1.76 -4.51 -8.71
C GLU A 170 1.77 -6.01 -8.86
N GLY A 171 0.65 -6.65 -8.52
CA GLY A 171 0.56 -8.11 -8.61
C GLY A 171 -0.37 -8.53 -9.74
N PHE A 172 -1.65 -8.22 -9.61
CA PHE A 172 -2.65 -8.58 -10.60
C PHE A 172 -2.10 -8.40 -12.02
N LEU A 173 -1.92 -7.16 -12.42
CA LEU A 173 -1.42 -6.85 -13.76
C LEU A 173 -0.04 -7.44 -13.95
N LYS A 174 0.79 -7.34 -12.93
CA LYS A 174 2.15 -7.86 -13.00
C LYS A 174 2.14 -9.35 -13.28
N GLN A 175 0.95 -9.94 -13.33
CA GLN A 175 0.83 -11.36 -13.58
C GLN A 175 -0.06 -11.62 -14.81
N PRO A 176 0.29 -12.60 -15.61
CA PRO A 176 -0.50 -12.96 -16.82
C PRO A 176 -2.00 -12.98 -16.54
N VAL A 177 -2.37 -13.03 -15.28
CA VAL A 177 -3.77 -13.06 -14.89
C VAL A 177 -4.49 -11.80 -15.35
N GLY A 178 -3.83 -10.66 -15.16
CA GLY A 178 -4.42 -9.38 -15.54
C GLY A 178 -4.71 -9.33 -17.04
N LYS A 179 -3.85 -9.99 -17.82
CA LYS A 179 -4.01 -10.01 -19.26
C LYS A 179 -5.35 -10.63 -19.64
N ASP A 180 -5.71 -11.71 -18.95
CA ASP A 180 -6.97 -12.38 -19.22
C ASP A 180 -8.15 -11.48 -18.85
N TYR A 181 -7.97 -10.68 -17.80
CA TYR A 181 -9.03 -9.78 -17.36
C TYR A 181 -8.44 -8.62 -16.57
N LYS A 182 -9.04 -7.44 -16.73
CA LYS A 182 -8.57 -6.25 -16.03
C LYS A 182 -9.46 -5.05 -16.33
N PHE A 183 -10.37 -4.74 -15.42
CA PHE A 183 -11.28 -3.62 -15.61
C PHE A 183 -11.85 -3.15 -14.27
N GLY A 184 -12.47 -1.99 -14.27
CA GLY A 184 -13.07 -1.45 -13.06
C GLY A 184 -12.02 -0.75 -12.20
N GLY A 185 -11.35 0.23 -12.77
CA GLY A 185 -10.33 0.96 -12.06
C GLY A 185 -10.85 1.48 -10.71
N PRO A 186 -10.89 2.78 -10.53
CA PRO A 186 -11.39 3.38 -9.25
C PRO A 186 -12.74 2.80 -8.84
N SER A 187 -12.86 2.49 -7.56
CA SER A 187 -14.10 1.91 -7.04
C SER A 187 -14.65 2.73 -5.87
N VAL A 188 -14.54 2.17 -4.67
CA VAL A 188 -15.04 2.86 -3.48
C VAL A 188 -14.50 2.19 -2.24
N LYS A 189 -14.61 2.88 -1.09
CA LYS A 189 -14.16 2.34 0.19
C LYS A 189 -13.80 3.48 1.14
N ASP A 190 -13.84 3.18 2.43
CA ASP A 190 -13.51 4.18 3.45
C ASP A 190 -11.99 4.24 3.62
N GLU A 191 -11.41 5.41 3.33
CA GLU A 191 -9.97 5.60 3.44
C GLU A 191 -9.54 5.64 4.91
N LYS A 192 -10.49 5.90 5.78
CA LYS A 192 -10.21 5.98 7.20
C LYS A 192 -9.73 4.63 7.73
N LEU A 193 -10.23 3.56 7.14
CA LEU A 193 -9.87 2.23 7.58
C LEU A 193 -8.38 1.99 7.44
N PHE A 194 -7.82 2.41 6.30
CA PHE A 194 -6.38 2.26 6.05
C PHE A 194 -5.71 3.62 5.97
N GLY A 195 -6.45 4.67 6.30
CA GLY A 195 -5.92 6.02 6.25
C GLY A 195 -5.74 6.48 4.80
N VAL A 196 -4.84 7.41 4.59
CA VAL A 196 -4.57 7.93 3.25
C VAL A 196 -3.87 6.88 2.40
N GLY A 197 -3.18 5.96 3.07
CA GLY A 197 -2.44 4.91 2.36
C GLY A 197 -1.38 4.30 3.26
N THR A 198 -0.13 4.30 2.78
CA THR A 198 0.99 3.75 3.54
C THR A 198 2.16 4.72 3.55
N GLY A 199 3.05 4.55 4.53
CA GLY A 199 4.20 5.43 4.65
C GLY A 199 5.16 4.91 5.71
N MET A 200 6.07 5.79 6.16
CA MET A 200 7.04 5.40 7.19
C MET A 200 6.58 5.85 8.57
N GLY A 201 6.77 4.99 9.56
CA GLY A 201 6.35 5.31 10.92
C GLY A 201 7.46 6.02 11.69
N LEU A 202 7.22 7.29 12.01
CA LEU A 202 8.20 8.09 12.73
C LEU A 202 7.58 8.68 14.00
N ARG A 203 8.42 9.05 14.95
CA ARG A 203 7.94 9.63 16.20
C ARG A 203 7.73 11.13 16.06
N LYS A 204 6.78 11.67 16.81
CA LYS A 204 6.49 13.10 16.74
C LYS A 204 7.75 13.91 16.93
N GLU A 205 8.53 13.58 17.96
CA GLU A 205 9.78 14.29 18.23
C GLU A 205 10.50 14.65 16.92
N ASP A 206 10.23 13.87 15.87
CA ASP A 206 10.84 14.12 14.57
C ASP A 206 10.26 15.37 13.94
N ASN A 207 10.26 16.47 14.68
CA ASN A 207 9.73 17.72 14.17
C ASN A 207 10.54 18.23 12.98
N GLU A 208 11.87 18.20 13.13
CA GLU A 208 12.76 18.66 12.06
C GLU A 208 12.81 17.65 10.92
N LEU A 209 12.99 16.38 11.28
CA LEU A 209 13.07 15.33 10.28
C LEU A 209 11.75 15.24 9.50
N ARG A 210 10.64 15.30 10.22
CA ARG A 210 9.33 15.24 9.59
C ARG A 210 9.15 16.43 8.64
N GLU A 211 9.57 17.60 9.10
CA GLU A 211 9.45 18.81 8.28
C GLU A 211 10.19 18.61 6.95
N ALA A 212 11.32 17.91 7.01
CA ALA A 212 12.10 17.64 5.80
C ALA A 212 11.39 16.58 4.97
N LEU A 213 11.49 15.32 5.39
CA LEU A 213 10.83 14.22 4.66
C LEU A 213 9.57 14.72 3.96
N ASN A 214 8.77 15.50 4.69
CA ASN A 214 7.56 16.07 4.11
C ASN A 214 7.91 17.04 2.96
N LYS A 215 8.89 17.90 3.19
CA LYS A 215 9.33 18.85 2.18
C LYS A 215 9.86 18.09 0.96
N ALA A 216 10.66 17.06 1.22
CA ALA A 216 11.23 16.25 0.12
C ALA A 216 10.11 15.58 -0.67
N PHE A 217 9.08 15.11 0.04
CA PHE A 217 7.94 14.47 -0.61
C PHE A 217 7.25 15.45 -1.55
N ALA A 218 7.08 16.68 -1.09
CA ALA A 218 6.42 17.71 -1.90
C ALA A 218 7.24 17.98 -3.17
N GLU A 219 8.56 17.99 -3.02
CA GLU A 219 9.45 18.21 -4.16
C GLU A 219 9.28 17.10 -5.18
N MET A 220 9.21 15.86 -4.69
CA MET A 220 9.08 14.70 -5.56
C MET A 220 7.82 14.86 -6.42
N ARG A 221 6.77 15.40 -5.82
CA ARG A 221 5.52 15.62 -6.55
C ARG A 221 5.70 16.74 -7.57
N ALA A 222 6.44 17.78 -7.19
CA ALA A 222 6.67 18.92 -8.07
C ALA A 222 7.37 18.48 -9.35
N ASP A 223 8.39 17.63 -9.20
CA ASP A 223 9.13 17.12 -10.36
C ASP A 223 8.49 15.84 -10.89
N GLY A 224 7.40 15.43 -10.26
CA GLY A 224 6.68 14.24 -10.69
C GLY A 224 7.55 13.00 -10.50
N THR A 225 8.57 13.11 -9.66
CA THR A 225 9.46 11.99 -9.40
C THR A 225 8.67 10.78 -8.91
N TYR A 226 7.77 11.02 -7.96
CA TYR A 226 6.96 9.94 -7.42
C TYR A 226 6.05 9.36 -8.51
N GLU A 227 5.23 10.21 -9.10
CA GLU A 227 4.32 9.77 -10.15
C GLU A 227 5.09 9.13 -11.29
N LYS A 228 6.22 9.73 -11.65
CA LYS A 228 7.04 9.19 -12.73
C LYS A 228 7.46 7.76 -12.44
N LEU A 229 7.97 7.54 -11.23
CA LEU A 229 8.40 6.20 -10.83
C LEU A 229 7.22 5.24 -10.84
N ALA A 230 6.08 5.72 -10.35
CA ALA A 230 4.88 4.88 -10.30
C ALA A 230 4.50 4.40 -11.70
N LYS A 231 4.44 5.33 -12.64
CA LYS A 231 4.08 5.00 -14.02
C LYS A 231 5.07 3.99 -14.59
N LYS A 232 6.33 4.11 -14.20
CA LYS A 232 7.36 3.19 -14.68
C LYS A 232 7.19 1.80 -14.07
N TYR A 233 7.07 1.75 -12.75
CA TYR A 233 6.91 0.48 -12.06
C TYR A 233 5.61 -0.19 -12.50
N PHE A 234 4.54 0.59 -12.56
CA PHE A 234 3.24 0.07 -12.96
C PHE A 234 2.38 1.16 -13.56
N ASP A 235 1.44 0.78 -14.41
CA ASP A 235 0.54 1.75 -15.04
C ASP A 235 -0.78 1.83 -14.28
N PHE A 236 -0.87 2.80 -13.38
CA PHE A 236 -2.09 2.99 -12.59
C PHE A 236 -2.23 4.44 -12.17
N ASP A 237 -3.14 4.69 -11.23
CA ASP A 237 -3.36 6.06 -10.73
C ASP A 237 -3.16 6.12 -9.22
N VAL A 238 -2.09 6.79 -8.81
CA VAL A 238 -1.80 6.94 -7.38
C VAL A 238 -2.90 7.72 -6.68
N TYR A 239 -3.39 8.77 -7.35
CA TYR A 239 -4.44 9.60 -6.78
C TYR A 239 -5.65 8.75 -6.43
N GLY A 240 -6.03 7.85 -7.34
CA GLY A 240 -7.17 6.98 -7.12
C GLY A 240 -6.92 6.05 -5.93
N GLY A 241 -5.68 5.59 -5.78
CA GLY A 241 -5.32 4.70 -4.70
C GLY A 241 -6.07 3.37 -4.80
N ALA A 4 21.08 20.52 13.77
CA ALA A 4 21.94 19.58 13.01
C ALA A 4 21.24 18.23 12.90
N ILE A 5 21.09 17.75 11.67
CA ILE A 5 20.43 16.48 11.44
C ILE A 5 21.31 15.32 11.92
N PRO A 6 20.72 14.16 12.06
CA PRO A 6 21.45 12.94 12.52
C PRO A 6 22.58 12.56 11.56
N GLN A 7 23.69 12.08 12.12
CA GLN A 7 24.82 11.66 11.30
C GLN A 7 24.47 10.45 10.46
N ASN A 8 23.75 9.51 11.07
CA ASN A 8 23.34 8.29 10.37
C ASN A 8 21.90 7.94 10.71
N ILE A 9 21.16 7.46 9.70
CA ILE A 9 19.76 7.09 9.91
C ILE A 9 19.60 5.57 9.84
N ARG A 10 18.97 5.01 10.87
CA ARG A 10 18.75 3.57 10.92
C ARG A 10 17.31 3.24 10.55
N ILE A 11 17.15 2.48 9.47
CA ILE A 11 15.82 2.09 9.00
C ILE A 11 15.63 0.58 9.11
N GLY A 12 14.43 0.16 9.49
CA GLY A 12 14.12 -1.26 9.61
C GLY A 12 13.16 -1.71 8.54
N THR A 13 13.67 -2.45 7.57
CA THR A 13 12.83 -2.94 6.46
C THR A 13 13.00 -4.44 6.29
N ASP A 14 11.89 -5.18 6.41
CA ASP A 14 11.90 -6.62 6.25
C ASP A 14 11.13 -7.02 4.99
N PRO A 15 11.79 -7.18 3.88
CA PRO A 15 11.16 -7.57 2.60
C PRO A 15 10.33 -8.86 2.75
N THR A 16 9.13 -8.85 2.19
CA THR A 16 8.26 -10.02 2.27
C THR A 16 7.60 -10.27 0.92
N TYR A 17 7.58 -9.25 0.07
CA TYR A 17 6.97 -9.37 -1.25
C TYR A 17 7.96 -8.99 -2.34
N ALA A 18 8.59 -10.00 -2.93
CA ALA A 18 9.55 -9.76 -4.02
C ALA A 18 9.19 -8.50 -4.80
N PRO A 19 8.04 -8.48 -5.41
CA PRO A 19 7.58 -7.32 -6.22
C PRO A 19 7.72 -6.00 -5.47
N PHE A 20 7.38 -6.01 -4.19
CA PHE A 20 7.48 -4.80 -3.37
C PHE A 20 8.92 -4.55 -2.96
N GLU A 21 9.61 -5.61 -2.56
CA GLU A 21 10.99 -5.50 -2.11
C GLU A 21 11.79 -6.74 -2.47
N SER A 22 12.91 -6.95 -1.80
CA SER A 22 13.77 -8.11 -2.08
C SER A 22 15.19 -7.83 -1.62
N LYS A 23 16.08 -8.81 -1.84
CA LYS A 23 17.47 -8.66 -1.46
C LYS A 23 18.39 -9.14 -2.58
N ASN A 24 19.49 -8.42 -2.79
CA ASN A 24 20.44 -8.78 -3.83
C ASN A 24 21.50 -9.73 -3.28
N SER A 25 21.89 -10.70 -4.10
CA SER A 25 22.91 -11.67 -3.69
C SER A 25 24.26 -10.98 -3.50
N GLN A 26 24.40 -9.80 -4.08
CA GLN A 26 25.64 -9.05 -3.97
C GLN A 26 25.74 -8.36 -2.62
N GLY A 27 24.66 -8.44 -1.84
CA GLY A 27 24.62 -7.81 -0.52
C GLY A 27 23.84 -6.50 -0.56
N GLU A 28 23.53 -6.05 -1.77
CA GLU A 28 22.78 -4.81 -1.94
C GLU A 28 21.30 -5.04 -1.69
N LEU A 29 20.56 -3.95 -1.47
CA LEU A 29 19.12 -4.05 -1.21
C LEU A 29 18.34 -3.32 -2.30
N VAL A 30 17.26 -3.94 -2.75
CA VAL A 30 16.42 -3.35 -3.80
C VAL A 30 14.95 -3.43 -3.41
N GLY A 31 14.16 -2.48 -3.89
CA GLY A 31 12.74 -2.45 -3.59
C GLY A 31 12.15 -1.08 -3.88
N PHE A 32 10.85 -1.04 -4.17
CA PHE A 32 10.17 0.21 -4.46
C PHE A 32 10.26 1.16 -3.26
N ASP A 33 10.08 0.60 -2.07
CA ASP A 33 10.12 1.40 -0.85
C ASP A 33 11.55 1.87 -0.55
N ILE A 34 12.52 1.06 -0.93
CA ILE A 34 13.92 1.39 -0.71
C ILE A 34 14.33 2.58 -1.59
N ASP A 35 13.85 2.58 -2.82
CA ASP A 35 14.19 3.64 -3.76
C ASP A 35 13.74 4.99 -3.21
N LEU A 36 12.58 5.01 -2.57
CA LEU A 36 12.07 6.23 -1.98
C LEU A 36 12.97 6.70 -0.85
N ALA A 37 13.39 5.77 -0.01
CA ALA A 37 14.25 6.10 1.12
C ALA A 37 15.54 6.75 0.63
N LYS A 38 16.14 6.15 -0.40
CA LYS A 38 17.38 6.69 -0.94
C LYS A 38 17.20 8.15 -1.33
N GLU A 39 16.19 8.41 -2.15
CA GLU A 39 15.93 9.79 -2.59
C GLU A 39 15.82 10.71 -1.38
N LEU A 40 15.18 10.21 -0.32
CA LEU A 40 15.03 10.98 0.90
C LEU A 40 16.38 11.17 1.59
N CYS A 41 17.18 10.12 1.64
CA CYS A 41 18.48 10.18 2.28
C CYS A 41 19.29 11.33 1.70
N LYS A 42 19.27 11.47 0.38
CA LYS A 42 19.99 12.56 -0.27
C LYS A 42 19.42 13.91 0.14
N ARG A 43 18.09 14.02 0.11
CA ARG A 43 17.43 15.26 0.48
C ARG A 43 17.75 15.60 1.94
N ILE A 44 17.74 14.59 2.79
CA ILE A 44 18.06 14.79 4.20
C ILE A 44 19.56 14.99 4.40
N ASN A 45 20.34 14.59 3.39
CA ASN A 45 21.79 14.71 3.48
C ASN A 45 22.34 13.91 4.64
N THR A 46 21.97 12.62 4.68
CA THR A 46 22.42 11.74 5.76
C THR A 46 22.60 10.31 5.25
N GLN A 47 23.19 9.46 6.09
CA GLN A 47 23.40 8.07 5.71
C GLN A 47 22.19 7.23 6.08
N CYS A 48 21.85 6.27 5.23
CA CYS A 48 20.70 5.40 5.48
C CYS A 48 21.15 3.95 5.61
N THR A 49 20.67 3.29 6.67
CA THR A 49 21.01 1.88 6.90
C THR A 49 19.74 1.05 7.09
N PHE A 50 19.63 -0.02 6.31
CA PHE A 50 18.46 -0.89 6.41
C PHE A 50 18.75 -2.08 7.33
N VAL A 51 17.79 -2.42 8.18
CA VAL A 51 17.94 -3.54 9.10
C VAL A 51 16.73 -4.47 9.03
N GLU A 52 16.98 -5.75 8.86
CA GLU A 52 15.90 -6.73 8.78
C GLU A 52 15.21 -6.87 10.13
N ASN A 53 13.89 -6.96 10.11
CA ASN A 53 13.13 -7.10 11.34
C ASN A 53 11.62 -7.10 11.05
N PRO A 54 10.89 -8.00 11.65
CA PRO A 54 9.41 -8.10 11.45
C PRO A 54 8.66 -6.91 12.02
N LEU A 55 7.61 -6.49 11.32
CA LEU A 55 6.80 -5.37 11.78
C LEU A 55 6.62 -5.40 13.30
N ASP A 56 6.10 -6.53 13.80
CA ASP A 56 5.87 -6.67 15.23
C ASP A 56 7.10 -6.25 16.02
N ALA A 57 8.27 -6.35 15.40
CA ALA A 57 9.52 -5.99 16.06
C ALA A 57 9.91 -4.55 15.74
N LEU A 58 9.39 -4.03 14.64
CA LEU A 58 9.70 -2.67 14.23
C LEU A 58 9.19 -1.67 15.25
N ILE A 59 7.98 -1.89 15.73
CA ILE A 59 7.37 -0.96 16.69
C ILE A 59 8.20 -0.93 17.97
N PRO A 60 8.43 -2.07 18.58
CA PRO A 60 9.27 -2.18 19.79
C PRO A 60 10.67 -1.60 19.54
N SER A 61 11.23 -1.90 18.38
CA SER A 61 12.56 -1.41 18.04
C SER A 61 12.59 0.11 18.07
N LEU A 62 11.57 0.72 17.49
CA LEU A 62 11.48 2.17 17.47
C LEU A 62 11.48 2.73 18.89
N LYS A 63 10.69 2.09 19.75
CA LYS A 63 10.63 2.52 21.15
C LYS A 63 11.98 2.31 21.83
N ALA A 64 12.62 1.18 21.53
CA ALA A 64 13.91 0.86 22.14
C ALA A 64 15.02 1.67 21.47
N LYS A 65 14.63 2.66 20.67
CA LYS A 65 15.60 3.51 20.00
C LYS A 65 16.56 2.67 19.15
N LYS A 66 16.21 1.40 18.97
CA LYS A 66 17.03 0.51 18.17
C LYS A 66 17.07 0.97 16.72
N ILE A 67 15.97 1.56 16.26
CA ILE A 67 15.89 2.06 14.89
C ILE A 67 15.52 3.53 14.87
N ASP A 68 15.90 4.22 13.80
CA ASP A 68 15.62 5.65 13.69
C ASP A 68 14.30 5.88 12.96
N ALA A 69 13.86 4.88 12.21
CA ALA A 69 12.62 4.98 11.46
C ALA A 69 12.14 3.61 11.01
N ILE A 70 10.86 3.51 10.68
CA ILE A 70 10.28 2.24 10.22
C ILE A 70 9.80 2.36 8.78
N MET A 71 10.25 1.44 7.94
CA MET A 71 9.86 1.44 6.53
C MET A 71 9.34 0.07 6.12
N SER A 72 8.03 -0.04 5.93
CA SER A 72 7.42 -1.30 5.54
C SER A 72 6.02 -1.08 4.98
N SER A 73 5.34 -2.17 4.64
CA SER A 73 4.00 -2.08 4.09
C SER A 73 3.04 -1.49 5.11
N LEU A 74 3.48 -1.46 6.37
CA LEU A 74 2.64 -0.91 7.44
C LEU A 74 1.86 0.30 6.95
N SER A 75 0.54 0.23 7.07
CA SER A 75 -0.32 1.33 6.64
C SER A 75 -0.41 2.41 7.71
N ILE A 76 -0.73 3.63 7.31
CA ILE A 76 -0.84 4.73 8.25
C ILE A 76 -2.30 5.08 8.48
N THR A 77 -2.62 5.57 9.68
CA THR A 77 -3.98 5.94 10.01
C THR A 77 -4.00 7.06 11.05
N GLU A 78 -5.06 7.86 11.03
CA GLU A 78 -5.18 8.96 11.98
C GLU A 78 -4.92 8.49 13.41
N LYS A 79 -5.55 7.39 13.78
CA LYS A 79 -5.38 6.84 15.12
C LYS A 79 -3.91 6.59 15.42
N ARG A 80 -3.18 6.10 14.43
CA ARG A 80 -1.76 5.84 14.59
C ARG A 80 -0.97 7.15 14.70
N GLN A 81 -1.40 8.16 13.95
CA GLN A 81 -0.74 9.46 13.99
C GLN A 81 -0.75 10.01 15.41
N GLN A 82 -1.86 9.78 16.11
CA GLN A 82 -1.98 10.27 17.49
C GLN A 82 -0.88 9.66 18.36
N GLU A 83 -0.41 8.47 17.98
CA GLU A 83 0.64 7.79 18.74
C GLU A 83 2.02 8.33 18.34
N ILE A 84 2.29 8.34 17.03
CA ILE A 84 3.57 8.82 16.52
C ILE A 84 3.36 9.66 15.28
N ALA A 85 4.45 9.95 14.57
CA ALA A 85 4.38 10.75 13.35
C ALA A 85 4.58 9.87 12.12
N PHE A 86 3.91 10.24 11.03
CA PHE A 86 4.04 9.50 9.77
C PHE A 86 4.32 10.45 8.61
N THR A 87 5.02 9.93 7.61
CA THR A 87 5.36 10.73 6.44
C THR A 87 5.84 9.84 5.29
N ASP A 88 6.71 10.39 4.45
CA ASP A 88 7.24 9.63 3.32
C ASP A 88 6.14 8.83 2.65
N LYS A 89 4.89 9.23 2.86
CA LYS A 89 3.74 8.55 2.28
C LYS A 89 4.13 7.88 0.96
N LEU A 90 3.98 6.56 0.89
CA LEU A 90 4.34 5.83 -0.30
C LEU A 90 3.27 5.95 -1.37
N TYR A 91 2.14 5.31 -1.14
CA TYR A 91 1.04 5.35 -2.09
C TYR A 91 -0.31 5.25 -1.38
N ALA A 92 -1.38 5.59 -2.09
CA ALA A 92 -2.71 5.53 -1.52
C ALA A 92 -3.25 4.10 -1.55
N ALA A 93 -3.68 3.60 -0.39
CA ALA A 93 -4.20 2.25 -0.29
C ALA A 93 -5.72 2.28 -0.13
N ASP A 94 -6.42 2.70 -1.17
CA ASP A 94 -7.87 2.77 -1.13
C ASP A 94 -8.47 1.42 -1.51
N SER A 95 -9.02 1.34 -2.72
CA SER A 95 -9.64 0.11 -3.20
C SER A 95 -9.72 0.12 -4.73
N ARG A 96 -10.01 -1.05 -5.28
CA ARG A 96 -10.14 -1.18 -6.73
C ARG A 96 -11.05 -2.35 -7.09
N LEU A 97 -11.78 -2.22 -8.19
CA LEU A 97 -12.66 -3.29 -8.66
C LEU A 97 -12.03 -4.04 -9.82
N VAL A 98 -12.12 -5.37 -9.77
CA VAL A 98 -11.56 -6.21 -10.83
C VAL A 98 -12.66 -7.07 -11.44
N VAL A 99 -13.00 -6.80 -12.69
CA VAL A 99 -14.05 -7.55 -13.38
C VAL A 99 -13.61 -7.91 -14.79
N ALA A 100 -14.31 -8.86 -15.40
CA ALA A 100 -14.00 -9.29 -16.76
C ALA A 100 -14.72 -8.43 -17.78
N LYS A 101 -14.10 -8.25 -18.94
CA LYS A 101 -14.70 -7.44 -19.99
C LYS A 101 -16.07 -7.98 -20.36
N ASN A 102 -16.26 -9.28 -20.17
CA ASN A 102 -17.54 -9.92 -20.50
C ASN A 102 -18.67 -9.26 -19.70
N SER A 103 -18.42 -8.99 -18.42
CA SER A 103 -19.42 -8.35 -17.57
C SER A 103 -19.11 -6.86 -17.41
N ASP A 104 -20.06 -6.02 -17.79
CA ASP A 104 -19.87 -4.58 -17.69
C ASP A 104 -20.29 -4.09 -16.31
N ILE A 105 -19.31 -3.69 -15.50
CA ILE A 105 -19.58 -3.20 -14.15
C ILE A 105 -18.93 -1.84 -13.95
N GLN A 106 -19.71 -0.88 -13.45
CA GLN A 106 -19.19 0.46 -13.20
C GLN A 106 -19.08 0.73 -11.70
N PRO A 107 -18.21 1.61 -11.32
CA PRO A 107 -18.00 1.97 -9.88
C PRO A 107 -19.27 2.53 -9.24
N THR A 108 -20.03 1.63 -8.62
CA THR A 108 -21.27 2.04 -7.97
C THR A 108 -21.85 0.89 -7.14
N VAL A 109 -22.47 1.24 -6.01
CA VAL A 109 -23.07 0.23 -5.16
C VAL A 109 -24.29 -0.37 -5.83
N GLU A 110 -25.00 0.45 -6.59
CA GLU A 110 -26.21 -0.01 -7.27
C GLU A 110 -25.90 -1.19 -8.19
N SER A 111 -25.05 -0.96 -9.17
CA SER A 111 -24.69 -2.02 -10.12
C SER A 111 -24.12 -3.23 -9.38
N LEU A 112 -23.62 -2.99 -8.16
CA LEU A 112 -23.06 -4.07 -7.36
C LEU A 112 -24.17 -4.92 -6.74
N LYS A 113 -25.33 -4.33 -6.56
CA LYS A 113 -26.45 -5.04 -5.96
C LYS A 113 -26.73 -6.33 -6.74
N GLY A 114 -26.91 -7.42 -6.00
CA GLY A 114 -27.19 -8.71 -6.64
C GLY A 114 -25.91 -9.39 -7.10
N LYS A 115 -24.83 -8.61 -7.19
CA LYS A 115 -23.55 -9.15 -7.64
C LYS A 115 -22.80 -9.76 -6.47
N ARG A 116 -21.96 -10.75 -6.77
CA ARG A 116 -21.17 -11.42 -5.73
C ARG A 116 -19.78 -10.81 -5.65
N VAL A 117 -19.32 -10.56 -4.43
CA VAL A 117 -17.99 -9.97 -4.23
C VAL A 117 -17.17 -10.82 -3.27
N GLY A 118 -15.91 -11.04 -3.60
CA GLY A 118 -15.01 -11.83 -2.77
C GLY A 118 -14.02 -10.94 -2.03
N VAL A 119 -13.79 -11.26 -0.76
CA VAL A 119 -12.86 -10.47 0.06
C VAL A 119 -11.89 -11.39 0.79
N LEU A 120 -10.79 -10.83 1.25
CA LEU A 120 -9.79 -11.60 1.97
C LEU A 120 -10.04 -11.54 3.47
N GLN A 121 -10.28 -12.71 4.08
CA GLN A 121 -10.54 -12.78 5.51
C GLN A 121 -9.46 -12.04 6.29
N GLY A 122 -9.78 -11.62 7.51
CA GLY A 122 -8.82 -10.92 8.35
C GLY A 122 -8.45 -9.58 7.74
N THR A 123 -9.45 -8.79 7.38
CA THR A 123 -9.22 -7.47 6.79
C THR A 123 -10.33 -6.51 7.16
N THR A 124 -10.11 -5.22 6.91
CA THR A 124 -11.09 -4.20 7.22
C THR A 124 -12.26 -4.29 6.24
N GLN A 125 -11.98 -4.74 5.02
CA GLN A 125 -13.01 -4.84 4.00
C GLN A 125 -14.14 -5.76 4.47
N GLU A 126 -13.78 -6.97 4.86
CA GLU A 126 -14.78 -7.93 5.33
C GLU A 126 -15.56 -7.35 6.50
N THR A 127 -14.85 -6.93 7.55
CA THR A 127 -15.51 -6.38 8.72
C THR A 127 -16.31 -5.14 8.35
N PHE A 128 -15.66 -4.20 7.68
CA PHE A 128 -16.33 -2.98 7.26
C PHE A 128 -17.49 -3.30 6.31
N GLY A 129 -17.23 -4.19 5.37
CA GLY A 129 -18.26 -4.56 4.39
C GLY A 129 -19.46 -5.19 5.07
N ASN A 130 -19.20 -6.09 6.02
CA ASN A 130 -20.27 -6.76 6.74
C ASN A 130 -21.34 -5.75 7.18
N GLU A 131 -21.00 -4.47 7.11
CA GLU A 131 -21.93 -3.41 7.50
C GLU A 131 -22.10 -2.40 6.36
N HIS A 132 -21.03 -2.17 5.62
CA HIS A 132 -21.08 -1.20 4.53
C HIS A 132 -21.85 -1.75 3.33
N TRP A 133 -21.48 -2.96 2.90
CA TRP A 133 -22.12 -3.59 1.76
C TRP A 133 -23.16 -4.60 2.20
N ALA A 134 -23.52 -4.57 3.47
CA ALA A 134 -24.51 -5.48 4.02
C ALA A 134 -25.92 -4.94 3.78
N PRO A 135 -26.19 -3.74 4.22
CA PRO A 135 -27.52 -3.10 4.06
C PRO A 135 -27.79 -2.68 2.62
N LYS A 136 -26.76 -2.75 1.79
CA LYS A 136 -26.89 -2.37 0.38
C LYS A 136 -27.47 -3.52 -0.43
N GLY A 137 -27.58 -4.68 0.20
CA GLY A 137 -28.12 -5.85 -0.49
C GLY A 137 -27.07 -6.48 -1.40
N ILE A 138 -25.81 -6.42 -0.97
CA ILE A 138 -24.71 -6.99 -1.76
C ILE A 138 -24.16 -8.24 -1.06
N GLU A 139 -23.88 -9.27 -1.84
CA GLU A 139 -23.34 -10.51 -1.30
C GLU A 139 -21.83 -10.45 -1.23
N ILE A 140 -21.27 -10.78 -0.07
CA ILE A 140 -19.82 -10.75 0.12
C ILE A 140 -19.32 -12.09 0.67
N VAL A 141 -18.19 -12.54 0.16
CA VAL A 141 -17.61 -13.81 0.60
C VAL A 141 -16.17 -13.60 1.05
N SER A 142 -15.84 -14.14 2.22
CA SER A 142 -14.49 -14.00 2.76
C SER A 142 -13.64 -15.23 2.45
N TYR A 143 -12.46 -15.01 1.90
CA TYR A 143 -11.55 -16.11 1.56
C TYR A 143 -10.35 -16.10 2.46
N GLN A 144 -9.70 -17.25 2.62
CA GLN A 144 -8.52 -17.37 3.47
C GLN A 144 -7.26 -17.54 2.62
N GLY A 145 -7.42 -17.41 1.32
CA GLY A 145 -6.28 -17.55 0.40
C GLY A 145 -6.21 -16.39 -0.59
N GLN A 146 -5.03 -15.79 -0.70
CA GLN A 146 -4.85 -14.67 -1.62
C GLN A 146 -5.01 -15.12 -3.06
N ASP A 147 -4.38 -16.24 -3.40
CA ASP A 147 -4.47 -16.79 -4.75
C ASP A 147 -5.86 -17.33 -5.04
N ASN A 148 -6.57 -17.69 -3.97
CA ASN A 148 -7.91 -18.22 -4.10
C ASN A 148 -8.86 -17.17 -4.68
N ILE A 149 -8.65 -15.92 -4.30
CA ILE A 149 -9.49 -14.83 -4.78
C ILE A 149 -9.30 -14.61 -6.28
N TYR A 150 -8.05 -14.57 -6.72
CA TYR A 150 -7.74 -14.36 -8.13
C TYR A 150 -8.26 -15.54 -8.94
N SER A 151 -8.15 -16.75 -8.39
CA SER A 151 -8.59 -17.94 -9.08
C SER A 151 -10.09 -17.86 -9.35
N ASP A 152 -10.84 -17.39 -8.36
CA ASP A 152 -12.29 -17.26 -8.51
C ASP A 152 -12.61 -16.24 -9.59
N LEU A 153 -11.91 -15.11 -9.56
CA LEU A 153 -12.14 -14.06 -10.54
C LEU A 153 -11.91 -14.60 -11.94
N THR A 154 -10.79 -15.28 -12.13
CA THR A 154 -10.46 -15.85 -13.43
C THR A 154 -11.49 -16.91 -13.82
N ALA A 155 -12.17 -17.45 -12.82
CA ALA A 155 -13.19 -18.48 -13.06
C ALA A 155 -14.55 -17.84 -13.25
N GLY A 156 -14.69 -16.60 -12.81
CA GLY A 156 -15.95 -15.88 -12.94
C GLY A 156 -16.87 -16.16 -11.76
N ARG A 157 -16.32 -16.80 -10.73
CA ARG A 157 -17.10 -17.14 -9.54
C ARG A 157 -17.44 -15.87 -8.76
N ILE A 158 -16.71 -14.79 -9.03
CA ILE A 158 -16.96 -13.52 -8.36
C ILE A 158 -17.11 -12.39 -9.38
N ASP A 159 -18.08 -11.52 -9.14
CA ASP A 159 -18.33 -10.41 -10.06
C ASP A 159 -17.25 -9.36 -9.93
N ALA A 160 -16.67 -9.24 -8.74
CA ALA A 160 -15.63 -8.25 -8.50
C ALA A 160 -15.04 -8.41 -7.10
N ALA A 161 -13.81 -7.97 -6.92
CA ALA A 161 -13.16 -8.05 -5.61
C ALA A 161 -12.58 -6.70 -5.22
N PHE A 162 -12.74 -6.34 -3.96
CA PHE A 162 -12.23 -5.05 -3.48
C PHE A 162 -10.77 -5.18 -3.06
N GLN A 163 -9.88 -4.71 -3.91
CA GLN A 163 -8.44 -4.77 -3.62
C GLN A 163 -7.78 -3.42 -3.89
N ASP A 164 -6.58 -3.24 -3.37
CA ASP A 164 -5.84 -2.00 -3.57
C ASP A 164 -5.32 -1.89 -4.99
N GLU A 165 -5.15 -0.67 -5.47
CA GLU A 165 -4.66 -0.44 -6.82
C GLU A 165 -3.22 -0.92 -6.97
N VAL A 166 -2.35 -0.42 -6.10
CA VAL A 166 -0.94 -0.79 -6.16
C VAL A 166 -0.78 -2.31 -5.99
N ALA A 167 -1.42 -2.85 -4.97
CA ALA A 167 -1.33 -4.28 -4.71
C ALA A 167 -1.88 -5.07 -5.89
N ALA A 168 -2.96 -4.57 -6.49
CA ALA A 168 -3.56 -5.24 -7.63
C ALA A 168 -2.59 -5.29 -8.80
N SER A 169 -2.21 -4.11 -9.30
CA SER A 169 -1.29 -4.03 -10.42
C SER A 169 0.03 -4.73 -10.07
N GLU A 170 0.54 -4.43 -8.89
CA GLU A 170 1.79 -5.04 -8.44
C GLU A 170 1.79 -6.52 -8.71
N GLY A 171 0.65 -7.16 -8.47
CA GLY A 171 0.54 -8.61 -8.69
C GLY A 171 -0.41 -8.92 -9.85
N PHE A 172 -1.66 -8.53 -9.71
CA PHE A 172 -2.67 -8.80 -10.73
C PHE A 172 -2.10 -8.59 -12.12
N LEU A 173 -1.87 -7.33 -12.47
CA LEU A 173 -1.34 -7.00 -13.79
C LEU A 173 0.04 -7.60 -13.98
N LYS A 174 0.87 -7.54 -12.94
CA LYS A 174 2.22 -8.06 -13.01
C LYS A 174 2.19 -9.55 -13.33
N GLN A 175 0.98 -10.11 -13.42
CA GLN A 175 0.83 -11.53 -13.71
C GLN A 175 -0.08 -11.73 -14.93
N PRO A 176 0.23 -12.69 -15.76
CA PRO A 176 -0.59 -13.01 -16.97
C PRO A 176 -2.09 -13.01 -16.67
N VAL A 177 -2.42 -13.05 -15.38
CA VAL A 177 -3.82 -13.07 -14.97
C VAL A 177 -4.52 -11.80 -15.40
N GLY A 178 -3.85 -10.67 -15.22
CA GLY A 178 -4.44 -9.38 -15.59
C GLY A 178 -4.73 -9.31 -17.08
N LYS A 179 -3.90 -9.97 -17.88
CA LYS A 179 -4.08 -9.97 -19.32
C LYS A 179 -5.42 -10.60 -19.69
N ASP A 180 -5.78 -11.68 -19.00
CA ASP A 180 -7.03 -12.35 -19.27
C ASP A 180 -8.21 -11.46 -18.88
N TYR A 181 -8.03 -10.66 -17.83
CA TYR A 181 -9.08 -9.77 -17.37
C TYR A 181 -8.50 -8.60 -16.59
N LYS A 182 -9.08 -7.41 -16.78
CA LYS A 182 -8.61 -6.22 -16.08
C LYS A 182 -9.52 -5.03 -16.37
N PHE A 183 -10.42 -4.74 -15.44
CA PHE A 183 -11.34 -3.63 -15.62
C PHE A 183 -11.89 -3.18 -14.27
N GLY A 184 -12.53 -2.01 -14.25
CA GLY A 184 -13.11 -1.48 -13.02
C GLY A 184 -12.05 -0.81 -12.17
N GLY A 185 -11.35 0.16 -12.74
CA GLY A 185 -10.31 0.87 -12.03
C GLY A 185 -10.82 1.39 -10.68
N PRO A 186 -10.85 2.69 -10.50
CA PRO A 186 -11.34 3.31 -9.23
C PRO A 186 -12.70 2.75 -8.81
N SER A 187 -12.81 2.43 -7.53
CA SER A 187 -14.06 1.86 -6.99
C SER A 187 -14.60 2.70 -5.84
N VAL A 188 -14.51 2.16 -4.64
CA VAL A 188 -15.00 2.87 -3.46
C VAL A 188 -14.47 2.22 -2.21
N LYS A 189 -14.57 2.92 -1.07
CA LYS A 189 -14.11 2.41 0.21
C LYS A 189 -13.74 3.55 1.16
N ASP A 190 -13.81 3.28 2.45
CA ASP A 190 -13.45 4.28 3.45
C ASP A 190 -11.94 4.34 3.64
N GLU A 191 -11.35 5.50 3.35
CA GLU A 191 -9.91 5.66 3.49
C GLU A 191 -9.49 5.69 4.95
N LYS A 192 -10.47 5.90 5.83
CA LYS A 192 -10.19 5.95 7.25
C LYS A 192 -9.69 4.60 7.76
N LEU A 193 -10.17 3.53 7.13
CA LEU A 193 -9.79 2.18 7.55
C LEU A 193 -8.29 1.99 7.41
N PHE A 194 -7.73 2.43 6.29
CA PHE A 194 -6.29 2.31 6.05
C PHE A 194 -5.64 3.69 5.99
N GLY A 195 -6.40 4.72 6.34
CA GLY A 195 -5.89 6.08 6.32
C GLY A 195 -5.71 6.56 4.88
N VAL A 196 -4.80 7.51 4.69
CA VAL A 196 -4.52 8.04 3.36
C VAL A 196 -3.81 7.01 2.51
N GLY A 197 -3.10 6.09 3.16
CA GLY A 197 -2.36 5.06 2.45
C GLY A 197 -1.29 4.44 3.34
N THR A 198 -0.06 4.43 2.84
CA THR A 198 1.06 3.86 3.62
C THR A 198 2.25 4.82 3.61
N GLY A 199 3.15 4.64 4.57
CA GLY A 199 4.32 5.50 4.68
C GLY A 199 5.27 4.98 5.74
N MET A 200 6.18 5.84 6.20
CA MET A 200 7.15 5.46 7.22
C MET A 200 6.70 5.93 8.60
N GLY A 201 6.90 5.09 9.61
CA GLY A 201 6.50 5.42 10.97
C GLY A 201 7.61 6.16 11.70
N LEU A 202 7.38 7.45 11.94
CA LEU A 202 8.37 8.28 12.63
C LEU A 202 7.79 8.81 13.94
N ARG A 203 8.66 9.20 14.86
CA ARG A 203 8.22 9.72 16.15
C ARG A 203 7.96 11.23 16.06
N LYS A 204 7.00 11.71 16.84
CA LYS A 204 6.66 13.13 16.82
C LYS A 204 7.91 13.99 16.98
N GLU A 205 8.74 13.66 17.96
CA GLU A 205 9.96 14.41 18.21
C GLU A 205 10.65 14.76 16.89
N ASP A 206 10.35 14.00 15.85
CA ASP A 206 10.95 14.23 14.54
C ASP A 206 10.36 15.48 13.90
N ASN A 207 10.37 16.59 14.65
CA ASN A 207 9.83 17.84 14.14
C ASN A 207 10.64 18.35 12.94
N GLU A 208 11.96 18.32 13.09
CA GLU A 208 12.84 18.78 12.02
C GLU A 208 12.89 17.77 10.88
N LEU A 209 13.06 16.50 11.24
CA LEU A 209 13.15 15.45 10.24
C LEU A 209 11.83 15.36 9.46
N ARG A 210 10.73 15.41 10.18
CA ARG A 210 9.42 15.34 9.56
C ARG A 210 9.22 16.53 8.61
N GLU A 211 9.63 17.71 9.06
CA GLU A 211 9.50 18.91 8.24
C GLU A 211 10.24 18.72 6.93
N ALA A 212 11.39 18.04 6.99
CA ALA A 212 12.17 17.78 5.78
C ALA A 212 11.48 16.71 4.95
N LEU A 213 11.61 15.46 5.35
CA LEU A 213 10.97 14.35 4.63
C LEU A 213 9.71 14.82 3.93
N ASN A 214 8.89 15.60 4.64
CA ASN A 214 7.67 16.15 4.05
C ASN A 214 8.00 17.10 2.91
N LYS A 215 8.98 17.98 3.13
CA LYS A 215 9.40 18.92 2.11
C LYS A 215 9.93 18.16 0.90
N ALA A 216 10.73 17.13 1.15
CA ALA A 216 11.29 16.32 0.07
C ALA A 216 10.17 15.64 -0.72
N PHE A 217 9.14 15.19 -0.01
CA PHE A 217 8.01 14.54 -0.65
C PHE A 217 7.31 15.52 -1.61
N ALA A 218 7.13 16.75 -1.15
CA ALA A 218 6.49 17.78 -1.97
C ALA A 218 7.30 18.03 -3.23
N GLU A 219 8.63 18.03 -3.09
CA GLU A 219 9.50 18.26 -4.23
C GLU A 219 9.35 17.12 -5.24
N MET A 220 9.28 15.89 -4.73
CA MET A 220 9.13 14.73 -5.60
C MET A 220 7.89 14.88 -6.47
N ARG A 221 6.83 15.43 -5.87
CA ARG A 221 5.58 15.66 -6.61
C ARG A 221 5.77 16.76 -7.64
N ALA A 222 6.52 17.80 -7.26
CA ALA A 222 6.75 18.92 -8.17
C ALA A 222 7.44 18.46 -9.45
N ASP A 223 8.47 17.62 -9.28
CA ASP A 223 9.19 17.09 -10.44
C ASP A 223 8.55 15.80 -10.94
N GLY A 224 7.47 15.39 -10.29
CA GLY A 224 6.75 14.19 -10.70
C GLY A 224 7.61 12.95 -10.49
N THR A 225 8.63 13.07 -9.64
CA THR A 225 9.52 11.94 -9.39
C THR A 225 8.72 10.74 -8.88
N TYR A 226 7.82 10.99 -7.93
CA TYR A 226 7.00 9.92 -7.40
C TYR A 226 6.10 9.34 -8.48
N GLU A 227 5.28 10.20 -9.09
CA GLU A 227 4.38 9.75 -10.15
C GLU A 227 5.15 9.09 -11.28
N LYS A 228 6.29 9.69 -11.65
CA LYS A 228 7.10 9.15 -12.73
C LYS A 228 7.54 7.72 -12.40
N LEU A 229 8.06 7.52 -11.21
CA LEU A 229 8.49 6.19 -10.78
C LEU A 229 7.31 5.23 -10.77
N ALA A 230 6.18 5.70 -10.27
CA ALA A 230 4.98 4.86 -10.20
C ALA A 230 4.60 4.35 -11.58
N LYS A 231 4.51 5.26 -12.54
CA LYS A 231 4.14 4.90 -13.90
C LYS A 231 5.13 3.89 -14.48
N LYS A 232 6.40 4.03 -14.10
CA LYS A 232 7.43 3.12 -14.58
C LYS A 232 7.28 1.74 -13.96
N TYR A 233 7.20 1.69 -12.63
CA TYR A 233 7.07 0.42 -11.94
C TYR A 233 5.76 -0.26 -12.33
N PHE A 234 4.68 0.52 -12.37
CA PHE A 234 3.37 -0.02 -12.72
C PHE A 234 2.51 1.05 -13.37
N ASP A 235 1.58 0.64 -14.22
CA ASP A 235 0.69 1.58 -14.89
C ASP A 235 -0.65 1.66 -14.15
N PHE A 236 -0.77 2.63 -13.25
CA PHE A 236 -2.01 2.80 -12.49
C PHE A 236 -2.17 4.25 -12.06
N ASP A 237 -3.07 4.49 -11.12
CA ASP A 237 -3.33 5.84 -10.62
C ASP A 237 -3.11 5.91 -9.12
N VAL A 238 -2.04 6.57 -8.71
CA VAL A 238 -1.73 6.70 -7.29
C VAL A 238 -2.82 7.50 -6.59
N TYR A 239 -3.31 8.55 -7.24
CA TYR A 239 -4.35 9.39 -6.66
C TYR A 239 -5.58 8.55 -6.33
N GLY A 240 -5.95 7.66 -7.24
CA GLY A 240 -7.11 6.78 -7.01
C GLY A 240 -6.87 5.86 -5.83
N GLY A 241 -5.63 5.39 -5.69
CA GLY A 241 -5.29 4.49 -4.58
C GLY A 241 -6.01 3.16 -4.71
N ALA A 4 20.93 20.66 13.43
CA ALA A 4 21.78 19.71 12.66
C ALA A 4 21.10 18.35 12.58
N ILE A 5 20.97 17.83 11.37
CA ILE A 5 20.33 16.55 11.18
C ILE A 5 21.23 15.41 11.67
N PRO A 6 20.68 14.25 11.84
CA PRO A 6 21.44 13.05 12.31
C PRO A 6 22.56 12.67 11.34
N GLN A 7 23.67 12.22 11.90
CA GLN A 7 24.81 11.81 11.07
C GLN A 7 24.45 10.58 10.26
N ASN A 8 23.76 9.64 10.88
CA ASN A 8 23.36 8.41 10.20
C ASN A 8 21.93 8.04 10.55
N ILE A 9 21.17 7.59 9.55
CA ILE A 9 19.78 7.21 9.77
C ILE A 9 19.62 5.69 9.70
N ARG A 10 19.13 5.09 10.78
CA ARG A 10 18.92 3.65 10.82
C ARG A 10 17.49 3.32 10.43
N ILE A 11 17.35 2.55 9.34
CA ILE A 11 16.02 2.17 8.85
C ILE A 11 15.82 0.67 9.02
N GLY A 12 14.61 0.28 9.45
CA GLY A 12 14.29 -1.13 9.64
C GLY A 12 13.33 -1.61 8.57
N THR A 13 13.85 -2.38 7.61
CA THR A 13 13.01 -2.90 6.52
C THR A 13 13.19 -4.40 6.38
N ASP A 14 12.09 -5.14 6.53
CA ASP A 14 12.13 -6.59 6.41
C ASP A 14 11.32 -7.04 5.20
N PRO A 15 11.96 -7.19 4.06
CA PRO A 15 11.27 -7.62 2.81
C PRO A 15 10.51 -8.94 3.00
N THR A 16 9.28 -8.97 2.51
CA THR A 16 8.46 -10.18 2.63
C THR A 16 7.64 -10.40 1.37
N TYR A 17 7.48 -9.34 0.58
CA TYR A 17 6.72 -9.43 -0.67
C TYR A 17 7.56 -8.98 -1.84
N ALA A 18 8.13 -9.94 -2.56
CA ALA A 18 8.95 -9.63 -3.74
C ALA A 18 8.51 -8.33 -4.39
N PRO A 19 7.30 -8.28 -4.85
CA PRO A 19 6.74 -7.07 -5.52
C PRO A 19 6.99 -5.79 -4.71
N PHE A 20 6.83 -5.89 -3.40
CA PHE A 20 7.03 -4.74 -2.54
C PHE A 20 8.53 -4.51 -2.30
N GLU A 21 9.25 -5.60 -2.07
CA GLU A 21 10.69 -5.51 -1.81
C GLU A 21 11.42 -6.74 -2.30
N SER A 22 12.55 -7.05 -1.68
CA SER A 22 13.33 -8.22 -2.08
C SER A 22 14.76 -8.10 -1.57
N LYS A 23 15.56 -9.13 -1.82
CA LYS A 23 16.96 -9.13 -1.39
C LYS A 23 17.87 -9.62 -2.50
N ASN A 24 19.06 -9.05 -2.59
CA ASN A 24 20.02 -9.44 -3.62
C ASN A 24 21.00 -10.48 -3.07
N SER A 25 21.23 -11.53 -3.85
CA SER A 25 22.16 -12.58 -3.44
C SER A 25 23.58 -12.03 -3.33
N GLN A 26 23.82 -10.90 -3.97
CA GLN A 26 25.14 -10.27 -3.93
C GLN A 26 25.35 -9.55 -2.61
N GLY A 27 24.30 -9.50 -1.79
CA GLY A 27 24.39 -8.82 -0.50
C GLY A 27 23.76 -7.44 -0.56
N GLU A 28 23.40 -7.01 -1.77
CA GLU A 28 22.78 -5.70 -1.95
C GLU A 28 21.29 -5.77 -1.62
N LEU A 29 20.70 -4.62 -1.33
CA LEU A 29 19.28 -4.54 -1.00
C LEU A 29 18.51 -3.81 -2.09
N VAL A 30 17.41 -4.42 -2.54
CA VAL A 30 16.58 -3.80 -3.58
C VAL A 30 15.11 -3.87 -3.21
N GLY A 31 14.34 -2.90 -3.70
CA GLY A 31 12.91 -2.85 -3.40
C GLY A 31 12.33 -1.49 -3.76
N PHE A 32 11.05 -1.47 -4.11
CA PHE A 32 10.39 -0.23 -4.47
C PHE A 32 10.45 0.77 -3.32
N ASP A 33 10.23 0.28 -2.11
CA ASP A 33 10.26 1.13 -0.93
C ASP A 33 11.69 1.62 -0.63
N ILE A 34 12.66 0.82 -1.02
CA ILE A 34 14.06 1.16 -0.81
C ILE A 34 14.46 2.35 -1.69
N ASP A 35 13.99 2.34 -2.92
CA ASP A 35 14.32 3.41 -3.86
C ASP A 35 13.84 4.75 -3.31
N LEU A 36 12.69 4.75 -2.66
CA LEU A 36 12.15 5.97 -2.09
C LEU A 36 13.08 6.48 -0.98
N ALA A 37 13.51 5.56 -0.12
CA ALA A 37 14.38 5.92 1.00
C ALA A 37 15.64 6.60 0.47
N LYS A 38 16.27 5.99 -0.53
CA LYS A 38 17.49 6.55 -1.10
C LYS A 38 17.26 8.00 -1.51
N GLU A 39 16.24 8.23 -2.34
CA GLU A 39 15.93 9.59 -2.79
C GLU A 39 15.81 10.53 -1.59
N LEU A 40 15.18 10.03 -0.52
CA LEU A 40 15.03 10.82 0.69
C LEU A 40 16.38 11.04 1.37
N CYS A 41 17.19 9.99 1.42
CA CYS A 41 18.50 10.07 2.05
C CYS A 41 19.29 11.25 1.48
N LYS A 42 19.28 11.38 0.15
CA LYS A 42 19.98 12.47 -0.51
C LYS A 42 19.36 13.81 -0.11
N ARG A 43 18.04 13.88 -0.16
CA ARG A 43 17.33 15.11 0.21
C ARG A 43 17.65 15.49 1.66
N ILE A 44 17.65 14.49 2.53
CA ILE A 44 17.95 14.73 3.93
C ILE A 44 19.45 14.96 4.14
N ASN A 45 20.24 14.57 3.14
CA ASN A 45 21.69 14.72 3.22
C ASN A 45 22.25 13.93 4.40
N THR A 46 21.91 12.65 4.46
CA THR A 46 22.38 11.78 5.54
C THR A 46 22.59 10.35 5.04
N GLN A 47 23.18 9.52 5.89
CA GLN A 47 23.43 8.13 5.54
C GLN A 47 22.22 7.27 5.91
N CYS A 48 21.91 6.29 5.06
CA CYS A 48 20.79 5.40 5.31
C CYS A 48 21.27 3.97 5.48
N THR A 49 20.79 3.32 6.54
CA THR A 49 21.17 1.93 6.80
C THR A 49 19.94 1.07 7.01
N PHE A 50 19.85 -0.03 6.26
CA PHE A 50 18.69 -0.92 6.36
C PHE A 50 18.99 -2.05 7.33
N VAL A 51 18.03 -2.35 8.21
CA VAL A 51 18.21 -3.42 9.19
C VAL A 51 17.00 -4.37 9.15
N GLU A 52 17.27 -5.65 9.01
CA GLU A 52 16.21 -6.64 8.97
C GLU A 52 15.49 -6.71 10.31
N ASN A 53 14.16 -6.81 10.26
CA ASN A 53 13.36 -6.88 11.47
C ASN A 53 11.87 -6.88 11.14
N PRO A 54 11.13 -7.80 11.70
CA PRO A 54 9.66 -7.91 11.45
C PRO A 54 8.88 -6.74 12.01
N LEU A 55 7.82 -6.35 11.31
CA LEU A 55 6.99 -5.24 11.75
C LEU A 55 6.79 -5.27 13.27
N ASP A 56 6.27 -6.38 13.76
CA ASP A 56 6.03 -6.53 15.19
C ASP A 56 7.24 -6.11 16.00
N ALA A 57 8.42 -6.21 15.40
CA ALA A 57 9.66 -5.84 16.08
C ALA A 57 10.06 -4.41 15.74
N LEU A 58 9.55 -3.90 14.64
CA LEU A 58 9.85 -2.54 14.24
C LEU A 58 9.33 -1.52 15.25
N ILE A 59 8.12 -1.75 15.73
CA ILE A 59 7.51 -0.84 16.69
C ILE A 59 8.34 -0.80 17.97
N PRO A 60 8.55 -1.94 18.57
CA PRO A 60 9.38 -2.07 19.79
C PRO A 60 10.79 -1.51 19.56
N SER A 61 11.35 -1.81 18.37
CA SER A 61 12.69 -1.34 18.04
C SER A 61 12.74 0.19 18.09
N LEU A 62 11.72 0.82 17.52
CA LEU A 62 11.68 2.28 17.50
C LEU A 62 11.67 2.82 18.92
N LYS A 63 10.88 2.20 19.79
CA LYS A 63 10.82 2.62 21.18
C LYS A 63 12.18 2.39 21.87
N ALA A 64 12.81 1.27 21.56
CA ALA A 64 14.10 0.93 22.15
C ALA A 64 15.21 1.74 21.47
N LYS A 65 14.82 2.71 20.66
CA LYS A 65 15.80 3.55 19.97
C LYS A 65 16.74 2.70 19.12
N LYS A 66 16.38 1.43 18.95
CA LYS A 66 17.19 0.53 18.14
C LYS A 66 17.22 0.99 16.69
N ILE A 67 16.11 1.55 16.22
CA ILE A 67 16.02 2.04 14.85
C ILE A 67 15.67 3.52 14.84
N ASP A 68 16.07 4.21 13.78
CA ASP A 68 15.80 5.64 13.66
C ASP A 68 14.53 5.89 12.88
N ALA A 69 14.12 4.92 12.09
CA ALA A 69 12.91 5.05 11.28
C ALA A 69 12.39 3.69 10.86
N ILE A 70 11.09 3.61 10.57
CA ILE A 70 10.48 2.36 10.14
C ILE A 70 9.98 2.48 8.71
N MET A 71 10.37 1.52 7.87
CA MET A 71 9.95 1.51 6.47
C MET A 71 9.42 0.14 6.08
N SER A 72 8.10 0.05 5.92
CA SER A 72 7.47 -1.22 5.55
C SER A 72 6.09 -0.97 4.95
N SER A 73 5.43 -2.05 4.54
CA SER A 73 4.10 -1.94 3.96
C SER A 73 3.10 -1.42 4.98
N LEU A 74 3.49 -1.45 6.25
CA LEU A 74 2.61 -0.98 7.32
C LEU A 74 1.79 0.22 6.86
N SER A 75 0.46 0.10 6.98
CA SER A 75 -0.43 1.17 6.56
C SER A 75 -0.53 2.23 7.65
N ILE A 76 -0.85 3.47 7.24
CA ILE A 76 -0.98 4.56 8.20
C ILE A 76 -2.45 4.89 8.41
N THR A 77 -2.78 5.35 9.63
CA THR A 77 -4.15 5.71 9.95
C THR A 77 -4.18 6.84 10.97
N GLU A 78 -5.25 7.62 10.95
CA GLU A 78 -5.40 8.73 11.88
C GLU A 78 -5.15 8.27 13.31
N LYS A 79 -5.76 7.16 13.69
CA LYS A 79 -5.58 6.62 15.03
C LYS A 79 -4.10 6.41 15.34
N ARG A 80 -3.37 5.91 14.36
CA ARG A 80 -1.93 5.69 14.52
C ARG A 80 -1.18 7.01 14.65
N GLN A 81 -1.62 8.01 13.89
CA GLN A 81 -0.98 9.31 13.92
C GLN A 81 -1.01 9.88 15.33
N GLN A 82 -2.11 9.66 16.03
CA GLN A 82 -2.26 10.15 17.39
C GLN A 82 -1.17 9.55 18.28
N GLU A 83 -0.69 8.36 17.91
CA GLU A 83 0.35 7.69 18.68
C GLU A 83 1.73 8.22 18.28
N ILE A 84 2.01 8.22 16.98
CA ILE A 84 3.29 8.70 16.48
C ILE A 84 3.09 9.54 15.22
N ALA A 85 4.19 9.84 14.54
CA ALA A 85 4.13 10.63 13.31
C ALA A 85 4.38 9.76 12.09
N PHE A 86 3.73 10.12 10.98
CA PHE A 86 3.90 9.38 9.73
C PHE A 86 4.21 10.33 8.58
N THR A 87 4.96 9.82 7.60
CA THR A 87 5.33 10.63 6.44
C THR A 87 5.81 9.75 5.31
N ASP A 88 6.66 10.31 4.45
CA ASP A 88 7.19 9.56 3.31
C ASP A 88 6.10 8.71 2.67
N LYS A 89 4.85 9.07 2.92
CA LYS A 89 3.71 8.33 2.35
C LYS A 89 4.08 7.72 1.01
N LEU A 90 3.97 6.40 0.91
CA LEU A 90 4.33 5.70 -0.30
C LEU A 90 3.27 5.91 -1.38
N TYR A 91 2.10 5.32 -1.15
CA TYR A 91 1.00 5.44 -2.12
C TYR A 91 -0.34 5.36 -1.40
N ALA A 92 -1.41 5.70 -2.13
CA ALA A 92 -2.75 5.66 -1.56
C ALA A 92 -3.31 4.25 -1.61
N ALA A 93 -3.69 3.73 -0.45
CA ALA A 93 -4.25 2.37 -0.38
C ALA A 93 -5.75 2.41 -0.19
N ASP A 94 -6.46 2.85 -1.22
CA ASP A 94 -7.91 2.93 -1.15
C ASP A 94 -8.53 1.59 -1.55
N SER A 95 -9.08 1.53 -2.76
CA SER A 95 -9.71 0.31 -3.24
C SER A 95 -9.78 0.30 -4.77
N ARG A 96 -10.06 -0.86 -5.34
CA ARG A 96 -10.17 -0.98 -6.78
C ARG A 96 -11.05 -2.18 -7.14
N LEU A 97 -11.79 -2.05 -8.25
CA LEU A 97 -12.66 -3.13 -8.71
C LEU A 97 -12.00 -3.88 -9.86
N VAL A 98 -12.08 -5.21 -9.81
CA VAL A 98 -11.49 -6.04 -10.86
C VAL A 98 -12.57 -6.93 -11.48
N VAL A 99 -12.92 -6.64 -12.73
CA VAL A 99 -13.95 -7.42 -13.42
C VAL A 99 -13.50 -7.78 -14.83
N ALA A 100 -14.20 -8.72 -15.44
CA ALA A 100 -13.88 -9.14 -16.80
C ALA A 100 -14.60 -8.27 -17.83
N LYS A 101 -13.96 -8.07 -18.98
CA LYS A 101 -14.54 -7.26 -20.03
C LYS A 101 -15.92 -7.80 -20.41
N ASN A 102 -16.11 -9.09 -20.24
CA ASN A 102 -17.38 -9.73 -20.58
C ASN A 102 -18.52 -9.08 -19.79
N SER A 103 -18.26 -8.82 -18.50
CA SER A 103 -19.28 -8.20 -17.65
C SER A 103 -18.99 -6.73 -17.47
N ASP A 104 -19.93 -5.88 -17.87
CA ASP A 104 -19.76 -4.44 -17.75
C ASP A 104 -20.21 -3.96 -16.37
N ILE A 105 -19.24 -3.55 -15.57
CA ILE A 105 -19.53 -3.05 -14.22
C ILE A 105 -18.91 -1.68 -14.01
N GLN A 106 -19.72 -0.75 -13.53
CA GLN A 106 -19.24 0.61 -13.27
C GLN A 106 -19.11 0.86 -11.78
N PRO A 107 -18.24 1.77 -11.40
CA PRO A 107 -18.02 2.12 -9.97
C PRO A 107 -19.29 2.64 -9.30
N THR A 108 -20.04 1.73 -8.69
CA THR A 108 -21.28 2.09 -8.03
C THR A 108 -21.83 0.92 -7.22
N VAL A 109 -22.40 1.22 -6.07
CA VAL A 109 -22.98 0.19 -5.22
C VAL A 109 -24.21 -0.43 -5.88
N GLU A 110 -24.94 0.39 -6.63
CA GLU A 110 -26.14 -0.07 -7.30
C GLU A 110 -25.83 -1.24 -8.23
N SER A 111 -24.99 -0.99 -9.21
CA SER A 111 -24.63 -2.04 -10.17
C SER A 111 -24.03 -3.25 -9.46
N LEU A 112 -23.52 -3.02 -8.25
CA LEU A 112 -22.94 -4.09 -7.46
C LEU A 112 -24.03 -4.97 -6.84
N LYS A 113 -25.20 -4.38 -6.64
CA LYS A 113 -26.30 -5.12 -6.04
C LYS A 113 -26.59 -6.40 -6.83
N GLY A 114 -26.74 -7.51 -6.11
CA GLY A 114 -27.03 -8.79 -6.74
C GLY A 114 -25.74 -9.46 -7.21
N LYS A 115 -24.67 -8.68 -7.30
CA LYS A 115 -23.38 -9.21 -7.74
C LYS A 115 -22.62 -9.80 -6.57
N ARG A 116 -21.78 -10.80 -6.87
CA ARG A 116 -20.99 -11.45 -5.82
C ARG A 116 -19.61 -10.83 -5.74
N VAL A 117 -19.15 -10.57 -4.52
CA VAL A 117 -17.84 -9.97 -4.30
C VAL A 117 -17.03 -10.81 -3.33
N GLY A 118 -15.75 -11.01 -3.63
CA GLY A 118 -14.86 -11.79 -2.77
C GLY A 118 -13.91 -10.88 -2.02
N VAL A 119 -13.70 -11.17 -0.74
CA VAL A 119 -12.80 -10.37 0.09
C VAL A 119 -11.82 -11.28 0.83
N LEU A 120 -10.72 -10.69 1.30
CA LEU A 120 -9.73 -11.45 2.04
C LEU A 120 -10.00 -11.40 3.54
N GLN A 121 -10.26 -12.56 4.12
CA GLN A 121 -10.54 -12.64 5.55
C GLN A 121 -9.45 -11.94 6.35
N GLY A 122 -9.79 -11.54 7.58
CA GLY A 122 -8.83 -10.86 8.43
C GLY A 122 -8.44 -9.50 7.86
N THR A 123 -9.45 -8.70 7.51
CA THR A 123 -9.21 -7.38 6.95
C THR A 123 -10.34 -6.42 7.31
N THR A 124 -10.13 -5.14 7.05
CA THR A 124 -11.15 -4.13 7.34
C THR A 124 -12.29 -4.23 6.34
N GLN A 125 -11.99 -4.72 5.14
CA GLN A 125 -13.00 -4.83 4.10
C GLN A 125 -14.13 -5.74 4.55
N GLU A 126 -13.79 -6.97 4.94
CA GLU A 126 -14.79 -7.92 5.40
C GLU A 126 -15.59 -7.34 6.56
N THR A 127 -14.89 -6.91 7.60
CA THR A 127 -15.55 -6.36 8.78
C THR A 127 -16.36 -5.12 8.40
N PHE A 128 -15.72 -4.19 7.71
CA PHE A 128 -16.40 -2.97 7.29
C PHE A 128 -17.54 -3.30 6.33
N GLY A 129 -17.28 -4.20 5.39
CA GLY A 129 -18.28 -4.60 4.41
C GLY A 129 -19.49 -5.22 5.08
N ASN A 130 -19.24 -6.11 6.04
CA ASN A 130 -20.32 -6.78 6.75
C ASN A 130 -21.38 -5.78 7.17
N GLU A 131 -21.05 -4.49 7.10
CA GLU A 131 -21.99 -3.44 7.47
C GLU A 131 -22.15 -2.44 6.33
N HIS A 132 -21.07 -2.20 5.60
CA HIS A 132 -21.11 -1.24 4.51
C HIS A 132 -21.85 -1.80 3.30
N TRP A 133 -21.46 -3.01 2.89
CA TRP A 133 -22.08 -3.66 1.73
C TRP A 133 -23.13 -4.68 2.17
N ALA A 134 -23.48 -4.64 3.43
CA ALA A 134 -24.48 -5.56 3.97
C ALA A 134 -25.89 -5.03 3.71
N PRO A 135 -26.16 -3.83 4.13
CA PRO A 135 -27.50 -3.21 3.95
C PRO A 135 -27.75 -2.80 2.50
N LYS A 136 -26.70 -2.87 1.69
CA LYS A 136 -26.82 -2.49 0.29
C LYS A 136 -27.38 -3.65 -0.54
N GLY A 137 -27.48 -4.81 0.08
CA GLY A 137 -27.99 -5.98 -0.61
C GLY A 137 -26.93 -6.61 -1.49
N ILE A 138 -25.67 -6.53 -1.06
CA ILE A 138 -24.56 -7.09 -1.82
C ILE A 138 -24.00 -8.32 -1.12
N GLU A 139 -23.70 -9.36 -1.91
CA GLU A 139 -23.15 -10.58 -1.35
C GLU A 139 -21.64 -10.50 -1.25
N ILE A 140 -21.10 -10.83 -0.07
CA ILE A 140 -19.66 -10.78 0.15
C ILE A 140 -19.16 -12.11 0.70
N VAL A 141 -18.01 -12.56 0.18
CA VAL A 141 -17.43 -13.83 0.63
C VAL A 141 -16.02 -13.60 1.15
N SER A 142 -15.72 -14.17 2.31
CA SER A 142 -14.40 -14.02 2.92
C SER A 142 -13.52 -15.21 2.58
N TYR A 143 -12.33 -14.93 2.04
CA TYR A 143 -11.39 -15.99 1.68
C TYR A 143 -10.18 -15.96 2.60
N GLN A 144 -9.55 -17.11 2.77
CA GLN A 144 -8.37 -17.22 3.65
C GLN A 144 -7.11 -17.37 2.82
N GLY A 145 -7.23 -17.23 1.50
CA GLY A 145 -6.08 -17.36 0.61
C GLY A 145 -6.03 -16.21 -0.38
N GLN A 146 -4.87 -15.59 -0.49
CA GLN A 146 -4.70 -14.47 -1.42
C GLN A 146 -4.84 -14.94 -2.86
N ASP A 147 -4.18 -16.06 -3.18
CA ASP A 147 -4.23 -16.61 -4.53
C ASP A 147 -5.61 -17.19 -4.82
N ASN A 148 -6.32 -17.54 -3.75
CA ASN A 148 -7.66 -18.12 -3.91
C ASN A 148 -8.61 -17.09 -4.51
N ILE A 149 -8.44 -15.82 -4.11
CA ILE A 149 -9.29 -14.76 -4.62
C ILE A 149 -9.09 -14.56 -6.12
N TYR A 150 -7.83 -14.49 -6.53
CA TYR A 150 -7.52 -14.31 -7.94
C TYR A 150 -7.98 -15.50 -8.76
N SER A 151 -7.86 -16.69 -8.19
CA SER A 151 -8.27 -17.91 -8.87
C SER A 151 -9.77 -17.86 -9.18
N ASP A 152 -10.54 -17.38 -8.21
CA ASP A 152 -11.99 -17.26 -8.40
C ASP A 152 -12.29 -16.25 -9.49
N LEU A 153 -11.59 -15.11 -9.46
CA LEU A 153 -11.81 -14.08 -10.46
C LEU A 153 -11.57 -14.63 -11.85
N THR A 154 -10.45 -15.31 -12.03
CA THR A 154 -10.11 -15.89 -13.32
C THR A 154 -11.14 -16.94 -13.71
N ALA A 155 -11.85 -17.48 -12.71
CA ALA A 155 -12.87 -18.49 -12.96
C ALA A 155 -14.23 -17.83 -13.19
N GLY A 156 -14.36 -16.58 -12.76
CA GLY A 156 -15.61 -15.86 -12.91
C GLY A 156 -16.56 -16.14 -11.75
N ARG A 157 -16.03 -16.77 -10.70
CA ARG A 157 -16.83 -17.10 -9.53
C ARG A 157 -17.20 -15.83 -8.77
N ILE A 158 -16.45 -14.75 -9.03
CA ILE A 158 -16.70 -13.47 -8.37
C ILE A 158 -16.89 -12.36 -9.40
N ASP A 159 -17.88 -11.51 -9.19
CA ASP A 159 -18.16 -10.42 -10.10
C ASP A 159 -17.10 -9.32 -9.98
N ALA A 160 -16.50 -9.21 -8.79
CA ALA A 160 -15.48 -8.21 -8.55
C ALA A 160 -14.89 -8.36 -7.16
N ALA A 161 -13.66 -7.86 -6.98
CA ALA A 161 -13.01 -7.94 -5.68
C ALA A 161 -12.45 -6.58 -5.30
N PHE A 162 -12.64 -6.20 -4.03
CA PHE A 162 -12.16 -4.91 -3.56
C PHE A 162 -10.71 -5.00 -3.12
N GLN A 163 -9.81 -4.50 -3.97
CA GLN A 163 -8.38 -4.52 -3.66
C GLN A 163 -7.76 -3.15 -3.94
N ASP A 164 -6.55 -2.94 -3.42
CA ASP A 164 -5.85 -1.68 -3.64
C ASP A 164 -5.35 -1.57 -5.07
N GLU A 165 -5.21 -0.35 -5.55
CA GLU A 165 -4.73 -0.12 -6.90
C GLU A 165 -3.28 -0.57 -7.07
N VAL A 166 -2.41 -0.05 -6.22
CA VAL A 166 -1.00 -0.40 -6.31
C VAL A 166 -0.80 -1.89 -6.10
N ALA A 167 -1.41 -2.43 -5.07
CA ALA A 167 -1.30 -3.87 -4.80
C ALA A 167 -1.86 -4.69 -5.95
N ALA A 168 -2.97 -4.21 -6.52
CA ALA A 168 -3.60 -4.91 -7.62
C ALA A 168 -2.68 -4.92 -8.84
N SER A 169 -2.37 -3.75 -9.36
CA SER A 169 -1.50 -3.66 -10.53
C SER A 169 -0.13 -4.28 -10.24
N GLU A 170 0.45 -3.91 -9.10
CA GLU A 170 1.75 -4.44 -8.74
C GLU A 170 1.78 -5.94 -8.88
N GLY A 171 0.66 -6.59 -8.56
CA GLY A 171 0.58 -8.04 -8.65
C GLY A 171 -0.36 -8.46 -9.78
N PHE A 172 -1.64 -8.15 -9.62
CA PHE A 172 -2.63 -8.53 -10.61
C PHE A 172 -2.10 -8.33 -12.04
N LEU A 173 -1.96 -7.08 -12.44
CA LEU A 173 -1.47 -6.77 -13.78
C LEU A 173 -0.06 -7.33 -13.99
N LYS A 174 0.77 -7.21 -12.96
CA LYS A 174 2.14 -7.69 -13.05
C LYS A 174 2.16 -9.18 -13.33
N GLN A 175 0.98 -9.79 -13.39
CA GLN A 175 0.88 -11.22 -13.66
C GLN A 175 0.01 -11.47 -14.89
N PRO A 176 0.27 -12.52 -15.61
CA PRO A 176 -0.50 -12.91 -16.82
C PRO A 176 -2.01 -12.94 -16.55
N VAL A 177 -2.37 -13.05 -15.28
CA VAL A 177 -3.78 -13.11 -14.90
C VAL A 177 -4.49 -11.83 -15.32
N GLY A 178 -3.85 -10.69 -15.10
CA GLY A 178 -4.43 -9.40 -15.43
C GLY A 178 -4.69 -9.28 -16.92
N LYS A 179 -3.83 -9.91 -17.72
CA LYS A 179 -3.98 -9.85 -19.17
C LYS A 179 -5.31 -10.47 -19.60
N ASP A 180 -5.67 -11.57 -18.97
CA ASP A 180 -6.93 -12.23 -19.27
C ASP A 180 -8.11 -11.35 -18.88
N TYR A 181 -7.93 -10.57 -17.82
CA TYR A 181 -9.00 -9.69 -17.34
C TYR A 181 -8.42 -8.53 -16.54
N LYS A 182 -9.01 -7.34 -16.70
CA LYS A 182 -8.54 -6.16 -15.98
C LYS A 182 -9.43 -4.96 -16.30
N PHE A 183 -10.34 -4.66 -15.39
CA PHE A 183 -11.24 -3.53 -15.59
C PHE A 183 -11.84 -3.07 -14.25
N GLY A 184 -12.46 -1.91 -14.25
CA GLY A 184 -13.07 -1.37 -13.03
C GLY A 184 -12.04 -0.67 -12.17
N GLY A 185 -11.36 0.31 -12.75
CA GLY A 185 -10.35 1.06 -12.02
C GLY A 185 -10.88 1.56 -10.67
N PRO A 186 -10.92 2.84 -10.47
CA PRO A 186 -11.42 3.43 -9.20
C PRO A 186 -12.76 2.86 -8.79
N SER A 187 -12.89 2.52 -7.50
CA SER A 187 -14.12 1.94 -6.99
C SER A 187 -14.67 2.75 -5.82
N VAL A 188 -14.58 2.18 -4.62
CA VAL A 188 -15.08 2.83 -3.43
C VAL A 188 -14.53 2.17 -2.19
N LYS A 189 -14.64 2.85 -1.05
CA LYS A 189 -14.16 2.32 0.23
C LYS A 189 -13.82 3.45 1.20
N ASP A 190 -13.86 3.14 2.49
CA ASP A 190 -13.53 4.14 3.51
C ASP A 190 -12.01 4.23 3.67
N GLU A 191 -11.46 5.39 3.38
CA GLU A 191 -10.02 5.60 3.49
C GLU A 191 -9.59 5.65 4.94
N LYS A 192 -10.55 5.90 5.82
CA LYS A 192 -10.25 5.98 7.24
C LYS A 192 -9.75 4.64 7.78
N LEU A 193 -10.25 3.56 7.18
CA LEU A 193 -9.87 2.22 7.63
C LEU A 193 -8.37 2.01 7.48
N PHE A 194 -7.84 2.41 6.34
CA PHE A 194 -6.39 2.28 6.08
C PHE A 194 -5.74 3.65 5.99
N GLY A 195 -6.48 4.69 6.33
CA GLY A 195 -5.97 6.05 6.26
C GLY A 195 -5.81 6.50 4.81
N VAL A 196 -4.89 7.43 4.59
CA VAL A 196 -4.62 7.93 3.25
C VAL A 196 -3.92 6.87 2.41
N GLY A 197 -3.24 5.95 3.08
CA GLY A 197 -2.50 4.90 2.39
C GLY A 197 -1.43 4.30 3.28
N THR A 198 -0.19 4.31 2.80
CA THR A 198 0.92 3.76 3.58
C THR A 198 2.06 4.76 3.65
N GLY A 199 2.90 4.64 4.67
CA GLY A 199 4.02 5.55 4.85
C GLY A 199 5.00 5.01 5.89
N MET A 200 5.95 5.85 6.29
CA MET A 200 6.95 5.44 7.28
C MET A 200 6.52 5.85 8.67
N GLY A 201 6.70 4.95 9.63
CA GLY A 201 6.31 5.23 11.01
C GLY A 201 7.41 5.95 11.76
N LEU A 202 7.19 7.24 12.04
CA LEU A 202 8.17 8.04 12.76
C LEU A 202 7.55 8.65 14.01
N ARG A 203 8.39 9.03 14.96
CA ARG A 203 7.91 9.63 16.20
C ARG A 203 7.71 11.13 16.05
N LYS A 204 6.77 11.69 16.79
CA LYS A 204 6.49 13.11 16.71
C LYS A 204 7.76 13.92 16.90
N GLU A 205 8.53 13.58 17.92
CA GLU A 205 9.78 14.28 18.20
C GLU A 205 10.51 14.62 16.89
N ASP A 206 10.24 13.84 15.84
CA ASP A 206 10.86 14.07 14.55
C ASP A 206 10.29 15.33 13.91
N ASN A 207 10.31 16.43 14.64
CA ASN A 207 9.79 17.69 14.12
C ASN A 207 10.61 18.18 12.94
N GLU A 208 11.94 18.12 13.08
CA GLU A 208 12.82 18.57 12.02
C GLU A 208 12.86 17.56 10.89
N LEU A 209 13.03 16.28 11.24
CA LEU A 209 13.10 15.23 10.24
C LEU A 209 11.79 15.15 9.46
N ARG A 210 10.67 15.22 10.18
CA ARG A 210 9.36 15.17 9.56
C ARG A 210 9.19 16.36 8.61
N GLU A 211 9.62 17.54 9.07
CA GLU A 211 9.52 18.75 8.25
C GLU A 211 10.24 18.53 6.92
N ALA A 212 11.36 17.80 6.97
CA ALA A 212 12.13 17.51 5.75
C ALA A 212 11.40 16.47 4.93
N LEU A 213 11.48 15.21 5.35
CA LEU A 213 10.80 14.12 4.63
C LEU A 213 9.55 14.63 3.94
N ASN A 214 8.76 15.42 4.67
CA ASN A 214 7.55 16.01 4.10
C ASN A 214 7.90 16.98 2.96
N LYS A 215 8.89 17.82 3.21
CA LYS A 215 9.34 18.78 2.20
C LYS A 215 9.86 18.04 0.98
N ALA A 216 10.64 16.99 1.21
CA ALA A 216 11.19 16.20 0.10
C ALA A 216 10.06 15.55 -0.68
N PHE A 217 9.03 15.08 0.02
CA PHE A 217 7.89 14.45 -0.63
C PHE A 217 7.20 15.45 -1.56
N ALA A 218 7.03 16.68 -1.08
CA ALA A 218 6.39 17.73 -1.88
C ALA A 218 7.21 18.01 -3.14
N GLU A 219 8.53 18.00 -3.00
CA GLU A 219 9.42 18.25 -4.14
C GLU A 219 9.25 17.13 -5.18
N MET A 220 9.19 15.90 -4.69
CA MET A 220 9.04 14.74 -5.58
C MET A 220 7.79 14.92 -6.43
N ARG A 221 6.73 15.46 -5.83
CA ARG A 221 5.49 15.70 -6.56
C ARG A 221 5.67 16.83 -7.57
N ALA A 222 6.42 17.86 -7.18
CA ALA A 222 6.66 19.01 -8.06
C ALA A 222 7.35 18.57 -9.34
N ASP A 223 8.37 17.71 -9.19
CA ASP A 223 9.11 17.21 -10.35
C ASP A 223 8.46 15.94 -10.89
N GLY A 224 7.36 15.53 -10.28
CA GLY A 224 6.64 14.34 -10.71
C GLY A 224 7.51 13.10 -10.53
N THR A 225 8.53 13.21 -9.68
CA THR A 225 9.42 12.08 -9.45
C THR A 225 8.63 10.88 -8.95
N TYR A 226 7.73 11.11 -7.99
CA TYR A 226 6.91 10.03 -7.46
C TYR A 226 6.00 9.46 -8.55
N GLU A 227 5.18 10.32 -9.14
CA GLU A 227 4.26 9.89 -10.19
C GLU A 227 5.04 9.24 -11.33
N LYS A 228 6.17 9.83 -11.68
CA LYS A 228 6.99 9.31 -12.77
C LYS A 228 7.41 7.87 -12.47
N LEU A 229 7.91 7.64 -11.26
CA LEU A 229 8.34 6.31 -10.87
C LEU A 229 7.15 5.35 -10.89
N ALA A 230 6.01 5.83 -10.40
CA ALA A 230 4.81 5.00 -10.36
C ALA A 230 4.43 4.53 -11.76
N LYS A 231 4.37 5.47 -12.70
CA LYS A 231 4.01 5.14 -14.07
C LYS A 231 4.99 4.13 -14.65
N LYS A 232 6.26 4.25 -14.25
CA LYS A 232 7.27 3.32 -14.74
C LYS A 232 7.09 1.93 -14.14
N TYR A 233 6.98 1.87 -12.82
CA TYR A 233 6.80 0.59 -12.15
C TYR A 233 5.50 -0.07 -12.58
N PHE A 234 4.43 0.72 -12.62
CA PHE A 234 3.13 0.19 -13.04
C PHE A 234 2.27 1.31 -13.61
N ASP A 235 1.31 0.94 -14.45
CA ASP A 235 0.41 1.92 -15.06
C ASP A 235 -0.89 2.00 -14.28
N PHE A 236 -0.99 2.99 -13.39
CA PHE A 236 -2.20 3.16 -12.59
C PHE A 236 -2.34 4.60 -12.14
N ASP A 237 -3.23 4.84 -11.18
CA ASP A 237 -3.45 6.19 -10.67
C ASP A 237 -3.22 6.24 -9.17
N VAL A 238 -2.16 6.92 -8.75
CA VAL A 238 -1.84 7.04 -7.33
C VAL A 238 -2.94 7.80 -6.60
N TYR A 239 -3.45 8.84 -7.24
CA TYR A 239 -4.51 9.64 -6.63
C TYR A 239 -5.73 8.77 -6.33
N GLY A 240 -6.08 7.89 -7.27
CA GLY A 240 -7.22 7.01 -7.08
C GLY A 240 -6.99 6.07 -5.90
N GLY A 241 -5.75 5.62 -5.73
CA GLY A 241 -5.41 4.73 -4.64
C GLY A 241 -6.13 3.39 -4.78
N ALA A 4 20.79 20.62 13.68
CA ALA A 4 21.70 19.66 12.98
C ALA A 4 21.01 18.30 12.87
N ILE A 5 20.94 17.79 11.66
CA ILE A 5 20.30 16.50 11.43
C ILE A 5 21.19 15.36 11.94
N PRO A 6 20.63 14.20 12.09
CA PRO A 6 21.37 13.00 12.56
C PRO A 6 22.52 12.62 11.63
N GLN A 7 23.61 12.16 12.21
CA GLN A 7 24.78 11.76 11.42
C GLN A 7 24.45 10.54 10.57
N ASN A 8 23.70 9.59 11.15
CA ASN A 8 23.33 8.38 10.43
C ASN A 8 21.89 8.01 10.74
N ILE A 9 21.18 7.50 9.74
CA ILE A 9 19.78 7.10 9.92
C ILE A 9 19.65 5.60 9.86
N ARG A 10 18.98 5.02 10.85
CA ARG A 10 18.78 3.57 10.91
C ARG A 10 17.35 3.23 10.53
N ILE A 11 17.20 2.49 9.43
CA ILE A 11 15.88 2.08 8.94
C ILE A 11 15.69 0.58 9.10
N GLY A 12 14.50 0.19 9.51
CA GLY A 12 14.19 -1.24 9.70
C GLY A 12 13.26 -1.72 8.61
N THR A 13 13.79 -2.47 7.65
CA THR A 13 12.97 -2.99 6.55
C THR A 13 13.16 -4.49 6.40
N ASP A 14 12.08 -5.24 6.56
CA ASP A 14 12.13 -6.70 6.44
C ASP A 14 11.32 -7.15 5.22
N PRO A 15 11.96 -7.28 4.08
CA PRO A 15 11.29 -7.72 2.82
C PRO A 15 10.54 -9.03 3.01
N THR A 16 9.31 -9.08 2.52
CA THR A 16 8.50 -10.29 2.63
C THR A 16 7.69 -10.51 1.36
N TYR A 17 7.53 -9.45 0.57
CA TYR A 17 6.78 -9.55 -0.68
C TYR A 17 7.62 -9.08 -1.84
N ALA A 18 8.20 -10.04 -2.57
CA ALA A 18 9.02 -9.71 -3.74
C ALA A 18 8.56 -8.41 -4.39
N PRO A 19 7.35 -8.37 -4.86
CA PRO A 19 6.79 -7.17 -5.52
C PRO A 19 7.01 -5.89 -4.70
N PHE A 20 6.86 -6.00 -3.40
CA PHE A 20 7.05 -4.86 -2.52
C PHE A 20 8.54 -4.60 -2.29
N GLU A 21 9.28 -5.67 -2.07
CA GLU A 21 10.71 -5.57 -1.80
C GLU A 21 11.46 -6.79 -2.31
N SER A 22 12.62 -7.07 -1.72
CA SER A 22 13.41 -8.22 -2.12
C SER A 22 14.85 -8.05 -1.67
N LYS A 23 15.68 -9.06 -1.94
CA LYS A 23 17.09 -9.02 -1.55
C LYS A 23 17.97 -9.50 -2.69
N ASN A 24 19.13 -8.88 -2.84
CA ASN A 24 20.06 -9.26 -3.90
C ASN A 24 21.11 -10.24 -3.37
N SER A 25 21.46 -11.22 -4.19
CA SER A 25 22.45 -12.22 -3.80
C SER A 25 23.82 -11.57 -3.61
N GLN A 26 24.00 -10.39 -4.20
CA GLN A 26 25.26 -9.68 -4.09
C GLN A 26 25.39 -9.00 -2.74
N GLY A 27 24.31 -9.04 -1.96
CA GLY A 27 24.30 -8.42 -0.64
C GLY A 27 23.61 -7.07 -0.67
N GLU A 28 23.27 -6.60 -1.88
CA GLU A 28 22.60 -5.32 -2.04
C GLU A 28 21.12 -5.45 -1.72
N LEU A 29 20.48 -4.34 -1.40
CA LEU A 29 19.05 -4.33 -1.07
C LEU A 29 18.27 -3.60 -2.14
N VAL A 30 17.16 -4.20 -2.57
CA VAL A 30 16.32 -3.59 -3.61
C VAL A 30 14.86 -3.66 -3.21
N GLY A 31 14.08 -2.70 -3.68
CA GLY A 31 12.66 -2.65 -3.38
C GLY A 31 12.07 -1.28 -3.70
N PHE A 32 10.79 -1.25 -4.02
CA PHE A 32 10.11 -0.01 -4.35
C PHE A 32 10.20 0.98 -3.20
N ASP A 33 10.01 0.48 -1.99
CA ASP A 33 10.07 1.33 -0.81
C ASP A 33 11.50 1.80 -0.52
N ILE A 34 12.46 1.00 -0.93
CA ILE A 34 13.87 1.32 -0.74
C ILE A 34 14.28 2.51 -1.62
N ASP A 35 13.79 2.52 -2.84
CA ASP A 35 14.14 3.59 -3.79
C ASP A 35 13.67 4.93 -3.23
N LEU A 36 12.51 4.93 -2.59
CA LEU A 36 12.00 6.16 -2.00
C LEU A 36 12.90 6.63 -0.87
N ALA A 37 13.31 5.69 -0.03
CA ALA A 37 14.15 6.03 1.12
C ALA A 37 15.45 6.65 0.64
N LYS A 38 16.03 6.09 -0.42
CA LYS A 38 17.29 6.61 -0.95
C LYS A 38 17.13 8.07 -1.35
N GLU A 39 16.13 8.35 -2.18
CA GLU A 39 15.89 9.74 -2.61
C GLU A 39 15.76 10.65 -1.41
N LEU A 40 15.13 10.14 -0.34
CA LEU A 40 14.98 10.91 0.88
C LEU A 40 16.32 11.12 1.58
N CYS A 41 17.13 10.06 1.62
CA CYS A 41 18.43 10.13 2.27
C CYS A 41 19.25 11.27 1.69
N LYS A 42 19.24 11.39 0.36
CA LYS A 42 19.98 12.48 -0.30
C LYS A 42 19.38 13.83 0.10
N ARG A 43 18.06 13.93 0.05
CA ARG A 43 17.39 15.18 0.40
C ARG A 43 17.70 15.55 1.83
N ILE A 44 17.71 14.56 2.71
CA ILE A 44 18.02 14.79 4.12
C ILE A 44 19.51 14.99 4.32
N ASN A 45 20.30 14.58 3.33
CA ASN A 45 21.76 14.70 3.41
C ASN A 45 22.30 13.91 4.60
N THR A 46 21.92 12.63 4.67
CA THR A 46 22.37 11.77 5.76
C THR A 46 22.58 10.34 5.27
N GLN A 47 23.18 9.51 6.12
CA GLN A 47 23.43 8.12 5.76
C GLN A 47 22.23 7.27 6.14
N CYS A 48 21.90 6.31 5.27
CA CYS A 48 20.76 5.42 5.52
C CYS A 48 21.23 3.98 5.65
N THR A 49 20.77 3.30 6.69
CA THR A 49 21.13 1.90 6.92
C THR A 49 19.89 1.05 7.13
N PHE A 50 19.79 -0.04 6.36
CA PHE A 50 18.64 -0.93 6.46
C PHE A 50 18.95 -2.08 7.42
N VAL A 51 17.99 -2.38 8.30
CA VAL A 51 18.16 -3.48 9.25
C VAL A 51 16.96 -4.42 9.21
N GLU A 52 17.23 -5.71 9.06
CA GLU A 52 16.17 -6.70 9.02
C GLU A 52 15.43 -6.77 10.37
N ASN A 53 14.12 -6.90 10.31
CA ASN A 53 13.33 -6.98 11.53
C ASN A 53 11.83 -7.00 11.19
N PRO A 54 11.10 -7.92 11.77
CA PRO A 54 9.63 -8.05 11.52
C PRO A 54 8.84 -6.88 12.08
N LEU A 55 7.78 -6.50 11.39
CA LEU A 55 6.94 -5.39 11.84
C LEU A 55 6.74 -5.43 13.34
N ASP A 56 6.23 -6.54 13.84
CA ASP A 56 5.99 -6.69 15.27
C ASP A 56 7.21 -6.26 16.08
N ALA A 57 8.37 -6.35 15.47
CA ALA A 57 9.61 -5.96 16.15
C ALA A 57 10.00 -4.53 15.80
N LEU A 58 9.48 -4.02 14.70
CA LEU A 58 9.77 -2.66 14.29
C LEU A 58 9.25 -1.64 15.30
N ILE A 59 8.04 -1.88 15.78
CA ILE A 59 7.42 -0.97 16.74
C ILE A 59 8.26 -0.92 18.02
N PRO A 60 8.47 -2.06 18.63
CA PRO A 60 9.31 -2.16 19.85
C PRO A 60 10.71 -1.58 19.61
N SER A 61 11.29 -1.89 18.45
CA SER A 61 12.62 -1.41 18.11
C SER A 61 12.63 0.12 18.12
N LEU A 62 11.60 0.72 17.55
CA LEU A 62 11.52 2.18 17.50
C LEU A 62 11.52 2.74 18.92
N LYS A 63 10.74 2.11 19.80
CA LYS A 63 10.69 2.55 21.19
C LYS A 63 12.05 2.37 21.86
N ALA A 64 12.70 1.24 21.56
CA ALA A 64 14.00 0.94 22.14
C ALA A 64 15.10 1.77 21.47
N LYS A 65 14.69 2.75 20.68
CA LYS A 65 15.64 3.61 20.00
C LYS A 65 16.60 2.78 19.14
N LYS A 66 16.27 1.51 18.97
CA LYS A 66 17.10 0.62 18.16
C LYS A 66 17.11 1.09 16.71
N ILE A 67 16.00 1.64 16.25
CA ILE A 67 15.89 2.13 14.88
C ILE A 67 15.49 3.60 14.86
N ASP A 68 15.87 4.30 13.80
CA ASP A 68 15.55 5.72 13.68
C ASP A 68 14.26 5.93 12.91
N ALA A 69 13.88 4.93 12.13
CA ALA A 69 12.66 5.02 11.33
C ALA A 69 12.19 3.63 10.91
N ILE A 70 10.90 3.51 10.59
CA ILE A 70 10.34 2.24 10.17
C ILE A 70 9.85 2.33 8.74
N MET A 71 10.30 1.40 7.89
CA MET A 71 9.89 1.38 6.49
C MET A 71 9.38 -0.01 6.10
N SER A 72 8.06 -0.12 5.94
CA SER A 72 7.45 -1.40 5.58
C SER A 72 6.06 -1.17 5.00
N SER A 73 5.39 -2.27 4.66
CA SER A 73 4.05 -2.19 4.10
C SER A 73 3.08 -1.59 5.11
N LEU A 74 3.50 -1.55 6.37
CA LEU A 74 2.66 -1.02 7.43
C LEU A 74 1.87 0.20 6.93
N SER A 75 0.54 0.13 7.04
CA SER A 75 -0.31 1.23 6.60
C SER A 75 -0.41 2.30 7.67
N ILE A 76 -0.73 3.53 7.26
CA ILE A 76 -0.86 4.64 8.20
C ILE A 76 -2.32 4.97 8.43
N THR A 77 -2.64 5.45 9.63
CA THR A 77 -4.01 5.81 9.96
C THR A 77 -4.03 6.95 10.98
N GLU A 78 -5.11 7.74 10.96
CA GLU A 78 -5.24 8.86 11.89
C GLU A 78 -4.98 8.39 13.31
N LYS A 79 -5.60 7.29 13.70
CA LYS A 79 -5.43 6.76 15.05
C LYS A 79 -3.96 6.52 15.35
N ARG A 80 -3.23 6.02 14.37
CA ARG A 80 -1.80 5.78 14.53
C ARG A 80 -1.02 7.09 14.65
N GLN A 81 -1.45 8.09 13.89
CA GLN A 81 -0.80 9.39 13.91
C GLN A 81 -0.82 9.96 15.33
N GLN A 82 -1.92 9.74 16.04
CA GLN A 82 -2.05 10.22 17.40
C GLN A 82 -0.95 9.63 18.28
N GLU A 83 -0.48 8.45 17.91
CA GLU A 83 0.58 7.77 18.68
C GLU A 83 1.94 8.30 18.28
N ILE A 84 2.22 8.30 16.97
CA ILE A 84 3.50 8.79 16.47
C ILE A 84 3.29 9.61 15.20
N ALA A 85 4.39 9.92 14.51
CA ALA A 85 4.32 10.71 13.29
C ALA A 85 4.53 9.83 12.07
N PHE A 86 3.86 10.19 10.97
CA PHE A 86 3.99 9.44 9.72
C PHE A 86 4.28 10.37 8.56
N THR A 87 5.00 9.87 7.56
CA THR A 87 5.34 10.67 6.40
C THR A 87 5.82 9.77 5.25
N ASP A 88 6.68 10.32 4.40
CA ASP A 88 7.21 9.57 3.28
C ASP A 88 6.11 8.75 2.61
N LYS A 89 4.86 9.14 2.84
CA LYS A 89 3.71 8.44 2.26
C LYS A 89 4.09 7.79 0.93
N LEU A 90 3.96 6.49 0.86
CA LEU A 90 4.33 5.76 -0.35
C LEU A 90 3.27 5.91 -1.42
N TYR A 91 2.11 5.30 -1.19
CA TYR A 91 1.02 5.38 -2.16
C TYR A 91 -0.33 5.32 -1.45
N ALA A 92 -1.39 5.66 -2.17
CA ALA A 92 -2.73 5.63 -1.61
C ALA A 92 -3.30 4.22 -1.66
N ALA A 93 -3.66 3.68 -0.50
CA ALA A 93 -4.22 2.32 -0.44
C ALA A 93 -5.73 2.37 -0.25
N ASP A 94 -6.43 2.81 -1.28
CA ASP A 94 -7.89 2.89 -1.22
C ASP A 94 -8.52 1.56 -1.61
N SER A 95 -9.07 1.49 -2.82
CA SER A 95 -9.70 0.26 -3.29
C SER A 95 -9.78 0.26 -4.82
N ARG A 96 -10.07 -0.90 -5.38
CA ARG A 96 -10.18 -1.05 -6.82
C ARG A 96 -11.06 -2.23 -7.18
N LEU A 97 -11.82 -2.11 -8.27
CA LEU A 97 -12.69 -3.19 -8.73
C LEU A 97 -12.04 -3.94 -9.89
N VAL A 98 -12.12 -5.27 -9.83
CA VAL A 98 -11.54 -6.10 -10.90
C VAL A 98 -12.63 -6.99 -11.51
N VAL A 99 -12.99 -6.70 -12.74
CA VAL A 99 -14.02 -7.47 -13.43
C VAL A 99 -13.60 -7.83 -14.85
N ALA A 100 -14.31 -8.76 -15.46
CA ALA A 100 -13.99 -9.18 -16.82
C ALA A 100 -14.74 -8.32 -17.84
N LYS A 101 -14.12 -8.12 -19.00
CA LYS A 101 -14.72 -7.32 -20.05
C LYS A 101 -16.10 -7.87 -20.41
N ASN A 102 -16.27 -9.18 -20.23
CA ASN A 102 -17.54 -9.82 -20.54
C ASN A 102 -18.67 -9.19 -19.74
N SER A 103 -18.41 -8.91 -18.46
CA SER A 103 -19.42 -8.30 -17.61
C SER A 103 -19.13 -6.81 -17.44
N ASP A 104 -20.10 -5.98 -17.81
CA ASP A 104 -19.93 -4.53 -17.69
C ASP A 104 -20.34 -4.06 -16.31
N ILE A 105 -19.36 -3.63 -15.52
CA ILE A 105 -19.62 -3.15 -14.16
C ILE A 105 -19.00 -1.78 -13.97
N GLN A 106 -19.79 -0.84 -13.46
CA GLN A 106 -19.30 0.51 -13.22
C GLN A 106 -19.17 0.78 -11.72
N PRO A 107 -18.31 1.68 -11.34
CA PRO A 107 -18.08 2.04 -9.91
C PRO A 107 -19.36 2.55 -9.25
N THR A 108 -20.11 1.65 -8.64
CA THR A 108 -21.34 2.03 -7.97
C THR A 108 -21.90 0.86 -7.15
N VAL A 109 -22.49 1.18 -6.00
CA VAL A 109 -23.07 0.16 -5.15
C VAL A 109 -24.29 -0.46 -5.82
N GLU A 110 -25.02 0.35 -6.57
CA GLU A 110 -26.23 -0.11 -7.23
C GLU A 110 -25.91 -1.28 -8.15
N SER A 111 -25.07 -1.04 -9.15
CA SER A 111 -24.70 -2.09 -10.09
C SER A 111 -24.11 -3.30 -9.37
N LEU A 112 -23.61 -3.07 -8.17
CA LEU A 112 -23.04 -4.13 -7.37
C LEU A 112 -24.12 -5.01 -6.75
N LYS A 113 -25.28 -4.43 -6.56
CA LYS A 113 -26.39 -5.16 -5.95
C LYS A 113 -26.67 -6.44 -6.73
N GLY A 114 -26.82 -7.55 -6.01
CA GLY A 114 -27.11 -8.84 -6.64
C GLY A 114 -25.81 -9.50 -7.11
N LYS A 115 -24.74 -8.71 -7.20
CA LYS A 115 -23.46 -9.24 -7.66
C LYS A 115 -22.69 -9.82 -6.49
N ARG A 116 -21.84 -10.81 -6.79
CA ARG A 116 -21.04 -11.46 -5.75
C ARG A 116 -19.65 -10.83 -5.69
N VAL A 117 -19.18 -10.57 -4.47
CA VAL A 117 -17.88 -9.97 -4.27
C VAL A 117 -17.04 -10.80 -3.30
N GLY A 118 -15.77 -10.99 -3.64
CA GLY A 118 -14.87 -11.77 -2.78
C GLY A 118 -13.90 -10.85 -2.04
N VAL A 119 -13.68 -11.16 -0.76
CA VAL A 119 -12.77 -10.35 0.05
C VAL A 119 -11.78 -11.25 0.78
N LEU A 120 -10.68 -10.66 1.25
CA LEU A 120 -9.67 -11.42 1.97
C LEU A 120 -9.94 -11.37 3.48
N GLN A 121 -10.19 -12.53 4.06
CA GLN A 121 -10.45 -12.62 5.49
C GLN A 121 -9.36 -11.91 6.28
N GLY A 122 -9.69 -11.52 7.51
CA GLY A 122 -8.73 -10.83 8.36
C GLY A 122 -8.35 -9.48 7.79
N THR A 123 -9.36 -8.69 7.45
CA THR A 123 -9.13 -7.36 6.88
C THR A 123 -10.26 -6.41 7.26
N THR A 124 -10.06 -5.12 7.00
CA THR A 124 -11.07 -4.12 7.30
C THR A 124 -12.22 -4.21 6.31
N GLN A 125 -11.93 -4.70 5.10
CA GLN A 125 -12.94 -4.82 4.07
C GLN A 125 -14.07 -5.74 4.53
N GLU A 126 -13.71 -6.95 4.93
CA GLU A 126 -14.71 -7.92 5.38
C GLU A 126 -15.50 -7.34 6.54
N THR A 127 -14.79 -6.91 7.59
CA THR A 127 -15.47 -6.36 8.77
C THR A 127 -16.29 -5.13 8.39
N PHE A 128 -15.65 -4.19 7.70
CA PHE A 128 -16.33 -2.98 7.28
C PHE A 128 -17.48 -3.31 6.34
N GLY A 129 -17.22 -4.22 5.39
CA GLY A 129 -18.23 -4.62 4.43
C GLY A 129 -19.43 -5.26 5.11
N ASN A 130 -19.17 -6.13 6.06
CA ASN A 130 -20.23 -6.81 6.78
C ASN A 130 -21.31 -5.82 7.21
N GLU A 131 -20.98 -4.53 7.13
CA GLU A 131 -21.93 -3.49 7.52
C GLU A 131 -22.10 -2.50 6.37
N HIS A 132 -21.03 -2.24 5.63
CA HIS A 132 -21.09 -1.29 4.54
C HIS A 132 -21.84 -1.86 3.35
N TRP A 133 -21.45 -3.05 2.92
CA TRP A 133 -22.09 -3.70 1.78
C TRP A 133 -23.11 -4.73 2.22
N ALA A 134 -23.47 -4.69 3.49
CA ALA A 134 -24.45 -5.62 4.04
C ALA A 134 -25.87 -5.10 3.79
N PRO A 135 -26.15 -3.89 4.23
CA PRO A 135 -27.49 -3.27 4.06
C PRO A 135 -27.76 -2.87 2.62
N LYS A 136 -26.72 -2.93 1.78
CA LYS A 136 -26.86 -2.55 0.39
C LYS A 136 -27.41 -3.70 -0.42
N GLY A 137 -27.50 -4.87 0.20
CA GLY A 137 -28.03 -6.05 -0.49
C GLY A 137 -26.97 -6.67 -1.39
N ILE A 138 -25.71 -6.58 -0.96
CA ILE A 138 -24.60 -7.14 -1.74
C ILE A 138 -24.03 -8.36 -1.05
N GLU A 139 -23.73 -9.40 -1.83
CA GLU A 139 -23.16 -10.63 -1.28
C GLU A 139 -21.65 -10.52 -1.20
N ILE A 140 -21.09 -10.85 -0.03
CA ILE A 140 -19.65 -10.80 0.17
C ILE A 140 -19.14 -12.13 0.71
N VAL A 141 -18.00 -12.57 0.18
CA VAL A 141 -17.39 -13.83 0.63
C VAL A 141 -15.98 -13.59 1.13
N SER A 142 -15.67 -14.16 2.29
CA SER A 142 -14.34 -14.01 2.87
C SER A 142 -13.46 -15.20 2.54
N TYR A 143 -12.27 -14.91 1.99
CA TYR A 143 -11.32 -15.96 1.63
C TYR A 143 -10.11 -15.93 2.54
N GLN A 144 -9.47 -17.08 2.70
CA GLN A 144 -8.29 -17.17 3.56
C GLN A 144 -7.03 -17.32 2.73
N GLY A 145 -7.17 -17.19 1.42
CA GLY A 145 -6.02 -17.30 0.51
C GLY A 145 -6.00 -16.15 -0.49
N GLN A 146 -4.84 -15.51 -0.61
CA GLN A 146 -4.69 -14.40 -1.54
C GLN A 146 -4.84 -14.88 -2.98
N ASP A 147 -4.18 -15.99 -3.30
CA ASP A 147 -4.23 -16.55 -4.65
C ASP A 147 -5.62 -17.13 -4.93
N ASN A 148 -6.32 -17.49 -3.87
CA ASN A 148 -7.66 -18.06 -4.00
C ASN A 148 -8.61 -17.02 -4.59
N ILE A 149 -8.43 -15.77 -4.20
CA ILE A 149 -9.30 -14.70 -4.70
C ILE A 149 -9.11 -14.50 -6.20
N TYR A 150 -7.86 -14.43 -6.63
CA TYR A 150 -7.54 -14.24 -8.04
C TYR A 150 -8.05 -15.42 -8.86
N SER A 151 -7.93 -16.61 -8.28
CA SER A 151 -8.36 -17.83 -8.97
C SER A 151 -9.85 -17.76 -9.25
N ASP A 152 -10.62 -17.29 -8.26
CA ASP A 152 -12.07 -17.18 -8.42
C ASP A 152 -12.39 -16.18 -9.51
N LEU A 153 -11.71 -15.03 -9.50
CA LEU A 153 -11.95 -14.00 -10.49
C LEU A 153 -11.70 -14.55 -11.88
N THR A 154 -10.56 -15.22 -12.06
CA THR A 154 -10.22 -15.80 -13.35
C THR A 154 -11.24 -16.86 -13.73
N ALA A 155 -11.92 -17.41 -12.73
CA ALA A 155 -12.93 -18.45 -12.98
C ALA A 155 -14.30 -17.81 -13.19
N GLY A 156 -14.45 -16.56 -12.75
CA GLY A 156 -15.73 -15.86 -12.89
C GLY A 156 -16.64 -16.16 -11.70
N ARG A 157 -16.08 -16.78 -10.67
CA ARG A 157 -16.86 -17.12 -9.48
C ARG A 157 -17.23 -15.85 -8.71
N ILE A 158 -16.53 -14.76 -9.00
CA ILE A 158 -16.79 -13.48 -8.34
C ILE A 158 -16.97 -12.38 -9.38
N ASP A 159 -17.97 -11.52 -9.15
CA ASP A 159 -18.23 -10.43 -10.07
C ASP A 159 -17.17 -9.34 -9.96
N ALA A 160 -16.57 -9.22 -8.78
CA ALA A 160 -15.55 -8.22 -8.54
C ALA A 160 -14.94 -8.37 -7.16
N ALA A 161 -13.71 -7.89 -6.98
CA ALA A 161 -13.05 -7.96 -5.68
C ALA A 161 -12.50 -6.59 -5.31
N PHE A 162 -12.67 -6.23 -4.04
CA PHE A 162 -12.18 -4.93 -3.57
C PHE A 162 -10.73 -5.03 -3.14
N GLN A 163 -9.84 -4.54 -4.01
CA GLN A 163 -8.40 -4.57 -3.72
C GLN A 163 -7.77 -3.20 -3.99
N ASP A 164 -6.57 -3.01 -3.48
CA ASP A 164 -5.85 -1.75 -3.67
C ASP A 164 -5.35 -1.64 -5.11
N GLU A 165 -5.21 -0.41 -5.59
CA GLU A 165 -4.72 -0.18 -6.95
C GLU A 165 -3.28 -0.64 -7.10
N VAL A 166 -2.40 -0.14 -6.25
CA VAL A 166 -0.99 -0.49 -6.32
C VAL A 166 -0.81 -1.98 -6.15
N ALA A 167 -1.43 -2.54 -5.11
CA ALA A 167 -1.31 -3.98 -4.86
C ALA A 167 -1.87 -4.77 -6.04
N ALA A 168 -2.96 -4.29 -6.61
CA ALA A 168 -3.59 -4.97 -7.73
C ALA A 168 -2.65 -4.98 -8.93
N SER A 169 -2.34 -3.80 -9.45
CA SER A 169 -1.45 -3.71 -10.60
C SER A 169 -0.09 -4.34 -10.31
N GLU A 170 0.47 -4.01 -9.15
CA GLU A 170 1.76 -4.55 -8.76
C GLU A 170 1.76 -6.05 -8.93
N GLY A 171 0.64 -6.68 -8.60
CA GLY A 171 0.53 -8.14 -8.71
C GLY A 171 -0.39 -8.54 -9.84
N PHE A 172 -1.67 -8.21 -9.70
CA PHE A 172 -2.66 -8.57 -10.71
C PHE A 172 -2.12 -8.37 -12.11
N LEU A 173 -1.95 -7.13 -12.51
CA LEU A 173 -1.44 -6.82 -13.84
C LEU A 173 -0.05 -7.39 -14.05
N LYS A 174 0.77 -7.29 -13.02
CA LYS A 174 2.14 -7.80 -13.09
C LYS A 174 2.14 -9.28 -13.40
N GLN A 175 0.94 -9.88 -13.47
CA GLN A 175 0.83 -11.30 -13.77
C GLN A 175 -0.06 -11.53 -14.99
N PRO A 176 0.27 -12.47 -15.83
CA PRO A 176 -0.52 -12.81 -17.04
C PRO A 176 -2.02 -12.85 -16.76
N VAL A 177 -2.37 -12.89 -15.48
CA VAL A 177 -3.77 -12.95 -15.09
C VAL A 177 -4.50 -11.68 -15.53
N GLY A 178 -3.86 -10.54 -15.35
CA GLY A 178 -4.46 -9.26 -15.72
C GLY A 178 -4.77 -9.20 -17.22
N LYS A 179 -3.93 -9.86 -18.00
CA LYS A 179 -4.11 -9.88 -19.45
C LYS A 179 -5.46 -10.51 -19.80
N ASP A 180 -5.79 -11.59 -19.12
CA ASP A 180 -7.06 -12.27 -19.36
C ASP A 180 -8.23 -11.38 -18.98
N TYR A 181 -8.05 -10.58 -17.93
CA TYR A 181 -9.10 -9.69 -17.46
C TYR A 181 -8.52 -8.53 -16.66
N LYS A 182 -9.11 -7.35 -16.81
CA LYS A 182 -8.64 -6.17 -16.11
C LYS A 182 -9.54 -4.97 -16.40
N PHE A 183 -10.43 -4.67 -15.47
CA PHE A 183 -11.35 -3.55 -15.63
C PHE A 183 -11.90 -3.10 -14.29
N GLY A 184 -12.55 -1.95 -14.28
CA GLY A 184 -13.14 -1.42 -13.04
C GLY A 184 -12.10 -0.73 -12.19
N GLY A 185 -11.42 0.25 -12.77
CA GLY A 185 -10.39 0.98 -12.06
C GLY A 185 -10.91 1.50 -10.71
N PRO A 186 -10.96 2.80 -10.53
CA PRO A 186 -11.46 3.40 -9.26
C PRO A 186 -12.80 2.82 -8.83
N SER A 187 -12.92 2.51 -7.54
CA SER A 187 -14.15 1.92 -7.02
C SER A 187 -14.69 2.73 -5.85
N VAL A 188 -14.58 2.18 -4.65
CA VAL A 188 -15.06 2.85 -3.45
C VAL A 188 -14.50 2.19 -2.21
N LYS A 189 -14.61 2.87 -1.07
CA LYS A 189 -14.13 2.34 0.20
C LYS A 189 -13.78 3.47 1.16
N ASP A 190 -13.81 3.18 2.46
CA ASP A 190 -13.47 4.17 3.46
C ASP A 190 -11.95 4.25 3.63
N GLU A 191 -11.39 5.41 3.33
CA GLU A 191 -9.95 5.60 3.46
C GLU A 191 -9.51 5.66 4.91
N LYS A 192 -10.47 5.90 5.80
CA LYS A 192 -10.18 5.98 7.22
C LYS A 192 -9.68 4.64 7.74
N LEU A 193 -10.18 3.56 7.14
CA LEU A 193 -9.82 2.22 7.59
C LEU A 193 -8.33 2.00 7.44
N PHE A 194 -7.77 2.41 6.31
CA PHE A 194 -6.33 2.27 6.07
C PHE A 194 -5.66 3.63 5.99
N GLY A 195 -6.41 4.68 6.31
CA GLY A 195 -5.88 6.04 6.25
C GLY A 195 -5.71 6.49 4.81
N VAL A 196 -4.80 7.43 4.59
CA VAL A 196 -4.53 7.96 3.25
C VAL A 196 -3.83 6.90 2.41
N GLY A 197 -3.12 5.99 3.07
CA GLY A 197 -2.40 4.94 2.36
C GLY A 197 -1.32 4.33 3.25
N THR A 198 -0.09 4.32 2.76
CA THR A 198 1.03 3.76 3.53
C THR A 198 2.21 4.72 3.54
N GLY A 199 3.11 4.55 4.49
CA GLY A 199 4.27 5.41 4.60
C GLY A 199 5.23 4.90 5.67
N MET A 200 6.14 5.77 6.12
CA MET A 200 7.11 5.39 7.14
C MET A 200 6.65 5.87 8.51
N GLY A 201 6.88 5.04 9.52
CA GLY A 201 6.48 5.37 10.89
C GLY A 201 7.58 6.11 11.62
N LEU A 202 7.35 7.40 11.90
CA LEU A 202 8.33 8.23 12.60
C LEU A 202 7.74 8.76 13.89
N ARG A 203 8.60 9.18 14.81
CA ARG A 203 8.16 9.70 16.10
C ARG A 203 7.88 11.20 15.99
N LYS A 204 6.94 11.69 16.78
CA LYS A 204 6.59 13.11 16.74
C LYS A 204 7.84 13.97 16.91
N GLU A 205 8.64 13.65 17.91
CA GLU A 205 9.87 14.41 18.17
C GLU A 205 10.57 14.76 16.85
N ASP A 206 10.29 13.99 15.81
CA ASP A 206 10.88 14.23 14.51
C ASP A 206 10.31 15.49 13.87
N ASN A 207 10.31 16.58 14.61
CA ASN A 207 9.77 17.84 14.09
C ASN A 207 10.58 18.34 12.91
N GLU A 208 11.90 18.32 13.04
CA GLU A 208 12.78 18.77 11.97
C GLU A 208 12.84 17.75 10.84
N LEU A 209 13.02 16.47 11.20
CA LEU A 209 13.10 15.42 10.20
C LEU A 209 11.79 15.33 9.43
N ARG A 210 10.68 15.39 10.15
CA ARG A 210 9.36 15.30 9.52
C ARG A 210 9.17 16.49 8.58
N GLU A 211 9.59 17.67 9.03
CA GLU A 211 9.45 18.88 8.21
C GLU A 211 10.19 18.68 6.89
N ALA A 212 11.34 18.00 6.95
CA ALA A 212 12.13 17.75 5.73
C ALA A 212 11.43 16.68 4.90
N LEU A 213 11.56 15.42 5.32
CA LEU A 213 10.93 14.30 4.60
C LEU A 213 9.66 14.77 3.89
N ASN A 214 8.84 15.54 4.62
CA ASN A 214 7.61 16.09 4.05
C ASN A 214 7.94 17.06 2.90
N LYS A 215 8.92 17.94 3.12
CA LYS A 215 9.33 18.88 2.10
C LYS A 215 9.87 18.13 0.88
N ALA A 216 10.69 17.11 1.14
CA ALA A 216 11.26 16.31 0.05
C ALA A 216 10.14 15.62 -0.73
N PHE A 217 9.13 15.14 -0.02
CA PHE A 217 8.00 14.48 -0.66
C PHE A 217 7.29 15.44 -1.62
N ALA A 218 7.10 16.69 -1.16
CA ALA A 218 6.43 17.69 -1.98
C ALA A 218 7.23 17.97 -3.24
N GLU A 219 8.56 17.99 -3.10
CA GLU A 219 9.44 18.23 -4.24
C GLU A 219 9.29 17.10 -5.25
N MET A 220 9.25 15.86 -4.76
CA MET A 220 9.11 14.71 -5.63
C MET A 220 7.86 14.85 -6.48
N ARG A 221 6.80 15.38 -5.89
CA ARG A 221 5.55 15.59 -6.62
C ARG A 221 5.72 16.70 -7.65
N ALA A 222 6.46 17.74 -7.27
CA ALA A 222 6.67 18.87 -8.17
C ALA A 222 7.38 18.42 -9.45
N ASP A 223 8.40 17.61 -9.29
CA ASP A 223 9.15 17.09 -10.43
C ASP A 223 8.52 15.81 -10.96
N GLY A 224 7.44 15.38 -10.32
CA GLY A 224 6.74 14.17 -10.74
C GLY A 224 7.61 12.94 -10.54
N THR A 225 8.62 13.07 -9.68
CA THR A 225 9.52 11.96 -9.43
C THR A 225 8.73 10.75 -8.93
N TYR A 226 7.83 10.98 -7.98
CA TYR A 226 7.01 9.90 -7.45
C TYR A 226 6.13 9.32 -8.55
N GLU A 227 5.30 10.18 -9.15
CA GLU A 227 4.40 9.72 -10.20
C GLU A 227 5.19 9.06 -11.33
N LYS A 228 6.32 9.65 -11.68
CA LYS A 228 7.15 9.12 -12.75
C LYS A 228 7.57 7.69 -12.44
N LEU A 229 8.06 7.47 -11.22
CA LEU A 229 8.48 6.14 -10.81
C LEU A 229 7.30 5.18 -10.83
N ALA A 230 6.16 5.65 -10.36
CA ALA A 230 4.95 4.82 -10.33
C ALA A 230 4.59 4.35 -11.74
N LYS A 231 4.55 5.28 -12.68
CA LYS A 231 4.21 4.95 -14.06
C LYS A 231 5.19 3.93 -14.61
N LYS A 232 6.46 4.04 -14.21
CA LYS A 232 7.47 3.11 -14.67
C LYS A 232 7.29 1.73 -14.06
N TYR A 233 7.15 1.68 -12.75
CA TYR A 233 6.96 0.41 -12.07
C TYR A 233 5.66 -0.25 -12.52
N PHE A 234 4.60 0.54 -12.57
CA PHE A 234 3.30 0.03 -13.00
C PHE A 234 2.46 1.13 -13.60
N ASP A 235 1.51 0.76 -14.45
CA ASP A 235 0.62 1.74 -15.09
C ASP A 235 -0.70 1.82 -14.35
N PHE A 236 -0.83 2.81 -13.48
CA PHE A 236 -2.06 3.00 -12.71
C PHE A 236 -2.21 4.44 -12.28
N ASP A 237 -3.12 4.68 -11.33
CA ASP A 237 -3.35 6.04 -10.83
C ASP A 237 -3.14 6.11 -9.33
N VAL A 238 -2.07 6.78 -8.91
CA VAL A 238 -1.77 6.92 -7.50
C VAL A 238 -2.86 7.71 -6.79
N TYR A 239 -3.34 8.76 -7.46
CA TYR A 239 -4.39 9.60 -6.87
C TYR A 239 -5.61 8.76 -6.53
N GLY A 240 -5.99 7.86 -7.43
CA GLY A 240 -7.14 7.00 -7.20
C GLY A 240 -6.90 6.08 -6.00
N GLY A 241 -5.66 5.62 -5.85
CA GLY A 241 -5.31 4.74 -4.74
C GLY A 241 -6.04 3.41 -4.85
N ALA A 4 21.11 20.39 13.94
CA ALA A 4 21.92 19.48 13.10
C ALA A 4 21.22 18.14 12.98
N ILE A 5 21.08 17.66 11.75
CA ILE A 5 20.42 16.40 11.50
C ILE A 5 21.28 15.23 11.99
N PRO A 6 20.70 14.08 12.12
CA PRO A 6 21.42 12.86 12.58
C PRO A 6 22.56 12.47 11.63
N GLN A 7 23.65 11.98 12.20
CA GLN A 7 24.80 11.57 11.41
C GLN A 7 24.45 10.35 10.55
N ASN A 8 23.70 9.42 11.13
CA ASN A 8 23.30 8.22 10.40
C ASN A 8 21.86 7.87 10.72
N ILE A 9 21.14 7.38 9.72
CA ILE A 9 19.73 7.01 9.90
C ILE A 9 19.57 5.50 9.84
N ARG A 10 18.93 4.94 10.86
CA ARG A 10 18.70 3.49 10.92
C ARG A 10 17.26 3.17 10.54
N ILE A 11 17.09 2.38 9.48
CA ILE A 11 15.75 2.00 9.02
C ILE A 11 15.56 0.50 9.14
N GLY A 12 14.35 0.09 9.53
CA GLY A 12 14.04 -1.33 9.68
C GLY A 12 13.08 -1.78 8.58
N THR A 13 13.62 -2.46 7.56
CA THR A 13 12.79 -2.94 6.46
C THR A 13 12.97 -4.44 6.27
N ASP A 14 11.87 -5.17 6.39
CA ASP A 14 11.90 -6.62 6.22
C ASP A 14 11.11 -7.02 4.97
N PRO A 15 11.79 -7.18 3.86
CA PRO A 15 11.14 -7.58 2.58
C PRO A 15 10.33 -8.85 2.72
N THR A 16 9.12 -8.84 2.17
CA THR A 16 8.24 -10.01 2.23
C THR A 16 7.59 -10.27 0.88
N TYR A 17 7.58 -9.25 0.03
CA TYR A 17 6.97 -9.37 -1.28
C TYR A 17 7.96 -8.98 -2.37
N ALA A 18 8.60 -9.98 -2.98
CA ALA A 18 9.56 -9.73 -4.05
C ALA A 18 9.21 -8.46 -4.83
N PRO A 19 8.06 -8.45 -5.43
CA PRO A 19 7.60 -7.29 -6.24
C PRO A 19 7.72 -5.97 -5.48
N PHE A 20 7.40 -6.00 -4.20
CA PHE A 20 7.48 -4.80 -3.38
C PHE A 20 8.92 -4.53 -2.95
N GLU A 21 9.61 -5.59 -2.55
CA GLU A 21 10.99 -5.49 -2.09
C GLU A 21 11.78 -6.71 -2.45
N SER A 22 12.91 -6.92 -1.79
CA SER A 22 13.77 -8.07 -2.06
C SER A 22 15.19 -7.79 -1.58
N LYS A 23 16.08 -8.77 -1.79
CA LYS A 23 17.47 -8.62 -1.39
C LYS A 23 18.40 -9.07 -2.51
N ASN A 24 19.50 -8.34 -2.69
CA ASN A 24 20.46 -8.67 -3.74
C ASN A 24 21.51 -9.64 -3.20
N SER A 25 21.85 -10.64 -4.02
CA SER A 25 22.84 -11.63 -3.62
C SER A 25 24.21 -10.98 -3.47
N GLN A 26 24.38 -9.81 -4.06
CA GLN A 26 25.64 -9.09 -3.98
C GLN A 26 25.78 -8.39 -2.64
N GLY A 27 24.72 -8.44 -1.84
CA GLY A 27 24.72 -7.78 -0.53
C GLY A 27 23.93 -6.48 -0.57
N GLU A 28 23.59 -6.04 -1.77
CA GLU A 28 22.84 -4.80 -1.93
C GLU A 28 21.36 -5.04 -1.69
N LEU A 29 20.61 -3.96 -1.45
CA LEU A 29 19.18 -4.06 -1.20
C LEU A 29 18.40 -3.34 -2.28
N VAL A 30 17.31 -3.96 -2.73
CA VAL A 30 16.47 -3.36 -3.77
C VAL A 30 15.00 -3.44 -3.38
N GLY A 31 14.22 -2.48 -3.87
CA GLY A 31 12.79 -2.46 -3.59
C GLY A 31 12.20 -1.09 -3.88
N PHE A 32 10.91 -1.06 -4.18
CA PHE A 32 10.23 0.19 -4.46
C PHE A 32 10.30 1.14 -3.27
N ASP A 33 10.13 0.59 -2.07
CA ASP A 33 10.16 1.39 -0.85
C ASP A 33 11.58 1.88 -0.56
N ILE A 34 12.56 1.06 -0.93
CA ILE A 34 13.96 1.40 -0.72
C ILE A 34 14.37 2.59 -1.59
N ASP A 35 13.88 2.59 -2.83
CA ASP A 35 14.23 3.65 -3.77
C ASP A 35 13.76 5.00 -3.22
N LEU A 36 12.60 5.00 -2.57
CA LEU A 36 12.08 6.23 -1.98
C LEU A 36 12.99 6.70 -0.85
N ALA A 37 13.41 5.77 0.00
CA ALA A 37 14.27 6.11 1.13
C ALA A 37 15.55 6.76 0.62
N LYS A 38 16.16 6.16 -0.40
CA LYS A 38 17.40 6.70 -0.95
C LYS A 38 17.22 8.17 -1.33
N GLU A 39 16.20 8.44 -2.16
CA GLU A 39 15.94 9.81 -2.58
C GLU A 39 15.81 10.72 -1.36
N LEU A 40 15.19 10.21 -0.31
CA LEU A 40 15.03 10.98 0.93
C LEU A 40 16.38 11.18 1.62
N CYS A 41 17.18 10.11 1.65
CA CYS A 41 18.49 10.16 2.30
C CYS A 41 19.31 11.32 1.73
N LYS A 42 19.29 11.45 0.40
CA LYS A 42 20.03 12.54 -0.26
C LYS A 42 19.45 13.89 0.16
N ARG A 43 18.13 14.00 0.11
CA ARG A 43 17.46 15.26 0.48
C ARG A 43 17.78 15.60 1.93
N ILE A 44 17.79 14.59 2.79
CA ILE A 44 18.09 14.80 4.20
C ILE A 44 19.60 14.98 4.40
N ASN A 45 20.37 14.56 3.41
CA ASN A 45 21.83 14.67 3.49
C ASN A 45 22.36 13.86 4.66
N THR A 46 21.97 12.59 4.71
CA THR A 46 22.41 11.71 5.80
C THR A 46 22.59 10.28 5.29
N GLN A 47 23.18 9.43 6.13
CA GLN A 47 23.40 8.03 5.75
C GLN A 47 22.18 7.19 6.12
N CYS A 48 21.84 6.24 5.25
CA CYS A 48 20.69 5.37 5.50
C CYS A 48 21.14 3.93 5.63
N THR A 49 20.65 3.26 6.68
CA THR A 49 20.99 1.86 6.92
C THR A 49 19.74 1.02 7.11
N PHE A 50 19.62 -0.06 6.34
CA PHE A 50 18.45 -0.93 6.43
C PHE A 50 18.74 -2.11 7.34
N VAL A 51 17.77 -2.45 8.20
CA VAL A 51 17.94 -3.58 9.12
C VAL A 51 16.72 -4.51 9.04
N GLU A 52 16.98 -5.79 8.86
CA GLU A 52 15.90 -6.78 8.80
C GLU A 52 15.20 -6.91 10.14
N ASN A 53 13.88 -7.02 10.10
CA ASN A 53 13.11 -7.16 11.33
C ASN A 53 11.60 -7.12 11.03
N PRO A 54 10.85 -8.01 11.62
CA PRO A 54 9.38 -8.09 11.40
C PRO A 54 8.64 -6.88 11.97
N LEU A 55 7.59 -6.46 11.28
CA LEU A 55 6.81 -5.31 11.73
C LEU A 55 6.60 -5.36 13.24
N ASP A 56 6.09 -6.47 13.74
CA ASP A 56 5.86 -6.62 15.17
C ASP A 56 7.08 -6.22 15.97
N ALA A 57 8.25 -6.33 15.35
CA ALA A 57 9.50 -5.98 16.02
C ALA A 57 9.91 -4.55 15.69
N LEU A 58 9.38 -4.03 14.60
CA LEU A 58 9.70 -2.67 14.20
C LEU A 58 9.18 -1.65 15.21
N ILE A 59 7.96 -1.88 15.69
CA ILE A 59 7.34 -0.96 16.65
C ILE A 59 8.19 -0.92 17.92
N PRO A 60 8.40 -2.05 18.53
CA PRO A 60 9.24 -2.17 19.75
C PRO A 60 10.64 -1.58 19.51
N SER A 61 11.22 -1.89 18.34
CA SER A 61 12.55 -1.41 18.00
C SER A 61 12.57 0.12 18.04
N LEU A 62 11.54 0.74 17.46
CA LEU A 62 11.46 2.19 17.45
C LEU A 62 11.46 2.73 18.87
N LYS A 63 10.67 2.10 19.74
CA LYS A 63 10.60 2.53 21.13
C LYS A 63 11.96 2.31 21.82
N ALA A 64 12.60 1.18 21.52
CA ALA A 64 13.88 0.86 22.11
C ALA A 64 14.99 1.68 21.46
N LYS A 65 14.60 2.67 20.67
CA LYS A 65 15.57 3.52 19.99
C LYS A 65 16.53 2.69 19.15
N LYS A 66 16.19 1.42 18.97
CA LYS A 66 17.01 0.52 18.16
C LYS A 66 17.06 1.00 16.71
N ILE A 67 15.96 1.58 16.25
CA ILE A 67 15.87 2.09 14.88
C ILE A 67 15.51 3.56 14.87
N ASP A 68 15.90 4.25 13.80
CA ASP A 68 15.61 5.68 13.69
C ASP A 68 14.30 5.92 12.96
N ALA A 69 13.87 4.92 12.20
CA ALA A 69 12.62 5.02 11.44
C ALA A 69 12.15 3.66 10.99
N ILE A 70 10.86 3.56 10.66
CA ILE A 70 10.29 2.29 10.21
C ILE A 70 9.81 2.41 8.77
N MET A 71 10.26 1.49 7.93
CA MET A 71 9.86 1.49 6.52
C MET A 71 9.35 0.11 6.11
N SER A 72 8.04 0.01 5.92
CA SER A 72 7.42 -1.25 5.54
C SER A 72 6.03 -1.03 4.97
N SER A 73 5.34 -2.12 4.64
CA SER A 73 3.99 -2.03 4.09
C SER A 73 3.04 -1.43 5.12
N LEU A 74 3.48 -1.41 6.38
CA LEU A 74 2.65 -0.88 7.45
C LEU A 74 1.85 0.33 6.97
N SER A 75 0.53 0.25 7.08
CA SER A 75 -0.34 1.34 6.64
C SER A 75 -0.42 2.41 7.72
N ILE A 76 -0.75 3.64 7.30
CA ILE A 76 -0.86 4.76 8.25
C ILE A 76 -2.32 5.11 8.47
N THR A 77 -2.63 5.59 9.67
CA THR A 77 -4.00 5.96 10.01
C THR A 77 -4.03 7.08 11.03
N GLU A 78 -5.08 7.88 11.03
CA GLU A 78 -5.21 8.99 11.96
C GLU A 78 -4.95 8.51 13.39
N LYS A 79 -5.58 7.41 13.76
CA LYS A 79 -5.41 6.87 15.11
C LYS A 79 -3.93 6.62 15.40
N ARG A 80 -3.22 6.12 14.41
CA ARG A 80 -1.78 5.86 14.57
C ARG A 80 -1.00 7.16 14.70
N GLN A 81 -1.43 8.18 13.95
CA GLN A 81 -0.76 9.48 13.98
C GLN A 81 -0.77 10.04 15.40
N GLN A 82 -1.88 9.81 16.11
CA GLN A 82 -2.00 10.29 17.47
C GLN A 82 -0.90 9.69 18.34
N GLU A 83 -0.44 8.50 17.97
CA GLU A 83 0.61 7.83 18.73
C GLU A 83 1.99 8.36 18.32
N ILE A 84 2.26 8.36 17.01
CA ILE A 84 3.53 8.85 16.52
C ILE A 84 3.33 9.69 15.26
N ALA A 85 4.42 9.97 14.56
CA ALA A 85 4.35 10.77 13.34
C ALA A 85 4.56 9.90 12.10
N PHE A 86 3.89 10.27 11.02
CA PHE A 86 4.02 9.52 9.76
C PHE A 86 4.31 10.46 8.60
N THR A 87 5.01 9.96 7.60
CA THR A 87 5.35 10.76 6.43
C THR A 87 5.82 9.87 5.29
N ASP A 88 6.70 10.42 4.44
CA ASP A 88 7.23 9.66 3.31
C ASP A 88 6.13 8.85 2.65
N LYS A 89 4.89 9.25 2.87
CA LYS A 89 3.74 8.55 2.28
C LYS A 89 4.14 7.88 0.97
N LEU A 90 3.98 6.57 0.90
CA LEU A 90 4.35 5.82 -0.30
C LEU A 90 3.28 5.95 -1.36
N TYR A 91 2.15 5.30 -1.14
CA TYR A 91 1.05 5.34 -2.10
C TYR A 91 -0.29 5.25 -1.39
N ALA A 92 -1.36 5.58 -2.11
CA ALA A 92 -2.70 5.53 -1.54
C ALA A 92 -3.24 4.10 -1.57
N ALA A 93 -3.66 3.60 -0.41
CA ALA A 93 -4.20 2.25 -0.32
C ALA A 93 -5.70 2.27 -0.15
N ASP A 94 -6.40 2.70 -1.20
CA ASP A 94 -7.85 2.76 -1.15
C ASP A 94 -8.46 1.41 -1.54
N SER A 95 -9.01 1.34 -2.75
CA SER A 95 -9.63 0.11 -3.22
C SER A 95 -9.72 0.10 -4.74
N ARG A 96 -10.01 -1.06 -5.31
CA ARG A 96 -10.13 -1.18 -6.76
C ARG A 96 -11.04 -2.36 -7.11
N LEU A 97 -11.77 -2.22 -8.22
CA LEU A 97 -12.66 -3.29 -8.68
C LEU A 97 -12.03 -4.04 -9.83
N VAL A 98 -12.13 -5.37 -9.79
CA VAL A 98 -11.55 -6.20 -10.85
C VAL A 98 -12.64 -7.08 -11.47
N VAL A 99 -13.00 -6.79 -12.72
CA VAL A 99 -14.04 -7.55 -13.40
C VAL A 99 -13.61 -7.90 -14.82
N ALA A 100 -14.33 -8.84 -15.43
CA ALA A 100 -14.01 -9.26 -16.79
C ALA A 100 -14.74 -8.38 -17.81
N LYS A 101 -14.11 -8.18 -18.96
CA LYS A 101 -14.70 -7.37 -20.01
C LYS A 101 -16.08 -7.89 -20.37
N ASN A 102 -16.30 -9.19 -20.17
CA ASN A 102 -17.58 -9.79 -20.49
C ASN A 102 -18.70 -9.14 -19.69
N SER A 103 -18.43 -8.86 -18.41
CA SER A 103 -19.41 -8.22 -17.56
C SER A 103 -19.09 -6.74 -17.39
N ASP A 104 -20.04 -5.88 -17.76
CA ASP A 104 -19.84 -4.44 -17.64
C ASP A 104 -20.25 -3.96 -16.26
N ILE A 105 -19.26 -3.56 -15.46
CA ILE A 105 -19.52 -3.07 -14.10
C ILE A 105 -18.84 -1.74 -13.89
N GLN A 106 -19.60 -0.77 -13.38
CA GLN A 106 -19.06 0.56 -13.12
C GLN A 106 -18.98 0.83 -11.62
N PRO A 107 -18.15 1.75 -11.23
CA PRO A 107 -17.97 2.12 -9.79
C PRO A 107 -19.27 2.64 -9.17
N THR A 108 -20.05 1.72 -8.59
CA THR A 108 -21.31 2.09 -7.97
C THR A 108 -21.87 0.93 -7.16
N VAL A 109 -22.47 1.24 -6.01
CA VAL A 109 -23.05 0.21 -5.17
C VAL A 109 -24.28 -0.39 -5.85
N GLU A 110 -25.00 0.43 -6.60
CA GLU A 110 -26.20 -0.02 -7.28
C GLU A 110 -25.88 -1.22 -8.18
N SER A 111 -25.04 -0.98 -9.19
CA SER A 111 -24.68 -2.04 -10.12
C SER A 111 -24.11 -3.25 -9.38
N LEU A 112 -23.61 -3.02 -8.18
CA LEU A 112 -23.05 -4.08 -7.36
C LEU A 112 -24.15 -4.95 -6.75
N LYS A 113 -25.31 -4.35 -6.56
CA LYS A 113 -26.43 -5.07 -5.96
C LYS A 113 -26.72 -6.34 -6.74
N GLY A 114 -26.89 -7.45 -6.02
CA GLY A 114 -27.18 -8.73 -6.65
C GLY A 114 -25.90 -9.41 -7.13
N LYS A 115 -24.82 -8.63 -7.22
CA LYS A 115 -23.55 -9.17 -7.67
C LYS A 115 -22.78 -9.78 -6.51
N ARG A 116 -21.95 -10.77 -6.81
CA ARG A 116 -21.17 -11.45 -5.78
C ARG A 116 -19.77 -10.84 -5.70
N VAL A 117 -19.31 -10.58 -4.48
CA VAL A 117 -17.99 -10.00 -4.27
C VAL A 117 -17.18 -10.84 -3.31
N GLY A 118 -15.90 -11.04 -3.63
CA GLY A 118 -15.01 -11.84 -2.79
C GLY A 118 -14.04 -10.94 -2.05
N VAL A 119 -13.81 -11.24 -0.77
CA VAL A 119 -12.88 -10.45 0.06
C VAL A 119 -11.91 -11.37 0.78
N LEU A 120 -10.80 -10.79 1.24
CA LEU A 120 -9.80 -11.56 1.97
C LEU A 120 -10.06 -11.51 3.47
N GLN A 121 -10.32 -12.67 4.06
CA GLN A 121 -10.58 -12.75 5.48
C GLN A 121 -9.49 -12.04 6.28
N GLY A 122 -9.82 -11.63 7.50
CA GLY A 122 -8.85 -10.95 8.35
C GLY A 122 -8.47 -9.60 7.76
N THR A 123 -9.46 -8.80 7.41
CA THR A 123 -9.21 -7.48 6.83
C THR A 123 -10.33 -6.51 7.19
N THR A 124 -10.09 -5.23 6.94
CA THR A 124 -11.09 -4.21 7.24
C THR A 124 -12.26 -4.31 6.26
N GLN A 125 -11.98 -4.77 5.04
CA GLN A 125 -13.01 -4.88 4.03
C GLN A 125 -14.14 -5.80 4.50
N GLU A 126 -13.78 -7.01 4.90
CA GLU A 126 -14.78 -7.96 5.37
C GLU A 126 -15.57 -7.37 6.54
N THR A 127 -14.85 -6.96 7.58
CA THR A 127 -15.52 -6.39 8.75
C THR A 127 -16.31 -5.15 8.38
N PHE A 128 -15.67 -4.22 7.70
CA PHE A 128 -16.34 -3.00 7.26
C PHE A 128 -17.49 -3.32 6.33
N GLY A 129 -17.25 -4.23 5.38
CA GLY A 129 -18.26 -4.61 4.41
C GLY A 129 -19.46 -5.23 5.10
N ASN A 130 -19.21 -6.12 6.05
CA ASN A 130 -20.29 -6.78 6.77
C ASN A 130 -21.35 -5.78 7.19
N GLU A 131 -21.01 -4.50 7.12
CA GLU A 131 -21.95 -3.45 7.49
C GLU A 131 -22.11 -2.45 6.36
N HIS A 132 -21.04 -2.21 5.61
CA HIS A 132 -21.09 -1.25 4.52
C HIS A 132 -21.84 -1.81 3.33
N TRP A 133 -21.47 -3.01 2.91
CA TRP A 133 -22.10 -3.65 1.76
C TRP A 133 -23.14 -4.67 2.20
N ALA A 134 -23.49 -4.63 3.47
CA ALA A 134 -24.48 -5.55 4.01
C ALA A 134 -25.90 -5.02 3.77
N PRO A 135 -26.17 -3.82 4.21
CA PRO A 135 -27.51 -3.19 4.04
C PRO A 135 -27.77 -2.77 2.60
N LYS A 136 -26.73 -2.85 1.77
CA LYS A 136 -26.86 -2.46 0.37
C LYS A 136 -27.43 -3.60 -0.45
N GLY A 137 -27.53 -4.78 0.18
CA GLY A 137 -28.07 -5.94 -0.51
C GLY A 137 -27.02 -6.58 -1.41
N ILE A 138 -25.76 -6.51 -0.98
CA ILE A 138 -24.65 -7.08 -1.75
C ILE A 138 -24.09 -8.32 -1.05
N GLU A 139 -23.80 -9.35 -1.83
CA GLU A 139 -23.26 -10.59 -1.27
C GLU A 139 -21.75 -10.51 -1.18
N ILE A 140 -21.20 -10.84 -0.02
CA ILE A 140 -19.76 -10.81 0.19
C ILE A 140 -19.26 -12.14 0.73
N VAL A 141 -18.13 -12.59 0.19
CA VAL A 141 -17.56 -13.87 0.63
C VAL A 141 -16.13 -13.65 1.14
N SER A 142 -15.82 -14.23 2.29
CA SER A 142 -14.50 -14.10 2.88
C SER A 142 -13.62 -15.30 2.53
N TYR A 143 -12.44 -15.02 1.98
CA TYR A 143 -11.51 -16.09 1.59
C TYR A 143 -10.29 -16.07 2.50
N GLN A 144 -9.66 -17.23 2.66
CA GLN A 144 -8.47 -17.34 3.51
C GLN A 144 -7.22 -17.51 2.67
N GLY A 145 -7.37 -17.36 1.36
CA GLY A 145 -6.23 -17.50 0.44
C GLY A 145 -6.18 -16.35 -0.55
N GLN A 146 -5.00 -15.73 -0.67
CA GLN A 146 -4.83 -14.62 -1.58
C GLN A 146 -4.98 -15.09 -3.03
N ASP A 147 -4.34 -16.20 -3.36
CA ASP A 147 -4.42 -16.74 -4.71
C ASP A 147 -5.80 -17.30 -4.99
N ASN A 148 -6.52 -17.65 -3.92
CA ASN A 148 -7.86 -18.20 -4.06
C ASN A 148 -8.80 -17.15 -4.64
N ILE A 149 -8.60 -15.90 -4.25
CA ILE A 149 -9.45 -14.82 -4.76
C ILE A 149 -9.26 -14.61 -6.25
N TYR A 150 -8.01 -14.55 -6.68
CA TYR A 150 -7.70 -14.37 -8.09
C TYR A 150 -8.21 -15.54 -8.91
N SER A 151 -8.09 -16.74 -8.35
CA SER A 151 -8.55 -17.95 -9.04
C SER A 151 -10.04 -17.86 -9.31
N ASP A 152 -10.80 -17.39 -8.32
CA ASP A 152 -12.25 -17.26 -8.47
C ASP A 152 -12.57 -16.24 -9.56
N LEU A 153 -11.87 -15.11 -9.53
CA LEU A 153 -12.11 -14.06 -10.51
C LEU A 153 -11.87 -14.61 -11.92
N THR A 154 -10.74 -15.29 -12.10
CA THR A 154 -10.41 -15.86 -13.40
C THR A 154 -11.44 -16.90 -13.79
N ALA A 155 -12.12 -17.46 -12.78
CA ALA A 155 -13.13 -18.49 -13.03
C ALA A 155 -14.50 -17.85 -13.23
N GLY A 156 -14.64 -16.61 -12.79
CA GLY A 156 -15.91 -15.89 -12.94
C GLY A 156 -16.83 -16.18 -11.75
N ARG A 157 -16.28 -16.81 -10.71
CA ARG A 157 -17.06 -17.14 -9.53
C ARG A 157 -17.42 -15.88 -8.76
N ILE A 158 -16.70 -14.79 -9.04
CA ILE A 158 -16.95 -13.52 -8.37
C ILE A 158 -17.11 -12.40 -9.40
N ASP A 159 -18.09 -11.53 -9.17
CA ASP A 159 -18.33 -10.42 -10.09
C ASP A 159 -17.24 -9.36 -9.96
N ALA A 160 -16.66 -9.26 -8.78
CA ALA A 160 -15.62 -8.27 -8.53
C ALA A 160 -15.03 -8.43 -7.13
N ALA A 161 -13.80 -7.98 -6.95
CA ALA A 161 -13.15 -8.07 -5.65
C ALA A 161 -12.57 -6.71 -5.27
N PHE A 162 -12.73 -6.34 -3.99
CA PHE A 162 -12.22 -5.07 -3.51
C PHE A 162 -10.77 -5.19 -3.09
N GLN A 163 -9.87 -4.71 -3.94
CA GLN A 163 -8.43 -4.77 -3.65
C GLN A 163 -7.78 -3.41 -3.90
N ASP A 164 -6.57 -3.24 -3.40
CA ASP A 164 -5.83 -1.99 -3.58
C ASP A 164 -5.31 -1.89 -5.01
N GLU A 165 -5.16 -0.66 -5.49
CA GLU A 165 -4.66 -0.44 -6.84
C GLU A 165 -3.22 -0.91 -6.99
N VAL A 166 -2.35 -0.43 -6.12
CA VAL A 166 -0.94 -0.80 -6.18
C VAL A 166 -0.78 -2.30 -6.01
N ALA A 167 -1.42 -2.85 -4.98
CA ALA A 167 -1.33 -4.28 -4.73
C ALA A 167 -1.87 -5.07 -5.91
N ALA A 168 -2.95 -4.57 -6.51
CA ALA A 168 -3.56 -5.23 -7.66
C ALA A 168 -2.58 -5.28 -8.83
N SER A 169 -2.22 -4.11 -9.33
CA SER A 169 -1.28 -4.02 -10.46
C SER A 169 0.03 -4.71 -10.10
N GLU A 170 0.54 -4.41 -8.91
CA GLU A 170 1.80 -5.02 -8.47
C GLU A 170 1.79 -6.50 -8.75
N GLY A 171 0.66 -7.15 -8.50
CA GLY A 171 0.54 -8.58 -8.72
C GLY A 171 -0.39 -8.90 -9.87
N PHE A 172 -1.66 -8.52 -9.73
CA PHE A 172 -2.65 -8.79 -10.74
C PHE A 172 -2.08 -8.58 -12.14
N LEU A 173 -1.86 -7.32 -12.49
CA LEU A 173 -1.34 -6.99 -13.81
C LEU A 173 0.04 -7.60 -14.01
N LYS A 174 0.86 -7.52 -12.97
CA LYS A 174 2.22 -8.06 -13.04
C LYS A 174 2.19 -9.55 -13.35
N GLN A 175 0.98 -10.10 -13.45
CA GLN A 175 0.83 -11.52 -13.75
C GLN A 175 -0.09 -11.72 -14.96
N PRO A 176 0.23 -12.68 -15.81
CA PRO A 176 -0.59 -12.99 -17.01
C PRO A 176 -2.08 -13.00 -16.71
N VAL A 177 -2.43 -13.03 -15.42
CA VAL A 177 -3.81 -13.06 -15.01
C VAL A 177 -4.52 -11.78 -15.45
N GLY A 178 -3.85 -10.65 -15.27
CA GLY A 178 -4.43 -9.36 -15.63
C GLY A 178 -4.73 -9.30 -17.13
N LYS A 179 -3.91 -9.95 -17.92
CA LYS A 179 -4.08 -9.96 -19.37
C LYS A 179 -5.43 -10.59 -19.73
N ASP A 180 -5.78 -11.67 -19.04
CA ASP A 180 -7.04 -12.35 -19.29
C ASP A 180 -8.22 -11.45 -18.92
N TYR A 181 -8.04 -10.66 -17.87
CA TYR A 181 -9.09 -9.76 -17.41
C TYR A 181 -8.50 -8.60 -16.62
N LYS A 182 -9.09 -7.41 -16.78
CA LYS A 182 -8.61 -6.22 -16.09
C LYS A 182 -9.52 -5.03 -16.38
N PHE A 183 -10.43 -4.74 -15.45
CA PHE A 183 -11.34 -3.63 -15.62
C PHE A 183 -11.89 -3.17 -14.28
N GLY A 184 -12.53 -2.01 -14.26
CA GLY A 184 -13.11 -1.48 -13.02
C GLY A 184 -12.05 -0.81 -12.17
N GLY A 185 -11.36 0.17 -12.75
CA GLY A 185 -10.31 0.88 -12.03
C GLY A 185 -10.82 1.39 -10.68
N PRO A 186 -10.87 2.70 -10.49
CA PRO A 186 -11.36 3.30 -9.23
C PRO A 186 -12.70 2.73 -8.80
N SER A 187 -12.82 2.41 -7.52
CA SER A 187 -14.06 1.84 -6.99
C SER A 187 -14.61 2.66 -5.83
N VAL A 188 -14.50 2.12 -4.63
CA VAL A 188 -15.00 2.80 -3.44
C VAL A 188 -14.45 2.15 -2.19
N LYS A 189 -14.56 2.84 -1.05
CA LYS A 189 -14.09 2.31 0.23
C LYS A 189 -13.74 3.45 1.18
N ASP A 190 -13.80 3.17 2.48
CA ASP A 190 -13.48 4.17 3.49
C ASP A 190 -11.96 4.25 3.66
N GLU A 191 -11.41 5.43 3.37
CA GLU A 191 -9.97 5.64 3.48
C GLU A 191 -9.53 5.67 4.95
N LYS A 192 -10.49 5.90 5.83
CA LYS A 192 -10.20 5.97 7.25
C LYS A 192 -9.70 4.61 7.76
N LEU A 193 -10.18 3.55 7.14
CA LEU A 193 -9.80 2.20 7.57
C LEU A 193 -8.30 2.00 7.42
N PHE A 194 -7.75 2.44 6.30
CA PHE A 194 -6.31 2.32 6.06
C PHE A 194 -5.66 3.70 5.99
N GLY A 195 -6.42 4.73 6.33
CA GLY A 195 -5.91 6.09 6.29
C GLY A 195 -5.73 6.56 4.85
N VAL A 196 -4.81 7.50 4.66
CA VAL A 196 -4.53 8.03 3.32
C VAL A 196 -3.81 6.98 2.46
N GLY A 197 -3.11 6.07 3.13
CA GLY A 197 -2.37 5.03 2.43
C GLY A 197 -1.30 4.42 3.32
N THR A 198 -0.06 4.42 2.84
CA THR A 198 1.05 3.87 3.61
C THR A 198 2.23 4.83 3.61
N GLY A 199 3.12 4.65 4.57
CA GLY A 199 4.30 5.52 4.68
C GLY A 199 5.26 5.01 5.75
N MET A 200 6.15 5.87 6.20
CA MET A 200 7.14 5.49 7.21
C MET A 200 6.68 5.95 8.59
N GLY A 201 6.89 5.10 9.59
CA GLY A 201 6.49 5.43 10.95
C GLY A 201 7.59 6.18 11.69
N LEU A 202 7.37 7.47 11.93
CA LEU A 202 8.36 8.30 12.63
C LEU A 202 7.78 8.83 13.92
N ARG A 203 8.64 9.22 14.85
CA ARG A 203 8.20 9.75 16.13
C ARG A 203 7.94 11.25 16.04
N LYS A 204 7.00 11.74 16.83
CA LYS A 204 6.67 13.16 16.80
C LYS A 204 7.92 14.01 16.96
N GLU A 205 8.74 13.68 17.96
CA GLU A 205 9.96 14.43 18.21
C GLU A 205 10.66 14.78 16.88
N ASP A 206 10.35 14.02 15.83
CA ASP A 206 10.95 14.26 14.54
C ASP A 206 10.36 15.51 13.89
N ASN A 207 10.37 16.60 14.64
CA ASN A 207 9.83 17.85 14.13
C ASN A 207 10.65 18.37 12.95
N GLU A 208 11.97 18.34 13.08
CA GLU A 208 12.84 18.79 12.01
C GLU A 208 12.89 17.79 10.88
N LEU A 209 13.08 16.52 11.23
CA LEU A 209 13.16 15.46 10.23
C LEU A 209 11.85 15.36 9.45
N ARG A 210 10.74 15.44 10.17
CA ARG A 210 9.42 15.36 9.55
C ARG A 210 9.22 16.54 8.60
N GLU A 211 9.64 17.73 9.05
CA GLU A 211 9.51 18.94 8.24
C GLU A 211 10.26 18.73 6.91
N ALA A 212 11.40 18.06 6.98
CA ALA A 212 12.19 17.79 5.76
C ALA A 212 11.49 16.73 4.94
N LEU A 213 11.62 15.47 5.34
CA LEU A 213 10.98 14.36 4.62
C LEU A 213 9.72 14.84 3.91
N ASN A 214 8.91 15.62 4.63
CA ASN A 214 7.68 16.17 4.05
C ASN A 214 8.03 17.12 2.90
N LYS A 215 8.99 18.00 3.13
CA LYS A 215 9.43 18.94 2.09
C LYS A 215 9.95 18.17 0.88
N ALA A 216 10.75 17.14 1.13
CA ALA A 216 11.31 16.34 0.05
C ALA A 216 10.20 15.65 -0.73
N PHE A 217 9.17 15.20 -0.02
CA PHE A 217 8.02 14.55 -0.66
C PHE A 217 7.33 15.53 -1.61
N ALA A 218 7.16 16.76 -1.16
CA ALA A 218 6.51 17.79 -1.97
C ALA A 218 7.32 18.03 -3.24
N GLU A 219 8.64 18.04 -3.10
CA GLU A 219 9.53 18.26 -4.25
C GLU A 219 9.36 17.13 -5.26
N MET A 220 9.31 15.89 -4.74
CA MET A 220 9.15 14.73 -5.61
C MET A 220 7.91 14.89 -6.47
N ARG A 221 6.85 15.43 -5.87
CA ARG A 221 5.60 15.66 -6.61
C ARG A 221 5.79 16.77 -7.65
N ALA A 222 6.54 17.81 -7.27
CA ALA A 222 6.77 18.93 -8.17
C ALA A 222 7.47 18.47 -9.45
N ASP A 223 8.49 17.62 -9.29
CA ASP A 223 9.22 17.10 -10.43
C ASP A 223 8.57 15.81 -10.95
N GLY A 224 7.50 15.40 -10.29
CA GLY A 224 6.78 14.20 -10.70
C GLY A 224 7.64 12.96 -10.50
N THR A 225 8.65 13.07 -9.65
CA THR A 225 9.54 11.95 -9.39
C THR A 225 8.74 10.75 -8.89
N TYR A 226 7.84 10.99 -7.94
CA TYR A 226 7.02 9.91 -7.41
C TYR A 226 6.12 9.33 -8.50
N GLU A 227 5.30 10.19 -9.11
CA GLU A 227 4.39 9.75 -10.17
C GLU A 227 5.18 9.09 -11.30
N LYS A 228 6.31 9.70 -11.65
CA LYS A 228 7.13 9.15 -12.74
C LYS A 228 7.57 7.73 -12.42
N LEU A 229 8.08 7.53 -11.21
CA LEU A 229 8.53 6.20 -10.80
C LEU A 229 7.35 5.23 -10.78
N ALA A 230 6.21 5.71 -10.29
CA ALA A 230 5.02 4.87 -10.22
C ALA A 230 4.63 4.35 -11.61
N LYS A 231 4.55 5.27 -12.56
CA LYS A 231 4.19 4.90 -13.93
C LYS A 231 5.18 3.90 -14.50
N LYS A 232 6.44 4.04 -14.12
CA LYS A 232 7.47 3.13 -14.61
C LYS A 232 7.33 1.75 -13.98
N TYR A 233 7.24 1.70 -12.67
CA TYR A 233 7.10 0.43 -11.97
C TYR A 233 5.79 -0.25 -12.36
N PHE A 234 4.72 0.52 -12.39
CA PHE A 234 3.41 -0.01 -12.75
C PHE A 234 2.55 1.07 -13.40
N ASP A 235 1.61 0.64 -14.24
CA ASP A 235 0.72 1.59 -14.91
C ASP A 235 -0.62 1.66 -14.18
N PHE A 236 -0.73 2.62 -13.27
CA PHE A 236 -1.97 2.80 -12.51
C PHE A 236 -2.13 4.24 -12.08
N ASP A 237 -3.04 4.48 -11.15
CA ASP A 237 -3.30 5.83 -10.65
C ASP A 237 -3.09 5.91 -9.14
N VAL A 238 -2.01 6.55 -8.73
CA VAL A 238 -1.72 6.70 -7.30
C VAL A 238 -2.80 7.49 -6.61
N TYR A 239 -3.29 8.54 -7.26
CA TYR A 239 -4.33 9.38 -6.68
C TYR A 239 -5.56 8.54 -6.35
N GLY A 240 -5.92 7.64 -7.26
CA GLY A 240 -7.08 6.77 -7.05
C GLY A 240 -6.85 5.85 -5.85
N GLY A 241 -5.62 5.38 -5.71
CA GLY A 241 -5.27 4.49 -4.60
C GLY A 241 -6.00 3.16 -4.74
N ALA A 4 21.08 20.41 14.04
CA ALA A 4 21.93 19.49 13.25
C ALA A 4 21.22 18.14 13.12
N ILE A 5 21.10 17.66 11.89
CA ILE A 5 20.44 16.40 11.64
C ILE A 5 21.30 15.23 12.14
N PRO A 6 20.71 14.08 12.27
CA PRO A 6 21.43 12.86 12.73
C PRO A 6 22.59 12.47 11.81
N GLN A 7 23.67 11.98 12.39
CA GLN A 7 24.83 11.57 11.61
C GLN A 7 24.48 10.36 10.74
N ASN A 8 23.71 9.44 11.29
CA ASN A 8 23.32 8.24 10.55
C ASN A 8 21.87 7.88 10.83
N ILE A 9 21.18 7.36 9.83
CA ILE A 9 19.78 6.98 9.99
C ILE A 9 19.62 5.46 9.92
N ARG A 10 18.92 4.90 10.90
CA ARG A 10 18.70 3.46 10.92
C ARG A 10 17.26 3.13 10.54
N ILE A 11 17.11 2.39 9.45
CA ILE A 11 15.78 2.02 8.97
C ILE A 11 15.57 0.52 9.09
N GLY A 12 14.37 0.11 9.49
CA GLY A 12 14.05 -1.31 9.64
C GLY A 12 13.11 -1.76 8.54
N THR A 13 13.65 -2.41 7.51
CA THR A 13 12.83 -2.89 6.40
C THR A 13 13.01 -4.38 6.20
N ASP A 14 11.90 -5.11 6.34
CA ASP A 14 11.93 -6.56 6.16
C ASP A 14 11.15 -6.96 4.91
N PRO A 15 11.83 -7.09 3.79
CA PRO A 15 11.18 -7.49 2.51
C PRO A 15 10.37 -8.77 2.64
N THR A 16 9.17 -8.77 2.09
CA THR A 16 8.31 -9.95 2.14
C THR A 16 7.64 -10.19 0.79
N TYR A 17 7.62 -9.16 -0.05
CA TYR A 17 7.01 -9.27 -1.36
C TYR A 17 8.00 -8.88 -2.45
N ALA A 18 8.62 -9.88 -3.05
CA ALA A 18 9.59 -9.64 -4.12
C ALA A 18 9.23 -8.37 -4.91
N PRO A 19 8.08 -8.36 -5.51
CA PRO A 19 7.62 -7.20 -6.33
C PRO A 19 7.75 -5.87 -5.58
N PHE A 20 7.41 -5.89 -4.30
CA PHE A 20 7.51 -4.68 -3.49
C PHE A 20 8.95 -4.42 -3.06
N GLU A 21 9.64 -5.49 -2.66
CA GLU A 21 11.02 -5.38 -2.20
C GLU A 21 11.81 -6.61 -2.57
N SER A 22 12.95 -6.81 -1.90
CA SER A 22 13.79 -7.97 -2.17
C SER A 22 15.22 -7.69 -1.71
N LYS A 23 16.10 -8.66 -1.92
CA LYS A 23 17.50 -8.52 -1.53
C LYS A 23 18.42 -8.97 -2.65
N ASN A 24 19.51 -8.24 -2.85
CA ASN A 24 20.47 -8.58 -3.90
C ASN A 24 21.52 -9.56 -3.37
N SER A 25 21.87 -10.55 -4.19
CA SER A 25 22.86 -11.53 -3.79
C SER A 25 24.23 -10.88 -3.62
N GLN A 26 24.39 -9.70 -4.22
CA GLN A 26 25.66 -8.97 -4.12
C GLN A 26 25.76 -8.25 -2.79
N GLY A 27 24.69 -8.30 -2.00
CA GLY A 27 24.67 -7.65 -0.69
C GLY A 27 23.89 -6.34 -0.76
N GLU A 28 23.57 -5.90 -1.97
CA GLU A 28 22.82 -4.66 -2.16
C GLU A 28 21.33 -4.90 -1.90
N LEU A 29 20.62 -3.82 -1.61
CA LEU A 29 19.18 -3.90 -1.34
C LEU A 29 18.39 -3.18 -2.41
N VAL A 30 17.32 -3.83 -2.89
CA VAL A 30 16.48 -3.24 -3.93
C VAL A 30 15.00 -3.32 -3.54
N GLY A 31 14.22 -2.36 -4.01
CA GLY A 31 12.79 -2.34 -3.70
C GLY A 31 12.20 -0.97 -3.99
N PHE A 32 10.91 -0.94 -4.29
CA PHE A 32 10.23 0.32 -4.58
C PHE A 32 10.30 1.26 -3.38
N ASP A 33 10.12 0.71 -2.20
CA ASP A 33 10.16 1.50 -0.97
C ASP A 33 11.58 1.98 -0.67
N ILE A 34 12.55 1.16 -1.03
CA ILE A 34 13.95 1.49 -0.81
C ILE A 34 14.37 2.68 -1.67
N ASP A 35 13.89 2.70 -2.90
CA ASP A 35 14.24 3.77 -3.83
C ASP A 35 13.77 5.12 -3.27
N LEU A 36 12.61 5.12 -2.62
CA LEU A 36 12.09 6.34 -2.03
C LEU A 36 12.99 6.80 -0.88
N ALA A 37 13.39 5.85 -0.03
CA ALA A 37 14.24 6.18 1.11
C ALA A 37 15.55 6.80 0.64
N LYS A 38 16.11 6.24 -0.43
CA LYS A 38 17.39 6.75 -0.96
C LYS A 38 17.25 8.22 -1.32
N GLU A 39 16.25 8.55 -2.15
CA GLU A 39 16.02 9.93 -2.54
C GLU A 39 15.88 10.82 -1.31
N LEU A 40 15.26 10.28 -0.27
CA LEU A 40 15.08 11.03 0.97
C LEU A 40 16.41 11.21 1.69
N CYS A 41 17.22 10.14 1.73
CA CYS A 41 18.51 10.19 2.40
C CYS A 41 19.35 11.32 1.83
N LYS A 42 19.34 11.45 0.49
CA LYS A 42 20.09 12.53 -0.15
C LYS A 42 19.52 13.89 0.25
N ARG A 43 18.21 14.02 0.17
CA ARG A 43 17.55 15.28 0.55
C ARG A 43 17.85 15.63 1.98
N ILE A 44 17.85 14.62 2.85
CA ILE A 44 18.14 14.82 4.26
C ILE A 44 19.63 15.00 4.48
N ASN A 45 20.43 14.57 3.50
CA ASN A 45 21.88 14.67 3.60
C ASN A 45 22.39 13.86 4.78
N THR A 46 21.99 12.60 4.84
CA THR A 46 22.41 11.71 5.93
C THR A 46 22.61 10.29 5.42
N GLN A 47 23.21 9.44 6.26
CA GLN A 47 23.44 8.05 5.89
C GLN A 47 22.23 7.20 6.25
N CYS A 48 21.88 6.25 5.38
CA CYS A 48 20.74 5.38 5.61
C CYS A 48 21.19 3.93 5.72
N THR A 49 20.70 3.25 6.75
CA THR A 49 21.05 1.84 6.96
C THR A 49 19.78 1.00 7.13
N PHE A 50 19.67 -0.05 6.33
CA PHE A 50 18.50 -0.93 6.41
C PHE A 50 18.78 -2.11 7.32
N VAL A 51 17.82 -2.45 8.18
CA VAL A 51 17.98 -3.58 9.09
C VAL A 51 16.76 -4.49 9.02
N GLU A 52 17.00 -5.79 8.84
CA GLU A 52 15.92 -6.75 8.77
C GLU A 52 15.21 -6.89 10.11
N ASN A 53 13.89 -7.03 10.07
CA ASN A 53 13.12 -7.16 11.30
C ASN A 53 11.62 -7.12 10.99
N PRO A 54 10.86 -8.00 11.59
CA PRO A 54 9.40 -8.07 11.38
C PRO A 54 8.66 -6.87 11.94
N LEU A 55 7.61 -6.44 11.25
CA LEU A 55 6.83 -5.30 11.70
C LEU A 55 6.63 -5.33 13.21
N ASP A 56 6.10 -6.45 13.70
CA ASP A 56 5.87 -6.59 15.14
C ASP A 56 7.09 -6.20 15.94
N ALA A 57 8.27 -6.31 15.32
CA ALA A 57 9.52 -5.96 15.99
C ALA A 57 9.93 -4.54 15.67
N LEU A 58 9.40 -4.00 14.58
CA LEU A 58 9.72 -2.64 14.18
C LEU A 58 9.20 -1.62 15.19
N ILE A 59 7.99 -1.85 15.66
CA ILE A 59 7.37 -0.94 16.63
C ILE A 59 8.22 -0.89 17.90
N PRO A 60 8.43 -2.03 18.50
CA PRO A 60 9.27 -2.14 19.73
C PRO A 60 10.67 -1.57 19.49
N SER A 61 11.24 -1.87 18.32
CA SER A 61 12.57 -1.38 17.99
C SER A 61 12.60 0.13 18.03
N LEU A 62 11.56 0.75 17.45
CA LEU A 62 11.49 2.21 17.44
C LEU A 62 11.49 2.75 18.85
N LYS A 63 10.71 2.12 19.72
CA LYS A 63 10.65 2.54 21.13
C LYS A 63 12.01 2.32 21.79
N ALA A 64 12.65 1.20 21.49
CA ALA A 64 13.94 0.87 22.07
C ALA A 64 15.04 1.70 21.42
N LYS A 65 14.64 2.69 20.65
CA LYS A 65 15.61 3.56 19.97
C LYS A 65 16.56 2.74 19.11
N LYS A 66 16.23 1.47 18.91
CA LYS A 66 17.04 0.58 18.10
C LYS A 66 17.08 1.06 16.65
N ILE A 67 15.96 1.65 16.21
CA ILE A 67 15.87 2.15 14.83
C ILE A 67 15.48 3.62 14.84
N ASP A 68 15.87 4.34 13.78
CA ASP A 68 15.56 5.76 13.67
C ASP A 68 14.26 5.98 12.92
N ALA A 69 13.86 4.99 12.14
CA ALA A 69 12.64 5.09 11.35
C ALA A 69 12.17 3.72 10.90
N ILE A 70 10.89 3.62 10.58
CA ILE A 70 10.31 2.35 10.13
C ILE A 70 9.83 2.46 8.70
N MET A 71 10.26 1.54 7.85
CA MET A 71 9.85 1.54 6.44
C MET A 71 9.33 0.17 6.03
N SER A 72 8.01 0.07 5.88
CA SER A 72 7.39 -1.19 5.49
C SER A 72 5.99 -0.96 4.92
N SER A 73 5.31 -2.04 4.59
CA SER A 73 3.96 -1.94 4.04
C SER A 73 3.01 -1.36 5.07
N LEU A 74 3.44 -1.34 6.33
CA LEU A 74 2.61 -0.81 7.41
C LEU A 74 1.82 0.40 6.93
N SER A 75 0.49 0.32 7.05
CA SER A 75 -0.36 1.41 6.63
C SER A 75 -0.45 2.49 7.71
N ILE A 76 -0.76 3.72 7.30
CA ILE A 76 -0.86 4.82 8.25
C ILE A 76 -2.33 5.17 8.50
N THR A 77 -2.63 5.64 9.70
CA THR A 77 -4.00 6.01 10.06
C THR A 77 -4.00 7.12 11.09
N GLU A 78 -5.07 7.92 11.09
CA GLU A 78 -5.18 9.02 12.04
C GLU A 78 -4.90 8.53 13.46
N LYS A 79 -5.53 7.43 13.84
CA LYS A 79 -5.34 6.87 15.17
C LYS A 79 -3.87 6.63 15.46
N ARG A 80 -3.15 6.14 14.45
CA ARG A 80 -1.72 5.89 14.60
C ARG A 80 -0.94 7.20 14.73
N GLN A 81 -1.37 8.22 13.99
CA GLN A 81 -0.71 9.51 14.03
C GLN A 81 -0.72 10.06 15.45
N GLN A 82 -1.82 9.83 16.16
CA GLN A 82 -1.93 10.31 17.54
C GLN A 82 -0.82 9.69 18.40
N GLU A 83 -0.36 8.51 18.00
CA GLU A 83 0.70 7.82 18.75
C GLU A 83 2.06 8.35 18.34
N ILE A 84 2.32 8.37 17.02
CA ILE A 84 3.60 8.85 16.51
C ILE A 84 3.39 9.69 15.27
N ALA A 85 4.47 9.99 14.56
CA ALA A 85 4.39 10.79 13.34
C ALA A 85 4.59 9.93 12.10
N PHE A 86 3.91 10.29 11.02
CA PHE A 86 4.03 9.56 9.76
C PHE A 86 4.32 10.51 8.61
N THR A 87 5.02 9.99 7.60
CA THR A 87 5.35 10.81 6.44
C THR A 87 5.83 9.92 5.28
N ASP A 88 6.70 10.48 4.44
CA ASP A 88 7.23 9.73 3.31
C ASP A 88 6.13 8.91 2.64
N LYS A 89 4.87 9.31 2.87
CA LYS A 89 3.73 8.60 2.28
C LYS A 89 4.13 7.94 0.97
N LEU A 90 3.97 6.63 0.90
CA LEU A 90 4.33 5.88 -0.30
C LEU A 90 3.27 6.00 -1.36
N TYR A 91 2.14 5.34 -1.14
CA TYR A 91 1.03 5.37 -2.09
C TYR A 91 -0.31 5.27 -1.39
N ALA A 92 -1.38 5.60 -2.10
CA ALA A 92 -2.72 5.54 -1.52
C ALA A 92 -3.24 4.10 -1.53
N ALA A 93 -3.68 3.63 -0.38
CA ALA A 93 -4.20 2.27 -0.27
C ALA A 93 -5.72 2.29 -0.12
N ASP A 94 -6.41 2.71 -1.17
CA ASP A 94 -7.88 2.77 -1.14
C ASP A 94 -8.47 1.42 -1.54
N SER A 95 -9.02 1.35 -2.74
CA SER A 95 -9.63 0.11 -3.22
C SER A 95 -9.71 0.13 -4.75
N ARG A 96 -10.02 -1.03 -5.32
CA ARG A 96 -10.14 -1.15 -6.77
C ARG A 96 -11.05 -2.32 -7.13
N LEU A 97 -11.80 -2.19 -8.22
CA LEU A 97 -12.69 -3.24 -8.69
C LEU A 97 -12.05 -4.01 -9.84
N VAL A 98 -12.15 -5.33 -9.80
CA VAL A 98 -11.59 -6.16 -10.86
C VAL A 98 -12.68 -7.04 -11.46
N VAL A 99 -13.04 -6.76 -12.71
CA VAL A 99 -14.08 -7.50 -13.40
C VAL A 99 -13.66 -7.86 -14.81
N ALA A 100 -14.36 -8.81 -15.42
CA ALA A 100 -14.05 -9.21 -16.78
C ALA A 100 -14.78 -8.34 -17.80
N LYS A 101 -14.16 -8.14 -18.96
CA LYS A 101 -14.75 -7.32 -20.00
C LYS A 101 -16.14 -7.84 -20.36
N ASN A 102 -16.35 -9.14 -20.17
CA ASN A 102 -17.64 -9.75 -20.49
C ASN A 102 -18.74 -9.10 -19.68
N SER A 103 -18.47 -8.82 -18.41
CA SER A 103 -19.45 -8.18 -17.54
C SER A 103 -19.13 -6.70 -17.36
N ASP A 104 -20.08 -5.85 -17.73
CA ASP A 104 -19.88 -4.40 -17.61
C ASP A 104 -20.29 -3.92 -16.23
N ILE A 105 -19.30 -3.53 -15.43
CA ILE A 105 -19.56 -3.04 -14.08
C ILE A 105 -18.87 -1.70 -13.85
N GLN A 106 -19.63 -0.73 -13.36
CA GLN A 106 -19.08 0.60 -13.09
C GLN A 106 -19.00 0.86 -11.59
N PRO A 107 -18.17 1.79 -11.19
CA PRO A 107 -18.01 2.16 -9.76
C PRO A 107 -19.31 2.67 -9.14
N THR A 108 -20.09 1.75 -8.58
CA THR A 108 -21.35 2.12 -7.96
C THR A 108 -21.92 0.94 -7.16
N VAL A 109 -22.51 1.25 -6.01
CA VAL A 109 -23.10 0.22 -5.17
C VAL A 109 -24.32 -0.39 -5.86
N GLU A 110 -25.04 0.44 -6.62
CA GLU A 110 -26.24 -0.01 -7.30
C GLU A 110 -25.92 -1.21 -8.20
N SER A 111 -25.07 -0.98 -9.20
CA SER A 111 -24.71 -2.03 -10.13
C SER A 111 -24.15 -3.24 -9.38
N LEU A 112 -23.65 -3.01 -8.19
CA LEU A 112 -23.09 -4.07 -7.37
C LEU A 112 -24.18 -4.94 -6.75
N LYS A 113 -25.35 -4.34 -6.56
CA LYS A 113 -26.47 -5.06 -5.96
C LYS A 113 -26.75 -6.34 -6.75
N GLY A 114 -26.92 -7.44 -6.03
CA GLY A 114 -27.21 -8.72 -6.67
C GLY A 114 -25.94 -9.40 -7.14
N LYS A 115 -24.85 -8.63 -7.21
CA LYS A 115 -23.58 -9.16 -7.68
C LYS A 115 -22.81 -9.78 -6.51
N ARG A 116 -21.98 -10.77 -6.81
CA ARG A 116 -21.19 -11.44 -5.77
C ARG A 116 -19.80 -10.84 -5.70
N VAL A 117 -19.33 -10.59 -4.48
CA VAL A 117 -18.01 -10.00 -4.27
C VAL A 117 -17.19 -10.86 -3.31
N GLY A 118 -15.92 -11.06 -3.65
CA GLY A 118 -15.03 -11.86 -2.81
C GLY A 118 -14.05 -10.97 -2.07
N VAL A 119 -13.83 -11.28 -0.78
CA VAL A 119 -12.92 -10.49 0.03
C VAL A 119 -11.95 -11.41 0.77
N LEU A 120 -10.84 -10.83 1.24
CA LEU A 120 -9.85 -11.62 1.96
C LEU A 120 -10.11 -11.55 3.46
N GLN A 121 -10.35 -12.71 4.06
CA GLN A 121 -10.62 -12.79 5.49
C GLN A 121 -9.52 -12.08 6.28
N GLY A 122 -9.86 -11.65 7.49
CA GLY A 122 -8.89 -10.96 8.35
C GLY A 122 -8.50 -9.62 7.75
N THR A 123 -9.49 -8.82 7.39
CA THR A 123 -9.25 -7.50 6.80
C THR A 123 -10.36 -6.53 7.18
N THR A 124 -10.13 -5.25 6.92
CA THR A 124 -11.13 -4.23 7.21
C THR A 124 -12.29 -4.32 6.23
N GLN A 125 -12.01 -4.80 5.02
CA GLN A 125 -13.04 -4.91 4.00
C GLN A 125 -14.17 -5.82 4.48
N GLU A 126 -13.82 -7.04 4.87
CA GLU A 126 -14.82 -7.98 5.34
C GLU A 126 -15.61 -7.39 6.51
N THR A 127 -14.89 -6.97 7.55
CA THR A 127 -15.54 -6.40 8.73
C THR A 127 -16.34 -5.16 8.34
N PHE A 128 -15.70 -4.24 7.65
CA PHE A 128 -16.36 -3.01 7.22
C PHE A 128 -17.52 -3.33 6.29
N GLY A 129 -17.27 -4.24 5.35
CA GLY A 129 -18.29 -4.62 4.38
C GLY A 129 -19.50 -5.24 5.07
N ASN A 130 -19.24 -6.13 6.02
CA ASN A 130 -20.32 -6.80 6.76
C ASN A 130 -21.38 -5.80 7.18
N GLU A 131 -21.04 -4.51 7.10
CA GLU A 131 -21.97 -3.46 7.48
C GLU A 131 -22.14 -2.46 6.34
N HIS A 132 -21.07 -2.22 5.60
CA HIS A 132 -21.12 -1.26 4.51
C HIS A 132 -21.87 -1.81 3.31
N TRP A 133 -21.49 -3.02 2.88
CA TRP A 133 -22.14 -3.65 1.74
C TRP A 133 -23.18 -4.67 2.18
N ALA A 134 -23.52 -4.64 3.46
CA ALA A 134 -24.50 -5.56 4.00
C ALA A 134 -25.92 -5.03 3.76
N PRO A 135 -26.19 -3.83 4.19
CA PRO A 135 -27.53 -3.19 4.03
C PRO A 135 -27.79 -2.78 2.59
N LYS A 136 -26.77 -2.85 1.76
CA LYS A 136 -26.89 -2.47 0.36
C LYS A 136 -27.46 -3.61 -0.46
N GLY A 137 -27.56 -4.79 0.16
CA GLY A 137 -28.09 -5.95 -0.53
C GLY A 137 -27.05 -6.59 -1.42
N ILE A 138 -25.79 -6.52 -1.00
CA ILE A 138 -24.68 -7.09 -1.76
C ILE A 138 -24.13 -8.33 -1.06
N GLU A 139 -23.84 -9.37 -1.85
CA GLU A 139 -23.31 -10.61 -1.29
C GLU A 139 -21.79 -10.53 -1.21
N ILE A 140 -21.24 -10.86 -0.03
CA ILE A 140 -19.80 -10.84 0.17
C ILE A 140 -19.30 -12.17 0.70
N VAL A 141 -18.17 -12.63 0.18
CA VAL A 141 -17.59 -13.90 0.62
C VAL A 141 -16.17 -13.69 1.12
N SER A 142 -15.87 -14.26 2.28
CA SER A 142 -14.53 -14.13 2.85
C SER A 142 -13.67 -15.33 2.52
N TYR A 143 -12.49 -15.07 1.97
CA TYR A 143 -11.56 -16.14 1.60
C TYR A 143 -10.34 -16.13 2.51
N GLN A 144 -9.72 -17.29 2.66
CA GLN A 144 -8.54 -17.41 3.53
C GLN A 144 -7.28 -17.56 2.68
N GLY A 145 -7.42 -17.42 1.37
CA GLY A 145 -6.28 -17.56 0.46
C GLY A 145 -6.25 -16.41 -0.54
N GLN A 146 -5.09 -15.78 -0.67
CA GLN A 146 -4.94 -14.68 -1.61
C GLN A 146 -5.08 -15.16 -3.05
N ASP A 147 -4.43 -16.27 -3.36
CA ASP A 147 -4.49 -16.84 -4.71
C ASP A 147 -5.88 -17.41 -4.98
N ASN A 148 -6.59 -17.76 -3.92
CA ASN A 148 -7.93 -18.31 -4.05
C ASN A 148 -8.87 -17.27 -4.64
N ILE A 149 -8.68 -16.01 -4.25
CA ILE A 149 -9.53 -14.94 -4.75
C ILE A 149 -9.35 -14.74 -6.26
N TYR A 150 -8.10 -14.70 -6.69
CA TYR A 150 -7.79 -14.51 -8.10
C TYR A 150 -8.29 -15.69 -8.91
N SER A 151 -8.17 -16.89 -8.34
CA SER A 151 -8.63 -18.10 -9.01
C SER A 151 -10.12 -18.02 -9.30
N ASP A 152 -10.88 -17.54 -8.32
CA ASP A 152 -12.33 -17.40 -8.49
C ASP A 152 -12.62 -16.37 -9.57
N LEU A 153 -11.89 -15.26 -9.55
CA LEU A 153 -12.11 -14.21 -10.53
C LEU A 153 -11.89 -14.75 -11.94
N THR A 154 -10.78 -15.45 -12.14
CA THR A 154 -10.48 -16.02 -13.44
C THR A 154 -11.53 -17.04 -13.83
N ALA A 155 -12.23 -17.57 -12.83
CA ALA A 155 -13.27 -18.57 -13.07
C ALA A 155 -14.62 -17.89 -13.27
N GLY A 156 -14.72 -16.64 -12.84
CA GLY A 156 -15.96 -15.88 -12.97
C GLY A 156 -16.91 -16.16 -11.80
N ARG A 157 -16.37 -16.81 -10.77
CA ARG A 157 -17.17 -17.14 -9.59
C ARG A 157 -17.50 -15.87 -8.81
N ILE A 158 -16.75 -14.80 -9.08
CA ILE A 158 -16.97 -13.52 -8.41
C ILE A 158 -17.13 -12.40 -9.42
N ASP A 159 -18.10 -11.53 -9.18
CA ASP A 159 -18.35 -10.42 -10.09
C ASP A 159 -17.27 -9.35 -9.97
N ALA A 160 -16.69 -9.25 -8.77
CA ALA A 160 -15.64 -8.26 -8.53
C ALA A 160 -15.06 -8.44 -7.14
N ALA A 161 -13.81 -7.99 -6.96
CA ALA A 161 -13.16 -8.09 -5.66
C ALA A 161 -12.58 -6.73 -5.27
N PHE A 162 -12.73 -6.37 -4.00
CA PHE A 162 -12.22 -5.09 -3.52
C PHE A 162 -10.76 -5.21 -3.11
N GLN A 163 -9.87 -4.73 -3.97
CA GLN A 163 -8.44 -4.78 -3.69
C GLN A 163 -7.79 -3.42 -3.94
N ASP A 164 -6.58 -3.25 -3.43
CA ASP A 164 -5.85 -2.00 -3.61
C ASP A 164 -5.33 -1.89 -5.04
N GLU A 165 -5.16 -0.65 -5.50
CA GLU A 165 -4.68 -0.42 -6.86
C GLU A 165 -3.23 -0.89 -7.01
N VAL A 166 -2.36 -0.42 -6.14
CA VAL A 166 -0.96 -0.79 -6.21
C VAL A 166 -0.81 -2.29 -6.05
N ALA A 167 -1.44 -2.86 -5.03
CA ALA A 167 -1.36 -4.29 -4.80
C ALA A 167 -1.90 -5.06 -5.99
N ALA A 168 -2.96 -4.56 -6.59
CA ALA A 168 -3.57 -5.21 -7.75
C ALA A 168 -2.58 -5.24 -8.91
N SER A 169 -2.22 -4.06 -9.40
CA SER A 169 -1.29 -3.98 -10.53
C SER A 169 0.03 -4.66 -10.17
N GLU A 170 0.54 -4.38 -8.98
CA GLU A 170 1.79 -4.99 -8.54
C GLU A 170 1.79 -6.47 -8.82
N GLY A 171 0.65 -7.12 -8.56
CA GLY A 171 0.54 -8.56 -8.77
C GLY A 171 -0.40 -8.88 -9.92
N PHE A 172 -1.66 -8.49 -9.77
CA PHE A 172 -2.66 -8.76 -10.78
C PHE A 172 -2.10 -8.56 -12.18
N LEU A 173 -1.87 -7.30 -12.54
CA LEU A 173 -1.35 -6.99 -13.86
C LEU A 173 0.02 -7.61 -14.07
N LYS A 174 0.86 -7.55 -13.04
CA LYS A 174 2.21 -8.09 -13.12
C LYS A 174 2.16 -9.58 -13.43
N GLN A 175 0.95 -10.12 -13.53
CA GLN A 175 0.78 -11.54 -13.83
C GLN A 175 -0.14 -11.73 -15.03
N PRO A 176 0.16 -12.68 -15.88
CA PRO A 176 -0.68 -12.99 -17.08
C PRO A 176 -2.17 -12.98 -16.76
N VAL A 177 -2.49 -13.02 -15.48
CA VAL A 177 -3.88 -13.03 -15.06
C VAL A 177 -4.59 -11.75 -15.49
N GLY A 178 -3.92 -10.63 -15.32
CA GLY A 178 -4.49 -9.34 -15.68
C GLY A 178 -4.80 -9.27 -17.17
N LYS A 179 -3.96 -9.93 -17.98
CA LYS A 179 -4.15 -9.94 -19.42
C LYS A 179 -5.50 -10.56 -19.78
N ASP A 180 -5.85 -11.64 -19.09
CA ASP A 180 -7.11 -12.32 -19.35
C ASP A 180 -8.28 -11.42 -18.96
N TYR A 181 -8.09 -10.63 -17.91
CA TYR A 181 -9.14 -9.73 -17.44
C TYR A 181 -8.55 -8.57 -16.64
N LYS A 182 -9.15 -7.39 -16.80
CA LYS A 182 -8.66 -6.21 -16.09
C LYS A 182 -9.57 -5.01 -16.37
N PHE A 183 -10.47 -4.73 -15.44
CA PHE A 183 -11.39 -3.61 -15.61
C PHE A 183 -11.94 -3.16 -14.25
N GLY A 184 -12.57 -2.00 -14.23
CA GLY A 184 -13.14 -1.47 -13.00
C GLY A 184 -12.09 -0.78 -12.14
N GLY A 185 -11.40 0.19 -12.73
CA GLY A 185 -10.36 0.92 -12.03
C GLY A 185 -10.87 1.43 -10.68
N PRO A 186 -10.91 2.73 -10.50
CA PRO A 186 -11.39 3.34 -9.23
C PRO A 186 -12.73 2.77 -8.80
N SER A 187 -12.85 2.44 -7.52
CA SER A 187 -14.08 1.88 -6.99
C SER A 187 -14.62 2.69 -5.83
N VAL A 188 -14.51 2.14 -4.62
CA VAL A 188 -15.02 2.83 -3.43
C VAL A 188 -14.47 2.17 -2.18
N LYS A 189 -14.58 2.87 -1.04
CA LYS A 189 -14.11 2.34 0.23
C LYS A 189 -13.77 3.47 1.19
N ASP A 190 -13.84 3.18 2.49
CA ASP A 190 -13.51 4.18 3.50
C ASP A 190 -12.00 4.27 3.67
N GLU A 191 -11.45 5.45 3.41
CA GLU A 191 -10.01 5.66 3.53
C GLU A 191 -9.59 5.68 4.99
N LYS A 192 -10.55 5.90 5.87
CA LYS A 192 -10.27 5.96 7.30
C LYS A 192 -9.76 4.62 7.79
N LEU A 193 -10.23 3.54 7.17
CA LEU A 193 -9.84 2.20 7.58
C LEU A 193 -8.34 2.01 7.46
N PHE A 194 -7.78 2.46 6.34
CA PHE A 194 -6.34 2.36 6.11
C PHE A 194 -5.70 3.75 6.06
N GLY A 195 -6.47 4.76 6.39
CA GLY A 195 -5.97 6.13 6.38
C GLY A 195 -5.79 6.63 4.94
N VAL A 196 -4.89 7.57 4.75
CA VAL A 196 -4.62 8.13 3.43
C VAL A 196 -3.91 7.10 2.56
N GLY A 197 -3.19 6.17 3.20
CA GLY A 197 -2.45 5.15 2.47
C GLY A 197 -1.38 4.54 3.36
N THR A 198 -0.14 4.54 2.86
CA THR A 198 0.98 3.97 3.62
C THR A 198 2.16 4.93 3.63
N GLY A 199 3.06 4.75 4.58
CA GLY A 199 4.23 5.61 4.69
C GLY A 199 5.20 5.08 5.75
N MET A 200 6.12 5.94 6.18
CA MET A 200 7.10 5.55 7.19
C MET A 200 6.66 6.00 8.57
N GLY A 201 6.89 5.15 9.57
CA GLY A 201 6.50 5.47 10.93
C GLY A 201 7.60 6.21 11.66
N LEU A 202 7.39 7.49 11.91
CA LEU A 202 8.38 8.32 12.60
C LEU A 202 7.81 8.85 13.90
N ARG A 203 8.68 9.24 14.82
CA ARG A 203 8.25 9.77 16.11
C ARG A 203 7.98 11.27 16.02
N LYS A 204 7.04 11.76 16.81
CA LYS A 204 6.70 13.18 16.78
C LYS A 204 7.96 14.03 16.96
N GLU A 205 8.77 13.70 17.94
CA GLU A 205 10.01 14.45 18.19
C GLU A 205 10.69 14.80 16.87
N ASP A 206 10.38 14.04 15.82
CA ASP A 206 10.97 14.30 14.51
C ASP A 206 10.39 15.55 13.88
N ASN A 207 10.39 16.64 14.64
CA ASN A 207 9.85 17.90 14.13
C ASN A 207 10.64 18.41 12.95
N GLU A 208 11.97 18.41 13.07
CA GLU A 208 12.83 18.87 12.00
C GLU A 208 12.89 17.86 10.86
N LEU A 209 13.09 16.60 11.22
CA LEU A 209 13.17 15.54 10.22
C LEU A 209 11.87 15.43 9.45
N ARG A 210 10.75 15.49 10.17
CA ARG A 210 9.43 15.41 9.54
C ARG A 210 9.24 16.58 8.59
N GLU A 211 9.64 17.78 9.05
CA GLU A 211 9.49 18.98 8.23
C GLU A 211 10.24 18.78 6.89
N ALA A 212 11.39 18.11 6.96
CA ALA A 212 12.18 17.85 5.74
C ALA A 212 11.48 16.78 4.92
N LEU A 213 11.62 15.51 5.33
CA LEU A 213 10.98 14.41 4.61
C LEU A 213 9.72 14.88 3.91
N ASN A 214 8.90 15.65 4.63
CA ASN A 214 7.67 16.20 4.04
C ASN A 214 8.00 17.15 2.88
N LYS A 215 8.97 18.04 3.10
CA LYS A 215 9.40 18.98 2.08
C LYS A 215 9.93 18.21 0.86
N ALA A 216 10.74 17.19 1.12
CA ALA A 216 11.31 16.39 0.04
C ALA A 216 10.20 15.69 -0.74
N PHE A 217 9.18 15.21 -0.02
CA PHE A 217 8.06 14.55 -0.66
C PHE A 217 7.34 15.50 -1.63
N ALA A 218 7.14 16.74 -1.17
CA ALA A 218 6.47 17.74 -2.00
C ALA A 218 7.29 18.01 -3.27
N GLU A 219 8.61 18.04 -3.12
CA GLU A 219 9.49 18.26 -4.27
C GLU A 219 9.35 17.11 -5.28
N MET A 220 9.31 15.88 -4.76
CA MET A 220 9.19 14.71 -5.63
C MET A 220 7.94 14.83 -6.48
N ARG A 221 6.87 15.37 -5.90
CA ARG A 221 5.62 15.55 -6.63
C ARG A 221 5.79 16.66 -7.67
N ALA A 222 6.51 17.72 -7.31
CA ALA A 222 6.72 18.84 -8.22
C ALA A 222 7.42 18.36 -9.50
N ASP A 223 8.45 17.55 -9.34
CA ASP A 223 9.18 17.02 -10.49
C ASP A 223 8.57 15.72 -10.98
N GLY A 224 7.50 15.29 -10.31
CA GLY A 224 6.82 14.07 -10.70
C GLY A 224 7.70 12.85 -10.47
N THR A 225 8.70 13.00 -9.62
CA THR A 225 9.62 11.90 -9.33
C THR A 225 8.84 10.70 -8.80
N TYR A 226 7.94 10.95 -7.85
CA TYR A 226 7.13 9.87 -7.29
C TYR A 226 6.27 9.24 -8.37
N GLU A 227 5.45 10.06 -9.04
CA GLU A 227 4.58 9.56 -10.09
C GLU A 227 5.40 8.86 -11.17
N LYS A 228 6.55 9.44 -11.49
CA LYS A 228 7.41 8.86 -12.52
C LYS A 228 7.83 7.45 -12.13
N LEU A 229 8.28 7.28 -10.90
CA LEU A 229 8.69 5.97 -10.41
C LEU A 229 7.51 5.01 -10.44
N ALA A 230 6.34 5.50 -10.05
CA ALA A 230 5.14 4.66 -10.03
C ALA A 230 4.82 4.16 -11.43
N LYS A 231 4.81 5.07 -12.40
CA LYS A 231 4.50 4.70 -13.78
C LYS A 231 5.49 3.67 -14.27
N LYS A 232 6.74 3.79 -13.85
CA LYS A 232 7.77 2.84 -14.27
C LYS A 232 7.55 1.47 -13.66
N TYR A 233 7.37 1.43 -12.35
CA TYR A 233 7.13 0.17 -11.65
C TYR A 233 5.85 -0.47 -12.15
N PHE A 234 4.79 0.33 -12.24
CA PHE A 234 3.50 -0.17 -12.70
C PHE A 234 2.67 0.95 -13.30
N ASP A 235 1.75 0.60 -14.19
CA ASP A 235 0.89 1.60 -14.83
C ASP A 235 -0.46 1.66 -14.13
N PHE A 236 -0.60 2.61 -13.21
CA PHE A 236 -1.85 2.78 -12.48
C PHE A 236 -2.04 4.22 -12.05
N ASP A 237 -2.95 4.44 -11.12
CA ASP A 237 -3.22 5.79 -10.61
C ASP A 237 -3.01 5.87 -9.11
N VAL A 238 -1.95 6.54 -8.70
CA VAL A 238 -1.64 6.69 -7.28
C VAL A 238 -2.74 7.47 -6.58
N TYR A 239 -3.24 8.51 -7.24
CA TYR A 239 -4.30 9.33 -6.67
C TYR A 239 -5.53 8.48 -6.36
N GLY A 240 -5.87 7.60 -7.28
CA GLY A 240 -7.02 6.71 -7.09
C GLY A 240 -6.81 5.80 -5.88
N GLY A 241 -5.59 5.34 -5.70
CA GLY A 241 -5.28 4.46 -4.58
C GLY A 241 -6.00 3.13 -4.71
N ALA A 4 21.05 20.54 13.86
CA ALA A 4 21.93 19.58 13.13
C ALA A 4 21.23 18.24 13.02
N ILE A 5 21.10 17.75 11.79
CA ILE A 5 20.44 16.47 11.55
C ILE A 5 21.32 15.32 12.04
N PRO A 6 20.75 14.17 12.17
CA PRO A 6 21.48 12.95 12.64
C PRO A 6 22.62 12.56 11.68
N GLN A 7 23.72 12.08 12.25
CA GLN A 7 24.86 11.67 11.44
C GLN A 7 24.50 10.47 10.57
N ASN A 8 23.76 9.53 11.16
CA ASN A 8 23.36 8.32 10.43
C ASN A 8 21.92 7.97 10.75
N ILE A 9 21.19 7.47 9.75
CA ILE A 9 19.79 7.09 9.94
C ILE A 9 19.63 5.58 9.88
N ARG A 10 18.97 5.03 10.88
CA ARG A 10 18.75 3.57 10.94
C ARG A 10 17.32 3.25 10.55
N ILE A 11 17.16 2.50 9.46
CA ILE A 11 15.83 2.12 8.97
C ILE A 11 15.64 0.62 9.07
N GLY A 12 14.43 0.20 9.45
CA GLY A 12 14.13 -1.23 9.58
C GLY A 12 13.16 -1.66 8.48
N THR A 13 13.68 -2.40 7.49
CA THR A 13 12.85 -2.88 6.40
C THR A 13 13.02 -4.38 6.20
N ASP A 14 11.92 -5.11 6.33
CA ASP A 14 11.94 -6.56 6.15
C ASP A 14 11.16 -6.95 4.90
N PRO A 15 11.84 -7.11 3.80
CA PRO A 15 11.20 -7.51 2.51
C PRO A 15 10.38 -8.79 2.65
N THR A 16 9.17 -8.79 2.10
CA THR A 16 8.31 -9.95 2.16
C THR A 16 7.63 -10.20 0.82
N TYR A 17 7.62 -9.18 -0.02
CA TYR A 17 7.01 -9.28 -1.35
C TYR A 17 7.99 -8.91 -2.42
N ALA A 18 8.61 -9.93 -3.04
CA ALA A 18 9.57 -9.69 -4.12
C ALA A 18 9.22 -8.42 -4.89
N PRO A 19 8.08 -8.40 -5.50
CA PRO A 19 7.62 -7.24 -6.31
C PRO A 19 7.76 -5.92 -5.56
N PHE A 20 7.42 -5.92 -4.28
CA PHE A 20 7.52 -4.72 -3.48
C PHE A 20 8.98 -4.47 -3.06
N GLU A 21 9.66 -5.54 -2.66
CA GLU A 21 11.04 -5.44 -2.22
C GLU A 21 11.82 -6.67 -2.58
N SER A 22 12.96 -6.88 -1.91
CA SER A 22 13.80 -8.05 -2.18
C SER A 22 15.23 -7.79 -1.72
N LYS A 23 16.10 -8.77 -1.94
CA LYS A 23 17.50 -8.63 -1.55
C LYS A 23 18.42 -9.10 -2.67
N ASN A 24 19.52 -8.39 -2.88
CA ASN A 24 20.47 -8.74 -3.93
C ASN A 24 21.53 -9.68 -3.38
N SER A 25 21.93 -10.66 -4.19
CA SER A 25 22.95 -11.62 -3.78
C SER A 25 24.29 -10.93 -3.58
N GLN A 26 24.43 -9.74 -4.17
CA GLN A 26 25.67 -8.99 -4.06
C GLN A 26 25.76 -8.30 -2.70
N GLY A 27 24.68 -8.38 -1.93
CA GLY A 27 24.64 -7.76 -0.61
C GLY A 27 23.88 -6.45 -0.66
N GLU A 28 23.55 -5.99 -1.86
CA GLU A 28 22.81 -4.75 -2.04
C GLU A 28 21.33 -4.97 -1.78
N LEU A 29 20.59 -3.88 -1.54
CA LEU A 29 19.16 -3.97 -1.29
C LEU A 29 18.38 -3.24 -2.37
N VAL A 30 17.30 -3.87 -2.83
CA VAL A 30 16.47 -3.27 -3.87
C VAL A 30 14.99 -3.35 -3.49
N GLY A 31 14.20 -2.39 -3.97
CA GLY A 31 12.78 -2.36 -3.68
C GLY A 31 12.20 -0.99 -3.96
N PHE A 32 10.91 -0.94 -4.26
CA PHE A 32 10.23 0.31 -4.55
C PHE A 32 10.31 1.25 -3.36
N ASP A 33 10.13 0.70 -2.16
CA ASP A 33 10.17 1.49 -0.94
C ASP A 33 11.59 1.97 -0.64
N ILE A 34 12.56 1.15 -1.00
CA ILE A 34 13.96 1.48 -0.78
C ILE A 34 14.38 2.67 -1.64
N ASP A 35 13.89 2.70 -2.88
CA ASP A 35 14.24 3.76 -3.81
C ASP A 35 13.77 5.11 -3.25
N LEU A 36 12.62 5.10 -2.59
CA LEU A 36 12.11 6.33 -1.99
C LEU A 36 13.02 6.79 -0.86
N ALA A 37 13.43 5.85 -0.02
CA ALA A 37 14.30 6.19 1.11
C ALA A 37 15.59 6.83 0.61
N LYS A 38 16.18 6.25 -0.42
CA LYS A 38 17.43 6.78 -0.98
C LYS A 38 17.26 8.24 -1.34
N GLU A 39 16.25 8.54 -2.16
CA GLU A 39 16.00 9.92 -2.56
C GLU A 39 15.86 10.82 -1.33
N LEU A 40 15.24 10.29 -0.28
CA LEU A 40 15.07 11.05 0.96
C LEU A 40 16.41 11.24 1.65
N CYS A 41 17.21 10.17 1.69
CA CYS A 41 18.52 10.23 2.34
C CYS A 41 19.34 11.38 1.76
N LYS A 42 19.32 11.52 0.44
CA LYS A 42 20.05 12.61 -0.22
C LYS A 42 19.47 13.96 0.20
N ARG A 43 18.15 14.07 0.15
CA ARG A 43 17.49 15.32 0.53
C ARG A 43 17.80 15.66 1.97
N ILE A 44 17.80 14.65 2.84
CA ILE A 44 18.10 14.86 4.25
C ILE A 44 19.61 15.05 4.45
N ASN A 45 20.38 14.63 3.45
CA ASN A 45 21.84 14.74 3.54
C ASN A 45 22.38 13.92 4.71
N THR A 46 21.99 12.66 4.76
CA THR A 46 22.43 11.77 5.84
C THR A 46 22.61 10.35 5.33
N GLN A 47 23.20 9.49 6.15
CA GLN A 47 23.43 8.10 5.78
C GLN A 47 22.21 7.26 6.15
N CYS A 48 21.87 6.30 5.28
CA CYS A 48 20.73 5.43 5.53
C CYS A 48 21.18 3.98 5.65
N THR A 49 20.69 3.30 6.69
CA THR A 49 21.04 1.90 6.92
C THR A 49 19.77 1.07 7.10
N PHE A 50 19.65 0.00 6.30
CA PHE A 50 18.49 -0.87 6.38
C PHE A 50 18.78 -2.06 7.30
N VAL A 51 17.81 -2.39 8.15
CA VAL A 51 17.97 -3.51 9.07
C VAL A 51 16.74 -4.44 9.00
N GLU A 52 16.99 -5.72 8.82
CA GLU A 52 15.91 -6.69 8.74
C GLU A 52 15.22 -6.83 10.09
N ASN A 53 13.89 -6.94 10.06
CA ASN A 53 13.12 -7.08 11.29
C ASN A 53 11.62 -7.08 10.99
N PRO A 54 10.88 -7.96 11.60
CA PRO A 54 9.42 -8.07 11.38
C PRO A 54 8.66 -6.88 11.95
N LEU A 55 7.60 -6.47 11.25
CA LEU A 55 6.81 -5.34 11.71
C LEU A 55 6.61 -5.38 13.22
N ASP A 56 6.09 -6.49 13.71
CA ASP A 56 5.85 -6.63 15.14
C ASP A 56 7.08 -6.21 15.94
N ALA A 57 8.24 -6.32 15.33
CA ALA A 57 9.49 -5.95 16.01
C ALA A 57 9.89 -4.53 15.67
N LEU A 58 9.37 -4.01 14.57
CA LEU A 58 9.68 -2.64 14.17
C LEU A 58 9.17 -1.63 15.18
N ILE A 59 7.95 -1.86 15.66
CA ILE A 59 7.34 -0.94 16.64
C ILE A 59 8.19 -0.90 17.91
N PRO A 60 8.40 -2.03 18.50
CA PRO A 60 9.25 -2.16 19.73
C PRO A 60 10.64 -1.58 19.48
N SER A 61 11.21 -1.89 18.32
CA SER A 61 12.54 -1.40 17.97
C SER A 61 12.57 0.12 18.01
N LEU A 62 11.54 0.74 17.43
CA LEU A 62 11.47 2.19 17.41
C LEU A 62 11.47 2.74 18.84
N LYS A 63 10.68 2.11 19.71
CA LYS A 63 10.62 2.53 21.10
C LYS A 63 11.99 2.31 21.79
N ALA A 64 12.61 1.18 21.48
CA ALA A 64 13.90 0.86 22.07
C ALA A 64 15.01 1.67 21.41
N LYS A 65 14.63 2.66 20.63
CA LYS A 65 15.59 3.51 19.95
C LYS A 65 16.54 2.67 19.10
N LYS A 66 16.20 1.41 18.91
CA LYS A 66 17.01 0.51 18.10
C LYS A 66 17.05 0.99 16.66
N ILE A 67 15.95 1.58 16.20
CA ILE A 67 15.87 2.06 14.83
C ILE A 67 15.50 3.55 14.81
N ASP A 68 15.88 4.24 13.75
CA ASP A 68 15.59 5.66 13.63
C ASP A 68 14.28 5.90 12.91
N ALA A 69 13.84 4.90 12.15
CA ALA A 69 12.59 5.02 11.41
C ALA A 69 12.12 3.65 10.95
N ILE A 70 10.83 3.55 10.62
CA ILE A 70 10.27 2.29 10.16
C ILE A 70 9.79 2.41 8.73
N MET A 71 10.23 1.49 7.87
CA MET A 71 9.83 1.50 6.47
C MET A 71 9.31 0.13 6.04
N SER A 72 8.00 0.02 5.85
CA SER A 72 7.40 -1.24 5.46
C SER A 72 5.99 -1.01 4.90
N SER A 73 5.31 -2.10 4.56
CA SER A 73 3.96 -2.00 4.02
C SER A 73 3.01 -1.41 5.06
N LEU A 74 3.45 -1.40 6.33
CA LEU A 74 2.63 -0.87 7.41
C LEU A 74 1.83 0.35 6.92
N SER A 75 0.52 0.27 7.05
CA SER A 75 -0.34 1.37 6.63
C SER A 75 -0.43 2.44 7.71
N ILE A 76 -0.74 3.66 7.31
CA ILE A 76 -0.85 4.77 8.26
C ILE A 76 -2.31 5.12 8.49
N THR A 77 -2.62 5.60 9.69
CA THR A 77 -3.99 5.97 10.04
C THR A 77 -4.00 7.09 11.07
N GLU A 78 -5.06 7.90 11.06
CA GLU A 78 -5.18 9.00 12.00
C GLU A 78 -4.92 8.51 13.42
N LYS A 79 -5.55 7.41 13.80
CA LYS A 79 -5.37 6.87 15.14
C LYS A 79 -3.89 6.62 15.44
N ARG A 80 -3.18 6.13 14.44
CA ARG A 80 -1.74 5.88 14.59
C ARG A 80 -0.97 7.18 14.73
N GLN A 81 -1.39 8.19 13.97
CA GLN A 81 -0.73 9.50 14.01
C GLN A 81 -0.74 10.04 15.43
N GLN A 82 -1.84 9.82 16.14
CA GLN A 82 -1.96 10.29 17.51
C GLN A 82 -0.86 9.68 18.38
N GLU A 83 -0.40 8.50 17.99
CA GLU A 83 0.66 7.82 18.74
C GLU A 83 2.03 8.34 18.33
N ILE A 84 2.29 8.36 17.02
CA ILE A 84 3.57 8.85 16.51
C ILE A 84 3.37 9.69 15.27
N ALA A 85 4.46 9.98 14.57
CA ALA A 85 4.37 10.78 13.34
C ALA A 85 4.58 9.91 12.11
N PHE A 86 3.92 10.29 11.03
CA PHE A 86 4.03 9.54 9.77
C PHE A 86 4.32 10.49 8.61
N THR A 87 5.02 9.98 7.60
CA THR A 87 5.36 10.79 6.44
C THR A 87 5.84 9.91 5.30
N ASP A 88 6.71 10.45 4.45
CA ASP A 88 7.24 9.70 3.32
C ASP A 88 6.15 8.89 2.64
N LYS A 89 4.89 9.30 2.87
CA LYS A 89 3.74 8.60 2.28
C LYS A 89 4.15 7.94 0.96
N LEU A 90 3.98 6.63 0.90
CA LEU A 90 4.34 5.89 -0.30
C LEU A 90 3.27 6.01 -1.37
N TYR A 91 2.15 5.33 -1.15
CA TYR A 91 1.04 5.37 -2.10
C TYR A 91 -0.30 5.26 -1.38
N ALA A 92 -1.37 5.58 -2.09
CA ALA A 92 -2.71 5.51 -1.51
C ALA A 92 -3.22 4.08 -1.54
N ALA A 93 -3.67 3.59 -0.38
CA ALA A 93 -4.19 2.22 -0.28
C ALA A 93 -5.70 2.23 -0.13
N ASP A 94 -6.40 2.68 -1.18
CA ASP A 94 -7.85 2.74 -1.13
C ASP A 94 -8.46 1.39 -1.52
N SER A 95 -9.01 1.33 -2.73
CA SER A 95 -9.62 0.09 -3.22
C SER A 95 -9.71 0.10 -4.74
N ARG A 96 -10.00 -1.06 -5.30
CA ARG A 96 -10.13 -1.18 -6.75
C ARG A 96 -11.04 -2.35 -7.12
N LEU A 97 -11.78 -2.21 -8.21
CA LEU A 97 -12.67 -3.27 -8.68
C LEU A 97 -12.04 -4.03 -9.83
N VAL A 98 -12.14 -5.36 -9.79
CA VAL A 98 -11.58 -6.20 -10.85
C VAL A 98 -12.67 -7.06 -11.46
N VAL A 99 -13.03 -6.77 -12.71
CA VAL A 99 -14.07 -7.52 -13.40
C VAL A 99 -13.64 -7.87 -14.82
N ALA A 100 -14.35 -8.81 -15.43
CA ALA A 100 -14.04 -9.23 -16.79
C ALA A 100 -14.76 -8.34 -17.81
N LYS A 101 -14.13 -8.14 -18.96
CA LYS A 101 -14.72 -7.32 -20.01
C LYS A 101 -16.11 -7.83 -20.36
N ASN A 102 -16.33 -9.13 -20.17
CA ASN A 102 -17.62 -9.73 -20.50
C ASN A 102 -18.73 -9.07 -19.68
N SER A 103 -18.45 -8.80 -18.40
CA SER A 103 -19.44 -8.14 -17.54
C SER A 103 -19.10 -6.67 -17.36
N ASP A 104 -20.04 -5.81 -17.73
CA ASP A 104 -19.84 -4.37 -17.61
C ASP A 104 -20.24 -3.88 -16.23
N ILE A 105 -19.25 -3.50 -15.42
CA ILE A 105 -19.52 -3.00 -14.08
C ILE A 105 -18.83 -1.67 -13.85
N GLN A 106 -19.58 -0.70 -13.36
CA GLN A 106 -19.03 0.63 -13.10
C GLN A 106 -18.96 0.89 -11.59
N PRO A 107 -18.12 1.81 -11.19
CA PRO A 107 -17.95 2.18 -9.76
C PRO A 107 -19.25 2.68 -9.14
N THR A 108 -20.03 1.77 -8.58
CA THR A 108 -21.29 2.15 -7.95
C THR A 108 -21.86 0.97 -7.15
N VAL A 109 -22.43 1.28 -5.99
CA VAL A 109 -23.03 0.26 -5.15
C VAL A 109 -24.27 -0.35 -5.83
N GLU A 110 -24.98 0.48 -6.58
CA GLU A 110 -26.19 0.03 -7.25
C GLU A 110 -25.88 -1.15 -8.17
N SER A 111 -25.03 -0.92 -9.16
CA SER A 111 -24.67 -1.97 -10.10
C SER A 111 -24.11 -3.18 -9.37
N LEU A 112 -23.60 -2.96 -8.17
CA LEU A 112 -23.06 -4.03 -7.37
C LEU A 112 -24.15 -4.89 -6.75
N LYS A 113 -25.31 -4.29 -6.56
CA LYS A 113 -26.43 -5.00 -5.96
C LYS A 113 -26.73 -6.27 -6.74
N GLY A 114 -26.91 -7.37 -6.02
CA GLY A 114 -27.20 -8.66 -6.65
C GLY A 114 -25.94 -9.34 -7.13
N LYS A 115 -24.85 -8.57 -7.21
CA LYS A 115 -23.58 -9.12 -7.67
C LYS A 115 -22.81 -9.74 -6.51
N ARG A 116 -22.00 -10.74 -6.83
CA ARG A 116 -21.21 -11.43 -5.80
C ARG A 116 -19.81 -10.83 -5.71
N VAL A 117 -19.35 -10.58 -4.49
CA VAL A 117 -18.03 -10.02 -4.29
C VAL A 117 -17.21 -10.87 -3.32
N GLY A 118 -15.95 -11.09 -3.67
CA GLY A 118 -15.06 -11.90 -2.82
C GLY A 118 -14.07 -11.02 -2.08
N VAL A 119 -13.87 -11.32 -0.80
CA VAL A 119 -12.93 -10.55 0.03
C VAL A 119 -11.98 -11.47 0.76
N LEU A 120 -10.86 -10.91 1.23
CA LEU A 120 -9.88 -11.70 1.95
C LEU A 120 -10.15 -11.64 3.45
N GLN A 121 -10.40 -12.80 4.05
CA GLN A 121 -10.67 -12.87 5.48
C GLN A 121 -9.57 -12.17 6.27
N GLY A 122 -9.90 -11.73 7.49
CA GLY A 122 -8.94 -11.05 8.33
C GLY A 122 -8.53 -9.72 7.74
N THR A 123 -9.52 -8.91 7.37
CA THR A 123 -9.26 -7.60 6.78
C THR A 123 -10.35 -6.61 7.14
N THR A 124 -10.10 -5.34 6.89
CA THR A 124 -11.09 -4.29 7.18
C THR A 124 -12.26 -4.39 6.21
N GLN A 125 -11.99 -4.84 4.99
CA GLN A 125 -13.03 -4.95 3.97
C GLN A 125 -14.16 -5.86 4.47
N GLU A 126 -13.80 -7.08 4.86
CA GLU A 126 -14.80 -8.03 5.33
C GLU A 126 -15.58 -7.43 6.51
N THR A 127 -14.86 -7.02 7.55
CA THR A 127 -15.52 -6.45 8.73
C THR A 127 -16.31 -5.20 8.36
N PHE A 128 -15.66 -4.27 7.67
CA PHE A 128 -16.32 -3.05 7.25
C PHE A 128 -17.47 -3.36 6.31
N GLY A 129 -17.23 -4.26 5.36
CA GLY A 129 -18.25 -4.63 4.40
C GLY A 129 -19.46 -5.25 5.08
N ASN A 130 -19.21 -6.14 6.02
CA ASN A 130 -20.29 -6.80 6.75
C ASN A 130 -21.35 -5.80 7.17
N GLU A 131 -20.99 -4.51 7.11
CA GLU A 131 -21.93 -3.45 7.49
C GLU A 131 -22.09 -2.45 6.36
N HIS A 132 -21.02 -2.21 5.62
CA HIS A 132 -21.05 -1.25 4.53
C HIS A 132 -21.81 -1.79 3.34
N TRP A 133 -21.45 -3.00 2.91
CA TRP A 133 -22.09 -3.63 1.76
C TRP A 133 -23.14 -4.64 2.20
N ALA A 134 -23.48 -4.60 3.47
CA ALA A 134 -24.48 -5.52 4.01
C ALA A 134 -25.89 -4.97 3.77
N PRO A 135 -26.15 -3.77 4.21
CA PRO A 135 -27.49 -3.13 4.05
C PRO A 135 -27.75 -2.71 2.60
N LYS A 136 -26.72 -2.79 1.77
CA LYS A 136 -26.85 -2.39 0.38
C LYS A 136 -27.42 -3.53 -0.45
N GLY A 137 -27.53 -4.71 0.17
CA GLY A 137 -28.08 -5.87 -0.52
C GLY A 137 -27.03 -6.51 -1.41
N ILE A 138 -25.77 -6.45 -0.99
CA ILE A 138 -24.67 -7.02 -1.76
C ILE A 138 -24.13 -8.27 -1.06
N GLU A 139 -23.85 -9.31 -1.86
CA GLU A 139 -23.33 -10.55 -1.30
C GLU A 139 -21.81 -10.49 -1.22
N ILE A 140 -21.27 -10.84 -0.05
CA ILE A 140 -19.82 -10.83 0.15
C ILE A 140 -19.34 -12.16 0.69
N VAL A 141 -18.21 -12.64 0.17
CA VAL A 141 -17.64 -13.91 0.61
C VAL A 141 -16.22 -13.72 1.12
N SER A 142 -15.92 -14.30 2.27
CA SER A 142 -14.59 -14.17 2.85
C SER A 142 -13.74 -15.38 2.51
N TYR A 143 -12.56 -15.13 1.95
CA TYR A 143 -11.64 -16.21 1.57
C TYR A 143 -10.42 -16.21 2.47
N GLN A 144 -9.80 -17.38 2.62
CA GLN A 144 -8.63 -17.51 3.49
C GLN A 144 -7.36 -17.68 2.65
N GLY A 145 -7.51 -17.54 1.33
CA GLY A 145 -6.37 -17.67 0.42
C GLY A 145 -6.32 -16.52 -0.57
N GLN A 146 -5.15 -15.91 -0.70
CA GLN A 146 -4.99 -14.79 -1.62
C GLN A 146 -5.14 -15.27 -3.06
N ASP A 147 -4.49 -16.39 -3.39
CA ASP A 147 -4.57 -16.93 -4.74
C ASP A 147 -5.96 -17.49 -5.01
N ASN A 148 -6.67 -17.84 -3.95
CA ASN A 148 -8.01 -18.39 -4.09
C ASN A 148 -8.96 -17.34 -4.67
N ILE A 149 -8.75 -16.08 -4.28
CA ILE A 149 -9.60 -15.01 -4.77
C ILE A 149 -9.42 -14.80 -6.26
N TYR A 150 -8.17 -14.75 -6.70
CA TYR A 150 -7.86 -14.55 -8.12
C TYR A 150 -8.36 -15.74 -8.93
N SER A 151 -8.24 -16.94 -8.37
CA SER A 151 -8.69 -18.14 -9.05
C SER A 151 -10.18 -18.06 -9.34
N ASP A 152 -10.94 -17.57 -8.36
CA ASP A 152 -12.39 -17.43 -8.54
C ASP A 152 -12.68 -16.40 -9.62
N LEU A 153 -11.94 -15.28 -9.59
CA LEU A 153 -12.14 -14.23 -10.58
C LEU A 153 -11.93 -14.77 -11.98
N THR A 154 -10.83 -15.48 -12.18
CA THR A 154 -10.53 -16.06 -13.48
C THR A 154 -11.59 -17.06 -13.87
N ALA A 155 -12.30 -17.59 -12.87
CA ALA A 155 -13.36 -18.58 -13.12
C ALA A 155 -14.70 -17.88 -13.32
N GLY A 156 -14.78 -16.63 -12.88
CA GLY A 156 -16.01 -15.86 -13.02
C GLY A 156 -16.96 -16.14 -11.85
N ARG A 157 -16.43 -16.79 -10.82
CA ARG A 157 -17.23 -17.11 -9.63
C ARG A 157 -17.55 -15.85 -8.85
N ILE A 158 -16.79 -14.79 -9.10
CA ILE A 158 -17.00 -13.51 -8.42
C ILE A 158 -17.15 -12.37 -9.44
N ASP A 159 -18.12 -11.51 -9.20
CA ASP A 159 -18.38 -10.39 -10.10
C ASP A 159 -17.28 -9.33 -9.98
N ALA A 160 -16.70 -9.24 -8.79
CA ALA A 160 -15.64 -8.26 -8.54
C ALA A 160 -15.06 -8.43 -7.15
N ALA A 161 -13.82 -7.98 -6.97
CA ALA A 161 -13.16 -8.08 -5.67
C ALA A 161 -12.59 -6.73 -5.28
N PHE A 162 -12.73 -6.38 -4.00
CA PHE A 162 -12.22 -5.10 -3.51
C PHE A 162 -10.76 -5.23 -3.09
N GLN A 163 -9.87 -4.74 -3.95
CA GLN A 163 -8.44 -4.80 -3.67
C GLN A 163 -7.79 -3.44 -3.92
N ASP A 164 -6.58 -3.26 -3.41
CA ASP A 164 -5.85 -2.01 -3.59
C ASP A 164 -5.33 -1.91 -5.02
N GLU A 165 -5.16 -0.67 -5.49
CA GLU A 165 -4.67 -0.44 -6.84
C GLU A 165 -3.23 -0.92 -6.99
N VAL A 166 -2.35 -0.43 -6.12
CA VAL A 166 -0.94 -0.81 -6.18
C VAL A 166 -0.79 -2.31 -6.02
N ALA A 167 -1.42 -2.87 -5.00
CA ALA A 167 -1.35 -4.30 -4.75
C ALA A 167 -1.90 -5.09 -5.94
N ALA A 168 -2.97 -4.57 -6.54
CA ALA A 168 -3.57 -5.24 -7.68
C ALA A 168 -2.59 -5.28 -8.86
N SER A 169 -2.23 -4.11 -9.36
CA SER A 169 -1.30 -4.03 -10.49
C SER A 169 0.02 -4.71 -10.13
N GLU A 170 0.53 -4.41 -8.95
CA GLU A 170 1.79 -5.01 -8.51
C GLU A 170 1.78 -6.51 -8.77
N GLY A 171 0.65 -7.15 -8.50
CA GLY A 171 0.53 -8.59 -8.72
C GLY A 171 -0.41 -8.91 -9.86
N PHE A 172 -1.67 -8.53 -9.71
CA PHE A 172 -2.67 -8.81 -10.72
C PHE A 172 -2.12 -8.60 -12.12
N LEU A 173 -1.88 -7.36 -12.48
CA LEU A 173 -1.36 -7.04 -13.81
C LEU A 173 0.01 -7.66 -14.01
N LYS A 174 0.84 -7.60 -12.98
CA LYS A 174 2.19 -8.15 -13.05
C LYS A 174 2.15 -9.63 -13.36
N GLN A 175 0.94 -10.18 -13.44
CA GLN A 175 0.77 -11.61 -13.73
C GLN A 175 -0.16 -11.81 -14.93
N PRO A 176 0.15 -12.77 -15.76
CA PRO A 176 -0.68 -13.09 -16.97
C PRO A 176 -2.17 -13.08 -16.66
N VAL A 177 -2.51 -13.10 -15.38
CA VAL A 177 -3.91 -13.10 -14.96
C VAL A 177 -4.60 -11.82 -15.41
N GLY A 178 -3.92 -10.70 -15.24
CA GLY A 178 -4.49 -9.41 -15.62
C GLY A 178 -4.78 -9.35 -17.11
N LYS A 179 -3.95 -10.02 -17.90
CA LYS A 179 -4.13 -10.03 -19.34
C LYS A 179 -5.47 -10.65 -19.71
N ASP A 180 -5.83 -11.72 -19.02
CA ASP A 180 -7.10 -12.39 -19.28
C ASP A 180 -8.26 -11.49 -18.90
N TYR A 181 -8.08 -10.68 -17.85
CA TYR A 181 -9.13 -9.77 -17.40
C TYR A 181 -8.54 -8.62 -16.61
N LYS A 182 -9.11 -7.43 -16.77
CA LYS A 182 -8.63 -6.24 -16.07
C LYS A 182 -9.53 -5.05 -16.35
N PHE A 183 -10.43 -4.75 -15.43
CA PHE A 183 -11.34 -3.63 -15.60
C PHE A 183 -11.89 -3.18 -14.24
N GLY A 184 -12.52 -2.01 -14.23
CA GLY A 184 -13.10 -1.47 -13.00
C GLY A 184 -12.04 -0.80 -12.14
N GLY A 185 -11.35 0.17 -12.73
CA GLY A 185 -10.30 0.90 -12.01
C GLY A 185 -10.82 1.41 -10.66
N PRO A 186 -10.85 2.70 -10.47
CA PRO A 186 -11.34 3.32 -9.20
C PRO A 186 -12.69 2.75 -8.79
N SER A 187 -12.81 2.43 -7.50
CA SER A 187 -14.05 1.86 -6.98
C SER A 187 -14.58 2.68 -5.81
N VAL A 188 -14.49 2.12 -4.61
CA VAL A 188 -14.99 2.81 -3.43
C VAL A 188 -14.45 2.15 -2.17
N LYS A 189 -14.55 2.85 -1.04
CA LYS A 189 -14.09 2.32 0.24
C LYS A 189 -13.74 3.45 1.19
N ASP A 190 -13.81 3.16 2.49
CA ASP A 190 -13.48 4.16 3.50
C ASP A 190 -11.97 4.25 3.68
N GLU A 191 -11.41 5.43 3.39
CA GLU A 191 -9.98 5.64 3.52
C GLU A 191 -9.55 5.65 4.98
N LYS A 192 -10.51 5.86 5.87
CA LYS A 192 -10.22 5.90 7.29
C LYS A 192 -9.71 4.55 7.78
N LEU A 193 -10.18 3.48 7.15
CA LEU A 193 -9.78 2.14 7.55
C LEU A 193 -8.28 1.96 7.41
N PHE A 194 -7.73 2.42 6.29
CA PHE A 194 -6.28 2.32 6.06
C PHE A 194 -5.65 3.70 6.01
N GLY A 195 -6.43 4.72 6.36
CA GLY A 195 -5.93 6.09 6.34
C GLY A 195 -5.74 6.58 4.91
N VAL A 196 -4.83 7.54 4.74
CA VAL A 196 -4.56 8.09 3.42
C VAL A 196 -3.84 7.06 2.54
N GLY A 197 -3.13 6.15 3.19
CA GLY A 197 -2.39 5.12 2.46
C GLY A 197 -1.31 4.50 3.35
N THR A 198 -0.08 4.50 2.86
CA THR A 198 1.04 3.93 3.61
C THR A 198 2.22 4.90 3.61
N GLY A 199 3.13 4.71 4.57
CA GLY A 199 4.31 5.56 4.67
C GLY A 199 5.26 5.05 5.74
N MET A 200 6.16 5.91 6.20
CA MET A 200 7.13 5.52 7.20
C MET A 200 6.69 5.99 8.59
N GLY A 201 6.90 5.14 9.59
CA GLY A 201 6.50 5.47 10.95
C GLY A 201 7.60 6.21 11.68
N LEU A 202 7.39 7.50 11.92
CA LEU A 202 8.37 8.32 12.62
C LEU A 202 7.79 8.85 13.92
N ARG A 203 8.67 9.24 14.85
CA ARG A 203 8.22 9.77 16.13
C ARG A 203 7.96 11.26 16.03
N LYS A 204 7.02 11.75 16.83
CA LYS A 204 6.68 13.17 16.80
C LYS A 204 7.92 14.02 16.97
N GLU A 205 8.74 13.69 17.97
CA GLU A 205 9.97 14.45 18.20
C GLU A 205 10.65 14.80 16.90
N ASP A 206 10.35 14.05 15.84
CA ASP A 206 10.95 14.29 14.54
C ASP A 206 10.36 15.54 13.90
N ASN A 207 10.36 16.63 14.64
CA ASN A 207 9.81 17.89 14.14
C ASN A 207 10.63 18.40 12.96
N GLU A 208 11.95 18.39 13.10
CA GLU A 208 12.82 18.85 12.03
C GLU A 208 12.87 17.84 10.89
N LEU A 209 13.07 16.58 11.24
CA LEU A 209 13.16 15.52 10.24
C LEU A 209 11.86 15.42 9.46
N ARG A 210 10.74 15.48 10.19
CA ARG A 210 9.42 15.40 9.55
C ARG A 210 9.23 16.58 8.62
N GLU A 211 9.63 17.77 9.06
CA GLU A 211 9.49 18.97 8.25
C GLU A 211 10.24 18.78 6.92
N ALA A 212 11.38 18.11 6.98
CA ALA A 212 12.18 17.85 5.77
C ALA A 212 11.49 16.78 4.93
N LEU A 213 11.62 15.51 5.34
CA LEU A 213 10.99 14.40 4.63
C LEU A 213 9.73 14.88 3.92
N ASN A 214 8.91 15.65 4.64
CA ASN A 214 7.68 16.20 4.05
C ASN A 214 8.01 17.15 2.89
N LYS A 215 8.99 18.03 3.12
CA LYS A 215 9.41 18.97 2.08
C LYS A 215 9.95 18.21 0.87
N ALA A 216 10.76 17.18 1.13
CA ALA A 216 11.32 16.37 0.05
C ALA A 216 10.21 15.68 -0.73
N PHE A 217 9.18 15.22 -0.01
CA PHE A 217 8.05 14.56 -0.66
C PHE A 217 7.36 15.51 -1.61
N ALA A 218 7.17 16.75 -1.18
CA ALA A 218 6.51 17.77 -2.00
C ALA A 218 7.32 18.01 -3.27
N GLU A 219 8.65 18.04 -3.12
CA GLU A 219 9.53 18.26 -4.27
C GLU A 219 9.37 17.11 -5.27
N MET A 220 9.34 15.89 -4.76
CA MET A 220 9.20 14.71 -5.62
C MET A 220 7.95 14.85 -6.48
N ARG A 221 6.88 15.39 -5.88
CA ARG A 221 5.65 15.59 -6.63
C ARG A 221 5.81 16.69 -7.67
N ALA A 222 6.55 17.74 -7.30
CA ALA A 222 6.78 18.86 -8.21
C ALA A 222 7.46 18.39 -9.49
N ASP A 223 8.49 17.56 -9.33
CA ASP A 223 9.22 17.03 -10.48
C ASP A 223 8.59 15.73 -10.97
N GLY A 224 7.53 15.30 -10.30
CA GLY A 224 6.83 14.09 -10.69
C GLY A 224 7.70 12.86 -10.47
N THR A 225 8.71 13.00 -9.60
CA THR A 225 9.61 11.89 -9.33
C THR A 225 8.82 10.69 -8.80
N TYR A 226 7.92 10.95 -7.86
CA TYR A 226 7.10 9.88 -7.30
C TYR A 226 6.23 9.26 -8.39
N GLU A 227 5.43 10.09 -9.05
CA GLU A 227 4.55 9.60 -10.12
C GLU A 227 5.37 8.90 -11.19
N LYS A 228 6.53 9.47 -11.52
CA LYS A 228 7.39 8.88 -12.55
C LYS A 228 7.80 7.47 -12.16
N LEU A 229 8.25 7.29 -10.91
CA LEU A 229 8.65 5.98 -10.43
C LEU A 229 7.47 5.02 -10.46
N ALA A 230 6.30 5.52 -10.06
CA ALA A 230 5.09 4.69 -10.04
C ALA A 230 4.78 4.19 -11.45
N LYS A 231 4.76 5.10 -12.41
CA LYS A 231 4.46 4.72 -13.79
C LYS A 231 5.45 3.68 -14.29
N LYS A 232 6.70 3.80 -13.86
CA LYS A 232 7.73 2.86 -14.27
C LYS A 232 7.51 1.48 -13.65
N TYR A 233 7.33 1.44 -12.35
CA TYR A 233 7.09 0.18 -11.66
C TYR A 233 5.80 -0.46 -12.13
N PHE A 234 4.75 0.35 -12.24
CA PHE A 234 3.46 -0.15 -12.69
C PHE A 234 2.64 0.97 -13.30
N ASP A 235 1.71 0.61 -14.20
CA ASP A 235 0.85 1.61 -14.83
C ASP A 235 -0.50 1.67 -14.12
N PHE A 236 -0.64 2.62 -13.20
CA PHE A 236 -1.89 2.79 -12.46
C PHE A 236 -2.06 4.23 -12.03
N ASP A 237 -2.97 4.46 -11.09
CA ASP A 237 -3.23 5.81 -10.59
C ASP A 237 -3.03 5.88 -9.09
N VAL A 238 -1.96 6.55 -8.67
CA VAL A 238 -1.65 6.69 -7.24
C VAL A 238 -2.76 7.47 -6.54
N TYR A 239 -3.25 8.52 -7.21
CA TYR A 239 -4.30 9.35 -6.63
C TYR A 239 -5.53 8.50 -6.33
N GLY A 240 -5.88 7.61 -7.25
CA GLY A 240 -7.03 6.73 -7.06
C GLY A 240 -6.82 5.81 -5.86
N GLY A 241 -5.60 5.34 -5.69
CA GLY A 241 -5.27 4.45 -4.57
C GLY A 241 -6.01 3.13 -4.72
N ALA A 4 20.92 20.70 13.44
CA ALA A 4 21.78 19.75 12.68
C ALA A 4 21.09 18.40 12.61
N ILE A 5 20.99 17.86 11.41
CA ILE A 5 20.35 16.57 11.20
C ILE A 5 21.26 15.44 11.70
N PRO A 6 20.71 14.28 11.88
CA PRO A 6 21.47 13.09 12.34
C PRO A 6 22.59 12.71 11.37
N GLN A 7 23.71 12.25 11.92
CA GLN A 7 24.85 11.85 11.09
C GLN A 7 24.49 10.61 10.28
N ASN A 8 23.80 9.67 10.90
CA ASN A 8 23.40 8.44 10.22
C ASN A 8 21.97 8.07 10.57
N ILE A 9 21.22 7.61 9.58
CA ILE A 9 19.83 7.23 9.81
C ILE A 9 19.67 5.71 9.72
N ARG A 10 19.18 5.11 10.81
CA ARG A 10 18.97 3.67 10.84
C ARG A 10 17.55 3.33 10.44
N ILE A 11 17.40 2.57 9.36
CA ILE A 11 16.09 2.18 8.87
C ILE A 11 15.88 0.68 9.03
N GLY A 12 14.68 0.29 9.45
CA GLY A 12 14.36 -1.13 9.64
C GLY A 12 13.39 -1.60 8.56
N THR A 13 13.90 -2.36 7.60
CA THR A 13 13.06 -2.89 6.53
C THR A 13 13.24 -4.38 6.37
N ASP A 14 12.16 -5.13 6.53
CA ASP A 14 12.19 -6.58 6.40
C ASP A 14 11.37 -7.02 5.19
N PRO A 15 12.00 -7.17 4.05
CA PRO A 15 11.32 -7.61 2.80
C PRO A 15 10.56 -8.92 3.00
N THR A 16 9.33 -8.96 2.50
CA THR A 16 8.50 -10.16 2.62
C THR A 16 7.70 -10.38 1.35
N TYR A 17 7.52 -9.32 0.57
CA TYR A 17 6.76 -9.41 -0.66
C TYR A 17 7.60 -8.96 -1.85
N ALA A 18 8.16 -9.92 -2.58
CA ALA A 18 8.98 -9.62 -3.74
C ALA A 18 8.53 -8.30 -4.40
N PRO A 19 7.32 -8.25 -4.86
CA PRO A 19 6.76 -7.04 -5.52
C PRO A 19 7.00 -5.77 -4.71
N PHE A 20 6.85 -5.87 -3.40
CA PHE A 20 7.06 -4.73 -2.53
C PHE A 20 8.55 -4.48 -2.30
N GLU A 21 9.29 -5.56 -2.07
CA GLU A 21 10.72 -5.47 -1.81
C GLU A 21 11.45 -6.72 -2.31
N SER A 22 12.58 -7.02 -1.71
CA SER A 22 13.37 -8.19 -2.09
C SER A 22 14.79 -8.06 -1.59
N LYS A 23 15.60 -9.10 -1.84
CA LYS A 23 16.99 -9.09 -1.40
C LYS A 23 17.89 -9.59 -2.52
N ASN A 24 19.10 -9.01 -2.61
CA ASN A 24 20.06 -9.41 -3.64
C ASN A 24 21.03 -10.44 -3.09
N SER A 25 21.27 -11.48 -3.87
CA SER A 25 22.19 -12.54 -3.46
C SER A 25 23.61 -11.99 -3.35
N GLN A 26 23.85 -10.85 -3.98
CA GLN A 26 25.18 -10.23 -3.94
C GLN A 26 25.39 -9.51 -2.63
N GLY A 27 24.34 -9.45 -1.80
CA GLY A 27 24.42 -8.79 -0.51
C GLY A 27 23.79 -7.40 -0.57
N GLU A 28 23.42 -6.97 -1.78
CA GLU A 28 22.80 -5.66 -1.97
C GLU A 28 21.32 -5.72 -1.64
N LEU A 29 20.73 -4.57 -1.34
CA LEU A 29 19.30 -4.51 -1.01
C LEU A 29 18.54 -3.77 -2.10
N VAL A 30 17.44 -4.37 -2.54
CA VAL A 30 16.62 -3.76 -3.59
C VAL A 30 15.14 -3.84 -3.21
N GLY A 31 14.37 -2.87 -3.69
CA GLY A 31 12.94 -2.82 -3.41
C GLY A 31 12.35 -1.47 -3.75
N PHE A 32 11.07 -1.44 -4.11
CA PHE A 32 10.41 -0.20 -4.46
C PHE A 32 10.47 0.79 -3.32
N ASP A 33 10.26 0.31 -2.10
CA ASP A 33 10.30 1.16 -0.92
C ASP A 33 11.72 1.64 -0.62
N ILE A 34 12.69 0.84 -1.02
CA ILE A 34 14.09 1.18 -0.81
C ILE A 34 14.50 2.37 -1.68
N ASP A 35 14.01 2.38 -2.92
CA ASP A 35 14.34 3.44 -3.86
C ASP A 35 13.87 4.78 -3.31
N LEU A 36 12.71 4.78 -2.66
CA LEU A 36 12.17 5.99 -2.08
C LEU A 36 13.09 6.50 -0.97
N ALA A 37 13.53 5.58 -0.10
CA ALA A 37 14.39 5.94 1.01
C ALA A 37 15.65 6.62 0.48
N LYS A 38 16.29 6.01 -0.52
CA LYS A 38 17.51 6.58 -1.09
C LYS A 38 17.28 8.03 -1.49
N GLU A 39 16.26 8.27 -2.32
CA GLU A 39 15.95 9.62 -2.75
C GLU A 39 15.82 10.56 -1.55
N LEU A 40 15.20 10.05 -0.49
CA LEU A 40 15.04 10.84 0.73
C LEU A 40 16.39 11.07 1.41
N CYS A 41 17.21 10.01 1.44
CA CYS A 41 18.51 10.10 2.09
C CYS A 41 19.30 11.27 1.51
N LYS A 42 19.29 11.40 0.18
CA LYS A 42 19.99 12.50 -0.48
C LYS A 42 19.36 13.84 -0.07
N ARG A 43 18.04 13.91 -0.11
CA ARG A 43 17.34 15.14 0.26
C ARG A 43 17.65 15.50 1.70
N ILE A 44 17.66 14.50 2.57
CA ILE A 44 17.96 14.75 3.98
C ILE A 44 19.46 14.99 4.17
N ASN A 45 20.24 14.60 3.18
CA ASN A 45 21.70 14.76 3.26
C ASN A 45 22.26 13.98 4.43
N THR A 46 21.93 12.68 4.49
CA THR A 46 22.40 11.82 5.57
C THR A 46 22.61 10.39 5.07
N GLN A 47 23.21 9.56 5.92
CA GLN A 47 23.45 8.17 5.55
C GLN A 47 22.26 7.30 5.93
N CYS A 48 21.96 6.32 5.09
CA CYS A 48 20.83 5.43 5.34
C CYS A 48 21.31 3.99 5.51
N THR A 49 20.85 3.34 6.56
CA THR A 49 21.23 1.95 6.83
C THR A 49 19.99 1.10 7.03
N PHE A 50 19.89 0.00 6.27
CA PHE A 50 18.75 -0.90 6.38
C PHE A 50 19.06 -2.03 7.35
N VAL A 51 18.09 -2.32 8.22
CA VAL A 51 18.27 -3.40 9.19
C VAL A 51 17.06 -4.34 9.16
N GLU A 52 17.34 -5.64 9.01
CA GLU A 52 16.27 -6.63 8.97
C GLU A 52 15.55 -6.70 10.31
N ASN A 53 14.22 -6.79 10.26
CA ASN A 53 13.43 -6.88 11.47
C ASN A 53 11.94 -6.88 11.14
N PRO A 54 11.20 -7.79 11.70
CA PRO A 54 9.73 -7.91 11.45
C PRO A 54 8.95 -6.74 12.01
N LEU A 55 7.89 -6.34 11.31
CA LEU A 55 7.07 -5.23 11.76
C LEU A 55 6.86 -5.26 13.27
N ASP A 56 6.35 -6.38 13.77
CA ASP A 56 6.10 -6.52 15.19
C ASP A 56 7.32 -6.09 16.01
N ALA A 57 8.49 -6.20 15.40
CA ALA A 57 9.73 -5.82 16.08
C ALA A 57 10.12 -4.39 15.75
N LEU A 58 9.61 -3.88 14.65
CA LEU A 58 9.91 -2.51 14.23
C LEU A 58 9.39 -1.50 15.25
N ILE A 59 8.17 -1.73 15.73
CA ILE A 59 7.55 -0.82 16.69
C ILE A 59 8.40 -0.78 17.97
N PRO A 60 8.60 -1.92 18.57
CA PRO A 60 9.44 -2.04 19.79
C PRO A 60 10.85 -1.47 19.56
N SER A 61 11.41 -1.78 18.39
CA SER A 61 12.76 -1.30 18.05
C SER A 61 12.80 0.22 18.10
N LEU A 62 11.78 0.85 17.52
CA LEU A 62 11.72 2.31 17.50
C LEU A 62 11.71 2.86 18.92
N LYS A 63 10.93 2.23 19.79
CA LYS A 63 10.87 2.65 21.19
C LYS A 63 12.22 2.43 21.86
N ALA A 64 12.86 1.30 21.55
CA ALA A 64 14.15 0.97 22.14
C ALA A 64 15.26 1.78 21.48
N LYS A 65 14.87 2.75 20.67
CA LYS A 65 15.84 3.59 19.97
C LYS A 65 16.79 2.74 19.13
N LYS A 66 16.44 1.48 18.96
CA LYS A 66 17.24 0.57 18.15
C LYS A 66 17.28 1.04 16.70
N ILE A 67 16.17 1.60 16.23
CA ILE A 67 16.08 2.09 14.85
C ILE A 67 15.72 3.57 14.84
N ASP A 68 16.12 4.26 13.78
CA ASP A 68 15.85 5.68 13.66
C ASP A 68 14.57 5.93 12.88
N ALA A 69 14.17 4.95 12.08
CA ALA A 69 12.96 5.09 11.28
C ALA A 69 12.45 3.73 10.86
N ILE A 70 11.15 3.64 10.56
CA ILE A 70 10.55 2.39 10.13
C ILE A 70 10.05 2.51 8.70
N MET A 71 10.43 1.53 7.87
CA MET A 71 10.01 1.53 6.46
C MET A 71 9.47 0.16 6.07
N SER A 72 8.16 0.07 5.92
CA SER A 72 7.52 -1.19 5.56
C SER A 72 6.14 -0.94 4.95
N SER A 73 5.48 -2.02 4.54
CA SER A 73 4.15 -1.90 3.95
C SER A 73 3.15 -1.39 4.98
N LEU A 74 3.54 -1.43 6.26
CA LEU A 74 2.67 -0.97 7.33
C LEU A 74 1.82 0.22 6.87
N SER A 75 0.51 0.09 6.99
CA SER A 75 -0.40 1.16 6.58
C SER A 75 -0.51 2.22 7.67
N ILE A 76 -0.83 3.44 7.27
CA ILE A 76 -0.96 4.55 8.22
C ILE A 76 -2.43 4.87 8.44
N THR A 77 -2.75 5.32 9.65
CA THR A 77 -4.13 5.68 9.98
C THR A 77 -4.17 6.80 11.00
N GLU A 78 -5.23 7.59 10.97
CA GLU A 78 -5.38 8.70 11.92
C GLU A 78 -5.12 8.23 13.34
N LYS A 79 -5.74 7.12 13.71
CA LYS A 79 -5.56 6.58 15.06
C LYS A 79 -4.09 6.37 15.37
N ARG A 80 -3.34 5.89 14.38
CA ARG A 80 -1.91 5.67 14.54
C ARG A 80 -1.15 6.98 14.68
N GLN A 81 -1.60 7.98 13.91
CA GLN A 81 -0.96 9.30 13.94
C GLN A 81 -0.99 9.86 15.36
N GLN A 82 -2.09 9.63 16.06
CA GLN A 82 -2.24 10.13 17.42
C GLN A 82 -1.14 9.52 18.30
N GLU A 83 -0.66 8.34 17.93
CA GLU A 83 0.39 7.67 18.70
C GLU A 83 1.76 8.19 18.31
N ILE A 84 2.03 8.22 17.00
CA ILE A 84 3.31 8.70 16.50
C ILE A 84 3.11 9.53 15.24
N ALA A 85 4.21 9.83 14.55
CA ALA A 85 4.14 10.62 13.34
C ALA A 85 4.39 9.76 12.11
N PHE A 86 3.75 10.13 11.01
CA PHE A 86 3.91 9.38 9.75
C PHE A 86 4.23 10.33 8.60
N THR A 87 4.97 9.83 7.61
CA THR A 87 5.34 10.65 6.47
C THR A 87 5.82 9.76 5.33
N ASP A 88 6.67 10.32 4.46
CA ASP A 88 7.20 9.57 3.33
C ASP A 88 6.12 8.71 2.69
N LYS A 89 4.86 9.07 2.94
CA LYS A 89 3.72 8.33 2.39
C LYS A 89 4.10 7.72 1.04
N LEU A 90 3.99 6.41 0.94
CA LEU A 90 4.35 5.71 -0.28
C LEU A 90 3.29 5.91 -1.35
N TYR A 91 2.11 5.32 -1.13
CA TYR A 91 1.02 5.43 -2.09
C TYR A 91 -0.32 5.35 -1.38
N ALA A 92 -1.39 5.69 -2.10
CA ALA A 92 -2.74 5.67 -1.54
C ALA A 92 -3.29 4.25 -1.59
N ALA A 93 -3.69 3.72 -0.44
CA ALA A 93 -4.23 2.37 -0.36
C ALA A 93 -5.74 2.41 -0.18
N ASP A 94 -6.44 2.86 -1.21
CA ASP A 94 -7.90 2.94 -1.16
C ASP A 94 -8.53 1.60 -1.54
N SER A 95 -9.05 1.53 -2.76
CA SER A 95 -9.69 0.31 -3.24
C SER A 95 -9.76 0.31 -4.76
N ARG A 96 -10.04 -0.85 -5.33
CA ARG A 96 -10.15 -0.98 -6.78
C ARG A 96 -11.03 -2.18 -7.14
N LEU A 97 -11.77 -2.05 -8.24
CA LEU A 97 -12.63 -3.13 -8.71
C LEU A 97 -11.98 -3.88 -9.86
N VAL A 98 -12.07 -5.22 -9.81
CA VAL A 98 -11.47 -6.04 -10.87
C VAL A 98 -12.55 -6.93 -11.49
N VAL A 99 -12.91 -6.64 -12.73
CA VAL A 99 -13.94 -7.42 -13.42
C VAL A 99 -13.49 -7.77 -14.83
N ALA A 100 -14.19 -8.71 -15.45
CA ALA A 100 -13.87 -9.11 -16.81
C ALA A 100 -14.61 -8.26 -17.83
N LYS A 101 -13.99 -8.05 -18.98
CA LYS A 101 -14.59 -7.26 -20.03
C LYS A 101 -15.97 -7.79 -20.39
N ASN A 102 -16.17 -9.09 -20.18
CA ASN A 102 -17.45 -9.71 -20.48
C ASN A 102 -18.56 -9.05 -19.69
N SER A 103 -18.30 -8.77 -18.41
CA SER A 103 -19.29 -8.13 -17.56
C SER A 103 -18.97 -6.64 -17.39
N ASP A 104 -19.92 -5.79 -17.77
CA ASP A 104 -19.72 -4.35 -17.67
C ASP A 104 -20.14 -3.85 -16.29
N ILE A 105 -19.16 -3.46 -15.47
CA ILE A 105 -19.43 -2.96 -14.13
C ILE A 105 -18.75 -1.62 -13.91
N GLN A 106 -19.52 -0.65 -13.43
CA GLN A 106 -18.98 0.68 -13.17
C GLN A 106 -18.92 0.96 -11.68
N PRO A 107 -18.09 1.89 -11.29
CA PRO A 107 -17.93 2.27 -9.85
C PRO A 107 -19.24 2.75 -9.23
N THR A 108 -20.01 1.82 -8.68
CA THR A 108 -21.28 2.16 -8.07
C THR A 108 -21.84 0.98 -7.29
N VAL A 109 -22.41 1.25 -6.12
CA VAL A 109 -22.99 0.21 -5.29
C VAL A 109 -24.21 -0.42 -6.00
N GLU A 110 -24.91 0.41 -6.76
CA GLU A 110 -26.10 -0.07 -7.46
C GLU A 110 -25.75 -1.25 -8.36
N SER A 111 -24.90 -1.01 -9.35
CA SER A 111 -24.51 -2.06 -10.28
C SER A 111 -23.95 -3.27 -9.54
N LEU A 112 -23.48 -3.03 -8.32
CA LEU A 112 -22.93 -4.11 -7.51
C LEU A 112 -24.03 -4.96 -6.90
N LYS A 113 -25.20 -4.37 -6.74
CA LYS A 113 -26.32 -5.09 -6.17
C LYS A 113 -26.59 -6.37 -6.93
N GLY A 114 -26.76 -7.47 -6.20
CA GLY A 114 -27.02 -8.77 -6.82
C GLY A 114 -25.75 -9.43 -7.27
N LYS A 115 -24.66 -8.65 -7.36
CA LYS A 115 -23.38 -9.18 -7.80
C LYS A 115 -22.62 -9.77 -6.62
N ARG A 116 -21.78 -10.76 -6.90
CA ARG A 116 -21.01 -11.43 -5.85
C ARG A 116 -19.62 -10.81 -5.76
N VAL A 117 -19.17 -10.55 -4.54
CA VAL A 117 -17.85 -9.95 -4.32
C VAL A 117 -17.04 -10.79 -3.35
N GLY A 118 -15.76 -11.00 -3.67
CA GLY A 118 -14.88 -11.78 -2.81
C GLY A 118 -13.92 -10.88 -2.05
N VAL A 119 -13.71 -11.18 -0.77
CA VAL A 119 -12.81 -10.39 0.05
C VAL A 119 -11.84 -11.30 0.81
N LEU A 120 -10.74 -10.71 1.28
CA LEU A 120 -9.75 -11.48 2.02
C LEU A 120 -10.04 -11.43 3.52
N GLN A 121 -10.30 -12.59 4.11
CA GLN A 121 -10.59 -12.66 5.54
C GLN A 121 -9.50 -11.96 6.34
N GLY A 122 -9.84 -11.56 7.55
CA GLY A 122 -8.89 -10.88 8.43
C GLY A 122 -8.50 -9.53 7.86
N THR A 123 -9.51 -8.73 7.50
CA THR A 123 -9.26 -7.41 6.93
C THR A 123 -10.39 -6.45 7.30
N THR A 124 -10.17 -5.17 7.04
CA THR A 124 -11.18 -4.15 7.33
C THR A 124 -12.32 -4.24 6.32
N GLN A 125 -12.01 -4.72 5.12
CA GLN A 125 -13.03 -4.84 4.07
C GLN A 125 -14.15 -5.74 4.52
N GLU A 126 -13.81 -6.97 4.90
CA GLU A 126 -14.82 -7.92 5.34
C GLU A 126 -15.63 -7.35 6.50
N THR A 127 -14.94 -6.93 7.56
CA THR A 127 -15.62 -6.38 8.72
C THR A 127 -16.43 -5.14 8.34
N PHE A 128 -15.77 -4.21 7.66
CA PHE A 128 -16.45 -2.99 7.22
C PHE A 128 -17.58 -3.31 6.26
N GLY A 129 -17.32 -4.23 5.33
CA GLY A 129 -18.32 -4.61 4.35
C GLY A 129 -19.53 -5.25 5.01
N ASN A 130 -19.28 -6.14 5.96
CA ASN A 130 -20.36 -6.80 6.68
C ASN A 130 -21.43 -5.81 7.09
N GLU A 131 -21.10 -4.53 7.02
CA GLU A 131 -22.04 -3.48 7.39
C GLU A 131 -22.21 -2.48 6.26
N HIS A 132 -21.13 -2.24 5.53
CA HIS A 132 -21.16 -1.28 4.44
C HIS A 132 -21.90 -1.83 3.23
N TRP A 133 -21.52 -3.04 2.82
CA TRP A 133 -22.13 -3.68 1.67
C TRP A 133 -23.18 -4.70 2.10
N ALA A 134 -23.54 -4.66 3.37
CA ALA A 134 -24.54 -5.58 3.90
C ALA A 134 -25.96 -5.06 3.63
N PRO A 135 -26.23 -3.86 4.07
CA PRO A 135 -27.57 -3.22 3.88
C PRO A 135 -27.81 -2.82 2.43
N LYS A 136 -26.76 -2.88 1.61
CA LYS A 136 -26.87 -2.51 0.21
C LYS A 136 -27.43 -3.66 -0.61
N GLY A 137 -27.53 -4.83 0.02
CA GLY A 137 -28.05 -6.01 -0.67
C GLY A 137 -27.00 -6.63 -1.57
N ILE A 138 -25.74 -6.55 -1.13
CA ILE A 138 -24.62 -7.11 -1.90
C ILE A 138 -24.06 -8.34 -1.20
N GLU A 139 -23.75 -9.38 -1.98
CA GLU A 139 -23.21 -10.60 -1.42
C GLU A 139 -21.69 -10.52 -1.32
N ILE A 140 -21.16 -10.84 -0.15
CA ILE A 140 -19.72 -10.80 0.07
C ILE A 140 -19.22 -12.13 0.61
N VAL A 141 -18.07 -12.57 0.11
CA VAL A 141 -17.49 -13.84 0.56
C VAL A 141 -16.08 -13.61 1.07
N SER A 142 -15.77 -14.18 2.23
CA SER A 142 -14.45 -14.02 2.83
C SER A 142 -13.57 -15.23 2.52
N TYR A 143 -12.38 -14.95 1.98
CA TYR A 143 -11.45 -16.03 1.63
C TYR A 143 -10.24 -16.00 2.57
N GLN A 144 -9.61 -17.15 2.74
CA GLN A 144 -8.44 -17.25 3.62
C GLN A 144 -7.17 -17.40 2.80
N GLY A 145 -7.29 -17.27 1.48
CA GLY A 145 -6.14 -17.39 0.60
C GLY A 145 -6.08 -16.24 -0.40
N GLN A 146 -4.90 -15.61 -0.50
CA GLN A 146 -4.73 -14.49 -1.42
C GLN A 146 -4.87 -14.97 -2.86
N ASP A 147 -4.22 -16.09 -3.19
CA ASP A 147 -4.27 -16.62 -4.54
C ASP A 147 -5.65 -17.20 -4.83
N ASN A 148 -6.37 -17.57 -3.78
CA ASN A 148 -7.70 -18.13 -3.92
C ASN A 148 -8.65 -17.10 -4.52
N ILE A 149 -8.48 -15.85 -4.13
CA ILE A 149 -9.33 -14.77 -4.63
C ILE A 149 -9.14 -14.57 -6.14
N TYR A 150 -7.88 -14.50 -6.55
CA TYR A 150 -7.55 -14.31 -7.96
C TYR A 150 -8.03 -15.50 -8.78
N SER A 151 -7.90 -16.69 -8.20
CA SER A 151 -8.32 -17.91 -8.89
C SER A 151 -9.81 -17.86 -9.20
N ASP A 152 -10.59 -17.39 -8.23
CA ASP A 152 -12.03 -17.27 -8.41
C ASP A 152 -12.34 -16.25 -9.50
N LEU A 153 -11.64 -15.12 -9.48
CA LEU A 153 -11.85 -14.08 -10.47
C LEU A 153 -11.60 -14.64 -11.87
N THR A 154 -10.48 -15.32 -12.04
CA THR A 154 -10.14 -15.91 -13.33
C THR A 154 -11.18 -16.94 -13.73
N ALA A 155 -11.89 -17.48 -12.73
CA ALA A 155 -12.91 -18.49 -12.98
C ALA A 155 -14.27 -17.83 -13.21
N GLY A 156 -14.39 -16.58 -12.78
CA GLY A 156 -15.65 -15.85 -12.94
C GLY A 156 -16.59 -16.13 -11.77
N ARG A 157 -16.06 -16.75 -10.72
CA ARG A 157 -16.86 -17.07 -9.54
C ARG A 157 -17.22 -15.81 -8.78
N ILE A 158 -16.48 -14.73 -9.05
CA ILE A 158 -16.71 -13.45 -8.38
C ILE A 158 -16.88 -12.34 -9.41
N ASP A 159 -17.88 -11.49 -9.20
CA ASP A 159 -18.13 -10.39 -10.12
C ASP A 159 -17.07 -9.31 -10.00
N ALA A 160 -16.49 -9.19 -8.81
CA ALA A 160 -15.47 -8.19 -8.56
C ALA A 160 -14.88 -8.34 -7.16
N ALA A 161 -13.65 -7.87 -6.97
CA ALA A 161 -13.00 -7.94 -5.68
C ALA A 161 -12.46 -6.57 -5.29
N PHE A 162 -12.63 -6.20 -4.03
CA PHE A 162 -12.16 -4.91 -3.55
C PHE A 162 -10.71 -5.01 -3.11
N GLN A 163 -9.81 -4.51 -3.96
CA GLN A 163 -8.38 -4.52 -3.65
C GLN A 163 -7.76 -3.16 -3.93
N ASP A 164 -6.55 -2.94 -3.41
CA ASP A 164 -5.84 -1.69 -3.62
C ASP A 164 -5.33 -1.58 -5.05
N GLU A 165 -5.19 -0.34 -5.52
CA GLU A 165 -4.71 -0.12 -6.88
C GLU A 165 -3.26 -0.57 -7.05
N VAL A 166 -2.39 -0.06 -6.20
CA VAL A 166 -0.98 -0.41 -6.27
C VAL A 166 -0.79 -1.91 -6.08
N ALA A 167 -1.41 -2.46 -5.05
CA ALA A 167 -1.30 -3.89 -4.78
C ALA A 167 -1.86 -4.70 -5.93
N ALA A 168 -2.96 -4.21 -6.50
CA ALA A 168 -3.60 -4.92 -7.61
C ALA A 168 -2.68 -4.93 -8.83
N SER A 169 -2.38 -3.75 -9.36
CA SER A 169 -1.51 -3.66 -10.52
C SER A 169 -0.15 -4.27 -10.25
N GLU A 170 0.44 -3.90 -9.11
CA GLU A 170 1.74 -4.43 -8.73
C GLU A 170 1.76 -5.94 -8.87
N GLY A 171 0.65 -6.58 -8.54
CA GLY A 171 0.56 -8.03 -8.63
C GLY A 171 -0.38 -8.46 -9.75
N PHE A 172 -1.65 -8.15 -9.59
CA PHE A 172 -2.65 -8.53 -10.58
C PHE A 172 -2.12 -8.35 -12.00
N LEU A 173 -1.97 -7.10 -12.40
CA LEU A 173 -1.49 -6.79 -13.74
C LEU A 173 -0.08 -7.35 -13.95
N LYS A 174 0.74 -7.23 -12.93
CA LYS A 174 2.12 -7.72 -13.02
C LYS A 174 2.14 -9.21 -13.30
N GLN A 175 0.95 -9.82 -13.36
CA GLN A 175 0.85 -11.23 -13.64
C GLN A 175 -0.03 -11.50 -14.86
N PRO A 176 0.25 -12.54 -15.59
CA PRO A 176 -0.52 -12.92 -16.79
C PRO A 176 -2.03 -12.95 -16.53
N VAL A 177 -2.40 -13.05 -15.25
CA VAL A 177 -3.80 -13.10 -14.87
C VAL A 177 -4.51 -11.82 -15.30
N GLY A 178 -3.86 -10.68 -15.10
CA GLY A 178 -4.45 -9.40 -15.45
C GLY A 178 -4.72 -9.31 -16.94
N LYS A 179 -3.87 -9.95 -17.73
CA LYS A 179 -4.03 -9.92 -19.19
C LYS A 179 -5.36 -10.54 -19.59
N ASP A 180 -5.72 -11.64 -18.93
CA ASP A 180 -6.98 -12.31 -19.22
C ASP A 180 -8.16 -11.42 -18.83
N TYR A 181 -7.98 -10.63 -17.78
CA TYR A 181 -9.03 -9.73 -17.32
C TYR A 181 -8.45 -8.58 -16.52
N LYS A 182 -9.04 -7.39 -16.69
CA LYS A 182 -8.57 -6.21 -16.00
C LYS A 182 -9.45 -5.00 -16.32
N PHE A 183 -10.38 -4.69 -15.41
CA PHE A 183 -11.27 -3.56 -15.60
C PHE A 183 -11.85 -3.10 -14.26
N GLY A 184 -12.46 -1.92 -14.27
CA GLY A 184 -13.07 -1.38 -13.06
C GLY A 184 -12.03 -0.69 -12.20
N GLY A 185 -11.34 0.30 -12.77
CA GLY A 185 -10.32 1.03 -12.04
C GLY A 185 -10.85 1.52 -10.70
N PRO A 186 -10.89 2.82 -10.49
CA PRO A 186 -11.38 3.42 -9.23
C PRO A 186 -12.73 2.85 -8.82
N SER A 187 -12.86 2.53 -7.54
CA SER A 187 -14.09 1.95 -7.02
C SER A 187 -14.64 2.76 -5.85
N VAL A 188 -14.53 2.19 -4.65
CA VAL A 188 -15.04 2.86 -3.46
C VAL A 188 -14.49 2.19 -2.21
N LYS A 189 -14.62 2.87 -1.07
CA LYS A 189 -14.16 2.33 0.21
C LYS A 189 -13.82 3.45 1.18
N ASP A 190 -13.85 3.14 2.47
CA ASP A 190 -13.52 4.13 3.49
C ASP A 190 -12.00 4.22 3.66
N GLU A 191 -11.45 5.38 3.37
CA GLU A 191 -10.00 5.59 3.50
C GLU A 191 -9.58 5.63 4.95
N LYS A 192 -10.54 5.87 5.84
CA LYS A 192 -10.27 5.95 7.26
C LYS A 192 -9.77 4.61 7.78
N LEU A 193 -10.27 3.53 7.18
CA LEU A 193 -9.89 2.19 7.62
C LEU A 193 -8.40 1.97 7.49
N PHE A 194 -7.85 2.38 6.34
CA PHE A 194 -6.42 2.24 6.10
C PHE A 194 -5.75 3.60 6.00
N GLY A 195 -6.50 4.65 6.35
CA GLY A 195 -5.97 6.01 6.29
C GLY A 195 -5.79 6.46 4.84
N VAL A 196 -4.89 7.40 4.62
CA VAL A 196 -4.62 7.90 3.28
C VAL A 196 -3.91 6.85 2.44
N GLY A 197 -3.22 5.94 3.11
CA GLY A 197 -2.49 4.88 2.41
C GLY A 197 -1.42 4.28 3.31
N THR A 198 -0.18 4.30 2.83
CA THR A 198 0.94 3.76 3.60
C THR A 198 2.08 4.76 3.67
N GLY A 199 2.92 4.65 4.69
CA GLY A 199 4.03 5.56 4.87
C GLY A 199 5.02 5.02 5.91
N MET A 200 5.97 5.86 6.31
CA MET A 200 6.97 5.47 7.29
C MET A 200 6.53 5.86 8.69
N GLY A 201 6.73 4.96 9.66
CA GLY A 201 6.34 5.23 11.02
C GLY A 201 7.44 5.96 11.78
N LEU A 202 7.22 7.23 12.06
CA LEU A 202 8.19 8.05 12.78
C LEU A 202 7.56 8.65 14.03
N ARG A 203 8.41 9.05 14.98
CA ARG A 203 7.92 9.64 16.21
C ARG A 203 7.74 11.14 16.07
N LYS A 204 6.78 11.70 16.80
CA LYS A 204 6.50 13.13 16.72
C LYS A 204 7.78 13.93 16.91
N GLU A 205 8.55 13.59 17.95
CA GLU A 205 9.80 14.29 18.22
C GLU A 205 10.53 14.62 16.92
N ASP A 206 10.25 13.85 15.87
CA ASP A 206 10.88 14.07 14.57
C ASP A 206 10.32 15.33 13.92
N ASN A 207 10.34 16.44 14.67
CA ASN A 207 9.83 17.70 14.14
C ASN A 207 10.65 18.19 12.96
N GLU A 208 11.98 18.13 13.11
CA GLU A 208 12.86 18.57 12.04
C GLU A 208 12.91 17.57 10.91
N LEU A 209 13.07 16.28 11.26
CA LEU A 209 13.14 15.23 10.26
C LEU A 209 11.82 15.15 9.48
N ARG A 210 10.71 15.22 10.20
CA ARG A 210 9.39 15.18 9.58
C ARG A 210 9.23 16.37 8.64
N GLU A 211 9.66 17.55 9.09
CA GLU A 211 9.56 18.75 8.27
C GLU A 211 10.29 18.53 6.94
N ALA A 212 11.40 17.80 6.99
CA ALA A 212 12.17 17.51 5.77
C ALA A 212 11.43 16.47 4.95
N LEU A 213 11.52 15.20 5.36
CA LEU A 213 10.84 14.11 4.66
C LEU A 213 9.58 14.63 3.96
N ASN A 214 8.79 15.43 4.70
CA ASN A 214 7.58 16.01 4.12
C ASN A 214 7.95 16.98 2.99
N LYS A 215 8.94 17.82 3.23
CA LYS A 215 9.40 18.78 2.21
C LYS A 215 9.91 18.03 0.99
N ALA A 216 10.69 16.98 1.22
CA ALA A 216 11.23 16.18 0.13
C ALA A 216 10.10 15.54 -0.67
N PHE A 217 9.08 15.07 0.04
CA PHE A 217 7.93 14.45 -0.60
C PHE A 217 7.24 15.45 -1.54
N ALA A 218 7.09 16.68 -1.06
CA ALA A 218 6.44 17.72 -1.85
C ALA A 218 7.25 18.00 -3.12
N GLU A 219 8.57 17.99 -2.98
CA GLU A 219 9.46 18.23 -4.12
C GLU A 219 9.28 17.12 -5.15
N MET A 220 9.20 15.88 -4.67
CA MET A 220 9.04 14.74 -5.57
C MET A 220 7.77 14.92 -6.40
N ARG A 221 6.73 15.45 -5.77
CA ARG A 221 5.47 15.69 -6.48
C ARG A 221 5.65 16.82 -7.51
N ALA A 222 6.39 17.85 -7.12
CA ALA A 222 6.62 18.98 -8.01
C ALA A 222 7.34 18.52 -9.28
N ASP A 223 8.37 17.71 -9.11
CA ASP A 223 9.15 17.19 -10.24
C ASP A 223 8.49 15.92 -10.79
N GLY A 224 7.38 15.52 -10.19
CA GLY A 224 6.67 14.34 -10.65
C GLY A 224 7.53 13.10 -10.49
N THR A 225 8.56 13.18 -9.65
CA THR A 225 9.45 12.06 -9.43
C THR A 225 8.66 10.86 -8.93
N TYR A 226 7.77 11.08 -7.97
CA TYR A 226 6.96 10.00 -7.44
C TYR A 226 6.05 9.44 -8.52
N GLU A 227 5.21 10.29 -9.10
CA GLU A 227 4.30 9.86 -10.15
C GLU A 227 5.06 9.23 -11.30
N LYS A 228 6.19 9.83 -11.66
CA LYS A 228 7.01 9.31 -12.75
C LYS A 228 7.44 7.87 -12.46
N LEU A 229 7.94 7.64 -11.27
CA LEU A 229 8.37 6.30 -10.88
C LEU A 229 7.19 5.34 -10.88
N ALA A 230 6.06 5.80 -10.39
CA ALA A 230 4.85 4.97 -10.34
C ALA A 230 4.47 4.51 -11.75
N LYS A 231 4.40 5.44 -12.68
CA LYS A 231 4.05 5.13 -14.06
C LYS A 231 5.03 4.11 -14.63
N LYS A 232 6.29 4.23 -14.25
CA LYS A 232 7.31 3.32 -14.73
C LYS A 232 7.15 1.92 -14.14
N TYR A 233 7.03 1.86 -12.82
CA TYR A 233 6.86 0.59 -12.14
C TYR A 233 5.55 -0.08 -12.57
N PHE A 234 4.48 0.71 -12.62
CA PHE A 234 3.19 0.18 -13.03
C PHE A 234 2.33 1.29 -13.62
N ASP A 235 1.38 0.91 -14.48
CA ASP A 235 0.49 1.89 -15.10
C ASP A 235 -0.83 1.96 -14.34
N PHE A 236 -0.91 2.93 -13.42
CA PHE A 236 -2.13 3.11 -12.64
C PHE A 236 -2.27 4.56 -12.20
N ASP A 237 -3.17 4.80 -11.25
CA ASP A 237 -3.40 6.15 -10.73
C ASP A 237 -3.18 6.21 -9.23
N VAL A 238 -2.11 6.87 -8.81
CA VAL A 238 -1.81 6.99 -7.39
C VAL A 238 -2.91 7.77 -6.67
N TYR A 239 -3.40 8.83 -7.32
CA TYR A 239 -4.44 9.65 -6.74
C TYR A 239 -5.66 8.80 -6.40
N GLY A 240 -6.03 7.91 -7.31
CA GLY A 240 -7.18 7.04 -7.08
C GLY A 240 -6.92 6.11 -5.89
N GLY A 241 -5.69 5.65 -5.76
CA GLY A 241 -5.34 4.76 -4.65
C GLY A 241 -6.07 3.43 -4.77
N ALA A 4 20.96 20.67 13.51
CA ALA A 4 21.81 19.73 12.72
C ALA A 4 21.12 18.37 12.65
N ILE A 5 21.00 17.84 11.43
CA ILE A 5 20.36 16.56 11.23
C ILE A 5 21.26 15.42 11.73
N PRO A 6 20.71 14.27 11.90
CA PRO A 6 21.47 13.07 12.36
C PRO A 6 22.59 12.68 11.39
N GLN A 7 23.71 12.22 11.94
CA GLN A 7 24.84 11.82 11.12
C GLN A 7 24.49 10.59 10.29
N ASN A 8 23.78 9.65 10.91
CA ASN A 8 23.38 8.42 10.22
C ASN A 8 21.96 8.05 10.57
N ILE A 9 21.20 7.60 9.57
CA ILE A 9 19.80 7.22 9.79
C ILE A 9 19.65 5.70 9.71
N ARG A 10 19.16 5.11 10.79
CA ARG A 10 18.95 3.66 10.83
C ARG A 10 17.53 3.32 10.44
N ILE A 11 17.38 2.57 9.35
CA ILE A 11 16.06 2.18 8.85
C ILE A 11 15.85 0.68 9.01
N GLY A 12 14.65 0.29 9.44
CA GLY A 12 14.33 -1.13 9.63
C GLY A 12 13.37 -1.60 8.54
N THR A 13 13.88 -2.36 7.59
CA THR A 13 13.04 -2.88 6.50
C THR A 13 13.23 -4.39 6.35
N ASP A 14 12.13 -5.12 6.51
CA ASP A 14 12.17 -6.58 6.39
C ASP A 14 11.35 -7.02 5.18
N PRO A 15 11.99 -7.17 4.04
CA PRO A 15 11.31 -7.61 2.79
C PRO A 15 10.55 -8.91 2.99
N THR A 16 9.33 -8.95 2.49
CA THR A 16 8.50 -10.15 2.60
C THR A 16 7.68 -10.38 1.34
N TYR A 17 7.51 -9.31 0.55
CA TYR A 17 6.75 -9.40 -0.68
C TYR A 17 7.59 -8.95 -1.86
N ALA A 18 8.16 -9.91 -2.59
CA ALA A 18 8.97 -9.61 -3.76
C ALA A 18 8.53 -8.30 -4.42
N PRO A 19 7.33 -8.25 -4.87
CA PRO A 19 6.77 -7.04 -5.54
C PRO A 19 7.01 -5.77 -4.74
N PHE A 20 6.85 -5.87 -3.42
CA PHE A 20 7.06 -4.72 -2.55
C PHE A 20 8.56 -4.49 -2.32
N GLU A 21 9.28 -5.57 -2.10
CA GLU A 21 10.72 -5.48 -1.83
C GLU A 21 11.44 -6.73 -2.31
N SER A 22 12.58 -7.03 -1.71
CA SER A 22 13.36 -8.20 -2.10
C SER A 22 14.78 -8.08 -1.57
N LYS A 23 15.59 -9.12 -1.83
CA LYS A 23 16.97 -9.12 -1.38
C LYS A 23 17.89 -9.62 -2.50
N ASN A 24 19.08 -9.04 -2.58
CA ASN A 24 20.05 -9.45 -3.60
C ASN A 24 21.01 -10.48 -3.06
N SER A 25 21.24 -11.54 -3.83
CA SER A 25 22.16 -12.59 -3.41
C SER A 25 23.58 -12.07 -3.30
N GLN A 26 23.84 -10.92 -3.93
CA GLN A 26 25.15 -10.31 -3.89
C GLN A 26 25.37 -9.59 -2.57
N GLY A 27 24.31 -9.51 -1.77
CA GLY A 27 24.39 -8.84 -0.47
C GLY A 27 23.76 -7.44 -0.55
N GLU A 28 23.41 -7.02 -1.75
CA GLU A 28 22.81 -5.71 -1.95
C GLU A 28 21.32 -5.77 -1.62
N LEU A 29 20.73 -4.61 -1.33
CA LEU A 29 19.31 -4.54 -1.00
C LEU A 29 18.54 -3.80 -2.08
N VAL A 30 17.44 -4.39 -2.53
CA VAL A 30 16.62 -3.78 -3.58
C VAL A 30 15.14 -3.84 -3.20
N GLY A 31 14.37 -2.88 -3.69
CA GLY A 31 12.95 -2.83 -3.41
C GLY A 31 12.37 -1.47 -3.77
N PHE A 32 11.09 -1.45 -4.12
CA PHE A 32 10.42 -0.21 -4.47
C PHE A 32 10.48 0.79 -3.33
N ASP A 33 10.26 0.31 -2.13
CA ASP A 33 10.29 1.17 -0.94
C ASP A 33 11.71 1.66 -0.65
N ILE A 34 12.69 0.86 -1.04
CA ILE A 34 14.09 1.20 -0.83
C ILE A 34 14.50 2.40 -1.71
N ASP A 35 14.00 2.40 -2.94
CA ASP A 35 14.33 3.47 -3.87
C ASP A 35 13.86 4.81 -3.32
N LEU A 36 12.69 4.80 -2.67
CA LEU A 36 12.16 6.02 -2.09
C LEU A 36 13.07 6.52 -0.97
N ALA A 37 13.50 5.60 -0.12
CA ALA A 37 14.38 5.95 1.00
C ALA A 37 15.62 6.64 0.48
N LYS A 38 16.27 6.04 -0.53
CA LYS A 38 17.48 6.60 -1.09
C LYS A 38 17.26 8.05 -1.50
N GLU A 39 16.24 8.29 -2.31
CA GLU A 39 15.93 9.64 -2.76
C GLU A 39 15.80 10.58 -1.56
N LEU A 40 15.19 10.07 -0.48
CA LEU A 40 15.03 10.86 0.73
C LEU A 40 16.37 11.07 1.42
N CYS A 41 17.19 10.02 1.45
CA CYS A 41 18.50 10.11 2.10
C CYS A 41 19.29 11.28 1.51
N LYS A 42 19.27 11.40 0.19
CA LYS A 42 19.97 12.50 -0.47
C LYS A 42 19.36 13.85 -0.06
N ARG A 43 18.04 13.91 -0.12
CA ARG A 43 17.33 15.15 0.25
C ARG A 43 17.64 15.51 1.69
N ILE A 44 17.65 14.52 2.57
CA ILE A 44 17.96 14.75 3.98
C ILE A 44 19.45 14.99 4.18
N ASN A 45 20.24 14.60 3.18
CA ASN A 45 21.69 14.76 3.26
C ASN A 45 22.24 13.97 4.44
N THR A 46 21.91 12.68 4.49
CA THR A 46 22.38 11.82 5.58
C THR A 46 22.59 10.39 5.07
N GLN A 47 23.19 9.55 5.92
CA GLN A 47 23.44 8.16 5.56
C GLN A 47 22.24 7.30 5.93
N CYS A 48 21.93 6.33 5.09
CA CYS A 48 20.81 5.43 5.33
C CYS A 48 21.29 3.99 5.50
N THR A 49 20.82 3.34 6.56
CA THR A 49 21.21 1.95 6.82
C THR A 49 19.97 1.08 7.02
N PHE A 50 19.87 -0.01 6.26
CA PHE A 50 18.73 -0.91 6.36
C PHE A 50 19.03 -2.03 7.34
N VAL A 51 18.07 -2.33 8.22
CA VAL A 51 18.23 -3.41 9.18
C VAL A 51 17.04 -4.34 9.15
N GLU A 52 17.31 -5.64 9.00
CA GLU A 52 16.24 -6.63 8.96
C GLU A 52 15.52 -6.71 10.30
N ASN A 53 14.20 -6.80 10.24
CA ASN A 53 13.40 -6.88 11.45
C ASN A 53 11.91 -6.89 11.13
N PRO A 54 11.17 -7.79 11.70
CA PRO A 54 9.71 -7.91 11.44
C PRO A 54 8.92 -6.74 12.00
N LEU A 55 7.86 -6.35 11.30
CA LEU A 55 7.04 -5.22 11.74
C LEU A 55 6.84 -5.26 13.25
N ASP A 56 6.32 -6.38 13.76
CA ASP A 56 6.08 -6.52 15.18
C ASP A 56 7.29 -6.10 15.99
N ALA A 57 8.47 -6.21 15.38
CA ALA A 57 9.71 -5.83 16.06
C ALA A 57 10.11 -4.39 15.73
N LEU A 58 9.58 -3.88 14.63
CA LEU A 58 9.90 -2.52 14.22
C LEU A 58 9.37 -1.50 15.23
N ILE A 59 8.16 -1.73 15.71
CA ILE A 59 7.54 -0.82 16.68
C ILE A 59 8.38 -0.79 17.96
N PRO A 60 8.58 -1.92 18.56
CA PRO A 60 9.42 -2.05 19.77
C PRO A 60 10.83 -1.48 19.54
N SER A 61 11.39 -1.78 18.37
CA SER A 61 12.73 -1.30 18.04
C SER A 61 12.77 0.21 18.08
N LEU A 62 11.76 0.85 17.50
CA LEU A 62 11.70 2.30 17.48
C LEU A 62 11.70 2.85 18.90
N LYS A 63 10.91 2.22 19.77
CA LYS A 63 10.85 2.64 21.17
C LYS A 63 12.21 2.42 21.85
N ALA A 64 12.84 1.30 21.53
CA ALA A 64 14.13 0.97 22.12
C ALA A 64 15.25 1.77 21.46
N LYS A 65 14.85 2.75 20.65
CA LYS A 65 15.83 3.58 19.95
C LYS A 65 16.77 2.74 19.11
N LYS A 66 16.42 1.47 18.93
CA LYS A 66 17.23 0.57 18.12
C LYS A 66 17.26 1.03 16.68
N ILE A 67 16.14 1.59 16.21
CA ILE A 67 16.05 2.08 14.83
C ILE A 67 15.69 3.56 14.82
N ASP A 68 16.10 4.25 13.76
CA ASP A 68 15.83 5.68 13.64
C ASP A 68 14.54 5.92 12.86
N ALA A 69 14.14 4.95 12.07
CA ALA A 69 12.94 5.08 11.25
C ALA A 69 12.42 3.72 10.83
N ILE A 70 11.13 3.64 10.54
CA ILE A 70 10.52 2.38 10.11
C ILE A 70 10.03 2.50 8.69
N MET A 71 10.41 1.54 7.84
CA MET A 71 9.99 1.53 6.45
C MET A 71 9.46 0.16 6.05
N SER A 72 8.14 0.06 5.90
CA SER A 72 7.50 -1.20 5.54
C SER A 72 6.13 -0.95 4.94
N SER A 73 5.46 -2.03 4.53
CA SER A 73 4.13 -1.93 3.95
C SER A 73 3.13 -1.41 4.97
N LEU A 74 3.53 -1.44 6.25
CA LEU A 74 2.66 -0.97 7.32
C LEU A 74 1.81 0.21 6.86
N SER A 75 0.50 0.09 6.98
CA SER A 75 -0.41 1.15 6.57
C SER A 75 -0.51 2.21 7.65
N ILE A 76 -0.83 3.44 7.25
CA ILE A 76 -0.97 4.54 8.19
C ILE A 76 -2.44 4.87 8.42
N THR A 77 -2.76 5.32 9.63
CA THR A 77 -4.13 5.67 9.97
C THR A 77 -4.16 6.80 11.00
N GLU A 78 -5.24 7.58 10.97
CA GLU A 78 -5.39 8.69 11.91
C GLU A 78 -5.12 8.22 13.33
N LYS A 79 -5.74 7.11 13.71
CA LYS A 79 -5.56 6.56 15.05
C LYS A 79 -4.08 6.36 15.36
N ARG A 80 -3.34 5.88 14.37
CA ARG A 80 -1.90 5.65 14.54
C ARG A 80 -1.16 6.98 14.65
N GLN A 81 -1.60 7.98 13.89
CA GLN A 81 -0.97 9.29 13.93
C GLN A 81 -1.00 9.86 15.34
N GLN A 82 -2.10 9.62 16.04
CA GLN A 82 -2.24 10.11 17.42
C GLN A 82 -1.15 9.51 18.29
N GLU A 83 -0.67 8.33 17.93
CA GLU A 83 0.39 7.67 18.69
C GLU A 83 1.76 8.20 18.30
N ILE A 84 2.03 8.21 16.99
CA ILE A 84 3.31 8.69 16.49
C ILE A 84 3.11 9.53 15.23
N ALA A 85 4.21 9.83 14.54
CA ALA A 85 4.14 10.62 13.32
C ALA A 85 4.38 9.76 12.09
N PHE A 86 3.74 10.12 10.99
CA PHE A 86 3.89 9.38 9.73
C PHE A 86 4.22 10.32 8.59
N THR A 87 4.96 9.83 7.61
CA THR A 87 5.33 10.64 6.45
C THR A 87 5.80 9.76 5.31
N ASP A 88 6.65 10.32 4.44
CA ASP A 88 7.18 9.56 3.31
C ASP A 88 6.10 8.72 2.67
N LYS A 89 4.84 9.08 2.92
CA LYS A 89 3.70 8.34 2.36
C LYS A 89 4.07 7.73 1.02
N LEU A 90 3.96 6.41 0.92
CA LEU A 90 4.32 5.71 -0.29
C LEU A 90 3.25 5.91 -1.37
N TYR A 91 2.09 5.32 -1.14
CA TYR A 91 0.99 5.43 -2.10
C TYR A 91 -0.36 5.34 -1.40
N ALA A 92 -1.42 5.68 -2.12
CA ALA A 92 -2.76 5.64 -1.55
C ALA A 92 -3.32 4.22 -1.60
N ALA A 93 -3.70 3.70 -0.44
CA ALA A 93 -4.26 2.34 -0.37
C ALA A 93 -5.76 2.37 -0.19
N ASP A 94 -6.47 2.83 -1.21
CA ASP A 94 -7.92 2.89 -1.15
C ASP A 94 -8.54 1.56 -1.54
N SER A 95 -9.08 1.49 -2.75
CA SER A 95 -9.71 0.27 -3.23
C SER A 95 -9.79 0.26 -4.76
N ARG A 96 -10.05 -0.90 -5.33
CA ARG A 96 -10.17 -1.04 -6.77
C ARG A 96 -11.05 -2.23 -7.14
N LEU A 97 -11.80 -2.10 -8.23
CA LEU A 97 -12.66 -3.19 -8.70
C LEU A 97 -12.00 -3.94 -9.85
N VAL A 98 -12.08 -5.27 -9.80
CA VAL A 98 -11.49 -6.09 -10.86
C VAL A 98 -12.56 -6.98 -11.47
N VAL A 99 -12.92 -6.69 -12.72
CA VAL A 99 -13.94 -7.46 -13.42
C VAL A 99 -13.50 -7.82 -14.83
N ALA A 100 -14.21 -8.76 -15.44
CA ALA A 100 -13.87 -9.18 -16.80
C ALA A 100 -14.61 -8.33 -17.83
N LYS A 101 -13.98 -8.13 -18.98
CA LYS A 101 -14.58 -7.33 -20.05
C LYS A 101 -15.94 -7.88 -20.41
N ASN A 102 -16.13 -9.18 -20.23
CA ASN A 102 -17.39 -9.82 -20.57
C ASN A 102 -18.53 -9.18 -19.78
N SER A 103 -18.29 -8.91 -18.49
CA SER A 103 -19.30 -8.29 -17.64
C SER A 103 -19.00 -6.80 -17.47
N ASP A 104 -19.96 -5.96 -17.86
CA ASP A 104 -19.79 -4.52 -17.75
C ASP A 104 -20.22 -4.03 -16.37
N ILE A 105 -19.24 -3.63 -15.56
CA ILE A 105 -19.53 -3.13 -14.22
C ILE A 105 -18.90 -1.76 -14.01
N GLN A 106 -19.71 -0.82 -13.52
CA GLN A 106 -19.22 0.53 -13.28
C GLN A 106 -19.09 0.80 -11.77
N PRO A 107 -18.24 1.69 -11.40
CA PRO A 107 -18.02 2.05 -9.97
C PRO A 107 -19.29 2.58 -9.31
N THR A 108 -20.05 1.68 -8.70
CA THR A 108 -21.28 2.06 -8.04
C THR A 108 -21.85 0.90 -7.22
N VAL A 109 -22.44 1.21 -6.08
CA VAL A 109 -23.02 0.18 -5.23
C VAL A 109 -24.26 -0.43 -5.90
N GLU A 110 -24.98 0.39 -6.66
CA GLU A 110 -26.17 -0.08 -7.34
C GLU A 110 -25.84 -1.25 -8.26
N SER A 111 -25.00 -1.00 -9.26
CA SER A 111 -24.64 -2.05 -10.21
C SER A 111 -24.05 -3.25 -9.48
N LEU A 112 -23.56 -3.03 -8.27
CA LEU A 112 -22.99 -4.10 -7.47
C LEU A 112 -24.07 -4.97 -6.87
N LYS A 113 -25.24 -4.39 -6.69
CA LYS A 113 -26.36 -5.13 -6.10
C LYS A 113 -26.62 -6.41 -6.88
N GLY A 114 -26.78 -7.52 -6.15
CA GLY A 114 -27.05 -8.80 -6.78
C GLY A 114 -25.76 -9.47 -7.23
N LYS A 115 -24.68 -8.69 -7.32
CA LYS A 115 -23.40 -9.22 -7.75
C LYS A 115 -22.64 -9.80 -6.57
N ARG A 116 -21.79 -10.79 -6.85
CA ARG A 116 -21.01 -11.43 -5.80
C ARG A 116 -19.62 -10.82 -5.71
N VAL A 117 -19.17 -10.57 -4.49
CA VAL A 117 -17.85 -9.96 -4.28
C VAL A 117 -17.03 -10.80 -3.30
N GLY A 118 -15.76 -11.00 -3.62
CA GLY A 118 -14.88 -11.77 -2.75
C GLY A 118 -13.91 -10.86 -2.00
N VAL A 119 -13.68 -11.17 -0.72
CA VAL A 119 -12.77 -10.37 0.10
C VAL A 119 -11.80 -11.27 0.84
N LEU A 120 -10.70 -10.68 1.32
CA LEU A 120 -9.69 -11.44 2.05
C LEU A 120 -9.97 -11.39 3.55
N GLN A 121 -10.22 -12.55 4.14
CA GLN A 121 -10.49 -12.63 5.57
C GLN A 121 -9.41 -11.90 6.36
N GLY A 122 -9.75 -11.50 7.59
CA GLY A 122 -8.80 -10.81 8.44
C GLY A 122 -8.43 -9.45 7.86
N THR A 123 -9.45 -8.67 7.51
CA THR A 123 -9.23 -7.34 6.95
C THR A 123 -10.37 -6.40 7.31
N THR A 124 -10.17 -5.11 7.06
CA THR A 124 -11.19 -4.12 7.35
C THR A 124 -12.33 -4.20 6.34
N GLN A 125 -12.01 -4.70 5.14
CA GLN A 125 -13.02 -4.81 4.09
C GLN A 125 -14.16 -5.73 4.53
N GLU A 126 -13.81 -6.95 4.91
CA GLU A 126 -14.82 -7.90 5.35
C GLU A 126 -15.63 -7.33 6.52
N THR A 127 -14.93 -6.92 7.57
CA THR A 127 -15.59 -6.36 8.75
C THR A 127 -16.41 -5.13 8.37
N PHE A 128 -15.77 -4.19 7.69
CA PHE A 128 -16.45 -2.97 7.26
C PHE A 128 -17.59 -3.30 6.31
N GLY A 129 -17.32 -4.20 5.37
CA GLY A 129 -18.32 -4.58 4.38
C GLY A 129 -19.54 -5.22 5.05
N ASN A 130 -19.28 -6.12 5.99
CA ASN A 130 -20.36 -6.79 6.70
C ASN A 130 -21.43 -5.79 7.13
N GLU A 131 -21.10 -4.50 7.07
CA GLU A 131 -22.04 -3.46 7.45
C GLU A 131 -22.21 -2.46 6.31
N HIS A 132 -21.13 -2.20 5.58
CA HIS A 132 -21.17 -1.24 4.49
C HIS A 132 -21.91 -1.80 3.28
N TRP A 133 -21.53 -2.99 2.86
CA TRP A 133 -22.16 -3.64 1.71
C TRP A 133 -23.21 -4.66 2.14
N ALA A 134 -23.57 -4.61 3.41
CA ALA A 134 -24.56 -5.54 3.95
C ALA A 134 -25.97 -5.01 3.68
N PRO A 135 -26.25 -3.81 4.12
CA PRO A 135 -27.58 -3.18 3.94
C PRO A 135 -27.83 -2.77 2.49
N LYS A 136 -26.79 -2.82 1.67
CA LYS A 136 -26.90 -2.44 0.27
C LYS A 136 -27.46 -3.59 -0.55
N GLY A 137 -27.57 -4.77 0.07
CA GLY A 137 -28.09 -5.94 -0.62
C GLY A 137 -27.03 -6.56 -1.52
N ILE A 138 -25.78 -6.48 -1.09
CA ILE A 138 -24.67 -7.04 -1.86
C ILE A 138 -24.11 -8.28 -1.16
N GLU A 139 -23.80 -9.30 -1.96
CA GLU A 139 -23.25 -10.54 -1.41
C GLU A 139 -21.74 -10.45 -1.32
N ILE A 140 -21.19 -10.78 -0.15
CA ILE A 140 -19.75 -10.73 0.05
C ILE A 140 -19.24 -12.05 0.60
N VAL A 141 -18.09 -12.50 0.10
CA VAL A 141 -17.49 -13.75 0.56
C VAL A 141 -16.07 -13.52 1.02
N SER A 142 -15.74 -14.04 2.19
CA SER A 142 -14.39 -13.88 2.75
C SER A 142 -13.54 -15.12 2.47
N TYR A 143 -12.33 -14.89 1.95
CA TYR A 143 -11.43 -16.00 1.64
C TYR A 143 -10.22 -15.96 2.57
N GLN A 144 -9.58 -17.12 2.75
CA GLN A 144 -8.41 -17.21 3.62
C GLN A 144 -7.15 -17.36 2.81
N GLY A 145 -7.27 -17.24 1.49
CA GLY A 145 -6.11 -17.37 0.60
C GLY A 145 -6.05 -16.21 -0.39
N GLN A 146 -4.87 -15.60 -0.49
CA GLN A 146 -4.70 -14.48 -1.41
C GLN A 146 -4.84 -14.95 -2.85
N ASP A 147 -4.20 -16.06 -3.19
CA ASP A 147 -4.26 -16.60 -4.54
C ASP A 147 -5.64 -17.17 -4.82
N ASN A 148 -6.36 -17.53 -3.76
CA ASN A 148 -7.69 -18.08 -3.91
C ASN A 148 -8.64 -17.05 -4.51
N ILE A 149 -8.45 -15.79 -4.12
CA ILE A 149 -9.31 -14.71 -4.61
C ILE A 149 -9.11 -14.51 -6.11
N TYR A 150 -7.85 -14.43 -6.53
CA TYR A 150 -7.53 -14.24 -7.93
C TYR A 150 -8.01 -15.42 -8.76
N SER A 151 -7.89 -16.61 -8.20
CA SER A 151 -8.32 -17.82 -8.89
C SER A 151 -9.81 -17.76 -9.18
N ASP A 152 -10.58 -17.30 -8.20
CA ASP A 152 -12.03 -17.17 -8.37
C ASP A 152 -12.34 -16.17 -9.48
N LEU A 153 -11.66 -15.02 -9.44
CA LEU A 153 -11.89 -13.99 -10.45
C LEU A 153 -11.63 -14.55 -11.84
N THR A 154 -10.49 -15.22 -12.00
CA THR A 154 -10.14 -15.81 -13.29
C THR A 154 -11.15 -16.87 -13.68
N ALA A 155 -11.85 -17.43 -12.68
CA ALA A 155 -12.85 -18.45 -12.94
C ALA A 155 -14.22 -17.82 -13.15
N GLY A 156 -14.37 -16.57 -12.71
CA GLY A 156 -15.64 -15.87 -12.86
C GLY A 156 -16.57 -16.16 -11.70
N ARG A 157 -16.03 -16.78 -10.66
CA ARG A 157 -16.82 -17.11 -9.47
C ARG A 157 -17.19 -15.84 -8.70
N ILE A 158 -16.47 -14.75 -8.99
CA ILE A 158 -16.73 -13.47 -8.33
C ILE A 158 -16.90 -12.36 -9.37
N ASP A 159 -17.89 -11.52 -9.16
CA ASP A 159 -18.15 -10.42 -10.08
C ASP A 159 -17.09 -9.33 -9.96
N ALA A 160 -16.50 -9.22 -8.77
CA ALA A 160 -15.48 -8.22 -8.53
C ALA A 160 -14.90 -8.37 -7.14
N ALA A 161 -13.66 -7.89 -6.96
CA ALA A 161 -13.01 -7.95 -5.66
C ALA A 161 -12.46 -6.59 -5.28
N PHE A 162 -12.65 -6.21 -4.02
CA PHE A 162 -12.16 -4.92 -3.54
C PHE A 162 -10.71 -5.01 -3.11
N GLN A 163 -9.81 -4.51 -3.95
CA GLN A 163 -8.38 -4.54 -3.65
C GLN A 163 -7.75 -3.17 -3.91
N ASP A 164 -6.54 -2.97 -3.42
CA ASP A 164 -5.84 -1.72 -3.61
C ASP A 164 -5.34 -1.60 -5.05
N GLU A 165 -5.20 -0.38 -5.53
CA GLU A 165 -4.73 -0.15 -6.89
C GLU A 165 -3.28 -0.60 -7.06
N VAL A 166 -2.41 -0.08 -6.21
CA VAL A 166 -0.99 -0.41 -6.29
C VAL A 166 -0.80 -1.92 -6.11
N ALA A 167 -1.41 -2.47 -5.06
CA ALA A 167 -1.29 -3.90 -4.80
C ALA A 167 -1.86 -4.71 -5.96
N ALA A 168 -2.96 -4.22 -6.53
CA ALA A 168 -3.59 -4.92 -7.64
C ALA A 168 -2.68 -4.93 -8.85
N SER A 169 -2.37 -3.76 -9.38
CA SER A 169 -1.51 -3.66 -10.54
C SER A 169 -0.14 -4.28 -10.27
N GLU A 170 0.44 -3.91 -9.13
CA GLU A 170 1.75 -4.44 -8.76
C GLU A 170 1.77 -5.95 -8.90
N GLY A 171 0.66 -6.57 -8.56
CA GLY A 171 0.57 -8.03 -8.65
C GLY A 171 -0.37 -8.47 -9.78
N PHE A 172 -1.65 -8.16 -9.62
CA PHE A 172 -2.64 -8.53 -10.61
C PHE A 172 -2.11 -8.34 -12.02
N LEU A 173 -1.97 -7.10 -12.43
CA LEU A 173 -1.48 -6.78 -13.76
C LEU A 173 -0.09 -7.34 -13.99
N LYS A 174 0.74 -7.23 -12.96
CA LYS A 174 2.12 -7.71 -13.05
C LYS A 174 2.13 -9.20 -13.32
N GLN A 175 0.95 -9.81 -13.37
CA GLN A 175 0.85 -11.24 -13.63
C GLN A 175 -0.02 -11.51 -14.85
N PRO A 176 0.28 -12.55 -15.59
CA PRO A 176 -0.50 -12.94 -16.80
C PRO A 176 -2.01 -12.97 -16.52
N VAL A 177 -2.37 -13.08 -15.26
CA VAL A 177 -3.77 -13.12 -14.87
C VAL A 177 -4.49 -11.85 -15.29
N GLY A 178 -3.84 -10.71 -15.08
CA GLY A 178 -4.43 -9.43 -15.43
C GLY A 178 -4.70 -9.32 -16.92
N LYS A 179 -3.83 -9.95 -17.71
CA LYS A 179 -3.99 -9.91 -19.16
C LYS A 179 -5.32 -10.53 -19.58
N ASP A 180 -5.67 -11.63 -18.93
CA ASP A 180 -6.94 -12.30 -19.23
C ASP A 180 -8.12 -11.41 -18.84
N TYR A 181 -7.95 -10.63 -17.79
CA TYR A 181 -9.00 -9.73 -17.33
C TYR A 181 -8.42 -8.57 -16.53
N LYS A 182 -9.01 -7.39 -16.70
CA LYS A 182 -8.54 -6.20 -16.00
C LYS A 182 -9.44 -5.01 -16.31
N PHE A 183 -10.35 -4.70 -15.40
CA PHE A 183 -11.26 -3.58 -15.59
C PHE A 183 -11.84 -3.13 -14.26
N GLY A 184 -12.47 -1.95 -14.25
CA GLY A 184 -13.07 -1.43 -13.04
C GLY A 184 -12.04 -0.72 -12.17
N GLY A 185 -11.36 0.26 -12.75
CA GLY A 185 -10.34 0.99 -12.02
C GLY A 185 -10.87 1.50 -10.68
N PRO A 186 -10.91 2.80 -10.48
CA PRO A 186 -11.41 3.39 -9.22
C PRO A 186 -12.76 2.81 -8.81
N SER A 187 -12.89 2.50 -7.52
CA SER A 187 -14.12 1.91 -7.01
C SER A 187 -14.67 2.72 -5.84
N VAL A 188 -14.57 2.16 -4.64
CA VAL A 188 -15.07 2.84 -3.45
C VAL A 188 -14.53 2.17 -2.20
N LYS A 189 -14.66 2.86 -1.06
CA LYS A 189 -14.18 2.31 0.22
C LYS A 189 -13.83 3.44 1.18
N ASP A 190 -13.87 3.14 2.48
CA ASP A 190 -13.54 4.14 3.50
C ASP A 190 -12.02 4.22 3.66
N GLU A 191 -11.46 5.38 3.36
CA GLU A 191 -10.02 5.58 3.48
C GLU A 191 -9.60 5.63 4.95
N LYS A 192 -10.55 5.88 5.82
CA LYS A 192 -10.27 5.97 7.25
C LYS A 192 -9.78 4.63 7.77
N LEU A 193 -10.28 3.55 7.18
CA LEU A 193 -9.92 2.21 7.64
C LEU A 193 -8.42 1.99 7.49
N PHE A 194 -7.87 2.39 6.36
CA PHE A 194 -6.43 2.25 6.11
C PHE A 194 -5.76 3.61 6.01
N GLY A 195 -6.50 4.66 6.34
CA GLY A 195 -5.98 6.02 6.28
C GLY A 195 -5.81 6.46 4.83
N VAL A 196 -4.90 7.40 4.61
CA VAL A 196 -4.64 7.90 3.26
C VAL A 196 -3.94 6.84 2.42
N GLY A 197 -3.25 5.93 3.09
CA GLY A 197 -2.51 4.86 2.40
C GLY A 197 -1.43 4.27 3.29
N THR A 198 -0.19 4.29 2.82
CA THR A 198 0.93 3.76 3.59
C THR A 198 2.06 4.77 3.66
N GLY A 199 2.90 4.64 4.68
CA GLY A 199 4.02 5.55 4.85
C GLY A 199 5.01 5.02 5.89
N MET A 200 5.96 5.86 6.29
CA MET A 200 6.96 5.46 7.27
C MET A 200 6.52 5.86 8.67
N GLY A 201 6.72 4.95 9.64
CA GLY A 201 6.33 5.22 11.01
C GLY A 201 7.43 5.95 11.76
N LEU A 202 7.20 7.24 12.04
CA LEU A 202 8.19 8.05 12.76
C LEU A 202 7.56 8.64 14.00
N ARG A 203 8.41 9.04 14.96
CA ARG A 203 7.92 9.63 16.20
C ARG A 203 7.72 11.14 16.05
N LYS A 204 6.77 11.69 16.79
CA LYS A 204 6.49 13.12 16.70
C LYS A 204 7.77 13.92 16.89
N GLU A 205 8.53 13.59 17.93
CA GLU A 205 9.79 14.29 18.20
C GLU A 205 10.52 14.63 16.89
N ASP A 206 10.25 13.85 15.85
CA ASP A 206 10.86 14.09 14.56
C ASP A 206 10.30 15.35 13.91
N ASN A 207 10.32 16.44 14.64
CA ASN A 207 9.80 17.71 14.14
C ASN A 207 10.62 18.20 12.95
N GLU A 208 11.94 18.15 13.10
CA GLU A 208 12.83 18.59 12.03
C GLU A 208 12.88 17.59 10.89
N LEU A 209 13.05 16.31 11.25
CA LEU A 209 13.10 15.26 10.25
C LEU A 209 11.80 15.17 9.47
N ARG A 210 10.69 15.25 10.19
CA ARG A 210 9.37 15.19 9.56
C ARG A 210 9.20 16.37 8.61
N GLU A 211 9.64 17.56 9.07
CA GLU A 211 9.53 18.76 8.24
C GLU A 211 10.26 18.54 6.92
N ALA A 212 11.37 17.82 6.97
CA ALA A 212 12.15 17.53 5.76
C ALA A 212 11.41 16.48 4.93
N LEU A 213 11.50 15.22 5.36
CA LEU A 213 10.82 14.12 4.64
C LEU A 213 9.56 14.65 3.94
N ASN A 214 8.77 15.43 4.67
CA ASN A 214 7.56 16.02 4.10
C ASN A 214 7.92 17.00 2.97
N LYS A 215 8.92 17.84 3.21
CA LYS A 215 9.36 18.79 2.20
C LYS A 215 9.88 18.05 0.97
N ALA A 216 10.67 17.00 1.20
CA ALA A 216 11.22 16.21 0.11
C ALA A 216 10.09 15.56 -0.69
N PHE A 217 9.06 15.09 0.02
CA PHE A 217 7.92 14.46 -0.63
C PHE A 217 7.23 15.46 -1.56
N ALA A 218 7.06 16.69 -1.08
CA ALA A 218 6.42 17.72 -1.87
C ALA A 218 7.23 18.01 -3.12
N GLU A 219 8.55 18.00 -2.99
CA GLU A 219 9.43 18.25 -4.13
C GLU A 219 9.26 17.14 -5.16
N MET A 220 9.19 15.90 -4.69
CA MET A 220 9.02 14.75 -5.58
C MET A 220 7.75 14.93 -6.42
N ARG A 221 6.71 15.46 -5.79
CA ARG A 221 5.45 15.70 -6.50
C ARG A 221 5.63 16.82 -7.52
N ALA A 222 6.38 17.85 -7.14
CA ALA A 222 6.61 19.00 -8.04
C ALA A 222 7.33 18.53 -9.30
N ASP A 223 8.36 17.72 -9.12
CA ASP A 223 9.13 17.21 -10.26
C ASP A 223 8.49 15.94 -10.82
N GLY A 224 7.37 15.54 -10.21
CA GLY A 224 6.66 14.36 -10.67
C GLY A 224 7.52 13.11 -10.51
N THR A 225 8.54 13.20 -9.67
CA THR A 225 9.45 12.07 -9.44
C THR A 225 8.64 10.87 -8.95
N TYR A 226 7.76 11.10 -7.99
CA TYR A 226 6.94 10.01 -7.46
C TYR A 226 6.03 9.46 -8.56
N GLU A 227 5.20 10.32 -9.14
CA GLU A 227 4.29 9.89 -10.18
C GLU A 227 5.06 9.26 -11.33
N LYS A 228 6.19 9.85 -11.68
CA LYS A 228 7.01 9.32 -12.77
C LYS A 228 7.42 7.88 -12.48
N LEU A 229 7.94 7.66 -11.29
CA LEU A 229 8.36 6.32 -10.90
C LEU A 229 7.18 5.36 -10.91
N ALA A 230 6.04 5.83 -10.42
CA ALA A 230 4.83 5.00 -10.37
C ALA A 230 4.45 4.54 -11.77
N LYS A 231 4.38 5.48 -12.71
CA LYS A 231 4.02 5.16 -14.08
C LYS A 231 4.99 4.15 -14.66
N LYS A 232 6.26 4.26 -14.27
CA LYS A 232 7.27 3.34 -14.77
C LYS A 232 7.09 1.94 -14.18
N TYR A 233 6.98 1.87 -12.85
CA TYR A 233 6.80 0.60 -12.18
C TYR A 233 5.49 -0.06 -12.62
N PHE A 234 4.43 0.74 -12.66
CA PHE A 234 3.12 0.23 -13.07
C PHE A 234 2.26 1.34 -13.63
N ASP A 235 1.30 0.98 -14.48
CA ASP A 235 0.40 1.97 -15.08
C ASP A 235 -0.91 2.04 -14.30
N PHE A 236 -1.00 3.01 -13.40
CA PHE A 236 -2.21 3.18 -12.59
C PHE A 236 -2.35 4.62 -12.14
N ASP A 237 -3.23 4.85 -11.17
CA ASP A 237 -3.46 6.20 -10.65
C ASP A 237 -3.23 6.23 -9.14
N VAL A 238 -2.15 6.90 -8.73
CA VAL A 238 -1.84 7.00 -7.31
C VAL A 238 -2.92 7.77 -6.57
N TYR A 239 -3.43 8.82 -7.20
CA TYR A 239 -4.48 9.63 -6.59
C TYR A 239 -5.70 8.77 -6.28
N GLY A 240 -6.07 7.90 -7.21
CA GLY A 240 -7.20 7.01 -7.02
C GLY A 240 -6.98 6.07 -5.85
N GLY A 241 -5.73 5.61 -5.71
CA GLY A 241 -5.38 4.70 -4.63
C GLY A 241 -6.12 3.37 -4.77
N ALA A 4 20.84 20.62 13.69
CA ALA A 4 21.71 19.68 12.94
C ALA A 4 21.02 18.33 12.82
N ILE A 5 20.97 17.79 11.62
CA ILE A 5 20.33 16.50 11.39
C ILE A 5 21.22 15.37 11.89
N PRO A 6 20.66 14.21 12.04
CA PRO A 6 21.41 13.00 12.51
C PRO A 6 22.55 12.62 11.57
N GLN A 7 23.65 12.15 12.14
CA GLN A 7 24.80 11.75 11.35
C GLN A 7 24.47 10.53 10.50
N ASN A 8 23.73 9.59 11.08
CA ASN A 8 23.34 8.38 10.37
C ASN A 8 21.91 8.01 10.69
N ILE A 9 21.18 7.51 9.68
CA ILE A 9 19.78 7.12 9.88
C ILE A 9 19.64 5.61 9.82
N ARG A 10 19.01 5.05 10.84
CA ARG A 10 18.80 3.60 10.89
C ARG A 10 17.38 3.25 10.51
N ILE A 11 17.22 2.50 9.42
CA ILE A 11 15.90 2.10 8.95
C ILE A 11 15.71 0.60 9.10
N GLY A 12 14.51 0.20 9.52
CA GLY A 12 14.21 -1.22 9.70
C GLY A 12 13.25 -1.70 8.61
N THR A 13 13.78 -2.46 7.65
CA THR A 13 12.96 -2.97 6.56
C THR A 13 13.14 -4.48 6.41
N ASP A 14 12.05 -5.22 6.57
CA ASP A 14 12.08 -6.67 6.44
C ASP A 14 11.27 -7.11 5.22
N PRO A 15 11.91 -7.24 4.09
CA PRO A 15 11.24 -7.69 2.83
C PRO A 15 10.48 -9.00 3.02
N THR A 16 9.25 -9.05 2.53
CA THR A 16 8.43 -10.24 2.64
C THR A 16 7.63 -10.47 1.36
N TYR A 17 7.48 -9.42 0.57
CA TYR A 17 6.73 -9.51 -0.68
C TYR A 17 7.58 -9.04 -1.85
N ALA A 18 8.17 -10.00 -2.57
CA ALA A 18 9.00 -9.67 -3.73
C ALA A 18 8.55 -8.36 -4.38
N PRO A 19 7.34 -8.33 -4.85
CA PRO A 19 6.78 -7.13 -5.53
C PRO A 19 7.00 -5.85 -4.71
N PHE A 20 6.84 -5.96 -3.40
CA PHE A 20 7.04 -4.81 -2.52
C PHE A 20 8.52 -4.56 -2.28
N GLU A 21 9.25 -5.64 -2.05
CA GLU A 21 10.69 -5.53 -1.76
C GLU A 21 11.44 -6.76 -2.25
N SER A 22 12.58 -7.03 -1.65
CA SER A 22 13.39 -8.19 -2.05
C SER A 22 14.82 -8.03 -1.56
N LYS A 23 15.64 -9.04 -1.81
CA LYS A 23 17.04 -9.00 -1.40
C LYS A 23 17.94 -9.48 -2.52
N ASN A 24 19.09 -8.81 -2.68
CA ASN A 24 20.04 -9.17 -3.73
C ASN A 24 21.06 -10.17 -3.21
N SER A 25 21.37 -11.19 -4.01
CA SER A 25 22.33 -12.20 -3.61
C SER A 25 23.72 -11.59 -3.47
N GLN A 26 23.91 -10.42 -4.09
CA GLN A 26 25.20 -9.73 -4.03
C GLN A 26 25.36 -9.02 -2.70
N GLY A 27 24.30 -9.03 -1.89
CA GLY A 27 24.34 -8.37 -0.59
C GLY A 27 23.63 -7.02 -0.65
N GLU A 28 23.28 -6.59 -1.85
CA GLU A 28 22.60 -5.31 -2.04
C GLU A 28 21.11 -5.44 -1.72
N LEU A 29 20.48 -4.32 -1.40
CA LEU A 29 19.05 -4.33 -1.07
C LEU A 29 18.26 -3.60 -2.13
N VAL A 30 17.16 -4.20 -2.57
CA VAL A 30 16.32 -3.60 -3.61
C VAL A 30 14.85 -3.66 -3.19
N GLY A 31 14.07 -2.68 -3.66
CA GLY A 31 12.65 -2.63 -3.34
C GLY A 31 12.06 -1.27 -3.67
N PHE A 32 10.78 -1.25 -4.00
CA PHE A 32 10.11 0.00 -4.33
C PHE A 32 10.21 1.00 -3.18
N ASP A 33 10.03 0.51 -1.97
CA ASP A 33 10.09 1.36 -0.78
C ASP A 33 11.51 1.82 -0.51
N ILE A 34 12.48 1.01 -0.93
CA ILE A 34 13.88 1.34 -0.74
C ILE A 34 14.30 2.52 -1.61
N ASP A 35 13.80 2.53 -2.84
CA ASP A 35 14.15 3.59 -3.78
C ASP A 35 13.69 4.94 -3.24
N LEU A 36 12.53 4.94 -2.57
CA LEU A 36 12.02 6.18 -1.99
C LEU A 36 12.92 6.64 -0.85
N ALA A 37 13.34 5.71 -0.01
CA ALA A 37 14.20 6.03 1.13
C ALA A 37 15.49 6.68 0.63
N LYS A 38 16.08 6.09 -0.41
CA LYS A 38 17.34 6.63 -0.94
C LYS A 38 17.17 8.09 -1.34
N GLU A 39 16.17 8.36 -2.18
CA GLU A 39 15.92 9.72 -2.62
C GLU A 39 15.78 10.65 -1.42
N LEU A 40 15.16 10.15 -0.35
CA LEU A 40 15.00 10.93 0.87
C LEU A 40 16.35 11.14 1.56
N CYS A 41 17.16 10.08 1.61
CA CYS A 41 18.46 10.15 2.25
C CYS A 41 19.28 11.30 1.67
N LYS A 42 19.26 11.43 0.35
CA LYS A 42 19.99 12.51 -0.32
C LYS A 42 19.39 13.87 0.08
N ARG A 43 18.07 13.96 0.04
CA ARG A 43 17.39 15.21 0.40
C ARG A 43 17.72 15.57 1.85
N ILE A 44 17.72 14.56 2.71
CA ILE A 44 18.03 14.79 4.12
C ILE A 44 19.53 14.99 4.32
N ASN A 45 20.31 14.59 3.33
CA ASN A 45 21.76 14.72 3.40
C ASN A 45 22.31 13.91 4.58
N THR A 46 21.94 12.64 4.64
CA THR A 46 22.39 11.77 5.73
C THR A 46 22.60 10.35 5.23
N GLN A 47 23.19 9.50 6.07
CA GLN A 47 23.43 8.11 5.71
C GLN A 47 22.22 7.26 6.08
N CYS A 48 21.90 6.30 5.22
CA CYS A 48 20.76 5.41 5.46
C CYS A 48 21.22 3.97 5.60
N THR A 49 20.75 3.30 6.65
CA THR A 49 21.12 1.91 6.89
C THR A 49 19.88 1.06 7.10
N PHE A 50 19.77 -0.03 6.33
CA PHE A 50 18.62 -0.92 6.45
C PHE A 50 18.93 -2.07 7.40
N VAL A 51 17.97 -2.38 8.27
CA VAL A 51 18.14 -3.47 9.23
C VAL A 51 16.94 -4.41 9.19
N GLU A 52 17.20 -5.71 9.04
CA GLU A 52 16.13 -6.69 9.00
C GLU A 52 15.41 -6.76 10.34
N ASN A 53 14.09 -6.88 10.30
CA ASN A 53 13.30 -6.96 11.51
C ASN A 53 11.81 -6.97 11.18
N PRO A 54 11.07 -7.87 11.75
CA PRO A 54 9.61 -8.01 11.51
C PRO A 54 8.81 -6.83 12.09
N LEU A 55 7.76 -6.44 11.38
CA LEU A 55 6.93 -5.33 11.85
C LEU A 55 6.73 -5.38 13.35
N ASP A 56 6.21 -6.49 13.85
CA ASP A 56 5.98 -6.64 15.28
C ASP A 56 7.19 -6.21 16.08
N ALA A 57 8.36 -6.32 15.47
CA ALA A 57 9.60 -5.94 16.14
C ALA A 57 10.00 -4.50 15.81
N LEU A 58 9.48 -3.99 14.71
CA LEU A 58 9.78 -2.63 14.30
C LEU A 58 9.26 -1.61 15.31
N ILE A 59 8.05 -1.85 15.80
CA ILE A 59 7.44 -0.93 16.77
C ILE A 59 8.27 -0.89 18.04
N PRO A 60 8.47 -2.03 18.65
CA PRO A 60 9.32 -2.15 19.86
C PRO A 60 10.72 -1.58 19.63
N SER A 61 11.29 -1.89 18.47
CA SER A 61 12.64 -1.40 18.13
C SER A 61 12.65 0.12 18.14
N LEU A 62 11.62 0.73 17.56
CA LEU A 62 11.54 2.19 17.51
C LEU A 62 11.54 2.75 18.92
N LYS A 63 10.78 2.13 19.81
CA LYS A 63 10.72 2.57 21.21
C LYS A 63 12.09 2.38 21.88
N ALA A 64 12.74 1.26 21.57
CA ALA A 64 14.04 0.96 22.15
C ALA A 64 15.13 1.78 21.48
N LYS A 65 14.72 2.77 20.69
CA LYS A 65 15.67 3.62 20.00
C LYS A 65 16.63 2.79 19.15
N LYS A 66 16.31 1.53 18.97
CA LYS A 66 17.13 0.63 18.16
C LYS A 66 17.14 1.10 16.71
N ILE A 67 16.03 1.66 16.25
CA ILE A 67 15.93 2.14 14.88
C ILE A 67 15.53 3.61 14.86
N ASP A 68 15.91 4.31 13.80
CA ASP A 68 15.60 5.73 13.68
C ASP A 68 14.31 5.95 12.91
N ALA A 69 13.91 4.95 12.14
CA ALA A 69 12.70 5.04 11.34
C ALA A 69 12.23 3.67 10.92
N ILE A 70 10.94 3.55 10.62
CA ILE A 70 10.37 2.27 10.19
C ILE A 70 9.87 2.37 8.76
N MET A 71 10.32 1.44 7.92
CA MET A 71 9.91 1.41 6.52
C MET A 71 9.39 0.04 6.13
N SER A 72 8.08 -0.08 5.98
CA SER A 72 7.47 -1.35 5.62
C SER A 72 6.07 -1.13 5.03
N SER A 73 5.40 -2.22 4.69
CA SER A 73 4.06 -2.13 4.11
C SER A 73 3.09 -1.54 5.13
N LEU A 74 3.51 -1.52 6.40
CA LEU A 74 2.66 -0.98 7.45
C LEU A 74 1.87 0.23 6.95
N SER A 75 0.55 0.16 7.07
CA SER A 75 -0.31 1.25 6.62
C SER A 75 -0.41 2.33 7.69
N ILE A 76 -0.72 3.55 7.27
CA ILE A 76 -0.85 4.66 8.21
C ILE A 76 -2.32 5.01 8.44
N THR A 77 -2.63 5.50 9.63
CA THR A 77 -4.00 5.86 9.96
C THR A 77 -4.03 6.99 10.98
N GLU A 78 -5.09 7.79 10.96
CA GLU A 78 -5.22 8.90 11.88
C GLU A 78 -4.96 8.44 13.31
N LYS A 79 -5.60 7.34 13.70
CA LYS A 79 -5.43 6.82 15.05
C LYS A 79 -3.96 6.57 15.36
N ARG A 80 -3.23 6.07 14.37
CA ARG A 80 -1.81 5.81 14.53
C ARG A 80 -1.03 7.12 14.67
N GLN A 81 -1.44 8.12 13.90
CA GLN A 81 -0.78 9.42 13.93
C GLN A 81 -0.81 9.99 15.33
N GLN A 82 -1.91 9.77 16.04
CA GLN A 82 -2.04 10.27 17.41
C GLN A 82 -0.94 9.66 18.29
N GLU A 83 -0.47 8.48 17.92
CA GLU A 83 0.58 7.81 18.69
C GLU A 83 1.95 8.33 18.29
N ILE A 84 2.22 8.33 16.98
CA ILE A 84 3.51 8.81 16.48
C ILE A 84 3.30 9.64 15.21
N ALA A 85 4.40 9.93 14.53
CA ALA A 85 4.32 10.73 13.30
C ALA A 85 4.54 9.85 12.07
N PHE A 86 3.87 10.21 10.98
CA PHE A 86 4.00 9.46 9.74
C PHE A 86 4.30 10.39 8.57
N THR A 87 5.02 9.89 7.58
CA THR A 87 5.36 10.69 6.41
C THR A 87 5.83 9.80 5.27
N ASP A 88 6.69 10.34 4.41
CA ASP A 88 7.23 9.58 3.29
C ASP A 88 6.12 8.77 2.62
N LYS A 89 4.87 9.15 2.86
CA LYS A 89 3.73 8.45 2.29
C LYS A 89 4.12 7.80 0.96
N LEU A 90 3.98 6.49 0.89
CA LEU A 90 4.35 5.76 -0.33
C LEU A 90 3.28 5.93 -1.39
N TYR A 91 2.12 5.32 -1.18
CA TYR A 91 1.03 5.41 -2.14
C TYR A 91 -0.32 5.33 -1.43
N ALA A 92 -1.38 5.68 -2.15
CA ALA A 92 -2.72 5.66 -1.58
C ALA A 92 -3.30 4.25 -1.65
N ALA A 93 -3.65 3.70 -0.48
CA ALA A 93 -4.20 2.35 -0.44
C ALA A 93 -5.72 2.40 -0.24
N ASP A 94 -6.42 2.84 -1.28
CA ASP A 94 -7.87 2.93 -1.22
C ASP A 94 -8.50 1.59 -1.59
N SER A 95 -9.05 1.52 -2.81
CA SER A 95 -9.69 0.30 -3.27
C SER A 95 -9.77 0.29 -4.80
N ARG A 96 -10.06 -0.87 -5.37
CA ARG A 96 -10.17 -1.00 -6.81
C ARG A 96 -11.07 -2.19 -7.17
N LEU A 97 -11.81 -2.06 -8.27
CA LEU A 97 -12.68 -3.14 -8.73
C LEU A 97 -12.04 -3.90 -9.87
N VAL A 98 -12.12 -5.23 -9.83
CA VAL A 98 -11.55 -6.06 -10.89
C VAL A 98 -12.63 -6.94 -11.50
N VAL A 99 -13.00 -6.65 -12.74
CA VAL A 99 -14.04 -7.42 -13.43
C VAL A 99 -13.61 -7.76 -14.84
N ALA A 100 -14.31 -8.71 -15.46
CA ALA A 100 -14.00 -9.11 -16.82
C ALA A 100 -14.76 -8.26 -17.83
N LYS A 101 -14.13 -8.05 -18.99
CA LYS A 101 -14.75 -7.24 -20.04
C LYS A 101 -16.13 -7.79 -20.38
N ASN A 102 -16.32 -9.09 -20.18
CA ASN A 102 -17.60 -9.72 -20.49
C ASN A 102 -18.72 -9.07 -19.68
N SER A 103 -18.44 -8.78 -18.40
CA SER A 103 -19.43 -8.16 -17.54
C SER A 103 -19.12 -6.67 -17.37
N ASP A 104 -20.08 -5.82 -17.73
CA ASP A 104 -19.89 -4.38 -17.63
C ASP A 104 -20.30 -3.89 -16.25
N ILE A 105 -19.30 -3.50 -15.45
CA ILE A 105 -19.56 -3.00 -14.11
C ILE A 105 -18.88 -1.65 -13.89
N GLN A 106 -19.64 -0.69 -13.39
CA GLN A 106 -19.10 0.64 -13.14
C GLN A 106 -19.01 0.91 -11.64
N PRO A 107 -18.19 1.85 -11.26
CA PRO A 107 -18.00 2.22 -9.82
C PRO A 107 -19.31 2.70 -9.19
N THR A 108 -20.07 1.78 -8.63
CA THR A 108 -21.34 2.12 -8.00
C THR A 108 -21.89 0.94 -7.21
N VAL A 109 -22.46 1.22 -6.04
CA VAL A 109 -23.04 0.17 -5.20
C VAL A 109 -24.25 -0.44 -5.90
N GLU A 110 -24.97 0.38 -6.66
CA GLU A 110 -26.16 -0.10 -7.34
C GLU A 110 -25.83 -1.28 -8.25
N SER A 111 -24.98 -1.04 -9.24
CA SER A 111 -24.60 -2.09 -10.17
C SER A 111 -24.03 -3.29 -9.44
N LEU A 112 -23.55 -3.06 -8.22
CA LEU A 112 -22.98 -4.13 -7.41
C LEU A 112 -24.08 -4.99 -6.80
N LYS A 113 -25.26 -4.39 -6.62
CA LYS A 113 -26.38 -5.12 -6.03
C LYS A 113 -26.65 -6.40 -6.81
N GLY A 114 -26.81 -7.50 -6.07
CA GLY A 114 -27.08 -8.79 -6.69
C GLY A 114 -25.80 -9.45 -7.16
N LYS A 115 -24.73 -8.68 -7.24
CA LYS A 115 -23.44 -9.21 -7.69
C LYS A 115 -22.68 -9.79 -6.52
N ARG A 116 -21.84 -10.79 -6.81
CA ARG A 116 -21.05 -11.44 -5.77
C ARG A 116 -19.65 -10.83 -5.70
N VAL A 117 -19.19 -10.57 -4.48
CA VAL A 117 -17.87 -9.98 -4.28
C VAL A 117 -17.04 -10.81 -3.32
N GLY A 118 -15.77 -11.02 -3.65
CA GLY A 118 -14.88 -11.81 -2.81
C GLY A 118 -13.91 -10.91 -2.06
N VAL A 119 -13.69 -11.20 -0.78
CA VAL A 119 -12.77 -10.42 0.04
C VAL A 119 -11.79 -11.32 0.76
N LEU A 120 -10.69 -10.74 1.24
CA LEU A 120 -9.68 -11.51 1.95
C LEU A 120 -9.95 -11.46 3.46
N GLN A 121 -10.21 -12.63 4.04
CA GLN A 121 -10.48 -12.70 5.47
C GLN A 121 -9.39 -12.00 6.27
N GLY A 122 -9.73 -11.60 7.49
CA GLY A 122 -8.76 -10.92 8.36
C GLY A 122 -8.37 -9.57 7.78
N THR A 123 -9.38 -8.76 7.44
CA THR A 123 -9.14 -7.44 6.87
C THR A 123 -10.26 -6.48 7.24
N THR A 124 -10.05 -5.19 6.98
CA THR A 124 -11.05 -4.19 7.29
C THR A 124 -12.22 -4.28 6.29
N GLN A 125 -11.91 -4.75 5.08
CA GLN A 125 -12.93 -4.86 4.05
C GLN A 125 -14.05 -5.78 4.51
N GLU A 126 -13.70 -7.00 4.88
CA GLU A 126 -14.71 -7.97 5.34
C GLU A 126 -15.51 -7.39 6.50
N THR A 127 -14.80 -6.97 7.56
CA THR A 127 -15.48 -6.41 8.73
C THR A 127 -16.29 -5.18 8.36
N PHE A 128 -15.65 -4.25 7.67
CA PHE A 128 -16.32 -3.03 7.23
C PHE A 128 -17.47 -3.36 6.29
N GLY A 129 -17.22 -4.27 5.35
CA GLY A 129 -18.22 -4.66 4.38
C GLY A 129 -19.43 -5.30 5.07
N ASN A 130 -19.17 -6.18 6.01
CA ASN A 130 -20.24 -6.85 6.75
C ASN A 130 -21.31 -5.85 7.17
N GLU A 131 -20.97 -4.57 7.10
CA GLU A 131 -21.92 -3.53 7.48
C GLU A 131 -22.09 -2.53 6.35
N HIS A 132 -21.03 -2.28 5.61
CA HIS A 132 -21.09 -1.32 4.52
C HIS A 132 -21.84 -1.88 3.32
N TRP A 133 -21.45 -3.09 2.91
CA TRP A 133 -22.08 -3.73 1.76
C TRP A 133 -23.11 -4.75 2.20
N ALA A 134 -23.47 -4.70 3.47
CA ALA A 134 -24.46 -5.63 4.02
C ALA A 134 -25.87 -5.10 3.76
N PRO A 135 -26.16 -3.90 4.19
CA PRO A 135 -27.49 -3.28 4.02
C PRO A 135 -27.75 -2.87 2.58
N LYS A 136 -26.71 -2.93 1.75
CA LYS A 136 -26.83 -2.54 0.35
C LYS A 136 -27.40 -3.70 -0.46
N GLY A 137 -27.50 -4.87 0.16
CA GLY A 137 -28.03 -6.04 -0.52
C GLY A 137 -26.98 -6.67 -1.43
N ILE A 138 -25.72 -6.59 -1.01
CA ILE A 138 -24.61 -7.16 -1.78
C ILE A 138 -24.04 -8.38 -1.08
N GLU A 139 -23.74 -9.42 -1.87
CA GLU A 139 -23.19 -10.65 -1.31
C GLU A 139 -21.67 -10.56 -1.24
N ILE A 140 -21.12 -10.88 -0.07
CA ILE A 140 -19.68 -10.84 0.13
C ILE A 140 -19.17 -12.16 0.67
N VAL A 141 -18.03 -12.61 0.15
CA VAL A 141 -17.43 -13.88 0.59
C VAL A 141 -16.02 -13.65 1.08
N SER A 142 -15.70 -14.22 2.25
CA SER A 142 -14.38 -14.07 2.83
C SER A 142 -13.49 -15.26 2.49
N TYR A 143 -12.31 -14.99 1.94
CA TYR A 143 -11.38 -16.04 1.57
C TYR A 143 -10.16 -16.02 2.48
N GLN A 144 -9.53 -17.17 2.64
CA GLN A 144 -8.35 -17.28 3.50
C GLN A 144 -7.09 -17.42 2.67
N GLY A 145 -7.23 -17.29 1.36
CA GLY A 145 -6.08 -17.41 0.45
C GLY A 145 -6.04 -16.26 -0.55
N GLN A 146 -4.88 -15.63 -0.66
CA GLN A 146 -4.72 -14.52 -1.58
C GLN A 146 -4.87 -14.98 -3.03
N ASP A 147 -4.21 -16.09 -3.36
CA ASP A 147 -4.28 -16.64 -4.71
C ASP A 147 -5.65 -17.22 -4.98
N ASN A 148 -6.36 -17.59 -3.92
CA ASN A 148 -7.69 -18.16 -4.05
C ASN A 148 -8.65 -17.13 -4.65
N ILE A 149 -8.47 -15.87 -4.26
CA ILE A 149 -9.34 -14.81 -4.75
C ILE A 149 -9.16 -14.60 -6.25
N TYR A 150 -7.90 -14.53 -6.68
CA TYR A 150 -7.60 -14.34 -8.09
C TYR A 150 -8.08 -15.53 -8.91
N SER A 151 -7.94 -16.72 -8.33
CA SER A 151 -8.37 -17.94 -9.02
C SER A 151 -9.86 -17.89 -9.31
N ASP A 152 -10.63 -17.41 -8.33
CA ASP A 152 -12.08 -17.30 -8.50
C ASP A 152 -12.40 -16.28 -9.58
N LEU A 153 -11.68 -15.15 -9.56
CA LEU A 153 -11.91 -14.10 -10.55
C LEU A 153 -11.68 -14.65 -11.95
N THR A 154 -10.56 -15.33 -12.14
CA THR A 154 -10.24 -15.91 -13.44
C THR A 154 -11.28 -16.95 -13.83
N ALA A 155 -11.99 -17.49 -12.83
CA ALA A 155 -13.01 -18.49 -13.08
C ALA A 155 -14.37 -17.82 -13.28
N GLY A 156 -14.48 -16.57 -12.84
CA GLY A 156 -15.74 -15.83 -12.98
C GLY A 156 -16.67 -16.13 -11.81
N ARG A 157 -16.13 -16.76 -10.78
CA ARG A 157 -16.92 -17.09 -9.59
C ARG A 157 -17.27 -15.83 -8.82
N ILE A 158 -16.53 -14.75 -9.08
CA ILE A 158 -16.77 -13.47 -8.40
C ILE A 158 -16.95 -12.35 -9.42
N ASP A 159 -17.94 -11.50 -9.18
CA ASP A 159 -18.22 -10.40 -10.09
C ASP A 159 -17.16 -9.32 -9.98
N ALA A 160 -16.56 -9.20 -8.79
CA ALA A 160 -15.54 -8.20 -8.55
C ALA A 160 -14.94 -8.34 -7.16
N ALA A 161 -13.71 -7.87 -6.99
CA ALA A 161 -13.05 -7.96 -5.69
C ALA A 161 -12.49 -6.59 -5.31
N PHE A 162 -12.66 -6.21 -4.04
CA PHE A 162 -12.18 -4.93 -3.56
C PHE A 162 -10.72 -5.03 -3.15
N GLN A 163 -9.82 -4.53 -4.01
CA GLN A 163 -8.39 -4.56 -3.72
C GLN A 163 -7.77 -3.20 -3.99
N ASP A 164 -6.56 -2.99 -3.48
CA ASP A 164 -5.85 -1.73 -3.67
C ASP A 164 -5.35 -1.62 -5.11
N GLU A 165 -5.20 -0.39 -5.58
CA GLU A 165 -4.72 -0.15 -6.95
C GLU A 165 -3.28 -0.61 -7.10
N VAL A 166 -2.40 -0.10 -6.24
CA VAL A 166 -0.99 -0.46 -6.31
C VAL A 166 -0.80 -1.96 -6.14
N ALA A 167 -1.41 -2.51 -5.10
CA ALA A 167 -1.31 -3.95 -4.85
C ALA A 167 -1.88 -4.75 -6.01
N ALA A 168 -2.97 -4.26 -6.57
CA ALA A 168 -3.60 -4.94 -7.70
C ALA A 168 -2.69 -4.96 -8.91
N SER A 169 -2.36 -3.78 -9.43
CA SER A 169 -1.49 -3.69 -10.59
C SER A 169 -0.13 -4.32 -10.30
N GLU A 170 0.44 -3.98 -9.15
CA GLU A 170 1.73 -4.53 -8.77
C GLU A 170 1.74 -6.04 -8.92
N GLY A 171 0.62 -6.66 -8.59
CA GLY A 171 0.50 -8.11 -8.69
C GLY A 171 -0.42 -8.51 -9.82
N PHE A 172 -1.71 -8.20 -9.68
CA PHE A 172 -2.70 -8.55 -10.67
C PHE A 172 -2.14 -8.36 -12.09
N LEU A 173 -1.98 -7.11 -12.49
CA LEU A 173 -1.48 -6.80 -13.82
C LEU A 173 -0.09 -7.38 -14.02
N LYS A 174 0.73 -7.29 -13.00
CA LYS A 174 2.10 -7.80 -13.08
C LYS A 174 2.11 -9.28 -13.38
N GLN A 175 0.90 -9.87 -13.45
CA GLN A 175 0.79 -11.29 -13.74
C GLN A 175 -0.11 -11.52 -14.96
N PRO A 176 0.23 -12.48 -15.79
CA PRO A 176 -0.56 -12.82 -17.00
C PRO A 176 -2.06 -12.86 -16.72
N VAL A 177 -2.41 -12.90 -15.45
CA VAL A 177 -3.82 -12.96 -15.06
C VAL A 177 -4.54 -11.70 -15.50
N GLY A 178 -3.90 -10.55 -15.32
CA GLY A 178 -4.50 -9.27 -15.69
C GLY A 178 -4.80 -9.22 -17.18
N LYS A 179 -3.96 -9.87 -17.97
CA LYS A 179 -4.14 -9.88 -19.41
C LYS A 179 -5.49 -10.52 -19.77
N ASP A 180 -5.84 -11.60 -19.08
CA ASP A 180 -7.10 -12.27 -19.33
C ASP A 180 -8.27 -11.37 -18.95
N TYR A 181 -8.08 -10.58 -17.90
CA TYR A 181 -9.13 -9.69 -17.43
C TYR A 181 -8.54 -8.53 -16.64
N LYS A 182 -9.13 -7.35 -16.80
CA LYS A 182 -8.66 -6.16 -16.09
C LYS A 182 -9.56 -4.96 -16.38
N PHE A 183 -10.45 -4.66 -15.46
CA PHE A 183 -11.36 -3.53 -15.63
C PHE A 183 -11.93 -3.09 -14.29
N GLY A 184 -12.56 -1.92 -14.28
CA GLY A 184 -13.14 -1.39 -13.05
C GLY A 184 -12.10 -0.69 -12.20
N GLY A 185 -11.42 0.29 -12.78
CA GLY A 185 -10.38 1.02 -12.07
C GLY A 185 -10.90 1.52 -10.72
N PRO A 186 -10.94 2.82 -10.54
CA PRO A 186 -11.43 3.43 -9.26
C PRO A 186 -12.77 2.85 -8.84
N SER A 187 -12.89 2.54 -7.55
CA SER A 187 -14.12 1.97 -7.03
C SER A 187 -14.66 2.78 -5.86
N VAL A 188 -14.54 2.22 -4.65
CA VAL A 188 -15.03 2.90 -3.46
C VAL A 188 -14.48 2.23 -2.21
N LYS A 189 -14.60 2.91 -1.07
CA LYS A 189 -14.12 2.37 0.19
C LYS A 189 -13.78 3.49 1.16
N ASP A 190 -13.80 3.19 2.45
CA ASP A 190 -13.45 4.18 3.48
C ASP A 190 -11.94 4.24 3.64
N GLU A 191 -11.36 5.41 3.36
CA GLU A 191 -9.92 5.59 3.48
C GLU A 191 -9.50 5.65 4.94
N LYS A 192 -10.47 5.86 5.81
CA LYS A 192 -10.20 5.93 7.25
C LYS A 192 -9.70 4.59 7.76
N LEU A 193 -10.19 3.51 7.16
CA LEU A 193 -9.80 2.18 7.60
C LEU A 193 -8.30 1.97 7.45
N PHE A 194 -7.76 2.39 6.31
CA PHE A 194 -6.33 2.25 6.06
C PHE A 194 -5.66 3.62 5.98
N GLY A 195 -6.42 4.67 6.31
CA GLY A 195 -5.90 6.03 6.26
C GLY A 195 -5.72 6.49 4.82
N VAL A 196 -4.81 7.43 4.62
CA VAL A 196 -4.54 7.96 3.28
C VAL A 196 -3.83 6.90 2.43
N GLY A 197 -3.12 5.99 3.09
CA GLY A 197 -2.39 4.94 2.38
C GLY A 197 -1.32 4.34 3.27
N THR A 198 -0.08 4.33 2.78
CA THR A 198 1.04 3.78 3.55
C THR A 198 2.21 4.74 3.54
N GLY A 199 3.10 4.57 4.52
CA GLY A 199 4.27 5.43 4.63
C GLY A 199 5.23 4.92 5.69
N MET A 200 6.13 5.79 6.14
CA MET A 200 7.10 5.42 7.16
C MET A 200 6.65 5.89 8.53
N GLY A 201 6.88 5.06 9.54
CA GLY A 201 6.48 5.40 10.91
C GLY A 201 7.58 6.13 11.64
N LEU A 202 7.36 7.41 11.91
CA LEU A 202 8.34 8.23 12.62
C LEU A 202 7.75 8.78 13.91
N ARG A 203 8.62 9.19 14.84
CA ARG A 203 8.16 9.73 16.12
C ARG A 203 7.90 11.22 16.01
N LYS A 204 6.95 11.72 16.78
CA LYS A 204 6.61 13.13 16.75
C LYS A 204 7.86 13.98 16.92
N GLU A 205 8.66 13.67 17.93
CA GLU A 205 9.88 14.42 18.18
C GLU A 205 10.59 14.77 16.86
N ASP A 206 10.30 14.00 15.82
CA ASP A 206 10.90 14.24 14.52
C ASP A 206 10.33 15.49 13.87
N ASN A 207 10.34 16.60 14.62
CA ASN A 207 9.81 17.85 14.11
C ASN A 207 10.62 18.35 12.92
N GLU A 208 11.94 18.32 13.05
CA GLU A 208 12.81 18.77 11.98
C GLU A 208 12.86 17.75 10.85
N LEU A 209 13.04 16.49 11.21
CA LEU A 209 13.12 15.43 10.21
C LEU A 209 11.81 15.33 9.43
N ARG A 210 10.70 15.39 10.16
CA ARG A 210 9.39 15.32 9.54
C ARG A 210 9.19 16.51 8.59
N GLU A 211 9.60 17.69 9.04
CA GLU A 211 9.48 18.89 8.22
C GLU A 211 10.22 18.70 6.89
N ALA A 212 11.36 18.02 6.95
CA ALA A 212 12.14 17.76 5.74
C ALA A 212 11.45 16.68 4.91
N LEU A 213 11.58 15.42 5.32
CA LEU A 213 10.94 14.31 4.61
C LEU A 213 9.68 14.79 3.90
N ASN A 214 8.86 15.56 4.63
CA ASN A 214 7.63 16.11 4.06
C ASN A 214 7.96 17.07 2.90
N LYS A 215 8.92 17.95 3.14
CA LYS A 215 9.35 18.90 2.11
C LYS A 215 9.89 18.15 0.90
N ALA A 216 10.70 17.12 1.15
CA ALA A 216 11.27 16.32 0.06
C ALA A 216 10.15 15.63 -0.72
N PHE A 217 9.14 15.16 -0.02
CA PHE A 217 8.00 14.50 -0.66
C PHE A 217 7.30 15.46 -1.60
N ALA A 218 7.11 16.70 -1.15
CA ALA A 218 6.44 17.71 -1.96
C ALA A 218 7.25 17.99 -3.23
N GLU A 219 8.57 18.01 -3.08
CA GLU A 219 9.45 18.25 -4.23
C GLU A 219 9.31 17.11 -5.24
N MET A 220 9.26 15.87 -4.75
CA MET A 220 9.12 14.71 -5.62
C MET A 220 7.87 14.86 -6.47
N ARG A 221 6.80 15.40 -5.87
CA ARG A 221 5.56 15.60 -6.61
C ARG A 221 5.72 16.72 -7.64
N ALA A 222 6.45 17.77 -7.25
CA ALA A 222 6.67 18.89 -8.15
C ALA A 222 7.37 18.44 -9.42
N ASP A 223 8.40 17.62 -9.27
CA ASP A 223 9.15 17.11 -10.42
C ASP A 223 8.52 15.83 -10.94
N GLY A 224 7.43 15.41 -10.31
CA GLY A 224 6.73 14.20 -10.73
C GLY A 224 7.61 12.97 -10.53
N THR A 225 8.61 13.10 -9.68
CA THR A 225 9.52 11.97 -9.42
C THR A 225 8.73 10.77 -8.92
N TYR A 226 7.83 11.00 -7.97
CA TYR A 226 7.01 9.92 -7.44
C TYR A 226 6.11 9.34 -8.53
N GLU A 227 5.29 10.19 -9.14
CA GLU A 227 4.39 9.75 -10.19
C GLU A 227 5.17 9.09 -11.32
N LYS A 228 6.31 9.69 -11.67
CA LYS A 228 7.14 9.15 -12.74
C LYS A 228 7.56 7.72 -12.43
N LEU A 229 8.06 7.49 -11.22
CA LEU A 229 8.47 6.16 -10.81
C LEU A 229 7.30 5.21 -10.82
N ALA A 230 6.14 5.69 -10.35
CA ALA A 230 4.94 4.85 -10.32
C ALA A 230 4.58 4.38 -11.73
N LYS A 231 4.54 5.32 -12.67
CA LYS A 231 4.20 4.98 -14.05
C LYS A 231 5.17 3.96 -14.60
N LYS A 232 6.44 4.08 -14.20
CA LYS A 232 7.46 3.15 -14.67
C LYS A 232 7.27 1.76 -14.07
N TYR A 233 7.13 1.72 -12.74
CA TYR A 233 6.93 0.45 -12.06
C TYR A 233 5.64 -0.21 -12.51
N PHE A 234 4.57 0.58 -12.58
CA PHE A 234 3.27 0.07 -13.00
C PHE A 234 2.43 1.18 -13.60
N ASP A 235 1.49 0.81 -14.46
CA ASP A 235 0.60 1.79 -15.09
C ASP A 235 -0.73 1.88 -14.35
N PHE A 236 -0.85 2.86 -13.47
CA PHE A 236 -2.08 3.05 -12.70
C PHE A 236 -2.23 4.49 -12.26
N ASP A 237 -3.13 4.73 -11.32
CA ASP A 237 -3.38 6.08 -10.82
C ASP A 237 -3.15 6.15 -9.32
N VAL A 238 -2.08 6.81 -8.90
CA VAL A 238 -1.78 6.95 -7.48
C VAL A 238 -2.87 7.75 -6.77
N TYR A 239 -3.35 8.80 -7.43
CA TYR A 239 -4.39 9.64 -6.85
C TYR A 239 -5.61 8.80 -6.50
N GLY A 240 -6.00 7.91 -7.40
CA GLY A 240 -7.14 7.04 -7.17
C GLY A 240 -6.91 6.12 -5.97
N GLY A 241 -5.66 5.67 -5.83
CA GLY A 241 -5.31 4.79 -4.72
C GLY A 241 -6.03 3.45 -4.83
N ALA A 4 20.91 20.50 13.78
CA ALA A 4 21.77 19.57 13.02
C ALA A 4 21.07 18.22 12.89
N ILE A 5 20.98 17.72 11.67
CA ILE A 5 20.33 16.44 11.42
C ILE A 5 21.20 15.29 11.93
N PRO A 6 20.62 14.13 12.07
CA PRO A 6 21.36 12.92 12.54
C PRO A 6 22.51 12.54 11.60
N GLN A 7 23.61 12.06 12.18
CA GLN A 7 24.76 11.66 11.40
C GLN A 7 24.42 10.45 10.54
N ASN A 8 23.67 9.50 11.11
CA ASN A 8 23.29 8.30 10.39
C ASN A 8 21.85 7.93 10.69
N ILE A 9 21.14 7.42 9.69
CA ILE A 9 19.74 7.04 9.87
C ILE A 9 19.60 5.52 9.80
N ARG A 10 18.95 4.96 10.82
CA ARG A 10 18.73 3.51 10.86
C ARG A 10 17.30 3.17 10.48
N ILE A 11 17.15 2.40 9.40
CA ILE A 11 15.83 2.01 8.93
C ILE A 11 15.62 0.51 9.10
N GLY A 12 14.43 0.13 9.55
CA GLY A 12 14.12 -1.29 9.74
C GLY A 12 13.17 -1.79 8.65
N THR A 13 13.73 -2.46 7.66
CA THR A 13 12.93 -2.98 6.55
C THR A 13 13.12 -4.48 6.41
N ASP A 14 12.03 -5.23 6.56
CA ASP A 14 12.08 -6.69 6.44
C ASP A 14 11.27 -7.13 5.22
N PRO A 15 11.92 -7.27 4.09
CA PRO A 15 11.25 -7.71 2.84
C PRO A 15 10.49 -9.02 3.02
N THR A 16 9.26 -9.07 2.53
CA THR A 16 8.43 -10.27 2.64
C THR A 16 7.64 -10.49 1.37
N TYR A 17 7.49 -9.45 0.57
CA TYR A 17 6.75 -9.54 -0.69
C TYR A 17 7.60 -9.08 -1.85
N ALA A 18 8.20 -10.04 -2.57
CA ALA A 18 9.03 -9.72 -3.72
C ALA A 18 8.58 -8.41 -4.38
N PRO A 19 7.38 -8.38 -4.86
CA PRO A 19 6.82 -7.17 -5.55
C PRO A 19 7.03 -5.90 -4.73
N PHE A 20 6.88 -6.01 -3.42
CA PHE A 20 7.06 -4.86 -2.54
C PHE A 20 8.54 -4.60 -2.29
N GLU A 21 9.28 -5.68 -2.05
CA GLU A 21 10.71 -5.57 -1.76
C GLU A 21 11.45 -6.80 -2.24
N SER A 22 12.61 -7.08 -1.64
CA SER A 22 13.41 -8.23 -2.03
C SER A 22 14.83 -8.08 -1.53
N LYS A 23 15.66 -9.09 -1.77
CA LYS A 23 17.06 -9.06 -1.35
C LYS A 23 17.96 -9.54 -2.47
N ASN A 24 19.11 -8.87 -2.63
CA ASN A 24 20.06 -9.23 -3.66
C ASN A 24 21.09 -10.22 -3.14
N SER A 25 21.38 -11.25 -3.93
CA SER A 25 22.34 -12.27 -3.53
C SER A 25 23.74 -11.66 -3.39
N GLN A 26 23.93 -10.50 -4.00
CA GLN A 26 25.22 -9.82 -3.94
C GLN A 26 25.37 -9.09 -2.62
N GLY A 27 24.32 -9.10 -1.81
CA GLY A 27 24.35 -8.43 -0.52
C GLY A 27 23.65 -7.08 -0.58
N GLU A 28 23.30 -6.66 -1.80
CA GLU A 28 22.62 -5.38 -1.99
C GLU A 28 21.14 -5.52 -1.68
N LEU A 29 20.49 -4.39 -1.36
CA LEU A 29 19.07 -4.39 -1.05
C LEU A 29 18.28 -3.66 -2.12
N VAL A 30 17.18 -4.26 -2.55
CA VAL A 30 16.34 -3.65 -3.59
C VAL A 30 14.87 -3.70 -3.18
N GLY A 31 14.10 -2.73 -3.66
CA GLY A 31 12.68 -2.67 -3.35
C GLY A 31 12.10 -1.31 -3.69
N PHE A 32 10.81 -1.28 -4.02
CA PHE A 32 10.14 -0.04 -4.36
C PHE A 32 10.24 0.96 -3.21
N ASP A 33 10.04 0.47 -2.01
CA ASP A 33 10.09 1.33 -0.82
C ASP A 33 11.52 1.80 -0.55
N ILE A 34 12.48 1.00 -0.96
CA ILE A 34 13.89 1.33 -0.76
C ILE A 34 14.30 2.52 -1.65
N ASP A 35 13.80 2.52 -2.87
CA ASP A 35 14.13 3.59 -3.81
C ASP A 35 13.67 4.94 -3.26
N LEU A 36 12.51 4.94 -2.61
CA LEU A 36 12.00 6.17 -2.02
C LEU A 36 12.90 6.64 -0.89
N ALA A 37 13.32 5.70 -0.04
CA ALA A 37 14.17 6.03 1.09
C ALA A 37 15.46 6.68 0.61
N LYS A 38 16.05 6.10 -0.44
CA LYS A 38 17.31 6.63 -0.98
C LYS A 38 17.14 8.09 -1.36
N GLU A 39 16.13 8.37 -2.19
CA GLU A 39 15.88 9.75 -2.62
C GLU A 39 15.75 10.66 -1.41
N LEU A 40 15.13 10.15 -0.35
CA LEU A 40 14.98 10.93 0.88
C LEU A 40 16.32 11.12 1.58
N CYS A 41 17.12 10.06 1.61
CA CYS A 41 18.43 10.13 2.26
C CYS A 41 19.24 11.27 1.68
N LYS A 42 19.22 11.41 0.35
CA LYS A 42 19.96 12.50 -0.31
C LYS A 42 19.37 13.85 0.10
N ARG A 43 18.05 13.95 0.05
CA ARG A 43 17.37 15.19 0.41
C ARG A 43 17.69 15.56 1.86
N ILE A 44 17.70 14.55 2.72
CA ILE A 44 18.01 14.77 4.13
C ILE A 44 19.51 14.97 4.33
N ASN A 45 20.29 14.56 3.34
CA ASN A 45 21.75 14.67 3.41
C ASN A 45 22.29 13.88 4.60
N THR A 46 21.91 12.60 4.66
CA THR A 46 22.36 11.73 5.75
C THR A 46 22.56 10.31 5.24
N GLN A 47 23.16 9.46 6.09
CA GLN A 47 23.40 8.08 5.72
C GLN A 47 22.20 7.22 6.10
N CYS A 48 21.86 6.26 5.23
CA CYS A 48 20.73 5.38 5.46
C CYS A 48 21.19 3.93 5.60
N THR A 49 20.73 3.27 6.65
CA THR A 49 21.10 1.87 6.88
C THR A 49 19.85 1.02 7.10
N PHE A 50 19.74 -0.08 6.34
CA PHE A 50 18.60 -0.96 6.45
C PHE A 50 18.90 -2.10 7.41
N VAL A 51 17.94 -2.41 8.28
CA VAL A 51 18.11 -3.51 9.24
C VAL A 51 16.91 -4.45 9.20
N GLU A 52 17.19 -5.73 9.05
CA GLU A 52 16.13 -6.73 9.00
C GLU A 52 15.41 -6.82 10.34
N ASN A 53 14.09 -6.95 10.30
CA ASN A 53 13.32 -7.05 11.53
C ASN A 53 11.82 -7.03 11.21
N PRO A 54 11.06 -7.93 11.79
CA PRO A 54 9.60 -8.02 11.55
C PRO A 54 8.83 -6.84 12.13
N LEU A 55 7.78 -6.43 11.44
CA LEU A 55 6.97 -5.31 11.91
C LEU A 55 6.78 -5.37 13.42
N ASP A 56 6.26 -6.48 13.90
CA ASP A 56 6.01 -6.63 15.33
C ASP A 56 7.24 -6.22 16.14
N ALA A 57 8.41 -6.33 15.52
CA ALA A 57 9.66 -5.97 16.19
C ALA A 57 10.06 -4.54 15.87
N LEU A 58 9.53 -4.01 14.77
CA LEU A 58 9.84 -2.65 14.37
C LEU A 58 9.30 -1.64 15.38
N ILE A 59 8.09 -1.86 15.85
CA ILE A 59 7.47 -0.96 16.81
C ILE A 59 8.30 -0.91 18.09
N PRO A 60 8.52 -2.04 18.69
CA PRO A 60 9.37 -2.15 19.91
C PRO A 60 10.77 -1.56 19.67
N SER A 61 11.34 -1.87 18.51
CA SER A 61 12.67 -1.37 18.17
C SER A 61 12.68 0.15 18.19
N LEU A 62 11.65 0.74 17.59
CA LEU A 62 11.54 2.20 17.56
C LEU A 62 11.56 2.77 18.97
N LYS A 63 10.79 2.15 19.85
CA LYS A 63 10.74 2.58 21.25
C LYS A 63 12.10 2.40 21.91
N ALA A 64 12.75 1.28 21.61
CA ALA A 64 14.06 0.98 22.19
C ALA A 64 15.14 1.81 21.52
N LYS A 65 14.73 2.79 20.73
CA LYS A 65 15.67 3.66 20.05
C LYS A 65 16.64 2.85 19.20
N LYS A 66 16.32 1.56 19.02
CA LYS A 66 17.15 0.69 18.21
C LYS A 66 17.17 1.15 16.76
N ILE A 67 16.05 1.72 16.30
CA ILE A 67 15.95 2.20 14.93
C ILE A 67 15.53 3.67 14.92
N ASP A 68 15.91 4.37 13.86
CA ASP A 68 15.59 5.79 13.74
C ASP A 68 14.31 6.00 12.94
N ALA A 69 13.96 4.99 12.15
CA ALA A 69 12.76 5.08 11.31
C ALA A 69 12.29 3.69 10.91
N ILE A 70 11.01 3.57 10.59
CA ILE A 70 10.44 2.29 10.16
C ILE A 70 9.93 2.39 8.73
N MET A 71 10.36 1.45 7.89
CA MET A 71 9.94 1.43 6.49
C MET A 71 9.40 0.06 6.12
N SER A 72 8.08 -0.06 5.98
CA SER A 72 7.46 -1.32 5.64
C SER A 72 6.07 -1.08 5.04
N SER A 73 5.39 -2.17 4.68
CA SER A 73 4.06 -2.08 4.10
C SER A 73 3.08 -1.51 5.11
N LEU A 74 3.49 -1.47 6.37
CA LEU A 74 2.64 -0.95 7.43
C LEU A 74 1.85 0.26 6.94
N SER A 75 0.52 0.18 7.05
CA SER A 75 -0.34 1.27 6.61
C SER A 75 -0.43 2.35 7.69
N ILE A 76 -0.75 3.56 7.27
CA ILE A 76 -0.87 4.68 8.21
C ILE A 76 -2.33 5.02 8.44
N THR A 77 -2.65 5.49 9.65
CA THR A 77 -4.02 5.85 9.99
C THR A 77 -4.03 6.97 11.02
N GLU A 78 -5.11 7.76 11.01
CA GLU A 78 -5.24 8.87 11.95
C GLU A 78 -4.96 8.39 13.37
N LYS A 79 -5.59 7.30 13.76
CA LYS A 79 -5.42 6.75 15.10
C LYS A 79 -3.94 6.51 15.40
N ARG A 80 -3.22 6.02 14.39
CA ARG A 80 -1.78 5.76 14.55
C ARG A 80 -1.01 7.07 14.68
N GLN A 81 -1.44 8.08 13.93
CA GLN A 81 -0.78 9.38 13.96
C GLN A 81 -0.80 9.94 15.37
N GLN A 82 -1.89 9.71 16.08
CA GLN A 82 -2.02 10.18 17.46
C GLN A 82 -0.92 9.58 18.33
N GLU A 83 -0.44 8.40 17.95
CA GLU A 83 0.62 7.74 18.70
C GLU A 83 1.98 8.27 18.29
N ILE A 84 2.25 8.28 16.99
CA ILE A 84 3.53 8.76 16.48
C ILE A 84 3.31 9.60 15.22
N ALA A 85 4.40 9.90 14.52
CA ALA A 85 4.33 10.70 13.31
C ALA A 85 4.53 9.83 12.08
N PHE A 86 3.86 10.18 10.98
CA PHE A 86 3.99 9.43 9.74
C PHE A 86 4.27 10.38 8.57
N THR A 87 4.99 9.87 7.58
CA THR A 87 5.33 10.68 6.41
C THR A 87 5.80 9.79 5.27
N ASP A 88 6.66 10.35 4.41
CA ASP A 88 7.19 9.59 3.28
C ASP A 88 6.10 8.78 2.61
N LYS A 89 4.85 9.16 2.85
CA LYS A 89 3.71 8.47 2.27
C LYS A 89 4.10 7.81 0.95
N LEU A 90 3.96 6.50 0.88
CA LEU A 90 4.33 5.76 -0.33
C LEU A 90 3.27 5.92 -1.40
N TYR A 91 2.12 5.31 -1.18
CA TYR A 91 1.02 5.39 -2.15
C TYR A 91 -0.33 5.31 -1.44
N ALA A 92 -1.38 5.67 -2.16
CA ALA A 92 -2.73 5.63 -1.60
C ALA A 92 -3.30 4.22 -1.66
N ALA A 93 -3.65 3.67 -0.50
CA ALA A 93 -4.20 2.33 -0.43
C ALA A 93 -5.72 2.37 -0.24
N ASP A 94 -6.42 2.79 -1.28
CA ASP A 94 -7.88 2.87 -1.22
C ASP A 94 -8.50 1.54 -1.60
N SER A 95 -9.05 1.47 -2.81
CA SER A 95 -9.68 0.23 -3.28
C SER A 95 -9.76 0.24 -4.81
N ARG A 96 -10.05 -0.93 -5.38
CA ARG A 96 -10.16 -1.07 -6.82
C ARG A 96 -11.04 -2.26 -7.17
N LEU A 97 -11.80 -2.13 -8.26
CA LEU A 97 -12.66 -3.21 -8.72
C LEU A 97 -12.03 -3.95 -9.89
N VAL A 98 -12.10 -5.28 -9.85
CA VAL A 98 -11.53 -6.11 -10.92
C VAL A 98 -12.60 -6.99 -11.52
N VAL A 99 -12.98 -6.71 -12.76
CA VAL A 99 -14.01 -7.48 -13.44
C VAL A 99 -13.60 -7.82 -14.87
N ALA A 100 -14.29 -8.76 -15.48
CA ALA A 100 -13.99 -9.17 -16.85
C ALA A 100 -14.75 -8.30 -17.86
N LYS A 101 -14.15 -8.09 -19.01
CA LYS A 101 -14.77 -7.29 -20.05
C LYS A 101 -16.15 -7.83 -20.39
N ASN A 102 -16.33 -9.12 -20.18
CA ASN A 102 -17.62 -9.76 -20.46
C ASN A 102 -18.73 -9.11 -19.64
N SER A 103 -18.44 -8.83 -18.38
CA SER A 103 -19.42 -8.20 -17.50
C SER A 103 -19.11 -6.72 -17.34
N ASP A 104 -20.06 -5.87 -17.69
CA ASP A 104 -19.88 -4.43 -17.58
C ASP A 104 -20.28 -3.94 -16.20
N ILE A 105 -19.29 -3.55 -15.41
CA ILE A 105 -19.54 -3.05 -14.06
C ILE A 105 -18.85 -1.72 -13.84
N GLN A 106 -19.61 -0.74 -13.34
CA GLN A 106 -19.07 0.59 -13.09
C GLN A 106 -18.99 0.87 -11.59
N PRO A 107 -18.17 1.80 -11.20
CA PRO A 107 -18.01 2.19 -9.77
C PRO A 107 -19.32 2.67 -9.15
N THR A 108 -20.08 1.74 -8.60
CA THR A 108 -21.35 2.09 -7.98
C THR A 108 -21.91 0.91 -7.18
N VAL A 109 -22.49 1.20 -6.03
CA VAL A 109 -23.06 0.16 -5.19
C VAL A 109 -24.28 -0.46 -5.87
N GLU A 110 -25.00 0.36 -6.63
CA GLU A 110 -26.19 -0.12 -7.31
C GLU A 110 -25.86 -1.30 -8.23
N SER A 111 -25.01 -1.05 -9.23
CA SER A 111 -24.63 -2.10 -10.16
C SER A 111 -24.06 -3.31 -9.42
N LEU A 112 -23.57 -3.07 -8.22
CA LEU A 112 -23.00 -4.14 -7.41
C LEU A 112 -24.10 -5.01 -6.79
N LYS A 113 -25.27 -4.42 -6.62
CA LYS A 113 -26.38 -5.15 -6.02
C LYS A 113 -26.65 -6.43 -6.79
N GLY A 114 -26.81 -7.53 -6.06
CA GLY A 114 -27.08 -8.83 -6.69
C GLY A 114 -25.79 -9.48 -7.16
N LYS A 115 -24.72 -8.70 -7.24
CA LYS A 115 -23.43 -9.22 -7.69
C LYS A 115 -22.66 -9.81 -6.52
N ARG A 116 -21.81 -10.79 -6.81
CA ARG A 116 -21.02 -11.43 -5.77
C ARG A 116 -19.63 -10.81 -5.70
N VAL A 117 -19.16 -10.55 -4.49
CA VAL A 117 -17.85 -9.95 -4.28
C VAL A 117 -17.02 -10.78 -3.32
N GLY A 118 -15.74 -10.97 -3.64
CA GLY A 118 -14.85 -11.74 -2.79
C GLY A 118 -13.89 -10.84 -2.04
N VAL A 119 -13.66 -11.13 -0.77
CA VAL A 119 -12.75 -10.33 0.05
C VAL A 119 -11.76 -11.22 0.78
N LEU A 120 -10.66 -10.63 1.25
CA LEU A 120 -9.65 -11.38 1.96
C LEU A 120 -9.92 -11.34 3.47
N GLN A 121 -10.16 -12.51 4.05
CA GLN A 121 -10.43 -12.59 5.48
C GLN A 121 -9.34 -11.88 6.27
N GLY A 122 -9.67 -11.49 7.50
CA GLY A 122 -8.71 -10.80 8.36
C GLY A 122 -8.34 -9.45 7.79
N THR A 123 -9.35 -8.65 7.46
CA THR A 123 -9.12 -7.33 6.89
C THR A 123 -10.26 -6.38 7.26
N THR A 124 -10.06 -5.10 7.00
CA THR A 124 -11.08 -4.10 7.30
C THR A 124 -12.22 -4.19 6.30
N GLN A 125 -11.92 -4.68 5.10
CA GLN A 125 -12.94 -4.80 4.06
C GLN A 125 -14.06 -5.72 4.51
N GLU A 126 -13.71 -6.93 4.91
CA GLU A 126 -14.70 -7.89 5.36
C GLU A 126 -15.51 -7.32 6.53
N THR A 127 -14.80 -6.90 7.57
CA THR A 127 -15.47 -6.34 8.75
C THR A 127 -16.30 -5.11 8.37
N PHE A 128 -15.66 -4.17 7.68
CA PHE A 128 -16.35 -2.96 7.25
C PHE A 128 -17.50 -3.31 6.30
N GLY A 129 -17.23 -4.22 5.36
CA GLY A 129 -18.24 -4.62 4.40
C GLY A 129 -19.44 -5.26 5.08
N ASN A 130 -19.17 -6.13 6.04
CA ASN A 130 -20.24 -6.81 6.76
C ASN A 130 -21.32 -5.82 7.18
N GLU A 131 -21.00 -4.53 7.10
CA GLU A 131 -21.94 -3.48 7.48
C GLU A 131 -22.12 -2.49 6.33
N HIS A 132 -21.06 -2.25 5.59
CA HIS A 132 -21.11 -1.30 4.49
C HIS A 132 -21.86 -1.87 3.29
N TRP A 133 -21.46 -3.08 2.88
CA TRP A 133 -22.09 -3.73 1.73
C TRP A 133 -23.12 -4.76 2.18
N ALA A 134 -23.47 -4.70 3.45
CA ALA A 134 -24.46 -5.63 4.00
C ALA A 134 -25.88 -5.12 3.75
N PRO A 135 -26.17 -3.92 4.18
CA PRO A 135 -27.51 -3.30 4.01
C PRO A 135 -27.77 -2.89 2.57
N LYS A 136 -26.73 -2.95 1.73
CA LYS A 136 -26.86 -2.58 0.34
C LYS A 136 -27.42 -3.73 -0.48
N GLY A 137 -27.51 -4.90 0.14
CA GLY A 137 -28.03 -6.08 -0.54
C GLY A 137 -26.97 -6.70 -1.44
N ILE A 138 -25.71 -6.61 -1.01
CA ILE A 138 -24.60 -7.17 -1.78
C ILE A 138 -24.02 -8.39 -1.08
N GLU A 139 -23.71 -9.43 -1.86
CA GLU A 139 -23.15 -10.65 -1.30
C GLU A 139 -21.63 -10.55 -1.21
N ILE A 140 -21.08 -10.86 -0.04
CA ILE A 140 -19.64 -10.81 0.16
C ILE A 140 -19.12 -12.13 0.70
N VAL A 141 -17.98 -12.56 0.17
CA VAL A 141 -17.37 -13.82 0.60
C VAL A 141 -15.96 -13.58 1.10
N SER A 142 -15.64 -14.15 2.26
CA SER A 142 -14.31 -13.99 2.85
C SER A 142 -13.43 -15.18 2.51
N TYR A 143 -12.24 -14.89 1.96
CA TYR A 143 -11.30 -15.94 1.60
C TYR A 143 -10.09 -15.91 2.53
N GLN A 144 -9.44 -17.06 2.68
CA GLN A 144 -8.27 -17.16 3.55
C GLN A 144 -7.00 -17.29 2.72
N GLY A 145 -7.13 -17.16 1.40
CA GLY A 145 -5.99 -17.28 0.50
C GLY A 145 -5.97 -16.13 -0.50
N GLN A 146 -4.81 -15.48 -0.62
CA GLN A 146 -4.66 -14.38 -1.56
C GLN A 146 -4.80 -14.86 -3.00
N ASP A 147 -4.14 -15.96 -3.31
CA ASP A 147 -4.20 -16.52 -4.67
C ASP A 147 -5.58 -17.11 -4.93
N ASN A 148 -6.29 -17.47 -3.87
CA ASN A 148 -7.62 -18.04 -4.01
C ASN A 148 -8.58 -17.01 -4.61
N ILE A 149 -8.39 -15.75 -4.22
CA ILE A 149 -9.27 -14.68 -4.70
C ILE A 149 -9.08 -14.48 -6.21
N TYR A 150 -7.82 -14.40 -6.64
CA TYR A 150 -7.52 -14.21 -8.05
C TYR A 150 -8.01 -15.40 -8.87
N SER A 151 -7.89 -16.59 -8.30
CA SER A 151 -8.33 -17.80 -8.99
C SER A 151 -9.83 -17.74 -9.26
N ASP A 152 -10.58 -17.28 -8.27
CA ASP A 152 -12.04 -17.16 -8.42
C ASP A 152 -12.37 -16.16 -9.52
N LEU A 153 -11.69 -15.00 -9.49
CA LEU A 153 -11.94 -13.97 -10.49
C LEU A 153 -11.68 -14.53 -11.89
N THR A 154 -10.54 -15.19 -12.06
CA THR A 154 -10.20 -15.77 -13.36
C THR A 154 -11.22 -16.84 -13.74
N ALA A 155 -11.90 -17.40 -12.74
CA ALA A 155 -12.89 -18.43 -12.98
C ALA A 155 -14.26 -17.81 -13.19
N GLY A 156 -14.43 -16.57 -12.75
CA GLY A 156 -15.70 -15.88 -12.89
C GLY A 156 -16.62 -16.17 -11.72
N ARG A 157 -16.06 -16.78 -10.67
CA ARG A 157 -16.83 -17.12 -9.49
C ARG A 157 -17.21 -15.85 -8.72
N ILE A 158 -16.50 -14.76 -9.01
CA ILE A 158 -16.77 -13.48 -8.35
C ILE A 158 -16.94 -12.38 -9.39
N ASP A 159 -17.93 -11.51 -9.16
CA ASP A 159 -18.19 -10.42 -10.09
C ASP A 159 -17.13 -9.33 -9.97
N ALA A 160 -16.53 -9.22 -8.78
CA ALA A 160 -15.51 -8.21 -8.55
C ALA A 160 -14.91 -8.36 -7.15
N ALA A 161 -13.69 -7.89 -6.98
CA ALA A 161 -13.02 -7.96 -5.68
C ALA A 161 -12.47 -6.60 -5.30
N PHE A 162 -12.64 -6.22 -4.04
CA PHE A 162 -12.15 -4.94 -3.57
C PHE A 162 -10.70 -5.03 -3.15
N GLN A 163 -9.81 -4.55 -4.00
CA GLN A 163 -8.36 -4.57 -3.71
C GLN A 163 -7.73 -3.21 -3.98
N ASP A 164 -6.53 -3.01 -3.47
CA ASP A 164 -5.81 -1.76 -3.68
C ASP A 164 -5.31 -1.65 -5.11
N GLU A 165 -5.18 -0.42 -5.59
CA GLU A 165 -4.71 -0.19 -6.95
C GLU A 165 -3.26 -0.64 -7.11
N VAL A 166 -2.39 -0.13 -6.25
CA VAL A 166 -0.98 -0.48 -6.33
C VAL A 166 -0.79 -1.99 -6.16
N ALA A 167 -1.40 -2.54 -5.13
CA ALA A 167 -1.28 -3.97 -4.87
C ALA A 167 -1.85 -4.78 -6.05
N ALA A 168 -2.95 -4.28 -6.61
CA ALA A 168 -3.57 -4.97 -7.73
C ALA A 168 -2.64 -4.98 -8.94
N SER A 169 -2.33 -3.80 -9.45
CA SER A 169 -1.45 -3.69 -10.61
C SER A 169 -0.09 -4.33 -10.33
N GLU A 170 0.48 -4.00 -9.17
CA GLU A 170 1.77 -4.54 -8.80
C GLU A 170 1.78 -6.05 -8.96
N GLY A 171 0.65 -6.68 -8.64
CA GLY A 171 0.54 -8.13 -8.75
C GLY A 171 -0.39 -8.52 -9.88
N PHE A 172 -1.67 -8.19 -9.74
CA PHE A 172 -2.66 -8.54 -10.74
C PHE A 172 -2.11 -8.35 -12.15
N LEU A 173 -1.94 -7.09 -12.54
CA LEU A 173 -1.44 -6.79 -13.87
C LEU A 173 -0.06 -7.36 -14.08
N LYS A 174 0.77 -7.26 -13.05
CA LYS A 174 2.14 -7.77 -13.14
C LYS A 174 2.13 -9.26 -13.45
N GLN A 175 0.94 -9.85 -13.52
CA GLN A 175 0.83 -11.27 -13.81
C GLN A 175 -0.07 -11.50 -15.03
N PRO A 176 0.27 -12.45 -15.87
CA PRO A 176 -0.52 -12.78 -17.08
C PRO A 176 -2.02 -12.82 -16.79
N VAL A 177 -2.37 -12.88 -15.51
CA VAL A 177 -3.77 -12.92 -15.11
C VAL A 177 -4.50 -11.66 -15.55
N GLY A 178 -3.86 -10.52 -15.37
CA GLY A 178 -4.47 -9.24 -15.73
C GLY A 178 -4.77 -9.19 -17.22
N LYS A 179 -3.94 -9.84 -18.02
CA LYS A 179 -4.12 -9.85 -19.47
C LYS A 179 -5.47 -10.50 -19.82
N ASP A 180 -5.80 -11.57 -19.13
CA ASP A 180 -7.06 -12.26 -19.38
C ASP A 180 -8.24 -11.38 -18.98
N TYR A 181 -8.06 -10.59 -17.94
CA TYR A 181 -9.11 -9.71 -17.46
C TYR A 181 -8.53 -8.53 -16.67
N LYS A 182 -9.12 -7.36 -16.84
CA LYS A 182 -8.66 -6.17 -16.13
C LYS A 182 -9.56 -4.97 -16.42
N PHE A 183 -10.47 -4.68 -15.49
CA PHE A 183 -11.38 -3.56 -15.66
C PHE A 183 -11.94 -3.11 -14.31
N GLY A 184 -12.58 -1.95 -14.29
CA GLY A 184 -13.16 -1.42 -13.07
C GLY A 184 -12.10 -0.74 -12.22
N GLY A 185 -11.42 0.24 -12.80
CA GLY A 185 -10.38 0.96 -12.09
C GLY A 185 -10.89 1.47 -10.73
N PRO A 186 -10.94 2.77 -10.55
CA PRO A 186 -11.43 3.37 -9.28
C PRO A 186 -12.78 2.80 -8.85
N SER A 187 -12.89 2.47 -7.56
CA SER A 187 -14.11 1.89 -7.03
C SER A 187 -14.65 2.70 -5.86
N VAL A 188 -14.53 2.15 -4.67
CA VAL A 188 -15.03 2.83 -3.47
C VAL A 188 -14.49 2.17 -2.22
N LYS A 189 -14.60 2.86 -1.08
CA LYS A 189 -14.13 2.32 0.19
C LYS A 189 -13.77 3.46 1.15
N ASP A 190 -13.81 3.17 2.44
CA ASP A 190 -13.47 4.17 3.45
C ASP A 190 -11.95 4.25 3.62
N GLU A 191 -11.39 5.42 3.34
CA GLU A 191 -9.96 5.61 3.44
C GLU A 191 -9.52 5.66 4.90
N LYS A 192 -10.48 5.92 5.78
CA LYS A 192 -10.19 6.00 7.20
C LYS A 192 -9.70 4.66 7.74
N LEU A 193 -10.20 3.58 7.15
CA LEU A 193 -9.83 2.24 7.60
C LEU A 193 -8.33 2.02 7.45
N PHE A 194 -7.78 2.43 6.32
CA PHE A 194 -6.34 2.28 6.08
C PHE A 194 -5.67 3.65 6.00
N GLY A 195 -6.43 4.70 6.29
CA GLY A 195 -5.90 6.05 6.24
C GLY A 195 -5.72 6.50 4.79
N VAL A 196 -4.82 7.45 4.57
CA VAL A 196 -4.55 7.96 3.23
C VAL A 196 -3.84 6.91 2.39
N GLY A 197 -3.14 6.00 3.07
CA GLY A 197 -2.40 4.95 2.36
C GLY A 197 -1.34 4.35 3.26
N THR A 198 -0.09 4.35 2.78
CA THR A 198 1.02 3.79 3.54
C THR A 198 2.20 4.76 3.55
N GLY A 199 3.09 4.59 4.52
CA GLY A 199 4.27 5.46 4.62
C GLY A 199 5.22 4.94 5.69
N MET A 200 6.14 5.80 6.13
CA MET A 200 7.11 5.42 7.15
C MET A 200 6.66 5.89 8.52
N GLY A 201 6.90 5.04 9.53
CA GLY A 201 6.50 5.38 10.90
C GLY A 201 7.60 6.12 11.63
N LEU A 202 7.36 7.39 11.91
CA LEU A 202 8.35 8.21 12.63
C LEU A 202 7.75 8.76 13.92
N ARG A 203 8.62 9.18 14.83
CA ARG A 203 8.16 9.72 16.11
C ARG A 203 7.90 11.22 16.00
N LYS A 204 6.95 11.71 16.77
CA LYS A 204 6.61 13.14 16.72
C LYS A 204 7.86 13.99 16.90
N GLU A 205 8.66 13.67 17.91
CA GLU A 205 9.89 14.42 18.16
C GLU A 205 10.58 14.78 16.84
N ASP A 206 10.30 14.00 15.80
CA ASP A 206 10.91 14.24 14.50
C ASP A 206 10.33 15.50 13.86
N ASN A 207 10.34 16.59 14.60
CA ASN A 207 9.80 17.85 14.09
C ASN A 207 10.61 18.35 12.90
N GLU A 208 11.93 18.33 13.04
CA GLU A 208 12.81 18.78 11.96
C GLU A 208 12.85 17.76 10.83
N LEU A 209 13.04 16.50 11.19
CA LEU A 209 13.13 15.43 10.19
C LEU A 209 11.82 15.34 9.42
N ARG A 210 10.70 15.39 10.14
CA ARG A 210 9.39 15.32 9.51
C ARG A 210 9.20 16.50 8.58
N GLU A 211 9.60 17.69 9.02
CA GLU A 211 9.47 18.89 8.20
C GLU A 211 10.21 18.69 6.87
N ALA A 212 11.36 18.01 6.93
CA ALA A 212 12.13 17.75 5.72
C ALA A 212 11.44 16.69 4.88
N LEU A 213 11.57 15.42 5.30
CA LEU A 213 10.92 14.32 4.59
C LEU A 213 9.65 14.79 3.89
N ASN A 214 8.84 15.56 4.61
CA ASN A 214 7.61 16.11 4.04
C ASN A 214 7.94 17.07 2.90
N LYS A 215 8.91 17.95 3.13
CA LYS A 215 9.32 18.90 2.10
C LYS A 215 9.86 18.14 0.88
N ALA A 216 10.67 17.12 1.12
CA ALA A 216 11.24 16.32 0.04
C ALA A 216 10.12 15.63 -0.74
N PHE A 217 9.11 15.16 -0.03
CA PHE A 217 7.97 14.50 -0.68
C PHE A 217 7.27 15.47 -1.62
N ALA A 218 7.08 16.70 -1.16
CA ALA A 218 6.42 17.72 -1.97
C ALA A 218 7.22 18.00 -3.23
N GLU A 219 8.54 18.02 -3.09
CA GLU A 219 9.42 18.26 -4.25
C GLU A 219 9.27 17.12 -5.26
N MET A 220 9.23 15.89 -4.76
CA MET A 220 9.08 14.73 -5.63
C MET A 220 7.83 14.88 -6.49
N ARG A 221 6.77 15.41 -5.89
CA ARG A 221 5.52 15.62 -6.62
C ARG A 221 5.68 16.74 -7.64
N ALA A 222 6.42 17.78 -7.27
CA ALA A 222 6.64 18.91 -8.15
C ALA A 222 7.34 18.47 -9.44
N ASP A 223 8.37 17.64 -9.28
CA ASP A 223 9.11 17.13 -10.44
C ASP A 223 8.47 15.85 -10.96
N GLY A 224 7.40 15.43 -10.31
CA GLY A 224 6.70 14.22 -10.74
C GLY A 224 7.57 12.98 -10.54
N THR A 225 8.58 13.11 -9.69
CA THR A 225 9.48 11.99 -9.43
C THR A 225 8.70 10.79 -8.94
N TYR A 226 7.79 11.01 -7.99
CA TYR A 226 6.97 9.93 -7.46
C TYR A 226 6.08 9.34 -8.55
N GLU A 227 5.25 10.20 -9.15
CA GLU A 227 4.35 9.76 -10.20
C GLU A 227 5.13 9.11 -11.34
N LYS A 228 6.27 9.70 -11.69
CA LYS A 228 7.10 9.17 -12.76
C LYS A 228 7.52 7.73 -12.46
N LEU A 229 8.02 7.52 -11.25
CA LEU A 229 8.45 6.19 -10.83
C LEU A 229 7.27 5.23 -10.85
N ALA A 230 6.12 5.69 -10.38
CA ALA A 230 4.93 4.86 -10.34
C ALA A 230 4.55 4.39 -11.74
N LYS A 231 4.50 5.33 -12.68
CA LYS A 231 4.15 4.99 -14.06
C LYS A 231 5.14 3.97 -14.62
N LYS A 232 6.41 4.10 -14.22
CA LYS A 232 7.43 3.18 -14.70
C LYS A 232 7.25 1.79 -14.11
N TYR A 233 7.12 1.73 -12.78
CA TYR A 233 6.93 0.47 -12.10
C TYR A 233 5.63 -0.19 -12.55
N PHE A 234 4.56 0.59 -12.60
CA PHE A 234 3.27 0.07 -13.02
C PHE A 234 2.41 1.17 -13.61
N ASP A 235 1.47 0.80 -14.46
CA ASP A 235 0.58 1.78 -15.09
C ASP A 235 -0.75 1.85 -14.34
N PHE A 236 -0.88 2.85 -13.48
CA PHE A 236 -2.11 3.03 -12.70
C PHE A 236 -2.26 4.47 -12.27
N ASP A 237 -3.16 4.71 -11.33
CA ASP A 237 -3.40 6.07 -10.82
C ASP A 237 -3.19 6.12 -9.31
N VAL A 238 -2.11 6.79 -8.90
CA VAL A 238 -1.81 6.92 -7.48
C VAL A 238 -2.89 7.72 -6.77
N TYR A 239 -3.38 8.77 -7.42
CA TYR A 239 -4.42 9.61 -6.84
C TYR A 239 -5.64 8.76 -6.49
N GLY A 240 -6.03 7.87 -7.40
CA GLY A 240 -7.17 7.00 -7.16
C GLY A 240 -6.92 6.08 -5.97
N GLY A 241 -5.68 5.63 -5.83
CA GLY A 241 -5.31 4.74 -4.73
C GLY A 241 -6.05 3.41 -4.84
N ALA A 4 20.96 20.67 13.53
CA ALA A 4 21.82 19.73 12.74
C ALA A 4 21.12 18.37 12.67
N ILE A 5 21.00 17.86 11.45
CA ILE A 5 20.36 16.57 11.24
C ILE A 5 21.26 15.44 11.74
N PRO A 6 20.70 14.27 11.91
CA PRO A 6 21.46 13.07 12.37
C PRO A 6 22.58 12.69 11.41
N GLN A 7 23.70 12.23 11.96
CA GLN A 7 24.83 11.83 11.15
C GLN A 7 24.49 10.60 10.32
N ASN A 8 23.77 9.65 10.94
CA ASN A 8 23.37 8.43 10.24
C ASN A 8 21.95 8.06 10.59
N ILE A 9 21.20 7.61 9.59
CA ILE A 9 19.80 7.22 9.80
C ILE A 9 19.65 5.71 9.73
N ARG A 10 19.15 5.11 10.81
CA ARG A 10 18.94 3.67 10.84
C ARG A 10 17.52 3.33 10.44
N ILE A 11 17.38 2.58 9.35
CA ILE A 11 16.06 2.19 8.86
C ILE A 11 15.85 0.69 9.02
N GLY A 12 14.65 0.30 9.44
CA GLY A 12 14.33 -1.12 9.63
C GLY A 12 13.37 -1.59 8.55
N THR A 13 13.88 -2.37 7.60
CA THR A 13 13.05 -2.88 6.51
C THR A 13 13.22 -4.38 6.36
N ASP A 14 12.13 -5.13 6.52
CA ASP A 14 12.17 -6.57 6.39
C ASP A 14 11.35 -7.02 5.18
N PRO A 15 11.99 -7.16 4.03
CA PRO A 15 11.32 -7.61 2.79
C PRO A 15 10.56 -8.92 2.98
N THR A 16 9.33 -8.96 2.48
CA THR A 16 8.51 -10.16 2.60
C THR A 16 7.69 -10.38 1.34
N TYR A 17 7.53 -9.32 0.55
CA TYR A 17 6.76 -9.41 -0.70
C TYR A 17 7.60 -8.95 -1.87
N ALA A 18 8.17 -9.92 -2.59
CA ALA A 18 8.99 -9.60 -3.77
C ALA A 18 8.54 -8.29 -4.42
N PRO A 19 7.34 -8.25 -4.88
CA PRO A 19 6.78 -7.03 -5.54
C PRO A 19 7.02 -5.76 -4.74
N PHE A 20 6.86 -5.87 -3.43
CA PHE A 20 7.07 -4.72 -2.56
C PHE A 20 8.57 -4.48 -2.32
N GLU A 21 9.29 -5.56 -2.10
CA GLU A 21 10.73 -5.47 -1.84
C GLU A 21 11.46 -6.72 -2.33
N SER A 22 12.59 -7.03 -1.71
CA SER A 22 13.37 -8.20 -2.10
C SER A 22 14.80 -8.07 -1.58
N LYS A 23 15.59 -9.11 -1.83
CA LYS A 23 16.99 -9.12 -1.39
C LYS A 23 17.90 -9.62 -2.50
N ASN A 24 19.09 -9.04 -2.59
CA ASN A 24 20.06 -9.44 -3.60
C ASN A 24 21.02 -10.49 -3.06
N SER A 25 21.26 -11.53 -3.84
CA SER A 25 22.17 -12.60 -3.42
C SER A 25 23.59 -12.06 -3.30
N GLN A 26 23.85 -10.92 -3.93
CA GLN A 26 25.17 -10.32 -3.89
C GLN A 26 25.38 -9.59 -2.56
N GLY A 27 24.32 -9.51 -1.76
CA GLY A 27 24.40 -8.83 -0.47
C GLY A 27 23.77 -7.45 -0.54
N GLU A 28 23.42 -7.01 -1.76
CA GLU A 28 22.82 -5.71 -1.95
C GLU A 28 21.33 -5.76 -1.62
N LEU A 29 20.75 -4.61 -1.32
CA LEU A 29 19.33 -4.53 -0.99
C LEU A 29 18.56 -3.79 -2.08
N VAL A 30 17.46 -4.39 -2.53
CA VAL A 30 16.64 -3.77 -3.57
C VAL A 30 15.17 -3.84 -3.19
N GLY A 31 14.39 -2.87 -3.69
CA GLY A 31 12.97 -2.83 -3.40
C GLY A 31 12.39 -1.47 -3.76
N PHE A 32 11.10 -1.45 -4.11
CA PHE A 32 10.43 -0.21 -4.47
C PHE A 32 10.50 0.79 -3.33
N ASP A 33 10.28 0.30 -2.11
CA ASP A 33 10.30 1.17 -0.93
C ASP A 33 11.73 1.65 -0.64
N ILE A 34 12.70 0.86 -1.03
CA ILE A 34 14.10 1.20 -0.82
C ILE A 34 14.51 2.39 -1.69
N ASP A 35 14.02 2.40 -2.93
CA ASP A 35 14.35 3.46 -3.86
C ASP A 35 13.87 4.80 -3.32
N LEU A 36 12.70 4.80 -2.66
CA LEU A 36 12.17 6.02 -2.09
C LEU A 36 13.09 6.51 -0.97
N ALA A 37 13.52 5.60 -0.11
CA ALA A 37 14.39 5.95 1.01
C ALA A 37 15.64 6.64 0.48
N LYS A 38 16.28 6.04 -0.52
CA LYS A 38 17.50 6.60 -1.09
C LYS A 38 17.27 8.06 -1.48
N GLU A 39 16.25 8.29 -2.31
CA GLU A 39 15.94 9.64 -2.75
C GLU A 39 15.81 10.57 -1.54
N LEU A 40 15.19 10.07 -0.48
CA LEU A 40 15.02 10.85 0.74
C LEU A 40 16.37 11.08 1.42
N CYS A 41 17.20 10.02 1.46
CA CYS A 41 18.50 10.11 2.11
C CYS A 41 19.29 11.28 1.53
N LYS A 42 19.28 11.41 0.20
CA LYS A 42 19.98 12.50 -0.45
C LYS A 42 19.35 13.85 -0.05
N ARG A 43 18.04 13.91 -0.10
CA ARG A 43 17.32 15.14 0.26
C ARG A 43 17.64 15.52 1.71
N ILE A 44 17.66 14.52 2.58
CA ILE A 44 17.95 14.76 4.00
C ILE A 44 19.44 15.00 4.20
N ASN A 45 20.23 14.61 3.20
CA ASN A 45 21.69 14.77 3.28
C ASN A 45 22.24 13.98 4.46
N THR A 46 21.91 12.70 4.51
CA THR A 46 22.38 11.83 5.59
C THR A 46 22.59 10.41 5.10
N GLN A 47 23.19 9.57 5.94
CA GLN A 47 23.45 8.18 5.57
C GLN A 47 22.24 7.31 5.95
N CYS A 48 21.93 6.33 5.10
CA CYS A 48 20.81 5.44 5.35
C CYS A 48 21.30 4.01 5.52
N THR A 49 20.83 3.35 6.57
CA THR A 49 21.21 1.96 6.84
C THR A 49 19.98 1.09 7.03
N PHE A 50 19.88 0.01 6.27
CA PHE A 50 18.74 -0.90 6.37
C PHE A 50 19.04 -2.02 7.35
N VAL A 51 18.08 -2.32 8.22
CA VAL A 51 18.24 -3.39 9.20
C VAL A 51 17.05 -4.34 9.16
N GLU A 52 17.32 -5.63 9.01
CA GLU A 52 16.26 -6.63 8.97
C GLU A 52 15.52 -6.69 10.31
N ASN A 53 14.19 -6.79 10.24
CA ASN A 53 13.40 -6.86 11.45
C ASN A 53 11.91 -6.87 11.11
N PRO A 54 11.17 -7.78 11.68
CA PRO A 54 9.71 -7.91 11.42
C PRO A 54 8.92 -6.74 11.98
N LEU A 55 7.86 -6.34 11.28
CA LEU A 55 7.03 -5.23 11.73
C LEU A 55 6.83 -5.27 13.24
N ASP A 56 6.31 -6.39 13.73
CA ASP A 56 6.08 -6.54 15.16
C ASP A 56 7.29 -6.10 15.97
N ALA A 57 8.46 -6.21 15.37
CA ALA A 57 9.70 -5.84 16.05
C ALA A 57 10.10 -4.40 15.72
N LEU A 58 9.58 -3.89 14.62
CA LEU A 58 9.88 -2.53 14.21
C LEU A 58 9.36 -1.51 15.23
N ILE A 59 8.15 -1.74 15.71
CA ILE A 59 7.53 -0.83 16.67
C ILE A 59 8.37 -0.80 17.94
N PRO A 60 8.57 -1.93 18.55
CA PRO A 60 9.41 -2.06 19.77
C PRO A 60 10.81 -1.49 19.53
N SER A 61 11.38 -1.79 18.37
CA SER A 61 12.72 -1.31 18.03
C SER A 61 12.76 0.21 18.07
N LEU A 62 11.74 0.84 17.50
CA LEU A 62 11.68 2.30 17.48
C LEU A 62 11.68 2.84 18.91
N LYS A 63 10.89 2.20 19.78
CA LYS A 63 10.83 2.63 21.17
C LYS A 63 12.18 2.40 21.86
N ALA A 64 12.82 1.28 21.54
CA ALA A 64 14.11 0.95 22.13
C ALA A 64 15.22 1.75 21.47
N LYS A 65 14.83 2.74 20.66
CA LYS A 65 15.80 3.58 19.97
C LYS A 65 16.75 2.74 19.12
N LYS A 66 16.40 1.47 18.95
CA LYS A 66 17.21 0.57 18.14
C LYS A 66 17.25 1.04 16.69
N ILE A 67 16.13 1.59 16.22
CA ILE A 67 16.04 2.09 14.85
C ILE A 67 15.68 3.57 14.83
N ASP A 68 16.09 4.26 13.78
CA ASP A 68 15.81 5.68 13.66
C ASP A 68 14.53 5.94 12.88
N ALA A 69 14.13 4.96 12.07
CA ALA A 69 12.93 5.09 11.26
C ALA A 69 12.42 3.72 10.83
N ILE A 70 11.13 3.64 10.54
CA ILE A 70 10.52 2.39 10.11
C ILE A 70 10.03 2.50 8.69
N MET A 71 10.42 1.54 7.85
CA MET A 71 10.00 1.54 6.45
C MET A 71 9.46 0.16 6.05
N SER A 72 8.14 0.06 5.90
CA SER A 72 7.51 -1.20 5.53
C SER A 72 6.13 -0.95 4.94
N SER A 73 5.47 -2.03 4.53
CA SER A 73 4.14 -1.92 3.95
C SER A 73 3.14 -1.40 4.97
N LEU A 74 3.53 -1.44 6.24
CA LEU A 74 2.66 -0.97 7.32
C LEU A 74 1.82 0.21 6.85
N SER A 75 0.50 0.09 6.98
CA SER A 75 -0.40 1.15 6.57
C SER A 75 -0.51 2.21 7.65
N ILE A 76 -0.83 3.44 7.24
CA ILE A 76 -0.96 4.54 8.20
C ILE A 76 -2.43 4.86 8.43
N THR A 77 -2.75 5.32 9.64
CA THR A 77 -4.13 5.66 9.97
C THR A 77 -4.17 6.78 10.99
N GLU A 78 -5.24 7.57 10.97
CA GLU A 78 -5.39 8.68 11.90
C GLU A 78 -5.13 8.21 13.33
N LYS A 79 -5.74 7.09 13.70
CA LYS A 79 -5.57 6.55 15.05
C LYS A 79 -4.09 6.34 15.36
N ARG A 80 -3.35 5.87 14.37
CA ARG A 80 -1.90 5.64 14.53
C ARG A 80 -1.16 6.97 14.67
N GLN A 81 -1.60 7.97 13.90
CA GLN A 81 -0.98 9.29 13.93
C GLN A 81 -1.00 9.84 15.35
N GLN A 82 -2.11 9.62 16.05
CA GLN A 82 -2.25 10.10 17.42
C GLN A 82 -1.16 9.50 18.30
N GLU A 83 -0.68 8.31 17.93
CA GLU A 83 0.38 7.66 18.69
C GLU A 83 1.75 8.18 18.30
N ILE A 84 2.02 8.21 16.99
CA ILE A 84 3.30 8.69 16.49
C ILE A 84 3.10 9.52 15.23
N ALA A 85 4.20 9.83 14.54
CA ALA A 85 4.13 10.62 13.32
C ALA A 85 4.38 9.76 12.09
N PHE A 86 3.74 10.12 10.99
CA PHE A 86 3.89 9.38 9.73
C PHE A 86 4.21 10.33 8.59
N THR A 87 4.96 9.83 7.60
CA THR A 87 5.32 10.65 6.45
C THR A 87 5.80 9.77 5.30
N ASP A 88 6.64 10.33 4.45
CA ASP A 88 7.17 9.57 3.32
C ASP A 88 6.10 8.73 2.67
N LYS A 89 4.83 9.09 2.93
CA LYS A 89 3.70 8.33 2.37
C LYS A 89 4.07 7.73 1.03
N LEU A 90 3.96 6.42 0.93
CA LEU A 90 4.32 5.72 -0.29
C LEU A 90 3.26 5.91 -1.36
N TYR A 91 2.09 5.32 -1.14
CA TYR A 91 0.99 5.41 -2.10
C TYR A 91 -0.35 5.33 -1.39
N ALA A 92 -1.42 5.67 -2.11
CA ALA A 92 -2.76 5.63 -1.54
C ALA A 92 -3.32 4.22 -1.60
N ALA A 93 -3.71 3.69 -0.43
CA ALA A 93 -4.25 2.34 -0.35
C ALA A 93 -5.76 2.37 -0.18
N ASP A 94 -6.47 2.81 -1.21
CA ASP A 94 -7.93 2.89 -1.14
C ASP A 94 -8.54 1.55 -1.54
N SER A 95 -9.08 1.49 -2.75
CA SER A 95 -9.71 0.26 -3.24
C SER A 95 -9.78 0.27 -4.76
N ARG A 96 -10.05 -0.90 -5.33
CA ARG A 96 -10.16 -1.03 -6.77
C ARG A 96 -11.04 -2.22 -7.14
N LEU A 97 -11.78 -2.10 -8.24
CA LEU A 97 -12.64 -3.18 -8.71
C LEU A 97 -11.99 -3.93 -9.86
N VAL A 98 -12.06 -5.26 -9.81
CA VAL A 98 -11.48 -6.08 -10.88
C VAL A 98 -12.56 -6.97 -11.49
N VAL A 99 -12.92 -6.67 -12.74
CA VAL A 99 -13.94 -7.44 -13.43
C VAL A 99 -13.50 -7.78 -14.85
N ALA A 100 -14.21 -8.73 -15.46
CA ALA A 100 -13.88 -9.14 -16.83
C ALA A 100 -14.62 -8.28 -17.84
N LYS A 101 -14.00 -8.07 -19.00
CA LYS A 101 -14.59 -7.25 -20.04
C LYS A 101 -15.97 -7.79 -20.40
N ASN A 102 -16.17 -9.09 -20.20
CA ASN A 102 -17.45 -9.73 -20.50
C ASN A 102 -18.57 -9.06 -19.71
N SER A 103 -18.30 -8.78 -18.44
CA SER A 103 -19.30 -8.15 -17.58
C SER A 103 -18.98 -6.66 -17.42
N ASP A 104 -19.93 -5.81 -17.79
CA ASP A 104 -19.73 -4.37 -17.68
C ASP A 104 -20.16 -3.88 -16.30
N ILE A 105 -19.17 -3.49 -15.49
CA ILE A 105 -19.45 -2.99 -14.15
C ILE A 105 -18.77 -1.65 -13.93
N GLN A 106 -19.54 -0.69 -13.43
CA GLN A 106 -19.00 0.65 -13.18
C GLN A 106 -18.92 0.91 -11.67
N PRO A 107 -18.11 1.85 -11.28
CA PRO A 107 -17.95 2.23 -9.85
C PRO A 107 -19.25 2.71 -9.23
N THR A 108 -20.02 1.79 -8.68
CA THR A 108 -21.29 2.13 -8.05
C THR A 108 -21.85 0.95 -7.27
N VAL A 109 -22.43 1.24 -6.11
CA VAL A 109 -23.01 0.19 -5.28
C VAL A 109 -24.23 -0.42 -5.98
N GLU A 110 -24.94 0.40 -6.73
CA GLU A 110 -26.13 -0.08 -7.42
C GLU A 110 -25.80 -1.25 -8.33
N SER A 111 -24.94 -1.01 -9.32
CA SER A 111 -24.56 -2.06 -10.26
C SER A 111 -23.99 -3.26 -9.52
N LEU A 112 -23.51 -3.03 -8.31
CA LEU A 112 -22.95 -4.10 -7.50
C LEU A 112 -24.05 -4.97 -6.89
N LYS A 113 -25.22 -4.38 -6.72
CA LYS A 113 -26.34 -5.11 -6.13
C LYS A 113 -26.60 -6.39 -6.91
N GLY A 114 -26.78 -7.49 -6.18
CA GLY A 114 -27.05 -8.78 -6.81
C GLY A 114 -25.76 -9.45 -7.26
N LYS A 115 -24.69 -8.66 -7.34
CA LYS A 115 -23.40 -9.19 -7.78
C LYS A 115 -22.64 -9.78 -6.61
N ARG A 116 -21.80 -10.77 -6.89
CA ARG A 116 -21.01 -11.43 -5.85
C ARG A 116 -19.63 -10.81 -5.75
N VAL A 117 -19.17 -10.55 -4.54
CA VAL A 117 -17.86 -9.95 -4.31
C VAL A 117 -17.05 -10.78 -3.34
N GLY A 118 -15.77 -10.98 -3.66
CA GLY A 118 -14.89 -11.76 -2.79
C GLY A 118 -13.93 -10.85 -2.03
N VAL A 119 -13.72 -11.15 -0.75
CA VAL A 119 -12.81 -10.36 0.08
C VAL A 119 -11.84 -11.26 0.82
N LEU A 120 -10.74 -10.67 1.30
CA LEU A 120 -9.75 -11.43 2.03
C LEU A 120 -10.03 -11.39 3.53
N GLN A 121 -10.30 -12.55 4.11
CA GLN A 121 -10.58 -12.64 5.53
C GLN A 121 -9.49 -11.93 6.35
N GLY A 122 -9.84 -11.54 7.57
CA GLY A 122 -8.87 -10.86 8.44
C GLY A 122 -8.49 -9.50 7.87
N THR A 123 -9.50 -8.71 7.52
CA THR A 123 -9.26 -7.38 6.96
C THR A 123 -10.39 -6.43 7.32
N THR A 124 -10.18 -5.15 7.06
CA THR A 124 -11.19 -4.14 7.35
C THR A 124 -12.34 -4.22 6.35
N GLN A 125 -12.03 -4.72 5.14
CA GLN A 125 -13.03 -4.83 4.09
C GLN A 125 -14.17 -5.75 4.54
N GLU A 126 -13.82 -6.97 4.92
CA GLU A 126 -14.83 -7.93 5.37
C GLU A 126 -15.63 -7.35 6.53
N THR A 127 -14.94 -6.93 7.58
CA THR A 127 -15.63 -6.37 8.75
C THR A 127 -16.44 -5.14 8.37
N PHE A 128 -15.79 -4.20 7.68
CA PHE A 128 -16.46 -2.99 7.25
C PHE A 128 -17.61 -3.32 6.29
N GLY A 129 -17.33 -4.22 5.36
CA GLY A 129 -18.34 -4.62 4.37
C GLY A 129 -19.55 -5.25 5.04
N ASN A 130 -19.29 -6.14 5.99
CA ASN A 130 -20.37 -6.81 6.70
C ASN A 130 -21.45 -5.82 7.12
N GLU A 131 -21.11 -4.53 7.05
CA GLU A 131 -22.06 -3.48 7.42
C GLU A 131 -22.23 -2.48 6.28
N HIS A 132 -21.15 -2.24 5.55
CA HIS A 132 -21.18 -1.28 4.46
C HIS A 132 -21.92 -1.84 3.25
N TRP A 133 -21.53 -3.04 2.84
CA TRP A 133 -22.15 -3.69 1.68
C TRP A 133 -23.18 -4.71 2.11
N ALA A 134 -23.55 -4.66 3.38
CA ALA A 134 -24.55 -5.59 3.91
C ALA A 134 -25.96 -5.06 3.64
N PRO A 135 -26.25 -3.86 4.07
CA PRO A 135 -27.58 -3.24 3.88
C PRO A 135 -27.83 -2.83 2.44
N LYS A 136 -26.78 -2.90 1.62
CA LYS A 136 -26.88 -2.51 0.22
C LYS A 136 -27.43 -3.68 -0.60
N GLY A 137 -27.54 -4.84 0.02
CA GLY A 137 -28.06 -6.01 -0.67
C GLY A 137 -26.99 -6.64 -1.56
N ILE A 138 -25.74 -6.56 -1.13
CA ILE A 138 -24.63 -7.11 -1.88
C ILE A 138 -24.05 -8.35 -1.18
N GLU A 139 -23.75 -9.38 -1.96
CA GLU A 139 -23.20 -10.61 -1.41
C GLU A 139 -21.69 -10.52 -1.30
N ILE A 140 -21.16 -10.83 -0.13
CA ILE A 140 -19.71 -10.79 0.10
C ILE A 140 -19.21 -12.12 0.63
N VAL A 141 -18.06 -12.56 0.13
CA VAL A 141 -17.48 -13.82 0.57
C VAL A 141 -16.06 -13.59 1.09
N SER A 142 -15.76 -14.15 2.25
CA SER A 142 -14.44 -14.00 2.86
C SER A 142 -13.56 -15.20 2.53
N TYR A 143 -12.36 -14.93 2.01
CA TYR A 143 -11.42 -15.99 1.66
C TYR A 143 -10.22 -15.95 2.59
N GLN A 144 -9.57 -17.10 2.77
CA GLN A 144 -8.41 -17.20 3.64
C GLN A 144 -7.14 -17.35 2.82
N GLY A 145 -7.26 -17.21 1.50
CA GLY A 145 -6.11 -17.35 0.61
C GLY A 145 -6.06 -16.19 -0.37
N GLN A 146 -4.88 -15.57 -0.49
CA GLN A 146 -4.71 -14.45 -1.40
C GLN A 146 -4.85 -14.93 -2.85
N ASP A 147 -4.19 -16.03 -3.17
CA ASP A 147 -4.25 -16.58 -4.52
C ASP A 147 -5.62 -17.16 -4.82
N ASN A 148 -6.34 -17.51 -3.76
CA ASN A 148 -7.68 -18.08 -3.91
C ASN A 148 -8.63 -17.04 -4.51
N ILE A 149 -8.45 -15.79 -4.12
CA ILE A 149 -9.31 -14.71 -4.62
C ILE A 149 -9.10 -14.50 -6.11
N TYR A 150 -7.84 -14.43 -6.53
CA TYR A 150 -7.52 -14.23 -7.94
C TYR A 150 -8.00 -15.41 -8.77
N SER A 151 -7.88 -16.61 -8.21
CA SER A 151 -8.32 -17.82 -8.90
C SER A 151 -9.81 -17.75 -9.19
N ASP A 152 -10.57 -17.29 -8.21
CA ASP A 152 -12.03 -17.17 -8.37
C ASP A 152 -12.34 -16.16 -9.47
N LEU A 153 -11.66 -15.02 -9.43
CA LEU A 153 -11.89 -13.98 -10.43
C LEU A 153 -11.62 -14.53 -11.83
N THR A 154 -10.49 -15.19 -11.99
CA THR A 154 -10.14 -15.77 -13.28
C THR A 154 -11.15 -16.84 -13.67
N ALA A 155 -11.84 -17.39 -12.68
CA ALA A 155 -12.84 -18.42 -12.94
C ALA A 155 -14.20 -17.80 -13.16
N GLY A 156 -14.37 -16.56 -12.72
CA GLY A 156 -15.63 -15.85 -12.89
C GLY A 156 -16.57 -16.15 -11.72
N ARG A 157 -16.03 -16.76 -10.67
CA ARG A 157 -16.82 -17.09 -9.48
C ARG A 157 -17.20 -15.83 -8.73
N ILE A 158 -16.48 -14.73 -9.01
CA ILE A 158 -16.75 -13.46 -8.35
C ILE A 158 -16.91 -12.35 -9.39
N ASP A 159 -17.90 -11.49 -9.19
CA ASP A 159 -18.15 -10.40 -10.12
C ASP A 159 -17.08 -9.31 -9.98
N ALA A 160 -16.50 -9.21 -8.80
CA ALA A 160 -15.47 -8.20 -8.56
C ALA A 160 -14.89 -8.36 -7.16
N ALA A 161 -13.66 -7.88 -6.98
CA ALA A 161 -13.01 -7.95 -5.67
C ALA A 161 -12.46 -6.58 -5.29
N PHE A 162 -12.65 -6.21 -4.03
CA PHE A 162 -12.16 -4.92 -3.55
C PHE A 162 -10.71 -5.02 -3.11
N GLN A 163 -9.82 -4.52 -3.97
CA GLN A 163 -8.38 -4.54 -3.66
C GLN A 163 -7.75 -3.19 -3.93
N ASP A 164 -6.55 -2.99 -3.42
CA ASP A 164 -5.84 -1.73 -3.61
C ASP A 164 -5.33 -1.61 -5.06
N GLU A 165 -5.20 -0.39 -5.53
CA GLU A 165 -4.73 -0.15 -6.90
C GLU A 165 -3.28 -0.60 -7.06
N VAL A 166 -2.41 -0.08 -6.21
CA VAL A 166 -0.99 -0.43 -6.29
C VAL A 166 -0.80 -1.92 -6.11
N ALA A 167 -1.41 -2.48 -5.07
CA ALA A 167 -1.29 -3.91 -4.80
C ALA A 167 -1.87 -4.72 -5.97
N ALA A 168 -2.96 -4.23 -6.53
CA ALA A 168 -3.60 -4.93 -7.64
C ALA A 168 -2.68 -4.94 -8.85
N SER A 169 -2.38 -3.76 -9.38
CA SER A 169 -1.51 -3.66 -10.54
C SER A 169 -0.15 -4.27 -10.27
N GLU A 170 0.44 -3.91 -9.13
CA GLU A 170 1.75 -4.43 -8.77
C GLU A 170 1.77 -5.94 -8.91
N GLY A 171 0.66 -6.58 -8.58
CA GLY A 171 0.56 -8.03 -8.66
C GLY A 171 -0.36 -8.46 -9.79
N PHE A 172 -1.64 -8.16 -9.64
CA PHE A 172 -2.64 -8.53 -10.63
C PHE A 172 -2.11 -8.34 -12.05
N LEU A 173 -1.97 -7.09 -12.45
CA LEU A 173 -1.48 -6.78 -13.79
C LEU A 173 -0.08 -7.34 -14.00
N LYS A 174 0.75 -7.22 -12.98
CA LYS A 174 2.13 -7.70 -13.06
C LYS A 174 2.15 -9.19 -13.33
N GLN A 175 0.97 -9.80 -13.39
CA GLN A 175 0.86 -11.23 -13.66
C GLN A 175 -0.01 -11.49 -14.88
N PRO A 176 0.27 -12.55 -15.61
CA PRO A 176 -0.52 -12.93 -16.82
C PRO A 176 -2.02 -12.95 -16.54
N VAL A 177 -2.38 -13.06 -15.28
CA VAL A 177 -3.78 -13.10 -14.89
C VAL A 177 -4.50 -11.83 -15.33
N GLY A 178 -3.85 -10.69 -15.11
CA GLY A 178 -4.45 -9.41 -15.46
C GLY A 178 -4.71 -9.32 -16.96
N LYS A 179 -3.86 -9.95 -17.75
CA LYS A 179 -4.01 -9.92 -19.20
C LYS A 179 -5.34 -10.54 -19.60
N ASP A 180 -5.70 -11.64 -18.95
CA ASP A 180 -6.96 -12.30 -19.24
C ASP A 180 -8.15 -11.41 -18.86
N TYR A 181 -7.97 -10.62 -17.80
CA TYR A 181 -9.03 -9.73 -17.34
C TYR A 181 -8.44 -8.57 -16.56
N LYS A 182 -9.03 -7.39 -16.72
CA LYS A 182 -8.56 -6.20 -16.01
C LYS A 182 -9.45 -5.00 -16.33
N PHE A 183 -10.36 -4.70 -15.41
CA PHE A 183 -11.27 -3.57 -15.61
C PHE A 183 -11.85 -3.11 -14.27
N GLY A 184 -12.47 -1.93 -14.27
CA GLY A 184 -13.07 -1.40 -13.05
C GLY A 184 -12.03 -0.70 -12.19
N GLY A 185 -11.34 0.27 -12.76
CA GLY A 185 -10.32 1.00 -12.03
C GLY A 185 -10.85 1.50 -10.68
N PRO A 186 -10.88 2.79 -10.48
CA PRO A 186 -11.39 3.39 -9.20
C PRO A 186 -12.73 2.82 -8.81
N SER A 187 -12.87 2.50 -7.52
CA SER A 187 -14.10 1.92 -7.01
C SER A 187 -14.65 2.73 -5.85
N VAL A 188 -14.55 2.17 -4.64
CA VAL A 188 -15.06 2.84 -3.45
C VAL A 188 -14.52 2.17 -2.20
N LYS A 189 -14.64 2.85 -1.06
CA LYS A 189 -14.18 2.31 0.22
C LYS A 189 -13.84 3.44 1.18
N ASP A 190 -13.88 3.13 2.47
CA ASP A 190 -13.54 4.13 3.49
C ASP A 190 -12.03 4.21 3.67
N GLU A 191 -11.46 5.37 3.37
CA GLU A 191 -10.03 5.58 3.49
C GLU A 191 -9.60 5.62 4.94
N LYS A 192 -10.56 5.87 5.82
CA LYS A 192 -10.28 5.96 7.24
C LYS A 192 -9.78 4.61 7.78
N LEU A 193 -10.29 3.54 7.19
CA LEU A 193 -9.92 2.19 7.64
C LEU A 193 -8.43 1.97 7.49
N PHE A 194 -7.87 2.38 6.35
CA PHE A 194 -6.44 2.24 6.11
C PHE A 194 -5.77 3.60 6.01
N GLY A 195 -6.50 4.64 6.35
CA GLY A 195 -5.98 6.00 6.28
C GLY A 195 -5.81 6.45 4.83
N VAL A 196 -4.90 7.39 4.61
CA VAL A 196 -4.64 7.89 3.27
C VAL A 196 -3.93 6.83 2.43
N GLY A 197 -3.24 5.92 3.10
CA GLY A 197 -2.51 4.86 2.41
C GLY A 197 -1.44 4.27 3.30
N THR A 198 -0.19 4.29 2.82
CA THR A 198 0.93 3.75 3.60
C THR A 198 2.06 4.77 3.66
N GLY A 199 2.90 4.64 4.68
CA GLY A 199 4.02 5.56 4.87
C GLY A 199 5.01 5.02 5.89
N MET A 200 5.94 5.86 6.30
CA MET A 200 6.96 5.47 7.28
C MET A 200 6.52 5.86 8.69
N GLY A 201 6.72 4.95 9.64
CA GLY A 201 6.33 5.22 11.01
C GLY A 201 7.43 5.96 11.77
N LEU A 202 7.20 7.24 12.04
CA LEU A 202 8.18 8.05 12.76
C LEU A 202 7.56 8.65 14.01
N ARG A 203 8.39 9.05 14.96
CA ARG A 203 7.91 9.64 16.21
C ARG A 203 7.71 11.14 16.05
N LYS A 204 6.76 11.70 16.78
CA LYS A 204 6.49 13.13 16.71
C LYS A 204 7.76 13.92 16.90
N GLU A 205 8.53 13.58 17.94
CA GLU A 205 9.79 14.28 18.21
C GLU A 205 10.51 14.62 16.91
N ASP A 206 10.24 13.85 15.86
CA ASP A 206 10.86 14.08 14.57
C ASP A 206 10.31 15.34 13.93
N ASN A 207 10.33 16.45 14.67
CA ASN A 207 9.80 17.70 14.14
C ASN A 207 10.64 18.20 12.97
N GLU A 208 11.96 18.15 13.11
CA GLU A 208 12.84 18.59 12.05
C GLU A 208 12.88 17.58 10.91
N LEU A 209 13.05 16.30 11.27
CA LEU A 209 13.12 15.25 10.26
C LEU A 209 11.82 15.17 9.48
N ARG A 210 10.70 15.24 10.21
CA ARG A 210 9.38 15.19 9.57
C ARG A 210 9.21 16.38 8.63
N GLU A 211 9.64 17.56 9.09
CA GLU A 211 9.53 18.77 8.26
C GLU A 211 10.27 18.55 6.94
N ALA A 212 11.38 17.82 6.99
CA ALA A 212 12.16 17.54 5.78
C ALA A 212 11.42 16.50 4.95
N LEU A 213 11.51 15.23 5.37
CA LEU A 213 10.84 14.13 4.65
C LEU A 213 9.58 14.66 3.95
N ASN A 214 8.78 15.45 4.69
CA ASN A 214 7.58 16.03 4.10
C ASN A 214 7.94 17.01 2.98
N LYS A 215 8.94 17.86 3.22
CA LYS A 215 9.39 18.81 2.22
C LYS A 215 9.91 18.07 0.99
N ALA A 216 10.69 17.01 1.23
CA ALA A 216 11.24 16.22 0.13
C ALA A 216 10.12 15.58 -0.67
N PHE A 217 9.09 15.11 0.03
CA PHE A 217 7.95 14.48 -0.62
C PHE A 217 7.26 15.47 -1.56
N ALA A 218 7.10 16.71 -1.08
CA ALA A 218 6.46 17.75 -1.88
C ALA A 218 7.27 18.02 -3.14
N GLU A 219 8.60 18.02 -3.00
CA GLU A 219 9.49 18.25 -4.14
C GLU A 219 9.32 17.13 -5.17
N MET A 220 9.24 15.90 -4.69
CA MET A 220 9.08 14.75 -5.58
C MET A 220 7.83 14.93 -6.43
N ARG A 221 6.78 15.48 -5.83
CA ARG A 221 5.53 15.72 -6.55
C ARG A 221 5.73 16.85 -7.57
N ALA A 222 6.48 17.87 -7.17
CA ALA A 222 6.72 19.02 -8.06
C ALA A 222 7.41 18.57 -9.34
N ASP A 223 8.41 17.72 -9.20
CA ASP A 223 9.15 17.20 -10.35
C ASP A 223 8.50 15.93 -10.88
N GLY A 224 7.40 15.52 -10.25
CA GLY A 224 6.69 14.33 -10.68
C GLY A 224 7.55 13.09 -10.50
N THR A 225 8.56 13.18 -9.65
CA THR A 225 9.46 12.06 -9.42
C THR A 225 8.65 10.85 -8.93
N TYR A 226 7.76 11.08 -7.98
CA TYR A 226 6.93 10.00 -7.46
C TYR A 226 6.03 9.44 -8.55
N GLU A 227 5.20 10.31 -9.13
CA GLU A 227 4.29 9.89 -10.19
C GLU A 227 5.06 9.25 -11.32
N LYS A 228 6.20 9.84 -11.69
CA LYS A 228 7.02 9.32 -12.77
C LYS A 228 7.44 7.88 -12.48
N LEU A 229 7.95 7.64 -11.28
CA LEU A 229 8.37 6.31 -10.89
C LEU A 229 7.18 5.35 -10.90
N ALA A 230 6.04 5.82 -10.41
CA ALA A 230 4.84 4.99 -10.38
C ALA A 230 4.46 4.53 -11.78
N LYS A 231 4.39 5.48 -12.71
CA LYS A 231 4.04 5.15 -14.09
C LYS A 231 5.02 4.14 -14.67
N LYS A 232 6.29 4.25 -14.27
CA LYS A 232 7.30 3.33 -14.76
C LYS A 232 7.12 1.94 -14.17
N TYR A 233 7.00 1.87 -12.85
CA TYR A 233 6.81 0.60 -12.18
C TYR A 233 5.51 -0.06 -12.62
N PHE A 234 4.44 0.74 -12.65
CA PHE A 234 3.14 0.22 -13.06
C PHE A 234 2.28 1.34 -13.64
N ASP A 235 1.32 0.97 -14.48
CA ASP A 235 0.43 1.96 -15.08
C ASP A 235 -0.89 2.04 -14.31
N PHE A 236 -1.00 3.01 -13.43
CA PHE A 236 -2.21 3.18 -12.62
C PHE A 236 -2.34 4.62 -12.16
N ASP A 237 -3.24 4.85 -11.19
CA ASP A 237 -3.46 6.19 -10.66
C ASP A 237 -3.23 6.22 -9.15
N VAL A 238 -2.16 6.88 -8.73
CA VAL A 238 -1.83 6.99 -7.32
C VAL A 238 -2.93 7.75 -6.58
N TYR A 239 -3.43 8.81 -7.20
CA TYR A 239 -4.48 9.62 -6.59
C TYR A 239 -5.70 8.76 -6.28
N GLY A 240 -6.06 7.88 -7.22
CA GLY A 240 -7.21 7.01 -7.03
C GLY A 240 -6.97 6.06 -5.86
N GLY A 241 -5.73 5.60 -5.70
CA GLY A 241 -5.40 4.69 -4.61
C GLY A 241 -6.12 3.36 -4.76
N ALA A 4 20.90 20.58 13.70
CA ALA A 4 21.79 19.63 12.99
C ALA A 4 21.09 18.28 12.87
N ILE A 5 20.99 17.77 11.66
CA ILE A 5 20.35 16.49 11.42
C ILE A 5 21.22 15.34 11.93
N PRO A 6 20.66 14.19 12.07
CA PRO A 6 21.40 12.98 12.54
C PRO A 6 22.55 12.59 11.62
N GLN A 7 23.64 12.13 12.20
CA GLN A 7 24.80 11.73 11.41
C GLN A 7 24.47 10.51 10.55
N ASN A 8 23.72 9.57 11.13
CA ASN A 8 23.34 8.35 10.41
C ASN A 8 21.91 7.98 10.73
N ILE A 9 21.19 7.49 9.73
CA ILE A 9 19.79 7.09 9.91
C ILE A 9 19.65 5.58 9.86
N ARG A 10 19.00 5.00 10.86
CA ARG A 10 18.79 3.56 10.91
C ARG A 10 17.36 3.21 10.53
N ILE A 11 17.22 2.47 9.43
CA ILE A 11 15.90 2.07 8.95
C ILE A 11 15.70 0.57 9.10
N GLY A 12 14.51 0.17 9.52
CA GLY A 12 14.20 -1.25 9.70
C GLY A 12 13.26 -1.72 8.61
N THR A 13 13.79 -2.48 7.65
CA THR A 13 12.98 -3.00 6.55
C THR A 13 13.16 -4.49 6.40
N ASP A 14 12.07 -5.24 6.55
CA ASP A 14 12.12 -6.69 6.42
C ASP A 14 11.30 -7.14 5.21
N PRO A 15 11.95 -7.28 4.07
CA PRO A 15 11.27 -7.72 2.82
C PRO A 15 10.51 -9.03 3.02
N THR A 16 9.28 -9.07 2.52
CA THR A 16 8.45 -10.26 2.64
C THR A 16 7.65 -10.49 1.36
N TYR A 17 7.50 -9.44 0.57
CA TYR A 17 6.75 -9.53 -0.68
C TYR A 17 7.60 -9.06 -1.84
N ALA A 18 8.17 -10.02 -2.58
CA ALA A 18 9.01 -9.69 -3.74
C ALA A 18 8.55 -8.39 -4.39
N PRO A 19 7.35 -8.35 -4.86
CA PRO A 19 6.79 -7.14 -5.53
C PRO A 19 7.01 -5.87 -4.71
N PHE A 20 6.86 -5.98 -3.39
CA PHE A 20 7.06 -4.84 -2.52
C PHE A 20 8.54 -4.59 -2.27
N GLU A 21 9.28 -5.67 -2.06
CA GLU A 21 10.72 -5.57 -1.79
C GLU A 21 11.46 -6.79 -2.30
N SER A 22 12.62 -7.06 -1.71
CA SER A 22 13.41 -8.21 -2.11
C SER A 22 14.85 -8.05 -1.65
N LYS A 23 15.68 -9.06 -1.93
CA LYS A 23 17.09 -9.01 -1.55
C LYS A 23 17.97 -9.49 -2.70
N ASN A 24 19.12 -8.86 -2.85
CA ASN A 24 20.05 -9.24 -3.91
C ASN A 24 21.10 -10.21 -3.39
N SER A 25 21.46 -11.18 -4.22
CA SER A 25 22.46 -12.18 -3.83
C SER A 25 23.83 -11.52 -3.65
N GLN A 26 23.99 -10.34 -4.23
CA GLN A 26 25.25 -9.62 -4.13
C GLN A 26 25.38 -8.94 -2.78
N GLY A 27 24.31 -9.00 -1.99
CA GLY A 27 24.30 -8.39 -0.67
C GLY A 27 23.60 -7.03 -0.70
N GLU A 28 23.25 -6.57 -1.89
CA GLU A 28 22.58 -5.29 -2.04
C GLU A 28 21.09 -5.43 -1.74
N LEU A 29 20.45 -4.31 -1.41
CA LEU A 29 19.02 -4.32 -1.09
C LEU A 29 18.23 -3.59 -2.16
N VAL A 30 17.13 -4.19 -2.59
CA VAL A 30 16.28 -3.58 -3.63
C VAL A 30 14.82 -3.64 -3.22
N GLY A 31 14.04 -2.67 -3.68
CA GLY A 31 12.62 -2.63 -3.37
C GLY A 31 12.04 -1.26 -3.69
N PHE A 32 10.75 -1.23 -4.01
CA PHE A 32 10.08 0.01 -4.34
C PHE A 32 10.17 1.01 -3.19
N ASP A 33 9.99 0.51 -1.99
CA ASP A 33 10.06 1.36 -0.79
C ASP A 33 11.48 1.83 -0.52
N ILE A 34 12.45 1.01 -0.93
CA ILE A 34 13.85 1.33 -0.74
C ILE A 34 14.27 2.52 -1.61
N ASP A 35 13.78 2.53 -2.84
CA ASP A 35 14.12 3.58 -3.78
C ASP A 35 13.67 4.94 -3.24
N LEU A 36 12.51 4.95 -2.58
CA LEU A 36 11.99 6.18 -2.00
C LEU A 36 12.90 6.64 -0.86
N ALA A 37 13.30 5.70 -0.02
CA ALA A 37 14.15 6.04 1.12
C ALA A 37 15.45 6.66 0.65
N LYS A 38 16.03 6.09 -0.42
CA LYS A 38 17.29 6.61 -0.95
C LYS A 38 17.14 8.08 -1.35
N GLU A 39 16.14 8.36 -2.18
CA GLU A 39 15.91 9.74 -2.61
C GLU A 39 15.77 10.66 -1.40
N LEU A 40 15.15 10.15 -0.34
CA LEU A 40 14.99 10.91 0.89
C LEU A 40 16.33 11.12 1.59
N CYS A 41 17.14 10.06 1.63
CA CYS A 41 18.45 10.12 2.28
C CYS A 41 19.26 11.26 1.70
N LYS A 42 19.24 11.39 0.37
CA LYS A 42 19.98 12.46 -0.29
C LYS A 42 19.39 13.82 0.11
N ARG A 43 18.08 13.92 0.05
CA ARG A 43 17.40 15.18 0.41
C ARG A 43 17.72 15.55 1.85
N ILE A 44 17.73 14.55 2.72
CA ILE A 44 18.03 14.78 4.13
C ILE A 44 19.54 14.97 4.33
N ASN A 45 20.31 14.56 3.34
CA ASN A 45 21.77 14.68 3.42
C ASN A 45 22.31 13.90 4.60
N THR A 46 21.94 12.62 4.67
CA THR A 46 22.39 11.75 5.76
C THR A 46 22.59 10.32 5.27
N GLN A 47 23.19 9.49 6.12
CA GLN A 47 23.44 8.10 5.76
C GLN A 47 22.23 7.25 6.13
N CYS A 48 21.90 6.28 5.26
CA CYS A 48 20.77 5.39 5.52
C CYS A 48 21.23 3.95 5.65
N THR A 49 20.76 3.27 6.70
CA THR A 49 21.13 1.87 6.93
C THR A 49 19.89 1.02 7.13
N PHE A 50 19.79 -0.06 6.36
CA PHE A 50 18.63 -0.96 6.46
C PHE A 50 18.94 -2.10 7.42
N VAL A 51 17.98 -2.41 8.29
CA VAL A 51 18.15 -3.50 9.25
C VAL A 51 16.95 -4.44 9.20
N GLU A 52 17.21 -5.72 9.06
CA GLU A 52 16.15 -6.72 9.02
C GLU A 52 15.43 -6.79 10.36
N ASN A 53 14.10 -6.91 10.31
CA ASN A 53 13.31 -7.01 11.52
C ASN A 53 11.82 -7.02 11.19
N PRO A 54 11.08 -7.92 11.77
CA PRO A 54 9.63 -8.06 11.52
C PRO A 54 8.83 -6.88 12.09
N LEU A 55 7.77 -6.49 11.39
CA LEU A 55 6.94 -5.39 11.84
C LEU A 55 6.75 -5.42 13.35
N ASP A 56 6.22 -6.54 13.85
CA ASP A 56 5.98 -6.68 15.28
C ASP A 56 7.19 -6.25 16.08
N ALA A 57 8.36 -6.34 15.47
CA ALA A 57 9.61 -5.96 16.15
C ALA A 57 10.00 -4.53 15.81
N LEU A 58 9.48 -4.03 14.71
CA LEU A 58 9.78 -2.67 14.29
C LEU A 58 9.25 -1.64 15.30
N ILE A 59 8.04 -1.88 15.79
CA ILE A 59 7.43 -0.96 16.75
C ILE A 59 8.27 -0.92 18.03
N PRO A 60 8.48 -2.06 18.63
CA PRO A 60 9.33 -2.18 19.85
C PRO A 60 10.72 -1.59 19.61
N SER A 61 11.30 -1.90 18.45
CA SER A 61 12.64 -1.41 18.10
C SER A 61 12.65 0.11 18.12
N LEU A 62 11.61 0.72 17.54
CA LEU A 62 11.53 2.17 17.51
C LEU A 62 11.54 2.73 18.93
N LYS A 63 10.77 2.11 19.81
CA LYS A 63 10.71 2.54 21.20
C LYS A 63 12.07 2.35 21.87
N ALA A 64 12.72 1.22 21.56
CA ALA A 64 14.02 0.92 22.15
C ALA A 64 15.12 1.75 21.48
N LYS A 65 14.70 2.73 20.68
CA LYS A 65 15.66 3.60 19.99
C LYS A 65 16.61 2.76 19.14
N LYS A 66 16.29 1.49 18.97
CA LYS A 66 17.11 0.59 18.15
C LYS A 66 17.13 1.07 16.70
N ILE A 67 16.01 1.63 16.25
CA ILE A 67 15.91 2.12 14.88
C ILE A 67 15.51 3.59 14.86
N ASP A 68 15.89 4.28 13.81
CA ASP A 68 15.58 5.71 13.68
C ASP A 68 14.28 5.92 12.91
N ALA A 69 13.89 4.92 12.14
CA ALA A 69 12.67 5.01 11.34
C ALA A 69 12.20 3.63 10.92
N ILE A 70 10.92 3.51 10.60
CA ILE A 70 10.35 2.24 10.17
C ILE A 70 9.85 2.33 8.75
N MET A 71 10.30 1.40 7.90
CA MET A 71 9.89 1.39 6.50
C MET A 71 9.38 0.00 6.11
N SER A 72 8.06 -0.11 5.96
CA SER A 72 7.45 -1.39 5.59
C SER A 72 6.06 -1.17 5.00
N SER A 73 5.38 -2.26 4.67
CA SER A 73 4.04 -2.18 4.10
C SER A 73 3.08 -1.58 5.11
N LEU A 74 3.50 -1.54 6.38
CA LEU A 74 2.65 -0.99 7.43
C LEU A 74 1.87 0.22 6.93
N SER A 75 0.54 0.16 7.04
CA SER A 75 -0.30 1.25 6.59
C SER A 75 -0.40 2.32 7.66
N ILE A 76 -0.72 3.55 7.24
CA ILE A 76 -0.85 4.67 8.18
C ILE A 76 -2.31 5.00 8.41
N THR A 77 -2.62 5.48 9.61
CA THR A 77 -3.99 5.85 9.94
C THR A 77 -4.02 6.98 10.96
N GLU A 78 -5.08 7.76 10.94
CA GLU A 78 -5.22 8.88 11.88
C GLU A 78 -4.96 8.43 13.30
N LYS A 79 -5.59 7.31 13.70
CA LYS A 79 -5.42 6.79 15.04
C LYS A 79 -3.95 6.55 15.35
N ARG A 80 -3.22 6.05 14.35
CA ARG A 80 -1.79 5.80 14.51
C ARG A 80 -1.02 7.11 14.65
N GLN A 81 -1.44 8.12 13.89
CA GLN A 81 -0.79 9.42 13.91
C GLN A 81 -0.81 9.99 15.32
N GLN A 82 -1.91 9.75 16.03
CA GLN A 82 -2.05 10.25 17.40
C GLN A 82 -0.95 9.66 18.28
N GLU A 83 -0.48 8.45 17.91
CA GLU A 83 0.57 7.80 18.68
C GLU A 83 1.95 8.33 18.28
N ILE A 84 2.23 8.32 16.97
CA ILE A 84 3.51 8.80 16.47
C ILE A 84 3.30 9.62 15.21
N ALA A 85 4.40 9.93 14.52
CA ALA A 85 4.33 10.72 13.29
C ALA A 85 4.54 9.84 12.07
N PHE A 86 3.87 10.20 10.98
CA PHE A 86 4.00 9.45 9.73
C PHE A 86 4.29 10.38 8.57
N THR A 87 5.01 9.87 7.57
CA THR A 87 5.35 10.67 6.39
C THR A 87 5.83 9.78 5.26
N ASP A 88 6.69 10.32 4.41
CA ASP A 88 7.21 9.56 3.29
C ASP A 88 6.12 8.76 2.60
N LYS A 89 4.87 9.16 2.84
CA LYS A 89 3.72 8.46 2.25
C LYS A 89 4.11 7.81 0.93
N LEU A 90 3.97 6.50 0.86
CA LEU A 90 4.34 5.76 -0.35
C LEU A 90 3.28 5.92 -1.42
N TYR A 91 2.12 5.31 -1.19
CA TYR A 91 1.03 5.40 -2.16
C TYR A 91 -0.32 5.32 -1.45
N ALA A 92 -1.39 5.66 -2.17
CA ALA A 92 -2.73 5.62 -1.61
C ALA A 92 -3.29 4.21 -1.67
N ALA A 93 -3.67 3.67 -0.51
CA ALA A 93 -4.21 2.33 -0.44
C ALA A 93 -5.73 2.37 -0.25
N ASP A 94 -6.43 2.81 -1.28
CA ASP A 94 -7.89 2.89 -1.22
C ASP A 94 -8.51 1.56 -1.60
N SER A 95 -9.07 1.50 -2.81
CA SER A 95 -9.71 0.27 -3.29
C SER A 95 -9.78 0.27 -4.81
N ARG A 96 -10.06 -0.90 -5.38
CA ARG A 96 -10.18 -1.02 -6.82
C ARG A 96 -11.07 -2.21 -7.18
N LEU A 97 -11.81 -2.08 -8.27
CA LEU A 97 -12.68 -3.16 -8.74
C LEU A 97 -12.05 -3.92 -9.89
N VAL A 98 -12.13 -5.25 -9.84
CA VAL A 98 -11.55 -6.08 -10.90
C VAL A 98 -12.64 -6.97 -11.51
N VAL A 99 -13.00 -6.68 -12.75
CA VAL A 99 -14.03 -7.45 -13.43
C VAL A 99 -13.60 -7.80 -14.85
N ALA A 100 -14.31 -8.75 -15.46
CA ALA A 100 -13.99 -9.17 -16.82
C ALA A 100 -14.73 -8.31 -17.85
N LYS A 101 -14.11 -8.13 -19.00
CA LYS A 101 -14.71 -7.32 -20.06
C LYS A 101 -16.09 -7.88 -20.42
N ASN A 102 -16.26 -9.18 -20.23
CA ASN A 102 -17.53 -9.82 -20.56
C ASN A 102 -18.67 -9.19 -19.76
N SER A 103 -18.41 -8.91 -18.48
CA SER A 103 -19.43 -8.30 -17.63
C SER A 103 -19.13 -6.81 -17.46
N ASP A 104 -20.10 -5.97 -17.83
CA ASP A 104 -19.93 -4.53 -17.72
C ASP A 104 -20.34 -4.05 -16.34
N ILE A 105 -19.37 -3.64 -15.54
CA ILE A 105 -19.63 -3.14 -14.19
C ILE A 105 -19.00 -1.78 -13.99
N GLN A 106 -19.80 -0.84 -13.49
CA GLN A 106 -19.31 0.51 -13.25
C GLN A 106 -19.18 0.78 -11.75
N PRO A 107 -18.31 1.66 -11.37
CA PRO A 107 -18.08 2.03 -9.94
C PRO A 107 -19.35 2.55 -9.28
N THR A 108 -20.10 1.64 -8.66
CA THR A 108 -21.33 2.02 -7.99
C THR A 108 -21.89 0.86 -7.18
N VAL A 109 -22.48 1.16 -6.02
CA VAL A 109 -23.06 0.14 -5.17
C VAL A 109 -24.28 -0.47 -5.85
N GLU A 110 -25.01 0.35 -6.60
CA GLU A 110 -26.21 -0.12 -7.27
C GLU A 110 -25.89 -1.30 -8.18
N SER A 111 -25.06 -1.07 -9.18
CA SER A 111 -24.69 -2.12 -10.11
C SER A 111 -24.10 -3.32 -9.39
N LEU A 112 -23.59 -3.08 -8.19
CA LEU A 112 -23.01 -4.14 -7.37
C LEU A 112 -24.09 -5.03 -6.77
N LYS A 113 -25.26 -4.45 -6.56
CA LYS A 113 -26.37 -5.19 -5.96
C LYS A 113 -26.64 -6.46 -6.75
N GLY A 114 -26.80 -7.57 -6.03
CA GLY A 114 -27.08 -8.85 -6.68
C GLY A 114 -25.79 -9.52 -7.14
N LYS A 115 -24.72 -8.75 -7.24
CA LYS A 115 -23.44 -9.27 -7.68
C LYS A 115 -22.67 -9.85 -6.52
N ARG A 116 -21.82 -10.84 -6.80
CA ARG A 116 -21.03 -11.49 -5.76
C ARG A 116 -19.64 -10.87 -5.68
N VAL A 117 -19.17 -10.60 -4.47
CA VAL A 117 -17.86 -10.00 -4.27
C VAL A 117 -17.03 -10.82 -3.29
N GLY A 118 -15.76 -11.03 -3.63
CA GLY A 118 -14.87 -11.80 -2.76
C GLY A 118 -13.91 -10.89 -2.01
N VAL A 119 -13.67 -11.19 -0.74
CA VAL A 119 -12.77 -10.39 0.08
C VAL A 119 -11.77 -11.28 0.81
N LEU A 120 -10.67 -10.69 1.27
CA LEU A 120 -9.66 -11.44 1.99
C LEU A 120 -9.93 -11.39 3.50
N GLN A 121 -10.18 -12.55 4.09
CA GLN A 121 -10.44 -12.63 5.53
C GLN A 121 -9.35 -11.92 6.31
N GLY A 122 -9.69 -11.50 7.53
CA GLY A 122 -8.72 -10.81 8.38
C GLY A 122 -8.35 -9.46 7.80
N THR A 123 -9.36 -8.67 7.46
CA THR A 123 -9.14 -7.35 6.89
C THR A 123 -10.27 -6.39 7.26
N THR A 124 -10.07 -5.11 6.99
CA THR A 124 -11.09 -4.11 7.29
C THR A 124 -12.23 -4.20 6.29
N GLN A 125 -11.93 -4.72 5.09
CA GLN A 125 -12.95 -4.84 4.06
C GLN A 125 -14.08 -5.75 4.52
N GLU A 126 -13.74 -6.97 4.92
CA GLU A 126 -14.74 -7.91 5.38
C GLU A 126 -15.52 -7.33 6.55
N THR A 127 -14.81 -6.90 7.58
CA THR A 127 -15.47 -6.33 8.76
C THR A 127 -16.29 -5.10 8.38
N PHE A 128 -15.66 -4.17 7.69
CA PHE A 128 -16.35 -2.95 7.25
C PHE A 128 -17.49 -3.30 6.31
N GLY A 129 -17.22 -4.21 5.38
CA GLY A 129 -18.24 -4.60 4.40
C GLY A 129 -19.44 -5.23 5.09
N ASN A 130 -19.17 -6.12 6.04
CA ASN A 130 -20.24 -6.79 6.77
C ASN A 130 -21.32 -5.80 7.19
N GLU A 131 -20.99 -4.51 7.13
CA GLU A 131 -21.93 -3.47 7.49
C GLU A 131 -22.10 -2.47 6.36
N HIS A 132 -21.04 -2.22 5.61
CA HIS A 132 -21.09 -1.27 4.51
C HIS A 132 -21.84 -1.83 3.32
N TRP A 133 -21.45 -3.04 2.90
CA TRP A 133 -22.07 -3.69 1.75
C TRP A 133 -23.11 -4.71 2.21
N ALA A 134 -23.46 -4.67 3.48
CA ALA A 134 -24.45 -5.60 4.03
C ALA A 134 -25.87 -5.08 3.77
N PRO A 135 -26.15 -3.88 4.20
CA PRO A 135 -27.48 -3.26 4.03
C PRO A 135 -27.76 -2.86 2.58
N LYS A 136 -26.71 -2.92 1.75
CA LYS A 136 -26.84 -2.55 0.35
C LYS A 136 -27.40 -3.70 -0.46
N GLY A 137 -27.49 -4.87 0.17
CA GLY A 137 -28.01 -6.05 -0.51
C GLY A 137 -26.95 -6.68 -1.41
N ILE A 138 -25.70 -6.59 -0.98
CA ILE A 138 -24.58 -7.14 -1.75
C ILE A 138 -24.01 -8.38 -1.05
N GLU A 139 -23.71 -9.41 -1.83
CA GLU A 139 -23.16 -10.64 -1.27
C GLU A 139 -21.64 -10.55 -1.20
N ILE A 140 -21.10 -10.87 -0.03
CA ILE A 140 -19.65 -10.82 0.18
C ILE A 140 -19.14 -12.14 0.72
N VAL A 141 -18.00 -12.59 0.21
CA VAL A 141 -17.40 -13.85 0.66
C VAL A 141 -15.98 -13.61 1.15
N SER A 142 -15.65 -14.18 2.31
CA SER A 142 -14.33 -14.02 2.88
C SER A 142 -13.43 -15.20 2.52
N TYR A 143 -12.26 -14.89 1.97
CA TYR A 143 -11.31 -15.92 1.57
C TYR A 143 -10.12 -15.93 2.51
N GLN A 144 -9.51 -17.10 2.68
CA GLN A 144 -8.35 -17.24 3.56
C GLN A 144 -7.07 -17.37 2.75
N GLY A 145 -7.18 -17.21 1.44
CA GLY A 145 -6.02 -17.32 0.56
C GLY A 145 -5.99 -16.18 -0.45
N GLN A 146 -4.84 -15.53 -0.57
CA GLN A 146 -4.69 -14.42 -1.51
C GLN A 146 -4.84 -14.92 -2.95
N ASP A 147 -4.17 -16.03 -3.26
CA ASP A 147 -4.22 -16.59 -4.60
C ASP A 147 -5.60 -17.18 -4.88
N ASN A 148 -6.30 -17.54 -3.82
CA ASN A 148 -7.63 -18.11 -3.95
C ASN A 148 -8.60 -17.09 -4.55
N ILE A 149 -8.42 -15.82 -4.17
CA ILE A 149 -9.28 -14.76 -4.67
C ILE A 149 -9.09 -14.57 -6.18
N TYR A 150 -7.84 -14.51 -6.60
CA TYR A 150 -7.53 -14.32 -8.02
C TYR A 150 -8.02 -15.52 -8.83
N SER A 151 -7.88 -16.71 -8.24
CA SER A 151 -8.31 -17.94 -8.92
C SER A 151 -9.80 -17.88 -9.21
N ASP A 152 -10.57 -17.40 -8.24
CA ASP A 152 -12.02 -17.30 -8.41
C ASP A 152 -12.33 -16.28 -9.51
N LEU A 153 -11.63 -15.15 -9.48
CA LEU A 153 -11.85 -14.12 -10.49
C LEU A 153 -11.62 -14.67 -11.88
N THR A 154 -10.49 -15.35 -12.06
CA THR A 154 -10.16 -15.93 -13.35
C THR A 154 -11.20 -16.97 -13.74
N ALA A 155 -11.90 -17.51 -12.74
CA ALA A 155 -12.92 -18.53 -12.98
C ALA A 155 -14.29 -17.87 -13.19
N GLY A 156 -14.40 -16.62 -12.77
CA GLY A 156 -15.66 -15.90 -12.90
C GLY A 156 -16.60 -16.19 -11.74
N ARG A 157 -16.06 -16.81 -10.69
CA ARG A 157 -16.85 -17.14 -9.51
C ARG A 157 -17.21 -15.88 -8.75
N ILE A 158 -16.49 -14.80 -9.02
CA ILE A 158 -16.74 -13.52 -8.36
C ILE A 158 -16.93 -12.41 -9.38
N ASP A 159 -17.92 -11.56 -9.16
CA ASP A 159 -18.21 -10.46 -10.07
C ASP A 159 -17.15 -9.37 -9.96
N ALA A 160 -16.56 -9.25 -8.78
CA ALA A 160 -15.54 -8.24 -8.54
C ALA A 160 -14.94 -8.39 -7.16
N ALA A 161 -13.70 -7.91 -6.98
CA ALA A 161 -13.04 -7.98 -5.69
C ALA A 161 -12.49 -6.61 -5.31
N PHE A 162 -12.65 -6.24 -4.05
CA PHE A 162 -12.17 -4.95 -3.57
C PHE A 162 -10.72 -5.04 -3.15
N GLN A 163 -9.83 -4.55 -4.02
CA GLN A 163 -8.39 -4.59 -3.73
C GLN A 163 -7.77 -3.22 -3.99
N ASP A 164 -6.56 -3.02 -3.50
CA ASP A 164 -5.85 -1.76 -3.69
C ASP A 164 -5.35 -1.65 -5.12
N GLU A 165 -5.20 -0.41 -5.59
CA GLU A 165 -4.72 -0.18 -6.96
C GLU A 165 -3.27 -0.64 -7.11
N VAL A 166 -2.40 -0.13 -6.25
CA VAL A 166 -0.99 -0.48 -6.33
C VAL A 166 -0.80 -1.98 -6.16
N ALA A 167 -1.42 -2.54 -5.12
CA ALA A 167 -1.31 -3.97 -4.87
C ALA A 167 -1.88 -4.76 -6.04
N ALA A 168 -2.97 -4.27 -6.61
CA ALA A 168 -3.60 -4.96 -7.73
C ALA A 168 -2.66 -4.98 -8.93
N SER A 169 -2.35 -3.80 -9.45
CA SER A 169 -1.47 -3.71 -10.61
C SER A 169 -0.12 -4.34 -10.32
N GLU A 170 0.45 -3.99 -9.17
CA GLU A 170 1.75 -4.54 -8.79
C GLU A 170 1.76 -6.04 -8.95
N GLY A 171 0.64 -6.68 -8.62
CA GLY A 171 0.53 -8.12 -8.72
C GLY A 171 -0.40 -8.53 -9.86
N PHE A 172 -1.68 -8.21 -9.71
CA PHE A 172 -2.67 -8.57 -10.71
C PHE A 172 -2.12 -8.37 -12.12
N LEU A 173 -1.95 -7.13 -12.52
CA LEU A 173 -1.46 -6.82 -13.85
C LEU A 173 -0.06 -7.39 -14.06
N LYS A 174 0.76 -7.29 -13.02
CA LYS A 174 2.13 -7.80 -13.11
C LYS A 174 2.13 -9.28 -13.41
N GLN A 175 0.94 -9.87 -13.48
CA GLN A 175 0.81 -11.30 -13.78
C GLN A 175 -0.08 -11.53 -15.00
N PRO A 176 0.27 -12.48 -15.82
CA PRO A 176 -0.52 -12.82 -17.04
C PRO A 176 -2.02 -12.87 -16.76
N VAL A 177 -2.38 -12.92 -15.49
CA VAL A 177 -3.78 -12.98 -15.10
C VAL A 177 -4.51 -11.70 -15.54
N GLY A 178 -3.86 -10.57 -15.34
CA GLY A 178 -4.46 -9.29 -15.71
C GLY A 178 -4.76 -9.22 -17.20
N LYS A 179 -3.92 -9.87 -17.99
CA LYS A 179 -4.11 -9.88 -19.44
C LYS A 179 -5.45 -10.50 -19.81
N ASP A 180 -5.80 -11.59 -19.13
CA ASP A 180 -7.06 -12.26 -19.38
C ASP A 180 -8.24 -11.38 -18.99
N TYR A 181 -8.05 -10.59 -17.94
CA TYR A 181 -9.10 -9.70 -17.47
C TYR A 181 -8.51 -8.54 -16.67
N LYS A 182 -9.12 -7.36 -16.81
CA LYS A 182 -8.65 -6.18 -16.08
C LYS A 182 -9.54 -4.98 -16.38
N PHE A 183 -10.44 -4.68 -15.46
CA PHE A 183 -11.35 -3.55 -15.63
C PHE A 183 -11.91 -3.10 -14.29
N GLY A 184 -12.56 -1.94 -14.28
CA GLY A 184 -13.14 -1.42 -13.04
C GLY A 184 -12.10 -0.71 -12.20
N GLY A 185 -11.42 0.26 -12.79
CA GLY A 185 -10.40 1.01 -12.07
C GLY A 185 -10.92 1.51 -10.73
N PRO A 186 -10.96 2.80 -10.54
CA PRO A 186 -11.46 3.41 -9.27
C PRO A 186 -12.79 2.83 -8.84
N SER A 187 -12.91 2.51 -7.55
CA SER A 187 -14.14 1.94 -7.03
C SER A 187 -14.68 2.75 -5.86
N VAL A 188 -14.57 2.20 -4.66
CA VAL A 188 -15.06 2.87 -3.47
C VAL A 188 -14.50 2.21 -2.22
N LYS A 189 -14.61 2.89 -1.09
CA LYS A 189 -14.13 2.37 0.19
C LYS A 189 -13.78 3.49 1.14
N ASP A 190 -13.81 3.20 2.44
CA ASP A 190 -13.47 4.20 3.45
C ASP A 190 -11.95 4.26 3.61
N GLU A 191 -11.38 5.42 3.32
CA GLU A 191 -9.94 5.62 3.44
C GLU A 191 -9.51 5.66 4.90
N LYS A 192 -10.46 5.92 5.77
CA LYS A 192 -10.17 6.00 7.21
C LYS A 192 -9.68 4.65 7.73
N LEU A 193 -10.18 3.58 7.13
CA LEU A 193 -9.81 2.23 7.57
C LEU A 193 -8.31 2.01 7.43
N PHE A 194 -7.77 2.43 6.30
CA PHE A 194 -6.33 2.28 6.05
C PHE A 194 -5.66 3.65 5.97
N GLY A 195 -6.41 4.69 6.29
CA GLY A 195 -5.88 6.05 6.23
C GLY A 195 -5.71 6.51 4.79
N VAL A 196 -4.79 7.45 4.57
CA VAL A 196 -4.53 7.97 3.25
C VAL A 196 -3.82 6.92 2.40
N GLY A 197 -3.11 6.01 3.05
CA GLY A 197 -2.38 4.96 2.35
C GLY A 197 -1.31 4.36 3.24
N THR A 198 -0.07 4.34 2.75
CA THR A 198 1.04 3.78 3.52
C THR A 198 2.22 4.74 3.53
N GLY A 199 3.11 4.56 4.50
CA GLY A 199 4.28 5.42 4.61
C GLY A 199 5.24 4.91 5.68
N MET A 200 6.15 5.78 6.13
CA MET A 200 7.11 5.39 7.15
C MET A 200 6.65 5.87 8.52
N GLY A 201 6.89 5.04 9.53
CA GLY A 201 6.48 5.39 10.89
C GLY A 201 7.58 6.12 11.62
N LEU A 202 7.35 7.40 11.91
CA LEU A 202 8.34 8.22 12.61
C LEU A 202 7.75 8.76 13.90
N ARG A 203 8.62 9.17 14.82
CA ARG A 203 8.17 9.71 16.11
C ARG A 203 7.90 11.20 15.99
N LYS A 204 6.95 11.70 16.78
CA LYS A 204 6.61 13.12 16.74
C LYS A 204 7.86 13.97 16.92
N GLU A 205 8.67 13.66 17.92
CA GLU A 205 9.89 14.41 18.17
C GLU A 205 10.59 14.76 16.86
N ASP A 206 10.31 14.00 15.81
CA ASP A 206 10.91 14.24 14.51
C ASP A 206 10.33 15.48 13.87
N ASN A 207 10.35 16.59 14.62
CA ASN A 207 9.81 17.84 14.10
C ASN A 207 10.63 18.34 12.92
N GLU A 208 11.95 18.31 13.05
CA GLU A 208 12.82 18.76 11.98
C GLU A 208 12.87 17.75 10.84
N LEU A 209 13.05 16.48 11.21
CA LEU A 209 13.14 15.42 10.21
C LEU A 209 11.83 15.32 9.43
N ARG A 210 10.71 15.38 10.15
CA ARG A 210 9.40 15.31 9.53
C ARG A 210 9.21 16.49 8.59
N GLU A 211 9.61 17.68 9.03
CA GLU A 211 9.48 18.88 8.22
C GLU A 211 10.23 18.69 6.90
N ALA A 212 11.36 18.01 6.95
CA ALA A 212 12.15 17.74 5.73
C ALA A 212 11.45 16.67 4.91
N LEU A 213 11.58 15.41 5.32
CA LEU A 213 10.94 14.30 4.60
C LEU A 213 9.67 14.78 3.90
N ASN A 214 8.85 15.55 4.64
CA ASN A 214 7.63 16.09 4.05
C ASN A 214 7.95 17.06 2.91
N LYS A 215 8.93 17.94 3.14
CA LYS A 215 9.35 18.88 2.11
C LYS A 215 9.89 18.13 0.90
N ALA A 216 10.70 17.11 1.15
CA ALA A 216 11.27 16.31 0.07
C ALA A 216 10.15 15.62 -0.73
N PHE A 217 9.14 15.14 -0.01
CA PHE A 217 8.00 14.49 -0.65
C PHE A 217 7.30 15.46 -1.60
N ALA A 218 7.11 16.69 -1.14
CA ALA A 218 6.45 17.71 -1.96
C ALA A 218 7.26 17.98 -3.22
N GLU A 219 8.58 18.01 -3.08
CA GLU A 219 9.46 18.24 -4.23
C GLU A 219 9.31 17.11 -5.24
N MET A 220 9.26 15.87 -4.75
CA MET A 220 9.13 14.71 -5.61
C MET A 220 7.87 14.86 -6.47
N ARG A 221 6.81 15.39 -5.88
CA ARG A 221 5.56 15.60 -6.60
C ARG A 221 5.73 16.72 -7.64
N ALA A 222 6.47 17.76 -7.26
CA ALA A 222 6.69 18.89 -8.16
C ALA A 222 7.39 18.44 -9.43
N ASP A 223 8.42 17.62 -9.28
CA ASP A 223 9.16 17.10 -10.42
C ASP A 223 8.53 15.82 -10.94
N GLY A 224 7.44 15.39 -10.30
CA GLY A 224 6.75 14.19 -10.72
C GLY A 224 7.62 12.96 -10.52
N THR A 225 8.63 13.08 -9.67
CA THR A 225 9.53 11.96 -9.41
C THR A 225 8.74 10.76 -8.91
N TYR A 226 7.84 11.00 -7.96
CA TYR A 226 7.02 9.91 -7.42
C TYR A 226 6.12 9.33 -8.50
N GLU A 227 5.30 10.18 -9.11
CA GLU A 227 4.40 9.73 -10.17
C GLU A 227 5.18 9.08 -11.29
N LYS A 228 6.32 9.67 -11.65
CA LYS A 228 7.15 9.13 -12.72
C LYS A 228 7.57 7.69 -12.40
N LEU A 229 8.06 7.48 -11.19
CA LEU A 229 8.49 6.15 -10.77
C LEU A 229 7.30 5.19 -10.79
N ALA A 230 6.15 5.67 -10.32
CA ALA A 230 4.95 4.84 -10.29
C ALA A 230 4.58 4.37 -11.69
N LYS A 231 4.53 5.31 -12.63
CA LYS A 231 4.18 4.98 -14.01
C LYS A 231 5.16 3.96 -14.58
N LYS A 232 6.42 4.06 -14.17
CA LYS A 232 7.44 3.14 -14.65
C LYS A 232 7.24 1.75 -14.05
N TYR A 233 7.11 1.69 -12.74
CA TYR A 233 6.92 0.42 -12.06
C TYR A 233 5.61 -0.23 -12.51
N PHE A 234 4.55 0.57 -12.56
CA PHE A 234 3.25 0.06 -12.97
C PHE A 234 2.40 1.19 -13.54
N ASP A 235 1.44 0.83 -14.40
CA ASP A 235 0.56 1.83 -15.00
C ASP A 235 -0.76 1.90 -14.25
N PHE A 236 -0.90 2.91 -13.40
CA PHE A 236 -2.12 3.09 -12.62
C PHE A 236 -2.27 4.53 -12.19
N ASP A 237 -3.17 4.77 -11.23
CA ASP A 237 -3.40 6.12 -10.71
C ASP A 237 -3.18 6.18 -9.21
N VAL A 238 -2.10 6.84 -8.80
CA VAL A 238 -1.78 6.98 -7.39
C VAL A 238 -2.88 7.75 -6.66
N TYR A 239 -3.37 8.81 -7.31
CA TYR A 239 -4.42 9.62 -6.71
C TYR A 239 -5.64 8.77 -6.38
N GLY A 240 -6.02 7.90 -7.31
CA GLY A 240 -7.16 7.03 -7.10
C GLY A 240 -6.92 6.08 -5.93
N GLY A 241 -5.68 5.62 -5.78
CA GLY A 241 -5.33 4.71 -4.70
C GLY A 241 -6.07 3.39 -4.84
N ALA A 4 20.90 20.48 13.83
CA ALA A 4 21.78 19.53 13.09
C ALA A 4 21.07 18.19 12.95
N ILE A 5 20.96 17.71 11.72
CA ILE A 5 20.32 16.43 11.47
C ILE A 5 21.17 15.28 11.98
N PRO A 6 20.59 14.12 12.10
CA PRO A 6 21.31 12.90 12.58
C PRO A 6 22.47 12.52 11.66
N GLN A 7 23.56 12.04 12.26
CA GLN A 7 24.72 11.63 11.49
C GLN A 7 24.40 10.42 10.63
N ASN A 8 23.63 9.48 11.19
CA ASN A 8 23.27 8.26 10.47
C ASN A 8 21.82 7.91 10.75
N ILE A 9 21.13 7.40 9.74
CA ILE A 9 19.72 7.00 9.90
C ILE A 9 19.58 5.49 9.83
N ARG A 10 18.91 4.92 10.83
CA ARG A 10 18.70 3.48 10.87
C ARG A 10 17.27 3.13 10.50
N ILE A 11 17.11 2.37 9.42
CA ILE A 11 15.78 1.98 8.94
C ILE A 11 15.58 0.49 9.10
N GLY A 12 14.39 0.09 9.55
CA GLY A 12 14.08 -1.33 9.73
C GLY A 12 13.15 -1.82 8.64
N THR A 13 13.72 -2.48 7.63
CA THR A 13 12.93 -3.01 6.52
C THR A 13 13.13 -4.51 6.37
N ASP A 14 12.05 -5.26 6.53
CA ASP A 14 12.10 -6.71 6.41
C ASP A 14 11.29 -7.15 5.18
N PRO A 15 11.95 -7.30 4.06
CA PRO A 15 11.28 -7.73 2.80
C PRO A 15 10.53 -9.05 2.98
N THR A 16 9.30 -9.09 2.48
CA THR A 16 8.47 -10.29 2.59
C THR A 16 7.68 -10.52 1.32
N TYR A 17 7.53 -9.45 0.53
CA TYR A 17 6.78 -9.55 -0.72
C TYR A 17 7.63 -9.08 -1.88
N ALA A 18 8.21 -10.02 -2.62
CA ALA A 18 9.04 -9.70 -3.77
C ALA A 18 8.59 -8.40 -4.43
N PRO A 19 7.38 -8.36 -4.90
CA PRO A 19 6.82 -7.15 -5.56
C PRO A 19 7.04 -5.88 -4.75
N PHE A 20 6.89 -5.99 -3.43
CA PHE A 20 7.09 -4.86 -2.55
C PHE A 20 8.57 -4.60 -2.30
N GLU A 21 9.32 -5.68 -2.07
CA GLU A 21 10.74 -5.58 -1.80
C GLU A 21 11.48 -6.80 -2.30
N SER A 22 12.64 -7.08 -1.72
CA SER A 22 13.44 -8.23 -2.12
C SER A 22 14.87 -8.07 -1.65
N LYS A 23 15.71 -9.08 -1.91
CA LYS A 23 17.10 -9.03 -1.52
C LYS A 23 18.00 -9.52 -2.65
N ASN A 24 19.16 -8.89 -2.80
CA ASN A 24 20.09 -9.27 -3.86
C ASN A 24 21.14 -10.24 -3.32
N SER A 25 21.50 -11.22 -4.14
CA SER A 25 22.49 -12.20 -3.74
C SER A 25 23.86 -11.55 -3.55
N GLN A 26 24.03 -10.37 -4.13
CA GLN A 26 25.29 -9.65 -4.02
C GLN A 26 25.40 -8.96 -2.67
N GLY A 27 24.31 -9.00 -1.90
CA GLY A 27 24.29 -8.38 -0.58
C GLY A 27 23.58 -7.02 -0.63
N GLU A 28 23.26 -6.58 -1.84
CA GLU A 28 22.58 -5.31 -2.02
C GLU A 28 21.09 -5.44 -1.71
N LEU A 29 20.45 -4.32 -1.39
CA LEU A 29 19.02 -4.34 -1.08
C LEU A 29 18.23 -3.60 -2.15
N VAL A 30 17.12 -4.20 -2.59
CA VAL A 30 16.30 -3.58 -3.62
C VAL A 30 14.82 -3.64 -3.22
N GLY A 31 14.05 -2.67 -3.68
CA GLY A 31 12.63 -2.62 -3.38
C GLY A 31 12.05 -1.25 -3.71
N PHE A 32 10.76 -1.22 -4.03
CA PHE A 32 10.10 0.03 -4.36
C PHE A 32 10.18 1.02 -3.22
N ASP A 33 10.00 0.53 -2.00
CA ASP A 33 10.06 1.38 -0.82
C ASP A 33 11.50 1.84 -0.54
N ILE A 34 12.45 1.04 -0.96
CA ILE A 34 13.86 1.35 -0.77
C ILE A 34 14.28 2.54 -1.64
N ASP A 35 13.78 2.54 -2.87
CA ASP A 35 14.13 3.61 -3.81
C ASP A 35 13.68 4.96 -3.26
N LEU A 36 12.51 4.97 -2.61
CA LEU A 36 12.00 6.20 -2.03
C LEU A 36 12.91 6.67 -0.88
N ALA A 37 13.31 5.72 -0.04
CA ALA A 37 14.15 6.06 1.11
C ALA A 37 15.46 6.68 0.63
N LYS A 38 16.03 6.11 -0.43
CA LYS A 38 17.29 6.63 -0.96
C LYS A 38 17.15 8.09 -1.36
N GLU A 39 16.15 8.39 -2.18
CA GLU A 39 15.92 9.76 -2.61
C GLU A 39 15.78 10.68 -1.39
N LEU A 40 15.16 10.16 -0.33
CA LEU A 40 15.00 10.94 0.89
C LEU A 40 16.34 11.13 1.59
N CYS A 41 17.14 10.07 1.63
CA CYS A 41 18.45 10.13 2.29
C CYS A 41 19.27 11.28 1.71
N LYS A 42 19.25 11.41 0.39
CA LYS A 42 19.99 12.49 -0.28
C LYS A 42 19.40 13.85 0.14
N ARG A 43 18.08 13.96 0.08
CA ARG A 43 17.42 15.21 0.45
C ARG A 43 17.73 15.56 1.89
N ILE A 44 17.74 14.56 2.76
CA ILE A 44 18.04 14.77 4.17
C ILE A 44 19.54 14.97 4.37
N ASN A 45 20.32 14.54 3.38
CA ASN A 45 21.77 14.66 3.47
C ASN A 45 22.31 13.87 4.65
N THR A 46 21.94 12.60 4.72
CA THR A 46 22.38 11.73 5.81
C THR A 46 22.58 10.30 5.31
N GLN A 47 23.18 9.47 6.16
CA GLN A 47 23.42 8.08 5.80
C GLN A 47 22.22 7.22 6.16
N CYS A 48 21.88 6.27 5.28
CA CYS A 48 20.75 5.38 5.51
C CYS A 48 21.21 3.94 5.64
N THR A 49 20.74 3.27 6.68
CA THR A 49 21.10 1.87 6.91
C THR A 49 19.86 1.02 7.12
N PHE A 50 19.75 -0.06 6.37
CA PHE A 50 18.60 -0.96 6.47
C PHE A 50 18.91 -2.11 7.42
N VAL A 51 17.95 -2.43 8.30
CA VAL A 51 18.13 -3.53 9.25
C VAL A 51 16.93 -4.47 9.20
N GLU A 52 17.20 -5.75 9.04
CA GLU A 52 16.13 -6.75 9.00
C GLU A 52 15.41 -6.83 10.34
N ASN A 53 14.09 -6.96 10.29
CA ASN A 53 13.30 -7.06 11.51
C ASN A 53 11.81 -7.04 11.19
N PRO A 54 11.06 -7.94 11.76
CA PRO A 54 9.60 -8.04 11.51
C PRO A 54 8.82 -6.86 12.10
N LEU A 55 7.77 -6.45 11.40
CA LEU A 55 6.97 -5.33 11.85
C LEU A 55 6.76 -5.38 13.37
N ASP A 56 6.23 -6.49 13.85
CA ASP A 56 5.99 -6.65 15.28
C ASP A 56 7.21 -6.23 16.09
N ALA A 57 8.37 -6.33 15.48
CA ALA A 57 9.62 -5.97 16.16
C ALA A 57 10.02 -4.54 15.82
N LEU A 58 9.50 -4.02 14.72
CA LEU A 58 9.80 -2.66 14.32
C LEU A 58 9.28 -1.64 15.32
N ILE A 59 8.06 -1.86 15.79
CA ILE A 59 7.44 -0.94 16.75
C ILE A 59 8.26 -0.89 18.03
N PRO A 60 8.48 -2.03 18.63
CA PRO A 60 9.32 -2.14 19.86
C PRO A 60 10.71 -1.56 19.63
N SER A 61 11.30 -1.87 18.46
CA SER A 61 12.63 -1.38 18.13
C SER A 61 12.64 0.14 18.14
N LEU A 62 11.62 0.75 17.55
CA LEU A 62 11.52 2.20 17.51
C LEU A 62 11.52 2.77 18.93
N LYS A 63 10.75 2.15 19.81
CA LYS A 63 10.70 2.58 21.20
C LYS A 63 12.06 2.40 21.87
N ALA A 64 12.71 1.27 21.57
CA ALA A 64 14.01 0.97 22.15
C ALA A 64 15.10 1.81 21.49
N LYS A 65 14.69 2.79 20.70
CA LYS A 65 15.64 3.66 20.01
C LYS A 65 16.61 2.84 19.16
N LYS A 66 16.29 1.56 18.98
CA LYS A 66 17.11 0.67 18.17
C LYS A 66 17.13 1.15 16.72
N ILE A 67 16.01 1.71 16.27
CA ILE A 67 15.90 2.21 14.90
C ILE A 67 15.49 3.67 14.89
N ASP A 68 15.88 4.38 13.84
CA ASP A 68 15.54 5.80 13.72
C ASP A 68 14.27 6.00 12.91
N ALA A 69 13.90 4.99 12.14
CA ALA A 69 12.70 5.08 11.32
C ALA A 69 12.24 3.69 10.89
N ILE A 70 10.96 3.57 10.57
CA ILE A 70 10.40 2.29 10.14
C ILE A 70 9.90 2.38 8.70
N MET A 71 10.34 1.45 7.87
CA MET A 71 9.92 1.42 6.47
C MET A 71 9.40 0.04 6.09
N SER A 72 8.08 -0.07 5.93
CA SER A 72 7.46 -1.34 5.58
C SER A 72 6.08 -1.11 4.99
N SER A 73 5.40 -2.20 4.65
CA SER A 73 4.07 -2.11 4.07
C SER A 73 3.10 -1.53 5.09
N LEU A 74 3.51 -1.50 6.36
CA LEU A 74 2.66 -0.96 7.42
C LEU A 74 1.87 0.25 6.92
N SER A 75 0.55 0.17 7.03
CA SER A 75 -0.30 1.27 6.58
C SER A 75 -0.40 2.34 7.65
N ILE A 76 -0.72 3.56 7.24
CA ILE A 76 -0.84 4.68 8.18
C ILE A 76 -2.32 5.01 8.41
N THR A 77 -2.62 5.49 9.60
CA THR A 77 -4.00 5.85 9.95
C THR A 77 -4.03 6.98 10.97
N GLU A 78 -5.09 7.77 10.95
CA GLU A 78 -5.23 8.88 11.88
C GLU A 78 -4.97 8.42 13.32
N LYS A 79 -5.59 7.31 13.70
CA LYS A 79 -5.42 6.78 15.05
C LYS A 79 -3.94 6.54 15.34
N ARG A 80 -3.21 6.05 14.36
CA ARG A 80 -1.79 5.79 14.51
C ARG A 80 -1.01 7.10 14.64
N GLN A 81 -1.44 8.11 13.88
CA GLN A 81 -0.78 9.41 13.91
C GLN A 81 -0.80 9.97 15.32
N GLN A 82 -1.91 9.74 16.03
CA GLN A 82 -2.03 10.23 17.40
C GLN A 82 -0.93 9.63 18.28
N GLU A 83 -0.46 8.44 17.91
CA GLU A 83 0.59 7.78 18.67
C GLU A 83 1.96 8.30 18.27
N ILE A 84 2.24 8.30 16.96
CA ILE A 84 3.52 8.80 16.46
C ILE A 84 3.31 9.63 15.20
N ALA A 85 4.40 9.93 14.50
CA ALA A 85 4.32 10.72 13.28
C ALA A 85 4.54 9.85 12.06
N PHE A 86 3.87 10.20 10.97
CA PHE A 86 3.99 9.46 9.71
C PHE A 86 4.29 10.40 8.55
N THR A 87 5.00 9.89 7.56
CA THR A 87 5.35 10.70 6.38
C THR A 87 5.82 9.81 5.24
N ASP A 88 6.67 10.35 4.39
CA ASP A 88 7.22 9.60 3.26
C ASP A 88 6.12 8.79 2.59
N LYS A 89 4.87 9.18 2.83
CA LYS A 89 3.71 8.48 2.25
C LYS A 89 4.11 7.83 0.92
N LEU A 90 3.97 6.52 0.85
CA LEU A 90 4.34 5.79 -0.36
C LEU A 90 3.28 5.95 -1.43
N TYR A 91 2.12 5.33 -1.21
CA TYR A 91 1.03 5.41 -2.17
C TYR A 91 -0.32 5.33 -1.46
N ALA A 92 -1.38 5.67 -2.19
CA ALA A 92 -2.72 5.63 -1.61
C ALA A 92 -3.28 4.21 -1.66
N ALA A 93 -3.67 3.69 -0.49
CA ALA A 93 -4.21 2.34 -0.40
C ALA A 93 -5.71 2.38 -0.22
N ASP A 94 -6.43 2.82 -1.25
CA ASP A 94 -7.88 2.90 -1.19
C ASP A 94 -8.50 1.56 -1.57
N SER A 95 -9.04 1.49 -2.79
CA SER A 95 -9.67 0.27 -3.26
C SER A 95 -9.75 0.26 -4.79
N ARG A 96 -10.04 -0.90 -5.35
CA ARG A 96 -10.15 -1.02 -6.80
C ARG A 96 -11.05 -2.21 -7.16
N LEU A 97 -11.79 -2.08 -8.26
CA LEU A 97 -12.66 -3.15 -8.72
C LEU A 97 -12.03 -3.91 -9.87
N VAL A 98 -12.11 -5.24 -9.82
CA VAL A 98 -11.53 -6.07 -10.89
C VAL A 98 -12.61 -6.95 -11.49
N VAL A 99 -12.98 -6.66 -12.73
CA VAL A 99 -14.02 -7.43 -13.42
C VAL A 99 -13.60 -7.78 -14.84
N ALA A 100 -14.30 -8.72 -15.46
CA ALA A 100 -14.00 -9.12 -16.82
C ALA A 100 -14.75 -8.27 -17.83
N LYS A 101 -14.15 -8.07 -18.98
CA LYS A 101 -14.76 -7.26 -20.04
C LYS A 101 -16.15 -7.80 -20.37
N ASN A 102 -16.33 -9.11 -20.16
CA ASN A 102 -17.61 -9.75 -20.46
C ASN A 102 -18.72 -9.10 -19.64
N SER A 103 -18.44 -8.81 -18.38
CA SER A 103 -19.43 -8.18 -17.50
C SER A 103 -19.11 -6.70 -17.34
N ASP A 104 -20.08 -5.85 -17.71
CA ASP A 104 -19.89 -4.41 -17.61
C ASP A 104 -20.29 -3.92 -16.22
N ILE A 105 -19.29 -3.52 -15.43
CA ILE A 105 -19.54 -3.02 -14.08
C ILE A 105 -18.86 -1.68 -13.87
N GLN A 106 -19.62 -0.71 -13.36
CA GLN A 106 -19.08 0.62 -13.11
C GLN A 106 -19.00 0.89 -11.62
N PRO A 107 -18.17 1.82 -11.22
CA PRO A 107 -18.00 2.20 -9.79
C PRO A 107 -19.31 2.70 -9.17
N THR A 108 -20.07 1.76 -8.62
CA THR A 108 -21.34 2.10 -7.98
C THR A 108 -21.89 0.92 -7.19
N VAL A 109 -22.48 1.21 -6.04
CA VAL A 109 -23.05 0.17 -5.21
C VAL A 109 -24.27 -0.46 -5.90
N GLU A 110 -24.98 0.36 -6.67
CA GLU A 110 -26.17 -0.10 -7.36
C GLU A 110 -25.83 -1.29 -8.26
N SER A 111 -24.97 -1.06 -9.24
CA SER A 111 -24.60 -2.12 -10.17
C SER A 111 -24.02 -3.32 -9.43
N LEU A 112 -23.54 -3.07 -8.22
CA LEU A 112 -22.98 -4.14 -7.40
C LEU A 112 -24.08 -5.01 -6.80
N LYS A 113 -25.24 -4.42 -6.61
CA LYS A 113 -26.36 -5.14 -6.02
C LYS A 113 -26.63 -6.42 -6.81
N GLY A 114 -26.79 -7.53 -6.08
CA GLY A 114 -27.06 -8.82 -6.71
C GLY A 114 -25.77 -9.49 -7.17
N LYS A 115 -24.70 -8.70 -7.25
CA LYS A 115 -23.42 -9.24 -7.69
C LYS A 115 -22.66 -9.82 -6.52
N ARG A 116 -21.81 -10.80 -6.80
CA ARG A 116 -21.01 -11.44 -5.75
C ARG A 116 -19.62 -10.83 -5.68
N VAL A 117 -19.16 -10.57 -4.47
CA VAL A 117 -17.84 -9.97 -4.26
C VAL A 117 -17.02 -10.80 -3.29
N GLY A 118 -15.74 -11.00 -3.62
CA GLY A 118 -14.85 -11.77 -2.77
C GLY A 118 -13.88 -10.87 -2.02
N VAL A 119 -13.65 -11.17 -0.75
CA VAL A 119 -12.75 -10.37 0.07
C VAL A 119 -11.76 -11.27 0.81
N LEU A 120 -10.66 -10.67 1.27
CA LEU A 120 -9.66 -11.43 1.99
C LEU A 120 -9.92 -11.38 3.50
N GLN A 121 -10.16 -12.55 4.08
CA GLN A 121 -10.43 -12.62 5.51
C GLN A 121 -9.34 -11.91 6.31
N GLY A 122 -9.68 -11.50 7.52
CA GLY A 122 -8.72 -10.82 8.38
C GLY A 122 -8.34 -9.46 7.80
N THR A 123 -9.35 -8.67 7.46
CA THR A 123 -9.12 -7.35 6.89
C THR A 123 -10.27 -6.39 7.26
N THR A 124 -10.07 -5.11 7.00
CA THR A 124 -11.08 -4.11 7.30
C THR A 124 -12.23 -4.20 6.29
N GLN A 125 -11.92 -4.71 5.10
CA GLN A 125 -12.95 -4.82 4.06
C GLN A 125 -14.07 -5.74 4.52
N GLU A 126 -13.72 -6.96 4.91
CA GLU A 126 -14.73 -7.90 5.37
C GLU A 126 -15.52 -7.33 6.53
N THR A 127 -14.82 -6.89 7.57
CA THR A 127 -15.48 -6.33 8.75
C THR A 127 -16.30 -5.10 8.37
N PHE A 128 -15.67 -4.17 7.67
CA PHE A 128 -16.35 -2.96 7.24
C PHE A 128 -17.49 -3.31 6.29
N GLY A 129 -17.23 -4.21 5.35
CA GLY A 129 -18.24 -4.61 4.39
C GLY A 129 -19.44 -5.24 5.07
N ASN A 130 -19.17 -6.13 6.03
CA ASN A 130 -20.24 -6.81 6.75
C ASN A 130 -21.31 -5.82 7.17
N GLU A 131 -20.99 -4.53 7.10
CA GLU A 131 -21.94 -3.49 7.47
C GLU A 131 -22.12 -2.49 6.33
N HIS A 132 -21.05 -2.25 5.59
CA HIS A 132 -21.11 -1.29 4.50
C HIS A 132 -21.85 -1.86 3.30
N TRP A 133 -21.47 -3.06 2.89
CA TRP A 133 -22.09 -3.71 1.74
C TRP A 133 -23.12 -4.74 2.19
N ALA A 134 -23.47 -4.70 3.46
CA ALA A 134 -24.46 -5.62 4.01
C ALA A 134 -25.87 -5.11 3.75
N PRO A 135 -26.16 -3.91 4.18
CA PRO A 135 -27.50 -3.28 4.01
C PRO A 135 -27.76 -2.88 2.57
N LYS A 136 -26.73 -2.94 1.74
CA LYS A 136 -26.85 -2.56 0.34
C LYS A 136 -27.42 -3.72 -0.48
N GLY A 137 -27.51 -4.89 0.14
CA GLY A 137 -28.03 -6.07 -0.53
C GLY A 137 -26.97 -6.69 -1.44
N ILE A 138 -25.71 -6.61 -1.01
CA ILE A 138 -24.61 -7.16 -1.77
C ILE A 138 -24.02 -8.39 -1.08
N GLU A 139 -23.72 -9.42 -1.87
CA GLU A 139 -23.16 -10.65 -1.31
C GLU A 139 -21.65 -10.55 -1.23
N ILE A 140 -21.10 -10.87 -0.06
CA ILE A 140 -19.66 -10.82 0.16
C ILE A 140 -19.14 -12.13 0.69
N VAL A 141 -17.99 -12.58 0.18
CA VAL A 141 -17.40 -13.84 0.62
C VAL A 141 -15.98 -13.60 1.11
N SER A 142 -15.65 -14.16 2.27
CA SER A 142 -14.31 -14.00 2.84
C SER A 142 -13.43 -15.18 2.48
N TYR A 143 -12.25 -14.88 1.93
CA TYR A 143 -11.30 -15.91 1.53
C TYR A 143 -10.11 -15.93 2.48
N GLN A 144 -9.51 -17.11 2.66
CA GLN A 144 -8.36 -17.25 3.55
C GLN A 144 -7.07 -17.37 2.75
N GLY A 145 -7.18 -17.21 1.44
CA GLY A 145 -6.01 -17.30 0.57
C GLY A 145 -5.99 -16.16 -0.45
N GLN A 146 -4.83 -15.52 -0.57
CA GLN A 146 -4.70 -14.41 -1.51
C GLN A 146 -4.83 -14.92 -2.94
N ASP A 147 -4.16 -16.02 -3.25
CA ASP A 147 -4.21 -16.58 -4.59
C ASP A 147 -5.59 -17.17 -4.87
N ASN A 148 -6.29 -17.53 -3.81
CA ASN A 148 -7.62 -18.10 -3.94
C ASN A 148 -8.59 -17.08 -4.54
N ILE A 149 -8.41 -15.82 -4.16
CA ILE A 149 -9.28 -14.75 -4.67
C ILE A 149 -9.10 -14.56 -6.18
N TYR A 150 -7.84 -14.50 -6.60
CA TYR A 150 -7.53 -14.32 -8.01
C TYR A 150 -8.01 -15.52 -8.82
N SER A 151 -7.88 -16.71 -8.24
CA SER A 151 -8.30 -17.94 -8.91
C SER A 151 -9.80 -17.88 -9.20
N ASP A 152 -10.57 -17.41 -8.23
CA ASP A 152 -12.02 -17.29 -8.40
C ASP A 152 -12.34 -16.28 -9.49
N LEU A 153 -11.63 -15.15 -9.47
CA LEU A 153 -11.86 -14.10 -10.47
C LEU A 153 -11.62 -14.66 -11.87
N THR A 154 -10.50 -15.34 -12.05
CA THR A 154 -10.16 -15.92 -13.34
C THR A 154 -11.20 -16.97 -13.73
N ALA A 155 -11.90 -17.51 -12.73
CA ALA A 155 -12.93 -18.51 -12.99
C ALA A 155 -14.29 -17.86 -13.19
N GLY A 156 -14.41 -16.61 -12.76
CA GLY A 156 -15.66 -15.87 -12.90
C GLY A 156 -16.60 -16.16 -11.73
N ARG A 157 -16.06 -16.79 -10.69
CA ARG A 157 -16.85 -17.12 -9.52
C ARG A 157 -17.21 -15.85 -8.74
N ILE A 158 -16.49 -14.77 -9.02
CA ILE A 158 -16.74 -13.49 -8.36
C ILE A 158 -16.92 -12.38 -9.39
N ASP A 159 -17.91 -11.52 -9.15
CA ASP A 159 -18.18 -10.43 -10.07
C ASP A 159 -17.12 -9.34 -9.96
N ALA A 160 -16.53 -9.22 -8.77
CA ALA A 160 -15.51 -8.21 -8.53
C ALA A 160 -14.92 -8.37 -7.14
N ALA A 161 -13.68 -7.90 -6.96
CA ALA A 161 -13.02 -7.97 -5.68
C ALA A 161 -12.46 -6.60 -5.29
N PHE A 162 -12.63 -6.23 -4.02
CA PHE A 162 -12.15 -4.94 -3.56
C PHE A 162 -10.69 -5.04 -3.13
N GLN A 163 -9.79 -4.55 -4.00
CA GLN A 163 -8.36 -4.58 -3.71
C GLN A 163 -7.73 -3.22 -3.97
N ASP A 164 -6.52 -3.02 -3.48
CA ASP A 164 -5.81 -1.76 -3.67
C ASP A 164 -5.31 -1.65 -5.11
N GLU A 165 -5.17 -0.41 -5.59
CA GLU A 165 -4.70 -0.18 -6.94
C GLU A 165 -3.25 -0.63 -7.12
N VAL A 166 -2.38 -0.13 -6.26
CA VAL A 166 -0.97 -0.48 -6.34
C VAL A 166 -0.77 -1.97 -6.17
N ALA A 167 -1.38 -2.53 -5.13
CA ALA A 167 -1.27 -3.96 -4.88
C ALA A 167 -1.84 -4.77 -6.04
N ALA A 168 -2.94 -4.29 -6.60
CA ALA A 168 -3.57 -4.96 -7.71
C ALA A 168 -2.65 -4.98 -8.93
N SER A 169 -2.34 -3.80 -9.45
CA SER A 169 -1.47 -3.71 -10.61
C SER A 169 -0.11 -4.34 -10.33
N GLU A 170 0.47 -4.00 -9.18
CA GLU A 170 1.76 -4.55 -8.81
C GLU A 170 1.76 -6.05 -8.96
N GLY A 171 0.64 -6.68 -8.63
CA GLY A 171 0.54 -8.12 -8.74
C GLY A 171 -0.40 -8.54 -9.86
N PHE A 172 -1.67 -8.21 -9.71
CA PHE A 172 -2.67 -8.57 -10.71
C PHE A 172 -2.13 -8.38 -12.12
N LEU A 173 -1.96 -7.13 -12.52
CA LEU A 173 -1.47 -6.82 -13.85
C LEU A 173 -0.07 -7.39 -14.07
N LYS A 174 0.75 -7.30 -13.04
CA LYS A 174 2.11 -7.80 -13.13
C LYS A 174 2.12 -9.29 -13.43
N GLN A 175 0.93 -9.88 -13.50
CA GLN A 175 0.81 -11.31 -13.79
C GLN A 175 -0.10 -11.54 -15.01
N PRO A 176 0.25 -12.50 -15.84
CA PRO A 176 -0.54 -12.84 -17.04
C PRO A 176 -2.05 -12.88 -16.76
N VAL A 177 -2.40 -12.92 -15.48
CA VAL A 177 -3.80 -12.97 -15.08
C VAL A 177 -4.53 -11.71 -15.53
N GLY A 178 -3.88 -10.56 -15.34
CA GLY A 178 -4.49 -9.29 -15.71
C GLY A 178 -4.80 -9.23 -17.20
N LYS A 179 -3.96 -9.88 -17.99
CA LYS A 179 -4.15 -9.91 -19.44
C LYS A 179 -5.49 -10.53 -19.79
N ASP A 180 -5.84 -11.61 -19.10
CA ASP A 180 -7.10 -12.29 -19.34
C ASP A 180 -8.28 -11.39 -18.96
N TYR A 181 -8.09 -10.60 -17.91
CA TYR A 181 -9.14 -9.71 -17.44
C TYR A 181 -8.55 -8.55 -16.65
N LYS A 182 -9.14 -7.37 -16.79
CA LYS A 182 -8.67 -6.18 -16.09
C LYS A 182 -9.56 -4.98 -16.38
N PHE A 183 -10.46 -4.68 -15.45
CA PHE A 183 -11.38 -3.56 -15.63
C PHE A 183 -11.93 -3.10 -14.28
N GLY A 184 -12.56 -1.93 -14.26
CA GLY A 184 -13.13 -1.41 -13.04
C GLY A 184 -12.09 -0.71 -12.19
N GLY A 185 -11.41 0.26 -12.78
CA GLY A 185 -10.38 1.00 -12.08
C GLY A 185 -10.89 1.51 -10.72
N PRO A 186 -10.94 2.81 -10.54
CA PRO A 186 -11.42 3.41 -9.26
C PRO A 186 -12.76 2.83 -8.83
N SER A 187 -12.88 2.51 -7.54
CA SER A 187 -14.11 1.94 -7.02
C SER A 187 -14.65 2.75 -5.85
N VAL A 188 -14.53 2.20 -4.65
CA VAL A 188 -15.03 2.88 -3.45
C VAL A 188 -14.48 2.22 -2.21
N LYS A 189 -14.60 2.90 -1.07
CA LYS A 189 -14.13 2.37 0.21
C LYS A 189 -13.77 3.50 1.16
N ASP A 190 -13.81 3.20 2.46
CA ASP A 190 -13.47 4.20 3.47
C ASP A 190 -11.95 4.27 3.63
N GLU A 191 -11.39 5.44 3.34
CA GLU A 191 -9.94 5.64 3.45
C GLU A 191 -9.51 5.68 4.92
N LYS A 192 -10.46 5.92 5.80
CA LYS A 192 -10.18 5.99 7.22
C LYS A 192 -9.68 4.65 7.74
N LEU A 193 -10.18 3.57 7.15
CA LEU A 193 -9.81 2.24 7.59
C LEU A 193 -8.31 2.02 7.43
N PHE A 194 -7.77 2.43 6.30
CA PHE A 194 -6.33 2.29 6.05
C PHE A 194 -5.66 3.66 5.96
N GLY A 195 -6.41 4.70 6.29
CA GLY A 195 -5.88 6.06 6.23
C GLY A 195 -5.72 6.51 4.79
N VAL A 196 -4.80 7.45 4.58
CA VAL A 196 -4.54 7.96 3.24
C VAL A 196 -3.83 6.91 2.39
N GLY A 197 -3.13 6.01 3.05
CA GLY A 197 -2.40 4.96 2.35
C GLY A 197 -1.32 4.36 3.24
N THR A 198 -0.08 4.35 2.75
CA THR A 198 1.03 3.79 3.52
C THR A 198 2.22 4.75 3.52
N GLY A 199 3.10 4.58 4.49
CA GLY A 199 4.27 5.45 4.60
C GLY A 199 5.23 4.94 5.66
N MET A 200 6.13 5.81 6.11
CA MET A 200 7.11 5.43 7.13
C MET A 200 6.66 5.90 8.50
N GLY A 201 6.88 5.06 9.51
CA GLY A 201 6.49 5.41 10.87
C GLY A 201 7.59 6.13 11.61
N LEU A 202 7.35 7.41 11.89
CA LEU A 202 8.34 8.23 12.59
C LEU A 202 7.75 8.78 13.89
N ARG A 203 8.61 9.19 14.81
CA ARG A 203 8.16 9.73 16.09
C ARG A 203 7.90 11.22 15.97
N LYS A 204 6.95 11.72 16.76
CA LYS A 204 6.62 13.14 16.72
C LYS A 204 7.87 14.00 16.90
N GLU A 205 8.67 13.67 17.90
CA GLU A 205 9.90 14.43 18.15
C GLU A 205 10.60 14.77 16.85
N ASP A 206 10.31 14.00 15.80
CA ASP A 206 10.92 14.24 14.50
C ASP A 206 10.34 15.50 13.86
N ASN A 207 10.35 16.61 14.60
CA ASN A 207 9.82 17.86 14.09
C ASN A 207 10.63 18.36 12.91
N GLU A 208 11.95 18.33 13.04
CA GLU A 208 12.82 18.79 11.97
C GLU A 208 12.87 17.77 10.84
N LEU A 209 13.06 16.50 11.19
CA LEU A 209 13.14 15.44 10.20
C LEU A 209 11.83 15.34 9.42
N ARG A 210 10.72 15.40 10.14
CA ARG A 210 9.40 15.32 9.52
C ARG A 210 9.22 16.51 8.57
N GLU A 211 9.62 17.69 9.02
CA GLU A 211 9.49 18.90 8.21
C GLU A 211 10.23 18.71 6.88
N ALA A 212 11.38 18.03 6.94
CA ALA A 212 12.16 17.77 5.72
C ALA A 212 11.46 16.70 4.89
N LEU A 213 11.59 15.43 5.31
CA LEU A 213 10.95 14.32 4.59
C LEU A 213 9.67 14.80 3.90
N ASN A 214 8.86 15.57 4.62
CA ASN A 214 7.64 16.11 4.04
C ASN A 214 7.96 17.08 2.89
N LYS A 215 8.93 17.96 3.13
CA LYS A 215 9.35 18.91 2.11
C LYS A 215 9.89 18.16 0.88
N ALA A 216 10.70 17.13 1.14
CA ALA A 216 11.27 16.33 0.04
C ALA A 216 10.15 15.65 -0.74
N PHE A 217 9.14 15.17 -0.03
CA PHE A 217 8.00 14.51 -0.68
C PHE A 217 7.30 15.48 -1.62
N ALA A 218 7.11 16.72 -1.15
CA ALA A 218 6.44 17.73 -1.97
C ALA A 218 7.25 18.01 -3.23
N GLU A 219 8.57 18.03 -3.09
CA GLU A 219 9.46 18.28 -4.24
C GLU A 219 9.30 17.14 -5.25
N MET A 220 9.25 15.91 -4.75
CA MET A 220 9.12 14.74 -5.63
C MET A 220 7.87 14.90 -6.48
N ARG A 221 6.81 15.42 -5.89
CA ARG A 221 5.56 15.63 -6.62
C ARG A 221 5.72 16.75 -7.64
N ALA A 222 6.46 17.80 -7.26
CA ALA A 222 6.68 18.93 -8.16
C ALA A 222 7.38 18.48 -9.45
N ASP A 223 8.41 17.66 -9.29
CA ASP A 223 9.15 17.14 -10.44
C ASP A 223 8.51 15.86 -10.96
N GLY A 224 7.44 15.43 -10.31
CA GLY A 224 6.74 14.23 -10.73
C GLY A 224 7.61 13.00 -10.53
N THR A 225 8.62 13.12 -9.69
CA THR A 225 9.53 12.00 -9.43
C THR A 225 8.74 10.80 -8.92
N TYR A 226 7.84 11.04 -7.97
CA TYR A 226 7.02 9.95 -7.43
C TYR A 226 6.13 9.36 -8.53
N GLU A 227 5.31 10.21 -9.14
CA GLU A 227 4.41 9.77 -10.19
C GLU A 227 5.19 9.10 -11.31
N LYS A 228 6.33 9.70 -11.66
CA LYS A 228 7.16 9.15 -12.74
C LYS A 228 7.58 7.73 -12.42
N LEU A 229 8.08 7.51 -11.21
CA LEU A 229 8.50 6.18 -10.79
C LEU A 229 7.32 5.22 -10.80
N ALA A 230 6.16 5.69 -10.34
CA ALA A 230 4.97 4.86 -10.31
C ALA A 230 4.60 4.39 -11.71
N LYS A 231 4.55 5.34 -12.64
CA LYS A 231 4.20 5.01 -14.01
C LYS A 231 5.17 3.99 -14.59
N LYS A 232 6.44 4.11 -14.18
CA LYS A 232 7.45 3.17 -14.67
C LYS A 232 7.26 1.78 -14.08
N TYR A 233 7.13 1.72 -12.75
CA TYR A 233 6.92 0.44 -12.08
C TYR A 233 5.62 -0.19 -12.53
N PHE A 234 4.56 0.60 -12.58
CA PHE A 234 3.26 0.10 -12.99
C PHE A 234 2.41 1.22 -13.57
N ASP A 235 1.46 0.87 -14.43
CA ASP A 235 0.58 1.86 -15.03
C ASP A 235 -0.75 1.93 -14.28
N PHE A 236 -0.88 2.93 -13.41
CA PHE A 236 -2.10 3.09 -12.63
C PHE A 236 -2.26 4.54 -12.19
N ASP A 237 -3.15 4.76 -11.23
CA ASP A 237 -3.40 6.11 -10.72
C ASP A 237 -3.17 6.16 -9.21
N VAL A 238 -2.09 6.83 -8.80
CA VAL A 238 -1.78 6.96 -7.38
C VAL A 238 -2.87 7.73 -6.65
N TYR A 239 -3.38 8.77 -7.30
CA TYR A 239 -4.43 9.59 -6.69
C TYR A 239 -5.65 8.72 -6.38
N GLY A 240 -6.01 7.85 -7.31
CA GLY A 240 -7.15 6.96 -7.12
C GLY A 240 -6.93 6.03 -5.93
N GLY A 241 -5.69 5.57 -5.78
CA GLY A 241 -5.36 4.67 -4.68
C GLY A 241 -6.09 3.34 -4.82
N ALA A 4 20.94 20.64 13.55
CA ALA A 4 21.77 19.71 12.75
C ALA A 4 21.07 18.37 12.65
N ILE A 5 20.99 17.82 11.45
CA ILE A 5 20.34 16.54 11.23
C ILE A 5 21.22 15.41 11.75
N PRO A 6 20.65 14.24 11.91
CA PRO A 6 21.40 13.04 12.38
C PRO A 6 22.54 12.65 11.44
N GLN A 7 23.64 12.19 12.01
CA GLN A 7 24.79 11.78 11.22
C GLN A 7 24.45 10.55 10.39
N ASN A 8 23.72 9.61 10.99
CA ASN A 8 23.33 8.39 10.29
C ASN A 8 21.90 8.02 10.63
N ILE A 9 21.17 7.54 9.63
CA ILE A 9 19.77 7.14 9.83
C ILE A 9 19.62 5.63 9.77
N ARG A 10 19.00 5.07 10.79
CA ARG A 10 18.79 3.62 10.85
C ARG A 10 17.36 3.28 10.46
N ILE A 11 17.21 2.53 9.37
CA ILE A 11 15.89 2.14 8.89
C ILE A 11 15.68 0.65 9.05
N GLY A 12 14.48 0.25 9.48
CA GLY A 12 14.16 -1.16 9.67
C GLY A 12 13.21 -1.64 8.58
N THR A 13 13.74 -2.40 7.63
CA THR A 13 12.92 -2.93 6.54
C THR A 13 13.10 -4.42 6.39
N ASP A 14 12.00 -5.16 6.55
CA ASP A 14 12.04 -6.61 6.43
C ASP A 14 11.23 -7.05 5.21
N PRO A 15 11.88 -7.20 4.09
CA PRO A 15 11.21 -7.64 2.83
C PRO A 15 10.45 -8.95 3.01
N THR A 16 9.22 -8.98 2.51
CA THR A 16 8.39 -10.18 2.61
C THR A 16 7.60 -10.41 1.34
N TYR A 17 7.44 -9.35 0.55
CA TYR A 17 6.70 -9.43 -0.70
C TYR A 17 7.56 -8.99 -1.87
N ALA A 18 8.12 -9.96 -2.58
CA ALA A 18 8.96 -9.66 -3.74
C ALA A 18 8.53 -8.35 -4.41
N PRO A 19 7.33 -8.31 -4.88
CA PRO A 19 6.78 -7.10 -5.57
C PRO A 19 7.02 -5.82 -4.76
N PHE A 20 6.84 -5.91 -3.46
CA PHE A 20 7.05 -4.75 -2.60
C PHE A 20 8.53 -4.51 -2.34
N GLU A 21 9.26 -5.61 -2.09
CA GLU A 21 10.69 -5.52 -1.81
C GLU A 21 11.42 -6.76 -2.28
N SER A 22 12.55 -7.06 -1.66
CA SER A 22 13.33 -8.23 -2.04
C SER A 22 14.76 -8.10 -1.52
N LYS A 23 15.57 -9.14 -1.76
CA LYS A 23 16.95 -9.13 -1.31
C LYS A 23 17.87 -9.64 -2.42
N ASN A 24 19.07 -9.07 -2.50
CA ASN A 24 20.03 -9.47 -3.51
C ASN A 24 21.01 -10.50 -2.96
N SER A 25 21.25 -11.56 -3.73
CA SER A 25 22.17 -12.60 -3.29
C SER A 25 23.59 -12.06 -3.17
N GLN A 26 23.84 -10.92 -3.81
CA GLN A 26 25.16 -10.30 -3.77
C GLN A 26 25.36 -9.57 -2.44
N GLY A 27 24.30 -9.50 -1.64
CA GLY A 27 24.36 -8.82 -0.36
C GLY A 27 23.72 -7.44 -0.44
N GLU A 28 23.39 -7.01 -1.65
CA GLU A 28 22.77 -5.71 -1.85
C GLU A 28 21.28 -5.77 -1.53
N LEU A 29 20.69 -4.61 -1.24
CA LEU A 29 19.26 -4.55 -0.93
C LEU A 29 18.50 -3.83 -2.02
N VAL A 30 17.40 -4.42 -2.48
CA VAL A 30 16.59 -3.80 -3.53
C VAL A 30 15.11 -3.87 -3.16
N GLY A 31 14.34 -2.90 -3.66
CA GLY A 31 12.92 -2.85 -3.38
C GLY A 31 12.34 -1.49 -3.74
N PHE A 32 11.06 -1.47 -4.09
CA PHE A 32 10.40 -0.22 -4.46
C PHE A 32 10.46 0.78 -3.32
N ASP A 33 10.24 0.30 -2.10
CA ASP A 33 10.27 1.16 -0.93
C ASP A 33 11.69 1.65 -0.64
N ILE A 34 12.67 0.84 -1.01
CA ILE A 34 14.06 1.17 -0.80
C ILE A 34 14.48 2.36 -1.66
N ASP A 35 14.00 2.36 -2.91
CA ASP A 35 14.35 3.41 -3.85
C ASP A 35 13.86 4.77 -3.31
N LEU A 36 12.70 4.77 -2.67
CA LEU A 36 12.16 5.99 -2.11
C LEU A 36 13.07 6.50 -0.98
N ALA A 37 13.50 5.59 -0.11
CA ALA A 37 14.36 5.95 1.00
C ALA A 37 15.62 6.62 0.49
N LYS A 38 16.26 6.01 -0.51
CA LYS A 38 17.49 6.57 -1.07
C LYS A 38 17.27 8.02 -1.48
N GLU A 39 16.26 8.26 -2.31
CA GLU A 39 15.96 9.62 -2.76
C GLU A 39 15.83 10.55 -1.55
N LEU A 40 15.19 10.05 -0.49
CA LEU A 40 15.02 10.84 0.73
C LEU A 40 16.36 11.06 1.42
N CYS A 41 17.17 10.00 1.48
CA CYS A 41 18.49 10.09 2.13
C CYS A 41 19.29 11.25 1.55
N LYS A 42 19.28 11.37 0.22
CA LYS A 42 20.00 12.46 -0.44
C LYS A 42 19.39 13.81 -0.04
N ARG A 43 18.06 13.89 -0.09
CA ARG A 43 17.38 15.13 0.27
C ARG A 43 17.69 15.49 1.71
N ILE A 44 17.70 14.49 2.59
CA ILE A 44 17.98 14.72 4.00
C ILE A 44 19.49 14.95 4.20
N ASN A 45 20.28 14.54 3.22
CA ASN A 45 21.73 14.69 3.30
C ASN A 45 22.28 13.90 4.48
N THR A 46 21.93 12.61 4.55
CA THR A 46 22.39 11.75 5.63
C THR A 46 22.59 10.33 5.14
N GLN A 47 23.17 9.49 5.99
CA GLN A 47 23.41 8.10 5.63
C GLN A 47 22.21 7.24 6.01
N CYS A 48 21.89 6.28 5.14
CA CYS A 48 20.76 5.39 5.40
C CYS A 48 21.21 3.96 5.56
N THR A 49 20.75 3.31 6.62
CA THR A 49 21.12 1.92 6.88
C THR A 49 19.88 1.07 7.08
N PHE A 50 19.78 -0.03 6.32
CA PHE A 50 18.62 -0.92 6.43
C PHE A 50 18.91 -2.06 7.39
N VAL A 51 17.95 -2.35 8.26
CA VAL A 51 18.11 -3.44 9.22
C VAL A 51 16.90 -4.37 9.18
N GLU A 52 17.17 -5.66 9.03
CA GLU A 52 16.10 -6.65 9.00
C GLU A 52 15.36 -6.70 10.33
N ASN A 53 14.04 -6.83 10.27
CA ASN A 53 13.23 -6.89 11.48
C ASN A 53 11.74 -6.88 11.12
N PRO A 54 10.99 -7.81 11.65
CA PRO A 54 9.53 -7.92 11.38
C PRO A 54 8.74 -6.76 11.96
N LEU A 55 7.68 -6.37 11.28
CA LEU A 55 6.85 -5.27 11.74
C LEU A 55 6.66 -5.33 13.25
N ASP A 56 6.13 -6.44 13.74
CA ASP A 56 5.90 -6.60 15.17
C ASP A 56 7.12 -6.18 15.98
N ALA A 57 8.29 -6.29 15.36
CA ALA A 57 9.54 -5.94 16.04
C ALA A 57 9.95 -4.50 15.72
N LEU A 58 9.42 -3.98 14.62
CA LEU A 58 9.73 -2.61 14.23
C LEU A 58 9.21 -1.60 15.26
N ILE A 59 7.99 -1.84 15.73
CA ILE A 59 7.38 -0.93 16.71
C ILE A 59 8.21 -0.90 17.98
N PRO A 60 8.42 -2.04 18.57
CA PRO A 60 9.26 -2.18 19.80
C PRO A 60 10.67 -1.60 19.57
N SER A 61 11.24 -1.91 18.41
CA SER A 61 12.59 -1.42 18.07
C SER A 61 12.60 0.10 18.09
N LEU A 62 11.57 0.71 17.50
CA LEU A 62 11.49 2.16 17.46
C LEU A 62 11.49 2.73 18.88
N LYS A 63 10.72 2.11 19.76
CA LYS A 63 10.67 2.55 21.15
C LYS A 63 12.04 2.35 21.83
N ALA A 64 12.69 1.23 21.51
CA ALA A 64 13.99 0.92 22.09
C ALA A 64 15.07 1.75 21.43
N LYS A 65 14.67 2.73 20.64
CA LYS A 65 15.62 3.59 19.95
C LYS A 65 16.59 2.78 19.11
N LYS A 66 16.26 1.50 18.92
CA LYS A 66 17.08 0.61 18.12
C LYS A 66 17.12 1.09 16.67
N ILE A 67 16.00 1.65 16.21
CA ILE A 67 15.90 2.15 14.83
C ILE A 67 15.51 3.61 14.83
N ASP A 68 15.92 4.32 13.78
CA ASP A 68 15.60 5.74 13.66
C ASP A 68 14.32 5.97 12.88
N ALA A 69 13.94 4.98 12.09
CA ALA A 69 12.74 5.08 11.29
C ALA A 69 12.24 3.70 10.86
N ILE A 70 10.95 3.60 10.56
CA ILE A 70 10.38 2.33 10.13
C ILE A 70 9.88 2.43 8.69
N MET A 71 10.32 1.49 7.86
CA MET A 71 9.91 1.48 6.45
C MET A 71 9.39 0.10 6.07
N SER A 72 8.07 0.00 5.92
CA SER A 72 7.45 -1.27 5.56
C SER A 72 6.05 -1.04 4.98
N SER A 73 5.38 -2.13 4.60
CA SER A 73 4.04 -2.03 4.04
C SER A 73 3.07 -1.47 5.07
N LEU A 74 3.48 -1.47 6.33
CA LEU A 74 2.63 -0.96 7.40
C LEU A 74 1.81 0.24 6.91
N SER A 75 0.49 0.13 7.04
CA SER A 75 -0.39 1.21 6.60
C SER A 75 -0.48 2.29 7.67
N ILE A 76 -0.79 3.51 7.25
CA ILE A 76 -0.91 4.63 8.18
C ILE A 76 -2.36 4.97 8.42
N THR A 77 -2.68 5.44 9.63
CA THR A 77 -4.05 5.81 9.97
C THR A 77 -4.06 6.93 11.00
N GLU A 78 -5.13 7.72 10.98
CA GLU A 78 -5.25 8.84 11.92
C GLU A 78 -5.00 8.37 13.34
N LYS A 79 -5.61 7.27 13.72
CA LYS A 79 -5.45 6.72 15.06
C LYS A 79 -3.96 6.49 15.37
N ARG A 80 -3.24 6.00 14.37
CA ARG A 80 -1.81 5.75 14.54
C ARG A 80 -1.04 7.06 14.66
N GLN A 81 -1.46 8.07 13.91
CA GLN A 81 -0.82 9.37 13.94
C GLN A 81 -0.84 9.94 15.36
N GLN A 82 -1.94 9.70 16.07
CA GLN A 82 -2.07 10.19 17.44
C GLN A 82 -0.98 9.59 18.31
N GLU A 83 -0.50 8.41 17.94
CA GLU A 83 0.55 7.73 18.69
C GLU A 83 1.93 8.25 18.28
N ILE A 84 2.19 8.28 16.97
CA ILE A 84 3.47 8.76 16.47
C ILE A 84 3.26 9.58 15.21
N ALA A 85 4.36 9.88 14.51
CA ALA A 85 4.28 10.67 13.29
C ALA A 85 4.50 9.80 12.07
N PHE A 86 3.84 10.15 10.97
CA PHE A 86 3.97 9.40 9.72
C PHE A 86 4.27 10.35 8.55
N THR A 87 4.99 9.84 7.57
CA THR A 87 5.34 10.64 6.40
C THR A 87 5.81 9.76 5.26
N ASP A 88 6.66 10.31 4.39
CA ASP A 88 7.19 9.55 3.27
C ASP A 88 6.10 8.71 2.63
N LYS A 89 4.85 9.08 2.88
CA LYS A 89 3.70 8.34 2.32
C LYS A 89 4.08 7.72 0.98
N LEU A 90 3.97 6.41 0.88
CA LEU A 90 4.32 5.72 -0.35
C LEU A 90 3.25 5.92 -1.41
N TYR A 91 2.08 5.32 -1.18
CA TYR A 91 0.98 5.44 -2.14
C TYR A 91 -0.37 5.35 -1.42
N ALA A 92 -1.43 5.69 -2.14
CA ALA A 92 -2.77 5.65 -1.56
C ALA A 92 -3.32 4.23 -1.61
N ALA A 93 -3.69 3.71 -0.45
CA ALA A 93 -4.23 2.35 -0.37
C ALA A 93 -5.74 2.38 -0.18
N ASP A 94 -6.45 2.81 -1.22
CA ASP A 94 -7.90 2.88 -1.16
C ASP A 94 -8.52 1.54 -1.55
N SER A 95 -9.06 1.48 -2.77
CA SER A 95 -9.69 0.25 -3.25
C SER A 95 -9.76 0.25 -4.77
N ARG A 96 -10.04 -0.92 -5.34
CA ARG A 96 -10.16 -1.03 -6.78
C ARG A 96 -11.03 -2.23 -7.14
N LEU A 97 -11.79 -2.10 -8.24
CA LEU A 97 -12.65 -3.18 -8.70
C LEU A 97 -12.00 -3.93 -9.86
N VAL A 98 -12.08 -5.26 -9.81
CA VAL A 98 -11.49 -6.09 -10.88
C VAL A 98 -12.58 -6.97 -11.49
N VAL A 99 -12.93 -6.69 -12.74
CA VAL A 99 -13.97 -7.45 -13.42
C VAL A 99 -13.53 -7.81 -14.83
N ALA A 100 -14.23 -8.75 -15.45
CA ALA A 100 -13.91 -9.17 -16.81
C ALA A 100 -14.65 -8.31 -17.83
N LYS A 101 -14.02 -8.10 -18.99
CA LYS A 101 -14.62 -7.30 -20.04
C LYS A 101 -15.99 -7.84 -20.41
N ASN A 102 -16.18 -9.15 -20.23
CA ASN A 102 -17.45 -9.79 -20.56
C ASN A 102 -18.57 -9.15 -19.76
N SER A 103 -18.32 -8.89 -18.48
CA SER A 103 -19.34 -8.27 -17.63
C SER A 103 -19.05 -6.79 -17.45
N ASP A 104 -20.01 -5.95 -17.83
CA ASP A 104 -19.84 -4.50 -17.71
C ASP A 104 -20.26 -4.02 -16.34
N ILE A 105 -19.28 -3.62 -15.53
CA ILE A 105 -19.56 -3.14 -14.18
C ILE A 105 -18.94 -1.76 -13.97
N GLN A 106 -19.74 -0.82 -13.47
CA GLN A 106 -19.24 0.53 -13.22
C GLN A 106 -19.12 0.79 -11.72
N PRO A 107 -18.26 1.68 -11.35
CA PRO A 107 -18.04 2.04 -9.91
C PRO A 107 -19.32 2.56 -9.25
N THR A 108 -20.07 1.66 -8.63
CA THR A 108 -21.30 2.04 -7.97
C THR A 108 -21.86 0.87 -7.16
N VAL A 109 -22.44 1.18 -6.01
CA VAL A 109 -23.03 0.16 -5.15
C VAL A 109 -24.26 -0.47 -5.83
N GLU A 110 -24.99 0.36 -6.58
CA GLU A 110 -26.19 -0.11 -7.25
C GLU A 110 -25.87 -1.28 -8.18
N SER A 111 -25.03 -1.03 -9.18
CA SER A 111 -24.67 -2.07 -10.12
C SER A 111 -24.07 -3.28 -9.41
N LEU A 112 -23.56 -3.05 -8.21
CA LEU A 112 -22.98 -4.12 -7.41
C LEU A 112 -24.05 -5.00 -6.80
N LYS A 113 -25.23 -4.43 -6.60
CA LYS A 113 -26.33 -5.18 -6.00
C LYS A 113 -26.60 -6.46 -6.79
N GLY A 114 -26.75 -7.57 -6.06
CA GLY A 114 -27.02 -8.85 -6.70
C GLY A 114 -25.73 -9.51 -7.16
N LYS A 115 -24.66 -8.73 -7.25
CA LYS A 115 -23.37 -9.25 -7.69
C LYS A 115 -22.61 -9.84 -6.52
N ARG A 116 -21.76 -10.83 -6.81
CA ARG A 116 -20.97 -11.47 -5.76
C ARG A 116 -19.58 -10.85 -5.69
N VAL A 117 -19.12 -10.60 -4.47
CA VAL A 117 -17.80 -10.00 -4.27
C VAL A 117 -16.98 -10.83 -3.30
N GLY A 118 -15.70 -11.03 -3.62
CA GLY A 118 -14.81 -11.80 -2.76
C GLY A 118 -13.85 -10.90 -2.02
N VAL A 119 -13.60 -11.21 -0.75
CA VAL A 119 -12.70 -10.41 0.08
C VAL A 119 -11.71 -11.31 0.80
N LEU A 120 -10.61 -10.72 1.27
CA LEU A 120 -9.59 -11.48 2.00
C LEU A 120 -9.86 -11.43 3.50
N GLN A 121 -10.10 -12.59 4.09
CA GLN A 121 -10.37 -12.67 5.51
C GLN A 121 -9.28 -11.94 6.30
N GLY A 122 -9.62 -11.54 7.53
CA GLY A 122 -8.65 -10.84 8.38
C GLY A 122 -8.30 -9.48 7.80
N THR A 123 -9.33 -8.70 7.47
CA THR A 123 -9.12 -7.38 6.89
C THR A 123 -10.26 -6.43 7.28
N THR A 124 -10.07 -5.15 7.02
CA THR A 124 -11.09 -4.16 7.32
C THR A 124 -12.23 -4.24 6.32
N GLN A 125 -11.92 -4.74 5.11
CA GLN A 125 -12.94 -4.84 4.07
C GLN A 125 -14.07 -5.76 4.52
N GLU A 126 -13.72 -6.99 4.90
CA GLU A 126 -14.73 -7.94 5.34
C GLU A 126 -15.51 -7.39 6.52
N THR A 127 -14.80 -6.96 7.56
CA THR A 127 -15.48 -6.43 8.74
C THR A 127 -16.29 -5.19 8.38
N PHE A 128 -15.66 -4.24 7.71
CA PHE A 128 -16.35 -3.03 7.28
C PHE A 128 -17.49 -3.36 6.34
N GLY A 129 -17.23 -4.25 5.38
CA GLY A 129 -18.24 -4.64 4.41
C GLY A 129 -19.44 -5.28 5.08
N ASN A 130 -19.18 -6.17 6.03
CA ASN A 130 -20.25 -6.85 6.74
C ASN A 130 -21.32 -5.86 7.17
N GLU A 131 -20.99 -4.57 7.11
CA GLU A 131 -21.93 -3.54 7.50
C GLU A 131 -22.10 -2.52 6.37
N HIS A 132 -21.04 -2.26 5.63
CA HIS A 132 -21.09 -1.30 4.55
C HIS A 132 -21.84 -1.85 3.35
N TRP A 133 -21.46 -3.05 2.93
CA TRP A 133 -22.09 -3.69 1.77
C TRP A 133 -23.13 -4.70 2.20
N ALA A 134 -23.48 -4.67 3.48
CA ALA A 134 -24.46 -5.60 4.02
C ALA A 134 -25.88 -5.08 3.76
N PRO A 135 -26.16 -3.88 4.20
CA PRO A 135 -27.50 -3.26 4.02
C PRO A 135 -27.76 -2.85 2.58
N LYS A 136 -26.72 -2.90 1.76
CA LYS A 136 -26.84 -2.52 0.36
C LYS A 136 -27.40 -3.68 -0.47
N GLY A 137 -27.50 -4.85 0.16
CA GLY A 137 -28.02 -6.02 -0.53
C GLY A 137 -26.96 -6.63 -1.44
N ILE A 138 -25.71 -6.55 -1.02
CA ILE A 138 -24.60 -7.11 -1.79
C ILE A 138 -24.03 -8.34 -1.11
N GLU A 139 -23.73 -9.36 -1.91
CA GLU A 139 -23.17 -10.60 -1.37
C GLU A 139 -21.65 -10.51 -1.28
N ILE A 140 -21.11 -10.84 -0.11
CA ILE A 140 -19.66 -10.80 0.09
C ILE A 140 -19.14 -12.11 0.62
N VAL A 141 -17.99 -12.55 0.11
CA VAL A 141 -17.40 -13.81 0.56
C VAL A 141 -15.96 -13.57 1.01
N SER A 142 -15.62 -14.10 2.18
CA SER A 142 -14.28 -13.94 2.72
C SER A 142 -13.42 -15.16 2.43
N TYR A 143 -12.22 -14.94 1.90
CA TYR A 143 -11.31 -16.03 1.58
C TYR A 143 -10.11 -16.00 2.51
N GLN A 144 -9.45 -17.15 2.68
CA GLN A 144 -8.28 -17.25 3.53
C GLN A 144 -7.02 -17.39 2.71
N GLY A 145 -7.15 -17.27 1.39
CA GLY A 145 -6.01 -17.39 0.49
C GLY A 145 -5.95 -16.23 -0.49
N GLN A 146 -4.78 -15.61 -0.61
CA GLN A 146 -4.61 -14.49 -1.52
C GLN A 146 -4.77 -14.94 -2.97
N ASP A 147 -4.12 -16.05 -3.30
CA ASP A 147 -4.19 -16.59 -4.65
C ASP A 147 -5.58 -17.16 -4.94
N ASN A 148 -6.28 -17.53 -3.88
CA ASN A 148 -7.61 -18.09 -4.01
C ASN A 148 -8.57 -17.05 -4.60
N ILE A 149 -8.39 -15.81 -4.20
CA ILE A 149 -9.24 -14.73 -4.69
C ILE A 149 -9.07 -14.50 -6.19
N TYR A 150 -7.81 -14.43 -6.61
CA TYR A 150 -7.49 -14.22 -8.02
C TYR A 150 -7.99 -15.40 -8.85
N SER A 151 -7.85 -16.61 -8.29
CA SER A 151 -8.28 -17.82 -8.98
C SER A 151 -9.77 -17.76 -9.26
N ASP A 152 -10.55 -17.30 -8.28
CA ASP A 152 -11.99 -17.19 -8.44
C ASP A 152 -12.31 -16.17 -9.54
N LEU A 153 -11.64 -15.02 -9.51
CA LEU A 153 -11.87 -13.98 -10.51
C LEU A 153 -11.61 -14.54 -11.90
N THR A 154 -10.47 -15.21 -12.07
CA THR A 154 -10.13 -15.79 -13.36
C THR A 154 -11.15 -16.86 -13.75
N ALA A 155 -11.83 -17.41 -12.75
CA ALA A 155 -12.84 -18.44 -13.00
C ALA A 155 -14.21 -17.81 -13.21
N GLY A 156 -14.36 -16.57 -12.76
CA GLY A 156 -15.63 -15.86 -12.91
C GLY A 156 -16.56 -16.16 -11.74
N ARG A 157 -16.00 -16.78 -10.69
CA ARG A 157 -16.78 -17.12 -9.51
C ARG A 157 -17.15 -15.85 -8.73
N ILE A 158 -16.44 -14.76 -9.02
CA ILE A 158 -16.69 -13.49 -8.35
C ILE A 158 -16.88 -12.38 -9.38
N ASP A 159 -17.87 -11.52 -9.16
CA ASP A 159 -18.14 -10.43 -10.08
C ASP A 159 -17.09 -9.34 -9.96
N ALA A 160 -16.49 -9.23 -8.78
CA ALA A 160 -15.47 -8.22 -8.54
C ALA A 160 -14.87 -8.37 -7.14
N ALA A 161 -13.64 -7.89 -6.97
CA ALA A 161 -12.99 -7.96 -5.67
C ALA A 161 -12.44 -6.59 -5.29
N PHE A 162 -12.61 -6.22 -4.02
CA PHE A 162 -12.13 -4.94 -3.55
C PHE A 162 -10.68 -5.03 -3.12
N GLN A 163 -9.78 -4.52 -3.97
CA GLN A 163 -8.35 -4.55 -3.68
C GLN A 163 -7.72 -3.18 -3.95
N ASP A 164 -6.51 -2.98 -3.45
CA ASP A 164 -5.81 -1.72 -3.66
C ASP A 164 -5.32 -1.60 -5.09
N GLU A 165 -5.18 -0.38 -5.57
CA GLU A 165 -4.72 -0.14 -6.93
C GLU A 165 -3.27 -0.58 -7.10
N VAL A 166 -2.39 -0.05 -6.25
CA VAL A 166 -0.98 -0.40 -6.34
C VAL A 166 -0.78 -1.89 -6.16
N ALA A 167 -1.37 -2.45 -5.12
CA ALA A 167 -1.25 -3.88 -4.85
C ALA A 167 -1.82 -4.69 -6.01
N ALA A 168 -2.93 -4.22 -6.57
CA ALA A 168 -3.56 -4.91 -7.68
C ALA A 168 -2.64 -4.93 -8.90
N SER A 169 -2.34 -3.75 -9.43
CA SER A 169 -1.47 -3.65 -10.59
C SER A 169 -0.11 -4.27 -10.31
N GLU A 170 0.48 -3.91 -9.17
CA GLU A 170 1.78 -4.44 -8.80
C GLU A 170 1.80 -5.95 -8.96
N GLY A 171 0.69 -6.59 -8.63
CA GLY A 171 0.59 -8.04 -8.72
C GLY A 171 -0.35 -8.45 -9.84
N PHE A 172 -1.62 -8.14 -9.69
CA PHE A 172 -2.62 -8.51 -10.68
C PHE A 172 -2.09 -8.31 -12.10
N LEU A 173 -1.95 -7.07 -12.51
CA LEU A 173 -1.47 -6.76 -13.84
C LEU A 173 -0.06 -7.32 -14.05
N LYS A 174 0.77 -7.20 -13.03
CA LYS A 174 2.15 -7.69 -13.12
C LYS A 174 2.17 -9.17 -13.41
N GLN A 175 0.98 -9.77 -13.48
CA GLN A 175 0.87 -11.20 -13.76
C GLN A 175 -0.01 -11.46 -14.97
N PRO A 176 0.27 -12.50 -15.72
CA PRO A 176 -0.52 -12.87 -16.92
C PRO A 176 -2.03 -12.90 -16.63
N VAL A 177 -2.38 -13.00 -15.36
CA VAL A 177 -3.77 -13.06 -14.97
C VAL A 177 -4.49 -11.79 -15.38
N GLY A 178 -3.84 -10.64 -15.17
CA GLY A 178 -4.44 -9.37 -15.52
C GLY A 178 -4.72 -9.26 -17.00
N LYS A 179 -3.87 -9.88 -17.81
CA LYS A 179 -4.04 -9.85 -19.26
C LYS A 179 -5.37 -10.48 -19.66
N ASP A 180 -5.71 -11.58 -19.01
CA ASP A 180 -6.97 -12.25 -19.30
C ASP A 180 -8.15 -11.37 -18.91
N TYR A 181 -7.97 -10.58 -17.85
CA TYR A 181 -9.03 -9.70 -17.37
C TYR A 181 -8.45 -8.53 -16.59
N LYS A 182 -9.05 -7.35 -16.74
CA LYS A 182 -8.57 -6.17 -16.03
C LYS A 182 -9.47 -4.97 -16.33
N PHE A 183 -10.39 -4.67 -15.42
CA PHE A 183 -11.30 -3.55 -15.60
C PHE A 183 -11.86 -3.10 -14.26
N GLY A 184 -12.50 -1.93 -14.24
CA GLY A 184 -13.10 -1.41 -13.02
C GLY A 184 -12.05 -0.71 -12.16
N GLY A 185 -11.38 0.28 -12.74
CA GLY A 185 -10.36 1.02 -12.03
C GLY A 185 -10.88 1.51 -10.68
N PRO A 186 -10.93 2.81 -10.48
CA PRO A 186 -11.43 3.41 -9.21
C PRO A 186 -12.77 2.83 -8.80
N SER A 187 -12.90 2.50 -7.51
CA SER A 187 -14.12 1.93 -6.99
C SER A 187 -14.67 2.72 -5.82
N VAL A 188 -14.56 2.16 -4.61
CA VAL A 188 -15.06 2.84 -3.42
C VAL A 188 -14.51 2.17 -2.17
N LYS A 189 -14.62 2.85 -1.03
CA LYS A 189 -14.15 2.32 0.23
C LYS A 189 -13.81 3.44 1.19
N ASP A 190 -13.84 3.15 2.49
CA ASP A 190 -13.50 4.15 3.50
C ASP A 190 -11.98 4.22 3.68
N GLU A 191 -11.42 5.39 3.38
CA GLU A 191 -9.98 5.58 3.50
C GLU A 191 -9.56 5.65 4.96
N LYS A 192 -10.52 5.87 5.84
CA LYS A 192 -10.25 5.96 7.27
C LYS A 192 -9.74 4.62 7.79
N LEU A 193 -10.23 3.54 7.21
CA LEU A 193 -9.84 2.21 7.66
C LEU A 193 -8.34 2.00 7.51
N PHE A 194 -7.81 2.41 6.36
CA PHE A 194 -6.38 2.28 6.11
C PHE A 194 -5.72 3.66 6.01
N GLY A 195 -6.47 4.69 6.35
CA GLY A 195 -5.95 6.05 6.29
C GLY A 195 -5.79 6.50 4.84
N VAL A 196 -4.87 7.43 4.61
CA VAL A 196 -4.61 7.93 3.27
C VAL A 196 -3.91 6.86 2.42
N GLY A 197 -3.22 5.95 3.09
CA GLY A 197 -2.50 4.89 2.39
C GLY A 197 -1.42 4.29 3.28
N THR A 198 -0.18 4.31 2.79
CA THR A 198 0.94 3.77 3.56
C THR A 198 2.08 4.77 3.62
N GLY A 199 2.93 4.64 4.64
CA GLY A 199 4.05 5.56 4.81
C GLY A 199 5.03 5.02 5.83
N MET A 200 5.98 5.86 6.24
CA MET A 200 6.99 5.46 7.21
C MET A 200 6.58 5.88 8.61
N GLY A 201 6.80 5.01 9.59
CA GLY A 201 6.43 5.30 10.97
C GLY A 201 7.53 6.05 11.68
N LEU A 202 7.31 7.34 11.93
CA LEU A 202 8.29 8.17 12.61
C LEU A 202 7.70 8.71 13.90
N ARG A 203 8.57 9.14 14.83
CA ARG A 203 8.12 9.68 16.10
C ARG A 203 7.87 11.19 15.98
N LYS A 204 6.92 11.69 16.76
CA LYS A 204 6.60 13.11 16.73
C LYS A 204 7.85 13.95 16.90
N GLU A 205 8.65 13.62 17.91
CA GLU A 205 9.88 14.36 18.17
C GLU A 205 10.59 14.71 16.86
N ASP A 206 10.31 13.93 15.81
CA ASP A 206 10.92 14.17 14.52
C ASP A 206 10.36 15.42 13.87
N ASN A 207 10.38 16.53 14.62
CA ASN A 207 9.86 17.78 14.11
C ASN A 207 10.68 18.29 12.92
N GLU A 208 12.00 18.22 13.05
CA GLU A 208 12.88 18.66 11.98
C GLU A 208 12.92 17.65 10.85
N LEU A 209 13.09 16.39 11.20
CA LEU A 209 13.15 15.32 10.20
C LEU A 209 11.84 15.24 9.43
N ARG A 210 10.74 15.31 10.16
CA ARG A 210 9.41 15.25 9.53
C ARG A 210 9.24 16.44 8.59
N GLU A 211 9.66 17.62 9.03
CA GLU A 211 9.54 18.82 8.23
C GLU A 211 10.28 18.62 6.89
N ALA A 212 11.40 17.92 6.94
CA ALA A 212 12.19 17.65 5.73
C ALA A 212 11.47 16.59 4.90
N LEU A 213 11.58 15.32 5.31
CA LEU A 213 10.93 14.23 4.59
C LEU A 213 9.66 14.72 3.90
N ASN A 214 8.85 15.50 4.63
CA ASN A 214 7.63 16.07 4.06
C ASN A 214 7.98 17.04 2.93
N LYS A 215 8.96 17.90 3.16
CA LYS A 215 9.40 18.85 2.15
C LYS A 215 9.92 18.11 0.92
N ALA A 216 10.71 17.07 1.16
CA ALA A 216 11.27 16.28 0.06
C ALA A 216 10.15 15.61 -0.73
N PHE A 217 9.12 15.14 -0.02
CA PHE A 217 7.98 14.50 -0.66
C PHE A 217 7.28 15.49 -1.60
N ALA A 218 7.11 16.72 -1.12
CA ALA A 218 6.45 17.75 -1.91
C ALA A 218 7.26 18.04 -3.17
N GLU A 219 8.58 18.05 -3.04
CA GLU A 219 9.46 18.29 -4.18
C GLU A 219 9.29 17.17 -5.21
N MET A 220 9.23 15.94 -4.73
CA MET A 220 9.09 14.78 -5.61
C MET A 220 7.83 14.95 -6.46
N ARG A 221 6.78 15.49 -5.86
CA ARG A 221 5.53 15.72 -6.58
C ARG A 221 5.70 16.86 -7.61
N ALA A 222 6.45 17.89 -7.22
CA ALA A 222 6.68 19.02 -8.10
C ALA A 222 7.37 18.58 -9.38
N ASP A 223 8.39 17.73 -9.24
CA ASP A 223 9.13 17.23 -10.39
C ASP A 223 8.48 15.95 -10.92
N GLY A 224 7.39 15.53 -10.28
CA GLY A 224 6.68 14.34 -10.71
C GLY A 224 7.54 13.09 -10.53
N THR A 225 8.56 13.20 -9.68
CA THR A 225 9.47 12.08 -9.44
C THR A 225 8.66 10.88 -8.95
N TYR A 226 7.78 11.11 -7.98
CA TYR A 226 6.96 10.02 -7.46
C TYR A 226 6.04 9.46 -8.55
N GLU A 227 5.22 10.32 -9.13
CA GLU A 227 4.30 9.89 -10.18
C GLU A 227 5.08 9.24 -11.32
N LYS A 228 6.21 9.84 -11.68
CA LYS A 228 7.03 9.32 -12.77
C LYS A 228 7.46 7.88 -12.49
N LEU A 229 7.96 7.66 -11.27
CA LEU A 229 8.39 6.32 -10.89
C LEU A 229 7.20 5.36 -10.90
N ALA A 230 6.06 5.83 -10.40
CA ALA A 230 4.86 5.00 -10.36
C ALA A 230 4.47 4.54 -11.77
N LYS A 231 4.41 5.48 -12.69
CA LYS A 231 4.05 5.16 -14.07
C LYS A 231 5.02 4.15 -14.65
N LYS A 232 6.29 4.26 -14.26
CA LYS A 232 7.30 3.34 -14.76
C LYS A 232 7.11 1.94 -14.17
N TYR A 233 7.00 1.87 -12.85
CA TYR A 233 6.81 0.59 -12.18
C TYR A 233 5.51 -0.06 -12.63
N PHE A 234 4.44 0.73 -12.66
CA PHE A 234 3.14 0.22 -13.07
C PHE A 234 2.28 1.34 -13.63
N ASP A 235 1.31 0.98 -14.47
CA ASP A 235 0.42 1.98 -15.06
C ASP A 235 -0.89 2.04 -14.28
N PHE A 236 -1.00 3.04 -13.40
CA PHE A 236 -2.21 3.21 -12.60
C PHE A 236 -2.35 4.64 -12.14
N ASP A 237 -3.23 4.87 -11.17
CA ASP A 237 -3.45 6.22 -10.64
C ASP A 237 -3.22 6.26 -9.13
N VAL A 238 -2.15 6.93 -8.73
CA VAL A 238 -1.83 7.04 -7.31
C VAL A 238 -2.92 7.80 -6.57
N TYR A 239 -3.44 8.85 -7.19
CA TYR A 239 -4.49 9.65 -6.59
C TYR A 239 -5.71 8.78 -6.28
N GLY A 240 -6.06 7.91 -7.23
CA GLY A 240 -7.21 7.02 -7.04
C GLY A 240 -6.97 6.07 -5.87
N GLY A 241 -5.72 5.62 -5.72
CA GLY A 241 -5.38 4.70 -4.65
C GLY A 241 -6.11 3.37 -4.80
N ALA A 4 20.93 20.50 13.82
CA ALA A 4 21.79 19.56 13.04
C ALA A 4 21.09 18.21 12.92
N ILE A 5 20.99 17.71 11.69
CA ILE A 5 20.34 16.44 11.45
C ILE A 5 21.21 15.29 11.96
N PRO A 6 20.63 14.13 12.09
CA PRO A 6 21.37 12.92 12.57
C PRO A 6 22.52 12.54 11.63
N GLN A 7 23.61 12.06 12.22
CA GLN A 7 24.76 11.65 11.43
C GLN A 7 24.43 10.44 10.57
N ASN A 8 23.68 9.50 11.14
CA ASN A 8 23.29 8.30 10.40
C ASN A 8 21.84 7.92 10.71
N ILE A 9 21.14 7.42 9.71
CA ILE A 9 19.74 7.03 9.88
C ILE A 9 19.60 5.51 9.82
N ARG A 10 18.94 4.95 10.83
CA ARG A 10 18.74 3.50 10.87
C ARG A 10 17.30 3.16 10.50
N ILE A 11 17.14 2.40 9.41
CA ILE A 11 15.82 2.01 8.94
C ILE A 11 15.62 0.51 9.11
N GLY A 12 14.43 0.11 9.55
CA GLY A 12 14.12 -1.31 9.73
C GLY A 12 13.18 -1.79 8.65
N THR A 13 13.73 -2.48 7.64
CA THR A 13 12.93 -2.99 6.54
C THR A 13 13.12 -4.50 6.39
N ASP A 14 12.02 -5.24 6.55
CA ASP A 14 12.07 -6.69 6.42
C ASP A 14 11.26 -7.13 5.20
N PRO A 15 11.91 -7.28 4.08
CA PRO A 15 11.23 -7.72 2.82
C PRO A 15 10.47 -9.02 3.01
N THR A 16 9.23 -9.05 2.51
CA THR A 16 8.41 -10.25 2.62
C THR A 16 7.62 -10.48 1.35
N TYR A 17 7.47 -9.42 0.54
CA TYR A 17 6.74 -9.53 -0.71
C TYR A 17 7.61 -9.07 -1.87
N ALA A 18 8.20 -10.03 -2.59
CA ALA A 18 9.04 -9.72 -3.74
C ALA A 18 8.60 -8.40 -4.41
N PRO A 19 7.40 -8.37 -4.90
CA PRO A 19 6.85 -7.16 -5.58
C PRO A 19 7.06 -5.89 -4.76
N PHE A 20 6.89 -5.99 -3.46
CA PHE A 20 7.08 -4.85 -2.57
C PHE A 20 8.56 -4.59 -2.32
N GLU A 21 9.29 -5.68 -2.07
CA GLU A 21 10.72 -5.57 -1.77
C GLU A 21 11.47 -6.80 -2.26
N SER A 22 12.62 -7.08 -1.65
CA SER A 22 13.42 -8.24 -2.04
C SER A 22 14.84 -8.09 -1.54
N LYS A 23 15.67 -9.10 -1.78
CA LYS A 23 17.06 -9.07 -1.35
C LYS A 23 17.97 -9.54 -2.48
N ASN A 24 19.11 -8.87 -2.64
CA ASN A 24 20.07 -9.22 -3.68
C ASN A 24 21.09 -10.23 -3.15
N SER A 25 21.39 -11.24 -3.95
CA SER A 25 22.35 -12.26 -3.55
C SER A 25 23.74 -11.65 -3.40
N GLN A 26 23.94 -10.48 -4.01
CA GLN A 26 25.22 -9.79 -3.94
C GLN A 26 25.38 -9.08 -2.61
N GLY A 27 24.31 -9.07 -1.82
CA GLY A 27 24.33 -8.41 -0.51
C GLY A 27 23.63 -7.06 -0.58
N GLU A 28 23.28 -6.64 -1.79
CA GLU A 28 22.60 -5.36 -1.98
C GLU A 28 21.12 -5.50 -1.68
N LEU A 29 20.47 -4.38 -1.36
CA LEU A 29 19.04 -4.38 -1.05
C LEU A 29 18.27 -3.65 -2.12
N VAL A 30 17.16 -4.24 -2.55
CA VAL A 30 16.32 -3.62 -3.59
C VAL A 30 14.85 -3.67 -3.19
N GLY A 31 14.08 -2.71 -3.66
CA GLY A 31 12.66 -2.65 -3.34
C GLY A 31 12.09 -1.28 -3.69
N PHE A 32 10.80 -1.25 -4.01
CA PHE A 32 10.13 0.00 -4.36
C PHE A 32 10.23 0.99 -3.21
N ASP A 33 10.03 0.51 -1.99
CA ASP A 33 10.10 1.35 -0.81
C ASP A 33 11.52 1.83 -0.53
N ILE A 34 12.48 1.02 -0.94
CA ILE A 34 13.90 1.34 -0.75
C ILE A 34 14.31 2.52 -1.63
N ASP A 35 13.81 2.53 -2.86
CA ASP A 35 14.15 3.60 -3.80
C ASP A 35 13.69 4.94 -3.26
N LEU A 36 12.53 4.95 -2.60
CA LEU A 36 12.02 6.18 -2.02
C LEU A 36 12.92 6.66 -0.88
N ALA A 37 13.33 5.72 -0.04
CA ALA A 37 14.19 6.05 1.10
C ALA A 37 15.48 6.69 0.61
N LYS A 38 16.07 6.10 -0.43
CA LYS A 38 17.33 6.64 -0.97
C LYS A 38 17.16 8.10 -1.36
N GLU A 39 16.16 8.38 -2.19
CA GLU A 39 15.91 9.76 -2.62
C GLU A 39 15.77 10.68 -1.41
N LEU A 40 15.16 10.16 -0.34
CA LEU A 40 14.99 10.94 0.88
C LEU A 40 16.33 11.14 1.58
N CYS A 41 17.14 10.07 1.61
CA CYS A 41 18.45 10.13 2.26
C CYS A 41 19.26 11.29 1.69
N LYS A 42 19.24 11.42 0.36
CA LYS A 42 19.97 12.51 -0.30
C LYS A 42 19.38 13.85 0.12
N ARG A 43 18.06 13.96 0.06
CA ARG A 43 17.39 15.21 0.43
C ARG A 43 17.71 15.57 1.87
N ILE A 44 17.72 14.56 2.74
CA ILE A 44 18.02 14.77 4.14
C ILE A 44 19.52 14.97 4.35
N ASN A 45 20.31 14.56 3.36
CA ASN A 45 21.76 14.67 3.44
C ASN A 45 22.29 13.88 4.62
N THR A 46 21.92 12.60 4.68
CA THR A 46 22.36 11.73 5.77
C THR A 46 22.57 10.31 5.27
N GLN A 47 23.16 9.46 6.11
CA GLN A 47 23.41 8.08 5.74
C GLN A 47 22.20 7.22 6.11
N CYS A 48 21.87 6.27 5.24
CA CYS A 48 20.73 5.38 5.48
C CYS A 48 21.19 3.94 5.60
N THR A 49 20.72 3.27 6.66
CA THR A 49 21.09 1.87 6.89
C THR A 49 19.85 1.02 7.10
N PHE A 50 19.74 -0.07 6.34
CA PHE A 50 18.59 -0.96 6.46
C PHE A 50 18.89 -2.10 7.40
N VAL A 51 17.94 -2.42 8.27
CA VAL A 51 18.12 -3.52 9.22
C VAL A 51 16.92 -4.46 9.18
N GLU A 52 17.19 -5.75 9.03
CA GLU A 52 16.12 -6.74 8.98
C GLU A 52 15.41 -6.83 10.32
N ASN A 53 14.08 -6.95 10.28
CA ASN A 53 13.30 -7.05 11.50
C ASN A 53 11.81 -7.03 11.18
N PRO A 54 11.05 -7.93 11.75
CA PRO A 54 9.59 -8.03 11.51
C PRO A 54 8.83 -6.84 12.09
N LEU A 55 7.77 -6.44 11.39
CA LEU A 55 6.96 -5.32 11.85
C LEU A 55 6.76 -5.37 13.36
N ASP A 56 6.23 -6.48 13.86
CA ASP A 56 5.99 -6.62 15.27
C ASP A 56 7.22 -6.21 16.09
N ALA A 57 8.39 -6.32 15.47
CA ALA A 57 9.63 -5.96 16.15
C ALA A 57 10.04 -4.53 15.82
N LEU A 58 9.51 -4.01 14.72
CA LEU A 58 9.82 -2.64 14.32
C LEU A 58 9.30 -1.62 15.33
N ILE A 59 8.07 -1.86 15.80
CA ILE A 59 7.45 -0.95 16.76
C ILE A 59 8.28 -0.90 18.04
N PRO A 60 8.50 -2.03 18.64
CA PRO A 60 9.34 -2.15 19.87
C PRO A 60 10.74 -1.56 19.63
N SER A 61 11.32 -1.88 18.46
CA SER A 61 12.66 -1.39 18.13
C SER A 61 12.66 0.15 18.14
N LEU A 62 11.62 0.75 17.55
CA LEU A 62 11.53 2.20 17.50
C LEU A 62 11.55 2.76 18.93
N LYS A 63 10.78 2.14 19.81
CA LYS A 63 10.73 2.59 21.20
C LYS A 63 12.09 2.40 21.87
N ALA A 64 12.74 1.27 21.57
CA ALA A 64 14.04 0.98 22.14
C ALA A 64 15.13 1.80 21.47
N LYS A 65 14.72 2.79 20.69
CA LYS A 65 15.67 3.65 20.00
C LYS A 65 16.63 2.84 19.14
N LYS A 66 16.30 1.56 18.96
CA LYS A 66 17.13 0.68 18.15
C LYS A 66 17.16 1.16 16.70
N ILE A 67 16.03 1.72 16.25
CA ILE A 67 15.93 2.20 14.88
C ILE A 67 15.52 3.66 14.87
N ASP A 68 15.90 4.38 13.82
CA ASP A 68 15.58 5.79 13.70
C ASP A 68 14.29 6.01 12.91
N ALA A 69 13.92 5.00 12.13
CA ALA A 69 12.72 5.08 11.32
C ALA A 69 12.25 3.70 10.89
N ILE A 70 10.96 3.58 10.57
CA ILE A 70 10.40 2.30 10.15
C ILE A 70 9.90 2.39 8.72
N MET A 71 10.35 1.45 7.88
CA MET A 71 9.93 1.43 6.48
C MET A 71 9.42 0.05 6.09
N SER A 72 8.10 -0.06 5.94
CA SER A 72 7.48 -1.33 5.58
C SER A 72 6.09 -1.11 5.00
N SER A 73 5.42 -2.19 4.64
CA SER A 73 4.08 -2.11 4.08
C SER A 73 3.12 -1.53 5.09
N LEU A 74 3.52 -1.49 6.35
CA LEU A 74 2.68 -0.96 7.42
C LEU A 74 1.89 0.25 6.92
N SER A 75 0.56 0.17 7.04
CA SER A 75 -0.30 1.26 6.60
C SER A 75 -0.40 2.33 7.67
N ILE A 76 -0.72 3.56 7.25
CA ILE A 76 -0.85 4.67 8.20
C ILE A 76 -2.31 5.01 8.43
N THR A 77 -2.62 5.48 9.62
CA THR A 77 -4.00 5.84 9.96
C THR A 77 -4.02 6.97 10.98
N GLU A 78 -5.09 7.75 10.97
CA GLU A 78 -5.22 8.86 11.91
C GLU A 78 -4.95 8.39 13.33
N LYS A 79 -5.58 7.29 13.71
CA LYS A 79 -5.40 6.75 15.06
C LYS A 79 -3.93 6.51 15.36
N ARG A 80 -3.20 6.02 14.37
CA ARG A 80 -1.77 5.78 14.52
C ARG A 80 -1.00 7.09 14.65
N GLN A 81 -1.43 8.09 13.89
CA GLN A 81 -0.78 9.40 13.92
C GLN A 81 -0.80 9.96 15.34
N GLN A 82 -1.90 9.73 16.05
CA GLN A 82 -2.03 10.22 17.42
C GLN A 82 -0.93 9.62 18.29
N GLU A 83 -0.45 8.44 17.92
CA GLU A 83 0.60 7.77 18.68
C GLU A 83 1.98 8.30 18.27
N ILE A 84 2.24 8.30 16.97
CA ILE A 84 3.52 8.79 16.47
C ILE A 84 3.31 9.63 15.20
N ALA A 85 4.41 9.92 14.51
CA ALA A 85 4.33 10.72 13.29
C ALA A 85 4.54 9.85 12.06
N PHE A 86 3.88 10.21 10.96
CA PHE A 86 4.00 9.46 9.72
C PHE A 86 4.29 10.40 8.55
N THR A 87 5.01 9.89 7.55
CA THR A 87 5.35 10.70 6.39
C THR A 87 5.83 9.80 5.25
N ASP A 88 6.67 10.35 4.39
CA ASP A 88 7.21 9.59 3.27
C ASP A 88 6.12 8.79 2.59
N LYS A 89 4.86 9.17 2.84
CA LYS A 89 3.72 8.46 2.25
C LYS A 89 4.10 7.82 0.93
N LEU A 90 3.96 6.51 0.86
CA LEU A 90 4.34 5.77 -0.35
C LEU A 90 3.27 5.94 -1.42
N TYR A 91 2.12 5.33 -1.20
CA TYR A 91 1.02 5.40 -2.16
C TYR A 91 -0.32 5.33 -1.45
N ALA A 92 -1.39 5.68 -2.17
CA ALA A 92 -2.73 5.64 -1.60
C ALA A 92 -3.30 4.22 -1.65
N ALA A 93 -3.66 3.70 -0.48
CA ALA A 93 -4.21 2.34 -0.40
C ALA A 93 -5.71 2.38 -0.22
N ASP A 94 -6.43 2.81 -1.26
CA ASP A 94 -7.88 2.89 -1.19
C ASP A 94 -8.50 1.55 -1.59
N SER A 95 -9.05 1.48 -2.79
CA SER A 95 -9.67 0.25 -3.27
C SER A 95 -9.76 0.25 -4.79
N ARG A 96 -10.03 -0.91 -5.37
CA ARG A 96 -10.15 -1.03 -6.81
C ARG A 96 -11.05 -2.21 -7.16
N LEU A 97 -11.79 -2.08 -8.27
CA LEU A 97 -12.66 -3.16 -8.73
C LEU A 97 -12.03 -3.91 -9.88
N VAL A 98 -12.11 -5.24 -9.84
CA VAL A 98 -11.53 -6.07 -10.91
C VAL A 98 -12.61 -6.96 -11.51
N VAL A 99 -12.99 -6.67 -12.75
CA VAL A 99 -14.02 -7.44 -13.43
C VAL A 99 -13.60 -7.78 -14.85
N ALA A 100 -14.30 -8.73 -15.46
CA ALA A 100 -14.00 -9.13 -16.83
C ALA A 100 -14.75 -8.27 -17.84
N LYS A 101 -14.14 -8.06 -18.99
CA LYS A 101 -14.77 -7.25 -20.04
C LYS A 101 -16.15 -7.78 -20.37
N ASN A 102 -16.34 -9.09 -20.16
CA ASN A 102 -17.63 -9.72 -20.45
C ASN A 102 -18.73 -9.07 -19.64
N SER A 103 -18.45 -8.78 -18.36
CA SER A 103 -19.43 -8.15 -17.49
C SER A 103 -19.12 -6.67 -17.33
N ASP A 104 -20.08 -5.82 -17.70
CA ASP A 104 -19.89 -4.38 -17.58
C ASP A 104 -20.28 -3.89 -16.20
N ILE A 105 -19.29 -3.50 -15.41
CA ILE A 105 -19.54 -3.01 -14.06
C ILE A 105 -18.86 -1.67 -13.84
N GLN A 106 -19.61 -0.70 -13.35
CA GLN A 106 -19.07 0.64 -13.10
C GLN A 106 -19.00 0.91 -11.59
N PRO A 107 -18.17 1.84 -11.21
CA PRO A 107 -18.00 2.22 -9.77
C PRO A 107 -19.32 2.71 -9.15
N THR A 108 -20.08 1.78 -8.61
CA THR A 108 -21.36 2.12 -7.98
C THR A 108 -21.90 0.94 -7.19
N VAL A 109 -22.48 1.23 -6.03
CA VAL A 109 -23.06 0.17 -5.20
C VAL A 109 -24.27 -0.45 -5.90
N GLU A 110 -24.99 0.37 -6.65
CA GLU A 110 -26.18 -0.10 -7.35
C GLU A 110 -25.84 -1.29 -8.24
N SER A 111 -25.00 -1.06 -9.23
CA SER A 111 -24.62 -2.12 -10.16
C SER A 111 -24.04 -3.31 -9.42
N LEU A 112 -23.55 -3.06 -8.21
CA LEU A 112 -22.98 -4.13 -7.39
C LEU A 112 -24.06 -5.00 -6.78
N LYS A 113 -25.23 -4.42 -6.58
CA LYS A 113 -26.35 -5.15 -6.00
C LYS A 113 -26.62 -6.43 -6.79
N GLY A 114 -26.77 -7.54 -6.06
CA GLY A 114 -27.06 -8.82 -6.71
C GLY A 114 -25.77 -9.49 -7.17
N LYS A 115 -24.70 -8.70 -7.25
CA LYS A 115 -23.41 -9.23 -7.69
C LYS A 115 -22.64 -9.82 -6.52
N ARG A 116 -21.80 -10.81 -6.81
CA ARG A 116 -21.01 -11.46 -5.76
C ARG A 116 -19.62 -10.84 -5.69
N VAL A 117 -19.15 -10.57 -4.48
CA VAL A 117 -17.84 -9.97 -4.27
C VAL A 117 -17.01 -10.80 -3.31
N GLY A 118 -15.74 -11.01 -3.64
CA GLY A 118 -14.84 -11.79 -2.78
C GLY A 118 -13.88 -10.88 -2.03
N VAL A 119 -13.66 -11.18 -0.76
CA VAL A 119 -12.75 -10.38 0.07
C VAL A 119 -11.76 -11.29 0.80
N LEU A 120 -10.66 -10.69 1.27
CA LEU A 120 -9.66 -11.46 1.99
C LEU A 120 -9.92 -11.40 3.49
N GLN A 121 -10.17 -12.56 4.09
CA GLN A 121 -10.44 -12.63 5.52
C GLN A 121 -9.35 -11.92 6.30
N GLY A 122 -9.68 -11.51 7.53
CA GLY A 122 -8.73 -10.82 8.38
C GLY A 122 -8.35 -9.47 7.80
N THR A 123 -9.36 -8.68 7.45
CA THR A 123 -9.14 -7.35 6.88
C THR A 123 -10.27 -6.40 7.26
N THR A 124 -10.05 -5.12 6.99
CA THR A 124 -11.08 -4.11 7.28
C THR A 124 -12.23 -4.21 6.28
N GLN A 125 -11.92 -4.71 5.09
CA GLN A 125 -12.94 -4.83 4.05
C GLN A 125 -14.06 -5.75 4.51
N GLU A 126 -13.72 -6.96 4.91
CA GLU A 126 -14.72 -7.91 5.36
C GLU A 126 -15.52 -7.34 6.53
N THR A 127 -14.81 -6.90 7.57
CA THR A 127 -15.47 -6.35 8.74
C THR A 127 -16.29 -5.11 8.36
N PHE A 128 -15.66 -4.18 7.67
CA PHE A 128 -16.33 -2.97 7.24
C PHE A 128 -17.48 -3.31 6.29
N GLY A 129 -17.23 -4.22 5.36
CA GLY A 129 -18.24 -4.62 4.40
C GLY A 129 -19.44 -5.25 5.08
N ASN A 130 -19.17 -6.14 6.03
CA ASN A 130 -20.24 -6.81 6.76
C ASN A 130 -21.31 -5.81 7.17
N GLU A 131 -20.99 -4.53 7.10
CA GLU A 131 -21.93 -3.48 7.48
C GLU A 131 -22.11 -2.49 6.33
N HIS A 132 -21.04 -2.24 5.59
CA HIS A 132 -21.09 -1.29 4.50
C HIS A 132 -21.84 -1.86 3.30
N TRP A 133 -21.45 -3.06 2.89
CA TRP A 133 -22.07 -3.70 1.74
C TRP A 133 -23.10 -4.73 2.18
N ALA A 134 -23.45 -4.69 3.45
CA ALA A 134 -24.44 -5.62 4.00
C ALA A 134 -25.85 -5.11 3.74
N PRO A 135 -26.14 -3.92 4.18
CA PRO A 135 -27.49 -3.29 4.02
C PRO A 135 -27.75 -2.90 2.56
N LYS A 136 -26.72 -2.95 1.74
CA LYS A 136 -26.84 -2.57 0.33
C LYS A 136 -27.40 -3.72 -0.48
N GLY A 137 -27.49 -4.90 0.14
CA GLY A 137 -28.01 -6.07 -0.54
C GLY A 137 -26.95 -6.70 -1.44
N ILE A 138 -25.69 -6.61 -1.00
CA ILE A 138 -24.58 -7.17 -1.78
C ILE A 138 -24.00 -8.39 -1.07
N GLU A 139 -23.70 -9.43 -1.85
CA GLU A 139 -23.15 -10.66 -1.30
C GLU A 139 -21.63 -10.56 -1.21
N ILE A 140 -21.09 -10.87 -0.03
CA ILE A 140 -19.64 -10.82 0.17
C ILE A 140 -19.12 -12.15 0.71
N VAL A 141 -17.98 -12.59 0.19
CA VAL A 141 -17.39 -13.85 0.63
C VAL A 141 -15.97 -13.61 1.13
N SER A 142 -15.65 -14.18 2.29
CA SER A 142 -14.32 -14.03 2.86
C SER A 142 -13.44 -15.22 2.54
N TYR A 143 -12.25 -14.94 1.99
CA TYR A 143 -11.31 -16.01 1.63
C TYR A 143 -10.11 -15.97 2.54
N GLN A 144 -9.46 -17.12 2.71
CA GLN A 144 -8.28 -17.22 3.58
C GLN A 144 -7.01 -17.36 2.74
N GLY A 145 -7.16 -17.24 1.43
CA GLY A 145 -6.02 -17.36 0.53
C GLY A 145 -5.99 -16.20 -0.48
N GLN A 146 -4.83 -15.57 -0.60
CA GLN A 146 -4.68 -14.46 -1.54
C GLN A 146 -4.82 -14.94 -2.97
N ASP A 147 -4.15 -16.04 -3.29
CA ASP A 147 -4.21 -16.60 -4.64
C ASP A 147 -5.58 -17.19 -4.92
N ASN A 148 -6.30 -17.55 -3.86
CA ASN A 148 -7.63 -18.12 -3.99
C ASN A 148 -8.59 -17.10 -4.59
N ILE A 149 -8.40 -15.84 -4.20
CA ILE A 149 -9.27 -14.77 -4.71
C ILE A 149 -9.08 -14.57 -6.21
N TYR A 150 -7.83 -14.50 -6.64
CA TYR A 150 -7.52 -14.32 -8.05
C TYR A 150 -8.01 -15.51 -8.86
N SER A 151 -7.87 -16.70 -8.28
CA SER A 151 -8.29 -17.92 -8.96
C SER A 151 -9.78 -17.87 -9.25
N ASP A 152 -10.55 -17.40 -8.27
CA ASP A 152 -12.00 -17.29 -8.44
C ASP A 152 -12.33 -16.27 -9.54
N LEU A 153 -11.63 -15.14 -9.51
CA LEU A 153 -11.86 -14.10 -10.52
C LEU A 153 -11.62 -14.66 -11.91
N THR A 154 -10.49 -15.33 -12.08
CA THR A 154 -10.16 -15.92 -13.38
C THR A 154 -11.20 -16.96 -13.77
N ALA A 155 -11.90 -17.50 -12.77
CA ALA A 155 -12.92 -18.51 -13.02
C ALA A 155 -14.28 -17.85 -13.22
N GLY A 156 -14.41 -16.60 -12.79
CA GLY A 156 -15.66 -15.87 -12.93
C GLY A 156 -16.59 -16.16 -11.76
N ARG A 157 -16.05 -16.79 -10.72
CA ARG A 157 -16.84 -17.12 -9.54
C ARG A 157 -17.20 -15.86 -8.76
N ILE A 158 -16.47 -14.77 -9.04
CA ILE A 158 -16.72 -13.49 -8.38
C ILE A 158 -16.91 -12.38 -9.40
N ASP A 159 -17.90 -11.53 -9.17
CA ASP A 159 -18.18 -10.43 -10.08
C ASP A 159 -17.12 -9.34 -9.97
N ALA A 160 -16.53 -9.22 -8.78
CA ALA A 160 -15.51 -8.22 -8.55
C ALA A 160 -14.91 -8.37 -7.16
N ALA A 161 -13.68 -7.89 -6.98
CA ALA A 161 -13.01 -7.97 -5.69
C ALA A 161 -12.46 -6.61 -5.31
N PHE A 162 -12.63 -6.23 -4.04
CA PHE A 162 -12.14 -4.94 -3.57
C PHE A 162 -10.68 -5.04 -3.14
N GLN A 163 -9.79 -4.55 -4.01
CA GLN A 163 -8.35 -4.58 -3.72
C GLN A 163 -7.73 -3.21 -3.98
N ASP A 164 -6.52 -3.02 -3.48
CA ASP A 164 -5.81 -1.76 -3.68
C ASP A 164 -5.30 -1.65 -5.12
N GLU A 165 -5.17 -0.42 -5.59
CA GLU A 165 -4.70 -0.19 -6.96
C GLU A 165 -3.24 -0.63 -7.12
N VAL A 166 -2.37 -0.12 -6.26
CA VAL A 166 -0.96 -0.47 -6.34
C VAL A 166 -0.76 -1.96 -6.17
N ALA A 167 -1.37 -2.53 -5.12
CA ALA A 167 -1.25 -3.96 -4.87
C ALA A 167 -1.83 -4.76 -6.04
N ALA A 168 -2.93 -4.28 -6.60
CA ALA A 168 -3.57 -4.96 -7.71
C ALA A 168 -2.65 -4.98 -8.93
N SER A 169 -2.34 -3.80 -9.45
CA SER A 169 -1.47 -3.70 -10.61
C SER A 169 -0.11 -4.34 -10.33
N GLU A 170 0.47 -3.99 -9.19
CA GLU A 170 1.77 -4.54 -8.82
C GLU A 170 1.77 -6.05 -8.98
N GLY A 171 0.65 -6.67 -8.64
CA GLY A 171 0.54 -8.12 -8.75
C GLY A 171 -0.39 -8.53 -9.87
N PHE A 172 -1.67 -8.22 -9.72
CA PHE A 172 -2.67 -8.57 -10.71
C PHE A 172 -2.14 -8.38 -12.13
N LEU A 173 -1.98 -7.12 -12.53
CA LEU A 173 -1.49 -6.81 -13.85
C LEU A 173 -0.09 -7.38 -14.08
N LYS A 174 0.73 -7.30 -13.05
CA LYS A 174 2.11 -7.80 -13.14
C LYS A 174 2.10 -9.29 -13.43
N GLN A 175 0.91 -9.87 -13.51
CA GLN A 175 0.79 -11.30 -13.80
C GLN A 175 -0.11 -11.53 -15.02
N PRO A 176 0.24 -12.49 -15.85
CA PRO A 176 -0.56 -12.83 -17.05
C PRO A 176 -2.06 -12.87 -16.77
N VAL A 177 -2.41 -12.93 -15.49
CA VAL A 177 -3.81 -12.98 -15.10
C VAL A 177 -4.53 -11.71 -15.53
N GLY A 178 -3.89 -10.57 -15.34
CA GLY A 178 -4.50 -9.29 -15.69
C GLY A 178 -4.81 -9.23 -17.19
N LYS A 179 -3.97 -9.88 -17.99
CA LYS A 179 -4.16 -9.88 -19.44
C LYS A 179 -5.51 -10.51 -19.79
N ASP A 180 -5.84 -11.60 -19.10
CA ASP A 180 -7.11 -12.28 -19.35
C ASP A 180 -8.28 -11.38 -18.96
N TYR A 181 -8.09 -10.59 -17.90
CA TYR A 181 -9.14 -9.70 -17.44
C TYR A 181 -8.55 -8.54 -16.64
N LYS A 182 -9.15 -7.36 -16.80
CA LYS A 182 -8.68 -6.17 -16.09
C LYS A 182 -9.57 -4.97 -16.38
N PHE A 183 -10.47 -4.68 -15.46
CA PHE A 183 -11.38 -3.55 -15.63
C PHE A 183 -11.93 -3.10 -14.28
N GLY A 184 -12.58 -1.94 -14.27
CA GLY A 184 -13.15 -1.41 -13.04
C GLY A 184 -12.11 -0.71 -12.19
N GLY A 185 -11.42 0.26 -12.79
CA GLY A 185 -10.39 1.00 -12.08
C GLY A 185 -10.89 1.51 -10.72
N PRO A 186 -10.95 2.80 -10.53
CA PRO A 186 -11.43 3.40 -9.26
C PRO A 186 -12.77 2.84 -8.84
N SER A 187 -12.88 2.51 -7.55
CA SER A 187 -14.11 1.93 -7.01
C SER A 187 -14.65 2.74 -5.85
N VAL A 188 -14.53 2.19 -4.65
CA VAL A 188 -15.03 2.87 -3.46
C VAL A 188 -14.47 2.21 -2.21
N LYS A 189 -14.59 2.90 -1.07
CA LYS A 189 -14.12 2.37 0.20
C LYS A 189 -13.76 3.49 1.16
N ASP A 190 -13.80 3.20 2.46
CA ASP A 190 -13.46 4.19 3.47
C ASP A 190 -11.95 4.27 3.63
N GLU A 191 -11.38 5.43 3.35
CA GLU A 191 -9.93 5.63 3.47
C GLU A 191 -9.51 5.68 4.93
N LYS A 192 -10.47 5.92 5.81
CA LYS A 192 -10.18 5.98 7.24
C LYS A 192 -9.68 4.64 7.75
N LEU A 193 -10.18 3.56 7.16
CA LEU A 193 -9.81 2.22 7.59
C LEU A 193 -8.32 2.01 7.45
N PHE A 194 -7.76 2.42 6.31
CA PHE A 194 -6.32 2.28 6.07
C PHE A 194 -5.66 3.66 5.99
N GLY A 195 -6.40 4.70 6.31
CA GLY A 195 -5.88 6.05 6.25
C GLY A 195 -5.71 6.51 4.80
N VAL A 196 -4.80 7.46 4.59
CA VAL A 196 -4.54 7.97 3.25
C VAL A 196 -3.83 6.92 2.40
N GLY A 197 -3.13 6.00 3.06
CA GLY A 197 -2.39 4.97 2.36
C GLY A 197 -1.32 4.35 3.25
N THR A 198 -0.08 4.35 2.77
CA THR A 198 1.04 3.80 3.53
C THR A 198 2.22 4.76 3.54
N GLY A 199 3.11 4.58 4.49
CA GLY A 199 4.28 5.45 4.60
C GLY A 199 5.24 4.94 5.67
N MET A 200 6.15 5.81 6.12
CA MET A 200 7.12 5.43 7.14
C MET A 200 6.67 5.89 8.51
N GLY A 201 6.90 5.06 9.52
CA GLY A 201 6.50 5.40 10.88
C GLY A 201 7.60 6.13 11.61
N LEU A 202 7.36 7.41 11.90
CA LEU A 202 8.36 8.23 12.60
C LEU A 202 7.76 8.77 13.90
N ARG A 203 8.62 9.18 14.81
CA ARG A 203 8.18 9.72 16.10
C ARG A 203 7.91 11.22 15.98
N LYS A 204 6.96 11.71 16.76
CA LYS A 204 6.62 13.13 16.73
C LYS A 204 7.87 13.99 16.89
N GLU A 205 8.67 13.67 17.90
CA GLU A 205 9.90 14.43 18.15
C GLU A 205 10.60 14.77 16.85
N ASP A 206 10.31 14.00 15.80
CA ASP A 206 10.92 14.25 14.49
C ASP A 206 10.33 15.50 13.86
N ASN A 207 10.34 16.60 14.59
CA ASN A 207 9.80 17.84 14.09
C ASN A 207 10.61 18.36 12.91
N GLU A 208 11.93 18.33 13.04
CA GLU A 208 12.80 18.79 11.96
C GLU A 208 12.86 17.78 10.82
N LEU A 209 13.05 16.50 11.19
CA LEU A 209 13.13 15.45 10.19
C LEU A 209 11.82 15.34 9.41
N ARG A 210 10.71 15.40 10.14
CA ARG A 210 9.39 15.32 9.51
C ARG A 210 9.19 16.51 8.57
N GLU A 211 9.60 17.69 9.02
CA GLU A 211 9.47 18.90 8.20
C GLU A 211 10.21 18.71 6.87
N ALA A 212 11.36 18.03 6.93
CA ALA A 212 12.14 17.77 5.71
C ALA A 212 11.44 16.70 4.89
N LEU A 213 11.58 15.43 5.30
CA LEU A 213 10.95 14.33 4.58
C LEU A 213 9.67 14.80 3.89
N ASN A 214 8.85 15.57 4.61
CA ASN A 214 7.63 16.11 4.03
C ASN A 214 7.95 17.08 2.89
N LYS A 215 8.93 17.96 3.11
CA LYS A 215 9.35 18.91 2.09
C LYS A 215 9.88 18.16 0.88
N ALA A 216 10.69 17.13 1.12
CA ALA A 216 11.26 16.33 0.04
C ALA A 216 10.14 15.65 -0.75
N PHE A 217 9.13 15.17 -0.04
CA PHE A 217 7.99 14.51 -0.68
C PHE A 217 7.29 15.48 -1.62
N ALA A 218 7.10 16.72 -1.16
CA ALA A 218 6.43 17.73 -1.97
C ALA A 218 7.23 18.01 -3.23
N GLU A 219 8.56 18.03 -3.09
CA GLU A 219 9.43 18.28 -4.25
C GLU A 219 9.29 17.14 -5.25
N MET A 220 9.24 15.91 -4.76
CA MET A 220 9.11 14.75 -5.63
C MET A 220 7.86 14.89 -6.49
N ARG A 221 6.80 15.42 -5.89
CA ARG A 221 5.55 15.63 -6.61
C ARG A 221 5.71 16.74 -7.65
N ALA A 222 6.45 17.80 -7.27
CA ALA A 222 6.67 18.93 -8.17
C ALA A 222 7.36 18.47 -9.44
N ASP A 223 8.40 17.65 -9.29
CA ASP A 223 9.14 17.15 -10.44
C ASP A 223 8.51 15.86 -10.96
N GLY A 224 7.42 15.43 -10.32
CA GLY A 224 6.73 14.23 -10.75
C GLY A 224 7.59 13.00 -10.55
N THR A 225 8.61 13.13 -9.69
CA THR A 225 9.52 12.00 -9.43
C THR A 225 8.73 10.80 -8.93
N TYR A 226 7.82 11.04 -7.98
CA TYR A 226 7.01 9.95 -7.45
C TYR A 226 6.11 9.37 -8.54
N GLU A 227 5.29 10.23 -9.15
CA GLU A 227 4.38 9.78 -10.20
C GLU A 227 5.16 9.11 -11.33
N LYS A 228 6.30 9.71 -11.68
CA LYS A 228 7.13 9.17 -12.75
C LYS A 228 7.55 7.74 -12.44
N LEU A 229 8.05 7.53 -11.22
CA LEU A 229 8.47 6.20 -10.82
C LEU A 229 7.28 5.23 -10.83
N ALA A 230 6.14 5.71 -10.35
CA ALA A 230 4.94 4.88 -10.33
C ALA A 230 4.57 4.41 -11.73
N LYS A 231 4.52 5.35 -12.67
CA LYS A 231 4.16 5.03 -14.04
C LYS A 231 5.14 4.00 -14.61
N LYS A 232 6.41 4.11 -14.21
CA LYS A 232 7.42 3.18 -14.68
C LYS A 232 7.23 1.79 -14.10
N TYR A 233 7.11 1.74 -12.77
CA TYR A 233 6.90 0.46 -12.10
C TYR A 233 5.60 -0.19 -12.55
N PHE A 234 4.53 0.60 -12.59
CA PHE A 234 3.23 0.10 -13.01
C PHE A 234 2.38 1.22 -13.58
N ASP A 235 1.42 0.86 -14.43
CA ASP A 235 0.54 1.86 -15.03
C ASP A 235 -0.79 1.93 -14.27
N PHE A 236 -0.93 2.94 -13.43
CA PHE A 236 -2.15 3.11 -12.65
C PHE A 236 -2.30 4.55 -12.20
N ASP A 237 -3.18 4.78 -11.24
CA ASP A 237 -3.42 6.13 -10.72
C ASP A 237 -3.19 6.18 -9.21
N VAL A 238 -2.12 6.85 -8.80
CA VAL A 238 -1.80 6.97 -7.38
C VAL A 238 -2.89 7.74 -6.66
N TYR A 239 -3.39 8.78 -7.30
CA TYR A 239 -4.44 9.61 -6.70
C TYR A 239 -5.66 8.75 -6.38
N GLY A 240 -6.03 7.88 -7.31
CA GLY A 240 -7.18 7.00 -7.12
C GLY A 240 -6.95 6.06 -5.94
N GLY A 241 -5.70 5.60 -5.78
CA GLY A 241 -5.37 4.71 -4.69
C GLY A 241 -6.08 3.36 -4.84
N ALA A 4 21.00 20.66 13.46
CA ALA A 4 21.87 19.70 12.69
C ALA A 4 21.16 18.35 12.61
N ILE A 5 21.05 17.82 11.40
CA ILE A 5 20.40 16.54 11.20
C ILE A 5 21.29 15.41 11.68
N PRO A 6 20.73 14.24 11.87
CA PRO A 6 21.49 13.04 12.33
C PRO A 6 22.60 12.65 11.35
N GLN A 7 23.72 12.19 11.90
CA GLN A 7 24.85 11.79 11.08
C GLN A 7 24.50 10.55 10.26
N ASN A 8 23.79 9.61 10.89
CA ASN A 8 23.39 8.39 10.20
C ASN A 8 21.95 8.02 10.56
N ILE A 9 21.20 7.57 9.55
CA ILE A 9 19.81 7.20 9.78
C ILE A 9 19.64 5.68 9.70
N ARG A 10 19.14 5.08 10.79
CA ARG A 10 18.94 3.64 10.82
C ARG A 10 17.51 3.31 10.43
N ILE A 11 17.36 2.55 9.34
CA ILE A 11 16.04 2.16 8.84
C ILE A 11 15.82 0.67 9.01
N GLY A 12 14.63 0.29 9.43
CA GLY A 12 14.30 -1.13 9.63
C GLY A 12 13.34 -1.61 8.55
N THR A 13 13.85 -2.38 7.59
CA THR A 13 13.02 -2.89 6.52
C THR A 13 13.19 -4.40 6.36
N ASP A 14 12.10 -5.13 6.51
CA ASP A 14 12.13 -6.58 6.39
C ASP A 14 11.31 -7.03 5.18
N PRO A 15 11.95 -7.18 4.05
CA PRO A 15 11.27 -7.62 2.80
C PRO A 15 10.51 -8.92 2.99
N THR A 16 9.29 -8.96 2.49
CA THR A 16 8.46 -10.15 2.61
C THR A 16 7.64 -10.38 1.34
N TYR A 17 7.48 -9.31 0.57
CA TYR A 17 6.72 -9.40 -0.68
C TYR A 17 7.56 -8.95 -1.85
N ALA A 18 8.12 -9.92 -2.59
CA ALA A 18 8.94 -9.61 -3.75
C ALA A 18 8.50 -8.30 -4.41
N PRO A 19 7.29 -8.26 -4.87
CA PRO A 19 6.74 -7.05 -5.53
C PRO A 19 6.99 -5.76 -4.73
N PHE A 20 6.83 -5.87 -3.42
CA PHE A 20 7.04 -4.72 -2.55
C PHE A 20 8.54 -4.48 -2.32
N GLU A 21 9.27 -5.58 -2.08
CA GLU A 21 10.69 -5.49 -1.82
C GLU A 21 11.41 -6.73 -2.31
N SER A 22 12.55 -7.04 -1.70
CA SER A 22 13.33 -8.21 -2.10
C SER A 22 14.76 -8.09 -1.58
N LYS A 23 15.56 -9.12 -1.83
CA LYS A 23 16.96 -9.12 -1.40
C LYS A 23 17.86 -9.62 -2.51
N ASN A 24 19.06 -9.05 -2.60
CA ASN A 24 20.02 -9.45 -3.63
C ASN A 24 20.99 -10.48 -3.09
N SER A 25 21.23 -11.53 -3.86
CA SER A 25 22.15 -12.58 -3.44
C SER A 25 23.57 -12.04 -3.33
N GLN A 26 23.82 -10.90 -3.97
CA GLN A 26 25.14 -10.29 -3.92
C GLN A 26 25.35 -9.56 -2.61
N GLY A 27 24.30 -9.50 -1.79
CA GLY A 27 24.38 -8.83 -0.49
C GLY A 27 23.75 -7.44 -0.56
N GLU A 28 23.40 -7.01 -1.77
CA GLU A 28 22.78 -5.71 -1.96
C GLU A 28 21.29 -5.76 -1.63
N LEU A 29 20.70 -4.61 -1.34
CA LEU A 29 19.28 -4.54 -1.00
C LEU A 29 18.52 -3.81 -2.09
N VAL A 30 17.42 -4.40 -2.55
CA VAL A 30 16.60 -3.80 -3.59
C VAL A 30 15.12 -3.86 -3.21
N GLY A 31 14.35 -2.89 -3.70
CA GLY A 31 12.93 -2.84 -3.41
C GLY A 31 12.34 -1.48 -3.76
N PHE A 32 11.07 -1.46 -4.12
CA PHE A 32 10.40 -0.21 -4.48
C PHE A 32 10.47 0.79 -3.33
N ASP A 33 10.25 0.30 -2.11
CA ASP A 33 10.28 1.15 -0.94
C ASP A 33 11.70 1.64 -0.64
N ILE A 34 12.68 0.83 -1.04
CA ILE A 34 14.08 1.17 -0.83
C ILE A 34 14.48 2.35 -1.69
N ASP A 35 14.00 2.36 -2.93
CA ASP A 35 14.34 3.43 -3.86
C ASP A 35 13.86 4.77 -3.31
N LEU A 36 12.70 4.76 -2.66
CA LEU A 36 12.16 5.98 -2.09
C LEU A 36 13.08 6.48 -0.97
N ALA A 37 13.51 5.56 -0.11
CA ALA A 37 14.37 5.93 1.00
C ALA A 37 15.64 6.61 0.48
N LYS A 38 16.27 6.00 -0.52
CA LYS A 38 17.50 6.57 -1.09
C LYS A 38 17.27 8.02 -1.49
N GLU A 39 16.25 8.25 -2.32
CA GLU A 39 15.94 9.60 -2.77
C GLU A 39 15.82 10.54 -1.56
N LEU A 40 15.19 10.04 -0.50
CA LEU A 40 15.03 10.83 0.72
C LEU A 40 16.38 11.05 1.40
N CYS A 41 17.20 10.00 1.44
CA CYS A 41 18.51 10.08 2.08
C CYS A 41 19.30 11.25 1.50
N LYS A 42 19.28 11.38 0.18
CA LYS A 42 19.99 12.48 -0.49
C LYS A 42 19.36 13.82 -0.08
N ARG A 43 18.04 13.89 -0.13
CA ARG A 43 17.34 15.12 0.24
C ARG A 43 17.66 15.49 1.68
N ILE A 44 17.67 14.49 2.55
CA ILE A 44 17.96 14.73 3.96
C ILE A 44 19.46 14.96 4.15
N ASN A 45 20.25 14.58 3.16
CA ASN A 45 21.70 14.74 3.24
C ASN A 45 22.26 13.95 4.42
N THR A 46 21.93 12.66 4.47
CA THR A 46 22.40 11.79 5.55
C THR A 46 22.61 10.37 5.05
N GLN A 47 23.19 9.53 5.90
CA GLN A 47 23.45 8.14 5.53
C GLN A 47 22.25 7.27 5.92
N CYS A 48 21.94 6.30 5.07
CA CYS A 48 20.80 5.40 5.33
C CYS A 48 21.28 3.97 5.50
N THR A 49 20.81 3.32 6.56
CA THR A 49 21.19 1.93 6.82
C THR A 49 19.95 1.07 7.02
N PHE A 50 19.86 -0.02 6.26
CA PHE A 50 18.71 -0.93 6.36
C PHE A 50 19.00 -2.05 7.33
N VAL A 51 18.04 -2.34 8.21
CA VAL A 51 18.21 -3.42 9.19
C VAL A 51 17.01 -4.36 9.14
N GLU A 52 17.28 -5.65 9.00
CA GLU A 52 16.20 -6.63 8.96
C GLU A 52 15.48 -6.70 10.29
N ASN A 53 14.15 -6.80 10.24
CA ASN A 53 13.36 -6.87 11.45
C ASN A 53 11.87 -6.87 11.12
N PRO A 54 11.12 -7.78 11.68
CA PRO A 54 9.65 -7.90 11.42
C PRO A 54 8.87 -6.73 11.98
N LEU A 55 7.82 -6.32 11.28
CA LEU A 55 6.99 -5.22 11.73
C LEU A 55 6.79 -5.26 13.24
N ASP A 56 6.27 -6.37 13.73
CA ASP A 56 6.04 -6.51 15.16
C ASP A 56 7.24 -6.08 15.97
N ALA A 57 8.42 -6.20 15.37
CA ALA A 57 9.66 -5.82 16.05
C ALA A 57 10.05 -4.39 15.72
N LEU A 58 9.54 -3.88 14.61
CA LEU A 58 9.85 -2.52 14.21
C LEU A 58 9.33 -1.50 15.22
N ILE A 59 8.11 -1.73 15.71
CA ILE A 59 7.49 -0.83 16.67
C ILE A 59 8.33 -0.78 17.94
N PRO A 60 8.53 -1.92 18.54
CA PRO A 60 9.37 -2.06 19.77
C PRO A 60 10.78 -1.49 19.53
N SER A 61 11.35 -1.80 18.35
CA SER A 61 12.69 -1.33 18.02
C SER A 61 12.74 0.20 18.07
N LEU A 62 11.73 0.84 17.48
CA LEU A 62 11.68 2.29 17.47
C LEU A 62 11.67 2.83 18.90
N LYS A 63 10.88 2.22 19.76
CA LYS A 63 10.83 2.63 21.16
C LYS A 63 12.18 2.41 21.84
N ALA A 64 12.80 1.28 21.53
CA ALA A 64 14.10 0.94 22.13
C ALA A 64 15.21 1.75 21.45
N LYS A 65 14.83 2.72 20.64
CA LYS A 65 15.80 3.56 19.95
C LYS A 65 16.74 2.71 19.11
N LYS A 66 16.39 1.45 18.93
CA LYS A 66 17.19 0.54 18.12
C LYS A 66 17.23 1.01 16.67
N ILE A 67 16.12 1.56 16.20
CA ILE A 67 16.03 2.05 14.83
C ILE A 67 15.68 3.53 14.82
N ASP A 68 16.08 4.23 13.75
CA ASP A 68 15.81 5.65 13.63
C ASP A 68 14.53 5.91 12.86
N ALA A 69 14.13 4.93 12.06
CA ALA A 69 12.92 5.07 11.25
C ALA A 69 12.41 3.71 10.83
N ILE A 70 11.11 3.64 10.55
CA ILE A 70 10.49 2.38 10.12
C ILE A 70 10.00 2.49 8.68
N MET A 71 10.39 1.53 7.85
CA MET A 71 9.97 1.52 6.44
C MET A 71 9.43 0.15 6.06
N SER A 72 8.12 0.06 5.90
CA SER A 72 7.48 -1.21 5.53
C SER A 72 6.10 -0.96 4.93
N SER A 73 5.44 -2.03 4.53
CA SER A 73 4.10 -1.92 3.94
C SER A 73 3.11 -1.39 4.97
N LEU A 74 3.50 -1.43 6.25
CA LEU A 74 2.64 -0.97 7.32
C LEU A 74 1.80 0.23 6.85
N SER A 75 0.48 0.10 6.98
CA SER A 75 -0.42 1.17 6.56
C SER A 75 -0.52 2.23 7.64
N ILE A 76 -0.84 3.47 7.25
CA ILE A 76 -0.96 4.57 8.19
C ILE A 76 -2.44 4.90 8.42
N THR A 77 -2.76 5.36 9.63
CA THR A 77 -4.13 5.71 9.96
C THR A 77 -4.16 6.84 10.99
N GLU A 78 -5.23 7.62 10.96
CA GLU A 78 -5.37 8.74 11.89
C GLU A 78 -5.11 8.27 13.32
N LYS A 79 -5.72 7.15 13.69
CA LYS A 79 -5.56 6.62 15.04
C LYS A 79 -4.08 6.40 15.36
N ARG A 80 -3.33 5.92 14.36
CA ARG A 80 -1.91 5.69 14.53
C ARG A 80 -1.16 7.01 14.66
N GLN A 81 -1.59 8.01 13.89
CA GLN A 81 -0.95 9.32 13.92
C GLN A 81 -0.99 9.88 15.34
N GLN A 82 -2.09 9.66 16.04
CA GLN A 82 -2.23 10.15 17.41
C GLN A 82 -1.13 9.55 18.29
N GLU A 83 -0.65 8.37 17.92
CA GLU A 83 0.39 7.69 18.69
C GLU A 83 1.76 8.21 18.29
N ILE A 84 2.03 8.23 16.99
CA ILE A 84 3.32 8.72 16.48
C ILE A 84 3.12 9.55 15.23
N ALA A 85 4.21 9.84 14.53
CA ALA A 85 4.16 10.64 13.32
C ALA A 85 4.39 9.77 12.09
N PHE A 86 3.75 10.14 10.99
CA PHE A 86 3.91 9.39 9.73
C PHE A 86 4.22 10.34 8.58
N THR A 87 4.97 9.84 7.60
CA THR A 87 5.33 10.65 6.44
C THR A 87 5.81 9.76 5.30
N ASP A 88 6.65 10.32 4.44
CA ASP A 88 7.18 9.57 3.31
C ASP A 88 6.11 8.72 2.66
N LYS A 89 4.85 9.08 2.92
CA LYS A 89 3.71 8.34 2.36
C LYS A 89 4.08 7.73 1.01
N LEU A 90 3.97 6.41 0.92
CA LEU A 90 4.33 5.71 -0.31
C LEU A 90 3.26 5.91 -1.37
N TYR A 91 2.10 5.32 -1.15
CA TYR A 91 0.99 5.44 -2.11
C TYR A 91 -0.35 5.36 -1.40
N ALA A 92 -1.42 5.70 -2.12
CA ALA A 92 -2.76 5.66 -1.55
C ALA A 92 -3.32 4.24 -1.61
N ALA A 93 -3.70 3.72 -0.46
CA ALA A 93 -4.24 2.36 -0.38
C ALA A 93 -5.76 2.40 -0.19
N ASP A 94 -6.46 2.84 -1.22
CA ASP A 94 -7.91 2.92 -1.17
C ASP A 94 -8.53 1.58 -1.56
N SER A 95 -9.08 1.52 -2.77
CA SER A 95 -9.70 0.29 -3.25
C SER A 95 -9.78 0.29 -4.77
N ARG A 96 -10.06 -0.87 -5.35
CA ARG A 96 -10.16 -1.00 -6.79
C ARG A 96 -11.05 -2.20 -7.16
N LEU A 97 -11.78 -2.06 -8.26
CA LEU A 97 -12.65 -3.14 -8.72
C LEU A 97 -12.00 -3.89 -9.87
N VAL A 98 -12.08 -5.22 -9.82
CA VAL A 98 -11.49 -6.05 -10.88
C VAL A 98 -12.55 -6.94 -11.49
N VAL A 99 -12.92 -6.66 -12.73
CA VAL A 99 -13.94 -7.43 -13.43
C VAL A 99 -13.50 -7.79 -14.84
N ALA A 100 -14.18 -8.74 -15.45
CA ALA A 100 -13.85 -9.15 -16.81
C ALA A 100 -14.58 -8.29 -17.84
N LYS A 101 -13.94 -8.09 -19.00
CA LYS A 101 -14.53 -7.28 -20.05
C LYS A 101 -15.90 -7.82 -20.43
N ASN A 102 -16.10 -9.13 -20.24
CA ASN A 102 -17.37 -9.76 -20.59
C ASN A 102 -18.51 -9.11 -19.79
N SER A 103 -18.26 -8.85 -18.51
CA SER A 103 -19.27 -8.23 -17.66
C SER A 103 -18.96 -6.74 -17.49
N ASP A 104 -19.92 -5.90 -17.88
CA ASP A 104 -19.74 -4.45 -17.77
C ASP A 104 -20.19 -3.97 -16.39
N ILE A 105 -19.22 -3.55 -15.58
CA ILE A 105 -19.52 -3.06 -14.24
C ILE A 105 -18.90 -1.68 -14.02
N GLN A 106 -19.73 -0.75 -13.55
CA GLN A 106 -19.25 0.61 -13.30
C GLN A 106 -19.11 0.87 -11.81
N PRO A 107 -18.25 1.78 -11.44
CA PRO A 107 -18.00 2.13 -10.01
C PRO A 107 -19.27 2.64 -9.33
N THR A 108 -20.03 1.72 -8.72
CA THR A 108 -21.26 2.08 -8.05
C THR A 108 -21.81 0.91 -7.25
N VAL A 109 -22.38 1.20 -6.08
CA VAL A 109 -22.94 0.17 -5.23
C VAL A 109 -24.18 -0.44 -5.91
N GLU A 110 -24.90 0.39 -6.65
CA GLU A 110 -26.12 -0.08 -7.32
C GLU A 110 -25.79 -1.26 -8.25
N SER A 111 -24.97 -1.01 -9.25
CA SER A 111 -24.60 -2.06 -10.19
C SER A 111 -24.02 -3.26 -9.48
N LEU A 112 -23.52 -3.04 -8.27
CA LEU A 112 -22.94 -4.11 -7.48
C LEU A 112 -24.02 -4.99 -6.86
N LYS A 113 -25.19 -4.40 -6.66
CA LYS A 113 -26.30 -5.13 -6.07
C LYS A 113 -26.58 -6.41 -6.85
N GLY A 114 -26.74 -7.51 -6.12
CA GLY A 114 -27.02 -8.79 -6.76
C GLY A 114 -25.74 -9.47 -7.22
N LYS A 115 -24.67 -8.69 -7.31
CA LYS A 115 -23.38 -9.22 -7.76
C LYS A 115 -22.62 -9.82 -6.59
N ARG A 116 -21.78 -10.81 -6.88
CA ARG A 116 -21.00 -11.47 -5.84
C ARG A 116 -19.61 -10.85 -5.75
N VAL A 117 -19.16 -10.59 -4.53
CA VAL A 117 -17.85 -9.99 -4.31
C VAL A 117 -17.03 -10.83 -3.33
N GLY A 118 -15.76 -11.03 -3.65
CA GLY A 118 -14.87 -11.80 -2.79
C GLY A 118 -13.91 -10.91 -2.03
N VAL A 119 -13.70 -11.20 -0.75
CA VAL A 119 -12.80 -10.41 0.07
C VAL A 119 -11.82 -11.31 0.82
N LEU A 120 -10.72 -10.72 1.29
CA LEU A 120 -9.73 -11.48 2.04
C LEU A 120 -10.00 -11.43 3.53
N GLN A 121 -10.27 -12.60 4.11
CA GLN A 121 -10.55 -12.67 5.54
C GLN A 121 -9.47 -11.97 6.34
N GLY A 122 -9.80 -11.57 7.57
CA GLY A 122 -8.84 -10.89 8.43
C GLY A 122 -8.45 -9.53 7.86
N THR A 123 -9.46 -8.74 7.51
CA THR A 123 -9.22 -7.41 6.94
C THR A 123 -10.34 -6.45 7.30
N THR A 124 -10.13 -5.17 7.04
CA THR A 124 -11.14 -4.16 7.33
C THR A 124 -12.29 -4.25 6.34
N GLN A 125 -11.98 -4.75 5.13
CA GLN A 125 -13.00 -4.85 4.09
C GLN A 125 -14.12 -5.77 4.55
N GLU A 126 -13.78 -6.99 4.93
CA GLU A 126 -14.79 -7.95 5.39
C GLU A 126 -15.59 -7.37 6.55
N THR A 127 -14.89 -6.95 7.60
CA THR A 127 -15.57 -6.39 8.77
C THR A 127 -16.37 -5.16 8.39
N PHE A 128 -15.73 -4.22 7.70
CA PHE A 128 -16.40 -3.01 7.27
C PHE A 128 -17.54 -3.33 6.32
N GLY A 129 -17.27 -4.25 5.38
CA GLY A 129 -18.28 -4.63 4.41
C GLY A 129 -19.49 -5.26 5.08
N ASN A 130 -19.25 -6.15 6.02
CA ASN A 130 -20.33 -6.82 6.75
C ASN A 130 -21.39 -5.81 7.16
N GLU A 131 -21.05 -4.53 7.09
CA GLU A 131 -21.99 -3.48 7.47
C GLU A 131 -22.15 -2.48 6.33
N HIS A 132 -21.07 -2.23 5.60
CA HIS A 132 -21.11 -1.28 4.51
C HIS A 132 -21.84 -1.83 3.30
N TRP A 133 -21.45 -3.03 2.89
CA TRP A 133 -22.07 -3.68 1.73
C TRP A 133 -23.12 -4.68 2.16
N ALA A 134 -23.48 -4.65 3.44
CA ALA A 134 -24.49 -5.57 3.96
C ALA A 134 -25.90 -5.04 3.70
N PRO A 135 -26.17 -3.84 4.13
CA PRO A 135 -27.51 -3.20 3.93
C PRO A 135 -27.75 -2.80 2.49
N LYS A 136 -26.70 -2.87 1.67
CA LYS A 136 -26.81 -2.49 0.27
C LYS A 136 -27.37 -3.64 -0.55
N GLY A 137 -27.47 -4.81 0.07
CA GLY A 137 -27.99 -5.99 -0.62
C GLY A 137 -26.93 -6.62 -1.50
N ILE A 138 -25.67 -6.54 -1.07
CA ILE A 138 -24.57 -7.10 -1.84
C ILE A 138 -24.00 -8.33 -1.14
N GLU A 139 -23.70 -9.36 -1.92
CA GLU A 139 -23.16 -10.60 -1.36
C GLU A 139 -21.65 -10.52 -1.26
N ILE A 140 -21.11 -10.84 -0.09
CA ILE A 140 -19.67 -10.80 0.13
C ILE A 140 -19.17 -12.13 0.68
N VAL A 141 -18.02 -12.58 0.17
CA VAL A 141 -17.45 -13.85 0.62
C VAL A 141 -16.03 -13.62 1.14
N SER A 142 -15.74 -14.20 2.30
CA SER A 142 -14.41 -14.04 2.90
C SER A 142 -13.54 -15.23 2.57
N TYR A 143 -12.34 -14.96 2.03
CA TYR A 143 -11.40 -16.02 1.67
C TYR A 143 -10.19 -15.99 2.59
N GLN A 144 -9.56 -17.15 2.77
CA GLN A 144 -8.39 -17.25 3.63
C GLN A 144 -7.12 -17.40 2.82
N GLY A 145 -7.25 -17.26 1.50
CA GLY A 145 -6.10 -17.38 0.61
C GLY A 145 -6.04 -16.24 -0.39
N GLN A 146 -4.88 -15.61 -0.49
CA GLN A 146 -4.70 -14.50 -1.41
C GLN A 146 -4.84 -14.97 -2.87
N ASP A 147 -4.18 -16.08 -3.18
CA ASP A 147 -4.23 -16.63 -4.53
C ASP A 147 -5.62 -17.21 -4.83
N ASN A 148 -6.33 -17.58 -3.76
CA ASN A 148 -7.66 -18.14 -3.92
C ASN A 148 -8.62 -17.11 -4.51
N ILE A 149 -8.44 -15.85 -4.12
CA ILE A 149 -9.31 -14.78 -4.63
C ILE A 149 -9.10 -14.58 -6.12
N TYR A 150 -7.85 -14.51 -6.53
CA TYR A 150 -7.52 -14.32 -7.95
C TYR A 150 -7.99 -15.51 -8.77
N SER A 151 -7.86 -16.70 -8.20
CA SER A 151 -8.28 -17.93 -8.88
C SER A 151 -9.77 -17.88 -9.19
N ASP A 152 -10.55 -17.40 -8.21
CA ASP A 152 -11.99 -17.28 -8.41
C ASP A 152 -12.30 -16.27 -9.50
N LEU A 153 -11.60 -15.13 -9.47
CA LEU A 153 -11.82 -14.09 -10.46
C LEU A 153 -11.56 -14.65 -11.86
N THR A 154 -10.44 -15.33 -12.03
CA THR A 154 -10.10 -15.91 -13.33
C THR A 154 -11.14 -16.95 -13.72
N ALA A 155 -11.85 -17.49 -12.72
CA ALA A 155 -12.87 -18.50 -12.98
C ALA A 155 -14.23 -17.85 -13.20
N GLY A 156 -14.36 -16.59 -12.76
CA GLY A 156 -15.61 -15.87 -12.92
C GLY A 156 -16.56 -16.15 -11.76
N ARG A 157 -16.03 -16.79 -10.72
CA ARG A 157 -16.84 -17.11 -9.54
C ARG A 157 -17.19 -15.84 -8.77
N ILE A 158 -16.46 -14.77 -9.04
CA ILE A 158 -16.70 -13.48 -8.37
C ILE A 158 -16.88 -12.38 -9.40
N ASP A 159 -17.89 -11.52 -9.19
CA ASP A 159 -18.15 -10.44 -10.11
C ASP A 159 -17.09 -9.34 -9.99
N ALA A 160 -16.50 -9.23 -8.81
CA ALA A 160 -15.48 -8.23 -8.56
C ALA A 160 -14.89 -8.37 -7.17
N ALA A 161 -13.66 -7.88 -6.99
CA ALA A 161 -13.00 -7.96 -5.69
C ALA A 161 -12.45 -6.59 -5.31
N PHE A 162 -12.64 -6.22 -4.05
CA PHE A 162 -12.17 -4.93 -3.57
C PHE A 162 -10.72 -5.02 -3.13
N GLN A 163 -9.82 -4.52 -3.98
CA GLN A 163 -8.38 -4.54 -3.67
C GLN A 163 -7.76 -3.17 -3.94
N ASP A 164 -6.55 -2.96 -3.44
CA ASP A 164 -5.85 -1.70 -3.63
C ASP A 164 -5.35 -1.59 -5.07
N GLU A 165 -5.21 -0.36 -5.55
CA GLU A 165 -4.73 -0.13 -6.91
C GLU A 165 -3.29 -0.58 -7.07
N VAL A 166 -2.41 -0.06 -6.22
CA VAL A 166 -1.00 -0.42 -6.31
C VAL A 166 -0.80 -1.91 -6.12
N ALA A 167 -1.41 -2.45 -5.08
CA ALA A 167 -1.29 -3.88 -4.80
C ALA A 167 -1.87 -4.70 -5.95
N ALA A 168 -2.98 -4.22 -6.52
CA ALA A 168 -3.61 -4.92 -7.63
C ALA A 168 -2.69 -4.93 -8.85
N SER A 169 -2.39 -3.76 -9.37
CA SER A 169 -1.52 -3.67 -10.55
C SER A 169 -0.15 -4.28 -10.26
N GLU A 170 0.44 -3.90 -9.13
CA GLU A 170 1.74 -4.43 -8.76
C GLU A 170 1.78 -5.94 -8.90
N GLY A 171 0.66 -6.57 -8.56
CA GLY A 171 0.57 -8.02 -8.65
C GLY A 171 -0.36 -8.46 -9.77
N PHE A 172 -1.64 -8.16 -9.62
CA PHE A 172 -2.63 -8.53 -10.60
C PHE A 172 -2.11 -8.35 -12.01
N LEU A 173 -1.97 -7.10 -12.43
CA LEU A 173 -1.48 -6.79 -13.77
C LEU A 173 -0.09 -7.35 -13.98
N LYS A 174 0.75 -7.22 -12.96
CA LYS A 174 2.12 -7.71 -13.05
C LYS A 174 2.15 -9.20 -13.33
N GLN A 175 0.96 -9.80 -13.38
CA GLN A 175 0.87 -11.24 -13.65
C GLN A 175 -0.01 -11.51 -14.87
N PRO A 176 0.27 -12.56 -15.58
CA PRO A 176 -0.51 -12.96 -16.79
C PRO A 176 -2.02 -12.98 -16.52
N VAL A 177 -2.37 -13.09 -15.25
CA VAL A 177 -3.78 -13.14 -14.87
C VAL A 177 -4.49 -11.86 -15.28
N GLY A 178 -3.84 -10.73 -15.07
CA GLY A 178 -4.43 -9.44 -15.41
C GLY A 178 -4.69 -9.32 -16.91
N LYS A 179 -3.83 -9.95 -17.70
CA LYS A 179 -3.97 -9.90 -19.15
C LYS A 179 -5.30 -10.52 -19.58
N ASP A 180 -5.67 -11.62 -18.93
CA ASP A 180 -6.92 -12.29 -19.24
C ASP A 180 -8.11 -11.39 -18.85
N TYR A 181 -7.93 -10.61 -17.80
CA TYR A 181 -8.99 -9.73 -17.34
C TYR A 181 -8.40 -8.57 -16.54
N LYS A 182 -9.00 -7.39 -16.70
CA LYS A 182 -8.53 -6.20 -15.98
C LYS A 182 -9.41 -5.00 -16.30
N PHE A 183 -10.33 -4.69 -15.39
CA PHE A 183 -11.23 -3.56 -15.58
C PHE A 183 -11.82 -3.11 -14.26
N GLY A 184 -12.44 -1.93 -14.25
CA GLY A 184 -13.06 -1.41 -13.04
C GLY A 184 -12.03 -0.70 -12.18
N GLY A 185 -11.36 0.29 -12.76
CA GLY A 185 -10.34 1.05 -12.03
C GLY A 185 -10.88 1.53 -10.68
N PRO A 186 -10.91 2.81 -10.47
CA PRO A 186 -11.42 3.41 -9.20
C PRO A 186 -12.76 2.83 -8.80
N SER A 187 -12.89 2.51 -7.52
CA SER A 187 -14.12 1.92 -7.01
C SER A 187 -14.67 2.72 -5.83
N VAL A 188 -14.58 2.15 -4.64
CA VAL A 188 -15.08 2.82 -3.44
C VAL A 188 -14.52 2.14 -2.19
N LYS A 189 -14.63 2.82 -1.05
CA LYS A 189 -14.17 2.29 0.22
C LYS A 189 -13.82 3.42 1.19
N ASP A 190 -13.86 3.11 2.48
CA ASP A 190 -13.53 4.11 3.50
C ASP A 190 -12.01 4.19 3.67
N GLU A 191 -11.46 5.36 3.37
CA GLU A 191 -10.02 5.57 3.48
C GLU A 191 -9.59 5.63 4.94
N LYS A 192 -10.55 5.86 5.82
CA LYS A 192 -10.27 5.95 7.25
C LYS A 192 -9.77 4.60 7.78
N LEU A 193 -10.26 3.52 7.18
CA LEU A 193 -9.88 2.18 7.63
C LEU A 193 -8.38 1.97 7.48
N PHE A 194 -7.84 2.38 6.34
CA PHE A 194 -6.40 2.25 6.09
C PHE A 194 -5.74 3.62 5.99
N GLY A 195 -6.50 4.66 6.33
CA GLY A 195 -5.97 6.03 6.27
C GLY A 195 -5.80 6.47 4.83
N VAL A 196 -4.90 7.42 4.60
CA VAL A 196 -4.63 7.92 3.26
C VAL A 196 -3.94 6.86 2.42
N GLY A 197 -3.23 5.95 3.08
CA GLY A 197 -2.51 4.89 2.40
C GLY A 197 -1.43 4.30 3.29
N THR A 198 -0.19 4.31 2.81
CA THR A 198 0.93 3.77 3.59
C THR A 198 2.07 4.77 3.65
N GLY A 199 2.90 4.65 4.68
CA GLY A 199 4.03 5.56 4.86
C GLY A 199 5.00 5.02 5.88
N MET A 200 5.95 5.86 6.29
CA MET A 200 6.96 5.46 7.27
C MET A 200 6.52 5.86 8.67
N GLY A 201 6.72 4.97 9.63
CA GLY A 201 6.34 5.24 11.01
C GLY A 201 7.44 5.97 11.76
N LEU A 202 7.21 7.24 12.03
CA LEU A 202 8.19 8.06 12.75
C LEU A 202 7.56 8.66 14.00
N ARG A 203 8.41 9.05 14.96
CA ARG A 203 7.93 9.64 16.20
C ARG A 203 7.74 11.14 16.04
N LYS A 204 6.79 11.71 16.79
CA LYS A 204 6.52 13.13 16.71
C LYS A 204 7.80 13.93 16.90
N GLU A 205 8.57 13.59 17.92
CA GLU A 205 9.83 14.29 18.20
C GLU A 205 10.55 14.62 16.90
N ASP A 206 10.27 13.85 15.84
CA ASP A 206 10.90 14.08 14.56
C ASP A 206 10.34 15.33 13.90
N ASN A 207 10.36 16.44 14.65
CA ASN A 207 9.84 17.70 14.13
C ASN A 207 10.67 18.19 12.95
N GLU A 208 11.99 18.12 13.09
CA GLU A 208 12.88 18.56 12.02
C GLU A 208 12.92 17.56 10.89
N LEU A 209 13.08 16.28 11.24
CA LEU A 209 13.13 15.22 10.23
C LEU A 209 11.83 15.15 9.47
N ARG A 210 10.72 15.22 10.19
CA ARG A 210 9.40 15.18 9.56
C ARG A 210 9.23 16.36 8.62
N GLU A 211 9.66 17.54 9.08
CA GLU A 211 9.56 18.75 8.26
C GLU A 211 10.29 18.54 6.93
N ALA A 212 11.41 17.81 6.98
CA ALA A 212 12.19 17.53 5.76
C ALA A 212 11.43 16.49 4.93
N LEU A 213 11.53 15.21 5.34
CA LEU A 213 10.84 14.13 4.63
C LEU A 213 9.59 14.66 3.93
N ASN A 214 8.80 15.45 4.68
CA ASN A 214 7.59 16.04 4.10
C ASN A 214 7.94 17.01 2.98
N LYS A 215 8.95 17.84 3.21
CA LYS A 215 9.40 18.80 2.21
C LYS A 215 9.92 18.06 0.98
N ALA A 216 10.70 17.00 1.21
CA ALA A 216 11.25 16.22 0.11
C ALA A 216 10.11 15.55 -0.68
N PHE A 217 9.08 15.10 0.03
CA PHE A 217 7.94 14.47 -0.62
C PHE A 217 7.25 15.47 -1.56
N ALA A 218 7.09 16.71 -1.07
CA ALA A 218 6.45 17.75 -1.88
C ALA A 218 7.26 18.03 -3.13
N GLU A 219 8.59 18.03 -2.99
CA GLU A 219 9.48 18.26 -4.13
C GLU A 219 9.31 17.15 -5.16
N MET A 220 9.24 15.90 -4.68
CA MET A 220 9.09 14.76 -5.57
C MET A 220 7.84 14.94 -6.42
N ARG A 221 6.78 15.48 -5.83
CA ARG A 221 5.54 15.73 -6.55
C ARG A 221 5.73 16.85 -7.57
N ALA A 222 6.48 17.88 -7.17
CA ALA A 222 6.72 19.02 -8.06
C ALA A 222 7.41 18.58 -9.34
N ASP A 223 8.42 17.72 -9.19
CA ASP A 223 9.16 17.21 -10.34
C ASP A 223 8.51 15.94 -10.88
N GLY A 224 7.40 15.54 -10.26
CA GLY A 224 6.68 14.35 -10.68
C GLY A 224 7.55 13.10 -10.51
N THR A 225 8.56 13.20 -9.66
CA THR A 225 9.46 12.07 -9.43
C THR A 225 8.66 10.87 -8.93
N TYR A 226 7.76 11.10 -7.98
CA TYR A 226 6.94 10.02 -7.45
C TYR A 226 6.02 9.46 -8.54
N GLU A 227 5.20 10.33 -9.13
CA GLU A 227 4.28 9.90 -10.18
C GLU A 227 5.05 9.26 -11.31
N LYS A 228 6.19 9.86 -11.67
CA LYS A 228 7.00 9.33 -12.76
C LYS A 228 7.43 7.89 -12.47
N LEU A 229 7.93 7.66 -11.27
CA LEU A 229 8.35 6.32 -10.88
C LEU A 229 7.17 5.36 -10.90
N ALA A 230 6.03 5.84 -10.40
CA ALA A 230 4.82 5.01 -10.36
C ALA A 230 4.45 4.55 -11.76
N LYS A 231 4.37 5.49 -12.69
CA LYS A 231 4.01 5.16 -14.06
C LYS A 231 4.99 4.16 -14.65
N LYS A 232 6.25 4.26 -14.26
CA LYS A 232 7.27 3.34 -14.74
C LYS A 232 7.08 1.94 -14.15
N TYR A 233 6.97 1.88 -12.83
CA TYR A 233 6.79 0.61 -12.15
C TYR A 233 5.48 -0.05 -12.59
N PHE A 234 4.42 0.74 -12.64
CA PHE A 234 3.12 0.22 -13.05
C PHE A 234 2.26 1.34 -13.61
N ASP A 235 1.29 0.97 -14.46
CA ASP A 235 0.39 1.96 -15.06
C ASP A 235 -0.91 2.03 -14.27
N PHE A 236 -1.01 3.01 -13.39
CA PHE A 236 -2.21 3.19 -12.58
C PHE A 236 -2.34 4.64 -12.13
N ASP A 237 -3.23 4.87 -11.16
CA ASP A 237 -3.45 6.22 -10.64
C ASP A 237 -3.22 6.26 -9.13
N VAL A 238 -2.15 6.93 -8.72
CA VAL A 238 -1.83 7.03 -7.30
C VAL A 238 -2.92 7.80 -6.57
N TYR A 239 -3.44 8.86 -7.19
CA TYR A 239 -4.48 9.66 -6.59
C TYR A 239 -5.71 8.80 -6.28
N GLY A 240 -6.06 7.93 -7.22
CA GLY A 240 -7.20 7.04 -7.03
C GLY A 240 -6.98 6.10 -5.86
N GLY A 241 -5.73 5.63 -5.71
CA GLY A 241 -5.38 4.72 -4.64
C GLY A 241 -6.12 3.40 -4.78
N ALA A 4 20.86 20.62 13.57
CA ALA A 4 21.73 19.67 12.82
C ALA A 4 21.02 18.32 12.71
N ILE A 5 20.95 17.80 11.50
CA ILE A 5 20.30 16.52 11.27
C ILE A 5 21.16 15.37 11.79
N PRO A 6 20.58 14.21 11.94
CA PRO A 6 21.32 13.01 12.42
C PRO A 6 22.46 12.61 11.49
N GLN A 7 23.56 12.14 12.07
CA GLN A 7 24.72 11.73 11.29
C GLN A 7 24.39 10.51 10.45
N ASN A 8 23.64 9.57 11.04
CA ASN A 8 23.26 8.35 10.33
C ASN A 8 21.83 7.99 10.64
N ILE A 9 21.11 7.49 9.63
CA ILE A 9 19.71 7.10 9.82
C ILE A 9 19.55 5.59 9.75
N ARG A 10 18.92 5.02 10.78
CA ARG A 10 18.72 3.58 10.82
C ARG A 10 17.29 3.24 10.45
N ILE A 11 17.13 2.45 9.38
CA ILE A 11 15.80 2.06 8.90
C ILE A 11 15.61 0.56 9.08
N GLY A 12 14.41 0.17 9.52
CA GLY A 12 14.10 -1.25 9.72
C GLY A 12 13.16 -1.74 8.63
N THR A 13 13.72 -2.42 7.63
CA THR A 13 12.90 -2.94 6.54
C THR A 13 13.09 -4.44 6.38
N ASP A 14 11.99 -5.18 6.54
CA ASP A 14 12.03 -6.64 6.42
C ASP A 14 11.24 -7.09 5.20
N PRO A 15 11.90 -7.23 4.07
CA PRO A 15 11.22 -7.67 2.81
C PRO A 15 10.46 -8.97 3.00
N THR A 16 9.24 -9.01 2.50
CA THR A 16 8.41 -10.21 2.60
C THR A 16 7.61 -10.44 1.33
N TYR A 17 7.46 -9.37 0.54
CA TYR A 17 6.72 -9.46 -0.71
C TYR A 17 7.58 -9.03 -1.88
N ALA A 18 8.15 -10.00 -2.58
CA ALA A 18 9.00 -9.69 -3.74
C ALA A 18 8.56 -8.39 -4.42
N PRO A 19 7.37 -8.35 -4.90
CA PRO A 19 6.83 -7.14 -5.58
C PRO A 19 7.05 -5.86 -4.78
N PHE A 20 6.88 -5.95 -3.47
CA PHE A 20 7.07 -4.80 -2.60
C PHE A 20 8.56 -4.56 -2.35
N GLU A 21 9.28 -5.64 -2.10
CA GLU A 21 10.71 -5.55 -1.82
C GLU A 21 11.44 -6.80 -2.28
N SER A 22 12.58 -7.09 -1.67
CA SER A 22 13.36 -8.27 -2.03
C SER A 22 14.78 -8.14 -1.50
N LYS A 23 15.59 -9.17 -1.74
CA LYS A 23 16.97 -9.16 -1.28
C LYS A 23 17.89 -9.67 -2.39
N ASN A 24 19.09 -9.09 -2.46
CA ASN A 24 20.06 -9.49 -3.48
C ASN A 24 21.03 -10.53 -2.91
N SER A 25 21.28 -11.58 -3.68
CA SER A 25 22.20 -12.63 -3.25
C SER A 25 23.62 -12.07 -3.12
N GLN A 26 23.87 -10.94 -3.76
CA GLN A 26 25.19 -10.32 -3.71
C GLN A 26 25.38 -9.58 -2.39
N GLY A 27 24.31 -9.52 -1.59
CA GLY A 27 24.37 -8.83 -0.30
C GLY A 27 23.73 -7.45 -0.39
N GLU A 28 23.39 -7.04 -1.60
CA GLU A 28 22.77 -5.73 -1.80
C GLU A 28 21.28 -5.80 -1.50
N LEU A 29 20.69 -4.64 -1.22
CA LEU A 29 19.26 -4.58 -0.89
C LEU A 29 18.51 -3.84 -2.00
N VAL A 30 17.41 -4.44 -2.45
CA VAL A 30 16.60 -3.82 -3.50
C VAL A 30 15.12 -3.87 -3.14
N GLY A 31 14.35 -2.92 -3.64
CA GLY A 31 12.93 -2.86 -3.38
C GLY A 31 12.36 -1.50 -3.74
N PHE A 32 11.07 -1.47 -4.10
CA PHE A 32 10.42 -0.23 -4.47
C PHE A 32 10.48 0.78 -3.33
N ASP A 33 10.25 0.30 -2.11
CA ASP A 33 10.28 1.17 -0.95
C ASP A 33 11.69 1.66 -0.64
N ILE A 34 12.67 0.86 -1.02
CA ILE A 34 14.07 1.19 -0.81
C ILE A 34 14.49 2.38 -1.68
N ASP A 35 14.00 2.38 -2.93
CA ASP A 35 14.34 3.44 -3.86
C ASP A 35 13.86 4.78 -3.32
N LEU A 36 12.69 4.78 -2.68
CA LEU A 36 12.15 6.01 -2.11
C LEU A 36 13.07 6.52 -1.00
N ALA A 37 13.50 5.60 -0.13
CA ALA A 37 14.36 5.97 0.99
C ALA A 37 15.62 6.65 0.47
N LYS A 38 16.26 6.04 -0.53
CA LYS A 38 17.48 6.60 -1.09
C LYS A 38 17.26 8.06 -1.49
N GLU A 39 16.25 8.29 -2.32
CA GLU A 39 15.94 9.65 -2.76
C GLU A 39 15.80 10.59 -1.55
N LEU A 40 15.18 10.07 -0.49
CA LEU A 40 15.01 10.86 0.73
C LEU A 40 16.34 11.08 1.42
N CYS A 41 17.16 10.03 1.47
CA CYS A 41 18.47 10.10 2.13
C CYS A 41 19.26 11.26 1.55
N LYS A 42 19.26 11.39 0.23
CA LYS A 42 19.97 12.49 -0.43
C LYS A 42 19.37 13.83 -0.01
N ARG A 43 18.05 13.93 -0.06
CA ARG A 43 17.35 15.16 0.30
C ARG A 43 17.68 15.52 1.75
N ILE A 44 17.68 14.51 2.61
CA ILE A 44 17.98 14.73 4.03
C ILE A 44 19.47 14.95 4.24
N ASN A 45 20.26 14.54 3.24
CA ASN A 45 21.72 14.69 3.33
C ASN A 45 22.26 13.89 4.52
N THR A 46 21.90 12.61 4.58
CA THR A 46 22.35 11.75 5.66
C THR A 46 22.56 10.32 5.18
N GLN A 47 23.15 9.48 6.02
CA GLN A 47 23.40 8.09 5.67
C GLN A 47 22.19 7.24 6.03
N CYS A 48 21.86 6.28 5.17
CA CYS A 48 20.72 5.40 5.40
C CYS A 48 21.19 3.96 5.55
N THR A 49 20.73 3.30 6.62
CA THR A 49 21.09 1.91 6.88
C THR A 49 19.85 1.06 7.08
N PHE A 50 19.74 -0.03 6.32
CA PHE A 50 18.59 -0.92 6.44
C PHE A 50 18.89 -2.06 7.39
N VAL A 51 17.93 -2.37 8.27
CA VAL A 51 18.10 -3.47 9.23
C VAL A 51 16.90 -4.41 9.18
N GLU A 52 17.17 -5.70 9.03
CA GLU A 52 16.11 -6.69 8.99
C GLU A 52 15.37 -6.75 10.32
N ASN A 53 14.04 -6.88 10.26
CA ASN A 53 13.24 -6.95 11.46
C ASN A 53 11.75 -6.93 11.11
N PRO A 54 10.99 -7.85 11.64
CA PRO A 54 9.54 -7.94 11.38
C PRO A 54 8.76 -6.77 11.97
N LEU A 55 7.69 -6.37 11.29
CA LEU A 55 6.87 -5.26 11.76
C LEU A 55 6.68 -5.31 13.26
N ASP A 56 6.15 -6.43 13.74
CA ASP A 56 5.93 -6.61 15.17
C ASP A 56 7.16 -6.21 15.98
N ALA A 57 8.32 -6.31 15.36
CA ALA A 57 9.57 -5.96 16.04
C ALA A 57 9.98 -4.53 15.73
N LEU A 58 9.45 -3.99 14.64
CA LEU A 58 9.75 -2.61 14.26
C LEU A 58 9.23 -1.62 15.28
N ILE A 59 8.01 -1.85 15.74
CA ILE A 59 7.38 -0.96 16.72
C ILE A 59 8.22 -0.92 17.99
N PRO A 60 8.44 -2.06 18.58
CA PRO A 60 9.28 -2.19 19.81
C PRO A 60 10.67 -1.59 19.58
N SER A 61 11.26 -1.91 18.42
CA SER A 61 12.59 -1.41 18.09
C SER A 61 12.59 0.11 18.11
N LEU A 62 11.56 0.72 17.52
CA LEU A 62 11.47 2.17 17.48
C LEU A 62 11.47 2.73 18.90
N LYS A 63 10.70 2.10 19.78
CA LYS A 63 10.64 2.54 21.17
C LYS A 63 12.00 2.34 21.85
N ALA A 64 12.65 1.22 21.54
CA ALA A 64 13.95 0.92 22.12
C ALA A 64 15.05 1.76 21.47
N LYS A 65 14.63 2.75 20.68
CA LYS A 65 15.59 3.62 20.01
C LYS A 65 16.56 2.80 19.16
N LYS A 66 16.24 1.53 18.96
CA LYS A 66 17.07 0.65 18.16
C LYS A 66 17.10 1.13 16.71
N ILE A 67 15.98 1.69 16.25
CA ILE A 67 15.89 2.19 14.88
C ILE A 67 15.49 3.67 14.88
N ASP A 68 15.89 4.38 13.84
CA ASP A 68 15.56 5.79 13.72
C ASP A 68 14.30 6.01 12.92
N ALA A 69 13.93 5.02 12.12
CA ALA A 69 12.74 5.11 11.28
C ALA A 69 12.27 3.74 10.86
N ILE A 70 10.98 3.62 10.54
CA ILE A 70 10.41 2.36 10.11
C ILE A 70 9.91 2.45 8.68
N MET A 71 10.35 1.52 7.84
CA MET A 71 9.94 1.51 6.43
C MET A 71 9.40 0.14 6.05
N SER A 72 8.08 0.04 5.91
CA SER A 72 7.44 -1.22 5.55
C SER A 72 6.06 -0.98 4.96
N SER A 73 5.38 -2.06 4.58
CA SER A 73 4.06 -1.95 3.99
C SER A 73 3.07 -1.41 5.02
N LEU A 74 3.48 -1.42 6.28
CA LEU A 74 2.61 -0.93 7.36
C LEU A 74 1.78 0.26 6.89
N SER A 75 0.46 0.15 7.01
CA SER A 75 -0.43 1.23 6.59
C SER A 75 -0.51 2.30 7.66
N ILE A 76 -0.82 3.53 7.25
CA ILE A 76 -0.93 4.64 8.20
C ILE A 76 -2.39 4.98 8.44
N THR A 77 -2.70 5.44 9.64
CA THR A 77 -4.07 5.81 9.98
C THR A 77 -4.09 6.94 11.02
N GLU A 78 -5.14 7.73 11.01
CA GLU A 78 -5.27 8.83 11.95
C GLU A 78 -5.01 8.36 13.38
N LYS A 79 -5.63 7.25 13.75
CA LYS A 79 -5.45 6.70 15.08
C LYS A 79 -3.98 6.46 15.38
N ARG A 80 -3.25 5.97 14.39
CA ARG A 80 -1.82 5.72 14.54
C ARG A 80 -1.05 7.04 14.68
N GLN A 81 -1.48 8.04 13.93
CA GLN A 81 -0.82 9.34 13.96
C GLN A 81 -0.84 9.90 15.38
N GLN A 82 -1.94 9.67 16.09
CA GLN A 82 -2.07 10.15 17.45
C GLN A 82 -0.97 9.55 18.33
N GLU A 83 -0.50 8.35 17.95
CA GLU A 83 0.56 7.68 18.69
C GLU A 83 1.93 8.20 18.29
N ILE A 84 2.19 8.24 16.98
CA ILE A 84 3.47 8.72 16.47
C ILE A 84 3.26 9.55 15.22
N ALA A 85 4.34 9.86 14.52
CA ALA A 85 4.27 10.65 13.30
C ALA A 85 4.49 9.78 12.07
N PHE A 86 3.82 10.15 10.97
CA PHE A 86 3.96 9.40 9.73
C PHE A 86 4.26 10.34 8.57
N THR A 87 4.99 9.85 7.57
CA THR A 87 5.33 10.66 6.41
C THR A 87 5.80 9.77 5.27
N ASP A 88 6.65 10.34 4.40
CA ASP A 88 7.18 9.58 3.27
C ASP A 88 6.09 8.74 2.62
N LYS A 89 4.83 9.10 2.88
CA LYS A 89 3.69 8.35 2.33
C LYS A 89 4.06 7.74 0.98
N LEU A 90 3.95 6.44 0.89
CA LEU A 90 4.31 5.74 -0.34
C LEU A 90 3.24 5.92 -1.40
N TYR A 91 2.08 5.33 -1.18
CA TYR A 91 0.98 5.44 -2.13
C TYR A 91 -0.37 5.36 -1.42
N ALA A 92 -1.44 5.69 -2.13
CA ALA A 92 -2.78 5.65 -1.56
C ALA A 92 -3.32 4.23 -1.60
N ALA A 93 -3.70 3.71 -0.44
CA ALA A 93 -4.24 2.34 -0.34
C ALA A 93 -5.75 2.38 -0.17
N ASP A 94 -6.45 2.80 -1.21
CA ASP A 94 -7.91 2.88 -1.15
C ASP A 94 -8.52 1.53 -1.54
N SER A 95 -9.06 1.46 -2.75
CA SER A 95 -9.68 0.23 -3.24
C SER A 95 -9.77 0.25 -4.76
N ARG A 96 -10.04 -0.92 -5.34
CA ARG A 96 -10.15 -1.05 -6.78
C ARG A 96 -11.03 -2.23 -7.14
N LEU A 97 -11.78 -2.11 -8.24
CA LEU A 97 -12.65 -3.19 -8.71
C LEU A 97 -12.00 -3.93 -9.87
N VAL A 98 -12.07 -5.26 -9.83
CA VAL A 98 -11.48 -6.07 -10.90
C VAL A 98 -12.56 -6.97 -11.51
N VAL A 99 -12.93 -6.68 -12.75
CA VAL A 99 -13.97 -7.45 -13.44
C VAL A 99 -13.54 -7.79 -14.86
N ALA A 100 -14.24 -8.73 -15.47
CA ALA A 100 -13.92 -9.13 -16.84
C ALA A 100 -14.68 -8.27 -17.85
N LYS A 101 -14.07 -8.05 -19.01
CA LYS A 101 -14.68 -7.24 -20.05
C LYS A 101 -16.07 -7.79 -20.38
N ASN A 102 -16.25 -9.09 -20.19
CA ASN A 102 -17.54 -9.72 -20.48
C ASN A 102 -18.64 -9.08 -19.67
N SER A 103 -18.36 -8.81 -18.40
CA SER A 103 -19.36 -8.17 -17.52
C SER A 103 -19.04 -6.69 -17.35
N ASP A 104 -19.99 -5.84 -17.71
CA ASP A 104 -19.81 -4.40 -17.61
C ASP A 104 -20.22 -3.91 -16.22
N ILE A 105 -19.23 -3.53 -15.42
CA ILE A 105 -19.49 -3.03 -14.06
C ILE A 105 -18.81 -1.69 -13.85
N GLN A 106 -19.58 -0.72 -13.35
CA GLN A 106 -19.04 0.61 -13.10
C GLN A 106 -18.97 0.87 -11.59
N PRO A 107 -18.15 1.81 -11.21
CA PRO A 107 -17.99 2.19 -9.77
C PRO A 107 -19.29 2.68 -9.15
N THR A 108 -20.06 1.75 -8.59
CA THR A 108 -21.33 2.10 -7.97
C THR A 108 -21.87 0.91 -7.17
N VAL A 109 -22.47 1.21 -6.02
CA VAL A 109 -23.05 0.16 -5.18
C VAL A 109 -24.26 -0.46 -5.87
N GLU A 110 -24.98 0.37 -6.62
CA GLU A 110 -26.19 -0.11 -7.31
C GLU A 110 -25.84 -1.28 -8.22
N SER A 111 -25.00 -1.04 -9.22
CA SER A 111 -24.62 -2.09 -10.16
C SER A 111 -24.03 -3.29 -9.43
N LEU A 112 -23.54 -3.05 -8.22
CA LEU A 112 -22.97 -4.12 -7.41
C LEU A 112 -24.05 -5.00 -6.81
N LYS A 113 -25.22 -4.42 -6.61
CA LYS A 113 -26.33 -5.16 -6.02
C LYS A 113 -26.59 -6.43 -6.81
N GLY A 114 -26.74 -7.55 -6.09
CA GLY A 114 -27.01 -8.83 -6.73
C GLY A 114 -25.72 -9.49 -7.19
N LYS A 115 -24.66 -8.71 -7.28
CA LYS A 115 -23.37 -9.23 -7.73
C LYS A 115 -22.60 -9.82 -6.56
N ARG A 116 -21.76 -10.80 -6.85
CA ARG A 116 -20.97 -11.45 -5.81
C ARG A 116 -19.58 -10.83 -5.74
N VAL A 117 -19.13 -10.57 -4.51
CA VAL A 117 -17.81 -9.97 -4.30
C VAL A 117 -16.99 -10.80 -3.33
N GLY A 118 -15.71 -11.00 -3.64
CA GLY A 118 -14.82 -11.77 -2.78
C GLY A 118 -13.87 -10.86 -2.04
N VAL A 119 -13.64 -11.16 -0.75
CA VAL A 119 -12.74 -10.36 0.07
C VAL A 119 -11.75 -11.25 0.80
N LEU A 120 -10.65 -10.66 1.27
CA LEU A 120 -9.65 -11.41 2.00
C LEU A 120 -9.91 -11.37 3.49
N GLN A 121 -10.17 -12.54 4.08
CA GLN A 121 -10.44 -12.62 5.51
C GLN A 121 -9.35 -11.92 6.31
N GLY A 122 -9.68 -11.51 7.53
CA GLY A 122 -8.73 -10.83 8.39
C GLY A 122 -8.35 -9.47 7.82
N THR A 123 -9.38 -8.68 7.48
CA THR A 123 -9.15 -7.35 6.91
C THR A 123 -10.29 -6.40 7.29
N THR A 124 -10.08 -5.12 7.03
CA THR A 124 -11.11 -4.12 7.34
C THR A 124 -12.25 -4.22 6.33
N GLN A 125 -11.95 -4.70 5.13
CA GLN A 125 -12.96 -4.82 4.09
C GLN A 125 -14.08 -5.74 4.54
N GLU A 126 -13.74 -6.97 4.92
CA GLU A 126 -14.74 -7.92 5.38
C GLU A 126 -15.53 -7.35 6.54
N THR A 127 -14.83 -6.93 7.59
CA THR A 127 -15.50 -6.37 8.76
C THR A 127 -16.32 -5.15 8.38
N PHE A 128 -15.69 -4.21 7.69
CA PHE A 128 -16.37 -2.99 7.27
C PHE A 128 -17.52 -3.33 6.32
N GLY A 129 -17.25 -4.23 5.38
CA GLY A 129 -18.25 -4.63 4.41
C GLY A 129 -19.46 -5.26 5.08
N ASN A 130 -19.20 -6.15 6.04
CA ASN A 130 -20.27 -6.83 6.75
C ASN A 130 -21.34 -5.84 7.17
N GLU A 131 -21.02 -4.54 7.10
CA GLU A 131 -21.97 -3.51 7.47
C GLU A 131 -22.14 -2.51 6.33
N HIS A 132 -21.06 -2.25 5.60
CA HIS A 132 -21.12 -1.30 4.50
C HIS A 132 -21.85 -1.87 3.30
N TRP A 133 -21.46 -3.06 2.88
CA TRP A 133 -22.07 -3.71 1.73
C TRP A 133 -23.10 -4.75 2.16
N ALA A 134 -23.46 -4.71 3.42
CA ALA A 134 -24.45 -5.65 3.97
C ALA A 134 -25.87 -5.13 3.71
N PRO A 135 -26.16 -3.93 4.14
CA PRO A 135 -27.50 -3.31 3.97
C PRO A 135 -27.76 -2.91 2.52
N LYS A 136 -26.71 -2.96 1.70
CA LYS A 136 -26.83 -2.59 0.30
C LYS A 136 -27.38 -3.75 -0.52
N GLY A 137 -27.47 -4.91 0.10
CA GLY A 137 -27.98 -6.09 -0.59
C GLY A 137 -26.92 -6.71 -1.47
N ILE A 138 -25.66 -6.62 -1.04
CA ILE A 138 -24.55 -7.17 -1.82
C ILE A 138 -23.97 -8.40 -1.11
N GLU A 139 -23.67 -9.43 -1.89
CA GLU A 139 -23.11 -10.66 -1.33
C GLU A 139 -21.59 -10.56 -1.24
N ILE A 140 -21.06 -10.87 -0.07
CA ILE A 140 -19.61 -10.83 0.15
C ILE A 140 -19.10 -12.14 0.68
N VAL A 141 -17.95 -12.58 0.16
CA VAL A 141 -17.35 -13.84 0.60
C VAL A 141 -15.95 -13.60 1.12
N SER A 142 -15.63 -14.18 2.27
CA SER A 142 -14.30 -14.01 2.86
C SER A 142 -13.41 -15.21 2.53
N TYR A 143 -12.23 -14.93 2.00
CA TYR A 143 -11.28 -15.98 1.64
C TYR A 143 -10.07 -15.93 2.56
N GLN A 144 -9.42 -17.08 2.72
CA GLN A 144 -8.24 -17.18 3.58
C GLN A 144 -6.98 -17.31 2.75
N GLY A 145 -7.13 -17.19 1.43
CA GLY A 145 -5.97 -17.30 0.53
C GLY A 145 -5.94 -16.15 -0.46
N GLN A 146 -4.78 -15.51 -0.58
CA GLN A 146 -4.63 -14.40 -1.51
C GLN A 146 -4.77 -14.88 -2.95
N ASP A 147 -4.11 -15.98 -3.27
CA ASP A 147 -4.17 -16.53 -4.62
C ASP A 147 -5.55 -17.10 -4.90
N ASN A 148 -6.26 -17.48 -3.84
CA ASN A 148 -7.59 -18.03 -3.98
C ASN A 148 -8.55 -17.00 -4.58
N ILE A 149 -8.37 -15.75 -4.18
CA ILE A 149 -9.24 -14.68 -4.68
C ILE A 149 -9.04 -14.47 -6.18
N TYR A 150 -7.78 -14.39 -6.60
CA TYR A 150 -7.47 -14.19 -8.00
C TYR A 150 -7.97 -15.37 -8.83
N SER A 151 -7.84 -16.57 -8.28
CA SER A 151 -8.28 -17.77 -8.98
C SER A 151 -9.77 -17.71 -9.25
N ASP A 152 -10.53 -17.25 -8.25
CA ASP A 152 -11.99 -17.13 -8.41
C ASP A 152 -12.31 -16.13 -9.50
N LEU A 153 -11.64 -14.98 -9.47
CA LEU A 153 -11.88 -13.95 -10.47
C LEU A 153 -11.62 -14.49 -11.87
N THR A 154 -10.48 -15.15 -12.03
CA THR A 154 -10.12 -15.72 -13.33
C THR A 154 -11.13 -16.80 -13.71
N ALA A 155 -11.80 -17.37 -12.71
CA ALA A 155 -12.79 -18.41 -12.97
C ALA A 155 -14.18 -17.80 -13.18
N GLY A 156 -14.34 -16.55 -12.74
CA GLY A 156 -15.63 -15.86 -12.88
C GLY A 156 -16.54 -16.17 -11.71
N ARG A 157 -15.98 -16.78 -10.66
CA ARG A 157 -16.76 -17.12 -9.48
C ARG A 157 -17.15 -15.85 -8.72
N ILE A 158 -16.44 -14.76 -9.00
CA ILE A 158 -16.72 -13.47 -8.35
C ILE A 158 -16.89 -12.37 -9.39
N ASP A 159 -17.88 -11.51 -9.17
CA ASP A 159 -18.13 -10.42 -10.10
C ASP A 159 -17.07 -9.33 -9.97
N ALA A 160 -16.48 -9.23 -8.79
CA ALA A 160 -15.45 -8.23 -8.55
C ALA A 160 -14.86 -8.37 -7.16
N ALA A 161 -13.63 -7.89 -6.98
CA ALA A 161 -12.98 -7.97 -5.68
C ALA A 161 -12.42 -6.60 -5.30
N PHE A 162 -12.60 -6.23 -4.03
CA PHE A 162 -12.12 -4.93 -3.56
C PHE A 162 -10.67 -5.03 -3.13
N GLN A 163 -9.77 -4.52 -3.99
CA GLN A 163 -8.34 -4.55 -3.69
C GLN A 163 -7.71 -3.19 -3.96
N ASP A 164 -6.50 -2.99 -3.45
CA ASP A 164 -5.79 -1.73 -3.65
C ASP A 164 -5.31 -1.62 -5.09
N GLU A 165 -5.18 -0.39 -5.57
CA GLU A 165 -4.70 -0.16 -6.93
C GLU A 165 -3.25 -0.59 -7.10
N VAL A 166 -2.38 -0.07 -6.25
CA VAL A 166 -0.96 -0.41 -6.34
C VAL A 166 -0.76 -1.90 -6.16
N ALA A 167 -1.37 -2.47 -5.12
CA ALA A 167 -1.24 -3.89 -4.86
C ALA A 167 -1.80 -4.70 -6.02
N ALA A 168 -2.91 -4.23 -6.59
CA ALA A 168 -3.55 -4.92 -7.70
C ALA A 168 -2.62 -4.93 -8.92
N SER A 169 -2.31 -3.74 -9.44
CA SER A 169 -1.45 -3.64 -10.60
C SER A 169 -0.09 -4.27 -10.32
N GLU A 170 0.50 -3.92 -9.17
CA GLU A 170 1.80 -4.46 -8.81
C GLU A 170 1.81 -5.96 -8.97
N GLY A 171 0.69 -6.60 -8.64
CA GLY A 171 0.59 -8.06 -8.75
C GLY A 171 -0.35 -8.46 -9.88
N PHE A 172 -1.62 -8.15 -9.72
CA PHE A 172 -2.62 -8.50 -10.71
C PHE A 172 -2.10 -8.31 -12.12
N LEU A 173 -1.94 -7.06 -12.52
CA LEU A 173 -1.45 -6.75 -13.85
C LEU A 173 -0.06 -7.31 -14.07
N LYS A 174 0.77 -7.22 -13.05
CA LYS A 174 2.14 -7.71 -13.14
C LYS A 174 2.14 -9.21 -13.42
N GLN A 175 0.95 -9.80 -13.48
CA GLN A 175 0.83 -11.22 -13.75
C GLN A 175 -0.06 -11.48 -14.96
N PRO A 176 0.29 -12.44 -15.78
CA PRO A 176 -0.51 -12.80 -16.99
C PRO A 176 -2.01 -12.85 -16.70
N VAL A 177 -2.36 -12.91 -15.43
CA VAL A 177 -3.76 -12.97 -15.03
C VAL A 177 -4.49 -11.71 -15.45
N GLY A 178 -3.85 -10.56 -15.25
CA GLY A 178 -4.46 -9.29 -15.61
C GLY A 178 -4.75 -9.20 -17.10
N LYS A 179 -3.90 -9.84 -17.90
CA LYS A 179 -4.08 -9.82 -19.35
C LYS A 179 -5.41 -10.46 -19.72
N ASP A 180 -5.76 -11.55 -19.06
CA ASP A 180 -7.01 -12.23 -19.33
C ASP A 180 -8.19 -11.35 -18.94
N TYR A 181 -8.02 -10.57 -17.88
CA TYR A 181 -9.08 -9.68 -17.41
C TYR A 181 -8.49 -8.51 -16.62
N LYS A 182 -9.09 -7.33 -16.79
CA LYS A 182 -8.62 -6.14 -16.08
C LYS A 182 -9.52 -4.95 -16.37
N PHE A 183 -10.42 -4.66 -15.46
CA PHE A 183 -11.34 -3.53 -15.63
C PHE A 183 -11.91 -3.08 -14.29
N GLY A 184 -12.53 -1.91 -14.28
CA GLY A 184 -13.13 -1.38 -13.06
C GLY A 184 -12.07 -0.70 -12.19
N GLY A 185 -11.40 0.28 -12.77
CA GLY A 185 -10.36 1.00 -12.04
C GLY A 185 -10.88 1.51 -10.69
N PRO A 186 -10.92 2.80 -10.49
CA PRO A 186 -11.42 3.38 -9.21
C PRO A 186 -12.76 2.81 -8.80
N SER A 187 -12.88 2.49 -7.51
CA SER A 187 -14.11 1.90 -6.99
C SER A 187 -14.66 2.70 -5.82
N VAL A 188 -14.56 2.14 -4.62
CA VAL A 188 -15.06 2.82 -3.43
C VAL A 188 -14.50 2.16 -2.19
N LYS A 189 -14.62 2.85 -1.05
CA LYS A 189 -14.15 2.32 0.23
C LYS A 189 -13.81 3.45 1.19
N ASP A 190 -13.86 3.15 2.49
CA ASP A 190 -13.52 4.15 3.50
C ASP A 190 -12.00 4.24 3.67
N GLU A 191 -11.45 5.41 3.38
CA GLU A 191 -10.02 5.62 3.50
C GLU A 191 -9.59 5.66 4.96
N LYS A 192 -10.54 5.90 5.84
CA LYS A 192 -10.26 5.99 7.26
C LYS A 192 -9.76 4.65 7.78
N LEU A 193 -10.25 3.55 7.19
CA LEU A 193 -9.87 2.22 7.64
C LEU A 193 -8.37 2.01 7.49
N PHE A 194 -7.83 2.43 6.36
CA PHE A 194 -6.38 2.30 6.11
C PHE A 194 -5.73 3.67 6.01
N GLY A 195 -6.48 4.71 6.36
CA GLY A 195 -5.97 6.07 6.29
C GLY A 195 -5.80 6.51 4.84
N VAL A 196 -4.88 7.45 4.62
CA VAL A 196 -4.62 7.95 3.28
C VAL A 196 -3.93 6.88 2.43
N GLY A 197 -3.23 5.96 3.10
CA GLY A 197 -2.51 4.91 2.41
C GLY A 197 -1.44 4.32 3.29
N THR A 198 -0.19 4.33 2.80
CA THR A 198 0.93 3.79 3.57
C THR A 198 2.07 4.79 3.63
N GLY A 199 2.92 4.67 4.65
CA GLY A 199 4.05 5.57 4.82
C GLY A 199 5.03 5.04 5.84
N MET A 200 5.98 5.88 6.24
CA MET A 200 6.99 5.47 7.22
C MET A 200 6.57 5.89 8.62
N GLY A 201 6.81 5.00 9.59
CA GLY A 201 6.44 5.28 10.96
C GLY A 201 7.54 6.04 11.69
N LEU A 202 7.30 7.33 11.93
CA LEU A 202 8.29 8.16 12.62
C LEU A 202 7.69 8.71 13.91
N ARG A 203 8.56 9.13 14.83
CA ARG A 203 8.09 9.68 16.10
C ARG A 203 7.85 11.19 15.98
N LYS A 204 6.90 11.70 16.76
CA LYS A 204 6.57 13.11 16.71
C LYS A 204 7.82 13.96 16.89
N GLU A 205 8.62 13.63 17.91
CA GLU A 205 9.86 14.37 18.16
C GLU A 205 10.57 14.72 16.86
N ASP A 206 10.29 13.94 15.80
CA ASP A 206 10.90 14.18 14.50
C ASP A 206 10.33 15.44 13.86
N ASN A 207 10.36 16.54 14.61
CA ASN A 207 9.83 17.80 14.10
C ASN A 207 10.65 18.29 12.92
N GLU A 208 11.97 18.24 13.04
CA GLU A 208 12.85 18.69 11.98
C GLU A 208 12.89 17.67 10.84
N LEU A 209 13.07 16.40 11.21
CA LEU A 209 13.14 15.34 10.20
C LEU A 209 11.83 15.26 9.43
N ARG A 210 10.72 15.33 10.15
CA ARG A 210 9.40 15.26 9.52
C ARG A 210 9.22 16.45 8.58
N GLU A 211 9.64 17.64 9.04
CA GLU A 211 9.52 18.84 8.22
C GLU A 211 10.25 18.64 6.89
N ALA A 212 11.39 17.93 6.95
CA ALA A 212 12.17 17.67 5.72
C ALA A 212 11.45 16.61 4.89
N LEU A 213 11.56 15.34 5.31
CA LEU A 213 10.90 14.24 4.59
C LEU A 213 9.64 14.73 3.90
N ASN A 214 8.83 15.51 4.63
CA ASN A 214 7.61 16.08 4.05
C ASN A 214 7.95 17.05 2.92
N LYS A 215 8.94 17.91 3.15
CA LYS A 215 9.38 18.86 2.14
C LYS A 215 9.90 18.11 0.91
N ALA A 216 10.69 17.07 1.15
CA ALA A 216 11.26 16.28 0.05
C ALA A 216 10.13 15.62 -0.74
N PHE A 217 9.11 15.14 -0.02
CA PHE A 217 7.97 14.50 -0.68
C PHE A 217 7.28 15.49 -1.61
N ALA A 218 7.10 16.73 -1.13
CA ALA A 218 6.44 17.76 -1.93
C ALA A 218 7.24 18.04 -3.19
N GLU A 219 8.57 18.05 -3.06
CA GLU A 219 9.45 18.29 -4.20
C GLU A 219 9.28 17.18 -5.23
N MET A 220 9.22 15.94 -4.75
CA MET A 220 9.08 14.78 -5.64
C MET A 220 7.83 14.95 -6.49
N ARG A 221 6.77 15.49 -5.88
CA ARG A 221 5.52 15.71 -6.61
C ARG A 221 5.70 16.84 -7.62
N ALA A 222 6.44 17.88 -7.24
CA ALA A 222 6.66 19.02 -8.11
C ALA A 222 7.35 18.59 -9.40
N ASP A 223 8.36 17.75 -9.26
CA ASP A 223 9.10 17.24 -10.43
C ASP A 223 8.46 15.96 -10.95
N GLY A 224 7.38 15.55 -10.32
CA GLY A 224 6.67 14.34 -10.74
C GLY A 224 7.54 13.10 -10.55
N THR A 225 8.55 13.21 -9.70
CA THR A 225 9.45 12.09 -9.46
C THR A 225 8.66 10.89 -8.97
N TYR A 226 7.76 11.11 -8.02
CA TYR A 226 6.95 10.03 -7.48
C TYR A 226 6.05 9.45 -8.59
N GLU A 227 5.21 10.32 -9.17
CA GLU A 227 4.30 9.88 -10.22
C GLU A 227 5.08 9.24 -11.36
N LYS A 228 6.21 9.84 -11.72
CA LYS A 228 7.04 9.31 -12.80
C LYS A 228 7.46 7.88 -12.50
N LEU A 229 7.96 7.66 -11.30
CA LEU A 229 8.39 6.31 -10.90
C LEU A 229 7.21 5.36 -10.92
N ALA A 230 6.06 5.82 -10.43
CA ALA A 230 4.86 4.99 -10.40
C ALA A 230 4.49 4.53 -11.80
N LYS A 231 4.43 5.46 -12.73
CA LYS A 231 4.07 5.14 -14.11
C LYS A 231 5.05 4.12 -14.69
N LYS A 232 6.31 4.24 -14.28
CA LYS A 232 7.34 3.31 -14.77
C LYS A 232 7.15 1.92 -14.18
N TYR A 233 7.02 1.85 -12.86
CA TYR A 233 6.83 0.57 -12.19
C TYR A 233 5.53 -0.08 -12.63
N PHE A 234 4.46 0.72 -12.67
CA PHE A 234 3.16 0.20 -13.08
C PHE A 234 2.30 1.32 -13.65
N ASP A 235 1.34 0.96 -14.49
CA ASP A 235 0.44 1.96 -15.08
C ASP A 235 -0.87 2.02 -14.29
N PHE A 236 -0.98 3.01 -13.41
CA PHE A 236 -2.19 3.17 -12.61
C PHE A 236 -2.33 4.61 -12.15
N ASP A 237 -3.22 4.83 -11.18
CA ASP A 237 -3.45 6.17 -10.66
C ASP A 237 -3.22 6.21 -9.15
N VAL A 238 -2.15 6.89 -8.74
CA VAL A 238 -1.83 7.00 -7.32
C VAL A 238 -2.92 7.76 -6.58
N TYR A 239 -3.44 8.81 -7.21
CA TYR A 239 -4.48 9.62 -6.60
C TYR A 239 -5.70 8.75 -6.30
N GLY A 240 -6.05 7.88 -7.23
CA GLY A 240 -7.20 7.00 -7.05
C GLY A 240 -6.97 6.05 -5.87
N GLY A 241 -5.72 5.59 -5.72
CA GLY A 241 -5.39 4.68 -4.63
C GLY A 241 -6.11 3.36 -4.79
N ALA A 4 20.96 20.52 13.74
CA ALA A 4 21.82 19.59 12.97
C ALA A 4 21.12 18.23 12.86
N ILE A 5 20.97 17.76 11.62
CA ILE A 5 20.33 16.48 11.39
C ILE A 5 21.22 15.33 11.88
N PRO A 6 20.66 14.17 12.01
CA PRO A 6 21.41 12.96 12.46
C PRO A 6 22.54 12.59 11.50
N GLN A 7 23.65 12.12 12.05
CA GLN A 7 24.79 11.73 11.24
C GLN A 7 24.46 10.51 10.39
N ASN A 8 23.74 9.57 10.99
CA ASN A 8 23.35 8.34 10.27
C ASN A 8 21.91 7.97 10.61
N ILE A 9 21.16 7.53 9.60
CA ILE A 9 19.77 7.13 9.83
C ILE A 9 19.62 5.62 9.74
N ARG A 10 19.15 5.02 10.83
CA ARG A 10 18.95 3.57 10.87
C ARG A 10 17.52 3.22 10.48
N ILE A 11 17.38 2.46 9.40
CA ILE A 11 16.06 2.06 8.91
C ILE A 11 15.87 0.56 9.08
N GLY A 12 14.67 0.17 9.52
CA GLY A 12 14.36 -1.25 9.70
C GLY A 12 13.39 -1.74 8.64
N THR A 13 13.92 -2.43 7.64
CA THR A 13 13.08 -2.96 6.56
C THR A 13 13.26 -4.45 6.41
N ASP A 14 12.16 -5.20 6.56
CA ASP A 14 12.21 -6.65 6.42
C ASP A 14 11.40 -7.09 5.21
N PRO A 15 12.03 -7.23 4.08
CA PRO A 15 11.35 -7.67 2.83
C PRO A 15 10.60 -8.99 3.01
N THR A 16 9.38 -9.04 2.51
CA THR A 16 8.56 -10.24 2.63
C THR A 16 7.74 -10.46 1.37
N TYR A 17 7.57 -9.40 0.59
CA TYR A 17 6.80 -9.48 -0.64
C TYR A 17 7.63 -9.02 -1.83
N ALA A 18 8.19 -9.97 -2.57
CA ALA A 18 9.01 -9.65 -3.73
C ALA A 18 8.55 -8.33 -4.38
N PRO A 19 7.33 -8.29 -4.83
CA PRO A 19 6.76 -7.08 -5.48
C PRO A 19 6.99 -5.81 -4.65
N PHE A 20 6.86 -5.93 -3.35
CA PHE A 20 7.06 -4.79 -2.47
C PHE A 20 8.56 -4.55 -2.24
N GLU A 21 9.30 -5.63 -2.03
CA GLU A 21 10.74 -5.52 -1.78
C GLU A 21 11.47 -6.75 -2.30
N SER A 22 12.62 -7.05 -1.70
CA SER A 22 13.41 -8.20 -2.12
C SER A 22 14.84 -8.07 -1.61
N LYS A 23 15.64 -9.10 -1.88
CA LYS A 23 17.04 -9.09 -1.45
C LYS A 23 17.94 -9.58 -2.58
N ASN A 24 19.11 -8.94 -2.72
CA ASN A 24 20.06 -9.32 -3.76
C ASN A 24 21.05 -10.33 -3.23
N SER A 25 21.34 -11.36 -4.03
CA SER A 25 22.30 -12.38 -3.64
C SER A 25 23.69 -11.80 -3.49
N GLN A 26 23.91 -10.64 -4.11
CA GLN A 26 25.21 -9.98 -4.04
C GLN A 26 25.37 -9.25 -2.70
N GLY A 27 24.30 -9.23 -1.92
CA GLY A 27 24.33 -8.56 -0.61
C GLY A 27 23.67 -7.20 -0.68
N GLU A 28 23.33 -6.76 -1.89
CA GLU A 28 22.67 -5.48 -2.08
C GLU A 28 21.19 -5.59 -1.76
N LEU A 29 20.57 -4.45 -1.42
CA LEU A 29 19.16 -4.43 -1.09
C LEU A 29 18.37 -3.69 -2.16
N VAL A 30 17.25 -4.27 -2.59
CA VAL A 30 16.42 -3.65 -3.62
C VAL A 30 14.95 -3.70 -3.22
N GLY A 31 14.17 -2.74 -3.69
CA GLY A 31 12.75 -2.69 -3.37
C GLY A 31 12.17 -1.32 -3.71
N PHE A 32 10.88 -1.29 -4.04
CA PHE A 32 10.22 -0.05 -4.39
C PHE A 32 10.30 0.94 -3.24
N ASP A 33 10.11 0.45 -2.02
CA ASP A 33 10.16 1.30 -0.84
C ASP A 33 11.58 1.79 -0.56
N ILE A 34 12.55 0.99 -0.98
CA ILE A 34 13.95 1.34 -0.79
C ILE A 34 14.35 2.53 -1.65
N ASP A 35 13.84 2.55 -2.88
CA ASP A 35 14.16 3.62 -3.81
C ASP A 35 13.70 4.96 -3.24
N LEU A 36 12.55 4.95 -2.58
CA LEU A 36 12.02 6.17 -1.97
C LEU A 36 12.95 6.64 -0.85
N ALA A 37 13.38 5.71 -0.02
CA ALA A 37 14.26 6.04 1.10
C ALA A 37 15.53 6.72 0.58
N LYS A 38 16.15 6.11 -0.44
CA LYS A 38 17.38 6.68 -1.00
C LYS A 38 17.17 8.13 -1.39
N GLU A 39 16.15 8.38 -2.20
CA GLU A 39 15.86 9.75 -2.64
C GLU A 39 15.74 10.68 -1.42
N LEU A 40 15.14 10.16 -0.35
CA LEU A 40 14.98 10.94 0.87
C LEU A 40 16.34 11.14 1.55
N CYS A 41 17.15 10.09 1.57
CA CYS A 41 18.47 10.16 2.20
C CYS A 41 19.26 11.33 1.63
N LYS A 42 19.23 11.47 0.31
CA LYS A 42 19.93 12.57 -0.36
C LYS A 42 19.32 13.92 0.07
N ARG A 43 17.99 13.99 0.02
CA ARG A 43 17.30 15.22 0.41
C ARG A 43 17.62 15.58 1.86
N ILE A 44 17.63 14.58 2.72
CA ILE A 44 17.94 14.79 4.12
C ILE A 44 19.43 15.01 4.32
N ASN A 45 20.22 14.63 3.32
CA ASN A 45 21.67 14.78 3.39
C ASN A 45 22.23 13.98 4.56
N THR A 46 21.88 12.69 4.61
CA THR A 46 22.36 11.81 5.68
C THR A 46 22.56 10.39 5.16
N GLN A 47 23.17 9.55 5.99
CA GLN A 47 23.42 8.16 5.61
C GLN A 47 22.21 7.30 5.97
N CYS A 48 21.91 6.33 5.12
CA CYS A 48 20.78 5.43 5.36
C CYS A 48 21.26 3.99 5.51
N THR A 49 20.78 3.32 6.54
CA THR A 49 21.16 1.92 6.79
C THR A 49 19.92 1.06 6.99
N PHE A 50 19.84 -0.03 6.25
CA PHE A 50 18.71 -0.94 6.36
C PHE A 50 19.02 -2.08 7.31
N VAL A 51 18.07 -2.39 8.19
CA VAL A 51 18.26 -3.48 9.15
C VAL A 51 17.07 -4.44 9.12
N GLU A 52 17.34 -5.73 8.98
CA GLU A 52 16.27 -6.72 8.96
C GLU A 52 15.56 -6.79 10.30
N ASN A 53 14.23 -6.87 10.25
CA ASN A 53 13.45 -6.93 11.47
C ASN A 53 11.96 -6.92 11.15
N PRO A 54 11.20 -7.83 11.72
CA PRO A 54 9.75 -7.94 11.47
C PRO A 54 8.97 -6.76 12.04
N LEU A 55 7.91 -6.36 11.34
CA LEU A 55 7.10 -5.24 11.80
C LEU A 55 6.90 -5.28 13.31
N ASP A 56 6.39 -6.40 13.80
CA ASP A 56 6.14 -6.55 15.23
C ASP A 56 7.36 -6.12 16.03
N ALA A 57 8.54 -6.22 15.43
CA ALA A 57 9.78 -5.85 16.11
C ALA A 57 10.18 -4.42 15.76
N LEU A 58 9.67 -3.91 14.65
CA LEU A 58 9.97 -2.55 14.25
C LEU A 58 9.44 -1.53 15.25
N ILE A 59 8.23 -1.76 15.73
CA ILE A 59 7.60 -0.84 16.69
C ILE A 59 8.44 -0.79 17.97
N PRO A 60 8.65 -1.92 18.57
CA PRO A 60 9.49 -2.04 19.79
C PRO A 60 10.89 -1.46 19.55
N SER A 61 11.46 -1.76 18.38
CA SER A 61 12.79 -1.28 18.04
C SER A 61 12.83 0.25 18.08
N LEU A 62 11.81 0.87 17.50
CA LEU A 62 11.74 2.33 17.47
C LEU A 62 11.73 2.87 18.90
N LYS A 63 10.95 2.25 19.76
CA LYS A 63 10.89 2.67 21.16
C LYS A 63 12.24 2.45 21.84
N ALA A 64 12.88 1.33 21.53
CA ALA A 64 14.17 1.01 22.12
C ALA A 64 15.27 1.82 21.46
N LYS A 65 14.88 2.79 20.64
CA LYS A 65 15.85 3.63 19.95
C LYS A 65 16.81 2.79 19.11
N LYS A 66 16.46 1.53 18.94
CA LYS A 66 17.26 0.62 18.14
C LYS A 66 17.31 1.08 16.69
N ILE A 67 16.19 1.64 16.22
CA ILE A 67 16.10 2.13 14.84
C ILE A 67 15.73 3.60 14.82
N ASP A 68 16.13 4.29 13.76
CA ASP A 68 15.84 5.71 13.64
C ASP A 68 14.55 5.95 12.86
N ALA A 69 14.15 4.97 12.07
CA ALA A 69 12.95 5.08 11.27
C ALA A 69 12.44 3.71 10.85
N ILE A 70 11.15 3.61 10.54
CA ILE A 70 10.56 2.35 10.12
C ILE A 70 10.06 2.46 8.69
N MET A 71 10.46 1.50 7.86
CA MET A 71 10.03 1.48 6.46
C MET A 71 9.49 0.11 6.08
N SER A 72 8.18 0.02 5.92
CA SER A 72 7.55 -1.25 5.56
C SER A 72 6.17 -1.00 4.95
N SER A 73 5.50 -2.07 4.55
CA SER A 73 4.17 -1.97 3.96
C SER A 73 3.18 -1.44 4.98
N LEU A 74 3.56 -1.47 6.25
CA LEU A 74 2.68 -0.99 7.33
C LEU A 74 1.86 0.20 6.84
N SER A 75 0.55 0.09 6.96
CA SER A 75 -0.34 1.16 6.55
C SER A 75 -0.46 2.22 7.64
N ILE A 76 -0.79 3.45 7.23
CA ILE A 76 -0.93 4.55 8.20
C ILE A 76 -2.40 4.86 8.42
N THR A 77 -2.74 5.32 9.62
CA THR A 77 -4.11 5.67 9.96
C THR A 77 -4.16 6.80 10.97
N GLU A 78 -5.24 7.57 10.94
CA GLU A 78 -5.39 8.68 11.88
C GLU A 78 -5.13 8.22 13.31
N LYS A 79 -5.73 7.11 13.68
CA LYS A 79 -5.56 6.57 15.03
C LYS A 79 -4.09 6.35 15.34
N ARG A 80 -3.34 5.87 14.35
CA ARG A 80 -1.91 5.65 14.51
C ARG A 80 -1.16 6.97 14.65
N GLN A 81 -1.60 7.97 13.88
CA GLN A 81 -0.97 9.28 13.91
C GLN A 81 -1.00 9.85 15.33
N GLN A 82 -2.10 9.62 16.03
CA GLN A 82 -2.24 10.11 17.39
C GLN A 82 -1.14 9.51 18.28
N GLU A 83 -0.66 8.33 17.92
CA GLU A 83 0.39 7.68 18.68
C GLU A 83 1.76 8.20 18.29
N ILE A 84 2.04 8.22 16.97
CA ILE A 84 3.32 8.71 16.48
C ILE A 84 3.11 9.54 15.22
N ALA A 85 4.21 9.85 14.53
CA ALA A 85 4.14 10.65 13.32
C ALA A 85 4.38 9.79 12.09
N PHE A 86 3.74 10.15 10.98
CA PHE A 86 3.88 9.41 9.74
C PHE A 86 4.20 10.35 8.58
N THR A 87 4.94 9.85 7.59
CA THR A 87 5.29 10.67 6.44
C THR A 87 5.78 9.78 5.29
N ASP A 88 6.64 10.34 4.44
CA ASP A 88 7.17 9.58 3.32
C ASP A 88 6.09 8.76 2.65
N LYS A 89 4.83 9.14 2.89
CA LYS A 89 3.69 8.42 2.31
C LYS A 89 4.09 7.78 0.98
N LEU A 90 3.96 6.47 0.90
CA LEU A 90 4.33 5.74 -0.32
C LEU A 90 3.28 5.91 -1.39
N TYR A 91 2.11 5.31 -1.16
CA TYR A 91 1.02 5.39 -2.14
C TYR A 91 -0.33 5.33 -1.43
N ALA A 92 -1.39 5.68 -2.16
CA ALA A 92 -2.74 5.65 -1.60
C ALA A 92 -3.30 4.24 -1.65
N ALA A 93 -3.68 3.70 -0.49
CA ALA A 93 -4.23 2.36 -0.42
C ALA A 93 -5.74 2.39 -0.22
N ASP A 94 -6.45 2.83 -1.26
CA ASP A 94 -7.91 2.91 -1.20
C ASP A 94 -8.53 1.57 -1.58
N SER A 95 -9.07 1.51 -2.78
CA SER A 95 -9.72 0.29 -3.27
C SER A 95 -9.78 0.28 -4.79
N ARG A 96 -10.07 -0.89 -5.36
CA ARG A 96 -10.18 -1.02 -6.80
C ARG A 96 -11.06 -2.22 -7.16
N LEU A 97 -11.80 -2.09 -8.26
CA LEU A 97 -12.67 -3.17 -8.72
C LEU A 97 -12.02 -3.92 -9.87
N VAL A 98 -12.11 -5.25 -9.82
CA VAL A 98 -11.52 -6.08 -10.88
C VAL A 98 -12.60 -6.97 -11.49
N VAL A 99 -12.96 -6.68 -12.74
CA VAL A 99 -13.99 -7.44 -13.44
C VAL A 99 -13.55 -7.81 -14.84
N ALA A 100 -14.26 -8.75 -15.46
CA ALA A 100 -13.93 -9.17 -16.82
C ALA A 100 -14.66 -8.31 -17.84
N LYS A 101 -14.03 -8.12 -18.99
CA LYS A 101 -14.62 -7.31 -20.06
C LYS A 101 -15.99 -7.86 -20.43
N ASN A 102 -16.18 -9.17 -20.24
CA ASN A 102 -17.45 -9.80 -20.57
C ASN A 102 -18.58 -9.16 -19.78
N SER A 103 -18.33 -8.88 -18.51
CA SER A 103 -19.35 -8.26 -17.66
C SER A 103 -19.05 -6.77 -17.48
N ASP A 104 -20.01 -5.94 -17.87
CA ASP A 104 -19.83 -4.49 -17.75
C ASP A 104 -20.27 -4.01 -16.38
N ILE A 105 -19.29 -3.60 -15.57
CA ILE A 105 -19.56 -3.10 -14.23
C ILE A 105 -18.94 -1.74 -14.02
N GLN A 106 -19.74 -0.79 -13.53
CA GLN A 106 -19.25 0.55 -13.28
C GLN A 106 -19.12 0.82 -11.78
N PRO A 107 -18.26 1.71 -11.41
CA PRO A 107 -18.04 2.08 -9.97
C PRO A 107 -19.32 2.60 -9.32
N THR A 108 -20.06 1.69 -8.70
CA THR A 108 -21.31 2.07 -8.03
C THR A 108 -21.86 0.91 -7.23
N VAL A 109 -22.46 1.22 -6.08
CA VAL A 109 -23.03 0.19 -5.22
C VAL A 109 -24.27 -0.42 -5.89
N GLU A 110 -24.99 0.40 -6.64
CA GLU A 110 -26.19 -0.06 -7.31
C GLU A 110 -25.87 -1.24 -8.23
N SER A 111 -25.03 -1.00 -9.23
CA SER A 111 -24.67 -2.05 -10.17
C SER A 111 -24.08 -3.25 -9.45
N LEU A 112 -23.58 -3.02 -8.25
CA LEU A 112 -23.01 -4.09 -7.44
C LEU A 112 -24.09 -4.96 -6.83
N LYS A 113 -25.26 -4.38 -6.64
CA LYS A 113 -26.37 -5.12 -6.03
C LYS A 113 -26.64 -6.39 -6.82
N GLY A 114 -26.81 -7.49 -6.09
CA GLY A 114 -27.08 -8.78 -6.72
C GLY A 114 -25.80 -9.45 -7.18
N LYS A 115 -24.73 -8.67 -7.28
CA LYS A 115 -23.45 -9.20 -7.73
C LYS A 115 -22.68 -9.79 -6.56
N ARG A 116 -21.83 -10.78 -6.85
CA ARG A 116 -21.05 -11.44 -5.81
C ARG A 116 -19.66 -10.81 -5.73
N VAL A 117 -19.20 -10.56 -4.51
CA VAL A 117 -17.89 -9.95 -4.29
C VAL A 117 -17.07 -10.78 -3.32
N GLY A 118 -15.79 -10.98 -3.64
CA GLY A 118 -14.91 -11.76 -2.78
C GLY A 118 -13.94 -10.85 -2.03
N VAL A 119 -13.73 -11.15 -0.75
CA VAL A 119 -12.82 -10.35 0.07
C VAL A 119 -11.85 -11.26 0.81
N LEU A 120 -10.74 -10.67 1.29
CA LEU A 120 -9.74 -11.42 2.02
C LEU A 120 -10.02 -11.38 3.52
N GLN A 121 -10.28 -12.53 4.10
CA GLN A 121 -10.57 -12.62 5.52
C GLN A 121 -9.48 -11.92 6.33
N GLY A 122 -9.81 -11.52 7.56
CA GLY A 122 -8.86 -10.86 8.42
C GLY A 122 -8.47 -9.50 7.85
N THR A 123 -9.46 -8.70 7.50
CA THR A 123 -9.22 -7.38 6.93
C THR A 123 -10.36 -6.42 7.30
N THR A 124 -10.13 -5.13 7.04
CA THR A 124 -11.15 -4.12 7.33
C THR A 124 -12.30 -4.21 6.32
N GLN A 125 -11.99 -4.70 5.12
CA GLN A 125 -13.01 -4.81 4.08
C GLN A 125 -14.13 -5.73 4.54
N GLU A 126 -13.79 -6.95 4.93
CA GLU A 126 -14.80 -7.90 5.37
C GLU A 126 -15.59 -7.33 6.54
N THR A 127 -14.90 -6.90 7.59
CA THR A 127 -15.58 -6.34 8.76
C THR A 127 -16.38 -5.10 8.38
N PHE A 128 -15.73 -4.17 7.69
CA PHE A 128 -16.41 -2.95 7.27
C PHE A 128 -17.55 -3.28 6.31
N GLY A 129 -17.29 -4.19 5.37
CA GLY A 129 -18.29 -4.58 4.39
C GLY A 129 -19.50 -5.21 5.06
N ASN A 130 -19.24 -6.10 6.02
CA ASN A 130 -20.32 -6.77 6.73
C ASN A 130 -21.39 -5.77 7.15
N GLU A 131 -21.06 -4.49 7.08
CA GLU A 131 -22.01 -3.44 7.45
C GLU A 131 -22.17 -2.44 6.32
N HIS A 132 -21.09 -2.20 5.59
CA HIS A 132 -21.14 -1.24 4.49
C HIS A 132 -21.88 -1.80 3.29
N TRP A 133 -21.49 -3.00 2.87
CA TRP A 133 -22.12 -3.65 1.72
C TRP A 133 -23.17 -4.67 2.15
N ALA A 134 -23.52 -4.62 3.43
CA ALA A 134 -24.51 -5.55 3.97
C ALA A 134 -25.93 -5.03 3.70
N PRO A 135 -26.21 -3.83 4.14
CA PRO A 135 -27.54 -3.20 3.96
C PRO A 135 -27.80 -2.79 2.51
N LYS A 136 -26.75 -2.85 1.69
CA LYS A 136 -26.87 -2.46 0.29
C LYS A 136 -27.43 -3.62 -0.53
N GLY A 137 -27.54 -4.79 0.09
CA GLY A 137 -28.05 -5.97 -0.60
C GLY A 137 -26.99 -6.59 -1.49
N ILE A 138 -25.74 -6.51 -1.06
CA ILE A 138 -24.63 -7.07 -1.82
C ILE A 138 -24.07 -8.30 -1.12
N GLU A 139 -23.76 -9.33 -1.91
CA GLU A 139 -23.21 -10.57 -1.35
C GLU A 139 -21.69 -10.48 -1.26
N ILE A 140 -21.16 -10.80 -0.09
CA ILE A 140 -19.72 -10.77 0.12
C ILE A 140 -19.21 -12.09 0.67
N VAL A 141 -18.06 -12.54 0.15
CA VAL A 141 -17.49 -13.81 0.60
C VAL A 141 -16.06 -13.57 1.12
N SER A 142 -15.76 -14.15 2.28
CA SER A 142 -14.44 -14.00 2.88
C SER A 142 -13.57 -15.19 2.55
N TYR A 143 -12.37 -14.91 2.02
CA TYR A 143 -11.43 -15.97 1.66
C TYR A 143 -10.23 -15.94 2.58
N GLN A 144 -9.59 -17.10 2.75
CA GLN A 144 -8.42 -17.19 3.62
C GLN A 144 -7.14 -17.35 2.80
N GLY A 145 -7.28 -17.22 1.48
CA GLY A 145 -6.13 -17.36 0.58
C GLY A 145 -6.07 -16.20 -0.41
N GLN A 146 -4.91 -15.58 -0.52
CA GLN A 146 -4.74 -14.46 -1.44
C GLN A 146 -4.88 -14.94 -2.88
N ASP A 147 -4.23 -16.05 -3.20
CA ASP A 147 -4.28 -16.59 -4.56
C ASP A 147 -5.66 -17.16 -4.85
N ASN A 148 -6.38 -17.52 -3.79
CA ASN A 148 -7.72 -18.08 -3.93
C ASN A 148 -8.66 -17.04 -4.53
N ILE A 149 -8.47 -15.79 -4.13
CA ILE A 149 -9.33 -14.71 -4.63
C ILE A 149 -9.14 -14.50 -6.13
N TYR A 150 -7.87 -14.44 -6.55
CA TYR A 150 -7.55 -14.24 -7.96
C TYR A 150 -8.05 -15.42 -8.79
N SER A 151 -7.93 -16.62 -8.22
CA SER A 151 -8.36 -17.83 -8.91
C SER A 151 -9.86 -17.77 -9.20
N ASP A 152 -10.63 -17.30 -8.21
CA ASP A 152 -12.08 -17.18 -8.38
C ASP A 152 -12.39 -16.17 -9.49
N LEU A 153 -11.70 -15.02 -9.45
CA LEU A 153 -11.93 -13.99 -10.45
C LEU A 153 -11.66 -14.55 -11.85
N THR A 154 -10.54 -15.22 -12.01
CA THR A 154 -10.19 -15.81 -13.30
C THR A 154 -11.21 -16.86 -13.69
N ALA A 155 -11.90 -17.42 -12.69
CA ALA A 155 -12.90 -18.45 -12.95
C ALA A 155 -14.27 -17.82 -13.17
N GLY A 156 -14.42 -16.57 -12.73
CA GLY A 156 -15.68 -15.86 -12.89
C GLY A 156 -16.63 -16.15 -11.72
N ARG A 157 -16.08 -16.76 -10.67
CA ARG A 157 -16.86 -17.09 -9.49
C ARG A 157 -17.24 -15.83 -8.72
N ILE A 158 -16.51 -14.74 -9.00
CA ILE A 158 -16.78 -13.45 -8.35
C ILE A 158 -16.95 -12.35 -9.39
N ASP A 159 -17.95 -11.50 -9.18
CA ASP A 159 -18.21 -10.40 -10.09
C ASP A 159 -17.14 -9.32 -9.97
N ALA A 160 -16.55 -9.21 -8.79
CA ALA A 160 -15.53 -8.21 -8.56
C ALA A 160 -14.94 -8.36 -7.15
N ALA A 161 -13.70 -7.87 -6.98
CA ALA A 161 -13.05 -7.95 -5.68
C ALA A 161 -12.49 -6.59 -5.30
N PHE A 162 -12.67 -6.20 -4.04
CA PHE A 162 -12.19 -4.91 -3.56
C PHE A 162 -10.74 -5.01 -3.13
N GLN A 163 -9.84 -4.52 -3.98
CA GLN A 163 -8.40 -4.55 -3.68
C GLN A 163 -7.79 -3.19 -3.95
N ASP A 164 -6.57 -2.99 -3.43
CA ASP A 164 -5.87 -1.72 -3.63
C ASP A 164 -5.35 -1.62 -5.06
N GLU A 165 -5.21 -0.39 -5.54
CA GLU A 165 -4.72 -0.16 -6.90
C GLU A 165 -3.29 -0.62 -7.06
N VAL A 166 -2.40 -0.11 -6.20
CA VAL A 166 -1.00 -0.47 -6.28
C VAL A 166 -0.82 -1.97 -6.09
N ALA A 167 -1.44 -2.53 -5.06
CA ALA A 167 -1.33 -3.95 -4.80
C ALA A 167 -1.90 -4.75 -5.97
N ALA A 168 -2.99 -4.26 -6.54
CA ALA A 168 -3.62 -4.94 -7.66
C ALA A 168 -2.69 -4.96 -8.87
N SER A 169 -2.36 -3.78 -9.39
CA SER A 169 -1.48 -3.69 -10.54
C SER A 169 -0.12 -4.31 -10.25
N GLU A 170 0.45 -3.96 -9.10
CA GLU A 170 1.75 -4.49 -8.71
C GLU A 170 1.76 -6.01 -8.86
N GLY A 171 0.64 -6.63 -8.52
CA GLY A 171 0.53 -8.08 -8.62
C GLY A 171 -0.39 -8.51 -9.75
N PHE A 172 -1.66 -8.18 -9.63
CA PHE A 172 -2.65 -8.54 -10.62
C PHE A 172 -2.10 -8.36 -12.03
N LEU A 173 -1.93 -7.12 -12.44
CA LEU A 173 -1.43 -6.82 -13.76
C LEU A 173 -0.04 -7.40 -13.97
N LYS A 174 0.79 -7.30 -12.93
CA LYS A 174 2.15 -7.81 -13.00
C LYS A 174 2.14 -9.30 -13.27
N GLN A 175 0.95 -9.89 -13.34
CA GLN A 175 0.82 -11.32 -13.60
C GLN A 175 -0.06 -11.56 -14.82
N PRO A 176 0.28 -12.55 -15.63
CA PRO A 176 -0.50 -12.91 -16.84
C PRO A 176 -2.01 -12.94 -16.57
N VAL A 177 -2.36 -12.99 -15.29
CA VAL A 177 -3.78 -13.03 -14.91
C VAL A 177 -4.49 -11.77 -15.37
N GLY A 178 -3.84 -10.63 -15.16
CA GLY A 178 -4.44 -9.35 -15.55
C GLY A 178 -4.72 -9.29 -17.04
N LYS A 179 -3.87 -9.93 -17.82
CA LYS A 179 -4.03 -9.94 -19.26
C LYS A 179 -5.36 -10.57 -19.65
N ASP A 180 -5.73 -11.65 -18.97
CA ASP A 180 -6.99 -12.33 -19.24
C ASP A 180 -8.16 -11.43 -18.87
N TYR A 181 -7.99 -10.63 -17.82
CA TYR A 181 -9.04 -9.74 -17.36
C TYR A 181 -8.46 -8.58 -16.57
N LYS A 182 -9.06 -7.40 -16.72
CA LYS A 182 -8.60 -6.21 -16.02
C LYS A 182 -9.48 -5.01 -16.32
N PHE A 183 -10.39 -4.71 -15.41
CA PHE A 183 -11.30 -3.58 -15.60
C PHE A 183 -11.87 -3.12 -14.26
N GLY A 184 -12.49 -1.94 -14.26
CA GLY A 184 -13.09 -1.41 -13.05
C GLY A 184 -12.06 -0.71 -12.19
N GLY A 185 -11.38 0.27 -12.77
CA GLY A 185 -10.35 1.01 -12.05
C GLY A 185 -10.88 1.52 -10.71
N PRO A 186 -10.92 2.81 -10.51
CA PRO A 186 -11.43 3.41 -9.25
C PRO A 186 -12.77 2.84 -8.84
N SER A 187 -12.90 2.51 -7.55
CA SER A 187 -14.12 1.94 -7.03
C SER A 187 -14.67 2.74 -5.86
N VAL A 188 -14.56 2.19 -4.66
CA VAL A 188 -15.07 2.85 -3.46
C VAL A 188 -14.52 2.19 -2.22
N LYS A 189 -14.64 2.87 -1.08
CA LYS A 189 -14.15 2.34 0.19
C LYS A 189 -13.81 3.46 1.15
N ASP A 190 -13.84 3.16 2.45
CA ASP A 190 -13.51 4.16 3.47
C ASP A 190 -11.99 4.23 3.64
N GLU A 191 -11.42 5.40 3.34
CA GLU A 191 -9.98 5.59 3.45
C GLU A 191 -9.55 5.64 4.92
N LYS A 192 -10.51 5.88 5.79
CA LYS A 192 -10.22 5.97 7.23
C LYS A 192 -9.73 4.63 7.74
N LEU A 193 -10.23 3.54 7.15
CA LEU A 193 -9.87 2.21 7.60
C LEU A 193 -8.37 1.98 7.44
N PHE A 194 -7.82 2.39 6.30
CA PHE A 194 -6.39 2.25 6.06
C PHE A 194 -5.71 3.61 5.97
N GLY A 195 -6.45 4.66 6.31
CA GLY A 195 -5.92 6.01 6.25
C GLY A 195 -5.75 6.46 4.80
N VAL A 196 -4.84 7.41 4.58
CA VAL A 196 -4.59 7.92 3.24
C VAL A 196 -3.88 6.86 2.40
N GLY A 197 -3.17 5.95 3.06
CA GLY A 197 -2.45 4.90 2.35
C GLY A 197 -1.37 4.29 3.25
N THR A 198 -0.13 4.30 2.76
CA THR A 198 0.98 3.75 3.54
C THR A 198 2.15 4.73 3.55
N GLY A 199 3.03 4.56 4.53
CA GLY A 199 4.19 5.44 4.65
C GLY A 199 5.15 4.93 5.71
N MET A 200 6.05 5.80 6.16
CA MET A 200 7.03 5.41 7.17
C MET A 200 6.57 5.85 8.56
N GLY A 201 6.77 4.98 9.55
CA GLY A 201 6.35 5.30 10.91
C GLY A 201 7.46 6.01 11.67
N LEU A 202 7.22 7.28 11.98
CA LEU A 202 8.20 8.08 12.72
C LEU A 202 7.57 8.67 13.98
N ARG A 203 8.43 9.06 14.93
CA ARG A 203 7.94 9.64 16.17
C ARG A 203 7.74 11.15 16.03
N LYS A 204 6.78 11.69 16.77
CA LYS A 204 6.49 13.12 16.70
C LYS A 204 7.77 13.93 16.89
N GLU A 205 8.54 13.59 17.92
CA GLU A 205 9.78 14.30 18.19
C GLU A 205 10.51 14.65 16.89
N ASP A 206 10.24 13.88 15.84
CA ASP A 206 10.86 14.12 14.54
C ASP A 206 10.28 15.37 13.89
N ASN A 207 10.28 16.47 14.64
CA ASN A 207 9.74 17.73 14.12
C ASN A 207 10.57 18.23 12.95
N GLU A 208 11.89 18.18 13.10
CA GLU A 208 12.78 18.65 12.04
C GLU A 208 12.83 17.66 10.88
N LEU A 209 13.00 16.38 11.23
CA LEU A 209 13.06 15.34 10.20
C LEU A 209 11.75 15.26 9.44
N ARG A 210 10.65 15.32 10.16
CA ARG A 210 9.32 15.27 9.54
C ARG A 210 9.15 16.46 8.60
N GLU A 211 9.57 17.64 9.04
CA GLU A 211 9.47 18.84 8.23
C GLU A 211 10.20 18.63 6.91
N ALA A 212 11.32 17.92 6.95
CA ALA A 212 12.11 17.63 5.74
C ALA A 212 11.38 16.58 4.92
N LEU A 213 11.48 15.31 5.34
CA LEU A 213 10.81 14.22 4.63
C LEU A 213 9.55 14.72 3.93
N ASN A 214 8.75 15.51 4.65
CA ASN A 214 7.53 16.08 4.07
C ASN A 214 7.89 17.04 2.93
N LYS A 215 8.87 17.90 3.17
CA LYS A 215 9.31 18.85 2.16
C LYS A 215 9.85 18.10 0.94
N ALA A 216 10.64 17.06 1.18
CA ALA A 216 11.21 16.26 0.10
C ALA A 216 10.08 15.59 -0.70
N PHE A 217 9.06 15.12 0.01
CA PHE A 217 7.93 14.47 -0.64
C PHE A 217 7.23 15.46 -1.59
N ALA A 218 7.05 16.69 -1.12
CA ALA A 218 6.40 17.72 -1.93
C ALA A 218 7.22 17.99 -3.19
N GLU A 219 8.54 18.00 -3.04
CA GLU A 219 9.43 18.23 -4.18
C GLU A 219 9.27 17.11 -5.21
N MET A 220 9.22 15.87 -4.71
CA MET A 220 9.07 14.71 -5.59
C MET A 220 7.82 14.87 -6.44
N ARG A 221 6.77 15.41 -5.85
CA ARG A 221 5.52 15.64 -6.59
C ARG A 221 5.71 16.76 -7.61
N ALA A 222 6.45 17.79 -7.23
CA ALA A 222 6.68 18.93 -8.11
C ALA A 222 7.38 18.48 -9.39
N ASP A 223 8.40 17.64 -9.24
CA ASP A 223 9.14 17.12 -10.38
C ASP A 223 8.51 15.85 -10.92
N GLY A 224 7.41 15.44 -10.29
CA GLY A 224 6.70 14.24 -10.72
C GLY A 224 7.56 13.01 -10.53
N THR A 225 8.57 13.11 -9.68
CA THR A 225 9.47 11.99 -9.43
C THR A 225 8.67 10.79 -8.93
N TYR A 226 7.76 11.03 -7.98
CA TYR A 226 6.94 9.94 -7.45
C TYR A 226 6.04 9.38 -8.55
N GLU A 227 5.21 10.23 -9.14
CA GLU A 227 4.31 9.79 -10.19
C GLU A 227 5.09 9.14 -11.32
N LYS A 228 6.21 9.74 -11.69
CA LYS A 228 7.04 9.22 -12.77
C LYS A 228 7.46 7.78 -12.47
N LEU A 229 7.97 7.56 -11.26
CA LEU A 229 8.40 6.23 -10.87
C LEU A 229 7.22 5.26 -10.88
N ALA A 230 6.07 5.73 -10.39
CA ALA A 230 4.87 4.90 -10.34
C ALA A 230 4.50 4.43 -11.75
N LYS A 231 4.44 5.35 -12.69
CA LYS A 231 4.09 5.01 -14.06
C LYS A 231 5.08 4.01 -14.63
N LYS A 232 6.34 4.13 -14.23
CA LYS A 232 7.37 3.21 -14.71
C LYS A 232 7.19 1.82 -14.10
N TYR A 233 7.08 1.78 -12.78
CA TYR A 233 6.90 0.50 -12.09
C TYR A 233 5.61 -0.16 -12.53
N PHE A 234 4.53 0.61 -12.58
CA PHE A 234 3.24 0.08 -12.99
C PHE A 234 2.37 1.18 -13.59
N ASP A 235 1.43 0.79 -14.44
CA ASP A 235 0.54 1.75 -15.08
C ASP A 235 -0.78 1.85 -14.33
N PHE A 236 -0.88 2.82 -13.44
CA PHE A 236 -2.10 3.01 -12.65
C PHE A 236 -2.24 4.45 -12.22
N ASP A 237 -3.15 4.71 -11.28
CA ASP A 237 -3.38 6.06 -10.79
C ASP A 237 -3.17 6.12 -9.28
N VAL A 238 -2.11 6.80 -8.85
CA VAL A 238 -1.81 6.94 -7.44
C VAL A 238 -2.91 7.73 -6.74
N TYR A 239 -3.40 8.78 -7.40
CA TYR A 239 -4.44 9.61 -6.83
C TYR A 239 -5.67 8.75 -6.47
N GLY A 240 -6.03 7.86 -7.38
CA GLY A 240 -7.18 6.98 -7.15
C GLY A 240 -6.94 6.07 -5.95
N GLY A 241 -5.69 5.61 -5.81
CA GLY A 241 -5.34 4.73 -4.70
C GLY A 241 -6.08 3.40 -4.80
N ALA A 4 20.91 20.51 13.79
CA ALA A 4 21.76 19.58 13.01
C ALA A 4 21.06 18.23 12.89
N ILE A 5 20.97 17.73 11.66
CA ILE A 5 20.33 16.45 11.42
C ILE A 5 21.19 15.30 11.92
N PRO A 6 20.61 14.14 12.06
CA PRO A 6 21.33 12.93 12.54
C PRO A 6 22.49 12.54 11.62
N GLN A 7 23.58 12.07 12.21
CA GLN A 7 24.74 11.66 11.43
C GLN A 7 24.41 10.44 10.57
N ASN A 8 23.65 9.51 11.14
CA ASN A 8 23.29 8.29 10.41
C ASN A 8 21.83 7.93 10.72
N ILE A 9 21.13 7.43 9.70
CA ILE A 9 19.74 7.04 9.87
C ILE A 9 19.59 5.53 9.82
N ARG A 10 18.94 4.95 10.82
CA ARG A 10 18.72 3.51 10.88
C ARG A 10 17.30 3.16 10.49
N ILE A 11 17.14 2.40 9.41
CA ILE A 11 15.82 2.01 8.94
C ILE A 11 15.61 0.50 9.11
N GLY A 12 14.42 0.12 9.55
CA GLY A 12 14.11 -1.30 9.75
C GLY A 12 13.18 -1.80 8.66
N THR A 13 13.74 -2.47 7.66
CA THR A 13 12.95 -3.00 6.56
C THR A 13 13.14 -4.50 6.40
N ASP A 14 12.05 -5.24 6.57
CA ASP A 14 12.10 -6.70 6.45
C ASP A 14 11.30 -7.15 5.23
N PRO A 15 11.94 -7.28 4.09
CA PRO A 15 11.27 -7.72 2.84
C PRO A 15 10.53 -9.04 3.03
N THR A 16 9.29 -9.09 2.52
CA THR A 16 8.48 -10.30 2.63
C THR A 16 7.68 -10.51 1.36
N TYR A 17 7.53 -9.45 0.57
CA TYR A 17 6.78 -9.55 -0.68
C TYR A 17 7.63 -9.08 -1.85
N ALA A 18 8.20 -10.04 -2.57
CA ALA A 18 9.04 -9.71 -3.73
C ALA A 18 8.58 -8.40 -4.39
N PRO A 19 7.37 -8.37 -4.85
CA PRO A 19 6.81 -7.16 -5.53
C PRO A 19 7.02 -5.89 -4.71
N PHE A 20 6.87 -6.00 -3.39
CA PHE A 20 7.05 -4.86 -2.52
C PHE A 20 8.54 -4.60 -2.28
N GLU A 21 9.28 -5.68 -2.05
CA GLU A 21 10.71 -5.57 -1.77
C GLU A 21 11.46 -6.80 -2.26
N SER A 22 12.60 -7.07 -1.65
CA SER A 22 13.40 -8.23 -2.04
C SER A 22 14.83 -8.08 -1.54
N LYS A 23 15.65 -9.10 -1.79
CA LYS A 23 17.05 -9.07 -1.36
C LYS A 23 17.96 -9.54 -2.49
N ASN A 24 19.10 -8.88 -2.64
CA ASN A 24 20.06 -9.25 -3.68
C ASN A 24 21.08 -10.24 -3.15
N SER A 25 21.38 -11.26 -3.95
CA SER A 25 22.34 -12.28 -3.55
C SER A 25 23.73 -11.68 -3.40
N GLN A 26 23.94 -10.51 -4.01
CA GLN A 26 25.23 -9.83 -3.93
C GLN A 26 25.36 -9.10 -2.59
N GLY A 27 24.29 -9.11 -1.81
CA GLY A 27 24.31 -8.44 -0.51
C GLY A 27 23.61 -7.09 -0.58
N GLU A 28 23.29 -6.65 -1.80
CA GLU A 28 22.62 -5.37 -2.00
C GLU A 28 21.13 -5.51 -1.69
N LEU A 29 20.50 -4.38 -1.36
CA LEU A 29 19.07 -4.37 -1.05
C LEU A 29 18.29 -3.64 -2.12
N VAL A 30 17.18 -4.24 -2.55
CA VAL A 30 16.34 -3.63 -3.59
C VAL A 30 14.87 -3.69 -3.19
N GLY A 31 14.09 -2.72 -3.67
CA GLY A 31 12.68 -2.67 -3.35
C GLY A 31 12.10 -1.31 -3.69
N PHE A 32 10.81 -1.28 -4.02
CA PHE A 32 10.14 -0.04 -4.35
C PHE A 32 10.23 0.96 -3.21
N ASP A 33 10.04 0.47 -2.00
CA ASP A 33 10.10 1.32 -0.81
C ASP A 33 11.52 1.80 -0.53
N ILE A 34 12.48 0.98 -0.94
CA ILE A 34 13.89 1.32 -0.75
C ILE A 34 14.31 2.50 -1.62
N ASP A 35 13.81 2.51 -2.86
CA ASP A 35 14.15 3.57 -3.80
C ASP A 35 13.69 4.93 -3.25
N LEU A 36 12.53 4.93 -2.60
CA LEU A 36 12.01 6.16 -2.02
C LEU A 36 12.91 6.63 -0.88
N ALA A 37 13.33 5.69 -0.04
CA ALA A 37 14.18 6.03 1.11
C ALA A 37 15.47 6.67 0.62
N LYS A 38 16.07 6.09 -0.42
CA LYS A 38 17.33 6.62 -0.95
C LYS A 38 17.16 8.08 -1.34
N GLU A 39 16.15 8.35 -2.18
CA GLU A 39 15.90 9.72 -2.62
C GLU A 39 15.76 10.64 -1.41
N LEU A 40 15.14 10.14 -0.35
CA LEU A 40 14.98 10.92 0.88
C LEU A 40 16.33 11.13 1.57
N CYS A 41 17.12 10.06 1.61
CA CYS A 41 18.43 10.12 2.27
C CYS A 41 19.25 11.27 1.69
N LYS A 42 19.24 11.40 0.37
CA LYS A 42 19.97 12.49 -0.30
C LYS A 42 19.39 13.84 0.10
N ARG A 43 18.06 13.94 0.04
CA ARG A 43 17.39 15.19 0.40
C ARG A 43 17.70 15.56 1.85
N ILE A 44 17.72 14.55 2.72
CA ILE A 44 18.02 14.78 4.12
C ILE A 44 19.51 14.97 4.33
N ASN A 45 20.30 14.56 3.33
CA ASN A 45 21.76 14.68 3.42
C ASN A 45 22.30 13.88 4.60
N THR A 46 21.92 12.61 4.67
CA THR A 46 22.36 11.74 5.75
C THR A 46 22.56 10.31 5.26
N GLN A 47 23.17 9.48 6.11
CA GLN A 47 23.40 8.09 5.75
C GLN A 47 22.21 7.23 6.11
N CYS A 48 21.87 6.27 5.24
CA CYS A 48 20.74 5.38 5.48
C CYS A 48 21.20 3.95 5.62
N THR A 49 20.73 3.27 6.66
CA THR A 49 21.10 1.88 6.90
C THR A 49 19.86 1.03 7.11
N PHE A 50 19.75 -0.07 6.35
CA PHE A 50 18.60 -0.96 6.47
C PHE A 50 18.91 -2.10 7.43
N VAL A 51 17.96 -2.41 8.30
CA VAL A 51 18.14 -3.51 9.25
C VAL A 51 16.94 -4.44 9.22
N GLU A 52 17.20 -5.74 9.06
CA GLU A 52 16.14 -6.73 9.02
C GLU A 52 15.43 -6.82 10.36
N ASN A 53 14.10 -6.94 10.31
CA ASN A 53 13.31 -7.03 11.52
C ASN A 53 11.82 -7.01 11.20
N PRO A 54 11.06 -7.92 11.77
CA PRO A 54 9.60 -8.02 11.53
C PRO A 54 8.83 -6.84 12.11
N LEU A 55 7.78 -6.45 11.42
CA LEU A 55 6.96 -5.32 11.88
C LEU A 55 6.77 -5.38 13.38
N ASP A 56 6.24 -6.49 13.88
CA ASP A 56 6.01 -6.64 15.31
C ASP A 56 7.23 -6.23 16.11
N ALA A 57 8.40 -6.33 15.50
CA ALA A 57 9.64 -5.97 16.17
C ALA A 57 10.05 -4.54 15.84
N LEU A 58 9.52 -4.01 14.74
CA LEU A 58 9.82 -2.64 14.35
C LEU A 58 9.29 -1.64 15.36
N ILE A 59 8.07 -1.87 15.83
CA ILE A 59 7.44 -0.96 16.79
C ILE A 59 8.28 -0.91 18.06
N PRO A 60 8.50 -2.05 18.66
CA PRO A 60 9.34 -2.16 19.89
C PRO A 60 10.74 -1.56 19.66
N SER A 61 11.32 -1.88 18.49
CA SER A 61 12.65 -1.38 18.16
C SER A 61 12.66 0.14 18.17
N LEU A 62 11.63 0.73 17.58
CA LEU A 62 11.53 2.19 17.54
C LEU A 62 11.54 2.76 18.95
N LYS A 63 10.76 2.14 19.83
CA LYS A 63 10.72 2.59 21.23
C LYS A 63 12.08 2.39 21.90
N ALA A 64 12.73 1.27 21.59
CA ALA A 64 14.03 0.97 22.18
C ALA A 64 15.12 1.80 21.51
N LYS A 65 14.71 2.79 20.73
CA LYS A 65 15.66 3.66 20.04
C LYS A 65 16.62 2.84 19.19
N LYS A 66 16.31 1.56 19.01
CA LYS A 66 17.13 0.68 18.19
C LYS A 66 17.16 1.16 16.75
N ILE A 67 16.03 1.72 16.30
CA ILE A 67 15.93 2.20 14.91
C ILE A 67 15.52 3.67 14.91
N ASP A 68 15.89 4.37 13.85
CA ASP A 68 15.57 5.79 13.73
C ASP A 68 14.29 6.00 12.93
N ALA A 69 13.93 4.99 12.15
CA ALA A 69 12.73 5.07 11.32
C ALA A 69 12.28 3.69 10.90
N ILE A 70 10.99 3.57 10.58
CA ILE A 70 10.43 2.29 10.16
C ILE A 70 9.92 2.38 8.73
N MET A 71 10.36 1.44 7.88
CA MET A 71 9.94 1.43 6.48
C MET A 71 9.41 0.04 6.12
N SER A 72 8.09 -0.06 5.98
CA SER A 72 7.46 -1.33 5.63
C SER A 72 6.09 -1.11 5.02
N SER A 73 5.41 -2.20 4.67
CA SER A 73 4.08 -2.11 4.08
C SER A 73 3.10 -1.52 5.10
N LEU A 74 3.50 -1.49 6.37
CA LEU A 74 2.65 -0.97 7.43
C LEU A 74 1.86 0.24 6.93
N SER A 75 0.53 0.16 7.04
CA SER A 75 -0.32 1.26 6.60
C SER A 75 -0.42 2.33 7.68
N ILE A 76 -0.74 3.55 7.25
CA ILE A 76 -0.85 4.67 8.20
C ILE A 76 -2.32 5.00 8.43
N THR A 77 -2.64 5.48 9.63
CA THR A 77 -4.01 5.84 9.97
C THR A 77 -4.03 6.97 11.00
N GLU A 78 -5.10 7.75 10.98
CA GLU A 78 -5.23 8.86 11.92
C GLU A 78 -4.96 8.39 13.35
N LYS A 79 -5.59 7.29 13.73
CA LYS A 79 -5.41 6.75 15.08
C LYS A 79 -3.94 6.52 15.38
N ARG A 80 -3.21 6.02 14.38
CA ARG A 80 -1.78 5.77 14.53
C ARG A 80 -1.00 7.08 14.67
N GLN A 81 -1.44 8.09 13.91
CA GLN A 81 -0.78 9.39 13.94
C GLN A 81 -0.80 9.95 15.36
N GLN A 82 -1.90 9.71 16.07
CA GLN A 82 -2.02 10.20 17.44
C GLN A 82 -0.92 9.60 18.32
N GLU A 83 -0.45 8.42 17.93
CA GLU A 83 0.61 7.74 18.69
C GLU A 83 1.98 8.27 18.28
N ILE A 84 2.25 8.28 16.97
CA ILE A 84 3.52 8.77 16.47
C ILE A 84 3.31 9.60 15.22
N ALA A 85 4.40 9.91 14.52
CA ALA A 85 4.33 10.70 13.30
C ALA A 85 4.53 9.83 12.07
N PHE A 86 3.86 10.19 10.97
CA PHE A 86 3.99 9.44 9.73
C PHE A 86 4.28 10.38 8.56
N THR A 87 5.00 9.87 7.56
CA THR A 87 5.34 10.68 6.40
C THR A 87 5.81 9.78 5.26
N ASP A 88 6.67 10.33 4.39
CA ASP A 88 7.19 9.58 3.28
C ASP A 88 6.10 8.76 2.60
N LYS A 89 4.85 9.15 2.85
CA LYS A 89 3.70 8.44 2.27
C LYS A 89 4.10 7.79 0.94
N LEU A 90 3.96 6.48 0.87
CA LEU A 90 4.32 5.75 -0.35
C LEU A 90 3.26 5.91 -1.42
N TYR A 91 2.10 5.31 -1.19
CA TYR A 91 1.01 5.39 -2.15
C TYR A 91 -0.34 5.31 -1.45
N ALA A 92 -1.40 5.67 -2.17
CA ALA A 92 -2.74 5.64 -1.60
C ALA A 92 -3.31 4.23 -1.66
N ALA A 93 -3.67 3.69 -0.49
CA ALA A 93 -4.22 2.33 -0.42
C ALA A 93 -5.73 2.37 -0.24
N ASP A 94 -6.43 2.81 -1.28
CA ASP A 94 -7.89 2.89 -1.22
C ASP A 94 -8.52 1.56 -1.61
N SER A 95 -9.07 1.49 -2.82
CA SER A 95 -9.70 0.27 -3.30
C SER A 95 -9.78 0.26 -4.82
N ARG A 96 -10.07 -0.90 -5.38
CA ARG A 96 -10.19 -1.03 -6.83
C ARG A 96 -11.07 -2.22 -7.18
N LEU A 97 -11.82 -2.10 -8.28
CA LEU A 97 -12.69 -3.18 -8.73
C LEU A 97 -12.05 -3.93 -9.88
N VAL A 98 -12.12 -5.26 -9.84
CA VAL A 98 -11.55 -6.09 -10.90
C VAL A 98 -12.64 -6.97 -11.51
N VAL A 99 -13.00 -6.69 -12.76
CA VAL A 99 -14.03 -7.46 -13.44
C VAL A 99 -13.60 -7.81 -14.85
N ALA A 100 -14.31 -8.75 -15.46
CA ALA A 100 -13.99 -9.17 -16.82
C ALA A 100 -14.75 -8.32 -17.84
N LYS A 101 -14.13 -8.12 -19.01
CA LYS A 101 -14.74 -7.32 -20.05
C LYS A 101 -16.11 -7.88 -20.41
N ASN A 102 -16.28 -9.18 -20.22
CA ASN A 102 -17.55 -9.83 -20.54
C ASN A 102 -18.68 -9.20 -19.73
N SER A 103 -18.43 -8.92 -18.46
CA SER A 103 -19.43 -8.31 -17.60
C SER A 103 -19.14 -6.83 -17.43
N ASP A 104 -20.11 -5.99 -17.81
CA ASP A 104 -19.95 -4.55 -17.69
C ASP A 104 -20.36 -4.07 -16.32
N ILE A 105 -19.37 -3.66 -15.52
CA ILE A 105 -19.63 -3.17 -14.17
C ILE A 105 -19.02 -1.80 -13.96
N GLN A 106 -19.82 -0.85 -13.46
CA GLN A 106 -19.33 0.49 -13.22
C GLN A 106 -19.20 0.76 -11.72
N PRO A 107 -18.32 1.66 -11.35
CA PRO A 107 -18.09 2.03 -9.92
C PRO A 107 -19.38 2.54 -9.26
N THR A 108 -20.12 1.64 -8.64
CA THR A 108 -21.35 2.01 -7.96
C THR A 108 -21.90 0.84 -7.15
N VAL A 109 -22.49 1.15 -6.01
CA VAL A 109 -23.07 0.12 -5.15
C VAL A 109 -24.30 -0.50 -5.83
N GLU A 110 -25.03 0.32 -6.58
CA GLU A 110 -26.23 -0.15 -7.25
C GLU A 110 -25.90 -1.33 -8.17
N SER A 111 -25.06 -1.08 -9.17
CA SER A 111 -24.70 -2.13 -10.11
C SER A 111 -24.11 -3.33 -9.39
N LEU A 112 -23.60 -3.10 -8.18
CA LEU A 112 -23.03 -4.17 -7.38
C LEU A 112 -24.11 -5.05 -6.76
N LYS A 113 -25.27 -4.47 -6.57
CA LYS A 113 -26.39 -5.20 -5.97
C LYS A 113 -26.66 -6.48 -6.75
N GLY A 114 -26.81 -7.59 -6.02
CA GLY A 114 -27.09 -8.87 -6.66
C GLY A 114 -25.80 -9.53 -7.13
N LYS A 115 -24.74 -8.75 -7.22
CA LYS A 115 -23.45 -9.27 -7.68
C LYS A 115 -22.67 -9.86 -6.50
N ARG A 116 -21.82 -10.83 -6.80
CA ARG A 116 -21.02 -11.48 -5.75
C ARG A 116 -19.64 -10.85 -5.69
N VAL A 117 -19.17 -10.59 -4.48
CA VAL A 117 -17.86 -9.98 -4.28
C VAL A 117 -17.02 -10.80 -3.31
N GLY A 118 -15.74 -10.99 -3.64
CA GLY A 118 -14.85 -11.76 -2.79
C GLY A 118 -13.89 -10.84 -2.05
N VAL A 119 -13.65 -11.16 -0.78
CA VAL A 119 -12.74 -10.34 0.04
C VAL A 119 -11.74 -11.24 0.76
N LEU A 120 -10.65 -10.64 1.24
CA LEU A 120 -9.63 -11.40 1.95
C LEU A 120 -9.89 -11.36 3.45
N GLN A 121 -10.14 -12.52 4.03
CA GLN A 121 -10.41 -12.60 5.47
C GLN A 121 -9.32 -11.89 6.26
N GLY A 122 -9.64 -11.50 7.49
CA GLY A 122 -8.68 -10.82 8.34
C GLY A 122 -8.31 -9.46 7.78
N THR A 123 -9.32 -8.67 7.44
CA THR A 123 -9.11 -7.34 6.88
C THR A 123 -10.25 -6.40 7.25
N THR A 124 -10.05 -5.10 6.99
CA THR A 124 -11.07 -4.11 7.29
C THR A 124 -12.22 -4.21 6.29
N GLN A 125 -11.91 -4.71 5.10
CA GLN A 125 -12.93 -4.83 4.06
C GLN A 125 -14.06 -5.75 4.52
N GLU A 126 -13.71 -6.97 4.91
CA GLU A 126 -14.70 -7.92 5.37
C GLU A 126 -15.50 -7.35 6.54
N THR A 127 -14.79 -6.91 7.57
CA THR A 127 -15.44 -6.36 8.76
C THR A 127 -16.26 -5.13 8.38
N PHE A 128 -15.64 -4.19 7.68
CA PHE A 128 -16.33 -2.99 7.26
C PHE A 128 -17.48 -3.33 6.31
N GLY A 129 -17.21 -4.24 5.37
CA GLY A 129 -18.24 -4.64 4.41
C GLY A 129 -19.42 -5.28 5.09
N ASN A 130 -19.16 -6.16 6.05
CA ASN A 130 -20.22 -6.84 6.78
C ASN A 130 -21.29 -5.86 7.21
N GLU A 131 -20.97 -4.57 7.13
CA GLU A 131 -21.92 -3.53 7.51
C GLU A 131 -22.10 -2.53 6.37
N HIS A 132 -21.03 -2.28 5.62
CA HIS A 132 -21.10 -1.33 4.53
C HIS A 132 -21.84 -1.90 3.33
N TRP A 133 -21.45 -3.09 2.92
CA TRP A 133 -22.07 -3.75 1.77
C TRP A 133 -23.10 -4.77 2.21
N ALA A 134 -23.45 -4.73 3.49
CA ALA A 134 -24.44 -5.66 4.03
C ALA A 134 -25.85 -5.15 3.78
N PRO A 135 -26.14 -3.96 4.22
CA PRO A 135 -27.48 -3.34 4.06
C PRO A 135 -27.76 -2.93 2.61
N LYS A 136 -26.71 -2.98 1.78
CA LYS A 136 -26.85 -2.60 0.38
C LYS A 136 -27.41 -3.75 -0.43
N GLY A 137 -27.50 -4.92 0.19
CA GLY A 137 -28.02 -6.09 -0.50
C GLY A 137 -26.96 -6.71 -1.41
N ILE A 138 -25.70 -6.63 -0.97
CA ILE A 138 -24.59 -7.18 -1.75
C ILE A 138 -24.01 -8.41 -1.05
N GLU A 139 -23.70 -9.44 -1.83
CA GLU A 139 -23.14 -10.67 -1.28
C GLU A 139 -21.62 -10.56 -1.20
N ILE A 140 -21.07 -10.88 -0.03
CA ILE A 140 -19.63 -10.83 0.16
C ILE A 140 -19.10 -12.15 0.69
N VAL A 141 -17.96 -12.58 0.18
CA VAL A 141 -17.36 -13.85 0.61
C VAL A 141 -15.95 -13.60 1.11
N SER A 142 -15.62 -14.18 2.27
CA SER A 142 -14.29 -14.01 2.85
C SER A 142 -13.40 -15.20 2.51
N TYR A 143 -12.23 -14.90 1.97
CA TYR A 143 -11.28 -15.96 1.61
C TYR A 143 -10.06 -15.92 2.53
N GLN A 144 -9.41 -17.06 2.68
CA GLN A 144 -8.22 -17.16 3.54
C GLN A 144 -6.97 -17.29 2.71
N GLY A 145 -7.11 -17.17 1.39
CA GLY A 145 -5.97 -17.28 0.48
C GLY A 145 -5.95 -16.13 -0.51
N GLN A 146 -4.80 -15.49 -0.64
CA GLN A 146 -4.65 -14.38 -1.57
C GLN A 146 -4.80 -14.86 -3.01
N ASP A 147 -4.13 -15.97 -3.33
CA ASP A 147 -4.19 -16.51 -4.68
C ASP A 147 -5.57 -17.10 -4.95
N ASN A 148 -6.27 -17.47 -3.89
CA ASN A 148 -7.60 -18.05 -4.03
C ASN A 148 -8.57 -17.01 -4.61
N ILE A 149 -8.38 -15.76 -4.23
CA ILE A 149 -9.25 -14.69 -4.72
C ILE A 149 -9.07 -14.48 -6.22
N TYR A 150 -7.81 -14.41 -6.65
CA TYR A 150 -7.51 -14.20 -8.07
C TYR A 150 -8.01 -15.39 -8.87
N SER A 151 -7.87 -16.59 -8.31
CA SER A 151 -8.31 -17.80 -9.00
C SER A 151 -9.81 -17.74 -9.27
N ASP A 152 -10.57 -17.28 -8.28
CA ASP A 152 -12.02 -17.17 -8.44
C ASP A 152 -12.36 -16.16 -9.53
N LEU A 153 -11.68 -15.01 -9.50
CA LEU A 153 -11.93 -13.98 -10.50
C LEU A 153 -11.67 -14.53 -11.90
N THR A 154 -10.53 -15.19 -12.07
CA THR A 154 -10.19 -15.76 -13.36
C THR A 154 -11.20 -16.84 -13.74
N ALA A 155 -11.88 -17.39 -12.75
CA ALA A 155 -12.88 -18.43 -12.99
C ALA A 155 -14.25 -17.82 -13.20
N GLY A 156 -14.41 -16.57 -12.76
CA GLY A 156 -15.69 -15.88 -12.90
C GLY A 156 -16.60 -16.18 -11.71
N ARG A 157 -16.05 -16.80 -10.68
CA ARG A 157 -16.81 -17.13 -9.49
C ARG A 157 -17.19 -15.88 -8.73
N ILE A 158 -16.49 -14.78 -9.01
CA ILE A 158 -16.76 -13.50 -8.34
C ILE A 158 -16.95 -12.39 -9.38
N ASP A 159 -17.94 -11.54 -9.16
CA ASP A 159 -18.21 -10.44 -10.08
C ASP A 159 -17.16 -9.36 -9.96
N ALA A 160 -16.56 -9.23 -8.77
CA ALA A 160 -15.54 -8.22 -8.55
C ALA A 160 -14.94 -8.38 -7.15
N ALA A 161 -13.71 -7.90 -6.99
CA ALA A 161 -13.04 -7.97 -5.69
C ALA A 161 -12.49 -6.60 -5.31
N PHE A 162 -12.66 -6.22 -4.05
CA PHE A 162 -12.18 -4.94 -3.58
C PHE A 162 -10.72 -5.03 -3.15
N GLN A 163 -9.83 -4.54 -4.01
CA GLN A 163 -8.40 -4.57 -3.72
C GLN A 163 -7.77 -3.21 -3.99
N ASP A 164 -6.55 -3.01 -3.48
CA ASP A 164 -5.85 -1.75 -3.69
C ASP A 164 -5.34 -1.64 -5.12
N GLU A 165 -5.20 -0.41 -5.59
CA GLU A 165 -4.72 -0.18 -6.96
C GLU A 165 -3.27 -0.64 -7.11
N VAL A 166 -2.40 -0.12 -6.25
CA VAL A 166 -0.99 -0.48 -6.33
C VAL A 166 -0.80 -1.98 -6.15
N ALA A 167 -1.41 -2.53 -5.12
CA ALA A 167 -1.30 -3.96 -4.86
C ALA A 167 -1.87 -4.77 -6.03
N ALA A 168 -2.96 -4.28 -6.60
CA ALA A 168 -3.58 -4.96 -7.73
C ALA A 168 -2.65 -4.98 -8.93
N SER A 169 -2.33 -3.80 -9.44
CA SER A 169 -1.45 -3.70 -10.60
C SER A 169 -0.10 -4.34 -10.30
N GLU A 170 0.47 -4.00 -9.15
CA GLU A 170 1.76 -4.55 -8.76
C GLU A 170 1.78 -6.06 -8.94
N GLY A 171 0.65 -6.69 -8.62
CA GLY A 171 0.54 -8.13 -8.74
C GLY A 171 -0.39 -8.53 -9.87
N PHE A 172 -1.66 -8.20 -9.73
CA PHE A 172 -2.66 -8.55 -10.73
C PHE A 172 -2.11 -8.35 -12.14
N LEU A 173 -1.93 -7.09 -12.53
CA LEU A 173 -1.43 -6.78 -13.86
C LEU A 173 -0.04 -7.36 -14.07
N LYS A 174 0.78 -7.27 -13.03
CA LYS A 174 2.15 -7.78 -13.12
C LYS A 174 2.15 -9.26 -13.43
N GLN A 175 0.95 -9.85 -13.51
CA GLN A 175 0.84 -11.27 -13.81
C GLN A 175 -0.06 -11.49 -15.02
N PRO A 176 0.29 -12.44 -15.86
CA PRO A 176 -0.51 -12.76 -17.07
C PRO A 176 -2.01 -12.82 -16.79
N VAL A 177 -2.37 -12.86 -15.51
CA VAL A 177 -3.76 -12.92 -15.12
C VAL A 177 -4.50 -11.66 -15.56
N GLY A 178 -3.85 -10.51 -15.37
CA GLY A 178 -4.47 -9.24 -15.72
C GLY A 178 -4.77 -9.17 -17.21
N LYS A 179 -3.93 -9.82 -18.01
CA LYS A 179 -4.12 -9.83 -19.46
C LYS A 179 -5.46 -10.46 -19.82
N ASP A 180 -5.80 -11.55 -19.14
CA ASP A 180 -7.06 -12.23 -19.38
C ASP A 180 -8.24 -11.34 -18.99
N TYR A 181 -8.05 -10.55 -17.94
CA TYR A 181 -9.11 -9.67 -17.47
C TYR A 181 -8.53 -8.51 -16.67
N LYS A 182 -9.12 -7.33 -16.82
CA LYS A 182 -8.66 -6.15 -16.11
C LYS A 182 -9.56 -4.95 -16.40
N PHE A 183 -10.45 -4.65 -15.48
CA PHE A 183 -11.38 -3.53 -15.64
C PHE A 183 -11.93 -3.09 -14.30
N GLY A 184 -12.58 -1.93 -14.28
CA GLY A 184 -13.17 -1.41 -13.05
C GLY A 184 -12.12 -0.71 -12.20
N GLY A 185 -11.44 0.27 -12.78
CA GLY A 185 -10.41 1.00 -12.07
C GLY A 185 -10.93 1.51 -10.72
N PRO A 186 -10.98 2.80 -10.53
CA PRO A 186 -11.48 3.41 -9.26
C PRO A 186 -12.81 2.83 -8.84
N SER A 187 -12.92 2.51 -7.55
CA SER A 187 -14.15 1.92 -7.02
C SER A 187 -14.69 2.73 -5.85
N VAL A 188 -14.58 2.17 -4.65
CA VAL A 188 -15.07 2.85 -3.45
C VAL A 188 -14.51 2.19 -2.21
N LYS A 189 -14.62 2.87 -1.07
CA LYS A 189 -14.14 2.34 0.20
C LYS A 189 -13.78 3.47 1.14
N ASP A 190 -13.82 3.18 2.46
CA ASP A 190 -13.48 4.17 3.46
C ASP A 190 -11.95 4.25 3.62
N GLU A 191 -11.39 5.42 3.34
CA GLU A 191 -9.95 5.60 3.45
C GLU A 191 -9.53 5.66 4.91
N LYS A 192 -10.48 5.90 5.79
CA LYS A 192 -10.19 5.98 7.22
C LYS A 192 -9.69 4.64 7.74
N LEU A 193 -10.20 3.56 7.14
CA LEU A 193 -9.82 2.22 7.59
C LEU A 193 -8.33 2.00 7.44
N PHE A 194 -7.78 2.42 6.31
CA PHE A 194 -6.34 2.28 6.06
C PHE A 194 -5.67 3.64 5.99
N GLY A 195 -6.42 4.68 6.30
CA GLY A 195 -5.90 6.05 6.25
C GLY A 195 -5.72 6.51 4.79
N VAL A 196 -4.82 7.45 4.59
CA VAL A 196 -4.56 7.96 3.25
C VAL A 196 -3.85 6.91 2.40
N GLY A 197 -3.14 6.00 3.07
CA GLY A 197 -2.41 4.95 2.36
C GLY A 197 -1.34 4.35 3.25
N THR A 198 -0.10 4.34 2.77
CA THR A 198 1.01 3.78 3.53
C THR A 198 2.19 4.74 3.54
N GLY A 199 3.09 4.57 4.50
CA GLY A 199 4.26 5.43 4.61
C GLY A 199 5.22 4.92 5.67
N MET A 200 6.13 5.79 6.12
CA MET A 200 7.10 5.41 7.14
C MET A 200 6.65 5.87 8.51
N GLY A 201 6.88 5.04 9.51
CA GLY A 201 6.48 5.38 10.88
C GLY A 201 7.59 6.11 11.61
N LEU A 202 7.35 7.38 11.90
CA LEU A 202 8.34 8.20 12.61
C LEU A 202 7.75 8.75 13.89
N ARG A 203 8.62 9.17 14.81
CA ARG A 203 8.16 9.72 16.09
C ARG A 203 7.90 11.21 15.97
N LYS A 204 6.94 11.71 16.75
CA LYS A 204 6.61 13.13 16.71
C LYS A 204 7.86 13.98 16.88
N GLU A 205 8.66 13.67 17.89
CA GLU A 205 9.89 14.41 18.15
C GLU A 205 10.58 14.77 16.84
N ASP A 206 10.31 13.99 15.80
CA ASP A 206 10.91 14.24 14.49
C ASP A 206 10.33 15.49 13.85
N ASN A 207 10.36 16.59 14.60
CA ASN A 207 9.81 17.84 14.08
C ASN A 207 10.62 18.34 12.89
N GLU A 208 11.94 18.31 13.02
CA GLU A 208 12.82 18.76 11.95
C GLU A 208 12.87 17.75 10.82
N LEU A 209 13.05 16.48 11.18
CA LEU A 209 13.14 15.42 10.18
C LEU A 209 11.82 15.32 9.41
N ARG A 210 10.71 15.38 10.13
CA ARG A 210 9.39 15.31 9.51
C ARG A 210 9.21 16.49 8.56
N GLU A 211 9.61 17.68 9.01
CA GLU A 211 9.49 18.88 8.19
C GLU A 211 10.23 18.69 6.86
N ALA A 212 11.37 18.00 6.92
CA ALA A 212 12.15 17.74 5.70
C ALA A 212 11.44 16.67 4.87
N LEU A 213 11.57 15.41 5.30
CA LEU A 213 10.94 14.30 4.58
C LEU A 213 9.66 14.78 3.88
N ASN A 214 8.85 15.55 4.61
CA ASN A 214 7.62 16.10 4.03
C ASN A 214 7.95 17.05 2.89
N LYS A 215 8.92 17.94 3.11
CA LYS A 215 9.34 18.89 2.08
C LYS A 215 9.88 18.13 0.87
N ALA A 216 10.69 17.10 1.12
CA ALA A 216 11.25 16.30 0.03
C ALA A 216 10.14 15.62 -0.76
N PHE A 217 9.12 15.14 -0.04
CA PHE A 217 7.98 14.49 -0.69
C PHE A 217 7.28 15.46 -1.63
N ALA A 218 7.09 16.70 -1.17
CA ALA A 218 6.43 17.72 -1.98
C ALA A 218 7.23 17.99 -3.25
N GLU A 219 8.57 18.01 -3.11
CA GLU A 219 9.44 18.25 -4.26
C GLU A 219 9.29 17.11 -5.27
N MET A 220 9.24 15.88 -4.77
CA MET A 220 9.11 14.71 -5.65
C MET A 220 7.85 14.86 -6.49
N ARG A 221 6.79 15.39 -5.90
CA ARG A 221 5.54 15.60 -6.63
C ARG A 221 5.71 16.71 -7.66
N ALA A 222 6.45 17.76 -7.29
CA ALA A 222 6.66 18.90 -8.18
C ALA A 222 7.35 18.45 -9.46
N ASP A 223 8.38 17.62 -9.30
CA ASP A 223 9.13 17.11 -10.45
C ASP A 223 8.49 15.83 -10.98
N GLY A 224 7.41 15.40 -10.33
CA GLY A 224 6.72 14.20 -10.75
C GLY A 224 7.59 12.97 -10.56
N THR A 225 8.60 13.08 -9.70
CA THR A 225 9.50 11.97 -9.45
C THR A 225 8.72 10.76 -8.94
N TYR A 226 7.82 11.00 -7.99
CA TYR A 226 6.99 9.91 -7.46
C TYR A 226 6.10 9.33 -8.55
N GLU A 227 5.28 10.18 -9.15
CA GLU A 227 4.37 9.73 -10.20
C GLU A 227 5.16 9.08 -11.33
N LYS A 228 6.29 9.67 -11.69
CA LYS A 228 7.12 9.13 -12.77
C LYS A 228 7.55 7.70 -12.45
N LEU A 229 8.05 7.50 -11.23
CA LEU A 229 8.48 6.17 -10.82
C LEU A 229 7.29 5.20 -10.84
N ALA A 230 6.14 5.67 -10.36
CA ALA A 230 4.95 4.83 -10.33
C ALA A 230 4.59 4.37 -11.73
N LYS A 231 4.53 5.30 -12.67
CA LYS A 231 4.19 4.96 -14.05
C LYS A 231 5.17 3.94 -14.61
N LYS A 232 6.43 4.06 -14.21
CA LYS A 232 7.45 3.14 -14.68
C LYS A 232 7.27 1.75 -14.08
N TYR A 233 7.14 1.70 -12.77
CA TYR A 233 6.95 0.43 -12.08
C TYR A 233 5.65 -0.23 -12.53
N PHE A 234 4.58 0.57 -12.58
CA PHE A 234 3.29 0.05 -13.00
C PHE A 234 2.43 1.16 -13.60
N ASP A 235 1.48 0.79 -14.46
CA ASP A 235 0.60 1.77 -15.08
C ASP A 235 -0.72 1.84 -14.34
N PHE A 236 -0.86 2.85 -13.49
CA PHE A 236 -2.09 3.02 -12.73
C PHE A 236 -2.24 4.48 -12.29
N ASP A 237 -3.14 4.71 -11.34
CA ASP A 237 -3.39 6.06 -10.84
C ASP A 237 -3.17 6.13 -9.33
N VAL A 238 -2.09 6.79 -8.92
CA VAL A 238 -1.79 6.91 -7.50
C VAL A 238 -2.87 7.71 -6.79
N TYR A 239 -3.36 8.76 -7.45
CA TYR A 239 -4.40 9.60 -6.87
C TYR A 239 -5.62 8.76 -6.51
N GLY A 240 -6.00 7.86 -7.42
CA GLY A 240 -7.15 7.00 -7.18
C GLY A 240 -6.91 6.08 -5.99
N GLY A 241 -5.67 5.63 -5.84
CA GLY A 241 -5.32 4.74 -4.74
C GLY A 241 -6.05 3.41 -4.85
N ALA A 4 20.97 20.67 13.52
CA ALA A 4 21.81 19.73 12.72
C ALA A 4 21.11 18.38 12.64
N ILE A 5 21.01 17.84 11.44
CA ILE A 5 20.37 16.55 11.23
C ILE A 5 21.27 15.42 11.72
N PRO A 6 20.71 14.26 11.89
CA PRO A 6 21.47 13.06 12.35
C PRO A 6 22.59 12.68 11.39
N GLN A 7 23.71 12.21 11.94
CA GLN A 7 24.84 11.81 11.12
C GLN A 7 24.49 10.58 10.29
N ASN A 8 23.79 9.64 10.91
CA ASN A 8 23.39 8.41 10.22
C ASN A 8 21.96 8.05 10.58
N ILE A 9 21.19 7.60 9.58
CA ILE A 9 19.80 7.22 9.80
C ILE A 9 19.65 5.71 9.72
N ARG A 10 19.16 5.11 10.80
CA ARG A 10 18.95 3.67 10.83
C ARG A 10 17.52 3.33 10.44
N ILE A 11 17.38 2.57 9.35
CA ILE A 11 16.06 2.19 8.86
C ILE A 11 15.85 0.69 9.02
N GLY A 12 14.65 0.30 9.44
CA GLY A 12 14.33 -1.11 9.64
C GLY A 12 13.37 -1.59 8.55
N THR A 13 13.88 -2.35 7.60
CA THR A 13 13.05 -2.88 6.52
C THR A 13 13.23 -4.38 6.36
N ASP A 14 12.14 -5.12 6.51
CA ASP A 14 12.18 -6.57 6.38
C ASP A 14 11.36 -7.02 5.19
N PRO A 15 11.98 -7.16 4.04
CA PRO A 15 11.30 -7.60 2.80
C PRO A 15 10.55 -8.90 2.99
N THR A 16 9.31 -8.95 2.50
CA THR A 16 8.49 -10.15 2.62
C THR A 16 7.67 -10.37 1.36
N TYR A 17 7.50 -9.30 0.57
CA TYR A 17 6.73 -9.40 -0.66
C TYR A 17 7.57 -8.94 -1.84
N ALA A 18 8.12 -9.90 -2.58
CA ALA A 18 8.94 -9.59 -3.75
C ALA A 18 8.49 -8.28 -4.40
N PRO A 19 7.27 -8.23 -4.85
CA PRO A 19 6.72 -7.01 -5.52
C PRO A 19 6.97 -5.75 -4.70
N PHE A 20 6.82 -5.85 -3.39
CA PHE A 20 7.03 -4.71 -2.51
C PHE A 20 8.52 -4.46 -2.29
N GLU A 21 9.26 -5.55 -2.07
CA GLU A 21 10.70 -5.47 -1.81
C GLU A 21 11.41 -6.70 -2.31
N SER A 22 12.55 -7.02 -1.70
CA SER A 22 13.33 -8.18 -2.10
C SER A 22 14.76 -8.07 -1.59
N LYS A 23 15.56 -9.10 -1.83
CA LYS A 23 16.95 -9.10 -1.40
C LYS A 23 17.85 -9.60 -2.52
N ASN A 24 19.05 -9.04 -2.60
CA ASN A 24 20.01 -9.43 -3.63
C ASN A 24 20.99 -10.47 -3.09
N SER A 25 21.22 -11.52 -3.87
CA SER A 25 22.14 -12.58 -3.46
C SER A 25 23.56 -12.04 -3.34
N GLN A 26 23.81 -10.90 -3.97
CA GLN A 26 25.13 -10.28 -3.93
C GLN A 26 25.34 -9.56 -2.61
N GLY A 27 24.29 -9.50 -1.80
CA GLY A 27 24.37 -8.83 -0.50
C GLY A 27 23.75 -7.44 -0.56
N GLU A 28 23.38 -7.01 -1.77
CA GLU A 28 22.78 -5.70 -1.96
C GLU A 28 21.29 -5.76 -1.63
N LEU A 29 20.70 -4.60 -1.33
CA LEU A 29 19.29 -4.53 -1.00
C LEU A 29 18.52 -3.79 -2.08
N VAL A 30 17.41 -4.38 -2.54
CA VAL A 30 16.60 -3.77 -3.59
C VAL A 30 15.12 -3.84 -3.21
N GLY A 31 14.35 -2.87 -3.70
CA GLY A 31 12.92 -2.83 -3.40
C GLY A 31 12.35 -1.46 -3.76
N PHE A 32 11.07 -1.44 -4.11
CA PHE A 32 10.40 -0.20 -4.46
C PHE A 32 10.46 0.80 -3.32
N ASP A 33 10.26 0.32 -2.11
CA ASP A 33 10.28 1.17 -0.92
C ASP A 33 11.71 1.66 -0.64
N ILE A 34 12.68 0.85 -1.03
CA ILE A 34 14.08 1.19 -0.82
C ILE A 34 14.49 2.39 -1.69
N ASP A 35 14.00 2.39 -2.93
CA ASP A 35 14.34 3.46 -3.86
C ASP A 35 13.85 4.80 -3.31
N LEU A 36 12.69 4.79 -2.66
CA LEU A 36 12.16 6.02 -2.09
C LEU A 36 13.08 6.52 -0.96
N ALA A 37 13.51 5.59 -0.10
CA ALA A 37 14.38 5.96 1.01
C ALA A 37 15.64 6.64 0.48
N LYS A 38 16.27 6.03 -0.52
CA LYS A 38 17.50 6.60 -1.09
C LYS A 38 17.27 8.05 -1.49
N GLU A 39 16.25 8.29 -2.31
CA GLU A 39 15.94 9.64 -2.75
C GLU A 39 15.81 10.57 -1.55
N LEU A 40 15.19 10.07 -0.48
CA LEU A 40 15.02 10.85 0.74
C LEU A 40 16.38 11.08 1.42
N CYS A 41 17.19 10.02 1.45
CA CYS A 41 18.50 10.11 2.10
C CYS A 41 19.30 11.27 1.52
N LYS A 42 19.27 11.41 0.20
CA LYS A 42 19.97 12.51 -0.47
C LYS A 42 19.35 13.85 -0.06
N ARG A 43 18.03 13.92 -0.10
CA ARG A 43 17.32 15.15 0.27
C ARG A 43 17.64 15.52 1.71
N ILE A 44 17.66 14.52 2.58
CA ILE A 44 17.95 14.75 3.99
C ILE A 44 19.45 14.99 4.19
N ASN A 45 20.24 14.60 3.19
CA ASN A 45 21.69 14.76 3.27
C ASN A 45 22.24 13.97 4.45
N THR A 46 21.92 12.69 4.50
CA THR A 46 22.38 11.82 5.58
C THR A 46 22.60 10.40 5.08
N GLN A 47 23.19 9.56 5.92
CA GLN A 47 23.45 8.17 5.56
C GLN A 47 22.25 7.30 5.93
N CYS A 48 21.94 6.33 5.08
CA CYS A 48 20.82 5.43 5.34
C CYS A 48 21.30 4.00 5.51
N THR A 49 20.82 3.34 6.56
CA THR A 49 21.21 1.95 6.82
C THR A 49 19.96 1.09 7.02
N PHE A 50 19.87 0.00 6.27
CA PHE A 50 18.73 -0.91 6.37
C PHE A 50 19.03 -2.03 7.35
N VAL A 51 18.07 -2.32 8.23
CA VAL A 51 18.25 -3.40 9.20
C VAL A 51 17.04 -4.34 9.17
N GLU A 52 17.31 -5.63 9.03
CA GLU A 52 16.25 -6.62 8.99
C GLU A 52 15.51 -6.68 10.34
N ASN A 53 14.19 -6.78 10.27
CA ASN A 53 13.39 -6.85 11.49
C ASN A 53 11.90 -6.85 11.14
N PRO A 54 11.15 -7.77 11.69
CA PRO A 54 9.70 -7.89 11.44
C PRO A 54 8.90 -6.72 12.00
N LEU A 55 7.85 -6.33 11.30
CA LEU A 55 7.02 -5.22 11.74
C LEU A 55 6.81 -5.26 13.25
N ASP A 56 6.31 -6.37 13.75
CA ASP A 56 6.06 -6.51 15.18
C ASP A 56 7.28 -6.08 15.99
N ALA A 57 8.45 -6.19 15.38
CA ALA A 57 9.69 -5.81 16.06
C ALA A 57 10.09 -4.39 15.73
N LEU A 58 9.57 -3.88 14.63
CA LEU A 58 9.88 -2.51 14.22
C LEU A 58 9.35 -1.50 15.23
N ILE A 59 8.14 -1.73 15.72
CA ILE A 59 7.53 -0.81 16.68
C ILE A 59 8.36 -0.77 17.96
N PRO A 60 8.56 -1.91 18.55
CA PRO A 60 9.40 -2.04 19.78
C PRO A 60 10.81 -1.47 19.54
N SER A 61 11.38 -1.78 18.37
CA SER A 61 12.72 -1.30 18.03
C SER A 61 12.76 0.22 18.09
N LEU A 62 11.75 0.86 17.50
CA LEU A 62 11.69 2.31 17.48
C LEU A 62 11.69 2.86 18.91
N LYS A 63 10.89 2.23 19.77
CA LYS A 63 10.83 2.65 21.18
C LYS A 63 12.18 2.42 21.85
N ALA A 64 12.81 1.30 21.55
CA ALA A 64 14.10 0.96 22.13
C ALA A 64 15.22 1.76 21.47
N LYS A 65 14.83 2.74 20.66
CA LYS A 65 15.80 3.58 19.97
C LYS A 65 16.76 2.74 19.13
N LYS A 66 16.40 1.47 18.95
CA LYS A 66 17.20 0.56 18.14
C LYS A 66 17.25 1.03 16.70
N ILE A 67 16.13 1.59 16.23
CA ILE A 67 16.04 2.08 14.85
C ILE A 67 15.70 3.56 14.83
N ASP A 68 16.10 4.25 13.77
CA ASP A 68 15.82 5.67 13.65
C ASP A 68 14.54 5.93 12.88
N ALA A 69 14.15 4.95 12.08
CA ALA A 69 12.94 5.08 11.27
C ALA A 69 12.42 3.72 10.84
N ILE A 70 11.12 3.64 10.55
CA ILE A 70 10.52 2.39 10.12
C ILE A 70 10.02 2.50 8.70
N MET A 71 10.41 1.53 7.86
CA MET A 71 9.98 1.53 6.46
C MET A 71 9.45 0.16 6.07
N SER A 72 8.14 0.06 5.92
CA SER A 72 7.50 -1.20 5.55
C SER A 72 6.13 -0.96 4.95
N SER A 73 5.45 -2.04 4.54
CA SER A 73 4.13 -1.93 3.96
C SER A 73 3.13 -1.41 4.98
N LEU A 74 3.52 -1.45 6.26
CA LEU A 74 2.65 -0.98 7.33
C LEU A 74 1.81 0.22 6.86
N SER A 75 0.50 0.09 6.98
CA SER A 75 -0.41 1.15 6.57
C SER A 75 -0.51 2.21 7.65
N ILE A 76 -0.84 3.44 7.25
CA ILE A 76 -0.97 4.54 8.20
C ILE A 76 -2.44 4.87 8.42
N THR A 77 -2.77 5.32 9.63
CA THR A 77 -4.14 5.67 9.97
C THR A 77 -4.18 6.80 10.98
N GLU A 78 -5.26 7.58 10.96
CA GLU A 78 -5.40 8.70 11.89
C GLU A 78 -5.14 8.23 13.32
N LYS A 79 -5.75 7.11 13.69
CA LYS A 79 -5.58 6.58 15.04
C LYS A 79 -4.10 6.37 15.35
N ARG A 80 -3.35 5.89 14.37
CA ARG A 80 -1.92 5.67 14.54
C ARG A 80 -1.17 6.99 14.65
N GLN A 81 -1.61 7.99 13.89
CA GLN A 81 -0.99 9.30 13.92
C GLN A 81 -1.01 9.87 15.33
N GLN A 82 -2.12 9.64 16.04
CA GLN A 82 -2.26 10.13 17.40
C GLN A 82 -1.17 9.54 18.29
N GLU A 83 -0.69 8.35 17.92
CA GLU A 83 0.36 7.69 18.69
C GLU A 83 1.73 8.21 18.29
N ILE A 84 2.01 8.23 16.99
CA ILE A 84 3.29 8.71 16.49
C ILE A 84 3.09 9.54 15.23
N ALA A 85 4.19 9.84 14.54
CA ALA A 85 4.12 10.63 13.32
C ALA A 85 4.37 9.77 12.10
N PHE A 86 3.73 10.13 10.99
CA PHE A 86 3.89 9.39 9.74
C PHE A 86 4.22 10.33 8.59
N THR A 87 4.96 9.83 7.61
CA THR A 87 5.33 10.64 6.45
C THR A 87 5.80 9.76 5.31
N ASP A 88 6.66 10.32 4.45
CA ASP A 88 7.19 9.56 3.33
C ASP A 88 6.11 8.70 2.68
N LYS A 89 4.85 9.08 2.92
CA LYS A 89 3.72 8.33 2.36
C LYS A 89 4.10 7.72 1.02
N LEU A 90 3.99 6.40 0.93
CA LEU A 90 4.35 5.71 -0.29
C LEU A 90 3.29 5.91 -1.37
N TYR A 91 2.11 5.32 -1.14
CA TYR A 91 1.02 5.43 -2.10
C TYR A 91 -0.33 5.36 -1.40
N ALA A 92 -1.39 5.70 -2.12
CA ALA A 92 -2.73 5.67 -1.56
C ALA A 92 -3.29 4.26 -1.61
N ALA A 93 -3.69 3.72 -0.46
CA ALA A 93 -4.24 2.38 -0.39
C ALA A 93 -5.74 2.42 -0.20
N ASP A 94 -6.46 2.86 -1.23
CA ASP A 94 -7.91 2.94 -1.17
C ASP A 94 -8.53 1.61 -1.56
N SER A 95 -9.08 1.54 -2.77
CA SER A 95 -9.71 0.32 -3.25
C SER A 95 -9.79 0.32 -4.77
N ARG A 96 -10.07 -0.84 -5.34
CA ARG A 96 -10.18 -0.97 -6.78
C ARG A 96 -11.06 -2.16 -7.14
N LEU A 97 -11.81 -2.04 -8.25
CA LEU A 97 -12.67 -3.12 -8.70
C LEU A 97 -12.02 -3.87 -9.85
N VAL A 98 -12.09 -5.20 -9.80
CA VAL A 98 -11.50 -6.03 -10.86
C VAL A 98 -12.58 -6.92 -11.48
N VAL A 99 -12.94 -6.63 -12.73
CA VAL A 99 -13.96 -7.41 -13.42
C VAL A 99 -13.52 -7.76 -14.83
N ALA A 100 -14.23 -8.71 -15.45
CA ALA A 100 -13.89 -9.12 -16.80
C ALA A 100 -14.63 -8.27 -17.83
N LYS A 101 -14.00 -8.07 -18.98
CA LYS A 101 -14.60 -7.27 -20.05
C LYS A 101 -15.97 -7.82 -20.41
N ASN A 102 -16.15 -9.12 -20.23
CA ASN A 102 -17.43 -9.76 -20.56
C ASN A 102 -18.55 -9.12 -19.78
N SER A 103 -18.31 -8.85 -18.49
CA SER A 103 -19.33 -8.22 -17.65
C SER A 103 -19.03 -6.74 -17.47
N ASP A 104 -19.98 -5.90 -17.87
CA ASP A 104 -19.81 -4.46 -17.76
C ASP A 104 -20.24 -3.97 -16.40
N ILE A 105 -19.27 -3.56 -15.58
CA ILE A 105 -19.56 -3.06 -14.24
C ILE A 105 -18.95 -1.69 -14.03
N GLN A 106 -19.76 -0.75 -13.56
CA GLN A 106 -19.28 0.61 -13.32
C GLN A 106 -19.13 0.87 -11.82
N PRO A 107 -18.27 1.78 -11.47
CA PRO A 107 -18.02 2.14 -10.03
C PRO A 107 -19.30 2.65 -9.35
N THR A 108 -20.04 1.73 -8.75
CA THR A 108 -21.26 2.10 -8.06
C THR A 108 -21.81 0.93 -7.26
N VAL A 109 -22.38 1.21 -6.10
CA VAL A 109 -22.95 0.17 -5.26
C VAL A 109 -24.18 -0.45 -5.93
N GLU A 110 -24.90 0.38 -6.68
CA GLU A 110 -26.12 -0.08 -7.35
C GLU A 110 -25.79 -1.26 -8.27
N SER A 111 -24.95 -1.02 -9.27
CA SER A 111 -24.58 -2.06 -10.21
C SER A 111 -24.01 -3.27 -9.50
N LEU A 112 -23.51 -3.04 -8.29
CA LEU A 112 -22.94 -4.12 -7.49
C LEU A 112 -24.02 -4.99 -6.87
N LYS A 113 -25.20 -4.40 -6.68
CA LYS A 113 -26.31 -5.13 -6.08
C LYS A 113 -26.58 -6.41 -6.86
N GLY A 114 -26.76 -7.50 -6.13
CA GLY A 114 -27.04 -8.79 -6.75
C GLY A 114 -25.76 -9.46 -7.22
N LYS A 115 -24.68 -8.69 -7.30
CA LYS A 115 -23.40 -9.22 -7.75
C LYS A 115 -22.63 -9.81 -6.58
N ARG A 116 -21.80 -10.80 -6.87
CA ARG A 116 -21.00 -11.46 -5.83
C ARG A 116 -19.62 -10.84 -5.75
N VAL A 117 -19.17 -10.58 -4.53
CA VAL A 117 -17.86 -9.97 -4.30
C VAL A 117 -17.04 -10.81 -3.33
N GLY A 118 -15.76 -11.01 -3.65
CA GLY A 118 -14.88 -11.78 -2.79
C GLY A 118 -13.91 -10.88 -2.03
N VAL A 119 -13.71 -11.18 -0.75
CA VAL A 119 -12.80 -10.39 0.07
C VAL A 119 -11.82 -11.29 0.81
N LEU A 120 -10.72 -10.70 1.29
CA LEU A 120 -9.72 -11.46 2.02
C LEU A 120 -10.00 -11.41 3.52
N GLN A 121 -10.27 -12.58 4.10
CA GLN A 121 -10.56 -12.66 5.52
C GLN A 121 -9.46 -11.96 6.33
N GLY A 122 -9.80 -11.56 7.56
CA GLY A 122 -8.84 -10.89 8.43
C GLY A 122 -8.46 -9.53 7.85
N THR A 123 -9.46 -8.73 7.50
CA THR A 123 -9.22 -7.41 6.94
C THR A 123 -10.35 -6.46 7.30
N THR A 124 -10.14 -5.17 7.05
CA THR A 124 -11.14 -4.16 7.35
C THR A 124 -12.30 -4.25 6.34
N GLN A 125 -11.99 -4.73 5.14
CA GLN A 125 -13.01 -4.85 4.10
C GLN A 125 -14.13 -5.76 4.54
N GLU A 126 -13.78 -6.98 4.93
CA GLU A 126 -14.78 -7.94 5.37
C GLU A 126 -15.59 -7.37 6.55
N THR A 127 -14.89 -6.95 7.59
CA THR A 127 -15.57 -6.40 8.77
C THR A 127 -16.38 -5.17 8.39
N PHE A 128 -15.73 -4.23 7.71
CA PHE A 128 -16.41 -3.01 7.28
C PHE A 128 -17.56 -3.34 6.33
N GLY A 129 -17.29 -4.24 5.39
CA GLY A 129 -18.30 -4.62 4.41
C GLY A 129 -19.51 -5.26 5.07
N ASN A 130 -19.25 -6.15 6.03
CA ASN A 130 -20.33 -6.81 6.74
C ASN A 130 -21.40 -5.82 7.15
N GLU A 131 -21.07 -4.53 7.09
CA GLU A 131 -22.01 -3.49 7.47
C GLU A 131 -22.17 -2.48 6.33
N HIS A 132 -21.09 -2.24 5.60
CA HIS A 132 -21.13 -1.28 4.51
C HIS A 132 -21.87 -1.83 3.30
N TRP A 133 -21.49 -3.04 2.89
CA TRP A 133 -22.10 -3.68 1.73
C TRP A 133 -23.15 -4.70 2.16
N ALA A 134 -23.51 -4.66 3.43
CA ALA A 134 -24.50 -5.58 3.97
C ALA A 134 -25.92 -5.05 3.70
N PRO A 135 -26.19 -3.85 4.12
CA PRO A 135 -27.53 -3.22 3.95
C PRO A 135 -27.77 -2.80 2.50
N LYS A 136 -26.73 -2.87 1.68
CA LYS A 136 -26.83 -2.49 0.28
C LYS A 136 -27.39 -3.64 -0.55
N GLY A 137 -27.50 -4.81 0.08
CA GLY A 137 -28.02 -5.98 -0.62
C GLY A 137 -26.97 -6.61 -1.51
N ILE A 138 -25.71 -6.53 -1.08
CA ILE A 138 -24.59 -7.09 -1.84
C ILE A 138 -24.03 -8.32 -1.15
N GLU A 139 -23.73 -9.35 -1.93
CA GLU A 139 -23.18 -10.59 -1.37
C GLU A 139 -21.66 -10.50 -1.27
N ILE A 140 -21.13 -10.83 -0.10
CA ILE A 140 -19.69 -10.78 0.11
C ILE A 140 -19.19 -12.11 0.65
N VAL A 141 -18.05 -12.56 0.14
CA VAL A 141 -17.46 -13.83 0.59
C VAL A 141 -16.05 -13.60 1.11
N SER A 142 -15.75 -14.17 2.27
CA SER A 142 -14.42 -14.02 2.86
C SER A 142 -13.54 -15.22 2.54
N TYR A 143 -12.35 -14.93 2.00
CA TYR A 143 -11.41 -15.99 1.65
C TYR A 143 -10.21 -15.97 2.57
N GLN A 144 -9.57 -17.13 2.74
CA GLN A 144 -8.40 -17.22 3.62
C GLN A 144 -7.13 -17.38 2.79
N GLY A 145 -7.26 -17.25 1.49
CA GLY A 145 -6.11 -17.38 0.59
C GLY A 145 -6.05 -16.23 -0.40
N GLN A 146 -4.88 -15.61 -0.50
CA GLN A 146 -4.71 -14.49 -1.43
C GLN A 146 -4.84 -14.96 -2.87
N ASP A 147 -4.19 -16.07 -3.19
CA ASP A 147 -4.24 -16.61 -4.55
C ASP A 147 -5.63 -17.19 -4.83
N ASN A 148 -6.34 -17.56 -3.78
CA ASN A 148 -7.67 -18.12 -3.93
C ASN A 148 -8.63 -17.09 -4.53
N ILE A 149 -8.45 -15.83 -4.12
CA ILE A 149 -9.31 -14.77 -4.63
C ILE A 149 -9.11 -14.55 -6.13
N TYR A 150 -7.86 -14.48 -6.54
CA TYR A 150 -7.52 -14.29 -7.96
C TYR A 150 -8.00 -15.49 -8.77
N SER A 151 -7.87 -16.67 -8.20
CA SER A 151 -8.28 -17.90 -8.89
C SER A 151 -9.78 -17.85 -9.20
N ASP A 152 -10.56 -17.38 -8.22
CA ASP A 152 -12.00 -17.27 -8.41
C ASP A 152 -12.32 -16.25 -9.50
N LEU A 153 -11.62 -15.11 -9.47
CA LEU A 153 -11.84 -14.07 -10.46
C LEU A 153 -11.59 -14.63 -11.86
N THR A 154 -10.47 -15.31 -12.03
CA THR A 154 -10.12 -15.89 -13.34
C THR A 154 -11.16 -16.94 -13.73
N ALA A 155 -11.87 -17.47 -12.73
CA ALA A 155 -12.88 -18.48 -12.98
C ALA A 155 -14.25 -17.83 -13.20
N GLY A 156 -14.38 -16.58 -12.77
CA GLY A 156 -15.63 -15.86 -12.92
C GLY A 156 -16.57 -16.15 -11.76
N ARG A 157 -16.04 -16.78 -10.72
CA ARG A 157 -16.84 -17.10 -9.54
C ARG A 157 -17.21 -15.83 -8.77
N ILE A 158 -16.48 -14.75 -9.03
CA ILE A 158 -16.72 -13.48 -8.37
C ILE A 158 -16.90 -12.37 -9.40
N ASP A 159 -17.90 -11.52 -9.18
CA ASP A 159 -18.16 -10.42 -10.10
C ASP A 159 -17.11 -9.33 -9.98
N ALA A 160 -16.52 -9.21 -8.80
CA ALA A 160 -15.50 -8.21 -8.56
C ALA A 160 -14.90 -8.36 -7.16
N ALA A 161 -13.68 -7.87 -6.98
CA ALA A 161 -13.02 -7.94 -5.69
C ALA A 161 -12.47 -6.58 -5.30
N PHE A 162 -12.66 -6.20 -4.04
CA PHE A 162 -12.18 -4.91 -3.57
C PHE A 162 -10.74 -4.99 -3.13
N GLN A 163 -9.84 -4.50 -3.97
CA GLN A 163 -8.40 -4.51 -3.66
C GLN A 163 -7.79 -3.15 -3.94
N ASP A 164 -6.58 -2.94 -3.42
CA ASP A 164 -5.87 -1.67 -3.62
C ASP A 164 -5.36 -1.57 -5.06
N GLU A 165 -5.22 -0.33 -5.54
CA GLU A 165 -4.74 -0.11 -6.90
C GLU A 165 -3.29 -0.57 -7.05
N VAL A 166 -2.42 -0.05 -6.20
CA VAL A 166 -1.01 -0.41 -6.28
C VAL A 166 -0.82 -1.90 -6.09
N ALA A 167 -1.43 -2.46 -5.06
CA ALA A 167 -1.33 -3.88 -4.79
C ALA A 167 -1.90 -4.69 -5.95
N ALA A 168 -3.00 -4.20 -6.52
CA ALA A 168 -3.63 -4.90 -7.62
C ALA A 168 -2.72 -4.92 -8.84
N SER A 169 -2.41 -3.74 -9.36
CA SER A 169 -1.55 -3.64 -10.53
C SER A 169 -0.18 -4.25 -10.25
N GLU A 170 0.41 -3.89 -9.13
CA GLU A 170 1.71 -4.42 -8.75
C GLU A 170 1.73 -5.92 -8.88
N GLY A 171 0.62 -6.56 -8.54
CA GLY A 171 0.53 -8.01 -8.63
C GLY A 171 -0.40 -8.44 -9.75
N PHE A 172 -1.68 -8.14 -9.60
CA PHE A 172 -2.68 -8.52 -10.59
C PHE A 172 -2.14 -8.33 -12.01
N LEU A 173 -1.99 -7.08 -12.41
CA LEU A 173 -1.51 -6.77 -13.75
C LEU A 173 -0.11 -7.33 -13.96
N LYS A 174 0.72 -7.22 -12.94
CA LYS A 174 2.09 -7.70 -13.02
C LYS A 174 2.12 -9.19 -13.30
N GLN A 175 0.93 -9.81 -13.35
CA GLN A 175 0.82 -11.23 -13.61
C GLN A 175 -0.04 -11.50 -14.84
N PRO A 176 0.26 -12.53 -15.58
CA PRO A 176 -0.51 -12.92 -16.79
C PRO A 176 -2.02 -12.95 -16.52
N VAL A 177 -2.39 -13.05 -15.26
CA VAL A 177 -3.79 -13.10 -14.88
C VAL A 177 -4.51 -11.83 -15.31
N GLY A 178 -3.87 -10.69 -15.09
CA GLY A 178 -4.46 -9.41 -15.44
C GLY A 178 -4.73 -9.31 -16.94
N LYS A 179 -3.87 -9.94 -17.73
CA LYS A 179 -4.03 -9.91 -19.17
C LYS A 179 -5.36 -10.53 -19.58
N ASP A 180 -5.72 -11.62 -18.93
CA ASP A 180 -6.98 -12.30 -19.23
C ASP A 180 -8.16 -11.40 -18.85
N TYR A 181 -7.98 -10.61 -17.79
CA TYR A 181 -9.04 -9.72 -17.33
C TYR A 181 -8.46 -8.56 -16.53
N LYS A 182 -9.05 -7.38 -16.68
CA LYS A 182 -8.59 -6.20 -15.97
C LYS A 182 -9.47 -4.99 -16.29
N PHE A 183 -10.39 -4.68 -15.39
CA PHE A 183 -11.28 -3.55 -15.59
C PHE A 183 -11.86 -3.09 -14.25
N GLY A 184 -12.49 -1.91 -14.26
CA GLY A 184 -13.10 -1.37 -13.05
C GLY A 184 -12.06 -0.67 -12.18
N GLY A 185 -11.38 0.32 -12.76
CA GLY A 185 -10.36 1.05 -12.03
C GLY A 185 -10.90 1.55 -10.68
N PRO A 186 -10.94 2.83 -10.48
CA PRO A 186 -11.43 3.43 -9.20
C PRO A 186 -12.78 2.85 -8.80
N SER A 187 -12.92 2.53 -7.51
CA SER A 187 -14.14 1.94 -7.00
C SER A 187 -14.69 2.73 -5.83
N VAL A 188 -14.58 2.17 -4.63
CA VAL A 188 -15.08 2.82 -3.43
C VAL A 188 -14.53 2.16 -2.19
N LYS A 189 -14.65 2.84 -1.04
CA LYS A 189 -14.17 2.30 0.22
C LYS A 189 -13.83 3.41 1.19
N ASP A 190 -13.86 3.11 2.48
CA ASP A 190 -13.53 4.10 3.51
C ASP A 190 -12.01 4.19 3.67
N GLU A 191 -11.46 5.35 3.37
CA GLU A 191 -10.01 5.57 3.49
C GLU A 191 -9.59 5.61 4.95
N LYS A 192 -10.54 5.86 5.83
CA LYS A 192 -10.26 5.94 7.25
C LYS A 192 -9.76 4.60 7.78
N LEU A 193 -10.26 3.52 7.18
CA LEU A 193 -9.88 2.18 7.64
C LEU A 193 -8.39 1.97 7.48
N PHE A 194 -7.84 2.37 6.34
CA PHE A 194 -6.41 2.24 6.10
C PHE A 194 -5.74 3.60 6.00
N GLY A 195 -6.49 4.64 6.33
CA GLY A 195 -5.97 6.00 6.27
C GLY A 195 -5.80 6.45 4.81
N VAL A 196 -4.90 7.39 4.60
CA VAL A 196 -4.63 7.90 3.26
C VAL A 196 -3.93 6.84 2.42
N GLY A 197 -3.22 5.93 3.08
CA GLY A 197 -2.51 4.87 2.39
C GLY A 197 -1.42 4.28 3.29
N THR A 198 -0.18 4.29 2.80
CA THR A 198 0.94 3.75 3.59
C THR A 198 2.07 4.76 3.65
N GLY A 199 2.90 4.64 4.68
CA GLY A 199 4.02 5.55 4.86
C GLY A 199 5.01 5.02 5.89
N MET A 200 5.95 5.86 6.30
CA MET A 200 6.95 5.45 7.28
C MET A 200 6.52 5.86 8.69
N GLY A 201 6.71 4.96 9.64
CA GLY A 201 6.33 5.24 11.02
C GLY A 201 7.42 5.97 11.77
N LEU A 202 7.20 7.25 12.05
CA LEU A 202 8.18 8.06 12.76
C LEU A 202 7.55 8.66 14.02
N ARG A 203 8.38 9.05 14.97
CA ARG A 203 7.90 9.64 16.21
C ARG A 203 7.71 11.15 16.06
N LYS A 204 6.75 11.70 16.79
CA LYS A 204 6.48 13.14 16.71
C LYS A 204 7.76 13.94 16.90
N GLU A 205 8.52 13.60 17.92
CA GLU A 205 9.77 14.29 18.21
C GLU A 205 10.50 14.63 16.90
N ASP A 206 10.22 13.86 15.86
CA ASP A 206 10.85 14.08 14.57
C ASP A 206 10.29 15.35 13.92
N ASN A 207 10.31 16.45 14.65
CA ASN A 207 9.79 17.71 14.13
C ASN A 207 10.61 18.20 12.96
N GLU A 208 11.94 18.15 13.10
CA GLU A 208 12.82 18.59 12.03
C GLU A 208 12.87 17.57 10.90
N LEU A 209 13.04 16.31 11.25
CA LEU A 209 13.10 15.24 10.25
C LEU A 209 11.79 15.17 9.48
N ARG A 210 10.68 15.24 10.20
CA ARG A 210 9.36 15.18 9.57
C ARG A 210 9.19 16.38 8.62
N GLU A 211 9.62 17.55 9.07
CA GLU A 211 9.51 18.76 8.26
C GLU A 211 10.25 18.54 6.92
N ALA A 212 11.37 17.82 6.97
CA ALA A 212 12.15 17.52 5.76
C ALA A 212 11.41 16.48 4.94
N LEU A 213 11.50 15.21 5.35
CA LEU A 213 10.82 14.12 4.65
C LEU A 213 9.57 14.64 3.95
N ASN A 214 8.77 15.43 4.67
CA ASN A 214 7.56 16.02 4.10
C ASN A 214 7.92 16.99 2.97
N LYS A 215 8.92 17.83 3.20
CA LYS A 215 9.38 18.78 2.20
C LYS A 215 9.89 18.03 0.97
N ALA A 216 10.67 16.98 1.20
CA ALA A 216 11.23 16.18 0.10
C ALA A 216 10.10 15.53 -0.68
N PHE A 217 9.07 15.07 0.02
CA PHE A 217 7.92 14.43 -0.63
C PHE A 217 7.23 15.44 -1.56
N ALA A 218 7.07 16.66 -1.08
CA ALA A 218 6.43 17.70 -1.89
C ALA A 218 7.24 17.98 -3.14
N GLU A 219 8.57 17.98 -3.00
CA GLU A 219 9.45 18.22 -4.15
C GLU A 219 9.28 17.10 -5.18
N MET A 220 9.20 15.86 -4.70
CA MET A 220 9.04 14.72 -5.60
C MET A 220 7.78 14.90 -6.43
N ARG A 221 6.73 15.43 -5.80
CA ARG A 221 5.47 15.66 -6.50
C ARG A 221 5.64 16.78 -7.53
N ALA A 222 6.38 17.82 -7.16
CA ALA A 222 6.61 18.96 -8.04
C ALA A 222 7.33 18.49 -9.31
N ASP A 223 8.37 17.68 -9.14
CA ASP A 223 9.14 17.17 -10.27
C ASP A 223 8.49 15.90 -10.82
N GLY A 224 7.38 15.51 -10.23
CA GLY A 224 6.67 14.31 -10.68
C GLY A 224 7.53 13.08 -10.52
N THR A 225 8.55 13.16 -9.68
CA THR A 225 9.45 12.04 -9.45
C THR A 225 8.66 10.84 -8.96
N TYR A 226 7.78 11.07 -7.99
CA TYR A 226 6.96 9.98 -7.46
C TYR A 226 6.05 9.41 -8.55
N GLU A 227 5.21 10.27 -9.13
CA GLU A 227 4.30 9.84 -10.17
C GLU A 227 5.07 9.19 -11.33
N LYS A 228 6.21 9.80 -11.68
CA LYS A 228 7.02 9.27 -12.77
C LYS A 228 7.45 7.84 -12.49
N LEU A 229 7.95 7.60 -11.28
CA LEU A 229 8.38 6.26 -10.89
C LEU A 229 7.20 5.30 -10.91
N ALA A 230 6.06 5.78 -10.41
CA ALA A 230 4.85 4.95 -10.38
C ALA A 230 4.47 4.49 -11.78
N LYS A 231 4.40 5.43 -12.70
CA LYS A 231 4.05 5.11 -14.08
C LYS A 231 5.02 4.10 -14.66
N LYS A 232 6.29 4.21 -14.27
CA LYS A 232 7.31 3.30 -14.76
C LYS A 232 7.14 1.91 -14.16
N TYR A 233 7.03 1.84 -12.85
CA TYR A 233 6.85 0.57 -12.16
C TYR A 233 5.54 -0.09 -12.60
N PHE A 234 4.48 0.70 -12.65
CA PHE A 234 3.18 0.17 -13.05
C PHE A 234 2.32 1.29 -13.66
N ASP A 235 1.37 0.91 -14.50
CA ASP A 235 0.48 1.89 -15.13
C ASP A 235 -0.84 1.97 -14.37
N PHE A 236 -0.93 2.93 -13.46
CA PHE A 236 -2.15 3.12 -12.68
C PHE A 236 -2.28 4.57 -12.24
N ASP A 237 -3.18 4.80 -11.29
CA ASP A 237 -3.41 6.15 -10.76
C ASP A 237 -3.19 6.20 -9.26
N VAL A 238 -2.12 6.86 -8.85
CA VAL A 238 -1.81 6.98 -7.42
C VAL A 238 -2.91 7.77 -6.71
N TYR A 239 -3.39 8.83 -7.36
CA TYR A 239 -4.43 9.66 -6.77
C TYR A 239 -5.65 8.81 -6.42
N GLY A 240 -6.03 7.92 -7.33
CA GLY A 240 -7.18 7.06 -7.10
C GLY A 240 -6.94 6.13 -5.91
N GLY A 241 -5.70 5.66 -5.78
CA GLY A 241 -5.35 4.77 -4.68
C GLY A 241 -6.09 3.45 -4.79
N ALA A 4 21.01 20.56 13.89
CA ALA A 4 21.90 19.60 13.16
C ALA A 4 21.19 18.25 13.05
N ILE A 5 21.07 17.75 11.81
CA ILE A 5 20.42 16.47 11.58
C ILE A 5 21.30 15.33 12.08
N PRO A 6 20.73 14.17 12.23
CA PRO A 6 21.46 12.95 12.69
C PRO A 6 22.61 12.58 11.74
N GLN A 7 23.71 12.09 12.31
CA GLN A 7 24.85 11.68 11.50
C GLN A 7 24.50 10.49 10.63
N ASN A 8 23.76 9.55 11.20
CA ASN A 8 23.35 8.35 10.47
C ASN A 8 21.91 7.98 10.78
N ILE A 9 21.20 7.47 9.78
CA ILE A 9 19.80 7.09 9.97
C ILE A 9 19.64 5.58 9.90
N ARG A 10 18.97 5.02 10.89
CA ARG A 10 18.75 3.57 10.93
C ARG A 10 17.32 3.23 10.54
N ILE A 11 17.17 2.51 9.43
CA ILE A 11 15.84 2.14 8.95
C ILE A 11 15.64 0.63 9.05
N GLY A 12 14.44 0.22 9.44
CA GLY A 12 14.13 -1.21 9.58
C GLY A 12 13.16 -1.65 8.48
N THR A 13 13.68 -2.38 7.50
CA THR A 13 12.85 -2.87 6.41
C THR A 13 13.01 -4.36 6.21
N ASP A 14 11.91 -5.10 6.34
CA ASP A 14 11.93 -6.55 6.17
C ASP A 14 11.15 -6.94 4.92
N PRO A 15 11.82 -7.08 3.81
CA PRO A 15 11.18 -7.48 2.53
C PRO A 15 10.37 -8.77 2.66
N THR A 16 9.17 -8.76 2.10
CA THR A 16 8.29 -9.93 2.16
C THR A 16 7.63 -10.18 0.82
N TYR A 17 7.62 -9.15 -0.03
CA TYR A 17 7.00 -9.26 -1.35
C TYR A 17 7.99 -8.89 -2.43
N ALA A 18 8.62 -9.89 -3.03
CA ALA A 18 9.59 -9.66 -4.10
C ALA A 18 9.23 -8.38 -4.89
N PRO A 19 8.08 -8.39 -5.50
CA PRO A 19 7.62 -7.23 -6.32
C PRO A 19 7.76 -5.90 -5.57
N PHE A 20 7.41 -5.90 -4.30
CA PHE A 20 7.50 -4.70 -3.48
C PHE A 20 8.96 -4.44 -3.06
N GLU A 21 9.64 -5.50 -2.65
CA GLU A 21 11.02 -5.39 -2.20
C GLU A 21 11.81 -6.62 -2.56
N SER A 22 12.94 -6.82 -1.89
CA SER A 22 13.80 -7.97 -2.16
C SER A 22 15.22 -7.70 -1.70
N LYS A 23 16.10 -8.67 -1.90
CA LYS A 23 17.50 -8.52 -1.51
C LYS A 23 18.43 -8.98 -2.64
N ASN A 24 19.52 -8.25 -2.83
CA ASN A 24 20.47 -8.59 -3.87
C ASN A 24 21.54 -9.55 -3.34
N SER A 25 21.88 -10.55 -4.15
CA SER A 25 22.89 -11.53 -3.74
C SER A 25 24.25 -10.85 -3.58
N GLN A 26 24.40 -9.68 -4.18
CA GLN A 26 25.66 -8.95 -4.10
C GLN A 26 25.77 -8.23 -2.76
N GLY A 27 24.70 -8.29 -1.97
CA GLY A 27 24.68 -7.64 -0.66
C GLY A 27 23.90 -6.33 -0.73
N GLU A 28 23.56 -5.90 -1.94
CA GLU A 28 22.81 -4.66 -2.12
C GLU A 28 21.33 -4.90 -1.87
N LEU A 29 20.59 -3.82 -1.58
CA LEU A 29 19.17 -3.93 -1.32
C LEU A 29 18.38 -3.21 -2.40
N VAL A 30 17.30 -3.84 -2.86
CA VAL A 30 16.46 -3.24 -3.90
C VAL A 30 14.99 -3.33 -3.51
N GLY A 31 14.20 -2.36 -3.99
CA GLY A 31 12.79 -2.34 -3.68
C GLY A 31 12.19 -0.96 -3.97
N PHE A 32 10.90 -0.93 -4.27
CA PHE A 32 10.22 0.32 -4.57
C PHE A 32 10.30 1.27 -3.37
N ASP A 33 10.12 0.72 -2.18
CA ASP A 33 10.14 1.51 -0.96
C ASP A 33 11.56 1.99 -0.66
N ILE A 34 12.55 1.17 -1.02
CA ILE A 34 13.95 1.50 -0.80
C ILE A 34 14.36 2.70 -1.66
N ASP A 35 13.87 2.72 -2.90
CA ASP A 35 14.22 3.79 -3.82
C ASP A 35 13.76 5.14 -3.26
N LEU A 36 12.60 5.14 -2.59
CA LEU A 36 12.07 6.35 -2.00
C LEU A 36 13.00 6.82 -0.86
N ALA A 37 13.41 5.87 -0.02
CA ALA A 37 14.28 6.20 1.10
C ALA A 37 15.56 6.85 0.61
N LYS A 38 16.16 6.27 -0.43
CA LYS A 38 17.40 6.81 -0.99
C LYS A 38 17.23 8.28 -1.35
N GLU A 39 16.22 8.58 -2.16
CA GLU A 39 15.97 9.96 -2.55
C GLU A 39 15.84 10.85 -1.32
N LEU A 40 15.22 10.31 -0.28
CA LEU A 40 15.05 11.07 0.97
C LEU A 40 16.39 11.26 1.67
N CYS A 41 17.19 10.19 1.70
CA CYS A 41 18.50 10.25 2.36
C CYS A 41 19.32 11.40 1.79
N LYS A 42 19.30 11.54 0.46
CA LYS A 42 20.04 12.62 -0.20
C LYS A 42 19.46 13.97 0.22
N ARG A 43 18.14 14.09 0.16
CA ARG A 43 17.48 15.34 0.54
C ARG A 43 17.80 15.69 1.99
N ILE A 44 17.79 14.67 2.85
CA ILE A 44 18.10 14.88 4.26
C ILE A 44 19.60 15.06 4.47
N ASN A 45 20.38 14.63 3.48
CA ASN A 45 21.84 14.74 3.56
C ASN A 45 22.37 13.93 4.73
N THR A 46 21.97 12.66 4.79
CA THR A 46 22.41 11.77 5.87
C THR A 46 22.60 10.35 5.36
N GLN A 47 23.18 9.50 6.19
CA GLN A 47 23.41 8.11 5.81
C GLN A 47 22.20 7.26 6.17
N CYS A 48 21.86 6.32 5.31
CA CYS A 48 20.72 5.44 5.54
C CYS A 48 21.16 3.99 5.66
N THR A 49 20.68 3.31 6.68
CA THR A 49 21.03 1.91 6.90
C THR A 49 19.78 1.07 7.08
N PHE A 50 19.66 0.01 6.29
CA PHE A 50 18.50 -0.87 6.37
C PHE A 50 18.78 -2.05 7.29
N VAL A 51 17.80 -2.37 8.15
CA VAL A 51 17.96 -3.50 9.06
C VAL A 51 16.75 -4.41 9.00
N GLU A 52 17.00 -5.71 8.82
CA GLU A 52 15.91 -6.69 8.75
C GLU A 52 15.22 -6.82 10.10
N ASN A 53 13.89 -6.93 10.07
CA ASN A 53 13.12 -7.07 11.30
C ASN A 53 11.63 -7.06 11.00
N PRO A 54 10.89 -7.95 11.60
CA PRO A 54 9.42 -8.06 11.38
C PRO A 54 8.66 -6.87 11.95
N LEU A 55 7.61 -6.45 11.26
CA LEU A 55 6.81 -5.33 11.71
C LEU A 55 6.61 -5.37 13.22
N ASP A 56 6.11 -6.48 13.73
CA ASP A 56 5.88 -6.63 15.16
C ASP A 56 7.10 -6.21 15.96
N ALA A 57 8.27 -6.31 15.34
CA ALA A 57 9.51 -5.95 16.00
C ALA A 57 9.91 -4.52 15.68
N LEU A 58 9.39 -4.00 14.58
CA LEU A 58 9.70 -2.64 14.17
C LEU A 58 9.19 -1.61 15.19
N ILE A 59 7.97 -1.85 15.68
CA ILE A 59 7.37 -0.94 16.65
C ILE A 59 8.20 -0.89 17.92
N PRO A 60 8.42 -2.03 18.52
CA PRO A 60 9.28 -2.15 19.73
C PRO A 60 10.67 -1.57 19.50
N SER A 61 11.24 -1.87 18.32
CA SER A 61 12.57 -1.39 17.98
C SER A 61 12.59 0.13 18.02
N LEU A 62 11.56 0.76 17.44
CA LEU A 62 11.48 2.21 17.43
C LEU A 62 11.48 2.76 18.86
N LYS A 63 10.71 2.12 19.72
CA LYS A 63 10.64 2.54 21.13
C LYS A 63 12.00 2.32 21.81
N ALA A 64 12.63 1.19 21.50
CA ALA A 64 13.93 0.86 22.08
C ALA A 64 15.03 1.68 21.42
N LYS A 65 14.64 2.67 20.64
CA LYS A 65 15.61 3.53 19.96
C LYS A 65 16.56 2.70 19.10
N LYS A 66 16.22 1.43 18.91
CA LYS A 66 17.03 0.54 18.09
C LYS A 66 17.06 1.01 16.65
N ILE A 67 15.96 1.60 16.20
CA ILE A 67 15.87 2.10 14.83
C ILE A 67 15.49 3.58 14.83
N ASP A 68 15.86 4.27 13.76
CA ASP A 68 15.57 5.70 13.64
C ASP A 68 14.26 5.93 12.91
N ALA A 69 13.84 4.93 12.15
CA ALA A 69 12.60 5.04 11.38
C ALA A 69 12.12 3.66 10.93
N ILE A 70 10.83 3.56 10.61
CA ILE A 70 10.26 2.29 10.15
C ILE A 70 9.77 2.41 8.72
N MET A 71 10.23 1.50 7.87
CA MET A 71 9.82 1.50 6.46
C MET A 71 9.31 0.12 6.05
N SER A 72 7.99 0.02 5.87
CA SER A 72 7.38 -1.25 5.48
C SER A 72 5.98 -1.02 4.93
N SER A 73 5.29 -2.11 4.59
CA SER A 73 3.94 -2.01 4.06
C SER A 73 2.99 -1.42 5.09
N LEU A 74 3.43 -1.40 6.35
CA LEU A 74 2.61 -0.85 7.42
C LEU A 74 1.83 0.36 6.94
N SER A 75 0.50 0.30 7.06
CA SER A 75 -0.34 1.40 6.64
C SER A 75 -0.43 2.47 7.72
N ILE A 76 -0.75 3.69 7.32
CA ILE A 76 -0.86 4.79 8.27
C ILE A 76 -2.32 5.15 8.51
N THR A 77 -2.62 5.62 9.70
CA THR A 77 -3.98 6.00 10.06
C THR A 77 -4.00 7.12 11.09
N GLU A 78 -5.06 7.92 11.08
CA GLU A 78 -5.17 9.02 12.03
C GLU A 78 -4.91 8.54 13.44
N LYS A 79 -5.54 7.44 13.82
CA LYS A 79 -5.37 6.89 15.16
C LYS A 79 -3.90 6.65 15.46
N ARG A 80 -3.17 6.15 14.46
CA ARG A 80 -1.74 5.89 14.61
C ARG A 80 -0.95 7.19 14.75
N GLN A 81 -1.39 8.20 14.00
CA GLN A 81 -0.72 9.50 14.03
C GLN A 81 -0.73 10.05 15.45
N GLN A 82 -1.83 9.83 16.16
CA GLN A 82 -1.95 10.31 17.54
C GLN A 82 -0.85 9.69 18.40
N GLU A 83 -0.37 8.51 18.02
CA GLU A 83 0.68 7.83 18.76
C GLU A 83 2.05 8.36 18.36
N ILE A 84 2.30 8.37 17.04
CA ILE A 84 3.58 8.85 16.53
C ILE A 84 3.37 9.69 15.28
N ALA A 85 4.46 9.98 14.58
CA ALA A 85 4.39 10.79 13.36
C ALA A 85 4.58 9.92 12.13
N PHE A 86 3.92 10.29 11.04
CA PHE A 86 4.03 9.55 9.79
C PHE A 86 4.32 10.50 8.63
N THR A 87 5.03 9.99 7.62
CA THR A 87 5.36 10.80 6.45
C THR A 87 5.83 9.91 5.30
N ASP A 88 6.70 10.46 4.46
CA ASP A 88 7.22 9.70 3.33
C ASP A 88 6.13 8.91 2.65
N LYS A 89 4.87 9.31 2.89
CA LYS A 89 3.72 8.61 2.30
C LYS A 89 4.13 7.95 0.98
N LEU A 90 3.96 6.64 0.92
CA LEU A 90 4.32 5.88 -0.28
C LEU A 90 3.25 6.00 -1.34
N TYR A 91 2.13 5.33 -1.12
CA TYR A 91 1.02 5.36 -2.07
C TYR A 91 -0.31 5.24 -1.36
N ALA A 92 -1.39 5.57 -2.07
CA ALA A 92 -2.73 5.50 -1.50
C ALA A 92 -3.24 4.07 -1.51
N ALA A 93 -3.68 3.58 -0.36
CA ALA A 93 -4.19 2.22 -0.25
C ALA A 93 -5.71 2.22 -0.08
N ASP A 94 -6.41 2.64 -1.14
CA ASP A 94 -7.86 2.69 -1.11
C ASP A 94 -8.45 1.34 -1.49
N SER A 95 -9.00 1.27 -2.70
CA SER A 95 -9.62 0.04 -3.18
C SER A 95 -9.71 0.04 -4.70
N ARG A 96 -10.00 -1.12 -5.28
CA ARG A 96 -10.13 -1.24 -6.73
C ARG A 96 -11.03 -2.41 -7.09
N LEU A 97 -11.78 -2.27 -8.19
CA LEU A 97 -12.67 -3.33 -8.65
C LEU A 97 -12.04 -4.08 -9.81
N VAL A 98 -12.14 -5.41 -9.76
CA VAL A 98 -11.57 -6.24 -10.84
C VAL A 98 -12.67 -7.10 -11.45
N VAL A 99 -13.02 -6.81 -12.70
CA VAL A 99 -14.07 -7.56 -13.38
C VAL A 99 -13.64 -7.92 -14.80
N ALA A 100 -14.36 -8.85 -15.42
CA ALA A 100 -14.05 -9.26 -16.77
C ALA A 100 -14.78 -8.39 -17.78
N LYS A 101 -14.16 -8.20 -18.95
CA LYS A 101 -14.75 -7.37 -19.99
C LYS A 101 -16.14 -7.89 -20.35
N ASN A 102 -16.35 -9.20 -20.16
CA ASN A 102 -17.64 -9.80 -20.47
C ASN A 102 -18.75 -9.14 -19.66
N SER A 103 -18.47 -8.87 -18.39
CA SER A 103 -19.46 -8.23 -17.52
C SER A 103 -19.12 -6.75 -17.35
N ASP A 104 -20.07 -5.89 -17.71
CA ASP A 104 -19.87 -4.45 -17.60
C ASP A 104 -20.27 -3.96 -16.21
N ILE A 105 -19.27 -3.58 -15.42
CA ILE A 105 -19.52 -3.09 -14.07
C ILE A 105 -18.83 -1.76 -13.83
N GLN A 106 -19.58 -0.79 -13.33
CA GLN A 106 -19.02 0.54 -13.08
C GLN A 106 -18.97 0.82 -11.57
N PRO A 107 -18.14 1.74 -11.17
CA PRO A 107 -17.99 2.12 -9.74
C PRO A 107 -19.29 2.64 -9.15
N THR A 108 -20.08 1.75 -8.57
CA THR A 108 -21.35 2.14 -7.97
C THR A 108 -21.94 0.98 -7.16
N VAL A 109 -22.57 1.32 -6.04
CA VAL A 109 -23.18 0.31 -5.19
C VAL A 109 -24.40 -0.30 -5.89
N GLU A 110 -25.09 0.52 -6.67
CA GLU A 110 -26.28 0.06 -7.37
C GLU A 110 -25.95 -1.14 -8.25
N SER A 111 -25.09 -0.94 -9.24
CA SER A 111 -24.72 -2.01 -10.15
C SER A 111 -24.15 -3.20 -9.39
N LEU A 112 -23.66 -2.95 -8.18
CA LEU A 112 -23.11 -4.00 -7.35
C LEU A 112 -24.20 -4.87 -6.74
N LYS A 113 -25.37 -4.27 -6.55
CA LYS A 113 -26.49 -5.01 -5.96
C LYS A 113 -26.78 -6.27 -6.76
N GLY A 114 -26.93 -7.38 -6.05
CA GLY A 114 -27.23 -8.65 -6.70
C GLY A 114 -25.95 -9.33 -7.17
N LYS A 115 -24.87 -8.57 -7.24
CA LYS A 115 -23.58 -9.11 -7.68
C LYS A 115 -22.83 -9.72 -6.51
N ARG A 116 -22.00 -10.72 -6.80
CA ARG A 116 -21.23 -11.39 -5.76
C ARG A 116 -19.83 -10.80 -5.69
N VAL A 117 -19.36 -10.56 -4.47
CA VAL A 117 -18.03 -9.98 -4.27
C VAL A 117 -17.22 -10.84 -3.31
N GLY A 118 -15.94 -11.05 -3.65
CA GLY A 118 -15.07 -11.87 -2.81
C GLY A 118 -14.07 -10.99 -2.07
N VAL A 119 -13.85 -11.29 -0.80
CA VAL A 119 -12.92 -10.51 0.02
C VAL A 119 -11.96 -11.44 0.76
N LEU A 120 -10.85 -10.88 1.22
CA LEU A 120 -9.87 -11.67 1.95
C LEU A 120 -10.12 -11.60 3.46
N GLN A 121 -10.36 -12.75 4.07
CA GLN A 121 -10.62 -12.81 5.49
C GLN A 121 -9.54 -12.08 6.27
N GLY A 122 -9.88 -11.62 7.48
CA GLY A 122 -8.92 -10.91 8.31
C GLY A 122 -8.54 -9.57 7.69
N THR A 123 -9.54 -8.79 7.32
CA THR A 123 -9.30 -7.49 6.70
C THR A 123 -10.41 -6.51 7.08
N THR A 124 -10.16 -5.22 6.83
CA THR A 124 -11.15 -4.19 7.13
C THR A 124 -12.33 -4.28 6.16
N GLN A 125 -12.05 -4.72 4.94
CA GLN A 125 -13.09 -4.83 3.92
C GLN A 125 -14.21 -5.74 4.40
N GLU A 126 -13.86 -6.97 4.79
CA GLU A 126 -14.86 -7.90 5.26
C GLU A 126 -15.64 -7.33 6.43
N THR A 127 -14.92 -6.91 7.47
CA THR A 127 -15.57 -6.35 8.65
C THR A 127 -16.37 -5.10 8.28
N PHE A 128 -15.73 -4.17 7.61
CA PHE A 128 -16.39 -2.93 7.19
C PHE A 128 -17.53 -3.25 6.25
N GLY A 129 -17.29 -4.14 5.29
CA GLY A 129 -18.32 -4.51 4.32
C GLY A 129 -19.52 -5.14 5.01
N ASN A 130 -19.26 -6.05 5.94
CA ASN A 130 -20.33 -6.72 6.67
C ASN A 130 -21.39 -5.73 7.11
N GLU A 131 -21.04 -4.44 7.06
CA GLU A 131 -21.97 -3.40 7.46
C GLU A 131 -22.16 -2.38 6.35
N HIS A 132 -21.09 -2.13 5.60
CA HIS A 132 -21.15 -1.15 4.52
C HIS A 132 -21.93 -1.69 3.33
N TRP A 133 -21.56 -2.89 2.89
CA TRP A 133 -22.20 -3.52 1.74
C TRP A 133 -23.24 -4.53 2.18
N ALA A 134 -23.57 -4.53 3.46
CA ALA A 134 -24.55 -5.45 4.01
C ALA A 134 -25.97 -4.94 3.78
N PRO A 135 -26.24 -3.74 4.22
CA PRO A 135 -27.58 -3.10 4.07
C PRO A 135 -27.85 -2.69 2.62
N LYS A 136 -26.83 -2.75 1.79
CA LYS A 136 -26.96 -2.35 0.39
C LYS A 136 -27.54 -3.51 -0.43
N GLY A 137 -27.64 -4.68 0.19
CA GLY A 137 -28.18 -5.85 -0.50
C GLY A 137 -27.13 -6.47 -1.41
N ILE A 138 -25.87 -6.41 -0.99
CA ILE A 138 -24.77 -6.97 -1.77
C ILE A 138 -24.22 -8.22 -1.09
N GLU A 139 -23.95 -9.25 -1.89
CA GLU A 139 -23.41 -10.50 -1.36
C GLU A 139 -21.89 -10.43 -1.28
N ILE A 140 -21.34 -10.79 -0.13
CA ILE A 140 -19.89 -10.78 0.06
C ILE A 140 -19.40 -12.10 0.60
N VAL A 141 -18.26 -12.57 0.10
CA VAL A 141 -17.69 -13.83 0.56
C VAL A 141 -16.25 -13.62 1.02
N SER A 142 -15.92 -14.16 2.19
CA SER A 142 -14.57 -14.02 2.71
C SER A 142 -13.74 -15.26 2.42
N TYR A 143 -12.55 -15.06 1.87
CA TYR A 143 -11.66 -16.17 1.54
C TYR A 143 -10.44 -16.17 2.45
N GLN A 144 -9.81 -17.33 2.60
CA GLN A 144 -8.63 -17.45 3.45
C GLN A 144 -7.38 -17.63 2.61
N GLY A 145 -7.52 -17.49 1.30
CA GLY A 145 -6.39 -17.64 0.39
C GLY A 145 -6.33 -16.49 -0.60
N GLN A 146 -5.15 -15.89 -0.72
CA GLN A 146 -4.96 -14.77 -1.63
C GLN A 146 -5.13 -15.24 -3.08
N ASP A 147 -4.49 -16.35 -3.41
CA ASP A 147 -4.57 -16.89 -4.78
C ASP A 147 -5.97 -17.44 -5.05
N ASN A 148 -6.68 -17.79 -3.98
CA ASN A 148 -8.02 -18.32 -4.12
C ASN A 148 -8.96 -17.27 -4.70
N ILE A 149 -8.75 -16.01 -4.31
CA ILE A 149 -9.59 -14.93 -4.80
C ILE A 149 -9.40 -14.72 -6.30
N TYR A 150 -8.15 -14.66 -6.73
CA TYR A 150 -7.84 -14.46 -8.15
C TYR A 150 -8.36 -15.64 -8.97
N SER A 151 -8.25 -16.84 -8.40
CA SER A 151 -8.71 -18.05 -9.09
C SER A 151 -10.20 -17.96 -9.37
N ASP A 152 -10.96 -17.49 -8.38
CA ASP A 152 -12.40 -17.34 -8.54
C ASP A 152 -12.71 -16.30 -9.61
N LEU A 153 -11.99 -15.19 -9.58
CA LEU A 153 -12.21 -14.13 -10.57
C LEU A 153 -11.98 -14.67 -11.98
N THR A 154 -10.86 -15.36 -12.17
CA THR A 154 -10.55 -15.93 -13.48
C THR A 154 -11.61 -16.97 -13.87
N ALA A 155 -12.29 -17.51 -12.87
CA ALA A 155 -13.32 -18.52 -13.11
C ALA A 155 -14.68 -17.85 -13.31
N GLY A 156 -14.80 -16.61 -12.87
CA GLY A 156 -16.05 -15.87 -12.99
C GLY A 156 -16.97 -16.14 -11.82
N ARG A 157 -16.43 -16.81 -10.79
CA ARG A 157 -17.22 -17.13 -9.60
C ARG A 157 -17.55 -15.87 -8.81
N ILE A 158 -16.80 -14.80 -9.08
CA ILE A 158 -17.02 -13.52 -8.41
C ILE A 158 -17.16 -12.40 -9.42
N ASP A 159 -18.13 -11.51 -9.19
CA ASP A 159 -18.37 -10.39 -10.08
C ASP A 159 -17.27 -9.35 -9.97
N ALA A 160 -16.69 -9.24 -8.77
CA ALA A 160 -15.64 -8.28 -8.53
C ALA A 160 -15.06 -8.44 -7.13
N ALA A 161 -13.81 -8.02 -6.95
CA ALA A 161 -13.17 -8.11 -5.64
C ALA A 161 -12.58 -6.76 -5.25
N PHE A 162 -12.73 -6.40 -3.98
CA PHE A 162 -12.22 -5.12 -3.49
C PHE A 162 -10.76 -5.26 -3.07
N GLN A 163 -9.86 -4.77 -3.93
CA GLN A 163 -8.43 -4.84 -3.64
C GLN A 163 -7.78 -3.48 -3.90
N ASP A 164 -6.56 -3.31 -3.39
CA ASP A 164 -5.83 -2.06 -3.57
C ASP A 164 -5.31 -1.94 -5.01
N GLU A 165 -5.15 -0.71 -5.48
CA GLU A 165 -4.67 -0.48 -6.83
C GLU A 165 -3.22 -0.96 -6.98
N VAL A 166 -2.35 -0.47 -6.11
CA VAL A 166 -0.95 -0.85 -6.17
C VAL A 166 -0.79 -2.35 -6.02
N ALA A 167 -1.42 -2.91 -5.00
CA ALA A 167 -1.35 -4.35 -4.77
C ALA A 167 -1.89 -5.12 -5.96
N ALA A 168 -2.97 -4.61 -6.55
CA ALA A 168 -3.57 -5.26 -7.71
C ALA A 168 -2.59 -5.29 -8.88
N SER A 169 -2.23 -4.12 -9.38
CA SER A 169 -1.30 -4.03 -10.50
C SER A 169 0.01 -4.71 -10.15
N GLU A 170 0.53 -4.42 -8.97
CA GLU A 170 1.78 -5.03 -8.53
C GLU A 170 1.78 -6.52 -8.80
N GLY A 171 0.65 -7.16 -8.54
CA GLY A 171 0.53 -8.60 -8.75
C GLY A 171 -0.40 -8.92 -9.89
N PHE A 172 -1.67 -8.53 -9.74
CA PHE A 172 -2.67 -8.81 -10.75
C PHE A 172 -2.11 -8.61 -12.15
N LEU A 173 -1.88 -7.35 -12.51
CA LEU A 173 -1.36 -7.04 -13.83
C LEU A 173 0.01 -7.65 -14.03
N LYS A 174 0.84 -7.59 -13.00
CA LYS A 174 2.20 -8.14 -13.09
C LYS A 174 2.15 -9.63 -13.39
N GLN A 175 0.95 -10.18 -13.49
CA GLN A 175 0.78 -11.59 -13.77
C GLN A 175 -0.13 -11.80 -14.98
N PRO A 176 0.18 -12.75 -15.82
CA PRO A 176 -0.64 -13.07 -17.02
C PRO A 176 -2.14 -13.07 -16.71
N VAL A 177 -2.47 -13.09 -15.42
CA VAL A 177 -3.87 -13.11 -15.01
C VAL A 177 -4.58 -11.83 -15.45
N GLY A 178 -3.91 -10.70 -15.28
CA GLY A 178 -4.49 -9.41 -15.65
C GLY A 178 -4.78 -9.36 -17.14
N LYS A 179 -3.95 -10.02 -17.94
CA LYS A 179 -4.15 -10.04 -19.38
C LYS A 179 -5.49 -10.66 -19.74
N ASP A 180 -5.84 -11.73 -19.04
CA ASP A 180 -7.11 -12.41 -19.29
C ASP A 180 -8.28 -11.50 -18.92
N TYR A 181 -8.09 -10.70 -17.86
CA TYR A 181 -9.13 -9.79 -17.41
C TYR A 181 -8.54 -8.64 -16.63
N LYS A 182 -9.12 -7.45 -16.79
CA LYS A 182 -8.65 -6.27 -16.09
C LYS A 182 -9.55 -5.08 -16.37
N PHE A 183 -10.45 -4.78 -15.44
CA PHE A 183 -11.37 -3.66 -15.60
C PHE A 183 -11.92 -3.21 -14.25
N GLY A 184 -12.55 -2.05 -14.22
CA GLY A 184 -13.11 -1.52 -12.99
C GLY A 184 -12.05 -0.84 -12.14
N GLY A 185 -11.37 0.13 -12.72
CA GLY A 185 -10.33 0.85 -12.00
C GLY A 185 -10.83 1.36 -10.65
N PRO A 186 -10.88 2.65 -10.47
CA PRO A 186 -11.36 3.27 -9.21
C PRO A 186 -12.70 2.70 -8.77
N SER A 187 -12.81 2.37 -7.49
CA SER A 187 -14.04 1.79 -6.96
C SER A 187 -14.58 2.62 -5.80
N VAL A 188 -14.49 2.07 -4.60
CA VAL A 188 -15.00 2.77 -3.42
C VAL A 188 -14.46 2.11 -2.15
N LYS A 189 -14.56 2.82 -1.03
CA LYS A 189 -14.09 2.30 0.25
C LYS A 189 -13.75 3.45 1.19
N ASP A 190 -13.83 3.18 2.50
CA ASP A 190 -13.50 4.19 3.50
C ASP A 190 -11.99 4.28 3.67
N GLU A 191 -11.43 5.46 3.39
CA GLU A 191 -10.00 5.66 3.51
C GLU A 191 -9.57 5.68 4.98
N LYS A 192 -10.52 5.93 5.86
CA LYS A 192 -10.24 5.99 7.29
C LYS A 192 -9.75 4.64 7.78
N LEU A 193 -10.22 3.57 7.16
CA LEU A 193 -9.83 2.22 7.58
C LEU A 193 -8.34 2.03 7.45
N PHE A 194 -7.77 2.48 6.34
CA PHE A 194 -6.33 2.36 6.11
C PHE A 194 -5.68 3.74 6.06
N GLY A 195 -6.45 4.77 6.39
CA GLY A 195 -5.94 6.13 6.36
C GLY A 195 -5.76 6.62 4.94
N VAL A 196 -4.85 7.57 4.75
CA VAL A 196 -4.58 8.11 3.43
C VAL A 196 -3.86 7.09 2.56
N GLY A 197 -3.15 6.17 3.21
CA GLY A 197 -2.41 5.14 2.48
C GLY A 197 -1.34 4.52 3.36
N THR A 198 -0.10 4.51 2.87
CA THR A 198 1.01 3.95 3.63
C THR A 198 2.20 4.91 3.64
N GLY A 199 3.10 4.72 4.59
CA GLY A 199 4.28 5.58 4.69
C GLY A 199 5.24 5.05 5.75
N MET A 200 6.15 5.91 6.20
CA MET A 200 7.13 5.52 7.22
C MET A 200 6.67 5.99 8.59
N GLY A 201 6.90 5.15 9.60
CA GLY A 201 6.50 5.48 10.96
C GLY A 201 7.61 6.22 11.69
N LEU A 202 7.39 7.50 11.93
CA LEU A 202 8.37 8.32 12.63
C LEU A 202 7.79 8.85 13.93
N ARG A 203 8.67 9.25 14.85
CA ARG A 203 8.23 9.78 16.14
C ARG A 203 7.96 11.28 16.04
N LYS A 204 7.01 11.76 16.83
CA LYS A 204 6.67 13.18 16.82
C LYS A 204 7.92 14.04 16.97
N GLU A 205 8.73 13.71 17.97
CA GLU A 205 9.96 14.47 18.21
C GLU A 205 10.64 14.83 16.90
N ASP A 206 10.34 14.06 15.85
CA ASP A 206 10.94 14.31 14.54
C ASP A 206 10.35 15.56 13.91
N ASN A 207 10.34 16.66 14.65
CA ASN A 207 9.80 17.91 14.15
C ASN A 207 10.60 18.42 12.96
N GLU A 208 11.93 18.41 13.09
CA GLU A 208 12.79 18.88 12.02
C GLU A 208 12.85 17.87 10.89
N LEU A 209 13.05 16.60 11.25
CA LEU A 209 13.15 15.54 10.24
C LEU A 209 11.84 15.43 9.46
N ARG A 210 10.73 15.48 10.19
CA ARG A 210 9.41 15.40 9.56
C ARG A 210 9.20 16.59 8.62
N GLU A 211 9.59 17.77 9.06
CA GLU A 211 9.46 18.97 8.25
C GLU A 211 10.20 18.79 6.93
N ALA A 212 11.35 18.13 6.98
CA ALA A 212 12.14 17.87 5.76
C ALA A 212 11.45 16.79 4.93
N LEU A 213 11.60 15.53 5.35
CA LEU A 213 10.96 14.42 4.64
C LEU A 213 9.69 14.89 3.92
N ASN A 214 8.87 15.66 4.64
CA ASN A 214 7.65 16.20 4.05
C ASN A 214 7.97 17.15 2.91
N LYS A 215 8.95 18.04 3.13
CA LYS A 215 9.36 18.98 2.09
C LYS A 215 9.90 18.22 0.88
N ALA A 216 10.71 17.20 1.14
CA ALA A 216 11.28 16.40 0.05
C ALA A 216 10.17 15.70 -0.72
N PHE A 217 9.15 15.23 -0.01
CA PHE A 217 8.02 14.56 -0.65
C PHE A 217 7.31 15.52 -1.61
N ALA A 218 7.12 16.76 -1.16
CA ALA A 218 6.45 17.77 -1.99
C ALA A 218 7.26 18.03 -3.25
N GLU A 219 8.59 18.05 -3.11
CA GLU A 219 9.47 18.28 -4.26
C GLU A 219 9.32 17.13 -5.26
N MET A 220 9.29 15.91 -4.76
CA MET A 220 9.15 14.73 -5.61
C MET A 220 7.90 14.87 -6.48
N ARG A 221 6.84 15.40 -5.88
CA ARG A 221 5.59 15.60 -6.62
C ARG A 221 5.75 16.70 -7.66
N ALA A 222 6.48 17.75 -7.30
CA ALA A 222 6.70 18.87 -8.20
C ALA A 222 7.40 18.40 -9.48
N ASP A 223 8.43 17.58 -9.32
CA ASP A 223 9.17 17.06 -10.47
C ASP A 223 8.54 15.76 -10.97
N GLY A 224 7.48 15.33 -10.30
CA GLY A 224 6.78 14.11 -10.69
C GLY A 224 7.66 12.89 -10.47
N THR A 225 8.67 13.03 -9.61
CA THR A 225 9.58 11.92 -9.34
C THR A 225 8.79 10.72 -8.80
N TYR A 226 7.89 10.98 -7.87
CA TYR A 226 7.07 9.90 -7.31
C TYR A 226 6.20 9.27 -8.40
N GLU A 227 5.40 10.10 -9.06
CA GLU A 227 4.52 9.61 -10.12
C GLU A 227 5.35 8.91 -11.20
N LYS A 228 6.51 9.48 -11.53
CA LYS A 228 7.36 8.91 -12.55
C LYS A 228 7.78 7.49 -12.16
N LEU A 229 8.23 7.33 -10.93
CA LEU A 229 8.64 6.02 -10.44
C LEU A 229 7.46 5.05 -10.47
N ALA A 230 6.28 5.55 -10.07
CA ALA A 230 5.08 4.71 -10.06
C ALA A 230 4.77 4.20 -11.46
N LYS A 231 4.75 5.11 -12.43
CA LYS A 231 4.46 4.73 -13.81
C LYS A 231 5.45 3.69 -14.30
N LYS A 232 6.70 3.82 -13.87
CA LYS A 232 7.74 2.88 -14.28
C LYS A 232 7.51 1.50 -13.66
N TYR A 233 7.33 1.47 -12.35
CA TYR A 233 7.11 0.21 -11.65
C TYR A 233 5.82 -0.44 -12.14
N PHE A 234 4.76 0.36 -12.24
CA PHE A 234 3.47 -0.15 -12.69
C PHE A 234 2.64 0.97 -13.30
N ASP A 235 1.73 0.61 -14.19
CA ASP A 235 0.86 1.59 -14.84
C ASP A 235 -0.49 1.66 -14.14
N PHE A 236 -0.64 2.59 -13.21
CA PHE A 236 -1.89 2.75 -12.48
C PHE A 236 -2.07 4.20 -12.04
N ASP A 237 -2.99 4.42 -11.10
CA ASP A 237 -3.26 5.75 -10.59
C ASP A 237 -3.04 5.83 -9.09
N VAL A 238 -1.98 6.49 -8.68
CA VAL A 238 -1.67 6.63 -7.26
C VAL A 238 -2.76 7.43 -6.55
N TYR A 239 -3.26 8.46 -7.20
CA TYR A 239 -4.31 9.29 -6.63
C TYR A 239 -5.54 8.45 -6.32
N GLY A 240 -5.89 7.55 -7.25
CA GLY A 240 -7.04 6.68 -7.05
C GLY A 240 -6.84 5.77 -5.84
N GLY A 241 -5.61 5.30 -5.67
CA GLY A 241 -5.29 4.41 -4.56
C GLY A 241 -6.03 3.08 -4.69
N ALA A 4 20.84 20.62 13.70
CA ALA A 4 21.72 19.67 12.97
C ALA A 4 21.03 18.32 12.86
N ILE A 5 20.97 17.79 11.64
CA ILE A 5 20.32 16.51 11.42
C ILE A 5 21.20 15.36 11.92
N PRO A 6 20.64 14.20 12.07
CA PRO A 6 21.39 13.00 12.54
C PRO A 6 22.52 12.63 11.60
N GLN A 7 23.63 12.16 12.19
CA GLN A 7 24.79 11.76 11.39
C GLN A 7 24.46 10.54 10.54
N ASN A 8 23.72 9.60 11.12
CA ASN A 8 23.34 8.39 10.41
C ASN A 8 21.90 8.01 10.73
N ILE A 9 21.18 7.51 9.72
CA ILE A 9 19.79 7.11 9.90
C ILE A 9 19.65 5.59 9.84
N ARG A 10 19.00 5.03 10.86
CA ARG A 10 18.81 3.58 10.90
C ARG A 10 17.37 3.22 10.52
N ILE A 11 17.23 2.49 9.42
CA ILE A 11 15.91 2.09 8.94
C ILE A 11 15.72 0.59 9.09
N GLY A 12 14.52 0.19 9.52
CA GLY A 12 14.23 -1.23 9.70
C GLY A 12 13.26 -1.72 8.61
N THR A 13 13.81 -2.46 7.64
CA THR A 13 12.99 -2.97 6.55
C THR A 13 13.18 -4.48 6.39
N ASP A 14 12.10 -5.22 6.55
CA ASP A 14 12.14 -6.67 6.42
C ASP A 14 11.33 -7.12 5.20
N PRO A 15 11.97 -7.26 4.07
CA PRO A 15 11.29 -7.70 2.82
C PRO A 15 10.54 -9.01 3.01
N THR A 16 9.31 -9.06 2.51
CA THR A 16 8.49 -10.26 2.62
C THR A 16 7.69 -10.48 1.36
N TYR A 17 7.53 -9.43 0.56
CA TYR A 17 6.77 -9.52 -0.67
C TYR A 17 7.62 -9.06 -1.85
N ALA A 18 8.19 -10.01 -2.58
CA ALA A 18 9.02 -9.69 -3.74
C ALA A 18 8.55 -8.38 -4.39
N PRO A 19 7.34 -8.34 -4.85
CA PRO A 19 6.77 -7.13 -5.53
C PRO A 19 7.00 -5.86 -4.70
N PHE A 20 6.86 -5.97 -3.39
CA PHE A 20 7.06 -4.84 -2.52
C PHE A 20 8.55 -4.57 -2.28
N GLU A 21 9.29 -5.66 -2.07
CA GLU A 21 10.72 -5.55 -1.80
C GLU A 21 11.46 -6.77 -2.31
N SER A 22 12.62 -7.05 -1.72
CA SER A 22 13.42 -8.20 -2.13
C SER A 22 14.86 -8.04 -1.67
N LYS A 23 15.68 -9.05 -1.95
CA LYS A 23 17.08 -9.01 -1.56
C LYS A 23 17.97 -9.49 -2.70
N ASN A 24 19.14 -8.87 -2.85
CA ASN A 24 20.07 -9.25 -3.90
C ASN A 24 21.11 -10.23 -3.38
N SER A 25 21.47 -11.21 -4.20
CA SER A 25 22.46 -12.21 -3.81
C SER A 25 23.83 -11.56 -3.63
N GLN A 26 23.99 -10.39 -4.21
CA GLN A 26 25.26 -9.67 -4.11
C GLN A 26 25.39 -8.99 -2.76
N GLY A 27 24.32 -9.04 -1.98
CA GLY A 27 24.32 -8.42 -0.65
C GLY A 27 23.63 -7.07 -0.68
N GLU A 28 23.29 -6.61 -1.89
CA GLU A 28 22.61 -5.32 -2.04
C GLU A 28 21.14 -5.46 -1.73
N LEU A 29 20.49 -4.33 -1.40
CA LEU A 29 19.07 -4.32 -1.08
C LEU A 29 18.29 -3.59 -2.15
N VAL A 30 17.18 -4.19 -2.59
CA VAL A 30 16.34 -3.59 -3.62
C VAL A 30 14.87 -3.65 -3.22
N GLY A 31 14.09 -2.69 -3.69
CA GLY A 31 12.67 -2.64 -3.38
C GLY A 31 12.08 -1.28 -3.71
N PHE A 32 10.80 -1.25 -4.03
CA PHE A 32 10.12 0.00 -4.36
C PHE A 32 10.21 0.99 -3.21
N ASP A 33 10.03 0.49 -2.00
CA ASP A 33 10.08 1.33 -0.81
C ASP A 33 11.51 1.81 -0.54
N ILE A 34 12.48 1.00 -0.94
CA ILE A 34 13.88 1.33 -0.76
C ILE A 34 14.29 2.52 -1.62
N ASP A 35 13.79 2.53 -2.86
CA ASP A 35 14.13 3.59 -3.80
C ASP A 35 13.67 4.95 -3.25
N LEU A 36 12.51 4.95 -2.60
CA LEU A 36 12.00 6.18 -2.02
C LEU A 36 12.90 6.64 -0.86
N ALA A 37 13.31 5.70 -0.02
CA ALA A 37 14.16 6.03 1.12
C ALA A 37 15.46 6.67 0.63
N LYS A 38 16.03 6.10 -0.43
CA LYS A 38 17.29 6.62 -0.96
C LYS A 38 17.14 8.09 -1.36
N GLU A 39 16.14 8.38 -2.19
CA GLU A 39 15.90 9.75 -2.62
C GLU A 39 15.76 10.66 -1.40
N LEU A 40 15.15 10.15 -0.35
CA LEU A 40 14.98 10.93 0.88
C LEU A 40 16.33 11.12 1.58
N CYS A 41 17.13 10.07 1.62
CA CYS A 41 18.44 10.14 2.27
C CYS A 41 19.26 11.29 1.68
N LYS A 42 19.24 11.41 0.36
CA LYS A 42 19.97 12.49 -0.30
C LYS A 42 19.39 13.84 0.10
N ARG A 43 18.05 13.95 0.04
CA ARG A 43 17.39 15.20 0.41
C ARG A 43 17.71 15.56 1.84
N ILE A 44 17.72 14.56 2.72
CA ILE A 44 18.03 14.79 4.12
C ILE A 44 19.53 14.99 4.32
N ASN A 45 20.31 14.57 3.33
CA ASN A 45 21.77 14.70 3.40
C ASN A 45 22.31 13.91 4.59
N THR A 46 21.94 12.64 4.67
CA THR A 46 22.38 11.77 5.75
C THR A 46 22.59 10.34 5.26
N GLN A 47 23.18 9.50 6.11
CA GLN A 47 23.43 8.11 5.75
C GLN A 47 22.23 7.26 6.13
N CYS A 48 21.90 6.29 5.26
CA CYS A 48 20.77 5.41 5.51
C CYS A 48 21.23 3.97 5.63
N THR A 49 20.76 3.29 6.68
CA THR A 49 21.14 1.90 6.91
C THR A 49 19.89 1.05 7.11
N PHE A 50 19.79 -0.05 6.34
CA PHE A 50 18.64 -0.94 6.45
C PHE A 50 18.95 -2.08 7.41
N VAL A 51 17.99 -2.39 8.28
CA VAL A 51 18.16 -3.47 9.24
C VAL A 51 16.97 -4.42 9.20
N GLU A 52 17.24 -5.71 9.06
CA GLU A 52 16.16 -6.70 9.01
C GLU A 52 15.45 -6.79 10.36
N ASN A 53 14.12 -6.92 10.30
CA ASN A 53 13.34 -7.01 11.52
C ASN A 53 11.84 -7.01 11.20
N PRO A 54 11.11 -7.93 11.77
CA PRO A 54 9.65 -8.06 11.53
C PRO A 54 8.86 -6.89 12.10
N LEU A 55 7.80 -6.50 11.40
CA LEU A 55 6.97 -5.39 11.85
C LEU A 55 6.77 -5.43 13.36
N ASP A 56 6.26 -6.55 13.86
CA ASP A 56 6.01 -6.69 15.29
C ASP A 56 7.23 -6.26 16.09
N ALA A 57 8.40 -6.35 15.49
CA ALA A 57 9.64 -5.96 16.16
C ALA A 57 10.03 -4.53 15.82
N LEU A 58 9.50 -4.03 14.72
CA LEU A 58 9.80 -2.66 14.31
C LEU A 58 9.28 -1.65 15.32
N ILE A 59 8.07 -1.88 15.81
CA ILE A 59 7.45 -0.97 16.78
C ILE A 59 8.29 -0.92 18.05
N PRO A 60 8.50 -2.06 18.65
CA PRO A 60 9.35 -2.18 19.87
C PRO A 60 10.75 -1.60 19.63
N SER A 61 11.33 -1.91 18.47
CA SER A 61 12.66 -1.42 18.13
C SER A 61 12.66 0.11 18.15
N LEU A 62 11.64 0.71 17.56
CA LEU A 62 11.55 2.17 17.53
C LEU A 62 11.56 2.73 18.95
N LYS A 63 10.79 2.11 19.84
CA LYS A 63 10.74 2.53 21.23
C LYS A 63 12.10 2.34 21.90
N ALA A 64 12.75 1.23 21.59
CA ALA A 64 14.05 0.92 22.17
C ALA A 64 15.14 1.76 21.50
N LYS A 65 14.73 2.74 20.71
CA LYS A 65 15.67 3.60 20.01
C LYS A 65 16.63 2.77 19.16
N LYS A 66 16.31 1.50 18.98
CA LYS A 66 17.13 0.61 18.16
C LYS A 66 17.15 1.09 16.72
N ILE A 67 16.03 1.64 16.27
CA ILE A 67 15.92 2.12 14.89
C ILE A 67 15.52 3.59 14.88
N ASP A 68 15.90 4.30 13.82
CA ASP A 68 15.58 5.71 13.71
C ASP A 68 14.29 5.93 12.92
N ALA A 69 13.91 4.93 12.14
CA ALA A 69 12.70 5.02 11.35
C ALA A 69 12.23 3.63 10.92
N ILE A 70 10.94 3.52 10.61
CA ILE A 70 10.37 2.25 10.18
C ILE A 70 9.87 2.34 8.75
N MET A 71 10.32 1.41 7.91
CA MET A 71 9.90 1.39 6.51
C MET A 71 9.39 0.01 6.12
N SER A 72 8.08 -0.11 5.97
CA SER A 72 7.46 -1.38 5.60
C SER A 72 6.07 -1.16 5.02
N SER A 73 5.40 -2.26 4.67
CA SER A 73 4.07 -2.18 4.11
C SER A 73 3.09 -1.58 5.12
N LEU A 74 3.51 -1.54 6.38
CA LEU A 74 2.67 -1.01 7.44
C LEU A 74 1.88 0.21 6.93
N SER A 75 0.55 0.14 7.05
CA SER A 75 -0.30 1.23 6.61
C SER A 75 -0.40 2.30 7.68
N ILE A 76 -0.72 3.53 7.26
CA ILE A 76 -0.85 4.65 8.20
C ILE A 76 -2.31 4.98 8.43
N THR A 77 -2.63 5.45 9.63
CA THR A 77 -4.00 5.81 9.97
C THR A 77 -4.03 6.95 10.98
N GLU A 78 -5.09 7.73 10.96
CA GLU A 78 -5.23 8.85 11.88
C GLU A 78 -4.97 8.39 13.32
N LYS A 79 -5.60 7.29 13.70
CA LYS A 79 -5.43 6.76 15.05
C LYS A 79 -3.96 6.53 15.37
N ARG A 80 -3.22 6.02 14.38
CA ARG A 80 -1.79 5.78 14.54
C ARG A 80 -1.02 7.08 14.66
N GLN A 81 -1.45 8.08 13.90
CA GLN A 81 -0.78 9.38 13.92
C GLN A 81 -0.82 9.96 15.33
N GLN A 82 -1.92 9.72 16.04
CA GLN A 82 -2.06 10.22 17.41
C GLN A 82 -0.96 9.62 18.29
N GLU A 83 -0.48 8.44 17.93
CA GLU A 83 0.58 7.78 18.69
C GLU A 83 1.95 8.30 18.28
N ILE A 84 2.23 8.30 16.99
CA ILE A 84 3.50 8.78 16.48
C ILE A 84 3.30 9.61 15.22
N ALA A 85 4.39 9.91 14.53
CA ALA A 85 4.31 10.70 13.30
C ALA A 85 4.53 9.84 12.08
N PHE A 86 3.87 10.19 10.98
CA PHE A 86 3.99 9.43 9.74
C PHE A 86 4.29 10.38 8.58
N THR A 87 5.00 9.87 7.58
CA THR A 87 5.34 10.67 6.42
C THR A 87 5.82 9.78 5.28
N ASP A 88 6.68 10.33 4.41
CA ASP A 88 7.21 9.57 3.29
C ASP A 88 6.11 8.76 2.62
N LYS A 89 4.86 9.14 2.87
CA LYS A 89 3.71 8.45 2.28
C LYS A 89 4.11 7.80 0.95
N LEU A 90 3.97 6.49 0.88
CA LEU A 90 4.34 5.76 -0.33
C LEU A 90 3.28 5.92 -1.40
N TYR A 91 2.12 5.31 -1.18
CA TYR A 91 1.02 5.39 -2.14
C TYR A 91 -0.32 5.32 -1.43
N ALA A 92 -1.39 5.66 -2.15
CA ALA A 92 -2.74 5.63 -1.58
C ALA A 92 -3.31 4.22 -1.66
N ALA A 93 -3.66 3.67 -0.49
CA ALA A 93 -4.21 2.32 -0.43
C ALA A 93 -5.72 2.36 -0.24
N ASP A 94 -6.44 2.80 -1.27
CA ASP A 94 -7.88 2.89 -1.22
C ASP A 94 -8.51 1.55 -1.59
N SER A 95 -9.06 1.47 -2.80
CA SER A 95 -9.70 0.26 -3.28
C SER A 95 -9.77 0.24 -4.80
N ARG A 96 -10.06 -0.92 -5.37
CA ARG A 96 -10.18 -1.05 -6.81
C ARG A 96 -11.06 -2.25 -7.17
N LEU A 97 -11.81 -2.11 -8.26
CA LEU A 97 -12.68 -3.19 -8.72
C LEU A 97 -12.04 -3.95 -9.88
N VAL A 98 -12.10 -5.28 -9.83
CA VAL A 98 -11.53 -6.10 -10.90
C VAL A 98 -12.61 -6.99 -11.51
N VAL A 99 -12.98 -6.70 -12.75
CA VAL A 99 -14.01 -7.47 -13.43
C VAL A 99 -13.59 -7.81 -14.85
N ALA A 100 -14.30 -8.76 -15.46
CA ALA A 100 -13.98 -9.16 -16.83
C ALA A 100 -14.74 -8.31 -17.84
N LYS A 101 -14.12 -8.10 -18.99
CA LYS A 101 -14.74 -7.30 -20.05
C LYS A 101 -16.13 -7.84 -20.38
N ASN A 102 -16.32 -9.14 -20.17
CA ASN A 102 -17.60 -9.78 -20.47
C ASN A 102 -18.70 -9.12 -19.65
N SER A 103 -18.42 -8.84 -18.38
CA SER A 103 -19.42 -8.21 -17.52
C SER A 103 -19.10 -6.72 -17.36
N ASP A 104 -20.07 -5.88 -17.71
CA ASP A 104 -19.88 -4.43 -17.60
C ASP A 104 -20.28 -3.94 -16.22
N ILE A 105 -19.29 -3.55 -15.42
CA ILE A 105 -19.54 -3.05 -14.07
C ILE A 105 -18.86 -1.71 -13.87
N GLN A 106 -19.63 -0.73 -13.37
CA GLN A 106 -19.09 0.60 -13.12
C GLN A 106 -19.00 0.87 -11.62
N PRO A 107 -18.19 1.80 -11.24
CA PRO A 107 -18.02 2.19 -9.80
C PRO A 107 -19.32 2.68 -9.18
N THR A 108 -20.08 1.75 -8.62
CA THR A 108 -21.36 2.10 -8.00
C THR A 108 -21.91 0.91 -7.20
N VAL A 109 -22.49 1.21 -6.05
CA VAL A 109 -23.06 0.15 -5.21
C VAL A 109 -24.29 -0.46 -5.90
N GLU A 110 -25.01 0.36 -6.65
CA GLU A 110 -26.20 -0.11 -7.33
C GLU A 110 -25.87 -1.30 -8.24
N SER A 111 -25.02 -1.06 -9.24
CA SER A 111 -24.64 -2.11 -10.17
C SER A 111 -24.06 -3.31 -9.44
N LEU A 112 -23.58 -3.08 -8.23
CA LEU A 112 -23.00 -4.13 -7.42
C LEU A 112 -24.10 -5.01 -6.81
N LYS A 113 -25.27 -4.42 -6.62
CA LYS A 113 -26.39 -5.15 -6.03
C LYS A 113 -26.65 -6.43 -6.80
N GLY A 114 -26.82 -7.53 -6.07
CA GLY A 114 -27.09 -8.82 -6.69
C GLY A 114 -25.80 -9.49 -7.16
N LYS A 115 -24.73 -8.70 -7.24
CA LYS A 115 -23.45 -9.23 -7.69
C LYS A 115 -22.68 -9.82 -6.52
N ARG A 116 -21.82 -10.80 -6.80
CA ARG A 116 -21.03 -11.45 -5.76
C ARG A 116 -19.65 -10.83 -5.70
N VAL A 117 -19.18 -10.56 -4.47
CA VAL A 117 -17.87 -9.96 -4.27
C VAL A 117 -17.04 -10.79 -3.30
N GLY A 118 -15.76 -10.98 -3.64
CA GLY A 118 -14.87 -11.75 -2.78
C GLY A 118 -13.91 -10.84 -2.04
N VAL A 119 -13.68 -11.15 -0.76
CA VAL A 119 -12.77 -10.35 0.05
C VAL A 119 -11.79 -11.25 0.79
N LEU A 120 -10.68 -10.65 1.26
CA LEU A 120 -9.68 -11.41 1.99
C LEU A 120 -9.94 -11.36 3.48
N GLN A 121 -10.20 -12.52 4.07
CA GLN A 121 -10.46 -12.61 5.50
C GLN A 121 -9.37 -11.90 6.30
N GLY A 122 -9.70 -11.49 7.52
CA GLY A 122 -8.74 -10.81 8.38
C GLY A 122 -8.37 -9.45 7.80
N THR A 123 -9.38 -8.67 7.47
CA THR A 123 -9.16 -7.33 6.90
C THR A 123 -10.29 -6.39 7.27
N THR A 124 -10.09 -5.10 7.01
CA THR A 124 -11.10 -4.10 7.31
C THR A 124 -12.25 -4.19 6.30
N GLN A 125 -11.95 -4.68 5.11
CA GLN A 125 -12.97 -4.81 4.07
C GLN A 125 -14.09 -5.73 4.53
N GLU A 126 -13.74 -6.95 4.92
CA GLU A 126 -14.74 -7.90 5.38
C GLU A 126 -15.54 -7.32 6.54
N THR A 127 -14.83 -6.90 7.58
CA THR A 127 -15.50 -6.34 8.76
C THR A 127 -16.32 -5.11 8.38
N PHE A 128 -15.68 -4.17 7.68
CA PHE A 128 -16.38 -2.96 7.25
C PHE A 128 -17.52 -3.31 6.31
N GLY A 129 -17.25 -4.22 5.37
CA GLY A 129 -18.26 -4.61 4.40
C GLY A 129 -19.46 -5.24 5.08
N ASN A 130 -19.20 -6.13 6.04
CA ASN A 130 -20.27 -6.81 6.76
C ASN A 130 -21.35 -5.81 7.18
N GLU A 131 -21.02 -4.53 7.11
CA GLU A 131 -21.96 -3.49 7.47
C GLU A 131 -22.14 -2.49 6.34
N HIS A 132 -21.08 -2.24 5.59
CA HIS A 132 -21.13 -1.30 4.50
C HIS A 132 -21.88 -1.86 3.31
N TRP A 133 -21.49 -3.06 2.89
CA TRP A 133 -22.11 -3.71 1.75
C TRP A 133 -23.14 -4.73 2.19
N ALA A 134 -23.50 -4.69 3.46
CA ALA A 134 -24.48 -5.63 4.01
C ALA A 134 -25.90 -5.11 3.75
N PRO A 135 -26.19 -3.92 4.19
CA PRO A 135 -27.52 -3.29 4.02
C PRO A 135 -27.79 -2.88 2.56
N LYS A 136 -26.75 -2.94 1.75
CA LYS A 136 -26.88 -2.56 0.34
C LYS A 136 -27.43 -3.72 -0.48
N GLY A 137 -27.52 -4.89 0.15
CA GLY A 137 -28.05 -6.06 -0.54
C GLY A 137 -26.98 -6.69 -1.43
N ILE A 138 -25.73 -6.60 -1.01
CA ILE A 138 -24.62 -7.16 -1.78
C ILE A 138 -24.04 -8.39 -1.07
N GLU A 139 -23.73 -9.42 -1.86
CA GLU A 139 -23.18 -10.64 -1.30
C GLU A 139 -21.65 -10.55 -1.22
N ILE A 140 -21.11 -10.86 -0.04
CA ILE A 140 -19.67 -10.81 0.16
C ILE A 140 -19.15 -12.13 0.70
N VAL A 141 -18.00 -12.57 0.17
CA VAL A 141 -17.41 -13.83 0.61
C VAL A 141 -16.00 -13.59 1.11
N SER A 142 -15.67 -14.16 2.27
CA SER A 142 -14.35 -14.00 2.86
C SER A 142 -13.46 -15.19 2.52
N TYR A 143 -12.28 -14.91 1.98
CA TYR A 143 -11.34 -15.96 1.61
C TYR A 143 -10.12 -15.93 2.53
N GLN A 144 -9.48 -17.08 2.69
CA GLN A 144 -8.30 -17.18 3.55
C GLN A 144 -7.04 -17.32 2.73
N GLY A 145 -7.18 -17.18 1.41
CA GLY A 145 -6.03 -17.31 0.51
C GLY A 145 -6.00 -16.15 -0.50
N GLN A 146 -4.84 -15.52 -0.61
CA GLN A 146 -4.69 -14.40 -1.54
C GLN A 146 -4.83 -14.89 -2.99
N ASP A 147 -4.17 -16.00 -3.30
CA ASP A 147 -4.23 -16.55 -4.65
C ASP A 147 -5.62 -17.13 -4.93
N ASN A 148 -6.32 -17.49 -3.87
CA ASN A 148 -7.66 -18.06 -4.00
C ASN A 148 -8.61 -17.02 -4.60
N ILE A 149 -8.43 -15.76 -4.21
CA ILE A 149 -9.29 -14.70 -4.70
C ILE A 149 -9.11 -14.49 -6.20
N TYR A 150 -7.85 -14.42 -6.63
CA TYR A 150 -7.55 -14.22 -8.04
C TYR A 150 -8.04 -15.41 -8.86
N SER A 151 -7.92 -16.61 -8.29
CA SER A 151 -8.35 -17.82 -8.98
C SER A 151 -9.85 -17.76 -9.26
N ASP A 152 -10.61 -17.30 -8.26
CA ASP A 152 -12.06 -17.18 -8.42
C ASP A 152 -12.39 -16.17 -9.52
N LEU A 153 -11.71 -15.03 -9.50
CA LEU A 153 -11.94 -14.00 -10.50
C LEU A 153 -11.68 -14.55 -11.89
N THR A 154 -10.56 -15.21 -12.06
CA THR A 154 -10.21 -15.80 -13.36
C THR A 154 -11.23 -16.85 -13.74
N ALA A 155 -11.91 -17.41 -12.74
CA ALA A 155 -12.92 -18.44 -12.98
C ALA A 155 -14.30 -17.81 -13.19
N GLY A 156 -14.44 -16.57 -12.75
CA GLY A 156 -15.71 -15.86 -12.89
C GLY A 156 -16.63 -16.16 -11.72
N ARG A 157 -16.07 -16.78 -10.67
CA ARG A 157 -16.85 -17.11 -9.49
C ARG A 157 -17.22 -15.85 -8.72
N ILE A 158 -16.51 -14.76 -9.01
CA ILE A 158 -16.77 -13.48 -8.34
C ILE A 158 -16.95 -12.37 -9.38
N ASP A 159 -17.95 -11.52 -9.16
CA ASP A 159 -18.21 -10.42 -10.08
C ASP A 159 -17.15 -9.33 -9.96
N ALA A 160 -16.55 -9.22 -8.78
CA ALA A 160 -15.53 -8.22 -8.54
C ALA A 160 -14.93 -8.37 -7.15
N ALA A 161 -13.70 -7.90 -6.98
CA ALA A 161 -13.04 -7.96 -5.67
C ALA A 161 -12.48 -6.59 -5.30
N PHE A 162 -12.66 -6.21 -4.04
CA PHE A 162 -12.18 -4.93 -3.56
C PHE A 162 -10.72 -5.03 -3.14
N GLN A 163 -9.82 -4.54 -4.00
CA GLN A 163 -8.38 -4.57 -3.70
C GLN A 163 -7.76 -3.21 -3.97
N ASP A 164 -6.55 -3.01 -3.47
CA ASP A 164 -5.84 -1.75 -3.66
C ASP A 164 -5.34 -1.63 -5.10
N GLU A 165 -5.20 -0.40 -5.57
CA GLU A 165 -4.72 -0.18 -6.94
C GLU A 165 -3.28 -0.63 -7.10
N VAL A 166 -2.40 -0.12 -6.24
CA VAL A 166 -1.00 -0.48 -6.32
C VAL A 166 -0.81 -1.97 -6.14
N ALA A 167 -1.42 -2.54 -5.12
CA ALA A 167 -1.31 -3.97 -4.87
C ALA A 167 -1.87 -4.76 -6.04
N ALA A 168 -2.97 -4.27 -6.61
CA ALA A 168 -3.59 -4.96 -7.74
C ALA A 168 -2.66 -4.97 -8.94
N SER A 169 -2.34 -3.79 -9.46
CA SER A 169 -1.46 -3.68 -10.61
C SER A 169 -0.10 -4.32 -10.31
N GLU A 170 0.47 -3.98 -9.16
CA GLU A 170 1.76 -4.53 -8.77
C GLU A 170 1.77 -6.03 -8.94
N GLY A 171 0.65 -6.67 -8.61
CA GLY A 171 0.54 -8.11 -8.72
C GLY A 171 -0.39 -8.51 -9.86
N PHE A 172 -1.67 -8.20 -9.71
CA PHE A 172 -2.66 -8.54 -10.71
C PHE A 172 -2.11 -8.35 -12.12
N LEU A 173 -1.93 -7.10 -12.51
CA LEU A 173 -1.43 -6.80 -13.85
C LEU A 173 -0.04 -7.38 -14.05
N LYS A 174 0.78 -7.29 -13.02
CA LYS A 174 2.15 -7.80 -13.10
C LYS A 174 2.14 -9.28 -13.40
N GLN A 175 0.95 -9.87 -13.48
CA GLN A 175 0.82 -11.29 -13.76
C GLN A 175 -0.07 -11.53 -14.98
N PRO A 176 0.27 -12.49 -15.81
CA PRO A 176 -0.52 -12.82 -17.02
C PRO A 176 -2.02 -12.86 -16.74
N VAL A 177 -2.37 -12.90 -15.46
CA VAL A 177 -3.77 -12.95 -15.06
C VAL A 177 -4.50 -11.68 -15.51
N GLY A 178 -3.85 -10.54 -15.33
CA GLY A 178 -4.46 -9.26 -15.71
C GLY A 178 -4.76 -9.21 -17.20
N LYS A 179 -3.92 -9.87 -17.99
CA LYS A 179 -4.11 -9.89 -19.44
C LYS A 179 -5.46 -10.53 -19.79
N ASP A 180 -5.79 -11.61 -19.10
CA ASP A 180 -7.06 -12.30 -19.34
C ASP A 180 -8.23 -11.40 -18.96
N TYR A 181 -8.05 -10.60 -17.91
CA TYR A 181 -9.10 -9.71 -17.45
C TYR A 181 -8.52 -8.55 -16.66
N LYS A 182 -9.11 -7.37 -16.80
CA LYS A 182 -8.65 -6.19 -16.10
C LYS A 182 -9.55 -5.00 -16.39
N PHE A 183 -10.44 -4.69 -15.46
CA PHE A 183 -11.36 -3.57 -15.63
C PHE A 183 -11.92 -3.12 -14.29
N GLY A 184 -12.56 -1.95 -14.28
CA GLY A 184 -13.15 -1.43 -13.05
C GLY A 184 -12.10 -0.74 -12.20
N GLY A 185 -11.42 0.24 -12.79
CA GLY A 185 -10.39 0.97 -12.07
C GLY A 185 -10.90 1.47 -10.72
N PRO A 186 -10.95 2.77 -10.53
CA PRO A 186 -11.44 3.38 -9.26
C PRO A 186 -12.78 2.80 -8.85
N SER A 187 -12.91 2.49 -7.55
CA SER A 187 -14.12 1.91 -7.03
C SER A 187 -14.66 2.72 -5.86
N VAL A 188 -14.55 2.17 -4.65
CA VAL A 188 -15.04 2.85 -3.46
C VAL A 188 -14.49 2.20 -2.22
N LYS A 189 -14.61 2.87 -1.07
CA LYS A 189 -14.14 2.34 0.19
C LYS A 189 -13.78 3.48 1.15
N ASP A 190 -13.82 3.18 2.45
CA ASP A 190 -13.47 4.18 3.46
C ASP A 190 -11.95 4.25 3.62
N GLU A 191 -11.39 5.41 3.33
CA GLU A 191 -9.95 5.60 3.46
C GLU A 191 -9.51 5.65 4.91
N LYS A 192 -10.47 5.91 5.79
CA LYS A 192 -10.19 5.99 7.21
C LYS A 192 -9.70 4.64 7.75
N LEU A 193 -10.21 3.56 7.15
CA LEU A 193 -9.84 2.23 7.59
C LEU A 193 -8.35 2.00 7.45
N PHE A 194 -7.79 2.41 6.32
CA PHE A 194 -6.35 2.26 6.08
C PHE A 194 -5.67 3.62 6.00
N GLY A 195 -6.43 4.67 6.31
CA GLY A 195 -5.89 6.02 6.26
C GLY A 195 -5.71 6.49 4.82
N VAL A 196 -4.81 7.43 4.61
CA VAL A 196 -4.54 7.96 3.27
C VAL A 196 -3.83 6.91 2.42
N GLY A 197 -3.12 6.00 3.08
CA GLY A 197 -2.39 4.95 2.37
C GLY A 197 -1.32 4.35 3.27
N THR A 198 -0.08 4.33 2.78
CA THR A 198 1.03 3.77 3.54
C THR A 198 2.21 4.73 3.55
N GLY A 199 3.11 4.56 4.51
CA GLY A 199 4.28 5.42 4.62
C GLY A 199 5.23 4.91 5.68
N MET A 200 6.14 5.77 6.13
CA MET A 200 7.11 5.40 7.15
C MET A 200 6.66 5.87 8.53
N GLY A 201 6.89 5.04 9.54
CA GLY A 201 6.49 5.38 10.90
C GLY A 201 7.58 6.12 11.63
N LEU A 202 7.35 7.40 11.92
CA LEU A 202 8.34 8.21 12.62
C LEU A 202 7.74 8.76 13.92
N ARG A 203 8.61 9.18 14.83
CA ARG A 203 8.15 9.71 16.12
C ARG A 203 7.89 11.21 16.00
N LYS A 204 6.93 11.70 16.78
CA LYS A 204 6.60 13.12 16.74
C LYS A 204 7.85 13.98 16.92
N GLU A 205 8.65 13.66 17.93
CA GLU A 205 9.87 14.42 18.18
C GLU A 205 10.57 14.76 16.88
N ASP A 206 10.29 14.00 15.83
CA ASP A 206 10.90 14.24 14.53
C ASP A 206 10.32 15.49 13.88
N ASN A 207 10.33 16.59 14.62
CA ASN A 207 9.80 17.84 14.11
C ASN A 207 10.61 18.34 12.92
N GLU A 208 11.92 18.31 13.06
CA GLU A 208 12.80 18.76 11.99
C GLU A 208 12.85 17.75 10.85
N LEU A 209 13.04 16.48 11.22
CA LEU A 209 13.12 15.42 10.22
C LEU A 209 11.81 15.32 9.44
N ARG A 210 10.70 15.38 10.16
CA ARG A 210 9.38 15.31 9.54
C ARG A 210 9.18 16.49 8.59
N GLU A 211 9.60 17.68 9.04
CA GLU A 211 9.46 18.88 8.22
C GLU A 211 10.20 18.68 6.89
N ALA A 212 11.35 18.00 6.95
CA ALA A 212 12.14 17.74 5.74
C ALA A 212 11.44 16.67 4.91
N LEU A 213 11.58 15.41 5.32
CA LEU A 213 10.94 14.30 4.61
C LEU A 213 9.67 14.78 3.90
N ASN A 214 8.85 15.55 4.63
CA ASN A 214 7.62 16.09 4.05
C ASN A 214 7.95 17.06 2.91
N LYS A 215 8.92 17.93 3.13
CA LYS A 215 9.34 18.88 2.11
C LYS A 215 9.88 18.13 0.89
N ALA A 216 10.69 17.10 1.14
CA ALA A 216 11.26 16.30 0.06
C ALA A 216 10.14 15.62 -0.73
N PHE A 217 9.12 15.14 -0.02
CA PHE A 217 7.99 14.48 -0.67
C PHE A 217 7.29 15.45 -1.61
N ALA A 218 7.10 16.69 -1.15
CA ALA A 218 6.44 17.71 -1.97
C ALA A 218 7.24 17.98 -3.24
N GLU A 219 8.57 18.01 -3.09
CA GLU A 219 9.45 18.25 -4.23
C GLU A 219 9.30 17.11 -5.25
N MET A 220 9.25 15.88 -4.75
CA MET A 220 9.12 14.72 -5.63
C MET A 220 7.86 14.86 -6.48
N ARG A 221 6.81 15.39 -5.88
CA ARG A 221 5.55 15.61 -6.61
C ARG A 221 5.72 16.73 -7.65
N ALA A 222 6.46 17.77 -7.26
CA ALA A 222 6.68 18.90 -8.16
C ALA A 222 7.37 18.45 -9.44
N ASP A 223 8.40 17.63 -9.29
CA ASP A 223 9.14 17.12 -10.44
C ASP A 223 8.51 15.83 -10.96
N GLY A 224 7.43 15.41 -10.31
CA GLY A 224 6.74 14.19 -10.73
C GLY A 224 7.61 12.96 -10.53
N THR A 225 8.61 13.09 -9.68
CA THR A 225 9.52 11.97 -9.42
C THR A 225 8.73 10.77 -8.92
N TYR A 226 7.83 11.00 -7.97
CA TYR A 226 7.01 9.92 -7.44
C TYR A 226 6.11 9.33 -8.54
N GLU A 227 5.28 10.19 -9.14
CA GLU A 227 4.39 9.74 -10.19
C GLU A 227 5.17 9.08 -11.32
N LYS A 228 6.31 9.68 -11.67
CA LYS A 228 7.14 9.14 -12.75
C LYS A 228 7.56 7.71 -12.44
N LEU A 229 8.06 7.49 -11.22
CA LEU A 229 8.48 6.16 -10.81
C LEU A 229 7.30 5.20 -10.83
N ALA A 230 6.15 5.67 -10.36
CA ALA A 230 4.96 4.84 -10.33
C ALA A 230 4.60 4.37 -11.73
N LYS A 231 4.53 5.31 -12.67
CA LYS A 231 4.19 4.97 -14.05
C LYS A 231 5.18 3.95 -14.61
N LYS A 232 6.44 4.07 -14.20
CA LYS A 232 7.46 3.14 -14.68
C LYS A 232 7.28 1.75 -14.09
N TYR A 233 7.14 1.70 -12.76
CA TYR A 233 6.95 0.43 -12.08
C TYR A 233 5.65 -0.22 -12.52
N PHE A 234 4.58 0.57 -12.58
CA PHE A 234 3.29 0.05 -13.01
C PHE A 234 2.44 1.16 -13.60
N ASP A 235 1.49 0.79 -14.46
CA ASP A 235 0.62 1.78 -15.09
C ASP A 235 -0.72 1.85 -14.35
N PHE A 236 -0.84 2.84 -13.47
CA PHE A 236 -2.08 3.02 -12.71
C PHE A 236 -2.23 4.46 -12.28
N ASP A 237 -3.13 4.70 -11.33
CA ASP A 237 -3.37 6.06 -10.83
C ASP A 237 -3.16 6.13 -9.33
N VAL A 238 -2.09 6.78 -8.91
CA VAL A 238 -1.78 6.92 -7.49
C VAL A 238 -2.87 7.73 -6.79
N TYR A 239 -3.34 8.78 -7.45
CA TYR A 239 -4.39 9.61 -6.87
C TYR A 239 -5.61 8.78 -6.52
N GLY A 240 -5.99 7.88 -7.42
CA GLY A 240 -7.15 7.01 -7.18
C GLY A 240 -6.91 6.10 -5.98
N GLY A 241 -5.67 5.64 -5.84
CA GLY A 241 -5.32 4.76 -4.73
C GLY A 241 -6.06 3.43 -4.84
N ALA A 4 20.88 20.61 13.68
CA ALA A 4 21.79 19.65 12.99
C ALA A 4 21.09 18.30 12.87
N ILE A 5 20.99 17.79 11.65
CA ILE A 5 20.35 16.51 11.42
C ILE A 5 21.24 15.37 11.93
N PRO A 6 20.66 14.21 12.07
CA PRO A 6 21.41 13.01 12.55
C PRO A 6 22.56 12.62 11.62
N GLN A 7 23.66 12.16 12.20
CA GLN A 7 24.82 11.76 11.42
C GLN A 7 24.48 10.54 10.56
N ASN A 8 23.74 9.60 11.14
CA ASN A 8 23.37 8.39 10.43
C ASN A 8 21.92 8.01 10.74
N ILE A 9 21.21 7.52 9.73
CA ILE A 9 19.82 7.12 9.92
C ILE A 9 19.67 5.62 9.85
N ARG A 10 19.02 5.04 10.87
CA ARG A 10 18.81 3.60 10.92
C ARG A 10 17.39 3.24 10.53
N ILE A 11 17.24 2.51 9.43
CA ILE A 11 15.93 2.11 8.95
C ILE A 11 15.73 0.60 9.09
N GLY A 12 14.54 0.20 9.52
CA GLY A 12 14.23 -1.22 9.69
C GLY A 12 13.28 -1.69 8.60
N THR A 13 13.82 -2.44 7.64
CA THR A 13 13.00 -2.96 6.55
C THR A 13 13.18 -4.46 6.39
N ASP A 14 12.09 -5.21 6.56
CA ASP A 14 12.14 -6.66 6.43
C ASP A 14 11.33 -7.10 5.21
N PRO A 15 11.97 -7.25 4.08
CA PRO A 15 11.29 -7.69 2.82
C PRO A 15 10.53 -9.01 3.01
N THR A 16 9.31 -9.05 2.51
CA THR A 16 8.48 -10.25 2.63
C THR A 16 7.68 -10.47 1.36
N TYR A 17 7.52 -9.41 0.57
CA TYR A 17 6.77 -9.50 -0.68
C TYR A 17 7.61 -9.03 -1.85
N ALA A 18 8.19 -9.99 -2.57
CA ALA A 18 9.01 -9.68 -3.74
C ALA A 18 8.56 -8.37 -4.39
N PRO A 19 7.35 -8.33 -4.85
CA PRO A 19 6.78 -7.12 -5.52
C PRO A 19 7.01 -5.85 -4.71
N PHE A 20 6.86 -5.96 -3.40
CA PHE A 20 7.06 -4.82 -2.52
C PHE A 20 8.54 -4.57 -2.28
N GLU A 21 9.30 -5.65 -2.06
CA GLU A 21 10.72 -5.54 -1.79
C GLU A 21 11.47 -6.76 -2.30
N SER A 22 12.62 -7.04 -1.72
CA SER A 22 13.42 -8.18 -2.13
C SER A 22 14.86 -8.02 -1.67
N LYS A 23 15.69 -9.01 -1.95
CA LYS A 23 17.10 -8.97 -1.57
C LYS A 23 17.98 -9.45 -2.71
N ASN A 24 19.15 -8.83 -2.86
CA ASN A 24 20.07 -9.20 -3.92
C ASN A 24 21.12 -10.17 -3.39
N SER A 25 21.48 -11.15 -4.22
CA SER A 25 22.48 -12.14 -3.83
C SER A 25 23.84 -11.49 -3.66
N GLN A 26 24.00 -10.32 -4.24
CA GLN A 26 25.27 -9.59 -4.14
C GLN A 26 25.40 -8.91 -2.78
N GLY A 27 24.32 -8.96 -2.00
CA GLY A 27 24.33 -8.34 -0.68
C GLY A 27 23.63 -6.99 -0.70
N GLU A 28 23.28 -6.54 -1.91
CA GLU A 28 22.60 -5.26 -2.06
C GLU A 28 21.11 -5.40 -1.75
N LEU A 29 20.47 -4.28 -1.42
CA LEU A 29 19.05 -4.28 -1.10
C LEU A 29 18.26 -3.56 -2.17
N VAL A 30 17.15 -4.16 -2.61
CA VAL A 30 16.31 -3.55 -3.64
C VAL A 30 14.84 -3.62 -3.23
N GLY A 31 14.06 -2.65 -3.70
CA GLY A 31 12.64 -2.61 -3.38
C GLY A 31 12.06 -1.24 -3.70
N PHE A 32 10.77 -1.22 -4.03
CA PHE A 32 10.09 0.04 -4.36
C PHE A 32 10.19 1.02 -3.21
N ASP A 33 10.01 0.52 -1.99
CA ASP A 33 10.07 1.37 -0.80
C ASP A 33 11.49 1.83 -0.53
N ILE A 34 12.46 1.02 -0.94
CA ILE A 34 13.86 1.34 -0.75
C ILE A 34 14.28 2.53 -1.62
N ASP A 35 13.79 2.54 -2.86
CA ASP A 35 14.13 3.60 -3.79
C ASP A 35 13.67 4.95 -3.25
N LEU A 36 12.52 4.97 -2.58
CA LEU A 36 12.01 6.19 -2.00
C LEU A 36 12.92 6.65 -0.86
N ALA A 37 13.33 5.72 -0.01
CA ALA A 37 14.18 6.05 1.12
C ALA A 37 15.47 6.67 0.64
N LYS A 38 16.05 6.11 -0.43
CA LYS A 38 17.31 6.63 -0.96
C LYS A 38 17.16 8.10 -1.36
N GLU A 39 16.16 8.39 -2.19
CA GLU A 39 15.92 9.76 -2.61
C GLU A 39 15.79 10.68 -1.40
N LEU A 40 15.17 10.16 -0.34
CA LEU A 40 15.01 10.94 0.89
C LEU A 40 16.36 11.14 1.59
N CYS A 41 17.16 10.07 1.63
CA CYS A 41 18.46 10.14 2.27
C CYS A 41 19.28 11.28 1.69
N LYS A 42 19.27 11.41 0.37
CA LYS A 42 20.00 12.49 -0.30
C LYS A 42 19.42 13.85 0.10
N ARG A 43 18.09 13.95 0.05
CA ARG A 43 17.42 15.20 0.41
C ARG A 43 17.74 15.57 1.85
N ILE A 44 17.75 14.57 2.72
CA ILE A 44 18.05 14.79 4.13
C ILE A 44 19.55 14.99 4.33
N ASN A 45 20.34 14.58 3.34
CA ASN A 45 21.79 14.70 3.42
C ASN A 45 22.34 13.92 4.60
N THR A 46 21.96 12.64 4.67
CA THR A 46 22.42 11.77 5.76
C THR A 46 22.63 10.35 5.27
N GLN A 47 23.22 9.52 6.12
CA GLN A 47 23.47 8.12 5.76
C GLN A 47 22.26 7.27 6.13
N CYS A 48 21.93 6.31 5.27
CA CYS A 48 20.80 5.42 5.51
C CYS A 48 21.27 3.97 5.64
N THR A 49 20.79 3.31 6.69
CA THR A 49 21.16 1.90 6.93
C THR A 49 19.91 1.06 7.12
N PHE A 50 19.81 -0.03 6.35
CA PHE A 50 18.66 -0.92 6.47
C PHE A 50 18.96 -2.07 7.42
N VAL A 51 18.00 -2.38 8.28
CA VAL A 51 18.17 -3.47 9.24
C VAL A 51 16.97 -4.40 9.20
N GLU A 52 17.23 -5.70 9.05
CA GLU A 52 16.17 -6.69 9.00
C GLU A 52 15.45 -6.77 10.34
N ASN A 53 14.12 -6.89 10.30
CA ASN A 53 13.33 -6.98 11.51
C ASN A 53 11.84 -6.99 11.18
N PRO A 54 11.11 -7.90 11.76
CA PRO A 54 9.64 -8.04 11.51
C PRO A 54 8.86 -6.87 12.08
N LEU A 55 7.79 -6.48 11.38
CA LEU A 55 6.97 -5.37 11.84
C LEU A 55 6.77 -5.41 13.35
N ASP A 56 6.26 -6.53 13.85
CA ASP A 56 6.02 -6.67 15.28
C ASP A 56 7.23 -6.24 16.08
N ALA A 57 8.41 -6.33 15.47
CA ALA A 57 9.65 -5.95 16.14
C ALA A 57 10.03 -4.52 15.80
N LEU A 58 9.51 -4.02 14.70
CA LEU A 58 9.81 -2.65 14.29
C LEU A 58 9.29 -1.64 15.30
N ILE A 59 8.08 -1.86 15.79
CA ILE A 59 7.46 -0.95 16.76
C ILE A 59 8.30 -0.90 18.04
N PRO A 60 8.51 -2.04 18.63
CA PRO A 60 9.36 -2.16 19.86
C PRO A 60 10.76 -1.57 19.61
N SER A 61 11.34 -1.89 18.45
CA SER A 61 12.67 -1.40 18.11
C SER A 61 12.67 0.13 18.13
N LEU A 62 11.65 0.74 17.54
CA LEU A 62 11.56 2.18 17.50
C LEU A 62 11.56 2.75 18.91
N LYS A 63 10.79 2.12 19.81
CA LYS A 63 10.74 2.56 21.19
C LYS A 63 12.10 2.37 21.87
N ALA A 64 12.75 1.25 21.57
CA ALA A 64 14.05 0.94 22.15
C ALA A 64 15.14 1.78 21.47
N LYS A 65 14.73 2.76 20.68
CA LYS A 65 15.68 3.62 19.99
C LYS A 65 16.64 2.80 19.14
N LYS A 66 16.32 1.52 18.96
CA LYS A 66 17.15 0.63 18.15
C LYS A 66 17.16 1.10 16.70
N ILE A 67 16.05 1.66 16.25
CA ILE A 67 15.94 2.15 14.87
C ILE A 67 15.55 3.62 14.86
N ASP A 68 15.92 4.32 13.80
CA ASP A 68 15.60 5.73 13.67
C ASP A 68 14.31 5.94 12.91
N ALA A 69 13.92 4.94 12.13
CA ALA A 69 12.69 5.03 11.34
C ALA A 69 12.22 3.65 10.92
N ILE A 70 10.93 3.53 10.61
CA ILE A 70 10.37 2.26 10.19
C ILE A 70 9.87 2.34 8.75
N MET A 71 10.32 1.41 7.91
CA MET A 71 9.91 1.40 6.51
C MET A 71 9.41 0.01 6.12
N SER A 72 8.10 -0.11 5.96
CA SER A 72 7.49 -1.39 5.58
C SER A 72 6.10 -1.17 5.01
N SER A 73 5.42 -2.27 4.68
CA SER A 73 4.07 -2.19 4.12
C SER A 73 3.11 -1.59 5.14
N LEU A 74 3.53 -1.56 6.40
CA LEU A 74 2.69 -1.01 7.46
C LEU A 74 1.91 0.21 6.95
N SER A 75 0.59 0.13 7.06
CA SER A 75 -0.26 1.23 6.63
C SER A 75 -0.36 2.30 7.70
N ILE A 76 -0.68 3.53 7.28
CA ILE A 76 -0.81 4.65 8.22
C ILE A 76 -2.27 4.98 8.45
N THR A 77 -2.60 5.46 9.64
CA THR A 77 -3.96 5.83 9.97
C THR A 77 -3.99 6.96 10.99
N GLU A 78 -5.06 7.74 10.97
CA GLU A 78 -5.18 8.86 11.90
C GLU A 78 -4.92 8.40 13.33
N LYS A 79 -5.55 7.31 13.71
CA LYS A 79 -5.39 6.78 15.07
C LYS A 79 -3.92 6.54 15.37
N ARG A 80 -3.18 6.04 14.39
CA ARG A 80 -1.76 5.79 14.54
C ARG A 80 -0.97 7.09 14.67
N GLN A 81 -1.41 8.09 13.91
CA GLN A 81 -0.75 9.41 13.93
C GLN A 81 -0.77 9.97 15.35
N GLN A 82 -1.88 9.73 16.06
CA GLN A 82 -2.02 10.23 17.42
C GLN A 82 -0.92 9.64 18.31
N GLU A 83 -0.44 8.45 17.93
CA GLU A 83 0.61 7.78 18.70
C GLU A 83 1.98 8.31 18.30
N ILE A 84 2.26 8.30 16.99
CA ILE A 84 3.54 8.79 16.49
C ILE A 84 3.33 9.62 15.23
N ALA A 85 4.42 9.92 14.53
CA ALA A 85 4.36 10.71 13.31
C ALA A 85 4.57 9.84 12.09
N PHE A 86 3.90 10.20 11.00
CA PHE A 86 4.03 9.45 9.75
C PHE A 86 4.32 10.38 8.58
N THR A 87 5.04 9.88 7.59
CA THR A 87 5.37 10.68 6.42
C THR A 87 5.84 9.78 5.28
N ASP A 88 6.70 10.33 4.42
CA ASP A 88 7.23 9.58 3.29
C ASP A 88 6.14 8.76 2.62
N LYS A 89 4.89 9.15 2.87
CA LYS A 89 3.73 8.45 2.29
C LYS A 89 4.13 7.81 0.96
N LEU A 90 3.99 6.49 0.88
CA LEU A 90 4.36 5.77 -0.33
C LEU A 90 3.29 5.93 -1.40
N TYR A 91 2.14 5.32 -1.17
CA TYR A 91 1.04 5.39 -2.12
C TYR A 91 -0.31 5.32 -1.41
N ALA A 92 -1.38 5.67 -2.13
CA ALA A 92 -2.71 5.63 -1.57
C ALA A 92 -3.29 4.22 -1.64
N ALA A 93 -3.63 3.67 -0.48
CA ALA A 93 -4.19 2.32 -0.42
C ALA A 93 -5.70 2.36 -0.23
N ASP A 94 -6.41 2.81 -1.25
CA ASP A 94 -7.87 2.89 -1.19
C ASP A 94 -8.50 1.56 -1.57
N SER A 95 -9.04 1.49 -2.79
CA SER A 95 -9.68 0.28 -3.27
C SER A 95 -9.76 0.27 -4.78
N ARG A 96 -10.04 -0.90 -5.35
CA ARG A 96 -10.15 -1.03 -6.79
C ARG A 96 -11.04 -2.22 -7.16
N LEU A 97 -11.78 -2.09 -8.25
CA LEU A 97 -12.65 -3.17 -8.71
C LEU A 97 -12.02 -3.92 -9.87
N VAL A 98 -12.09 -5.25 -9.81
CA VAL A 98 -11.51 -6.08 -10.88
C VAL A 98 -12.59 -6.97 -11.48
N VAL A 99 -12.96 -6.69 -12.73
CA VAL A 99 -14.00 -7.46 -13.41
C VAL A 99 -13.57 -7.79 -14.83
N ALA A 100 -14.28 -8.74 -15.44
CA ALA A 100 -13.96 -9.15 -16.81
C ALA A 100 -14.72 -8.30 -17.82
N LYS A 101 -14.11 -8.09 -18.98
CA LYS A 101 -14.72 -7.30 -20.03
C LYS A 101 -16.11 -7.84 -20.36
N ASN A 102 -16.30 -9.14 -20.16
CA ASN A 102 -17.59 -9.77 -20.45
C ASN A 102 -18.69 -9.12 -19.63
N SER A 103 -18.41 -8.83 -18.36
CA SER A 103 -19.39 -8.20 -17.50
C SER A 103 -19.08 -6.71 -17.34
N ASP A 104 -20.04 -5.86 -17.71
CA ASP A 104 -19.85 -4.42 -17.60
C ASP A 104 -20.25 -3.93 -16.23
N ILE A 105 -19.26 -3.54 -15.43
CA ILE A 105 -19.51 -3.04 -14.08
C ILE A 105 -18.82 -1.70 -13.87
N GLN A 106 -19.58 -0.72 -13.37
CA GLN A 106 -19.04 0.60 -13.13
C GLN A 106 -18.97 0.88 -11.63
N PRO A 107 -18.14 1.82 -11.24
CA PRO A 107 -17.98 2.20 -9.81
C PRO A 107 -19.29 2.69 -9.20
N THR A 108 -20.06 1.76 -8.64
CA THR A 108 -21.33 2.11 -8.02
C THR A 108 -21.89 0.94 -7.23
N VAL A 109 -22.47 1.22 -6.07
CA VAL A 109 -23.05 0.18 -5.24
C VAL A 109 -24.27 -0.43 -5.93
N GLU A 110 -24.98 0.38 -6.70
CA GLU A 110 -26.17 -0.09 -7.39
C GLU A 110 -25.83 -1.28 -8.29
N SER A 111 -24.98 -1.04 -9.28
CA SER A 111 -24.60 -2.09 -10.22
C SER A 111 -24.03 -3.29 -9.47
N LEU A 112 -23.55 -3.06 -8.25
CA LEU A 112 -22.98 -4.12 -7.44
C LEU A 112 -24.08 -4.98 -6.83
N LYS A 113 -25.26 -4.40 -6.66
CA LYS A 113 -26.38 -5.12 -6.08
C LYS A 113 -26.64 -6.40 -6.85
N GLY A 114 -26.80 -7.51 -6.11
CA GLY A 114 -27.06 -8.80 -6.72
C GLY A 114 -25.78 -9.46 -7.18
N LYS A 115 -24.70 -8.68 -7.26
CA LYS A 115 -23.41 -9.21 -7.70
C LYS A 115 -22.65 -9.80 -6.52
N ARG A 116 -21.82 -10.79 -6.81
CA ARG A 116 -21.04 -11.44 -5.77
C ARG A 116 -19.63 -10.84 -5.69
N VAL A 117 -19.17 -10.58 -4.47
CA VAL A 117 -17.84 -10.00 -4.27
C VAL A 117 -17.03 -10.84 -3.30
N GLY A 118 -15.76 -11.05 -3.63
CA GLY A 118 -14.87 -11.84 -2.79
C GLY A 118 -13.90 -10.94 -2.05
N VAL A 119 -13.67 -11.23 -0.77
CA VAL A 119 -12.76 -10.44 0.05
C VAL A 119 -11.78 -11.36 0.79
N LEU A 120 -10.68 -10.78 1.26
CA LEU A 120 -9.68 -11.55 1.99
C LEU A 120 -9.95 -11.49 3.49
N GLN A 121 -10.18 -12.65 4.09
CA GLN A 121 -10.45 -12.72 5.52
C GLN A 121 -9.36 -11.99 6.31
N GLY A 122 -9.71 -11.57 7.53
CA GLY A 122 -8.75 -10.87 8.37
C GLY A 122 -8.38 -9.51 7.77
N THR A 123 -9.40 -8.73 7.42
CA THR A 123 -9.17 -7.41 6.84
C THR A 123 -10.30 -6.46 7.21
N THR A 124 -10.10 -5.17 6.95
CA THR A 124 -11.10 -4.16 7.25
C THR A 124 -12.25 -4.25 6.25
N GLN A 125 -11.95 -4.74 5.05
CA GLN A 125 -12.97 -4.85 4.01
C GLN A 125 -14.09 -5.77 4.46
N GLU A 126 -13.75 -6.99 4.85
CA GLU A 126 -14.76 -7.93 5.30
C GLU A 126 -15.55 -7.37 6.47
N THR A 127 -14.84 -6.94 7.51
CA THR A 127 -15.51 -6.37 8.69
C THR A 127 -16.31 -5.15 8.31
N PHE A 128 -15.68 -4.21 7.62
CA PHE A 128 -16.36 -2.99 7.19
C PHE A 128 -17.51 -3.33 6.25
N GLY A 129 -17.24 -4.23 5.32
CA GLY A 129 -18.25 -4.63 4.34
C GLY A 129 -19.45 -5.27 5.02
N ASN A 130 -19.19 -6.15 5.97
CA ASN A 130 -20.26 -6.83 6.69
C ASN A 130 -21.33 -5.85 7.11
N GLU A 131 -21.00 -4.55 7.05
CA GLU A 131 -21.94 -3.52 7.44
C GLU A 131 -22.13 -2.50 6.31
N HIS A 132 -21.07 -2.26 5.56
CA HIS A 132 -21.12 -1.30 4.48
C HIS A 132 -21.87 -1.86 3.28
N TRP A 133 -21.49 -3.05 2.86
CA TRP A 133 -22.12 -3.70 1.71
C TRP A 133 -23.16 -4.71 2.16
N ALA A 134 -23.51 -4.68 3.43
CA ALA A 134 -24.49 -5.60 3.97
C ALA A 134 -25.91 -5.08 3.72
N PRO A 135 -26.18 -3.88 4.16
CA PRO A 135 -27.53 -3.25 3.99
C PRO A 135 -27.79 -2.84 2.55
N LYS A 136 -26.75 -2.89 1.72
CA LYS A 136 -26.87 -2.51 0.32
C LYS A 136 -27.45 -3.66 -0.50
N GLY A 137 -27.55 -4.83 0.13
CA GLY A 137 -28.07 -6.01 -0.56
C GLY A 137 -27.02 -6.63 -1.46
N ILE A 138 -25.77 -6.56 -1.04
CA ILE A 138 -24.67 -7.12 -1.82
C ILE A 138 -24.10 -8.35 -1.13
N GLU A 139 -23.79 -9.38 -1.92
CA GLU A 139 -23.25 -10.61 -1.38
C GLU A 139 -21.73 -10.53 -1.30
N ILE A 140 -21.17 -10.85 -0.14
CA ILE A 140 -19.72 -10.82 0.06
C ILE A 140 -19.22 -12.14 0.61
N VAL A 141 -18.07 -12.58 0.10
CA VAL A 141 -17.48 -13.84 0.55
C VAL A 141 -16.04 -13.60 1.01
N SER A 142 -15.71 -14.13 2.18
CA SER A 142 -14.35 -13.97 2.72
C SER A 142 -13.51 -15.20 2.44
N TYR A 143 -12.32 -14.98 1.90
CA TYR A 143 -11.40 -16.09 1.59
C TYR A 143 -10.20 -16.05 2.50
N GLN A 144 -9.55 -17.21 2.67
CA GLN A 144 -8.38 -17.31 3.53
C GLN A 144 -7.11 -17.45 2.70
N GLY A 145 -7.25 -17.33 1.38
CA GLY A 145 -6.12 -17.45 0.48
C GLY A 145 -6.07 -16.30 -0.50
N GLN A 146 -4.90 -15.68 -0.63
CA GLN A 146 -4.74 -14.56 -1.55
C GLN A 146 -4.90 -15.03 -2.99
N ASP A 147 -4.24 -16.14 -3.33
CA ASP A 147 -4.31 -16.68 -4.67
C ASP A 147 -5.69 -17.26 -4.95
N ASN A 148 -6.39 -17.62 -3.89
CA ASN A 148 -7.74 -18.18 -4.03
C ASN A 148 -8.69 -17.14 -4.61
N ILE A 149 -8.50 -15.88 -4.23
CA ILE A 149 -9.36 -14.82 -4.72
C ILE A 149 -9.18 -14.61 -6.22
N TYR A 150 -7.92 -14.54 -6.65
CA TYR A 150 -7.62 -14.34 -8.06
C TYR A 150 -8.10 -15.54 -8.88
N SER A 151 -7.97 -16.73 -8.30
CA SER A 151 -8.39 -17.95 -8.98
C SER A 151 -9.88 -17.89 -9.27
N ASP A 152 -10.65 -17.42 -8.30
CA ASP A 152 -12.11 -17.30 -8.47
C ASP A 152 -12.42 -16.29 -9.56
N LEU A 153 -11.71 -15.15 -9.54
CA LEU A 153 -11.94 -14.12 -10.55
C LEU A 153 -11.69 -14.67 -11.95
N THR A 154 -10.57 -15.37 -12.12
CA THR A 154 -10.25 -15.94 -13.42
C THR A 154 -11.29 -16.99 -13.80
N ALA A 155 -11.99 -17.52 -12.80
CA ALA A 155 -13.03 -18.52 -13.05
C ALA A 155 -14.39 -17.85 -13.25
N GLY A 156 -14.49 -16.60 -12.81
CA GLY A 156 -15.73 -15.86 -12.95
C GLY A 156 -16.68 -16.14 -11.77
N ARG A 157 -16.13 -16.78 -10.74
CA ARG A 157 -16.92 -17.11 -9.56
C ARG A 157 -17.26 -15.85 -8.78
N ILE A 158 -16.53 -14.78 -9.06
CA ILE A 158 -16.75 -13.49 -8.38
C ILE A 158 -16.93 -12.37 -9.41
N ASP A 159 -17.92 -11.52 -9.17
CA ASP A 159 -18.18 -10.41 -10.09
C ASP A 159 -17.11 -9.33 -9.97
N ALA A 160 -16.53 -9.22 -8.78
CA ALA A 160 -15.50 -8.22 -8.54
C ALA A 160 -14.91 -8.37 -7.15
N ALA A 161 -13.67 -7.90 -6.97
CA ALA A 161 -13.01 -7.98 -5.67
C ALA A 161 -12.46 -6.61 -5.28
N PHE A 162 -12.63 -6.25 -4.02
CA PHE A 162 -12.15 -4.96 -3.54
C PHE A 162 -10.69 -5.05 -3.12
N GLN A 163 -9.79 -4.56 -3.98
CA GLN A 163 -8.37 -4.58 -3.69
C GLN A 163 -7.75 -3.21 -3.95
N ASP A 164 -6.54 -3.00 -3.45
CA ASP A 164 -5.83 -1.74 -3.64
C ASP A 164 -5.33 -1.63 -5.09
N GLU A 165 -5.18 -0.39 -5.56
CA GLU A 165 -4.70 -0.17 -6.91
C GLU A 165 -3.27 -0.62 -7.07
N VAL A 166 -2.39 -0.11 -6.22
CA VAL A 166 -0.98 -0.48 -6.30
C VAL A 166 -0.79 -1.97 -6.12
N ALA A 167 -1.41 -2.53 -5.08
CA ALA A 167 -1.30 -3.96 -4.83
C ALA A 167 -1.87 -4.76 -6.00
N ALA A 168 -2.97 -4.27 -6.57
CA ALA A 168 -3.60 -4.96 -7.69
C ALA A 168 -2.67 -4.97 -8.90
N SER A 169 -2.37 -3.79 -9.41
CA SER A 169 -1.49 -3.70 -10.58
C SER A 169 -0.13 -4.33 -10.29
N GLU A 170 0.45 -3.98 -9.14
CA GLU A 170 1.75 -4.52 -8.75
C GLU A 170 1.75 -6.03 -8.91
N GLY A 171 0.63 -6.66 -8.58
CA GLY A 171 0.53 -8.11 -8.68
C GLY A 171 -0.41 -8.52 -9.80
N PHE A 172 -1.68 -8.19 -9.66
CA PHE A 172 -2.68 -8.56 -10.65
C PHE A 172 -2.13 -8.38 -12.06
N LEU A 173 -1.96 -7.12 -12.46
CA LEU A 173 -1.47 -6.83 -13.81
C LEU A 173 -0.08 -7.40 -14.01
N LYS A 174 0.74 -7.31 -12.98
CA LYS A 174 2.11 -7.81 -13.06
C LYS A 174 2.12 -9.30 -13.35
N GLN A 175 0.92 -9.90 -13.42
CA GLN A 175 0.80 -11.32 -13.70
C GLN A 175 -0.10 -11.56 -14.91
N PRO A 176 0.24 -12.52 -15.73
CA PRO A 176 -0.56 -12.88 -16.94
C PRO A 176 -2.05 -12.91 -16.65
N VAL A 177 -2.41 -12.95 -15.37
CA VAL A 177 -3.81 -12.99 -14.97
C VAL A 177 -4.54 -11.73 -15.43
N GLY A 178 -3.88 -10.58 -15.26
CA GLY A 178 -4.48 -9.31 -15.63
C GLY A 178 -4.78 -9.25 -17.12
N LYS A 179 -3.94 -9.92 -17.91
CA LYS A 179 -4.13 -9.94 -19.36
C LYS A 179 -5.47 -10.57 -19.71
N ASP A 180 -5.81 -11.65 -19.02
CA ASP A 180 -7.07 -12.33 -19.27
C ASP A 180 -8.26 -11.43 -18.89
N TYR A 181 -8.06 -10.63 -17.85
CA TYR A 181 -9.12 -9.75 -17.38
C TYR A 181 -8.54 -8.57 -16.60
N LYS A 182 -9.12 -7.40 -16.76
CA LYS A 182 -8.66 -6.20 -16.07
C LYS A 182 -9.56 -5.01 -16.36
N PHE A 183 -10.46 -4.71 -15.44
CA PHE A 183 -11.37 -3.58 -15.63
C PHE A 183 -11.94 -3.12 -14.28
N GLY A 184 -12.55 -1.95 -14.27
CA GLY A 184 -13.14 -1.41 -13.06
C GLY A 184 -12.09 -0.72 -12.21
N GLY A 185 -11.41 0.26 -12.79
CA GLY A 185 -10.37 0.99 -12.08
C GLY A 185 -10.89 1.49 -10.72
N PRO A 186 -10.93 2.78 -10.53
CA PRO A 186 -11.41 3.39 -9.26
C PRO A 186 -12.75 2.82 -8.84
N SER A 187 -12.87 2.50 -7.55
CA SER A 187 -14.10 1.92 -7.02
C SER A 187 -14.64 2.74 -5.86
N VAL A 188 -14.52 2.19 -4.65
CA VAL A 188 -15.02 2.87 -3.46
C VAL A 188 -14.47 2.20 -2.21
N LYS A 189 -14.60 2.89 -1.07
CA LYS A 189 -14.12 2.35 0.20
C LYS A 189 -13.77 3.48 1.16
N ASP A 190 -13.79 3.18 2.45
CA ASP A 190 -13.46 4.17 3.46
C ASP A 190 -11.94 4.25 3.63
N GLU A 191 -11.36 5.41 3.34
CA GLU A 191 -9.92 5.59 3.46
C GLU A 191 -9.49 5.62 4.92
N LYS A 192 -10.45 5.87 5.80
CA LYS A 192 -10.17 5.94 7.23
C LYS A 192 -9.68 4.60 7.75
N LEU A 193 -10.18 3.53 7.14
CA LEU A 193 -9.82 2.18 7.58
C LEU A 193 -8.31 1.96 7.44
N PHE A 194 -7.76 2.38 6.31
CA PHE A 194 -6.33 2.24 6.06
C PHE A 194 -5.65 3.59 6.00
N GLY A 195 -6.40 4.64 6.32
CA GLY A 195 -5.86 6.00 6.28
C GLY A 195 -5.69 6.46 4.83
N VAL A 196 -4.78 7.42 4.63
CA VAL A 196 -4.50 7.94 3.30
C VAL A 196 -3.80 6.90 2.45
N GLY A 197 -3.10 5.98 3.10
CA GLY A 197 -2.36 4.95 2.39
C GLY A 197 -1.28 4.34 3.28
N THR A 198 -0.05 4.33 2.79
CA THR A 198 1.07 3.76 3.55
C THR A 198 2.25 4.73 3.56
N GLY A 199 3.14 4.57 4.52
CA GLY A 199 4.31 5.43 4.63
C GLY A 199 5.26 4.92 5.70
N MET A 200 6.17 5.79 6.14
CA MET A 200 7.15 5.40 7.17
C MET A 200 6.68 5.87 8.54
N GLY A 201 6.91 5.05 9.56
CA GLY A 201 6.51 5.39 10.92
C GLY A 201 7.61 6.13 11.65
N LEU A 202 7.38 7.41 11.91
CA LEU A 202 8.37 8.24 12.61
C LEU A 202 7.77 8.77 13.91
N ARG A 203 8.64 9.18 14.84
CA ARG A 203 8.19 9.71 16.11
C ARG A 203 7.93 11.21 16.01
N LYS A 204 6.98 11.70 16.80
CA LYS A 204 6.64 13.12 16.76
C LYS A 204 7.87 13.97 16.94
N GLU A 205 8.69 13.66 17.94
CA GLU A 205 9.91 14.42 18.19
C GLU A 205 10.61 14.77 16.89
N ASP A 206 10.32 14.00 15.84
CA ASP A 206 10.92 14.24 14.54
C ASP A 206 10.36 15.49 13.90
N ASN A 207 10.38 16.59 14.64
CA ASN A 207 9.84 17.85 14.13
C ASN A 207 10.66 18.34 12.94
N GLU A 208 11.98 18.31 13.08
CA GLU A 208 12.85 18.76 12.00
C GLU A 208 12.89 17.74 10.87
N LEU A 209 13.08 16.48 11.22
CA LEU A 209 13.16 15.41 10.23
C LEU A 209 11.84 15.32 9.45
N ARG A 210 10.73 15.38 10.18
CA ARG A 210 9.41 15.31 9.56
C ARG A 210 9.22 16.49 8.61
N GLU A 211 9.63 17.68 9.06
CA GLU A 211 9.51 18.89 8.24
C GLU A 211 10.25 18.69 6.91
N ALA A 212 11.39 18.00 6.97
CA ALA A 212 12.18 17.74 5.76
C ALA A 212 11.47 16.67 4.92
N LEU A 213 11.61 15.41 5.33
CA LEU A 213 10.97 14.30 4.61
C LEU A 213 9.70 14.78 3.92
N ASN A 214 8.88 15.55 4.65
CA ASN A 214 7.66 16.10 4.08
C ASN A 214 7.98 17.06 2.92
N LYS A 215 8.95 17.94 3.15
CA LYS A 215 9.38 18.89 2.13
C LYS A 215 9.91 18.13 0.91
N ALA A 216 10.71 17.11 1.16
CA ALA A 216 11.28 16.31 0.07
C ALA A 216 10.17 15.62 -0.71
N PHE A 217 9.15 15.15 0.00
CA PHE A 217 8.02 14.49 -0.64
C PHE A 217 7.31 15.46 -1.60
N ALA A 218 7.12 16.70 -1.13
CA ALA A 218 6.47 17.71 -1.95
C ALA A 218 7.28 17.99 -3.21
N GLU A 219 8.60 18.01 -3.07
CA GLU A 219 9.48 18.25 -4.22
C GLU A 219 9.33 17.11 -5.23
N MET A 220 9.28 15.87 -4.73
CA MET A 220 9.14 14.71 -5.60
C MET A 220 7.89 14.86 -6.46
N ARG A 221 6.83 15.40 -5.87
CA ARG A 221 5.58 15.62 -6.60
C ARG A 221 5.74 16.73 -7.63
N ALA A 222 6.48 17.77 -7.25
CA ALA A 222 6.70 18.90 -8.15
C ALA A 222 7.41 18.45 -9.42
N ASP A 223 8.44 17.62 -9.27
CA ASP A 223 9.17 17.10 -10.42
C ASP A 223 8.54 15.82 -10.94
N GLY A 224 7.46 15.41 -10.30
CA GLY A 224 6.76 14.20 -10.71
C GLY A 224 7.63 12.96 -10.52
N THR A 225 8.64 13.08 -9.66
CA THR A 225 9.54 11.97 -9.41
C THR A 225 8.75 10.76 -8.91
N TYR A 226 7.85 11.00 -7.96
CA TYR A 226 7.02 9.91 -7.42
C TYR A 226 6.14 9.34 -8.52
N GLU A 227 5.31 10.19 -9.12
CA GLU A 227 4.41 9.74 -10.18
C GLU A 227 5.19 9.08 -11.30
N LYS A 228 6.33 9.68 -11.66
CA LYS A 228 7.16 9.14 -12.73
C LYS A 228 7.58 7.70 -12.41
N LEU A 229 8.08 7.49 -11.20
CA LEU A 229 8.50 6.16 -10.79
C LEU A 229 7.31 5.20 -10.81
N ALA A 230 6.17 5.67 -10.34
CA ALA A 230 4.96 4.85 -10.30
C ALA A 230 4.60 4.37 -11.71
N LYS A 231 4.55 5.31 -12.65
CA LYS A 231 4.21 4.98 -14.02
C LYS A 231 5.18 3.95 -14.59
N LYS A 232 6.45 4.08 -14.19
CA LYS A 232 7.47 3.15 -14.66
C LYS A 232 7.28 1.76 -14.06
N TYR A 233 7.15 1.71 -12.74
CA TYR A 233 6.94 0.44 -12.06
C TYR A 233 5.64 -0.22 -12.51
N PHE A 234 4.58 0.58 -12.56
CA PHE A 234 3.28 0.08 -12.98
C PHE A 234 2.44 1.19 -13.58
N ASP A 235 1.49 0.81 -14.44
CA ASP A 235 0.61 1.81 -15.07
C ASP A 235 -0.72 1.88 -14.33
N PHE A 236 -0.85 2.87 -13.46
CA PHE A 236 -2.08 3.05 -12.69
C PHE A 236 -2.23 4.50 -12.26
N ASP A 237 -3.13 4.73 -11.31
CA ASP A 237 -3.37 6.08 -10.81
C ASP A 237 -3.16 6.14 -9.30
N VAL A 238 -2.08 6.80 -8.89
CA VAL A 238 -1.78 6.93 -7.46
C VAL A 238 -2.86 7.73 -6.75
N TYR A 239 -3.34 8.78 -7.41
CA TYR A 239 -4.37 9.63 -6.82
C TYR A 239 -5.60 8.79 -6.47
N GLY A 240 -5.99 7.89 -7.37
CA GLY A 240 -7.14 7.03 -7.14
C GLY A 240 -6.90 6.11 -5.95
N GLY A 241 -5.66 5.65 -5.81
CA GLY A 241 -5.30 4.76 -4.70
C GLY A 241 -6.04 3.44 -4.81
#